data_6L4U
#
_entry.id   6L4U
#
_cell.length_a   1.00
_cell.length_b   1.00
_cell.length_c   1.00
_cell.angle_alpha   90.00
_cell.angle_beta   90.00
_cell.angle_gamma   90.00
#
_symmetry.space_group_name_H-M   'P 1'
#
loop_
_entity.id
_entity.type
_entity.pdbx_description
1 polymer 'Photosystem I P700 chlorophyll a apoprotein A1'
2 polymer 'Photosystem I P700 chlorophyll a apoprotein A2'
3 polymer 'Photosystem I iron-sulfur center'
4 polymer 'Photosystem I reaction center subunit II'
5 polymer 'Photosystem I reaction center subunit IV'
6 polymer 'Photosystem I reaction center subunit III'
7 polymer 'Photosystem I reaction center subunit VIII'
8 polymer 'Photosystem I reaction center subunit IX'
9 polymer 'Photosystem I reaction center subunit XI'
10 polymer 'Photosystem I reaction center subunit XII'
11 polymer 'Unknown protein 1'
12 polymer 'Photosystem I reaction center subunit Psa28'
13 polymer 'Fucoxanthin chlorophyll a/c-binding protein Lhcr15'
14 polymer 'Fucoxanthin chlorophyll a/c-binding protein Lhcr8'
15 polymer 'Fucoxanthin chlorophyll a/c-binding protein Lhcr2'
16 polymer 'Fucoxanthin chlorophyll a/c-binding protein Lhcr9'
17 polymer 'Fucoxanthin chlorophyll a/c-binding protein Lhcr11'
18 polymer 'Fucoxanthin chlorophyll a/c-binding protein Lhcr12'
19 polymer 'Fucoxanthin chlorophyll a/c-binding protein Lhcr10'
20 polymer 'Fucoxanthin chlorophyll a/c-binding protein Lhcr4'
21 polymer 'Fucoxanthin chlorophyll a/c-binding protein Lhcf6'
22 polymer 'Fucoxanthin chlorophyll a/c-binding protein Lhcr3'
23 polymer 'Fucoxanthin chlorophyll a/c-binding protein Lhcq13'
24 polymer 'Fucoxanthin chlorophyll a/c-binding protein Lhcq3'
25 polymer 'Fucoxanthin chlorophyll a/c-binding protein Lhcq11'
26 polymer 'Fucoxanthin chlorophyll a/c-binding protein Lhcq10'
27 polymer 'Fucoxanthin chlorophyll a/c-binding protein Lhcq8'
28 polymer 'Fucoxanthin chlorophyll a/c-binding protein Lhcq5'
29 non-polymer 'CHLOROPHYLL A ISOMER'
30 non-polymer 'CHLOROPHYLL A'
31 non-polymer PHYLLOQUINONE
32 non-polymer 'IRON/SULFUR CLUSTER'
33 non-polymer BETA-CAROTENE
34 non-polymer 1,2-DIPALMITOYL-PHOSPHATIDYL-GLYCEROLE
35 non-polymer DODECYL-BETA-D-MALTOSIDE
36 non-polymer 1,2-DISTEAROYL-MONOGALACTOSYL-DIGLYCERIDE
37 non-polymer "(3S,3'S,5R,5'R,6S,6'R,8'R)-3,5'-dihydroxy-8-oxo-6',7'-didehydro-5,5',6,6',7,8-hexahydro-5,6-epoxy-beta,beta-caroten-3'- yl acetate"
38 non-polymer 'Chlorophyll c1'
39 non-polymer "(3S,3'R,5R,6S,7cis)-7',8'-didehydro-5,6-dihydro-5,6-epoxy-beta,beta-carotene-3,3'-diol"
40 water water
#
loop_
_entity_poly.entity_id
_entity_poly.type
_entity_poly.pdbx_seq_one_letter_code
_entity_poly.pdbx_strand_id
1 'polypeptide(L)'
;AISSTERRTKNVQIFVEKDAVETSFEKWAQPGHFSRTLAKGPKTTTWIWNLHADAHDFDSQTNSLEEVSRKIFSAHFGQL
AAIFLWISGMHFHGAYFSNYSAWLSDPIGIKQSSQVVWPIVGQEILNADVGGNFQGVQTTSGWFQMWRAEGITSEVELYW
IAIGGLIMSALMLFAGWFHYHKAAPKLEWFQNAESMMNHHLAGLLGLGCLSWSGHQIHIALPINKLLDAGVSPQEIPLPH
EFLINRELMAQLYPSFGKGLAPFFSGHWGEYSDFLTFKGGLNPVTGGLWLSDIAHHHLALSVLFIVAGHMYRTNWGIGHS
MKEILEAHKGPFTGEGHKGLYEILTTSWHAQLAINLAMMGSLSIIVAHHMYAMPPYPYIATDYATQLSLFTHHMWIGGFC
VTGGAAHAAIFMVRDYTPANNYNNLLDRVLRHRDAIISHLNWVCIFLGCHAFGFYIHNDTMRALGRPQDMFSDKAIQLQP
IFAQWIQNIHLLAPGTTAPNALATTSYAFGGDVVEVGGKIAMMPIKLGTADFMVHHIHAFTIHVTVLILLKGVLYARSSK
LIPDKANLGFRFPCDGPGRGGTCQSSSWDHVFLGLFWMYNSISVVIFHFSWKMQSDVWGTVTPDGSISHITGGNFAQSSI
TINGWLRDFLWSQASQVIQSYGSASSAYGLIFLGAHFIWAFSLMFLFSGRGYWQELIESIVWAHNKLNFAPAIQPRALSI
TQGRAVGLAHYLLGGIGTTWAFFLARSLSIT
;
A
2 'polypeptide(L)'
;MATKFPKFSQALAQDPATRRIWYGIATAHDLEAHDGMTEENLYQKIFASHFGHLAIIFLWTAGNLFHVAWQGNFEQWVAK
PLKTKPIAHSIWDPHFGESALKAFSKGNTYPVNIAFSGVYQWWYTIGFRTNQELYAGSIGLLALSCVLLFAGWLHLQPKF
RPSLSWFKNNESRLNHHLSGLLGVSSLAWTGHIVHVAIPASRGVHVGWDNFLTTPPHPAGLTPFFTGNWTVYAENPDSAS
HVYGTSEGAGTAILTFLGGFHPQTQSLWLSDIAHHQLAIAVVFIIAGHMYRTNFGIGHNMKEILDAHRPPGGRLGAGHVG
LFETITNSLHMQLGLALASLGVATSLTAQHMYALTPYAYLSKDFTTEAALYTHHQYIAGFLMVGAFAHGAIFFVRDYDPE
LNKNNVLARMLEHKEAIISHLSWASLFLGFHTLGLYIHNDTVVAFGQPEKQILFEPVFAEYIQAASGKAVYQFNVLLSSP
TSPATVAGNQVWLPGWLDAINNPKNDLFLKIGPGDFLVHHAIALGLHVTALILVKGALDARGSKLMPDKKDFGYSFPCDG
PGRGGTCDISAWDAFYLAMFWMLNTIGWVTFYWHWKHMTIWGGNPGQFDESSNYIMGWLRDYLWLNSSPLINGYNPFGMN
NLSVWSWMFLFGHLIWATGFMFLISWRGYWQELIETLVWAHERTPLANLIRWRDKPVALSIVQARLVGLAHFSVGYILTY
AAFVIASTSGKFG
;
B
3 'polypeptide(L)'
;MSHTVKIYDTCIGCTQCVRACPTDVLEMVPWDGCKSGQIASSPRVEDCVGCKRCETACPTDFLSVRVYLGAETTRSLGLA
Y
;
C
4 'polypeptide(L)'
;MTLNLQTPFPTFGGSTGGWLRSAEVEEKYAITWTSKKEQIFEMPTGGAAIMRNGENLLYLARKEQCLALGTQLRTFKIND
YKIYRIFPSGEVQYLHPKDGVFPEKVNPGRTSVNSRDFSIGKNPNPASIKFSGTTTYES
;
D
5 'polypeptide(L)' MVGRGSKVRILRKESYWFNQVGTVATIDQSGIRYPALVRFESVNYAGTNSNNFALDELKEVVEETEE E
6 'polypeptide(L)'
;MKRFNILTLLVAVLITLTPNIASAEIGGLTKCSDSPAFAKREKASIKKLEQRKSTYEAGTPPALALQQQIERTEARFDKY
SRSELLCGADGLPHLIADGRWSHAAEFMLPGFGFIYISGWIGWVGRKYLRAVSTTKNPAESEIIINVPLALKIMTTGYIW
PISAWEELVSGDLVALDEEVTVSPR
;
F
7 'polypeptide(L)' MAAAFLPSILVPIVGLIFPAFSMALFFLYIQQDDIA I
8 'polypeptide(L)' MKNFQKYLSTAPVLLTIWMTFTAGFIIEINRFFPDMLGLYF J
9 'polypeptide(L)'
;MANFIKPYNDDPFVGHLATPITSSAVTRALLKNLPAYRFGLTPLLRGLEIGLAHGYFLIGPFVKLGPLRNSDIALIAGFL
STIGLILILTLGLTIYGAAVFNSDKESLETTETTLQTRKAWDQFKGGFFVGACGSAGFALICLSSIPQSIL
;
L
10 'polypeptide(L)' MIYDSQVYIALVIAVVASVLAIRLGATLYN M
11 'polypeptide(L)'
;(UNK)(UNK)(UNK)(UNK)(UNK)(UNK)(UNK)(UNK)(UNK)(UNK)(UNK)(UNK)(UNK)(UNK)(UNK)(UNK)
(UNK)(UNK)(UNK)(UNK)(UNK)(UNK)(UNK)(UNK)(UNK)(UNK)(UNK)(UNK)(UNK)(UNK)(UNK)(UNK)
(UNK)(UNK)(UNK)(UNK)(UNK)(UNK)(UNK)(UNK)(UNK)(UNK)(UNK)(UNK)(UNK)(UNK)(UNK)(UNK)
(UNK)(UNK)(UNK)(UNK)(UNK)(UNK)(UNK)(UNK)(UNK)(UNK)(UNK)(UNK)(UNK)(UNK)(UNK)(UNK)
(UNK)(UNK)(UNK)(UNK)(UNK)(UNK)(UNK)(UNK)(UNK)(UNK)(UNK)(UNK)(UNK)(UNK)(UNK)(UNK)
(UNK)(UNK)(UNK)(UNK)(UNK)(UNK)(UNK)(UNK)(UNK)(UNK)(UNK)(UNK)(UNK)(UNK)(UNK)(UNK)
(UNK)(UNK)(UNK)(UNK)(UNK)(UNK)(UNK)(UNK)(UNK)(UNK)(UNK)(UNK)(UNK)(UNK)(UNK)(UNK)
(UNK)(UNK)(UNK)(UNK)(UNK)(UNK)(UNK)(UNK)(UNK)(UNK)(UNK)(UNK)(UNK)(UNK)(UNK)(UNK)
(UNK)(UNK)
;
1u
12 'polypeptide(L)'
;FAPMPRAAISTTQARTASMPSAPFTSLSMASEDMTWEGEYPPSKVLGPIMSKMPSGLLGLISIACAAVCAYSIAQSGVLQ
QQPGAYENGSWVKWYYVLGSFGGPLAWGTHVASWIQRKNGM
;
2u
13 'polypeptide(L)'
;MILQYFNTFPPPKRSYKKVYNIIIHYFIIMVRSVLLAALVGTAAAFAPATSMTRRSPAVALKAEMSESLPFLPRPEKLDG
SMAGDRGFDPMGLSEIQQDLTYARWAELKHGRIAMLAIVGMIVQEYIHLPGEAYQNSDPFGAVSTVGLGVNGQIFAAIGC
VELINFNKHYDGSEPGDIGWTGGLLKNKSEAEIMKAKEQEITHCRLAMIAITGATVQTLLFHQPLLG
;
1
14 'polypeptide(L)'
;MKLALLASLIASAAAFAPSSSTGARASTALDAGKQSQALPFLPYPENLSGYVGDAGFDPLRFSDYFPMDYLREAEIKHGR
ICMLATVGWIAVDMGLRVYPVPAGLEGVTAATAHDASVAQGGLGQVFGWVAVAEMASWIGVSQMLQGSGREPGYFGFDPL
GLMKGKSEAEVNNMKLKEIKNGRLAMLAFSGICTQSVLFDKTFPF
;
2
15 'polypeptide(L)'
;MKTVAILSLLTASAAAFAPASTTQTSSSTALAGSVFDNYVGAKDFRGAEFKFDPLKLSETYEPFQGWFRESELRHGRTAM
LAVVGYIATDFVRIPGEMYSFEAIPKSADAHDALIASGPMSQLLLWIGLFDLVVTAPAVQAMGKGEREPGDFGLKWFAPS
SKDAFDKKREAELLNGRLAMFAIGGIATQSVLNGHGFPYL
;
3
16 'polypeptide(L)'
;MAKLSIALTTAAALASSANAFAPSKGARSVTSALSATGFEEVGGKPWDPLSLGKLEDANDTFPNMFPKSQYLQESEIKHG
RMCMLAWTGVWATHVGGMGLGMHIPGMPVESDWTKALGVFAAEQPALFGAILLFISIAEGESVGHSGDNWRNMSTKEPGN
LGFDWMGLTKKLSEEKVARYKIVELKNGRAAMIAMASLFAMEAIPGSVPIMNVFN
;
4
17 'polypeptide(L)'
;MVVCHLILSRITNFLPLSLAHYRTCTSPTPTTPPKKTVVSSALHAEMSKAVPFVKAPANTAGYVGDVGFDPLGFSDYFDM
KWLRESEIKHGRASMLACLGFVVQEYITIPGYTHVDDSNLAPQAVGVSAMLQIVLWMGVLEFWTNKGNVTMETMFSSPDR
IPGNLGFDPMGLSVGKSQAEKDEMALKEIKNGRLAMLAIGGMIHHNWRKRHGALTSRERERNVLQTLDAFLKVHMHTVLC
VSCSIWDVNSIFIMRDGIESSFGFPD
;
5
18 'polypeptide(L)'
;MKLALLASLIASAAAFAPSSSTGAARASTALDAGKKSQALPFLPYPENLAGYVGDAGFDPFRFSDFAPMDFLREAEIKHG
RICMLAWLGFVAVDLGARIYPLPEAYEGLTAVTAHDALVQQGAMSQIFLWCSVFEAISTVSVIQMLYEESGREPGYFGFD
PLGFLNGKSEAEVNEMKLKEIKNGRLAMLAFSGVVTQAVLTQGPFPYV
;
6
19 'polypeptide(L)'
;LLQGFSRWLVFFVSIRIIRHPCRPPYHETYSSSNTFLSIQYIEQSHSARQTSLSLLLITPLTLVLYLAIYTILKMFKTAA
AITSLLAASASAFAPSSFNGRISTAVAAEKSQSLPFMNRPPLLDGSMAGDVGFDPLGLSNIDDVGIDLYWLREAEIKHCR
VAMLAVVGILQVEIFGPAPGCEMATDKCQMDAFWQIWGAHPQYIAFGLIMIMMIEMISGIATTQGRESGERAPGDFGLDP
LGYGKGDAAGYARLQAQEIANGRLAMFAAAGEIMQGCTTHQGALENLMTALRDNSF
;
7
20 'polypeptide(L)'
;LRSIHHLIASHRRLFKFIRHYTINKMKSALIATALLAGSAAAFTSNAGSQSTSALKAMPERLWDSMVDKTERSKAVPFLP
RAVNLDGSLPGDVGFDPFYLSSIPKDFSGFIQPPQWEEKGIPTLYWMREAELKHCRVAMLAWFGWLATDGAFGVTLRFPG
EIYSVENIPTAYEAHNALVSQGSMGFLLLAVGFIEFCTGAVLVEVAKGASDREAGDFKLDPLSFLKGKSEEEIKRMKTRE
IANGRLAMLAFGGVATQTALEGGNHAFPYF
;
8
21 'polypeptide(L)'
;LLLPYSPYLKSSLTHFDISSHSQPPLFSTNPHSSAFAPSSQTNVRSTSSLQAWKDENIIGITAPMGFFDPLGLSSGKSDE
VMNLYREAELKHGRVAMAACLGWYITAAGVHPAFNSALSSDPLEAAKQLPTVGWLQFVLGCGAIEWLAQQIKARPGYQPG
DILGAAYWVDNSDEGWVDYQNKEINNGRLAMVAFMGIFVQDLYFGNYGDQIFRN
;
9
22 'polypeptide(L)'
;MKSVAILAALFGSATAFVPSQVSRTAASTSVKASLADMVGAEGPEPIPFAPSKTSKNFDPVGFAERSPEWLPWYREAELK
HGRAAMLATVGFVVPEFIRVPGEQFSFEAIPKVIDAHDALPESMIQIFGWISFLEACTFPAMAGLGGKYDRKPGDFSFDP
LGLYPTDPEKQKQMQLAELKNGRLAMIAIGGMVTGAAVTGHGFPYLP
;
10
23 'polypeptide(L)'
;MKTAAIFALLAGSAAAFAPTTVSPRASTVAHMSSINEAFGISIETGNKCPPLGARILEDAQPSAIKWFQNAEIKHGRIAM
VATIGYLVQKLGVHFPLYLGPSGSNCFHPESETAWLLSSSTGVTFSDIAKAAPLDAIQMVPVAGWMQIFFVAGWFESVAY
YRQWVKNSPIPGDYGYDPLGFTKREGGWDSEELTSLRLKEIKNGRLAMMTIAAWVSDEMIPGALPVWHP
;
11
24 'polypeptide(L)'
;MKSVLFLALAGSAAAFAPSTQSRSNTLLKADLSSLPGSTAPVGPFDPLNLADSGSEETLAWFRASELKHGRVAMLATTGY
LVQGAGIHFPGMLSSDVSFESLSAMKPLEAWDAVPDAGKAQILGTIFIAEMITESKPVHYTKGGPMPTMVFPAIDFSGVD
AATLKRKQDSELNNGRLAMIAIMSFISAANIPGSVPALTNNPAF
;
12
25 'polypeptide(L)'
;MKLAILTTLLAGASAFTTPNARPAFATKLSMSEEAAAEEAPAADAPEEVVEPASPSYTCISKEAILSSPDTTEIGRVWDP
LGLAEIGSAETLAWYRHSEVKHGRIAMAAFVGWWAVGAGLRFPGELSHGLEFSSIPSKGLEAWDAVPGWGKAQMLLFAGL
IEFHDELFHTRRTEGGHYLRGGTPGKNMVPGLFDPFGFSKGKSEEELAKGRDREIKNGRLAMIGVAGLYCAATIPGSVPL
QPPC
;
13
26 'polypeptide(L)'
;MKIILSGLALLASSVAAFAPQSIISANANNKNANVVLEAAKDDLIAIAEKSNPVLKYYDPLQLGSTTIWGETNSATIGFL
RQSEIKHGRIAMAAFVGYIVQANGIHFPWPMSFDGTPFPADAGSPPEQWDALSDAAKWQIILFIGFLEWFSEAAGKHYMR
GGKPGAFPNFSDSDLIPHPVPLNLYDPFGFSKGKTEAQKADGLIKELNNGRLAMIGIMGFLAEQKVEGSVPLLKGVVPHY
DGEVMAPFM
;
14
27 'polypeptide(L)'
;MDNKIAGYNIIIHTIISSINMKFSLVVLSSLVVASSNGVTAFAPSSSTTSTSTTALSSSASKAELEAIAKKANPTLGYYD
PLSLADKDFWGKGNDATIAFLRQSEIKHGRIAMFAFVGYIVQSNFVFPWAQTLAGAPHPSADLSPEAQWDAIPLGAKWQI
FAVISALELWDECGGGGVLPHYTKGRKPGQYPPFTLFRDNVHFVLDLYDPFGFNKNMSEETKERRLVSELNNGRLAMLGI
FGFLCADTIPGSVPLLNDIAIPYSGQVMQPFEGQFSYFGSL
;
15
28 'polypeptide(L)'
;MKIATLFLALASSAAAFAPSQQVRSMTNEKMKPRQARNNFALNMKVDEMPGATAPLGKFDPLNLATLGSESTLAWFRAAE
LKHSRVAMLATTGYLVQAAGIHFPGMLSSDVSFESLSAMKPLDAWDAVPEGGKNQIYFTIFLAEFITECKGTHYTKGGPL
PTIVFPPIDFSTVNPEQLKTRQNRELNNGRLAMIAIMSFVAAANIPGSVPALAGNPMF
;
16
#
# COMPACT_ATOMS: atom_id res chain seq x y z
N LYS A 10 -1.69 31.81 -7.76
CA LYS A 10 -2.25 32.05 -6.44
C LYS A 10 -3.27 30.99 -6.06
N ASN A 11 -3.62 30.14 -7.03
CA ASN A 11 -4.49 29.02 -6.73
C ASN A 11 -3.75 27.94 -5.96
N VAL A 12 -2.50 27.67 -6.34
CA VAL A 12 -1.67 26.67 -5.70
C VAL A 12 -0.42 27.38 -5.21
N GLN A 13 -0.24 27.41 -3.89
CA GLN A 13 0.85 28.13 -3.25
C GLN A 13 1.48 27.26 -2.18
N ILE A 14 2.61 27.72 -1.68
CA ILE A 14 3.33 27.05 -0.60
C ILE A 14 3.13 27.87 0.66
N PHE A 15 2.40 27.31 1.62
CA PHE A 15 2.20 27.93 2.92
C PHE A 15 2.82 27.02 3.97
N VAL A 16 3.79 27.55 4.71
CA VAL A 16 4.59 26.77 5.65
C VAL A 16 4.75 27.58 6.93
N GLU A 17 4.41 26.98 8.06
CA GLU A 17 4.64 27.60 9.36
C GLU A 17 6.05 27.28 9.84
N LYS A 18 6.85 28.32 10.04
CA LYS A 18 8.22 28.14 10.50
C LYS A 18 8.26 27.91 12.01
N ASP A 19 9.11 26.96 12.42
CA ASP A 19 9.38 26.61 13.82
C ASP A 19 8.10 26.23 14.56
N ALA A 20 7.42 25.20 14.03
CA ALA A 20 6.10 24.85 14.52
C ALA A 20 6.18 24.18 15.89
N VAL A 21 6.89 23.06 15.99
CA VAL A 21 6.97 22.29 17.21
C VAL A 21 8.41 22.32 17.70
N GLU A 22 8.57 22.68 18.96
CA GLU A 22 9.91 22.77 19.55
C GLU A 22 10.47 21.38 19.81
N THR A 23 11.73 21.17 19.43
CA THR A 23 12.36 19.87 19.52
C THR A 23 12.94 19.69 20.91
N SER A 24 12.42 18.73 21.66
CA SER A 24 12.79 18.56 23.06
C SER A 24 12.53 17.12 23.48
N PHE A 25 13.34 16.65 24.42
CA PHE A 25 13.19 15.30 24.97
C PHE A 25 12.21 15.24 26.13
N GLU A 26 11.48 16.32 26.39
CA GLU A 26 10.58 16.37 27.53
C GLU A 26 9.41 15.41 27.36
N LYS A 27 8.85 15.32 26.16
CA LYS A 27 7.73 14.44 25.90
C LYS A 27 8.15 13.00 25.62
N TRP A 28 9.44 12.75 25.41
CA TRP A 28 9.93 11.39 25.36
C TRP A 28 9.85 10.73 26.73
N ALA A 29 9.94 11.53 27.78
CA ALA A 29 9.88 11.06 29.16
C ALA A 29 8.47 11.11 29.73
N GLN A 30 7.48 11.50 28.93
CA GLN A 30 6.08 11.50 29.34
C GLN A 30 5.33 10.59 28.38
N PRO A 31 5.31 9.28 28.63
CA PRO A 31 4.59 8.37 27.73
C PRO A 31 3.09 8.59 27.79
N GLY A 32 2.48 8.59 26.61
CA GLY A 32 1.06 8.88 26.52
C GLY A 32 0.72 10.34 26.52
N HIS A 33 1.70 11.20 26.21
CA HIS A 33 1.49 12.65 26.16
C HIS A 33 0.47 13.05 25.10
N PHE A 34 0.33 12.24 24.05
CA PHE A 34 -0.46 12.63 22.89
C PHE A 34 -1.96 12.55 23.17
N SER A 35 -2.35 11.79 24.18
CA SER A 35 -3.74 11.56 24.49
C SER A 35 -4.11 12.29 25.77
N ARG A 36 -5.37 12.73 25.87
CA ARG A 36 -5.85 13.35 27.10
C ARG A 36 -6.01 12.34 28.23
N THR A 37 -6.52 11.15 27.90
CA THR A 37 -6.71 10.12 28.91
C THR A 37 -5.38 9.51 29.34
N LEU A 38 -4.46 9.30 28.41
CA LEU A 38 -3.22 8.60 28.70
C LEU A 38 -2.19 9.48 29.39
N ALA A 39 -2.33 10.80 29.33
CA ALA A 39 -1.29 11.67 29.88
C ALA A 39 -1.34 11.73 31.40
N LYS A 40 -2.43 11.31 32.03
CA LYS A 40 -2.47 11.29 33.48
C LYS A 40 -1.66 10.15 34.06
N GLY A 41 -1.34 9.14 33.27
CA GLY A 41 -0.47 8.08 33.71
C GLY A 41 -1.20 6.77 33.94
N PRO A 42 -0.45 5.69 34.07
CA PRO A 42 -1.08 4.38 34.28
C PRO A 42 -1.65 4.24 35.68
N LYS A 43 -2.83 3.65 35.74
CA LYS A 43 -3.35 3.11 36.98
C LYS A 43 -3.64 1.64 36.89
N THR A 44 -3.81 1.11 35.69
CA THR A 44 -3.94 -0.32 35.40
C THR A 44 -3.02 -0.65 34.25
N THR A 45 -2.86 -1.96 33.97
CA THR A 45 -2.05 -2.36 32.84
C THR A 45 -2.73 -2.11 31.51
N THR A 46 -4.04 -1.83 31.52
CA THR A 46 -4.78 -1.47 30.30
C THR A 46 -4.23 -0.20 29.67
N TRP A 47 -3.69 0.71 30.49
CA TRP A 47 -3.06 1.93 30.01
C TRP A 47 -1.90 1.64 29.06
N ILE A 48 -1.11 0.60 29.37
CA ILE A 48 0.07 0.27 28.57
C ILE A 48 -0.33 -0.18 27.17
N TRP A 49 -1.38 -0.99 27.07
CA TRP A 49 -1.87 -1.41 25.76
C TRP A 49 -2.57 -0.28 25.04
N ASN A 50 -3.23 0.62 25.78
CA ASN A 50 -3.87 1.76 25.16
C ASN A 50 -2.86 2.74 24.57
N LEU A 51 -1.66 2.78 25.15
CA LEU A 51 -0.62 3.67 24.67
C LEU A 51 -0.11 3.25 23.29
N HIS A 52 0.09 1.95 23.10
CA HIS A 52 0.58 1.49 21.81
C HIS A 52 -0.52 1.49 20.75
N ALA A 53 -1.77 1.27 21.17
CA ALA A 53 -2.87 1.23 20.24
C ALA A 53 -3.26 2.62 19.74
N ASP A 54 -3.09 3.64 20.57
CA ASP A 54 -3.53 5.00 20.24
C ASP A 54 -2.40 5.88 19.76
N ALA A 55 -1.21 5.32 19.57
CA ALA A 55 -0.03 6.14 19.30
C ALA A 55 -0.11 6.81 17.93
N HIS A 56 -0.58 6.07 16.93
CA HIS A 56 -0.59 6.55 15.56
C HIS A 56 -1.99 6.89 15.08
N ASP A 57 -2.92 7.16 15.99
CA ASP A 57 -4.26 7.58 15.64
C ASP A 57 -4.29 9.10 15.82
N PHE A 58 -3.85 9.82 14.78
CA PHE A 58 -3.56 11.24 14.93
C PHE A 58 -4.83 12.09 15.03
N ASP A 59 -5.91 11.71 14.36
CA ASP A 59 -7.16 12.46 14.48
C ASP A 59 -7.83 12.21 15.83
N SER A 60 -7.48 11.14 16.51
CA SER A 60 -7.90 10.96 17.90
C SER A 60 -7.10 11.83 18.86
N GLN A 61 -5.90 12.27 18.47
CA GLN A 61 -5.05 13.04 19.35
C GLN A 61 -5.27 14.54 19.23
N THR A 62 -5.86 15.01 18.14
CA THR A 62 -6.14 16.42 17.95
C THR A 62 -7.31 16.56 16.98
N ASN A 63 -8.07 17.63 17.17
CA ASN A 63 -9.21 17.90 16.31
C ASN A 63 -8.85 18.73 15.09
N SER A 64 -7.68 19.38 15.11
CA SER A 64 -7.25 20.19 13.98
C SER A 64 -6.77 19.30 12.85
N LEU A 65 -7.32 19.50 11.65
CA LEU A 65 -6.93 18.70 10.49
C LEU A 65 -5.53 19.04 10.03
N GLU A 66 -5.08 20.28 10.27
CA GLU A 66 -3.73 20.67 9.92
C GLU A 66 -2.69 19.92 10.75
N GLU A 67 -2.92 19.80 12.06
CA GLU A 67 -1.98 19.11 12.91
C GLU A 67 -1.99 17.61 12.65
N VAL A 68 -3.12 17.06 12.21
CA VAL A 68 -3.15 15.68 11.75
C VAL A 68 -2.31 15.53 10.49
N SER A 69 -2.42 16.48 9.56
CA SER A 69 -1.74 16.38 8.28
C SER A 69 -0.24 16.59 8.41
N ARG A 70 0.19 17.40 9.36
CA ARG A 70 1.63 17.56 9.59
C ARG A 70 2.23 16.32 10.21
N LYS A 71 1.47 15.61 11.04
CA LYS A 71 1.97 14.36 11.61
C LYS A 71 2.10 13.27 10.56
N ILE A 72 1.12 13.18 9.65
CA ILE A 72 1.12 12.14 8.63
C ILE A 72 2.25 12.35 7.64
N PHE A 73 2.44 13.60 7.21
CA PHE A 73 3.49 13.93 6.25
C PHE A 73 4.87 13.67 6.83
N SER A 74 5.04 13.95 8.12
CA SER A 74 6.33 13.75 8.75
C SER A 74 6.56 12.30 9.12
N ALA A 75 5.50 11.53 9.38
CA ALA A 75 5.64 10.11 9.62
C ALA A 75 5.91 9.34 8.34
N HIS A 76 5.53 9.89 7.19
CA HIS A 76 5.83 9.22 5.93
C HIS A 76 7.31 9.31 5.60
N PHE A 77 7.99 10.37 6.06
CA PHE A 77 9.42 10.44 5.90
C PHE A 77 10.14 9.45 6.79
N GLY A 78 9.59 9.18 7.97
CA GLY A 78 10.16 8.17 8.83
C GLY A 78 9.99 6.77 8.29
N GLN A 79 8.91 6.53 7.56
CA GLN A 79 8.74 5.22 6.94
C GLN A 79 9.67 5.06 5.76
N LEU A 80 9.86 6.14 4.99
CA LEU A 80 10.83 6.13 3.90
C LEU A 80 12.25 5.99 4.41
N ALA A 81 12.55 6.55 5.59
CA ALA A 81 13.86 6.35 6.19
C ALA A 81 14.06 4.90 6.62
N ALA A 82 13.01 4.23 7.05
CA ALA A 82 13.12 2.82 7.42
C ALA A 82 13.22 1.92 6.20
N ILE A 83 12.61 2.31 5.08
CA ILE A 83 12.71 1.50 3.88
C ILE A 83 14.09 1.68 3.24
N PHE A 84 14.61 2.91 3.26
CA PHE A 84 15.95 3.16 2.73
C PHE A 84 17.02 2.51 3.58
N LEU A 85 16.80 2.39 4.88
CA LEU A 85 17.72 1.64 5.73
C LEU A 85 17.66 0.16 5.41
N TRP A 86 16.47 -0.33 5.05
CA TRP A 86 16.29 -1.73 4.74
C TRP A 86 16.86 -2.08 3.37
N ILE A 87 16.73 -1.16 2.41
CA ILE A 87 17.33 -1.34 1.10
C ILE A 87 18.85 -1.30 1.20
N SER A 88 19.37 -0.35 1.98
CA SER A 88 20.82 -0.23 2.17
C SER A 88 21.41 -1.44 2.89
N GLY A 89 20.61 -2.12 3.72
CA GLY A 89 21.08 -3.35 4.31
C GLY A 89 21.11 -4.52 3.35
N MET A 90 20.17 -4.56 2.41
CA MET A 90 20.13 -5.66 1.47
C MET A 90 21.26 -5.59 0.46
N HIS A 91 21.71 -4.39 0.14
CA HIS A 91 22.85 -4.23 -0.74
C HIS A 91 24.17 -4.35 -0.01
N PHE A 92 24.21 -4.04 1.28
CA PHE A 92 25.42 -4.28 2.05
C PHE A 92 25.62 -5.76 2.32
N HIS A 93 24.53 -6.49 2.56
CA HIS A 93 24.66 -7.93 2.75
C HIS A 93 24.92 -8.64 1.44
N GLY A 94 24.54 -8.03 0.32
CA GLY A 94 24.98 -8.56 -0.96
C GLY A 94 26.44 -8.26 -1.25
N ALA A 95 26.93 -7.12 -0.81
CA ALA A 95 28.30 -6.74 -1.08
C ALA A 95 29.30 -7.45 -0.18
N TYR A 96 28.89 -7.84 1.03
CA TYR A 96 29.82 -8.40 2.00
C TYR A 96 29.52 -9.83 2.40
N PHE A 97 28.27 -10.25 2.40
CA PHE A 97 27.89 -11.54 2.95
C PHE A 97 27.17 -12.39 1.93
N SER A 98 27.57 -12.30 0.67
CA SER A 98 26.90 -13.07 -0.36
C SER A 98 27.92 -13.72 -1.29
N ASN A 99 27.42 -14.59 -2.13
CA ASN A 99 28.19 -15.21 -3.20
C ASN A 99 27.74 -14.67 -4.56
N TYR A 100 27.46 -13.37 -4.64
CA TYR A 100 26.92 -12.79 -5.85
C TYR A 100 27.94 -12.79 -6.99
N SER A 101 29.22 -12.59 -6.67
CA SER A 101 30.24 -12.61 -7.71
C SER A 101 30.41 -14.01 -8.29
N ALA A 102 30.33 -15.03 -7.43
CA ALA A 102 30.41 -16.40 -7.91
C ALA A 102 29.14 -16.80 -8.65
N TRP A 103 27.99 -16.30 -8.20
CA TRP A 103 26.72 -16.57 -8.87
C TRP A 103 26.67 -15.94 -10.25
N LEU A 104 27.31 -14.78 -10.44
CA LEU A 104 27.33 -14.16 -11.76
C LEU A 104 28.09 -14.99 -12.78
N SER A 105 29.12 -15.71 -12.34
CA SER A 105 29.88 -16.57 -13.23
C SER A 105 29.16 -17.87 -13.55
N ASP A 106 28.20 -18.28 -12.73
CA ASP A 106 27.48 -19.55 -12.93
C ASP A 106 26.12 -19.46 -12.26
N PRO A 107 25.12 -18.89 -12.93
CA PRO A 107 23.82 -18.68 -12.29
C PRO A 107 22.92 -19.91 -12.27
N ILE A 108 23.40 -21.06 -12.73
CA ILE A 108 22.62 -22.28 -12.75
C ILE A 108 23.07 -23.25 -11.66
N GLY A 109 24.39 -23.35 -11.44
CA GLY A 109 24.91 -24.29 -10.47
C GLY A 109 25.05 -23.75 -9.07
N ILE A 110 25.01 -22.44 -8.91
CA ILE A 110 25.33 -21.78 -7.64
C ILE A 110 24.06 -21.21 -7.05
N LYS A 111 23.78 -21.56 -5.80
CA LYS A 111 22.58 -21.11 -5.11
C LYS A 111 22.79 -19.72 -4.54
N GLN A 112 21.76 -18.88 -4.69
CA GLN A 112 21.79 -17.52 -4.16
C GLN A 112 21.73 -17.54 -2.64
N SER A 113 22.66 -16.83 -2.01
CA SER A 113 22.69 -16.75 -0.56
C SER A 113 23.29 -15.41 -0.18
N SER A 114 22.62 -14.70 0.73
CA SER A 114 23.11 -13.39 1.13
C SER A 114 23.00 -13.17 2.64
N GLN A 115 22.84 -14.24 3.41
CA GLN A 115 22.80 -14.16 4.87
C GLN A 115 23.72 -15.22 5.42
N VAL A 116 24.61 -14.82 6.32
CA VAL A 116 25.58 -15.71 6.95
C VAL A 116 25.25 -15.77 8.44
N VAL A 117 25.43 -16.94 9.04
CA VAL A 117 25.08 -17.20 10.42
C VAL A 117 26.37 -17.30 11.24
N TRP A 118 26.36 -16.70 12.43
CA TRP A 118 27.50 -16.79 13.33
C TRP A 118 27.60 -18.19 13.95
N PRO A 119 28.83 -18.65 14.22
CA PRO A 119 28.99 -19.96 14.89
C PRO A 119 28.80 -19.90 16.40
N ILE A 120 27.56 -20.07 16.82
CA ILE A 120 27.15 -20.09 18.22
C ILE A 120 26.42 -21.44 18.31
N VAL A 121 25.55 -21.64 19.30
CA VAL A 121 25.13 -22.89 19.95
C VAL A 121 24.86 -24.13 19.10
N GLY A 122 25.04 -24.04 17.78
CA GLY A 122 24.97 -25.20 16.91
C GLY A 122 24.37 -24.78 15.59
N GLN A 123 24.01 -23.50 15.51
CA GLN A 123 23.24 -22.97 14.41
C GLN A 123 24.07 -22.67 13.16
N GLU A 124 25.37 -22.96 13.17
CA GLU A 124 26.19 -22.81 11.97
C GLU A 124 25.91 -23.90 10.94
N ILE A 125 25.10 -24.90 11.27
CA ILE A 125 24.56 -25.84 10.30
C ILE A 125 23.63 -25.15 9.30
N LEU A 126 23.11 -23.97 9.62
CA LEU A 126 22.24 -23.24 8.72
C LEU A 126 22.99 -22.57 7.58
N ASN A 127 24.31 -22.49 7.65
CA ASN A 127 25.11 -22.02 6.52
C ASN A 127 25.17 -23.16 5.50
N ALA A 128 24.29 -23.10 4.50
CA ALA A 128 24.21 -24.15 3.50
C ALA A 128 25.40 -24.10 2.56
N ASP A 129 25.74 -25.26 2.02
CA ASP A 129 26.78 -25.37 0.98
C ASP A 129 26.16 -24.90 -0.33
N VAL A 130 26.18 -23.57 -0.51
CA VAL A 130 25.48 -22.94 -1.63
C VAL A 130 26.32 -22.88 -2.88
N GLY A 131 27.57 -23.34 -2.84
CA GLY A 131 28.44 -23.27 -3.98
C GLY A 131 29.15 -21.94 -4.08
N GLY A 132 30.15 -21.91 -4.96
CA GLY A 132 30.95 -20.70 -5.09
C GLY A 132 31.87 -20.46 -3.94
N ASN A 133 32.29 -21.53 -3.25
CA ASN A 133 33.20 -21.49 -2.10
C ASN A 133 32.65 -20.63 -0.97
N PHE A 134 31.39 -20.85 -0.64
CA PHE A 134 30.65 -19.96 0.24
C PHE A 134 29.65 -20.77 1.04
N GLN A 135 29.41 -20.34 2.27
CA GLN A 135 28.42 -20.97 3.14
C GLN A 135 27.51 -19.90 3.70
N GLY A 136 26.22 -20.05 3.48
CA GLY A 136 25.26 -19.11 4.04
C GLY A 136 23.85 -19.62 3.94
N VAL A 137 22.92 -18.77 4.34
CA VAL A 137 21.51 -19.07 4.27
C VAL A 137 21.01 -18.76 2.87
N GLN A 138 20.35 -19.73 2.24
CA GLN A 138 19.72 -19.51 0.94
C GLN A 138 18.61 -18.48 1.06
N THR A 139 18.75 -17.39 0.30
CA THR A 139 17.82 -16.29 0.36
C THR A 139 17.00 -16.26 -0.92
N THR A 140 15.69 -16.00 -0.79
CA THR A 140 14.77 -16.14 -1.90
C THR A 140 14.08 -14.83 -2.28
N SER A 141 14.67 -13.68 -1.95
CA SER A 141 14.05 -12.41 -2.31
C SER A 141 14.26 -12.05 -3.76
N GLY A 142 15.18 -12.71 -4.45
CA GLY A 142 15.44 -12.37 -5.83
C GLY A 142 16.38 -11.20 -6.01
N TRP A 143 17.35 -11.04 -5.12
CA TRP A 143 18.24 -9.89 -5.21
C TRP A 143 19.27 -10.05 -6.31
N PHE A 144 19.77 -11.27 -6.52
CA PHE A 144 20.83 -11.49 -7.49
C PHE A 144 20.31 -11.30 -8.91
N GLN A 145 19.07 -11.73 -9.14
CA GLN A 145 18.45 -11.59 -10.44
C GLN A 145 18.08 -10.15 -10.74
N MET A 146 17.78 -9.37 -9.70
CA MET A 146 17.51 -7.95 -9.90
C MET A 146 18.81 -7.18 -10.16
N TRP A 147 19.88 -7.54 -9.47
CA TRP A 147 21.15 -6.85 -9.65
C TRP A 147 21.79 -7.17 -10.99
N ARG A 148 21.63 -8.40 -11.47
CA ARG A 148 22.15 -8.73 -12.79
C ARG A 148 21.35 -8.02 -13.89
N ALA A 149 20.04 -7.84 -13.68
CA ALA A 149 19.22 -7.10 -14.63
C ALA A 149 19.62 -5.64 -14.72
N GLU A 150 20.11 -5.06 -13.63
CA GLU A 150 20.58 -3.69 -13.62
C GLU A 150 21.98 -3.54 -14.17
N GLY A 151 22.68 -4.62 -14.44
CA GLY A 151 24.03 -4.56 -14.91
C GLY A 151 25.09 -4.51 -13.85
N ILE A 152 24.74 -4.82 -12.60
CA ILE A 152 25.72 -4.83 -11.52
C ILE A 152 26.61 -6.05 -11.69
N THR A 153 27.92 -5.81 -11.82
CA THR A 153 28.87 -6.86 -12.10
C THR A 153 29.87 -7.10 -10.98
N SER A 154 30.12 -6.10 -10.15
CA SER A 154 31.01 -6.24 -9.02
C SER A 154 30.25 -5.92 -7.74
N GLU A 155 30.84 -6.33 -6.61
CA GLU A 155 30.25 -6.05 -5.32
C GLU A 155 30.53 -4.64 -4.83
N VAL A 156 31.45 -3.92 -5.47
CA VAL A 156 31.67 -2.53 -5.08
C VAL A 156 30.53 -1.64 -5.56
N GLU A 157 29.82 -2.03 -6.61
CA GLU A 157 28.61 -1.30 -6.99
C GLU A 157 27.49 -1.57 -5.99
N LEU A 158 27.43 -2.77 -5.43
CA LEU A 158 26.48 -3.05 -4.36
C LEU A 158 26.81 -2.26 -3.10
N TYR A 159 28.09 -2.01 -2.85
CA TYR A 159 28.51 -1.23 -1.70
C TYR A 159 28.05 0.21 -1.83
N TRP A 160 28.08 0.77 -3.03
CA TRP A 160 27.71 2.16 -3.21
C TRP A 160 26.21 2.38 -3.18
N ILE A 161 25.41 1.36 -3.48
CA ILE A 161 23.96 1.47 -3.25
C ILE A 161 23.68 1.47 -1.76
N ALA A 162 24.45 0.68 -0.99
CA ALA A 162 24.30 0.65 0.45
C ALA A 162 24.70 1.97 1.09
N ILE A 163 25.71 2.63 0.53
CA ILE A 163 26.10 3.95 1.01
C ILE A 163 25.04 4.97 0.64
N GLY A 164 24.58 4.93 -0.61
CA GLY A 164 23.52 5.83 -1.03
C GLY A 164 22.20 5.58 -0.34
N GLY A 165 21.93 4.32 0.01
CA GLY A 165 20.75 4.02 0.80
C GLY A 165 20.85 4.55 2.21
N LEU A 166 22.05 4.58 2.78
CA LEU A 166 22.22 5.11 4.13
C LEU A 166 22.13 6.63 4.14
N ILE A 167 22.62 7.28 3.09
CA ILE A 167 22.51 8.73 3.01
C ILE A 167 21.06 9.16 2.80
N MET A 168 20.36 8.46 1.91
CA MET A 168 18.95 8.75 1.68
C MET A 168 18.09 8.40 2.91
N SER A 169 18.52 7.43 3.71
CA SER A 169 17.80 7.14 4.94
C SER A 169 17.99 8.26 5.96
N ALA A 170 19.21 8.78 6.09
CA ALA A 170 19.43 9.94 6.94
C ALA A 170 18.77 11.19 6.38
N LEU A 171 18.64 11.28 5.06
CA LEU A 171 18.01 12.44 4.45
C LEU A 171 16.50 12.39 4.62
N MET A 172 15.91 11.19 4.58
CA MET A 172 14.48 11.07 4.84
C MET A 172 14.16 11.34 6.30
N LEU A 173 15.02 10.88 7.21
CA LEU A 173 14.82 11.10 8.62
C LEU A 173 14.98 12.56 9.00
N PHE A 174 15.89 13.27 8.33
CA PHE A 174 16.01 14.70 8.55
C PHE A 174 14.78 15.44 8.04
N ALA A 175 14.29 15.08 6.87
CA ALA A 175 13.14 15.75 6.27
C ALA A 175 11.85 15.52 7.04
N GLY A 176 11.80 14.49 7.86
CA GLY A 176 10.66 14.29 8.72
C GLY A 176 10.72 15.17 9.95
N TRP A 177 11.93 15.31 10.50
CA TRP A 177 12.13 16.27 11.57
C TRP A 177 11.91 17.69 11.08
N PHE A 178 12.42 18.00 9.89
CA PHE A 178 12.37 19.36 9.38
C PHE A 178 10.95 19.78 9.04
N HIS A 179 10.18 18.89 8.43
CA HIS A 179 8.84 19.25 8.02
C HIS A 179 7.82 19.09 9.13
N TYR A 180 8.24 18.60 10.29
CA TYR A 180 7.40 18.66 11.47
C TYR A 180 7.81 19.79 12.42
N HIS A 181 9.07 19.84 12.79
CA HIS A 181 9.52 20.71 13.87
C HIS A 181 9.95 22.08 13.38
N LYS A 182 10.49 22.17 12.18
CA LYS A 182 11.12 23.39 11.69
C LYS A 182 10.32 24.11 10.63
N ALA A 183 9.76 23.40 9.65
CA ALA A 183 9.01 24.03 8.57
C ALA A 183 7.78 23.17 8.27
N ALA A 184 6.70 23.43 8.98
CA ALA A 184 5.54 22.57 8.84
C ALA A 184 4.56 23.19 7.86
N PRO A 185 4.09 22.45 6.85
CA PRO A 185 3.18 23.03 5.88
C PRO A 185 1.78 23.18 6.44
N LYS A 186 1.10 24.23 6.00
CA LYS A 186 -0.25 24.51 6.46
C LYS A 186 -1.24 23.58 5.76
N LEU A 187 -2.49 23.62 6.22
CA LEU A 187 -3.50 22.68 5.73
C LEU A 187 -3.84 22.91 4.26
N GLU A 188 -3.84 24.17 3.83
CA GLU A 188 -4.11 24.49 2.44
C GLU A 188 -3.01 24.04 1.49
N TRP A 189 -1.80 23.80 2.01
CA TRP A 189 -0.77 23.15 1.20
C TRP A 189 -1.14 21.70 0.90
N PHE A 190 -1.69 20.99 1.89
CA PHE A 190 -2.03 19.59 1.72
C PHE A 190 -3.25 19.39 0.83
N GLN A 191 -4.14 20.38 0.74
CA GLN A 191 -5.38 20.24 0.01
C GLN A 191 -5.25 20.62 -1.46
N ASN A 192 -4.06 20.45 -2.04
CA ASN A 192 -3.86 20.65 -3.46
C ASN A 192 -3.79 19.30 -4.16
N ALA A 193 -4.96 18.68 -4.30
CA ALA A 193 -5.05 17.37 -4.92
C ALA A 193 -4.73 17.44 -6.41
N GLU A 194 -5.07 18.54 -7.06
CA GLU A 194 -4.79 18.68 -8.48
C GLU A 194 -3.30 18.89 -8.74
N SER A 195 -2.61 19.58 -7.83
CA SER A 195 -1.18 19.77 -8.00
C SER A 195 -0.39 18.53 -7.60
N MET A 196 -0.90 17.76 -6.63
CA MET A 196 -0.21 16.55 -6.21
C MET A 196 -0.32 15.47 -7.27
N MET A 197 -1.53 15.30 -7.84
CA MET A 197 -1.71 14.33 -8.90
C MET A 197 -0.93 14.70 -10.15
N ASN A 198 -0.79 16.00 -10.41
CA ASN A 198 0.02 16.45 -11.53
C ASN A 198 1.49 16.13 -11.32
N HIS A 199 1.97 16.35 -10.10
CA HIS A 199 3.37 16.09 -9.79
C HIS A 199 3.66 14.61 -9.66
N HIS A 200 2.76 13.85 -9.04
CA HIS A 200 3.04 12.43 -8.82
C HIS A 200 2.89 11.61 -10.09
N LEU A 201 2.12 12.07 -11.06
CA LEU A 201 2.05 11.36 -12.33
C LEU A 201 3.26 11.67 -13.20
N ALA A 202 3.57 12.95 -13.37
CA ALA A 202 4.61 13.36 -14.29
C ALA A 202 6.00 13.38 -13.67
N GLY A 203 6.11 13.71 -12.39
CA GLY A 203 7.42 13.79 -11.77
C GLY A 203 7.84 12.50 -11.11
N LEU A 204 6.94 11.89 -10.35
CA LEU A 204 7.30 10.67 -9.66
C LEU A 204 7.30 9.47 -10.59
N LEU A 205 6.16 9.18 -11.22
CA LEU A 205 6.10 8.03 -12.10
C LEU A 205 6.63 8.35 -13.48
N GLY A 206 6.45 9.59 -13.95
CA GLY A 206 6.85 9.93 -15.30
C GLY A 206 8.35 10.09 -15.45
N LEU A 207 8.97 10.90 -14.60
CA LEU A 207 10.42 10.99 -14.58
C LEU A 207 11.07 9.83 -13.87
N GLY A 208 10.30 9.03 -13.13
CA GLY A 208 10.83 7.77 -12.63
C GLY A 208 11.02 6.75 -13.74
N CYS A 209 10.00 6.59 -14.59
CA CYS A 209 10.12 5.71 -15.75
C CYS A 209 11.12 6.23 -16.77
N LEU A 210 11.20 7.55 -16.94
CA LEU A 210 12.12 8.10 -17.95
C LEU A 210 13.56 7.92 -17.52
N SER A 211 13.87 8.22 -16.27
CA SER A 211 15.23 8.05 -15.80
C SER A 211 15.59 6.58 -15.63
N TRP A 212 14.62 5.72 -15.41
CA TRP A 212 14.96 4.32 -15.33
C TRP A 212 15.16 3.71 -16.71
N SER A 213 14.41 4.14 -17.71
CA SER A 213 14.69 3.69 -19.07
C SER A 213 16.03 4.22 -19.55
N GLY A 214 16.44 5.38 -19.07
CA GLY A 214 17.77 5.88 -19.36
C GLY A 214 18.87 5.06 -18.73
N HIS A 215 18.61 4.46 -17.56
CA HIS A 215 19.56 3.51 -17.01
C HIS A 215 19.60 2.23 -17.84
N GLN A 216 18.43 1.76 -18.25
CA GLN A 216 18.37 0.47 -18.94
C GLN A 216 18.97 0.56 -20.33
N ILE A 217 18.70 1.66 -21.04
CA ILE A 217 19.20 1.82 -22.41
C ILE A 217 20.72 1.97 -22.40
N HIS A 218 21.26 2.70 -21.43
CA HIS A 218 22.68 3.02 -21.45
C HIS A 218 23.55 2.05 -20.65
N ILE A 219 23.01 1.43 -19.59
CA ILE A 219 23.80 0.59 -18.71
C ILE A 219 23.36 -0.86 -18.76
N ALA A 220 22.06 -1.11 -18.52
CA ALA A 220 21.60 -2.47 -18.29
C ALA A 220 21.54 -3.28 -19.57
N LEU A 221 21.04 -2.71 -20.66
CA LEU A 221 21.04 -3.41 -21.94
C LEU A 221 22.42 -3.80 -22.48
N PRO A 222 23.46 -2.95 -22.48
CA PRO A 222 24.74 -3.44 -23.00
C PRO A 222 25.42 -4.46 -22.13
N ILE A 223 25.33 -4.32 -20.81
CA ILE A 223 25.99 -5.25 -19.91
C ILE A 223 25.30 -6.61 -19.95
N ASN A 224 23.97 -6.61 -20.07
CA ASN A 224 23.27 -7.88 -20.16
C ASN A 224 23.39 -8.50 -21.54
N LYS A 225 23.62 -7.70 -22.58
CA LYS A 225 23.91 -8.27 -23.89
C LYS A 225 25.28 -8.94 -23.89
N LEU A 226 26.24 -8.35 -23.17
CA LEU A 226 27.54 -8.98 -23.01
C LEU A 226 27.46 -10.19 -22.09
N LEU A 227 26.61 -10.14 -21.06
CA LEU A 227 26.51 -11.24 -20.11
C LEU A 227 25.85 -12.46 -20.73
N ASP A 228 24.78 -12.27 -21.49
CA ASP A 228 24.11 -13.41 -22.12
C ASP A 228 24.89 -13.94 -23.32
N ALA A 229 25.76 -13.13 -23.91
CA ALA A 229 26.73 -13.65 -24.86
C ALA A 229 27.86 -14.39 -24.14
N GLY A 230 27.99 -14.20 -22.83
CA GLY A 230 28.94 -14.95 -22.03
C GLY A 230 30.37 -14.47 -22.14
N VAL A 231 30.65 -13.27 -21.63
CA VAL A 231 32.01 -12.75 -21.73
C VAL A 231 32.65 -12.56 -20.36
N SER A 232 32.23 -13.36 -19.36
CA SER A 232 32.90 -13.50 -18.05
C SER A 232 33.10 -12.19 -17.30
N PRO A 233 32.11 -11.75 -16.49
CA PRO A 233 31.92 -10.34 -16.10
C PRO A 233 33.11 -9.47 -15.67
N GLN A 234 34.26 -10.07 -15.37
CA GLN A 234 35.43 -9.28 -14.97
C GLN A 234 35.96 -8.43 -16.12
N GLU A 235 35.89 -8.94 -17.35
CA GLU A 235 36.34 -8.15 -18.50
C GLU A 235 35.19 -7.44 -19.21
N ILE A 236 34.00 -7.42 -18.63
CA ILE A 236 32.99 -6.45 -19.07
C ILE A 236 33.45 -5.06 -18.67
N PRO A 237 33.38 -4.06 -19.56
CA PRO A 237 33.78 -2.70 -19.18
C PRO A 237 32.89 -2.13 -18.08
N LEU A 238 33.45 -1.13 -17.39
CA LEU A 238 32.74 -0.42 -16.36
C LEU A 238 31.55 0.33 -16.96
N PRO A 239 30.48 0.56 -16.19
CA PRO A 239 29.26 1.13 -16.78
C PRO A 239 29.41 2.54 -17.32
N HIS A 240 30.37 3.31 -16.83
CA HIS A 240 30.58 4.64 -17.38
C HIS A 240 31.28 4.61 -18.73
N GLU A 241 31.91 3.48 -19.08
CA GLU A 241 32.52 3.36 -20.39
C GLU A 241 31.49 3.31 -21.50
N PHE A 242 30.30 2.80 -21.23
CA PHE A 242 29.24 2.80 -22.22
C PHE A 242 28.63 4.18 -22.43
N LEU A 243 28.89 5.13 -21.54
CA LEU A 243 28.37 6.48 -21.71
C LEU A 243 29.27 7.32 -22.61
N ILE A 244 30.58 7.12 -22.56
CA ILE A 244 31.54 8.00 -23.20
C ILE A 244 32.28 7.32 -24.34
N ASN A 245 31.88 6.11 -24.71
CA ASN A 245 32.46 5.41 -25.85
C ASN A 245 31.29 4.97 -26.72
N ARG A 246 30.94 5.83 -27.69
CA ARG A 246 29.75 5.58 -28.50
C ARG A 246 29.95 4.43 -29.47
N GLU A 247 31.19 4.15 -29.86
CA GLU A 247 31.43 2.99 -30.69
C GLU A 247 31.41 1.69 -29.89
N LEU A 248 31.64 1.76 -28.57
CA LEU A 248 31.49 0.57 -27.74
C LEU A 248 30.03 0.15 -27.65
N MET A 249 29.12 1.12 -27.61
CA MET A 249 27.70 0.86 -27.73
C MET A 249 27.22 0.93 -29.17
N ALA A 250 28.10 0.68 -30.13
CA ALA A 250 27.71 0.50 -31.53
C ALA A 250 28.05 -0.87 -32.06
N GLN A 251 28.97 -1.61 -31.42
CA GLN A 251 29.08 -3.03 -31.68
C GLN A 251 27.82 -3.75 -31.22
N LEU A 252 27.28 -3.34 -30.08
CA LEU A 252 25.97 -3.76 -29.60
C LEU A 252 25.01 -2.63 -29.91
N TYR A 253 23.86 -2.96 -30.54
CA TYR A 253 22.84 -2.00 -30.95
C TYR A 253 23.41 -0.87 -31.81
N PRO A 254 23.68 -1.13 -33.10
CA PRO A 254 24.39 -0.13 -33.92
C PRO A 254 23.59 1.10 -34.33
N SER A 255 22.40 1.29 -33.77
CA SER A 255 21.66 2.54 -33.98
C SER A 255 22.21 3.68 -33.15
N PHE A 256 23.09 3.41 -32.19
CA PHE A 256 23.74 4.47 -31.44
C PHE A 256 24.78 5.21 -32.26
N GLY A 257 25.15 4.69 -33.43
CA GLY A 257 25.98 5.44 -34.36
C GLY A 257 25.28 6.62 -35.01
N LYS A 258 23.96 6.71 -34.90
CA LYS A 258 23.21 7.83 -35.43
C LYS A 258 22.87 8.87 -34.38
N GLY A 259 23.14 8.59 -33.10
CA GLY A 259 22.94 9.56 -32.05
C GLY A 259 21.47 9.85 -31.78
N LEU A 260 21.21 11.09 -31.38
CA LEU A 260 19.87 11.55 -31.06
C LEU A 260 19.17 12.23 -32.22
N ALA A 261 19.83 12.32 -33.37
CA ALA A 261 19.15 12.84 -34.56
C ALA A 261 17.95 12.02 -35.03
N PRO A 262 17.91 10.67 -34.92
CA PRO A 262 16.63 10.00 -35.19
C PRO A 262 15.55 10.30 -34.17
N PHE A 263 15.89 10.65 -32.94
CA PHE A 263 14.85 10.95 -31.96
C PHE A 263 14.17 12.29 -32.24
N PHE A 264 14.97 13.34 -32.44
CA PHE A 264 14.42 14.67 -32.61
C PHE A 264 13.79 14.89 -33.97
N SER A 265 14.07 14.05 -34.96
CA SER A 265 13.50 14.19 -36.27
C SER A 265 12.31 13.27 -36.50
N GLY A 266 11.92 12.47 -35.52
CA GLY A 266 10.79 11.59 -35.66
C GLY A 266 11.07 10.24 -36.26
N HIS A 267 12.33 9.93 -36.57
CA HIS A 267 12.69 8.63 -37.13
C HIS A 267 12.98 7.64 -36.00
N TRP A 268 11.92 7.34 -35.26
CA TRP A 268 12.06 6.48 -34.09
C TRP A 268 12.30 5.02 -34.48
N GLY A 269 11.95 4.64 -35.71
CA GLY A 269 12.20 3.31 -36.23
C GLY A 269 13.66 2.93 -36.33
N GLU A 270 14.58 3.90 -36.29
CA GLU A 270 16.00 3.58 -36.25
C GLU A 270 16.39 2.90 -34.94
N TYR A 271 15.70 3.23 -33.85
CA TYR A 271 16.00 2.72 -32.52
C TYR A 271 15.37 1.36 -32.25
N SER A 272 14.97 0.61 -33.28
CA SER A 272 14.25 -0.64 -33.11
C SER A 272 15.14 -1.79 -32.65
N ASP A 273 16.45 -1.62 -32.59
CA ASP A 273 17.32 -2.69 -32.14
C ASP A 273 17.51 -2.73 -30.64
N PHE A 274 17.28 -1.63 -29.94
CA PHE A 274 17.30 -1.65 -28.48
C PHE A 274 15.96 -1.25 -27.87
N LEU A 275 14.99 -0.83 -28.67
CA LEU A 275 13.62 -0.63 -28.22
C LEU A 275 12.76 -1.55 -29.08
N THR A 276 12.48 -2.74 -28.57
CA THR A 276 11.82 -3.77 -29.34
C THR A 276 10.40 -3.98 -28.86
N PHE A 277 9.69 -4.85 -29.56
CA PHE A 277 8.40 -5.39 -29.11
C PHE A 277 8.41 -6.90 -29.29
N LYS A 278 9.47 -7.53 -28.79
CA LYS A 278 9.73 -8.94 -29.07
C LYS A 278 8.68 -9.85 -28.45
N GLY A 279 8.40 -9.66 -27.17
CA GLY A 279 7.55 -10.59 -26.45
C GLY A 279 8.28 -11.89 -26.14
N GLY A 280 7.58 -12.76 -25.42
CA GLY A 280 8.20 -14.01 -25.04
C GLY A 280 9.30 -13.80 -23.99
N LEU A 281 10.26 -14.71 -23.99
CA LEU A 281 11.35 -14.69 -23.03
C LEU A 281 12.68 -14.84 -23.74
N ASN A 282 13.71 -14.28 -23.12
CA ASN A 282 15.09 -14.53 -23.50
C ASN A 282 15.41 -16.01 -23.33
N PRO A 283 15.87 -16.70 -24.39
CA PRO A 283 16.15 -18.14 -24.25
C PRO A 283 17.38 -18.45 -23.42
N VAL A 284 18.29 -17.50 -23.25
CA VAL A 284 19.48 -17.75 -22.42
C VAL A 284 19.13 -17.68 -20.95
N THR A 285 18.36 -16.67 -20.55
CA THR A 285 18.11 -16.41 -19.14
C THR A 285 16.72 -16.83 -18.67
N GLY A 286 15.75 -16.91 -19.57
CA GLY A 286 14.38 -17.16 -19.15
C GLY A 286 13.66 -15.94 -18.63
N GLY A 287 14.23 -14.76 -18.79
CA GLY A 287 13.57 -13.54 -18.40
C GLY A 287 13.03 -12.80 -19.62
N LEU A 288 12.32 -11.71 -19.35
CA LEU A 288 11.86 -10.83 -20.40
C LEU A 288 13.05 -10.16 -21.08
N TRP A 289 12.88 -9.84 -22.35
CA TRP A 289 13.91 -9.12 -23.09
C TRP A 289 14.06 -7.72 -22.51
N LEU A 290 15.30 -7.33 -22.21
CA LEU A 290 15.55 -6.02 -21.63
C LEU A 290 15.25 -4.90 -22.61
N SER A 291 15.36 -5.17 -23.91
CA SER A 291 14.98 -4.19 -24.90
C SER A 291 13.47 -3.98 -24.93
N ASP A 292 12.68 -5.00 -24.57
CA ASP A 292 11.25 -4.79 -24.39
C ASP A 292 10.97 -3.97 -23.15
N ILE A 293 11.68 -4.25 -22.06
CA ILE A 293 11.48 -3.56 -20.79
C ILE A 293 11.91 -2.10 -20.90
N ALA A 294 12.93 -1.81 -21.70
CA ALA A 294 13.35 -0.44 -21.91
C ALA A 294 12.31 0.35 -22.71
N HIS A 295 11.76 -0.28 -23.76
CA HIS A 295 10.68 0.36 -24.52
C HIS A 295 9.41 0.47 -23.68
N HIS A 296 9.23 -0.47 -22.76
CA HIS A 296 8.09 -0.44 -21.84
C HIS A 296 8.15 0.79 -20.93
N HIS A 297 9.28 0.99 -20.27
CA HIS A 297 9.41 2.10 -19.34
C HIS A 297 9.47 3.44 -20.06
N LEU A 298 9.93 3.45 -21.30
CA LEU A 298 9.95 4.69 -22.06
C LEU A 298 8.56 5.07 -22.54
N ALA A 299 7.78 4.09 -23.02
CA ALA A 299 6.40 4.36 -23.40
C ALA A 299 5.55 4.70 -22.19
N LEU A 300 5.83 4.09 -21.05
CA LEU A 300 5.13 4.41 -19.81
C LEU A 300 5.42 5.82 -19.34
N SER A 301 6.68 6.25 -19.51
CA SER A 301 7.10 7.58 -19.08
C SER A 301 6.31 8.67 -19.77
N VAL A 302 6.18 8.55 -21.09
CA VAL A 302 5.45 9.54 -21.88
C VAL A 302 3.98 9.55 -21.48
N LEU A 303 3.41 8.37 -21.28
CA LEU A 303 2.01 8.26 -20.87
C LEU A 303 1.78 8.79 -19.46
N PHE A 304 2.79 8.72 -18.60
CA PHE A 304 2.65 9.28 -17.26
C PHE A 304 2.90 10.79 -17.25
N ILE A 305 3.84 11.27 -18.08
CA ILE A 305 4.12 12.70 -18.13
C ILE A 305 2.96 13.43 -18.79
N VAL A 306 2.38 12.84 -19.83
CA VAL A 306 1.20 13.41 -20.47
C VAL A 306 0.01 13.42 -19.52
N ALA A 307 -0.16 12.35 -18.74
CA ALA A 307 -1.26 12.29 -17.78
C ALA A 307 -1.08 13.23 -16.61
N GLY A 308 0.13 13.72 -16.36
CA GLY A 308 0.37 14.67 -15.30
C GLY A 308 0.16 16.11 -15.71
N HIS A 309 -0.53 16.31 -16.82
CA HIS A 309 -0.92 17.63 -17.29
C HIS A 309 -2.43 17.74 -17.44
N MET A 310 -3.15 16.87 -16.76
CA MET A 310 -4.59 16.83 -16.87
C MET A 310 -5.29 17.79 -15.94
N TYR A 311 -4.71 18.07 -14.78
CA TYR A 311 -5.43 18.71 -13.70
C TYR A 311 -5.07 20.19 -13.59
N ARG A 312 -6.07 20.98 -13.20
CA ARG A 312 -5.96 22.42 -13.22
C ARG A 312 -5.16 22.93 -12.03
N THR A 313 -4.25 23.86 -12.31
CA THR A 313 -3.39 24.51 -11.34
C THR A 313 -3.40 25.98 -11.70
N ASN A 314 -2.31 26.68 -11.39
CA ASN A 314 -2.21 28.13 -11.51
C ASN A 314 -2.37 28.71 -12.91
N TRP A 315 -2.52 27.90 -13.96
CA TRP A 315 -2.55 28.43 -15.32
C TRP A 315 -3.85 28.19 -16.05
N GLY A 316 -4.96 28.07 -15.34
CA GLY A 316 -6.25 28.03 -16.01
C GLY A 316 -6.66 26.77 -16.76
N ILE A 317 -5.76 26.25 -17.60
CA ILE A 317 -6.01 24.99 -18.29
C ILE A 317 -6.04 23.84 -17.29
N GLY A 318 -6.64 22.74 -17.73
CA GLY A 318 -6.70 21.53 -16.92
C GLY A 318 -8.09 21.32 -16.34
N HIS A 319 -8.25 20.14 -15.77
CA HIS A 319 -9.52 19.75 -15.18
C HIS A 319 -9.53 20.04 -13.69
N SER A 320 -10.66 20.54 -13.21
CA SER A 320 -10.97 20.50 -11.80
C SER A 320 -11.57 19.14 -11.48
N MET A 321 -11.02 18.46 -10.47
CA MET A 321 -11.57 17.17 -10.05
C MET A 321 -12.96 17.32 -9.47
N LYS A 322 -13.21 18.44 -8.79
CA LYS A 322 -14.53 18.72 -8.25
C LYS A 322 -15.58 18.86 -9.34
N GLU A 323 -15.23 19.52 -10.44
CA GLU A 323 -16.20 19.74 -11.50
C GLU A 323 -16.34 18.53 -12.43
N ILE A 324 -15.36 17.63 -12.44
CA ILE A 324 -15.55 16.35 -13.11
C ILE A 324 -16.59 15.53 -12.37
N LEU A 325 -16.45 15.42 -11.05
CA LEU A 325 -17.30 14.55 -10.24
C LEU A 325 -18.74 15.05 -10.20
N GLU A 326 -18.93 16.36 -10.04
CA GLU A 326 -20.29 16.89 -9.94
C GLU A 326 -21.04 16.83 -11.26
N ALA A 327 -20.34 16.67 -12.37
CA ALA A 327 -20.97 16.51 -13.67
C ALA A 327 -21.43 15.08 -13.94
N HIS A 328 -20.90 14.10 -13.23
CA HIS A 328 -21.19 12.70 -13.52
C HIS A 328 -22.32 12.23 -12.60
N LYS A 329 -23.56 12.44 -13.07
CA LYS A 329 -24.76 12.06 -12.32
C LYS A 329 -25.86 11.73 -13.30
N GLY A 330 -26.63 10.69 -12.99
CA GLY A 330 -27.64 10.21 -13.90
C GLY A 330 -28.98 10.04 -13.20
N PRO A 331 -29.93 9.40 -13.88
CA PRO A 331 -31.27 9.27 -13.31
C PRO A 331 -31.40 8.18 -12.26
N PHE A 332 -30.38 7.38 -12.06
CA PHE A 332 -30.42 6.36 -11.02
C PHE A 332 -29.71 6.78 -9.75
N THR A 333 -28.80 7.75 -9.82
CA THR A 333 -27.88 7.99 -8.72
C THR A 333 -27.99 9.39 -8.11
N GLY A 334 -29.07 10.11 -8.37
CA GLY A 334 -29.36 11.35 -7.67
C GLY A 334 -28.37 12.47 -7.93
N GLU A 335 -27.71 12.93 -6.86
CA GLU A 335 -26.67 13.94 -7.02
C GLU A 335 -25.39 13.37 -7.61
N GLY A 336 -25.25 12.05 -7.64
CA GLY A 336 -24.09 11.46 -8.26
C GLY A 336 -22.86 11.65 -7.40
N HIS A 337 -21.74 11.98 -8.05
CA HIS A 337 -20.47 12.08 -7.37
C HIS A 337 -20.25 13.44 -6.71
N LYS A 338 -21.32 14.21 -6.47
CA LYS A 338 -21.23 15.45 -5.72
C LYS A 338 -20.86 15.18 -4.27
N GLY A 339 -19.91 15.94 -3.75
CA GLY A 339 -19.49 15.81 -2.37
C GLY A 339 -18.36 14.84 -2.16
N LEU A 340 -17.96 14.08 -3.18
CA LEU A 340 -16.84 13.17 -3.05
C LEU A 340 -15.50 13.87 -3.09
N TYR A 341 -15.43 15.07 -3.69
CA TYR A 341 -14.19 15.82 -3.65
C TYR A 341 -13.92 16.36 -2.25
N GLU A 342 -14.97 16.78 -1.55
CA GLU A 342 -14.80 17.31 -0.20
C GLU A 342 -14.50 16.21 0.80
N ILE A 343 -14.94 14.99 0.51
CA ILE A 343 -14.58 13.84 1.34
C ILE A 343 -13.11 13.51 1.18
N LEU A 344 -12.64 13.45 -0.06
CA LEU A 344 -11.29 13.01 -0.34
C LEU A 344 -10.25 14.12 -0.20
N THR A 345 -10.65 15.31 0.22
CA THR A 345 -9.71 16.35 0.58
C THR A 345 -9.87 16.80 2.03
N THR A 346 -10.76 16.19 2.80
CA THR A 346 -10.86 16.45 4.22
C THR A 346 -10.75 15.21 5.09
N SER A 347 -10.80 14.01 4.51
CA SER A 347 -10.67 12.76 5.27
C SER A 347 -9.43 12.04 4.81
N TRP A 348 -8.45 11.92 5.71
CA TRP A 348 -7.30 11.07 5.46
C TRP A 348 -7.68 9.60 5.44
N HIS A 349 -8.70 9.22 6.23
CA HIS A 349 -9.15 7.83 6.27
C HIS A 349 -9.82 7.41 4.98
N ALA A 350 -10.51 8.32 4.31
CA ALA A 350 -11.15 7.99 3.05
C ALA A 350 -10.13 7.87 1.92
N GLN A 351 -9.04 8.64 1.98
CA GLN A 351 -7.99 8.46 1.00
C GLN A 351 -7.22 7.17 1.26
N LEU A 352 -6.98 6.84 2.53
CA LEU A 352 -6.31 5.59 2.85
C LEU A 352 -7.18 4.38 2.53
N ALA A 353 -8.50 4.56 2.55
CA ALA A 353 -9.40 3.49 2.13
C ALA A 353 -9.21 3.15 0.66
N ILE A 354 -9.04 4.17 -0.19
CA ILE A 354 -8.86 3.94 -1.60
C ILE A 354 -7.44 3.49 -1.90
N ASN A 355 -6.45 4.07 -1.22
CA ASN A 355 -5.07 3.82 -1.59
C ASN A 355 -4.58 2.46 -1.12
N LEU A 356 -5.12 1.97 0.00
CA LEU A 356 -4.76 0.62 0.45
C LEU A 356 -5.46 -0.44 -0.38
N ALA A 357 -6.72 -0.21 -0.73
CA ALA A 357 -7.45 -1.11 -1.61
C ALA A 357 -6.85 -1.16 -3.00
N MET A 358 -6.17 -0.10 -3.43
CA MET A 358 -5.51 -0.10 -4.73
C MET A 358 -4.12 -0.71 -4.66
N MET A 359 -3.34 -0.39 -3.63
CA MET A 359 -2.01 -0.95 -3.49
C MET A 359 -2.05 -2.43 -3.14
N GLY A 360 -3.10 -2.88 -2.47
CA GLY A 360 -3.26 -4.30 -2.24
C GLY A 360 -3.70 -5.02 -3.49
N SER A 361 -4.59 -4.39 -4.25
CA SER A 361 -4.97 -4.96 -5.53
C SER A 361 -3.81 -4.94 -6.51
N LEU A 362 -2.94 -3.93 -6.40
CA LEU A 362 -1.77 -3.84 -7.27
C LEU A 362 -0.76 -4.93 -6.95
N SER A 363 -0.53 -5.20 -5.67
CA SER A 363 0.43 -6.22 -5.26
C SER A 363 -0.03 -7.61 -5.67
N ILE A 364 -1.35 -7.82 -5.73
CA ILE A 364 -1.91 -9.07 -6.23
C ILE A 364 -1.70 -9.18 -7.74
N ILE A 365 -1.84 -8.07 -8.47
CA ILE A 365 -1.58 -8.04 -9.90
C ILE A 365 -0.09 -8.28 -10.18
N VAL A 366 0.78 -7.75 -9.32
CA VAL A 366 2.22 -7.97 -9.44
C VAL A 366 2.57 -9.45 -9.30
N ALA A 367 1.85 -10.17 -8.42
CA ALA A 367 2.13 -11.59 -8.21
C ALA A 367 1.82 -12.43 -9.44
N HIS A 368 0.65 -12.22 -10.06
CA HIS A 368 0.33 -12.92 -11.31
C HIS A 368 1.24 -12.54 -12.45
N HIS A 369 1.65 -11.28 -12.51
CA HIS A 369 2.38 -10.84 -13.68
C HIS A 369 3.86 -11.15 -13.59
N MET A 370 4.39 -11.39 -12.40
CA MET A 370 5.80 -11.72 -12.26
C MET A 370 6.10 -13.20 -12.45
N TYR A 371 5.18 -14.10 -12.09
CA TYR A 371 5.43 -15.50 -12.40
C TYR A 371 5.22 -15.77 -13.88
N ALA A 372 4.23 -15.13 -14.50
CA ALA A 372 3.82 -15.53 -15.84
C ALA A 372 4.68 -14.90 -16.92
N MET A 373 5.12 -13.66 -16.70
CA MET A 373 6.09 -12.99 -17.57
C MET A 373 7.29 -12.65 -16.70
N PRO A 374 8.19 -13.62 -16.48
CA PRO A 374 9.29 -13.42 -15.51
C PRO A 374 10.26 -12.36 -15.98
N PRO A 375 10.44 -11.30 -15.19
CA PRO A 375 11.16 -10.12 -15.67
C PRO A 375 12.65 -10.10 -15.41
N TYR A 376 13.17 -10.96 -14.56
CA TYR A 376 14.57 -10.92 -14.23
C TYR A 376 15.29 -12.10 -14.84
N PRO A 377 16.58 -11.97 -15.15
CA PRO A 377 17.34 -13.09 -15.71
C PRO A 377 17.53 -14.19 -14.68
N TYR A 378 17.22 -15.43 -15.08
CA TYR A 378 17.34 -16.65 -14.27
C TYR A 378 16.45 -16.61 -13.04
N ILE A 379 15.35 -15.85 -13.07
CA ILE A 379 14.44 -15.88 -11.94
C ILE A 379 13.35 -16.94 -12.12
N ALA A 380 13.02 -17.31 -13.37
CA ALA A 380 11.95 -18.26 -13.61
C ALA A 380 12.32 -19.68 -13.23
N THR A 381 13.59 -20.05 -13.37
CA THR A 381 14.05 -21.36 -12.96
C THR A 381 14.49 -21.40 -11.51
N ASP A 382 14.52 -20.26 -10.84
CA ASP A 382 14.66 -20.22 -9.39
C ASP A 382 13.26 -20.44 -8.81
N TYR A 383 12.93 -21.70 -8.58
CA TYR A 383 11.58 -22.06 -8.17
C TYR A 383 11.29 -21.60 -6.76
N ALA A 384 12.33 -21.48 -5.93
CA ALA A 384 12.14 -20.98 -4.58
C ALA A 384 11.87 -19.48 -4.58
N THR A 385 12.47 -18.74 -5.50
CA THR A 385 12.19 -17.31 -5.58
C THR A 385 10.82 -17.05 -6.20
N GLN A 386 10.44 -17.85 -7.21
CA GLN A 386 9.13 -17.69 -7.84
C GLN A 386 8.00 -17.99 -6.89
N LEU A 387 8.14 -19.04 -6.07
CA LEU A 387 7.11 -19.35 -5.09
C LEU A 387 7.08 -18.31 -3.99
N SER A 388 8.24 -17.80 -3.57
CA SER A 388 8.28 -16.84 -2.48
C SER A 388 7.76 -15.48 -2.91
N LEU A 389 8.08 -15.05 -4.13
CA LEU A 389 7.68 -13.72 -4.58
C LEU A 389 6.18 -13.67 -4.87
N PHE A 390 5.62 -14.75 -5.42
CA PHE A 390 4.17 -14.85 -5.59
C PHE A 390 3.47 -14.79 -4.24
N THR A 391 3.91 -15.61 -3.30
CA THR A 391 3.24 -15.75 -2.01
C THR A 391 3.35 -14.48 -1.19
N HIS A 392 4.52 -13.83 -1.22
CA HIS A 392 4.72 -12.61 -0.44
C HIS A 392 3.81 -11.49 -0.93
N HIS A 393 3.77 -11.25 -2.24
CA HIS A 393 2.96 -10.17 -2.76
C HIS A 393 1.48 -10.51 -2.75
N MET A 394 1.12 -11.79 -2.68
CA MET A 394 -0.26 -12.16 -2.41
C MET A 394 -0.66 -11.80 -1.00
N TRP A 395 0.23 -12.00 -0.03
CA TRP A 395 -0.13 -11.73 1.36
C TRP A 395 -0.11 -10.25 1.67
N ILE A 396 0.87 -9.53 1.12
CA ILE A 396 0.87 -8.08 1.23
C ILE A 396 -0.37 -7.51 0.56
N GLY A 397 -0.76 -8.08 -0.57
CA GLY A 397 -1.94 -7.62 -1.27
C GLY A 397 -3.23 -7.96 -0.57
N GLY A 398 -3.29 -9.10 0.10
CA GLY A 398 -4.49 -9.44 0.85
C GLY A 398 -4.66 -8.60 2.09
N PHE A 399 -3.55 -8.28 2.76
CA PHE A 399 -3.61 -7.48 3.97
C PHE A 399 -4.03 -6.05 3.68
N CYS A 400 -3.56 -5.48 2.56
CA CYS A 400 -3.78 -4.07 2.29
C CYS A 400 -5.20 -3.79 1.81
N VAL A 401 -5.83 -4.71 1.08
CA VAL A 401 -7.21 -4.46 0.67
C VAL A 401 -8.18 -4.63 1.82
N THR A 402 -7.84 -5.41 2.84
CA THR A 402 -8.65 -5.42 4.05
C THR A 402 -8.44 -4.13 4.83
N GLY A 403 -7.21 -3.61 4.85
CA GLY A 403 -6.96 -2.31 5.43
C GLY A 403 -7.67 -1.18 4.71
N GLY A 404 -7.86 -1.31 3.40
CA GLY A 404 -8.68 -0.35 2.69
C GLY A 404 -10.13 -0.41 3.12
N ALA A 405 -10.63 -1.61 3.41
CA ALA A 405 -11.98 -1.73 3.93
C ALA A 405 -12.06 -1.38 5.41
N ALA A 406 -10.95 -1.45 6.14
CA ALA A 406 -10.95 -1.04 7.53
C ALA A 406 -11.08 0.46 7.66
N HIS A 407 -10.25 1.21 6.92
CA HIS A 407 -10.28 2.66 6.99
C HIS A 407 -11.44 3.26 6.20
N ALA A 408 -12.09 2.48 5.36
CA ALA A 408 -13.39 2.85 4.84
C ALA A 408 -14.43 2.93 5.95
N ALA A 409 -14.36 2.00 6.91
CA ALA A 409 -15.30 2.01 8.03
C ALA A 409 -14.94 3.09 9.04
N ILE A 410 -13.66 3.45 9.16
CA ILE A 410 -13.27 4.55 10.04
C ILE A 410 -13.74 5.88 9.46
N PHE A 411 -13.82 5.98 8.12
CA PHE A 411 -14.37 7.17 7.51
C PHE A 411 -15.85 7.33 7.86
N MET A 412 -16.61 6.24 7.82
CA MET A 412 -18.05 6.32 8.05
C MET A 412 -18.36 6.70 9.48
N VAL A 413 -17.59 6.19 10.44
CA VAL A 413 -17.86 6.49 11.84
C VAL A 413 -17.41 7.91 12.18
N ARG A 414 -16.22 8.30 11.75
CA ARG A 414 -15.62 9.53 12.22
C ARG A 414 -15.79 10.72 11.28
N ASP A 415 -15.66 10.52 9.97
CA ASP A 415 -15.56 11.64 9.05
C ASP A 415 -16.79 11.82 8.16
N TYR A 416 -17.70 10.84 8.11
CA TYR A 416 -18.91 11.01 7.33
C TYR A 416 -19.86 11.98 8.03
N THR A 417 -20.39 12.93 7.25
CA THR A 417 -21.39 13.86 7.75
C THR A 417 -22.58 13.80 6.79
N PRO A 418 -23.81 13.61 7.30
CA PRO A 418 -24.97 13.54 6.41
C PRO A 418 -25.35 14.87 5.77
N ALA A 419 -24.95 16.00 6.36
CA ALA A 419 -25.29 17.28 5.76
C ALA A 419 -24.51 17.54 4.48
N ASN A 420 -23.29 17.02 4.39
CA ASN A 420 -22.48 17.15 3.19
C ASN A 420 -22.75 16.05 2.18
N ASN A 421 -23.51 15.02 2.55
CA ASN A 421 -23.80 13.89 1.69
C ASN A 421 -25.31 13.69 1.70
N TYR A 422 -26.00 14.49 0.90
CA TYR A 422 -27.44 14.34 0.72
C TYR A 422 -27.68 13.95 -0.74
N ASN A 423 -28.29 12.78 -0.94
CA ASN A 423 -28.71 12.23 -2.22
C ASN A 423 -27.55 12.00 -3.19
N ASN A 424 -26.33 11.90 -2.70
CA ASN A 424 -25.21 11.54 -3.56
C ASN A 424 -25.05 10.02 -3.54
N LEU A 425 -23.96 9.50 -4.11
CA LEU A 425 -23.79 8.06 -4.23
C LEU A 425 -23.55 7.42 -2.86
N LEU A 426 -22.87 8.14 -1.97
CA LEU A 426 -22.56 7.57 -0.66
C LEU A 426 -23.82 7.50 0.19
N ASP A 427 -24.68 8.51 0.09
CA ASP A 427 -25.96 8.47 0.80
C ASP A 427 -26.87 7.39 0.23
N ARG A 428 -26.93 7.26 -1.09
CA ARG A 428 -27.85 6.32 -1.72
C ARG A 428 -27.41 4.87 -1.56
N VAL A 429 -26.12 4.61 -1.38
CA VAL A 429 -25.68 3.25 -1.09
C VAL A 429 -26.14 2.83 0.30
N LEU A 430 -26.07 3.75 1.26
CA LEU A 430 -26.58 3.49 2.61
C LEU A 430 -28.09 3.29 2.63
N ARG A 431 -28.80 3.86 1.68
CA ARG A 431 -30.25 3.74 1.65
C ARG A 431 -30.75 2.45 1.00
N HIS A 432 -29.88 1.59 0.50
CA HIS A 432 -30.31 0.26 0.11
C HIS A 432 -29.31 -0.80 0.56
N ARG A 433 -28.72 -0.58 1.74
CA ARG A 433 -27.73 -1.52 2.27
C ARG A 433 -28.34 -2.87 2.64
N ASP A 434 -29.64 -2.93 2.93
CA ASP A 434 -30.29 -4.22 3.10
C ASP A 434 -30.40 -4.97 1.78
N ALA A 435 -30.48 -4.24 0.67
CA ALA A 435 -30.53 -4.89 -0.64
C ALA A 435 -29.15 -5.31 -1.12
N ILE A 436 -28.11 -4.54 -0.82
CA ILE A 436 -26.76 -4.91 -1.22
C ILE A 436 -26.29 -6.13 -0.44
N ILE A 437 -26.53 -6.14 0.87
CA ILE A 437 -25.96 -7.17 1.73
C ILE A 437 -26.70 -8.48 1.56
N SER A 438 -28.03 -8.44 1.43
CA SER A 438 -28.79 -9.67 1.28
C SER A 438 -28.57 -10.32 -0.08
N HIS A 439 -28.27 -9.51 -1.10
CA HIS A 439 -27.96 -10.08 -2.40
C HIS A 439 -26.56 -10.67 -2.43
N LEU A 440 -25.62 -10.01 -1.75
CA LEU A 440 -24.27 -10.56 -1.62
C LEU A 440 -24.29 -11.78 -0.72
N ASN A 441 -25.19 -11.80 0.26
CA ASN A 441 -25.41 -12.98 1.09
C ASN A 441 -25.84 -14.17 0.25
N TRP A 442 -26.67 -13.95 -0.77
CA TRP A 442 -27.14 -15.06 -1.59
C TRP A 442 -26.05 -15.57 -2.52
N VAL A 443 -25.23 -14.65 -3.06
CA VAL A 443 -24.14 -15.02 -3.97
C VAL A 443 -23.11 -15.87 -3.23
N CYS A 444 -22.85 -15.53 -1.97
CA CYS A 444 -21.89 -16.29 -1.18
C CYS A 444 -22.37 -17.69 -0.91
N ILE A 445 -23.67 -17.86 -0.59
CA ILE A 445 -24.20 -19.21 -0.40
C ILE A 445 -24.29 -19.94 -1.72
N PHE A 446 -24.61 -19.23 -2.82
CA PHE A 446 -24.63 -19.86 -4.13
C PHE A 446 -23.24 -20.31 -4.54
N LEU A 447 -22.24 -19.45 -4.35
CA LEU A 447 -20.88 -19.82 -4.71
C LEU A 447 -20.35 -20.89 -3.78
N GLY A 448 -20.71 -20.85 -2.50
CA GLY A 448 -20.17 -21.80 -1.56
C GLY A 448 -20.80 -23.16 -1.59
N CYS A 449 -22.10 -23.23 -1.86
CA CYS A 449 -22.72 -24.55 -1.98
C CYS A 449 -22.27 -25.23 -3.26
N HIS A 450 -22.20 -24.51 -4.37
CA HIS A 450 -21.88 -25.17 -5.63
C HIS A 450 -20.39 -25.48 -5.75
N ALA A 451 -19.52 -24.50 -5.48
CA ALA A 451 -18.09 -24.70 -5.73
C ALA A 451 -17.46 -25.62 -4.71
N PHE A 452 -17.78 -25.44 -3.43
CA PHE A 452 -17.25 -26.38 -2.45
C PHE A 452 -18.00 -27.71 -2.50
N GLY A 453 -19.25 -27.70 -2.94
CA GLY A 453 -19.99 -28.93 -3.07
C GLY A 453 -19.56 -29.80 -4.23
N PHE A 454 -18.85 -29.24 -5.21
CA PHE A 454 -18.19 -30.07 -6.22
C PHE A 454 -17.15 -30.97 -5.56
N TYR A 455 -16.39 -30.42 -4.61
CA TYR A 455 -15.35 -31.19 -3.94
C TYR A 455 -15.94 -32.24 -3.01
N ILE A 456 -17.07 -31.93 -2.36
CA ILE A 456 -17.69 -32.86 -1.42
C ILE A 456 -18.33 -34.01 -2.18
N HIS A 457 -19.01 -33.70 -3.28
CA HIS A 457 -19.52 -34.72 -4.17
C HIS A 457 -18.41 -35.60 -4.71
N ASN A 458 -17.27 -35.01 -5.05
CA ASN A 458 -16.16 -35.78 -5.62
C ASN A 458 -15.48 -36.66 -4.58
N ASP A 459 -15.36 -36.17 -3.34
CA ASP A 459 -14.86 -37.01 -2.26
C ASP A 459 -15.78 -38.17 -1.98
N THR A 460 -17.09 -37.92 -1.98
CA THR A 460 -18.06 -38.96 -1.68
C THR A 460 -18.15 -39.96 -2.81
N MET A 461 -18.10 -39.50 -4.07
CA MET A 461 -18.18 -40.40 -5.21
C MET A 461 -16.93 -41.28 -5.30
N ARG A 462 -15.77 -40.70 -5.03
CA ARG A 462 -14.54 -41.48 -5.08
C ARG A 462 -14.46 -42.45 -3.91
N ALA A 463 -15.04 -42.09 -2.76
CA ALA A 463 -15.03 -42.98 -1.62
C ALA A 463 -16.05 -44.11 -1.78
N LEU A 464 -17.20 -43.83 -2.40
CA LEU A 464 -18.20 -44.85 -2.65
C LEU A 464 -17.87 -45.75 -3.83
N GLY A 465 -16.69 -45.61 -4.42
CA GLY A 465 -16.31 -46.43 -5.55
C GLY A 465 -17.03 -46.05 -6.83
N ARG A 466 -17.36 -44.78 -7.01
CA ARG A 466 -18.04 -44.29 -8.22
C ARG A 466 -17.24 -43.17 -8.85
N PRO A 467 -16.09 -43.46 -9.47
CA PRO A 467 -15.31 -42.39 -10.10
C PRO A 467 -15.93 -41.88 -11.39
N GLN A 468 -16.84 -42.63 -12.00
CA GLN A 468 -17.55 -42.18 -13.19
C GLN A 468 -18.63 -41.17 -12.87
N ASP A 469 -18.95 -40.96 -11.59
CA ASP A 469 -19.96 -40.01 -11.17
C ASP A 469 -19.37 -38.71 -10.66
N MET A 470 -18.07 -38.53 -10.77
CA MET A 470 -17.40 -37.37 -10.20
C MET A 470 -17.53 -36.16 -11.13
N PHE A 471 -17.07 -35.01 -10.66
CA PHE A 471 -16.82 -33.85 -11.51
C PHE A 471 -15.34 -33.90 -11.85
N SER A 472 -15.02 -34.25 -13.09
CA SER A 472 -13.65 -34.57 -13.45
C SER A 472 -13.49 -34.43 -14.96
N ASP A 473 -12.24 -34.48 -15.41
CA ASP A 473 -11.95 -34.46 -16.83
C ASP A 473 -12.31 -35.78 -17.51
N LYS A 474 -12.44 -36.86 -16.75
CA LYS A 474 -12.84 -38.16 -17.28
C LYS A 474 -14.31 -38.44 -17.06
N ALA A 475 -14.86 -37.96 -15.97
CA ALA A 475 -16.27 -38.06 -15.62
C ALA A 475 -17.00 -36.83 -16.16
N ILE A 476 -18.13 -36.47 -15.53
CA ILE A 476 -18.84 -35.21 -15.77
C ILE A 476 -17.87 -34.03 -15.78
N GLN A 477 -17.82 -33.32 -16.90
CA GLN A 477 -16.79 -32.32 -17.13
C GLN A 477 -17.33 -30.93 -16.85
N LEU A 478 -16.51 -30.10 -16.20
CA LEU A 478 -16.76 -28.69 -16.04
C LEU A 478 -15.63 -27.96 -16.75
N GLN A 479 -15.76 -27.79 -18.05
CA GLN A 479 -14.68 -27.18 -18.81
C GLN A 479 -14.75 -25.67 -18.69
N PRO A 480 -13.67 -25.02 -18.30
CA PRO A 480 -13.68 -23.56 -18.23
C PRO A 480 -13.51 -22.93 -19.62
N ILE A 481 -14.61 -22.94 -20.38
CA ILE A 481 -14.53 -22.64 -21.80
C ILE A 481 -14.30 -21.16 -22.10
N PHE A 482 -14.66 -20.26 -21.17
CA PHE A 482 -14.40 -18.85 -21.41
C PHE A 482 -12.92 -18.53 -21.24
N ALA A 483 -12.25 -19.18 -20.28
CA ALA A 483 -10.83 -18.96 -20.09
C ALA A 483 -9.99 -19.70 -21.12
N GLN A 484 -10.47 -20.84 -21.63
CA GLN A 484 -9.78 -21.51 -22.72
C GLN A 484 -9.91 -20.73 -24.01
N TRP A 485 -11.02 -20.00 -24.18
CA TRP A 485 -11.19 -19.14 -25.34
C TRP A 485 -10.24 -17.96 -25.30
N ILE A 486 -10.10 -17.32 -24.14
CA ILE A 486 -9.22 -16.18 -23.98
C ILE A 486 -7.75 -16.60 -24.14
N GLN A 487 -7.42 -17.81 -23.72
CA GLN A 487 -6.07 -18.35 -23.90
C GLN A 487 -5.72 -18.49 -25.37
N ASN A 488 -6.70 -18.90 -26.19
CA ASN A 488 -6.47 -19.02 -27.62
C ASN A 488 -6.29 -17.67 -28.29
N ILE A 489 -7.02 -16.65 -27.83
CA ILE A 489 -6.91 -15.31 -28.40
C ILE A 489 -5.53 -14.74 -28.12
N HIS A 490 -5.02 -14.92 -26.91
CA HIS A 490 -3.71 -14.41 -26.57
C HIS A 490 -2.59 -15.21 -27.21
N LEU A 491 -2.84 -16.47 -27.56
CA LEU A 491 -1.84 -17.23 -28.29
C LEU A 491 -1.72 -16.77 -29.73
N LEU A 492 -2.84 -16.42 -30.35
CA LEU A 492 -2.86 -16.00 -31.75
C LEU A 492 -2.64 -14.50 -31.94
N ALA A 493 -2.56 -13.74 -30.85
CA ALA A 493 -2.38 -12.29 -30.88
C ALA A 493 -1.12 -11.76 -31.59
N PRO A 494 0.08 -12.35 -31.47
CA PRO A 494 1.20 -11.77 -32.22
C PRO A 494 1.10 -12.09 -33.70
N GLY A 495 0.96 -11.04 -34.51
CA GLY A 495 0.79 -11.15 -35.94
C GLY A 495 -0.58 -10.74 -36.42
N THR A 496 -1.59 -10.85 -35.56
CA THR A 496 -2.97 -10.60 -35.96
C THR A 496 -3.57 -9.37 -35.28
N THR A 497 -3.66 -9.37 -33.95
CA THR A 497 -4.19 -8.22 -33.24
C THR A 497 -3.11 -7.44 -32.50
N ALA A 498 -1.92 -8.01 -32.37
CA ALA A 498 -0.71 -7.26 -32.07
C ALA A 498 0.28 -7.62 -33.18
N PRO A 499 0.18 -6.96 -34.34
CA PRO A 499 0.97 -7.39 -35.51
C PRO A 499 2.45 -7.15 -35.38
N ASN A 500 2.88 -6.21 -34.54
CA ASN A 500 4.31 -5.95 -34.39
C ASN A 500 4.92 -6.70 -33.22
N ALA A 501 4.13 -7.39 -32.41
CA ALA A 501 4.68 -8.30 -31.42
C ALA A 501 5.14 -9.57 -32.12
N LEU A 502 6.33 -10.04 -31.75
CA LEU A 502 6.91 -11.21 -32.40
C LEU A 502 6.50 -12.50 -31.73
N ALA A 503 6.51 -12.54 -30.40
CA ALA A 503 6.13 -13.72 -29.65
C ALA A 503 5.00 -13.35 -28.69
N THR A 504 4.46 -14.38 -28.05
CA THR A 504 3.33 -14.19 -27.17
C THR A 504 3.75 -13.45 -25.90
N THR A 505 2.77 -12.78 -25.29
CA THR A 505 3.08 -11.98 -24.11
C THR A 505 3.44 -12.84 -22.91
N SER A 506 3.02 -14.11 -22.90
CA SER A 506 3.49 -15.08 -21.94
C SER A 506 3.24 -16.47 -22.51
N TYR A 507 4.18 -17.37 -22.25
CA TYR A 507 4.02 -18.74 -22.69
C TYR A 507 2.99 -19.50 -21.87
N ALA A 508 2.50 -18.92 -20.77
CA ALA A 508 1.40 -19.50 -20.01
C ALA A 508 0.12 -19.57 -20.84
N PHE A 509 -0.08 -18.64 -21.77
CA PHE A 509 -1.25 -18.69 -22.63
C PHE A 509 -1.14 -19.75 -23.70
N GLY A 510 0.06 -20.22 -23.99
CA GLY A 510 0.30 -21.12 -25.09
C GLY A 510 1.63 -20.80 -25.73
N GLY A 511 2.21 -21.80 -26.38
CA GLY A 511 3.50 -21.63 -27.01
C GLY A 511 4.41 -22.80 -26.77
N ASP A 512 5.72 -22.56 -26.76
CA ASP A 512 6.69 -23.62 -26.56
C ASP A 512 7.28 -23.55 -25.16
N VAL A 513 7.93 -24.64 -24.77
CA VAL A 513 8.54 -24.75 -23.45
C VAL A 513 9.88 -24.02 -23.47
N VAL A 514 10.06 -23.08 -22.54
CA VAL A 514 11.32 -22.40 -22.35
C VAL A 514 12.10 -23.12 -21.27
N GLU A 515 13.25 -23.69 -21.63
CA GLU A 515 14.14 -24.32 -20.67
C GLU A 515 15.37 -23.42 -20.46
N VAL A 516 15.84 -23.37 -19.21
CA VAL A 516 17.05 -22.66 -18.85
C VAL A 516 17.83 -23.57 -17.91
N GLY A 517 19.05 -23.91 -18.30
CA GLY A 517 19.75 -24.95 -17.59
C GLY A 517 19.19 -26.28 -18.05
N GLY A 518 18.41 -26.93 -17.20
CA GLY A 518 17.62 -28.06 -17.63
C GLY A 518 16.20 -27.95 -17.13
N LYS A 519 15.88 -26.82 -16.53
CA LYS A 519 14.61 -26.62 -15.84
C LYS A 519 13.68 -25.74 -16.66
N ILE A 520 12.39 -25.96 -16.50
CA ILE A 520 11.38 -25.25 -17.27
C ILE A 520 11.19 -23.86 -16.67
N ALA A 521 11.26 -22.84 -17.54
CA ALA A 521 10.99 -21.47 -17.13
C ALA A 521 9.51 -21.15 -17.23
N MET A 522 8.90 -21.42 -18.37
CA MET A 522 7.49 -21.17 -18.59
C MET A 522 7.01 -22.07 -19.72
N MET A 523 5.79 -22.57 -19.60
CA MET A 523 5.18 -23.40 -20.61
C MET A 523 3.68 -23.13 -20.58
N PRO A 524 2.91 -23.65 -21.55
CA PRO A 524 1.44 -23.53 -21.48
C PRO A 524 0.84 -24.11 -20.21
N ILE A 525 -0.05 -23.34 -19.60
CA ILE A 525 -0.75 -23.70 -18.38
C ILE A 525 -2.19 -24.00 -18.79
N LYS A 526 -2.50 -25.27 -19.00
CA LYS A 526 -3.82 -25.67 -19.48
C LYS A 526 -4.83 -25.69 -18.35
N LEU A 527 -6.01 -25.16 -18.64
CA LEU A 527 -7.09 -25.05 -17.67
C LEU A 527 -8.16 -26.11 -17.97
N GLY A 528 -8.43 -26.95 -16.99
CA GLY A 528 -9.42 -28.01 -17.11
C GLY A 528 -10.45 -27.91 -16.01
N THR A 529 -11.04 -29.07 -15.69
CA THR A 529 -12.10 -29.12 -14.67
C THR A 529 -11.56 -28.76 -13.29
N ALA A 530 -10.35 -29.22 -12.97
CA ALA A 530 -9.73 -28.89 -11.70
C ALA A 530 -9.37 -27.41 -11.59
N ASP A 531 -9.27 -26.71 -12.72
CA ASP A 531 -9.06 -25.27 -12.72
C ASP A 531 -10.36 -24.49 -12.71
N PHE A 532 -11.43 -25.08 -13.25
CA PHE A 532 -12.76 -24.51 -13.08
C PHE A 532 -13.16 -24.50 -11.62
N MET A 533 -12.89 -25.60 -10.91
CA MET A 533 -13.38 -25.75 -9.55
C MET A 533 -12.62 -24.84 -8.61
N VAL A 534 -11.30 -24.75 -8.75
CA VAL A 534 -10.51 -23.92 -7.85
C VAL A 534 -10.68 -22.44 -8.15
N HIS A 535 -11.02 -22.06 -9.38
CA HIS A 535 -11.27 -20.66 -9.67
C HIS A 535 -12.59 -20.20 -9.07
N HIS A 536 -13.57 -21.09 -8.98
CA HIS A 536 -14.81 -20.75 -8.32
C HIS A 536 -14.70 -20.83 -6.81
N ILE A 537 -13.68 -21.52 -6.29
CA ILE A 537 -13.35 -21.41 -4.88
C ILE A 537 -12.80 -20.00 -4.59
N HIS A 538 -11.96 -19.48 -5.48
CA HIS A 538 -11.43 -18.12 -5.31
C HIS A 538 -12.52 -17.08 -5.43
N ALA A 539 -13.47 -17.28 -6.35
CA ALA A 539 -14.58 -16.36 -6.47
C ALA A 539 -15.48 -16.41 -5.25
N PHE A 540 -15.58 -17.58 -4.63
CA PHE A 540 -16.37 -17.72 -3.41
C PHE A 540 -15.68 -17.05 -2.23
N THR A 541 -14.39 -17.31 -2.03
CA THR A 541 -13.72 -16.79 -0.85
C THR A 541 -13.49 -15.29 -0.93
N ILE A 542 -13.40 -14.73 -2.14
CA ILE A 542 -13.31 -13.29 -2.26
C ILE A 542 -14.67 -12.64 -1.97
N HIS A 543 -15.75 -13.24 -2.48
CA HIS A 543 -17.09 -12.69 -2.28
C HIS A 543 -17.51 -12.68 -0.81
N VAL A 544 -17.11 -13.68 -0.04
CA VAL A 544 -17.38 -13.66 1.39
C VAL A 544 -16.55 -12.60 2.09
N THR A 545 -15.27 -12.50 1.72
CA THR A 545 -14.41 -11.46 2.27
C THR A 545 -14.91 -10.07 1.91
N VAL A 546 -15.50 -9.92 0.73
CA VAL A 546 -16.18 -8.67 0.41
C VAL A 546 -17.41 -8.49 1.29
N LEU A 547 -18.19 -9.58 1.49
CA LEU A 547 -19.45 -9.49 2.24
C LEU A 547 -19.24 -9.08 3.68
N ILE A 548 -18.20 -9.60 4.33
CA ILE A 548 -17.91 -9.22 5.71
C ILE A 548 -17.43 -7.78 5.78
N LEU A 549 -16.56 -7.38 4.86
CA LEU A 549 -15.97 -6.06 4.92
C LEU A 549 -16.94 -4.99 4.44
N LEU A 550 -17.78 -5.29 3.46
CA LEU A 550 -18.75 -4.32 3.00
C LEU A 550 -19.87 -4.14 4.01
N LYS A 551 -20.22 -5.20 4.73
CA LYS A 551 -21.21 -5.09 5.81
C LYS A 551 -20.68 -4.22 6.94
N GLY A 552 -19.38 -4.31 7.22
CA GLY A 552 -18.77 -3.44 8.21
C GLY A 552 -18.78 -1.98 7.84
N VAL A 553 -18.64 -1.68 6.55
CA VAL A 553 -18.64 -0.28 6.13
C VAL A 553 -20.07 0.26 6.05
N LEU A 554 -21.02 -0.56 5.59
CA LEU A 554 -22.37 -0.08 5.42
C LEU A 554 -23.12 0.02 6.74
N TYR A 555 -22.81 -0.86 7.69
CA TYR A 555 -23.48 -0.86 8.99
C TYR A 555 -22.58 -0.31 10.08
N ALA A 556 -21.66 0.57 9.70
CA ALA A 556 -20.73 1.15 10.67
C ALA A 556 -21.42 2.15 11.58
N ARG A 557 -22.43 2.86 11.09
CA ARG A 557 -23.07 3.93 11.84
C ARG A 557 -24.37 3.50 12.51
N SER A 558 -25.09 2.57 11.92
CA SER A 558 -26.39 2.20 12.46
C SER A 558 -26.72 0.79 12.00
N SER A 559 -27.76 0.24 12.62
CA SER A 559 -28.32 -1.04 12.26
C SER A 559 -29.76 -1.05 12.74
N LYS A 560 -30.50 -2.09 12.35
CA LYS A 560 -31.76 -2.34 13.02
C LYS A 560 -31.54 -2.86 14.42
N LEU A 561 -30.38 -3.48 14.68
CA LEU A 561 -30.02 -3.93 16.02
C LEU A 561 -29.60 -2.76 16.90
N ILE A 562 -28.57 -2.03 16.50
CA ILE A 562 -28.07 -0.88 17.24
C ILE A 562 -28.25 0.36 16.37
N PRO A 563 -29.27 1.17 16.65
CA PRO A 563 -29.53 2.34 15.79
C PRO A 563 -28.54 3.48 15.96
N ASP A 564 -27.82 3.56 17.07
CA ASP A 564 -26.90 4.66 17.35
C ASP A 564 -25.44 4.21 17.40
N LYS A 565 -25.07 3.30 16.47
CA LYS A 565 -23.77 2.64 16.51
C LYS A 565 -22.60 3.59 16.27
N ALA A 566 -22.83 4.72 15.60
CA ALA A 566 -21.74 5.67 15.36
C ALA A 566 -21.30 6.38 16.63
N ASN A 567 -22.19 6.48 17.62
CA ASN A 567 -21.81 7.07 18.90
C ASN A 567 -20.95 6.12 19.73
N LEU A 568 -21.10 4.82 19.52
CA LEU A 568 -20.26 3.86 20.21
C LEU A 568 -18.84 3.85 19.65
N GLY A 569 -18.69 4.20 18.38
CA GLY A 569 -17.39 4.35 17.77
C GLY A 569 -17.11 3.29 16.71
N PHE A 570 -15.91 3.38 16.15
CA PHE A 570 -15.48 2.36 15.19
C PHE A 570 -15.10 1.08 15.90
N ARG A 571 -14.44 1.20 17.05
CA ARG A 571 -13.86 0.06 17.76
C ARG A 571 -14.49 -0.02 19.14
N PHE A 572 -15.47 -0.89 19.30
CA PHE A 572 -16.05 -1.21 20.58
C PHE A 572 -16.30 -2.71 20.62
N PRO A 573 -16.30 -3.31 21.81
CA PRO A 573 -16.53 -4.75 21.89
C PRO A 573 -17.92 -5.21 21.50
N CYS A 574 -18.94 -4.50 21.99
CA CYS A 574 -20.33 -4.91 21.89
C CYS A 574 -21.17 -3.75 22.38
N ASP A 575 -22.48 -3.98 22.44
CA ASP A 575 -23.39 -3.14 23.19
C ASP A 575 -24.19 -3.98 24.20
N GLY A 576 -23.56 -5.00 24.75
CA GLY A 576 -24.12 -5.73 25.85
C GLY A 576 -24.82 -7.00 25.43
N PRO A 577 -25.09 -7.87 26.41
CA PRO A 577 -25.75 -9.15 26.11
C PRO A 577 -27.18 -9.05 25.68
N GLY A 578 -27.78 -7.87 25.79
CA GLY A 578 -29.15 -7.69 25.40
C GLY A 578 -29.34 -7.68 23.90
N ARG A 579 -30.61 -7.55 23.51
CA ARG A 579 -31.12 -7.76 22.16
C ARG A 579 -30.73 -9.14 21.62
N GLY A 580 -30.66 -10.14 22.51
CA GLY A 580 -30.12 -11.43 22.19
C GLY A 580 -28.62 -11.54 22.38
N GLY A 581 -27.89 -10.45 22.20
CA GLY A 581 -26.44 -10.44 22.27
C GLY A 581 -25.85 -9.70 21.09
N THR A 582 -25.05 -8.67 21.37
CA THR A 582 -24.56 -7.79 20.32
C THR A 582 -23.04 -7.81 20.23
N CYS A 583 -22.44 -8.94 20.56
CA CYS A 583 -20.99 -9.10 20.49
C CYS A 583 -20.52 -9.05 19.05
N GLN A 584 -19.39 -8.37 18.84
CA GLN A 584 -18.70 -8.28 17.55
C GLN A 584 -19.58 -7.61 16.49
N SER A 585 -20.32 -6.58 16.89
CA SER A 585 -21.15 -5.85 15.95
C SER A 585 -20.52 -4.54 15.49
N SER A 586 -19.36 -4.16 16.03
CA SER A 586 -18.68 -2.97 15.56
C SER A 586 -18.06 -3.20 14.19
N SER A 587 -17.73 -2.11 13.52
CA SER A 587 -17.06 -2.23 12.25
C SER A 587 -15.60 -2.61 12.40
N TRP A 588 -15.02 -2.48 13.59
CA TRP A 588 -13.70 -3.07 13.83
C TRP A 588 -13.76 -4.58 13.76
N ASP A 589 -14.85 -5.16 14.26
CA ASP A 589 -15.00 -6.59 14.34
C ASP A 589 -15.29 -7.23 13.00
N HIS A 590 -15.84 -6.48 12.05
CA HIS A 590 -15.96 -7.00 10.69
C HIS A 590 -14.61 -7.04 9.99
N VAL A 591 -13.72 -6.11 10.33
CA VAL A 591 -12.34 -6.20 9.88
C VAL A 591 -11.65 -7.39 10.52
N PHE A 592 -11.97 -7.63 11.80
CA PHE A 592 -11.43 -8.78 12.52
C PHE A 592 -11.88 -10.09 11.89
N LEU A 593 -13.18 -10.21 11.57
CA LEU A 593 -13.66 -11.41 10.89
C LEU A 593 -13.25 -11.45 9.43
N GLY A 594 -13.09 -10.30 8.79
CA GLY A 594 -12.71 -10.27 7.39
C GLY A 594 -11.27 -10.62 7.16
N LEU A 595 -10.41 -10.39 8.15
CA LEU A 595 -9.00 -10.78 8.06
C LEU A 595 -8.84 -12.29 8.12
N PHE A 596 -9.77 -12.98 8.78
CA PHE A 596 -9.76 -14.44 8.78
C PHE A 596 -10.12 -15.00 7.42
N TRP A 597 -11.06 -14.36 6.74
CA TRP A 597 -11.46 -14.80 5.42
C TRP A 597 -10.50 -14.33 4.33
N MET A 598 -9.75 -13.26 4.58
CA MET A 598 -8.60 -12.95 3.74
C MET A 598 -7.57 -14.06 3.84
N TYR A 599 -7.28 -14.51 5.07
CA TYR A 599 -6.34 -15.60 5.30
C TYR A 599 -6.79 -16.86 4.57
N ASN A 600 -8.09 -17.17 4.65
CA ASN A 600 -8.65 -18.32 3.96
C ASN A 600 -8.57 -18.16 2.45
N SER A 601 -8.79 -16.95 1.93
CA SER A 601 -8.82 -16.77 0.49
C SER A 601 -7.42 -16.80 -0.11
N ILE A 602 -6.45 -16.18 0.55
CA ILE A 602 -5.09 -16.14 0.02
C ILE A 602 -4.41 -17.51 0.16
N SER A 603 -4.77 -18.27 1.19
CA SER A 603 -4.18 -19.59 1.40
C SER A 603 -4.51 -20.54 0.27
N VAL A 604 -5.75 -20.49 -0.23
CA VAL A 604 -6.13 -21.33 -1.35
C VAL A 604 -5.50 -20.84 -2.64
N VAL A 605 -5.29 -19.53 -2.76
CA VAL A 605 -4.67 -18.97 -3.95
C VAL A 605 -3.22 -19.41 -4.06
N ILE A 606 -2.46 -19.30 -2.97
CA ILE A 606 -1.07 -19.74 -2.99
C ILE A 606 -0.96 -21.25 -2.99
N PHE A 607 -1.99 -21.98 -2.56
CA PHE A 607 -1.95 -23.43 -2.68
C PHE A 607 -2.32 -23.88 -4.08
N HIS A 608 -3.26 -23.17 -4.72
CA HIS A 608 -3.52 -23.37 -6.14
C HIS A 608 -2.27 -23.10 -6.96
N PHE A 609 -1.56 -22.01 -6.64
CA PHE A 609 -0.34 -21.66 -7.35
C PHE A 609 0.73 -22.73 -7.15
N SER A 610 0.98 -23.13 -5.91
CA SER A 610 2.09 -24.02 -5.60
C SER A 610 1.88 -25.42 -6.17
N TRP A 611 0.63 -25.88 -6.25
CA TRP A 611 0.41 -27.21 -6.81
C TRP A 611 0.35 -27.17 -8.33
N LYS A 612 -0.26 -26.14 -8.92
CA LYS A 612 -0.36 -26.07 -10.38
C LYS A 612 1.00 -25.82 -11.03
N MET A 613 1.86 -25.04 -10.38
CA MET A 613 3.21 -24.82 -10.92
C MET A 613 4.05 -26.08 -10.84
N GLN A 614 3.95 -26.81 -9.73
CA GLN A 614 4.75 -28.01 -9.55
C GLN A 614 4.25 -29.15 -10.43
N SER A 615 2.95 -29.22 -10.66
CA SER A 615 2.38 -30.33 -11.41
C SER A 615 2.40 -30.11 -12.91
N ASP A 616 2.18 -28.88 -13.36
CA ASP A 616 1.91 -28.66 -14.77
C ASP A 616 2.89 -27.74 -15.46
N VAL A 617 3.76 -27.04 -14.73
CA VAL A 617 4.67 -26.09 -15.35
C VAL A 617 6.12 -26.44 -15.05
N TRP A 618 6.48 -26.45 -13.78
CA TRP A 618 7.87 -26.62 -13.37
C TRP A 618 8.30 -28.06 -13.57
N GLY A 619 9.60 -28.25 -13.70
CA GLY A 619 10.15 -29.57 -13.92
C GLY A 619 11.38 -29.49 -14.79
N THR A 620 11.71 -30.63 -15.40
CA THR A 620 12.92 -30.77 -16.20
C THR A 620 12.57 -31.06 -17.64
N VAL A 621 13.49 -30.71 -18.53
CA VAL A 621 13.39 -31.00 -19.96
C VAL A 621 14.63 -31.77 -20.36
N THR A 622 14.43 -32.97 -20.89
CA THR A 622 15.51 -33.73 -21.48
C THR A 622 15.77 -33.25 -22.90
N PRO A 623 16.98 -33.48 -23.43
CA PRO A 623 17.23 -33.20 -24.86
C PRO A 623 16.39 -34.05 -25.82
N ASP A 624 15.77 -35.13 -25.35
CA ASP A 624 14.72 -35.79 -26.12
C ASP A 624 13.53 -34.87 -26.33
N GLY A 625 13.29 -33.94 -25.41
CA GLY A 625 12.08 -33.15 -25.40
C GLY A 625 11.01 -33.65 -24.46
N SER A 626 11.29 -34.69 -23.67
CA SER A 626 10.32 -35.24 -22.75
C SER A 626 10.26 -34.40 -21.49
N ILE A 627 9.06 -33.93 -21.15
CA ILE A 627 8.84 -33.05 -20.01
C ILE A 627 8.54 -33.90 -18.78
N SER A 628 9.34 -33.72 -17.74
CA SER A 628 9.15 -34.42 -16.46
C SER A 628 8.83 -33.37 -15.41
N HIS A 629 7.57 -33.35 -14.96
CA HIS A 629 7.15 -32.36 -13.98
C HIS A 629 7.51 -32.80 -12.58
N ILE A 630 7.37 -31.87 -11.64
CA ILE A 630 7.90 -32.09 -10.30
C ILE A 630 7.01 -33.05 -9.50
N THR A 631 5.70 -32.86 -9.54
CA THR A 631 4.79 -33.82 -8.91
C THR A 631 4.10 -34.71 -9.93
N GLY A 632 4.53 -34.69 -11.19
CA GLY A 632 4.09 -35.69 -12.14
C GLY A 632 2.74 -35.49 -12.78
N GLY A 633 2.24 -34.25 -12.81
CA GLY A 633 0.98 -34.00 -13.46
C GLY A 633 -0.24 -34.46 -12.69
N ASN A 634 -0.17 -34.45 -11.35
CA ASN A 634 -1.23 -34.99 -10.53
C ASN A 634 -2.28 -33.95 -10.14
N PHE A 635 -2.21 -32.73 -10.68
CA PHE A 635 -3.20 -31.72 -10.32
C PHE A 635 -4.55 -32.01 -10.92
N ALA A 636 -4.61 -32.65 -12.09
CA ALA A 636 -5.88 -32.81 -12.79
C ALA A 636 -6.79 -33.81 -12.10
N GLN A 637 -6.22 -34.85 -11.49
CA GLN A 637 -7.02 -35.92 -10.92
C GLN A 637 -7.06 -35.92 -9.40
N SER A 638 -6.08 -35.32 -8.73
CA SER A 638 -6.08 -35.32 -7.28
C SER A 638 -6.65 -34.06 -6.68
N SER A 639 -6.53 -32.92 -7.34
CA SER A 639 -7.00 -31.67 -6.75
C SER A 639 -8.50 -31.48 -6.84
N ILE A 640 -9.26 -32.46 -7.36
CA ILE A 640 -10.70 -32.33 -7.43
C ILE A 640 -11.39 -32.87 -6.19
N THR A 641 -10.66 -33.43 -5.24
CA THR A 641 -11.20 -33.83 -3.95
C THR A 641 -10.42 -33.15 -2.84
N ILE A 642 -11.01 -33.15 -1.64
CA ILE A 642 -10.29 -32.63 -0.48
C ILE A 642 -9.26 -33.64 0.00
N ASN A 643 -9.51 -34.93 -0.23
CA ASN A 643 -8.54 -35.96 0.13
C ASN A 643 -7.27 -35.86 -0.69
N GLY A 644 -7.38 -35.45 -1.95
CA GLY A 644 -6.20 -35.27 -2.76
C GLY A 644 -5.37 -34.08 -2.33
N TRP A 645 -6.02 -32.99 -1.91
CA TRP A 645 -5.31 -31.84 -1.37
C TRP A 645 -4.64 -32.19 -0.05
N LEU A 646 -5.28 -33.01 0.76
CA LEU A 646 -4.69 -33.43 2.02
C LEU A 646 -3.53 -34.37 1.80
N ARG A 647 -3.64 -35.28 0.84
CA ARG A 647 -2.64 -36.32 0.66
C ARG A 647 -1.58 -35.94 -0.36
N ASP A 648 -1.98 -35.57 -1.56
CA ASP A 648 -1.02 -35.36 -2.63
C ASP A 648 -0.39 -33.98 -2.61
N PHE A 649 -0.95 -33.04 -1.87
CA PHE A 649 -0.33 -31.73 -1.71
C PHE A 649 0.23 -31.53 -0.32
N LEU A 650 -0.61 -31.61 0.72
CA LEU A 650 -0.13 -31.25 2.04
C LEU A 650 0.69 -32.37 2.67
N TRP A 651 0.23 -33.62 2.58
CA TRP A 651 1.00 -34.73 3.14
C TRP A 651 2.26 -35.00 2.32
N SER A 652 2.16 -34.90 1.01
CA SER A 652 3.28 -35.30 0.16
C SER A 652 4.39 -34.26 0.14
N GLN A 653 4.03 -32.98 0.05
CA GLN A 653 5.04 -31.94 -0.08
C GLN A 653 5.57 -31.43 1.25
N ALA A 654 4.97 -31.80 2.38
CA ALA A 654 5.55 -31.45 3.67
C ALA A 654 6.62 -32.43 4.10
N SER A 655 7.01 -33.36 3.23
CA SER A 655 8.14 -34.25 3.50
C SER A 655 9.43 -33.47 3.67
N GLN A 656 9.62 -32.38 2.94
CA GLN A 656 10.87 -31.66 3.01
C GLN A 656 10.98 -30.82 4.27
N VAL A 657 9.85 -30.35 4.80
CA VAL A 657 9.91 -29.53 6.00
C VAL A 657 9.99 -30.38 7.26
N ILE A 658 9.50 -31.63 7.24
CA ILE A 658 9.56 -32.47 8.43
C ILE A 658 10.80 -33.36 8.45
N GLN A 659 11.48 -33.54 7.32
CA GLN A 659 12.74 -34.26 7.28
C GLN A 659 13.93 -33.30 7.22
N SER A 660 13.73 -32.06 7.62
CA SER A 660 14.76 -31.03 7.55
C SER A 660 15.80 -31.12 8.65
N TYR A 661 15.53 -31.89 9.71
CA TYR A 661 16.37 -31.88 10.91
C TYR A 661 17.74 -32.47 10.64
N GLY A 662 18.78 -31.74 11.04
CA GLY A 662 20.14 -32.13 10.75
C GLY A 662 20.67 -31.64 9.43
N SER A 663 19.88 -30.88 8.67
CA SER A 663 20.30 -30.28 7.43
C SER A 663 20.35 -28.76 7.58
N ALA A 664 20.64 -28.08 6.48
CA ALA A 664 20.63 -26.63 6.50
C ALA A 664 19.23 -26.05 6.42
N SER A 665 18.24 -26.84 5.97
CA SER A 665 16.85 -26.41 5.97
C SER A 665 16.16 -26.67 7.30
N SER A 666 16.91 -27.03 8.34
CA SER A 666 16.33 -27.39 9.63
C SER A 666 15.67 -26.22 10.33
N ALA A 667 16.07 -24.99 10.01
CA ALA A 667 15.39 -23.83 10.55
C ALA A 667 13.96 -23.74 10.02
N TYR A 668 13.70 -24.26 8.83
CA TYR A 668 12.33 -24.33 8.34
C TYR A 668 11.53 -25.39 9.06
N GLY A 669 12.17 -26.50 9.45
CA GLY A 669 11.50 -27.46 10.29
C GLY A 669 11.16 -26.93 11.67
N LEU A 670 12.01 -26.05 12.21
CA LEU A 670 11.73 -25.49 13.52
C LEU A 670 10.63 -24.45 13.45
N ILE A 671 10.64 -23.61 12.43
CA ILE A 671 9.62 -22.58 12.29
C ILE A 671 8.27 -23.19 11.91
N PHE A 672 8.29 -24.31 11.18
CA PHE A 672 7.10 -25.11 10.92
C PHE A 672 6.38 -25.51 12.21
N LEU A 673 7.14 -25.99 13.19
CA LEU A 673 6.56 -26.34 14.48
C LEU A 673 6.22 -25.11 15.29
N GLY A 674 7.09 -24.11 15.26
CA GLY A 674 6.87 -22.90 16.03
C GLY A 674 5.68 -22.09 15.57
N ALA A 675 5.35 -22.17 14.29
CA ALA A 675 4.15 -21.51 13.80
C ALA A 675 2.90 -22.32 14.03
N HIS A 676 2.98 -23.65 13.94
CA HIS A 676 1.91 -24.51 14.42
C HIS A 676 1.59 -24.24 15.88
N PHE A 677 2.61 -23.93 16.67
CA PHE A 677 2.45 -23.59 18.08
C PHE A 677 1.70 -22.28 18.26
N ILE A 678 2.17 -21.22 17.61
CA ILE A 678 1.60 -19.87 17.76
C ILE A 678 0.16 -19.83 17.26
N TRP A 679 -0.14 -20.58 16.21
CA TRP A 679 -1.50 -20.66 15.69
C TRP A 679 -2.44 -21.30 16.70
N ALA A 680 -1.99 -22.34 17.37
CA ALA A 680 -2.79 -22.95 18.43
C ALA A 680 -2.88 -22.06 19.65
N PHE A 681 -1.80 -21.34 19.96
CA PHE A 681 -1.78 -20.38 21.05
C PHE A 681 -2.79 -19.26 20.84
N SER A 682 -3.07 -18.93 19.58
CA SER A 682 -4.06 -17.91 19.25
C SER A 682 -5.46 -18.29 19.68
N LEU A 683 -5.78 -19.58 19.66
CA LEU A 683 -7.15 -20.02 19.95
C LEU A 683 -7.51 -19.86 21.42
N MET A 684 -6.52 -19.72 22.30
CA MET A 684 -6.80 -19.34 23.68
C MET A 684 -7.44 -17.96 23.74
N PHE A 685 -6.97 -17.04 22.90
CA PHE A 685 -7.49 -15.69 22.90
C PHE A 685 -8.76 -15.58 22.09
N LEU A 686 -8.93 -16.42 21.07
CA LEU A 686 -10.08 -16.30 20.20
C LEU A 686 -11.30 -16.98 20.77
N PHE A 687 -11.13 -18.02 21.57
CA PHE A 687 -12.28 -18.79 22.03
C PHE A 687 -12.73 -18.39 23.42
N SER A 688 -11.86 -17.77 24.21
CA SER A 688 -12.18 -17.42 25.58
C SER A 688 -12.61 -15.96 25.68
N GLY A 689 -12.88 -15.52 26.91
CA GLY A 689 -13.27 -14.16 27.15
C GLY A 689 -12.56 -13.63 28.39
N ARG A 690 -12.49 -12.31 28.48
CA ARG A 690 -11.68 -11.67 29.50
C ARG A 690 -12.28 -11.78 30.90
N GLY A 691 -13.55 -12.15 31.03
CA GLY A 691 -14.14 -12.30 32.35
C GLY A 691 -13.60 -13.50 33.09
N TYR A 692 -13.27 -14.58 32.38
CA TYR A 692 -12.52 -15.67 32.98
C TYR A 692 -11.17 -15.17 33.46
N TRP A 693 -10.43 -14.50 32.58
CA TRP A 693 -9.04 -14.17 32.84
C TRP A 693 -8.88 -13.07 33.87
N GLN A 694 -9.88 -12.20 34.02
CA GLN A 694 -9.83 -11.21 35.07
C GLN A 694 -10.04 -11.84 36.44
N GLU A 695 -10.88 -12.89 36.50
CA GLU A 695 -11.06 -13.61 37.75
C GLU A 695 -9.84 -14.43 38.12
N LEU A 696 -9.10 -14.93 37.13
CA LEU A 696 -7.90 -15.71 37.43
C LEU A 696 -6.78 -14.84 37.94
N ILE A 697 -6.66 -13.62 37.40
CA ILE A 697 -5.67 -12.66 37.85
C ILE A 697 -5.93 -12.24 39.29
N GLU A 698 -7.21 -12.23 39.72
CA GLU A 698 -7.57 -11.88 41.09
C GLU A 698 -6.99 -12.85 42.11
N SER A 699 -6.92 -14.13 41.76
CA SER A 699 -6.29 -15.10 42.64
C SER A 699 -4.78 -15.01 42.59
N ILE A 700 -4.24 -14.66 41.42
CA ILE A 700 -2.80 -14.51 41.28
C ILE A 700 -2.32 -13.24 41.97
N VAL A 701 -3.09 -12.16 41.88
CA VAL A 701 -2.69 -10.94 42.56
C VAL A 701 -2.91 -11.05 44.06
N TRP A 702 -3.76 -12.00 44.49
CA TRP A 702 -3.87 -12.31 45.91
C TRP A 702 -2.55 -12.85 46.47
N ALA A 703 -1.88 -13.71 45.72
CA ALA A 703 -0.65 -14.33 46.19
C ALA A 703 0.49 -13.32 46.29
N HIS A 704 0.50 -12.34 45.40
CA HIS A 704 1.45 -11.24 45.53
C HIS A 704 1.06 -10.32 46.67
N ASN A 705 -0.24 -10.12 46.88
CA ASN A 705 -0.74 -9.34 48.01
C ASN A 705 -0.41 -10.03 49.33
N LYS A 706 -0.47 -11.36 49.34
CA LYS A 706 -0.16 -12.13 50.53
C LYS A 706 1.32 -12.04 50.89
N LEU A 707 2.18 -11.81 49.91
CA LEU A 707 3.59 -11.61 50.14
C LEU A 707 3.97 -10.14 50.11
N ASN A 708 2.97 -9.25 50.26
CA ASN A 708 3.13 -7.84 50.63
C ASN A 708 3.82 -6.98 49.57
N PHE A 709 3.69 -7.26 48.27
CA PHE A 709 4.29 -6.34 47.32
C PHE A 709 3.30 -5.70 46.36
N ALA A 710 2.52 -6.46 45.56
CA ALA A 710 1.32 -5.97 44.87
C ALA A 710 1.47 -4.72 44.00
N PRO A 711 1.89 -4.85 42.73
CA PRO A 711 2.30 -3.69 41.93
C PRO A 711 1.24 -2.61 41.75
N ALA A 712 1.71 -1.36 41.64
CA ALA A 712 0.81 -0.21 41.64
C ALA A 712 0.10 -0.05 40.31
N ILE A 713 0.73 -0.47 39.22
CA ILE A 713 0.02 -0.64 37.97
C ILE A 713 -0.78 -1.93 38.08
N GLN A 714 -2.09 -1.80 38.22
CA GLN A 714 -2.93 -2.93 38.62
C GLN A 714 -3.09 -3.90 37.46
N PRO A 715 -2.86 -5.20 37.68
CA PRO A 715 -2.94 -6.16 36.58
C PRO A 715 -4.40 -6.37 36.17
N ARG A 716 -4.66 -6.14 34.89
CA ARG A 716 -5.95 -6.41 34.32
C ARG A 716 -5.79 -7.39 33.16
N ALA A 717 -6.84 -8.17 32.93
CA ALA A 717 -6.92 -8.91 31.68
C ALA A 717 -7.03 -7.94 30.51
N LEU A 718 -6.64 -8.41 29.33
CA LEU A 718 -6.75 -7.59 28.13
C LEU A 718 -8.21 -7.26 27.85
N SER A 719 -8.43 -6.15 27.15
CA SER A 719 -9.76 -5.76 26.77
C SER A 719 -10.33 -6.76 25.76
N ILE A 720 -11.65 -6.70 25.58
CA ILE A 720 -12.34 -7.62 24.68
C ILE A 720 -11.86 -7.43 23.25
N THR A 721 -11.60 -6.18 22.87
CA THR A 721 -11.04 -5.92 21.54
C THR A 721 -9.61 -6.42 21.44
N GLN A 722 -8.80 -6.18 22.48
CA GLN A 722 -7.40 -6.60 22.43
C GLN A 722 -7.25 -8.10 22.45
N GLY A 723 -8.11 -8.81 23.18
CA GLY A 723 -8.11 -10.26 23.14
C GLY A 723 -8.46 -10.80 21.76
N ARG A 724 -9.32 -10.10 21.04
CA ARG A 724 -9.59 -10.45 19.65
C ARG A 724 -8.40 -10.14 18.76
N ALA A 725 -7.79 -8.97 18.97
CA ALA A 725 -6.67 -8.55 18.13
C ALA A 725 -5.42 -9.37 18.39
N VAL A 726 -5.20 -9.82 19.63
CA VAL A 726 -4.06 -10.67 19.92
C VAL A 726 -4.25 -12.04 19.30
N GLY A 727 -5.44 -12.62 19.46
CA GLY A 727 -5.72 -13.91 18.88
C GLY A 727 -5.76 -13.91 17.36
N LEU A 728 -6.15 -12.78 16.77
CA LEU A 728 -6.07 -12.67 15.32
C LEU A 728 -4.62 -12.54 14.87
N ALA A 729 -3.81 -11.77 15.59
CA ALA A 729 -2.41 -11.58 15.19
C ALA A 729 -1.62 -12.87 15.33
N HIS A 730 -1.93 -13.67 16.34
CA HIS A 730 -1.22 -14.94 16.52
C HIS A 730 -1.76 -16.02 15.59
N TYR A 731 -3.02 -15.91 15.17
CA TYR A 731 -3.55 -16.81 14.15
C TYR A 731 -2.89 -16.54 12.80
N LEU A 732 -2.74 -15.27 12.46
CA LEU A 732 -2.14 -14.92 11.18
C LEU A 732 -0.65 -15.21 11.17
N LEU A 733 0.05 -14.92 12.27
CA LEU A 733 1.48 -15.20 12.34
C LEU A 733 1.75 -16.70 12.29
N GLY A 734 0.92 -17.48 12.97
CA GLY A 734 1.11 -18.91 12.97
C GLY A 734 0.64 -19.57 11.70
N GLY A 735 -0.45 -19.06 11.12
CA GLY A 735 -0.95 -19.64 9.90
C GLY A 735 -0.08 -19.32 8.69
N ILE A 736 0.36 -18.08 8.58
CA ILE A 736 1.21 -17.69 7.46
C ILE A 736 2.62 -18.22 7.64
N GLY A 737 3.12 -18.22 8.87
CA GLY A 737 4.44 -18.74 9.15
C GLY A 737 4.58 -20.23 8.96
N THR A 738 3.47 -20.97 9.05
CA THR A 738 3.52 -22.38 8.74
C THR A 738 3.70 -22.60 7.24
N THR A 739 2.92 -21.88 6.44
CA THR A 739 3.05 -21.94 4.99
C THR A 739 4.38 -21.38 4.52
N TRP A 740 4.90 -20.38 5.24
CA TRP A 740 6.21 -19.80 4.92
C TRP A 740 7.32 -20.83 5.05
N ALA A 741 7.35 -21.54 6.17
CA ALA A 741 8.33 -22.59 6.36
C ALA A 741 8.09 -23.76 5.43
N PHE A 742 6.83 -24.04 5.11
CA PHE A 742 6.50 -25.13 4.21
C PHE A 742 6.84 -24.81 2.77
N PHE A 743 6.51 -23.61 2.30
CA PHE A 743 6.84 -23.23 0.93
C PHE A 743 8.34 -23.12 0.72
N LEU A 744 9.07 -22.65 1.72
CA LEU A 744 10.49 -22.43 1.52
C LEU A 744 11.28 -23.72 1.60
N ALA A 745 10.93 -24.62 2.53
CA ALA A 745 11.62 -25.89 2.61
C ALA A 745 11.34 -26.78 1.41
N ARG A 746 10.13 -26.70 0.86
CA ARG A 746 9.78 -27.49 -0.30
C ARG A 746 10.44 -26.96 -1.57
N SER A 747 10.40 -25.65 -1.77
CA SER A 747 10.85 -25.09 -3.03
C SER A 747 12.35 -24.89 -3.10
N LEU A 748 13.06 -24.86 -1.97
CA LEU A 748 14.50 -24.86 -2.02
C LEU A 748 15.08 -26.23 -2.36
N SER A 749 14.28 -27.29 -2.22
CA SER A 749 14.69 -28.62 -2.59
C SER A 749 14.39 -28.96 -4.05
N ILE A 750 13.45 -28.27 -4.67
CA ILE A 750 13.11 -28.53 -6.07
C ILE A 750 13.78 -27.52 -6.98
N ALA B 2 -47.58 -24.91 30.55
CA ALA B 2 -47.66 -23.82 29.59
C ALA B 2 -48.02 -24.34 28.20
N THR B 3 -48.92 -23.64 27.53
CA THR B 3 -49.18 -23.90 26.12
C THR B 3 -48.00 -23.40 25.30
N LYS B 4 -47.95 -23.83 24.02
CA LYS B 4 -46.93 -23.41 23.06
C LYS B 4 -45.52 -23.75 23.50
N PHE B 5 -45.06 -25.00 23.25
CA PHE B 5 -43.80 -25.67 23.62
C PHE B 5 -42.61 -24.71 23.70
N PRO B 6 -41.77 -24.78 24.74
CA PRO B 6 -41.70 -25.76 25.83
C PRO B 6 -42.77 -25.62 26.91
N LYS B 7 -43.36 -26.75 27.25
CA LYS B 7 -44.45 -26.81 28.21
C LYS B 7 -43.99 -26.46 29.62
N PHE B 8 -42.72 -26.73 29.91
CA PHE B 8 -42.18 -26.60 31.26
C PHE B 8 -41.65 -25.21 31.58
N SER B 9 -41.55 -24.33 30.60
CA SER B 9 -40.98 -23.00 30.80
C SER B 9 -41.90 -21.98 30.16
N GLN B 10 -42.60 -21.21 31.00
CA GLN B 10 -43.49 -20.15 30.51
C GLN B 10 -42.69 -19.03 29.84
N ALA B 11 -41.46 -18.78 30.31
CA ALA B 11 -40.63 -17.73 29.73
C ALA B 11 -40.25 -18.03 28.30
N LEU B 12 -39.80 -19.26 28.02
CA LEU B 12 -39.48 -19.63 26.66
C LEU B 12 -40.72 -19.89 25.82
N ALA B 13 -41.84 -20.25 26.44
CA ALA B 13 -43.08 -20.50 25.71
C ALA B 13 -43.62 -19.26 25.02
N GLN B 14 -43.32 -18.07 25.53
CA GLN B 14 -43.80 -16.82 24.96
C GLN B 14 -42.71 -16.09 24.18
N ASP B 15 -41.54 -16.70 24.03
CA ASP B 15 -40.51 -16.18 23.15
C ASP B 15 -41.03 -16.15 21.71
N PRO B 16 -40.91 -15.02 21.01
CA PRO B 16 -41.43 -14.94 19.64
C PRO B 16 -40.48 -15.47 18.59
N ALA B 17 -39.22 -15.68 18.93
CA ALA B 17 -38.18 -16.00 17.97
C ALA B 17 -37.92 -17.50 17.93
N THR B 18 -36.95 -17.90 17.11
CA THR B 18 -36.50 -19.28 17.02
C THR B 18 -35.70 -19.72 18.25
N ARG B 19 -35.40 -18.80 19.17
CA ARG B 19 -34.74 -19.11 20.43
C ARG B 19 -35.58 -20.02 21.31
N ARG B 20 -36.90 -20.01 21.15
CA ARG B 20 -37.79 -20.82 21.97
C ARG B 20 -37.59 -22.31 21.73
N ILE B 21 -37.49 -22.71 20.46
CA ILE B 21 -37.36 -24.13 20.13
C ILE B 21 -35.98 -24.63 20.52
N TRP B 22 -34.95 -23.80 20.29
CA TRP B 22 -33.59 -24.16 20.69
C TRP B 22 -33.46 -24.35 22.19
N TYR B 23 -33.93 -23.36 22.95
CA TYR B 23 -33.79 -23.41 24.40
C TYR B 23 -34.76 -24.38 25.05
N GLY B 24 -35.87 -24.70 24.39
CA GLY B 24 -36.75 -25.73 24.89
C GLY B 24 -36.14 -27.11 24.82
N ILE B 25 -35.29 -27.36 23.84
CA ILE B 25 -34.61 -28.65 23.73
C ILE B 25 -33.53 -28.77 24.79
N ALA B 26 -32.69 -27.76 24.93
CA ALA B 26 -31.51 -27.81 25.79
C ALA B 26 -31.82 -27.59 27.26
N THR B 27 -33.07 -27.34 27.62
CA THR B 27 -33.46 -27.23 29.02
C THR B 27 -34.48 -28.29 29.41
N ALA B 28 -34.70 -29.27 28.55
CA ALA B 28 -35.76 -30.25 28.76
C ALA B 28 -35.46 -31.19 29.91
N HIS B 29 -34.20 -31.40 30.23
CA HIS B 29 -33.83 -32.33 31.28
C HIS B 29 -33.33 -31.62 32.53
N ASP B 30 -33.32 -30.28 32.55
CA ASP B 30 -33.07 -29.52 33.77
C ASP B 30 -34.37 -29.40 34.53
N LEU B 31 -34.74 -30.51 35.17
CA LEU B 31 -36.08 -30.65 35.75
C LEU B 31 -36.28 -29.75 36.97
N GLU B 32 -35.21 -29.43 37.69
CA GLU B 32 -35.32 -28.55 38.85
C GLU B 32 -35.67 -27.11 38.47
N ALA B 33 -35.41 -26.70 37.24
CA ALA B 33 -35.69 -25.34 36.79
C ALA B 33 -37.05 -25.19 36.14
N HIS B 34 -37.83 -26.25 36.06
CA HIS B 34 -39.10 -26.18 35.34
C HIS B 34 -40.18 -25.56 36.21
N ASP B 35 -41.21 -25.06 35.54
CA ASP B 35 -42.29 -24.34 36.20
C ASP B 35 -43.18 -25.30 36.97
N GLY B 36 -43.45 -24.97 38.23
CA GLY B 36 -44.31 -25.81 39.04
C GLY B 36 -43.65 -27.07 39.56
N MET B 37 -42.33 -27.15 39.50
CA MET B 37 -41.62 -28.33 39.97
C MET B 37 -41.56 -28.33 41.48
N THR B 38 -42.07 -29.39 42.09
CA THR B 38 -41.87 -29.65 43.51
C THR B 38 -40.74 -30.64 43.69
N GLU B 39 -40.27 -30.76 44.93
CA GLU B 39 -39.16 -31.67 45.19
C GLU B 39 -39.60 -33.13 45.09
N GLU B 40 -40.83 -33.42 45.50
CA GLU B 40 -41.32 -34.80 45.44
C GLU B 40 -41.57 -35.23 44.00
N ASN B 41 -42.07 -34.32 43.17
CA ASN B 41 -42.25 -34.63 41.75
C ASN B 41 -40.92 -34.75 41.03
N LEU B 42 -39.91 -34.02 41.49
CA LEU B 42 -38.60 -34.03 40.85
C LEU B 42 -37.93 -35.39 40.98
N TYR B 43 -37.95 -35.98 42.18
CA TYR B 43 -37.33 -37.28 42.38
C TYR B 43 -38.08 -38.38 41.64
N GLN B 44 -39.40 -38.28 41.53
CA GLN B 44 -40.18 -39.31 40.86
C GLN B 44 -39.99 -39.27 39.35
N LYS B 45 -39.74 -38.09 38.78
CA LYS B 45 -39.42 -38.02 37.35
C LYS B 45 -38.02 -38.53 37.07
N ILE B 46 -37.08 -38.30 37.98
CA ILE B 46 -35.72 -38.79 37.81
C ILE B 46 -35.68 -40.30 37.94
N PHE B 47 -36.45 -40.85 38.89
CA PHE B 47 -36.55 -42.30 39.07
C PHE B 47 -37.10 -42.99 37.84
N ALA B 48 -38.14 -42.41 37.23
CA ALA B 48 -38.75 -43.04 36.07
C ALA B 48 -37.88 -42.87 34.83
N SER B 49 -37.18 -41.75 34.71
CA SER B 49 -36.29 -41.59 33.57
C SER B 49 -34.99 -42.36 33.77
N HIS B 50 -34.70 -42.80 34.99
CA HIS B 50 -33.61 -43.74 35.20
C HIS B 50 -33.98 -45.13 34.73
N PHE B 51 -35.26 -45.48 34.75
CA PHE B 51 -35.70 -46.74 34.17
C PHE B 51 -35.64 -46.70 32.66
N GLY B 52 -35.90 -45.54 32.07
CA GLY B 52 -35.80 -45.40 30.64
C GLY B 52 -34.36 -45.47 30.15
N HIS B 53 -33.44 -44.87 30.90
CA HIS B 53 -32.03 -44.96 30.55
C HIS B 53 -31.49 -46.37 30.71
N LEU B 54 -31.99 -47.11 31.71
CA LEU B 54 -31.58 -48.50 31.86
C LEU B 54 -32.10 -49.37 30.75
N ALA B 55 -33.29 -49.08 30.22
CA ALA B 55 -33.83 -49.85 29.12
C ALA B 55 -33.06 -49.61 27.84
N ILE B 56 -32.59 -48.38 27.64
CA ILE B 56 -31.82 -48.02 26.45
C ILE B 56 -30.47 -48.73 26.44
N ILE B 57 -29.87 -48.92 27.61
CA ILE B 57 -28.60 -49.64 27.70
C ILE B 57 -28.80 -51.11 27.34
N PHE B 58 -29.87 -51.73 27.84
CA PHE B 58 -30.10 -53.13 27.55
C PHE B 58 -30.65 -53.36 26.15
N LEU B 59 -31.32 -52.37 25.55
CA LEU B 59 -31.68 -52.47 24.15
C LEU B 59 -30.45 -52.37 23.27
N TRP B 60 -29.51 -51.52 23.65
CA TRP B 60 -28.26 -51.37 22.92
C TRP B 60 -27.40 -52.62 23.03
N THR B 61 -27.43 -53.27 24.18
CA THR B 61 -26.70 -54.53 24.36
C THR B 61 -27.40 -55.68 23.65
N ALA B 62 -28.73 -55.63 23.58
CA ALA B 62 -29.46 -56.65 22.81
C ALA B 62 -29.24 -56.49 21.32
N GLY B 63 -28.97 -55.28 20.86
CA GLY B 63 -28.69 -55.04 19.47
C GLY B 63 -27.32 -55.48 19.03
N ASN B 64 -26.34 -55.31 19.92
CA ASN B 64 -25.00 -55.83 19.66
C ASN B 64 -25.01 -57.36 19.59
N LEU B 65 -25.81 -57.99 20.45
CA LEU B 65 -25.89 -59.44 20.43
C LEU B 65 -26.70 -59.94 19.25
N PHE B 66 -27.72 -59.20 18.83
CA PHE B 66 -28.54 -59.63 17.71
C PHE B 66 -27.78 -59.55 16.41
N HIS B 67 -27.08 -58.44 16.18
CA HIS B 67 -26.43 -58.23 14.89
C HIS B 67 -25.21 -59.13 14.71
N VAL B 68 -24.55 -59.49 15.81
CA VAL B 68 -23.44 -60.44 15.71
C VAL B 68 -23.97 -61.86 15.48
N ALA B 69 -25.08 -62.22 16.12
CA ALA B 69 -25.66 -63.54 15.93
C ALA B 69 -26.24 -63.71 14.53
N TRP B 70 -26.81 -62.64 13.97
CA TRP B 70 -27.46 -62.70 12.67
C TRP B 70 -26.48 -62.46 11.54
N GLN B 71 -25.75 -61.35 11.57
CA GLN B 71 -24.93 -60.93 10.45
C GLN B 71 -23.44 -61.17 10.65
N GLY B 72 -23.01 -61.58 11.83
CA GLY B 72 -21.61 -61.71 12.14
C GLY B 72 -21.07 -63.10 11.91
N ASN B 73 -19.81 -63.28 12.28
CA ASN B 73 -19.07 -64.52 12.08
C ASN B 73 -18.49 -65.02 13.40
N PHE B 74 -19.33 -65.07 14.43
CA PHE B 74 -18.87 -65.50 15.75
C PHE B 74 -18.49 -66.97 15.76
N GLU B 75 -19.24 -67.81 15.06
CA GLU B 75 -18.92 -69.24 15.05
C GLU B 75 -17.67 -69.54 14.24
N GLN B 76 -17.38 -68.74 13.23
CA GLN B 76 -16.11 -68.86 12.54
C GLN B 76 -14.97 -68.23 13.32
N TRP B 77 -15.27 -67.26 14.18
CA TRP B 77 -14.23 -66.66 15.00
C TRP B 77 -13.82 -67.54 16.17
N VAL B 78 -14.76 -68.30 16.74
CA VAL B 78 -14.37 -69.20 17.83
C VAL B 78 -13.62 -70.41 17.30
N ALA B 79 -13.72 -70.70 16.01
CA ALA B 79 -12.94 -71.78 15.41
C ALA B 79 -11.52 -71.33 15.13
N LYS B 80 -11.34 -70.14 14.55
CA LYS B 80 -10.02 -69.61 14.20
C LYS B 80 -9.92 -68.18 14.71
N PRO B 81 -9.55 -67.98 15.98
CA PRO B 81 -9.56 -66.61 16.53
C PRO B 81 -8.44 -65.72 16.04
N LEU B 82 -7.35 -66.27 15.55
CA LEU B 82 -6.22 -65.45 15.12
C LEU B 82 -6.27 -65.12 13.64
N LYS B 83 -7.17 -65.73 12.88
CA LYS B 83 -7.25 -65.53 11.45
C LYS B 83 -8.53 -64.84 11.00
N THR B 84 -9.55 -64.77 11.84
CA THR B 84 -10.86 -64.26 11.47
C THR B 84 -11.01 -62.81 11.91
N LYS B 85 -11.60 -62.00 11.06
CA LYS B 85 -11.96 -60.63 11.42
C LYS B 85 -13.39 -60.59 11.93
N PRO B 86 -13.61 -60.07 13.14
CA PRO B 86 -14.97 -60.05 13.70
C PRO B 86 -15.87 -59.06 12.99
N ILE B 87 -17.07 -59.50 12.66
CA ILE B 87 -18.03 -58.68 11.92
C ILE B 87 -18.92 -57.94 12.91
N ALA B 88 -19.01 -56.62 12.75
CA ALA B 88 -19.95 -55.84 13.54
C ALA B 88 -21.39 -56.05 13.04
N HIS B 89 -21.65 -55.63 11.81
CA HIS B 89 -22.95 -55.81 11.18
C HIS B 89 -22.75 -55.72 9.68
N SER B 90 -23.82 -55.94 8.94
CA SER B 90 -23.73 -55.84 7.50
C SER B 90 -24.04 -54.42 7.05
N ILE B 91 -23.68 -54.13 5.80
CA ILE B 91 -23.89 -52.83 5.19
C ILE B 91 -24.98 -52.97 4.15
N TRP B 92 -26.00 -52.12 4.25
CA TRP B 92 -26.96 -51.93 3.17
C TRP B 92 -27.01 -50.43 2.89
N ASP B 93 -26.32 -50.02 1.82
CA ASP B 93 -26.22 -48.61 1.45
C ASP B 93 -26.46 -48.55 -0.05
N PRO B 94 -27.54 -47.89 -0.50
CA PRO B 94 -27.78 -47.78 -1.94
C PRO B 94 -26.82 -46.85 -2.65
N HIS B 95 -26.10 -46.00 -1.93
CA HIS B 95 -25.13 -45.09 -2.53
C HIS B 95 -23.82 -45.77 -2.86
N PHE B 96 -23.63 -47.02 -2.43
CA PHE B 96 -22.41 -47.76 -2.73
C PHE B 96 -22.30 -48.04 -4.22
N GLY B 97 -21.10 -47.87 -4.76
CA GLY B 97 -20.79 -48.36 -6.08
C GLY B 97 -20.47 -49.83 -6.05
N GLU B 98 -20.19 -50.39 -7.23
CA GLU B 98 -19.91 -51.81 -7.32
C GLU B 98 -18.57 -52.16 -6.71
N SER B 99 -17.58 -51.28 -6.85
CA SER B 99 -16.27 -51.57 -6.29
C SER B 99 -16.23 -51.35 -4.78
N ALA B 100 -17.13 -50.54 -4.24
CA ALA B 100 -17.22 -50.41 -2.79
C ALA B 100 -17.86 -51.65 -2.17
N LEU B 101 -18.79 -52.29 -2.89
CA LEU B 101 -19.44 -53.48 -2.39
C LEU B 101 -18.45 -54.63 -2.24
N LYS B 102 -17.55 -54.79 -3.20
CA LYS B 102 -16.54 -55.83 -3.08
C LYS B 102 -15.39 -55.43 -2.18
N ALA B 103 -15.15 -54.13 -1.96
CA ALA B 103 -14.10 -53.70 -1.06
C ALA B 103 -14.46 -54.00 0.39
N PHE B 104 -15.74 -53.99 0.73
CA PHE B 104 -16.16 -54.26 2.09
C PHE B 104 -16.59 -55.70 2.32
N SER B 105 -16.89 -56.43 1.25
CA SER B 105 -17.16 -57.86 1.35
C SER B 105 -15.95 -58.66 0.88
N LYS B 106 -14.82 -58.47 1.57
CA LYS B 106 -13.58 -59.09 1.13
C LYS B 106 -13.56 -60.57 1.44
N GLY B 107 -13.65 -60.92 2.72
CA GLY B 107 -13.69 -62.32 3.09
C GLY B 107 -15.06 -62.91 3.24
N ASN B 108 -16.11 -62.19 2.84
CA ASN B 108 -17.48 -62.58 3.11
C ASN B 108 -18.31 -62.55 1.83
N THR B 109 -19.61 -62.78 2.00
CA THR B 109 -20.57 -62.76 0.90
C THR B 109 -21.18 -61.37 0.71
N TYR B 110 -21.58 -60.74 1.79
CA TYR B 110 -22.24 -59.46 1.87
C TYR B 110 -21.31 -58.42 2.48
N PRO B 111 -21.49 -57.12 2.17
CA PRO B 111 -20.59 -56.10 2.74
C PRO B 111 -20.79 -55.96 4.24
N VAL B 112 -19.69 -55.88 4.97
CA VAL B 112 -19.71 -55.91 6.42
C VAL B 112 -18.83 -54.80 6.97
N ASN B 113 -19.08 -54.45 8.22
CA ASN B 113 -18.15 -53.68 9.04
C ASN B 113 -17.41 -54.63 9.97
N ILE B 114 -16.13 -54.36 10.16
CA ILE B 114 -15.29 -55.21 11.01
C ILE B 114 -15.26 -54.61 12.41
N ALA B 115 -15.71 -55.40 13.39
CA ALA B 115 -15.94 -54.89 14.74
C ALA B 115 -14.63 -54.61 15.47
N PHE B 116 -14.56 -53.42 16.08
CA PHE B 116 -13.41 -53.04 16.91
C PHE B 116 -13.81 -52.76 18.35
N SER B 117 -14.98 -53.25 18.77
CA SER B 117 -15.44 -53.06 20.14
C SER B 117 -14.97 -54.14 21.09
N GLY B 118 -14.48 -55.27 20.57
CA GLY B 118 -14.02 -56.34 21.42
C GLY B 118 -15.10 -57.23 21.99
N VAL B 119 -16.32 -57.18 21.47
CA VAL B 119 -17.37 -58.01 22.02
C VAL B 119 -17.19 -59.47 21.65
N TYR B 120 -16.44 -59.77 20.60
CA TYR B 120 -16.18 -61.18 20.27
C TYR B 120 -15.25 -61.81 21.29
N GLN B 121 -14.20 -61.09 21.68
CA GLN B 121 -13.24 -61.62 22.65
C GLN B 121 -13.83 -61.68 24.04
N TRP B 122 -14.82 -60.85 24.34
CA TRP B 122 -15.44 -60.86 25.65
C TRP B 122 -16.52 -61.92 25.75
N TRP B 123 -17.30 -62.11 24.68
CA TRP B 123 -18.34 -63.14 24.70
C TRP B 123 -17.76 -64.53 24.65
N TYR B 124 -16.65 -64.70 23.92
CA TYR B 124 -15.95 -65.98 23.89
C TYR B 124 -15.38 -66.34 25.25
N THR B 125 -14.86 -65.34 25.98
CA THR B 125 -14.26 -65.57 27.29
C THR B 125 -15.31 -65.95 28.33
N ILE B 126 -16.54 -65.45 28.21
CA ILE B 126 -17.56 -65.71 29.21
C ILE B 126 -18.39 -66.92 28.82
N GLY B 127 -18.01 -67.60 27.74
CA GLY B 127 -18.52 -68.92 27.46
C GLY B 127 -19.37 -69.07 26.20
N PHE B 128 -19.66 -67.99 25.49
CA PHE B 128 -20.46 -68.08 24.27
C PHE B 128 -19.68 -68.82 23.19
N ARG B 129 -20.37 -69.73 22.50
CA ARG B 129 -19.71 -70.53 21.47
C ARG B 129 -20.49 -70.55 20.17
N THR B 130 -21.81 -70.39 20.25
CA THR B 130 -22.67 -70.53 19.08
C THR B 130 -23.46 -69.25 18.84
N ASN B 131 -24.08 -69.18 17.66
CA ASN B 131 -24.94 -68.05 17.32
C ASN B 131 -26.30 -68.14 18.01
N GLN B 132 -26.75 -69.36 18.31
CA GLN B 132 -28.02 -69.52 19.01
C GLN B 132 -27.94 -69.03 20.45
N GLU B 133 -26.77 -69.18 21.08
CA GLU B 133 -26.60 -68.68 22.43
C GLU B 133 -26.56 -67.16 22.47
N LEU B 134 -25.97 -66.54 21.44
CA LEU B 134 -25.97 -65.08 21.36
C LEU B 134 -27.36 -64.55 21.07
N TYR B 135 -28.18 -65.32 20.35
CA TYR B 135 -29.53 -64.87 20.07
C TYR B 135 -30.41 -64.90 21.30
N ALA B 136 -30.32 -65.98 22.08
CA ALA B 136 -31.10 -66.11 23.30
C ALA B 136 -30.70 -65.07 24.34
N GLY B 137 -29.45 -64.63 24.32
CA GLY B 137 -29.06 -63.51 25.17
C GLY B 137 -29.64 -62.20 24.71
N SER B 138 -29.80 -62.01 23.39
CA SER B 138 -30.39 -60.78 22.89
C SER B 138 -31.89 -60.74 23.12
N ILE B 139 -32.54 -61.90 23.22
CA ILE B 139 -33.96 -61.93 23.52
C ILE B 139 -34.21 -61.62 24.98
N GLY B 140 -33.35 -62.14 25.86
CA GLY B 140 -33.54 -61.92 27.29
C GLY B 140 -33.29 -60.48 27.69
N LEU B 141 -32.31 -59.84 27.07
CA LEU B 141 -32.10 -58.42 27.29
C LEU B 141 -33.17 -57.58 26.63
N LEU B 142 -33.83 -58.10 25.60
CA LEU B 142 -34.93 -57.40 24.97
C LEU B 142 -36.17 -57.43 25.84
N ALA B 143 -36.34 -58.50 26.61
CA ALA B 143 -37.45 -58.61 27.55
C ALA B 143 -37.13 -58.01 28.91
N LEU B 144 -35.84 -57.92 29.27
CA LEU B 144 -35.47 -57.21 30.49
C LEU B 144 -35.71 -55.71 30.33
N SER B 145 -35.48 -55.17 29.14
CA SER B 145 -35.74 -53.77 28.92
C SER B 145 -37.23 -53.47 28.68
N CYS B 146 -38.04 -54.49 28.40
CA CYS B 146 -39.48 -54.32 28.45
C CYS B 146 -39.95 -54.17 29.89
N VAL B 147 -39.34 -54.92 30.80
CA VAL B 147 -39.71 -54.86 32.21
C VAL B 147 -39.26 -53.53 32.83
N LEU B 148 -38.08 -53.05 32.43
CA LEU B 148 -37.61 -51.76 32.91
C LEU B 148 -38.44 -50.61 32.36
N LEU B 149 -39.01 -50.76 31.16
CA LEU B 149 -39.93 -49.75 30.66
C LEU B 149 -41.29 -49.83 31.34
N PHE B 150 -41.72 -51.02 31.76
CA PHE B 150 -42.95 -51.09 32.53
C PHE B 150 -42.77 -50.55 33.94
N ALA B 151 -41.60 -50.76 34.54
CA ALA B 151 -41.37 -50.30 35.91
C ALA B 151 -41.30 -48.79 35.99
N GLY B 152 -40.78 -48.14 34.95
CA GLY B 152 -40.80 -46.68 34.92
C GLY B 152 -42.20 -46.14 34.75
N TRP B 153 -43.04 -46.82 33.97
CA TRP B 153 -44.45 -46.46 33.91
C TRP B 153 -45.14 -46.73 35.23
N LEU B 154 -44.84 -47.88 35.84
CA LEU B 154 -45.52 -48.30 37.07
C LEU B 154 -45.20 -47.38 38.23
N HIS B 155 -43.93 -47.00 38.39
CA HIS B 155 -43.54 -46.14 39.51
C HIS B 155 -43.82 -44.67 39.25
N LEU B 156 -44.64 -44.34 38.25
CA LEU B 156 -45.25 -43.03 38.13
C LEU B 156 -46.75 -43.05 38.37
N GLN B 157 -47.35 -44.22 38.51
CA GLN B 157 -48.75 -44.33 38.90
C GLN B 157 -48.92 -43.87 40.34
N PRO B 158 -50.07 -43.27 40.67
CA PRO B 158 -50.20 -42.59 41.98
C PRO B 158 -50.07 -43.49 43.20
N LYS B 159 -50.37 -44.78 43.10
CA LYS B 159 -50.20 -45.67 44.25
C LYS B 159 -48.80 -46.24 44.35
N PHE B 160 -47.97 -46.09 43.33
CA PHE B 160 -46.62 -46.64 43.32
C PHE B 160 -45.55 -45.57 43.28
N ARG B 161 -45.90 -44.30 43.25
CA ARG B 161 -44.92 -43.23 43.33
C ARG B 161 -44.31 -43.23 44.72
N PRO B 162 -43.00 -43.40 44.85
CA PRO B 162 -42.40 -43.46 46.18
C PRO B 162 -42.35 -42.08 46.81
N SER B 163 -42.47 -42.07 48.14
CA SER B 163 -42.44 -40.82 48.89
C SER B 163 -41.04 -40.23 48.87
N LEU B 164 -40.95 -38.95 49.26
CA LEU B 164 -39.67 -38.27 49.28
C LEU B 164 -38.75 -38.83 50.35
N SER B 165 -39.32 -39.39 51.42
CA SER B 165 -38.49 -40.00 52.45
C SER B 165 -37.84 -41.30 51.98
N TRP B 166 -38.47 -42.00 51.03
CA TRP B 166 -37.86 -43.20 50.47
C TRP B 166 -36.65 -42.83 49.62
N PHE B 167 -36.72 -41.71 48.93
CA PHE B 167 -35.60 -41.26 48.12
C PHE B 167 -34.47 -40.72 48.98
N LYS B 168 -34.76 -40.24 50.19
CA LYS B 168 -33.75 -39.72 51.08
C LYS B 168 -33.19 -40.76 52.04
N ASN B 169 -33.61 -42.01 51.93
CA ASN B 169 -33.13 -43.07 52.83
C ASN B 169 -31.75 -43.49 52.37
N ASN B 170 -30.74 -42.78 52.87
CA ASN B 170 -29.37 -43.04 52.46
C ASN B 170 -28.83 -44.35 53.02
N GLU B 171 -29.23 -44.70 54.24
CA GLU B 171 -28.64 -45.86 54.92
C GLU B 171 -29.13 -47.17 54.29
N SER B 172 -30.37 -47.22 53.86
CA SER B 172 -30.89 -48.44 53.26
C SER B 172 -30.46 -48.60 51.81
N ARG B 173 -30.17 -47.50 51.14
CA ARG B 173 -29.74 -47.59 49.75
C ARG B 173 -28.29 -48.06 49.66
N LEU B 174 -27.40 -47.51 50.48
CA LEU B 174 -26.02 -47.98 50.51
C LEU B 174 -25.91 -49.42 50.96
N ASN B 175 -26.74 -49.84 51.91
CA ASN B 175 -26.70 -51.23 52.38
C ASN B 175 -27.07 -52.19 51.27
N HIS B 176 -28.10 -51.85 50.49
CA HIS B 176 -28.49 -52.72 49.40
C HIS B 176 -27.54 -52.60 48.21
N HIS B 177 -27.07 -51.39 47.90
CA HIS B 177 -26.24 -51.22 46.73
C HIS B 177 -24.83 -51.76 46.93
N LEU B 178 -24.37 -51.88 48.18
CA LEU B 178 -23.10 -52.56 48.41
C LEU B 178 -23.28 -54.07 48.42
N SER B 179 -24.27 -54.56 49.17
CA SER B 179 -24.64 -55.97 49.08
C SER B 179 -25.21 -56.42 47.75
N GLY B 180 -26.41 -55.96 47.43
CA GLY B 180 -27.14 -56.59 46.36
C GLY B 180 -26.62 -56.21 45.00
N LEU B 181 -26.44 -54.90 44.80
CA LEU B 181 -26.05 -54.43 43.48
C LEU B 181 -24.59 -54.78 43.18
N LEU B 182 -23.71 -54.64 44.16
CA LEU B 182 -22.30 -54.90 43.93
C LEU B 182 -21.89 -56.31 44.35
N GLY B 183 -22.17 -56.68 45.61
CA GLY B 183 -21.63 -57.92 46.13
C GLY B 183 -22.35 -59.16 45.65
N VAL B 184 -23.69 -59.11 45.61
CA VAL B 184 -24.46 -60.26 45.17
C VAL B 184 -24.28 -60.50 43.67
N SER B 185 -24.22 -59.42 42.89
CA SER B 185 -23.97 -59.55 41.46
C SER B 185 -22.58 -60.08 41.18
N SER B 186 -21.61 -59.74 42.03
CA SER B 186 -20.26 -60.30 41.87
C SER B 186 -20.24 -61.75 42.31
N LEU B 187 -21.04 -62.11 43.32
CA LEU B 187 -21.20 -63.50 43.70
C LEU B 187 -21.92 -64.28 42.61
N ALA B 188 -22.92 -63.67 41.98
CA ALA B 188 -23.62 -64.33 40.89
C ALA B 188 -22.76 -64.43 39.65
N TRP B 189 -21.90 -63.44 39.38
CA TRP B 189 -20.99 -63.57 38.26
C TRP B 189 -19.93 -64.62 38.51
N THR B 190 -19.53 -64.81 39.77
CA THR B 190 -18.73 -65.97 40.13
C THR B 190 -19.49 -67.26 39.87
N GLY B 191 -20.81 -67.25 40.05
CA GLY B 191 -21.61 -68.41 39.73
C GLY B 191 -21.65 -68.70 38.25
N HIS B 192 -21.62 -67.67 37.41
CA HIS B 192 -21.59 -67.91 35.97
C HIS B 192 -20.26 -68.51 35.55
N ILE B 193 -19.15 -67.86 35.90
CA ILE B 193 -17.87 -68.28 35.35
C ILE B 193 -17.37 -69.58 35.98
N VAL B 194 -17.86 -69.96 37.14
CA VAL B 194 -17.56 -71.29 37.65
C VAL B 194 -18.39 -72.35 36.95
N HIS B 195 -19.67 -72.06 36.68
CA HIS B 195 -20.53 -73.07 36.08
C HIS B 195 -20.44 -73.10 34.56
N VAL B 196 -20.29 -71.94 33.91
CA VAL B 196 -20.41 -71.84 32.46
C VAL B 196 -19.07 -71.56 31.78
N ALA B 197 -18.40 -70.49 32.20
CA ALA B 197 -17.26 -70.00 31.42
C ALA B 197 -16.02 -70.87 31.59
N ILE B 198 -15.70 -71.28 32.81
CA ILE B 198 -14.54 -72.14 33.00
C ILE B 198 -14.75 -73.57 32.51
N PRO B 199 -15.95 -74.18 32.44
CA PRO B 199 -16.04 -75.42 31.65
C PRO B 199 -15.89 -75.19 30.17
N ALA B 200 -16.33 -74.04 29.65
CA ALA B 200 -16.23 -73.80 28.21
C ALA B 200 -14.80 -73.58 27.78
N SER B 201 -13.95 -73.06 28.68
CA SER B 201 -12.53 -72.99 28.39
C SER B 201 -11.85 -74.33 28.58
N ARG B 202 -12.49 -75.24 29.29
CA ARG B 202 -12.00 -76.60 29.51
C ARG B 202 -12.60 -77.59 28.53
N GLY B 203 -13.25 -77.12 27.48
CA GLY B 203 -13.81 -77.99 26.48
C GLY B 203 -15.11 -78.65 26.84
N VAL B 204 -15.80 -78.17 27.88
CA VAL B 204 -17.04 -78.78 28.35
C VAL B 204 -18.16 -77.78 28.09
N HIS B 205 -19.24 -78.25 27.48
CA HIS B 205 -20.41 -77.42 27.28
C HIS B 205 -21.34 -77.53 28.47
N VAL B 206 -21.58 -76.42 29.14
CA VAL B 206 -22.57 -76.33 30.20
C VAL B 206 -23.53 -75.21 29.81
N GLY B 207 -24.75 -75.57 29.46
CA GLY B 207 -25.76 -74.60 29.11
C GLY B 207 -26.97 -74.76 30.01
N TRP B 208 -28.10 -74.16 29.64
CA TRP B 208 -29.31 -74.28 30.46
C TRP B 208 -29.88 -75.68 30.44
N ASP B 209 -29.56 -76.48 29.42
CA ASP B 209 -30.08 -77.82 29.29
C ASP B 209 -29.44 -78.81 30.25
N ASN B 210 -28.22 -78.53 30.74
CA ASN B 210 -27.52 -79.53 31.54
C ASN B 210 -26.82 -78.96 32.76
N PHE B 211 -27.13 -77.75 33.21
CA PHE B 211 -26.33 -77.19 34.30
C PHE B 211 -26.83 -77.62 35.67
N LEU B 212 -28.03 -78.19 35.77
CA LEU B 212 -28.48 -78.72 37.04
C LEU B 212 -27.89 -80.08 37.33
N THR B 213 -27.47 -80.82 36.30
CA THR B 213 -26.99 -82.18 36.44
C THR B 213 -25.51 -82.33 36.14
N THR B 214 -24.77 -81.23 36.06
CA THR B 214 -23.33 -81.28 35.78
C THR B 214 -22.59 -80.38 36.75
N PRO B 215 -21.91 -80.96 37.75
CA PRO B 215 -21.24 -80.13 38.75
C PRO B 215 -19.99 -79.48 38.17
N PRO B 216 -19.70 -78.24 38.56
CA PRO B 216 -18.54 -77.54 38.00
C PRO B 216 -17.21 -78.01 38.55
N HIS B 217 -17.22 -78.77 39.64
CA HIS B 217 -16.03 -79.37 40.20
C HIS B 217 -16.31 -80.84 40.46
N PRO B 218 -15.30 -81.70 40.31
CA PRO B 218 -15.50 -83.13 40.63
C PRO B 218 -15.82 -83.39 42.09
N ALA B 219 -15.28 -82.58 43.00
CA ALA B 219 -15.60 -82.75 44.41
C ALA B 219 -17.01 -82.26 44.72
N GLY B 220 -17.47 -81.24 44.00
CA GLY B 220 -18.87 -80.86 43.99
C GLY B 220 -19.46 -80.37 45.28
N LEU B 221 -18.99 -79.22 45.77
CA LEU B 221 -19.62 -78.37 46.78
C LEU B 221 -19.60 -78.94 48.20
N THR B 222 -19.19 -80.18 48.39
CA THR B 222 -18.86 -80.60 49.75
C THR B 222 -17.56 -80.03 50.33
N PRO B 223 -16.49 -79.69 49.58
CA PRO B 223 -15.40 -78.96 50.24
C PRO B 223 -15.74 -77.54 50.63
N PHE B 224 -16.77 -76.93 50.04
CA PHE B 224 -17.19 -75.61 50.47
C PHE B 224 -17.81 -75.66 51.86
N PHE B 225 -18.71 -76.61 52.09
CA PHE B 225 -19.42 -76.64 53.34
C PHE B 225 -18.62 -77.27 54.47
N THR B 226 -17.61 -78.07 54.15
CA THR B 226 -16.74 -78.60 55.18
C THR B 226 -15.56 -77.70 55.46
N GLY B 227 -15.41 -76.60 54.72
CA GLY B 227 -14.28 -75.72 54.93
C GLY B 227 -12.97 -76.21 54.36
N ASN B 228 -13.00 -77.22 53.50
CA ASN B 228 -11.80 -77.76 52.87
C ASN B 228 -11.58 -77.06 51.52
N TRP B 229 -11.36 -75.76 51.60
CA TRP B 229 -11.45 -74.92 50.40
C TRP B 229 -10.26 -75.06 49.48
N THR B 230 -9.17 -75.71 49.91
CA THR B 230 -8.02 -75.95 49.04
C THR B 230 -8.29 -76.96 47.94
N VAL B 231 -9.42 -77.68 47.97
CA VAL B 231 -9.77 -78.60 46.90
C VAL B 231 -10.07 -77.84 45.61
N TYR B 232 -10.56 -76.61 45.72
CA TYR B 232 -10.89 -75.82 44.54
C TYR B 232 -9.68 -75.21 43.86
N ALA B 233 -8.47 -75.42 44.38
CA ALA B 233 -7.24 -74.93 43.76
C ALA B 233 -6.24 -76.05 43.51
N GLU B 234 -6.71 -77.29 43.32
CA GLU B 234 -5.80 -78.43 43.34
C GLU B 234 -4.98 -78.53 42.06
N ASN B 235 -5.64 -78.74 40.92
CA ASN B 235 -4.92 -78.82 39.65
C ASN B 235 -5.41 -77.76 38.69
N PRO B 236 -4.65 -76.71 38.45
CA PRO B 236 -5.02 -75.71 37.45
C PRO B 236 -4.75 -76.26 36.05
N ASP B 237 -5.09 -75.45 35.05
CA ASP B 237 -4.72 -75.78 33.68
C ASP B 237 -3.21 -75.74 33.54
N SER B 238 -2.69 -76.57 32.63
CA SER B 238 -1.26 -76.69 32.45
C SER B 238 -0.69 -75.47 31.72
N ALA B 239 0.62 -75.44 31.59
CA ALA B 239 1.28 -74.47 30.71
C ALA B 239 1.13 -74.85 29.24
N SER B 240 0.68 -76.07 28.95
CA SER B 240 0.44 -76.52 27.59
C SER B 240 -1.03 -76.87 27.38
N HIS B 241 -1.93 -76.14 28.03
CA HIS B 241 -3.36 -76.34 27.87
C HIS B 241 -3.82 -75.64 26.59
N VAL B 242 -4.41 -76.40 25.68
CA VAL B 242 -5.02 -75.82 24.49
C VAL B 242 -6.38 -75.25 24.89
N TYR B 243 -6.53 -73.94 24.76
CA TYR B 243 -7.68 -73.23 25.30
C TYR B 243 -8.96 -73.58 24.54
N GLY B 244 -10.03 -73.78 25.29
CA GLY B 244 -11.29 -74.22 24.73
C GLY B 244 -11.39 -75.71 24.51
N THR B 245 -10.34 -76.47 24.78
CA THR B 245 -10.33 -77.92 24.65
C THR B 245 -10.01 -78.54 26.01
N SER B 246 -10.26 -79.84 26.14
CA SER B 246 -9.97 -80.56 27.37
C SER B 246 -8.52 -81.00 27.48
N GLU B 247 -7.72 -80.82 26.45
CA GLU B 247 -6.34 -81.30 26.44
C GLU B 247 -5.46 -80.39 27.28
N GLY B 248 -4.84 -80.96 28.32
CA GLY B 248 -4.03 -80.18 29.23
C GLY B 248 -4.81 -79.40 30.26
N ALA B 249 -6.11 -79.64 30.37
CA ALA B 249 -6.99 -78.80 31.16
C ALA B 249 -7.09 -79.28 32.59
N GLY B 250 -7.11 -78.33 33.53
CA GLY B 250 -7.26 -78.63 34.94
C GLY B 250 -8.72 -78.66 35.36
N THR B 251 -8.93 -78.83 36.66
CA THR B 251 -10.26 -78.84 37.23
C THR B 251 -10.46 -77.81 38.32
N ALA B 252 -9.41 -77.07 38.69
CA ALA B 252 -9.51 -76.10 39.77
C ALA B 252 -10.38 -74.92 39.36
N ILE B 253 -11.23 -74.46 40.28
CA ILE B 253 -12.17 -73.41 39.98
C ILE B 253 -11.85 -72.10 40.67
N LEU B 254 -10.98 -72.09 41.69
CA LEU B 254 -10.64 -70.87 42.42
C LEU B 254 -9.14 -70.94 42.72
N THR B 255 -8.33 -70.29 41.91
CA THR B 255 -6.89 -70.29 42.11
C THR B 255 -6.39 -68.88 42.40
N PHE B 256 -5.10 -68.79 42.65
CA PHE B 256 -4.41 -67.51 42.73
C PHE B 256 -3.13 -67.60 41.91
N LEU B 257 -3.25 -68.01 40.65
CA LEU B 257 -2.07 -68.33 39.83
C LEU B 257 -1.25 -67.09 39.52
N GLY B 258 -1.89 -66.00 39.11
CA GLY B 258 -1.16 -64.81 38.73
C GLY B 258 -0.64 -64.90 37.31
N GLY B 259 -0.49 -63.75 36.66
CA GLY B 259 -0.01 -63.77 35.30
C GLY B 259 -1.07 -64.21 34.32
N PHE B 260 -0.62 -64.70 33.17
CA PHE B 260 -1.50 -64.95 32.06
C PHE B 260 -1.54 -66.43 31.70
N HIS B 261 -2.67 -66.83 31.14
CA HIS B 261 -2.74 -68.10 30.41
C HIS B 261 -1.78 -68.02 29.23
N PRO B 262 -0.89 -69.00 29.07
CA PRO B 262 0.21 -68.84 28.09
C PRO B 262 -0.22 -68.85 26.64
N GLN B 263 -1.38 -69.43 26.31
CA GLN B 263 -1.83 -69.43 24.93
C GLN B 263 -2.60 -68.17 24.58
N THR B 264 -3.62 -67.83 25.37
CA THR B 264 -4.45 -66.68 25.06
C THR B 264 -3.83 -65.36 25.48
N GLN B 265 -2.74 -65.39 26.26
CA GLN B 265 -2.07 -64.21 26.82
C GLN B 265 -3.05 -63.36 27.62
N SER B 266 -3.93 -64.04 28.35
CA SER B 266 -5.07 -63.46 29.02
C SER B 266 -5.11 -64.01 30.44
N LEU B 267 -5.91 -63.37 31.30
CA LEU B 267 -6.05 -63.80 32.69
C LEU B 267 -6.67 -65.18 32.78
N TRP B 268 -6.25 -65.93 33.78
CA TRP B 268 -6.86 -67.21 34.09
C TRP B 268 -8.28 -67.01 34.58
N LEU B 269 -9.21 -67.82 34.07
CA LEU B 269 -10.60 -67.70 34.47
C LEU B 269 -10.80 -68.15 35.92
N SER B 270 -9.94 -69.03 36.42
CA SER B 270 -10.02 -69.42 37.82
C SER B 270 -9.51 -68.33 38.74
N ASP B 271 -8.66 -67.44 38.24
CA ASP B 271 -8.23 -66.27 39.01
C ASP B 271 -9.33 -65.20 39.03
N ILE B 272 -10.04 -65.05 37.91
CA ILE B 272 -11.14 -64.10 37.84
C ILE B 272 -12.29 -64.55 38.74
N ALA B 273 -12.53 -65.87 38.81
CA ALA B 273 -13.56 -66.38 39.70
C ALA B 273 -13.20 -66.17 41.16
N HIS B 274 -11.95 -66.41 41.53
CA HIS B 274 -11.53 -66.13 42.90
C HIS B 274 -11.42 -64.65 43.17
N HIS B 275 -11.18 -63.83 42.14
CA HIS B 275 -11.25 -62.39 42.30
C HIS B 275 -12.68 -61.95 42.59
N GLN B 276 -13.61 -62.39 41.76
CA GLN B 276 -15.00 -61.94 41.87
C GLN B 276 -15.64 -62.45 43.15
N LEU B 277 -15.24 -63.63 43.62
CA LEU B 277 -15.78 -64.18 44.85
C LEU B 277 -15.26 -63.42 46.07
N ALA B 278 -13.99 -63.03 46.05
CA ALA B 278 -13.44 -62.23 47.13
C ALA B 278 -13.98 -60.80 47.11
N ILE B 279 -14.20 -60.26 45.92
CA ILE B 279 -14.86 -58.95 45.79
C ILE B 279 -16.30 -59.03 46.29
N ALA B 280 -16.96 -60.18 46.07
CA ALA B 280 -18.34 -60.37 46.50
C ALA B 280 -18.46 -60.36 48.01
N VAL B 281 -17.55 -61.03 48.71
CA VAL B 281 -17.62 -61.13 50.16
C VAL B 281 -17.34 -59.79 50.81
N VAL B 282 -16.37 -59.04 50.27
CA VAL B 282 -16.00 -57.72 50.81
C VAL B 282 -17.17 -56.76 50.71
N PHE B 283 -17.87 -56.77 49.58
CA PHE B 283 -18.99 -55.85 49.39
C PHE B 283 -20.23 -56.27 50.16
N ILE B 284 -20.46 -57.58 50.30
CA ILE B 284 -21.59 -58.06 51.10
C ILE B 284 -21.39 -57.66 52.56
N ILE B 285 -20.17 -57.78 53.05
CA ILE B 285 -19.82 -57.32 54.39
C ILE B 285 -19.96 -55.80 54.47
N ALA B 286 -19.48 -55.08 53.44
CA ALA B 286 -19.56 -53.62 53.41
C ALA B 286 -20.99 -53.10 53.42
N GLY B 287 -21.94 -53.89 52.95
CA GLY B 287 -23.35 -53.55 53.05
C GLY B 287 -23.97 -53.85 54.39
N HIS B 288 -23.13 -54.18 55.39
CA HIS B 288 -23.52 -54.21 56.79
C HIS B 288 -22.63 -53.17 57.46
N MET B 289 -23.07 -51.93 57.34
CA MET B 289 -22.48 -50.82 58.05
C MET B 289 -23.55 -49.88 58.59
N TYR B 290 -24.61 -49.69 57.84
CA TYR B 290 -25.51 -48.57 58.04
C TYR B 290 -26.79 -49.03 58.72
N ARG B 291 -27.39 -48.10 59.46
CA ARG B 291 -28.52 -48.41 60.34
C ARG B 291 -29.81 -48.30 59.54
N THR B 292 -30.37 -49.44 59.19
CA THR B 292 -31.71 -49.57 58.66
C THR B 292 -32.66 -49.87 59.81
N ASN B 293 -33.79 -50.51 59.52
CA ASN B 293 -34.87 -50.79 60.46
C ASN B 293 -34.53 -51.68 61.65
N PHE B 294 -33.32 -52.22 61.74
CA PHE B 294 -33.02 -53.27 62.71
C PHE B 294 -32.07 -52.83 63.81
N GLY B 295 -31.94 -51.53 64.04
CA GLY B 295 -31.21 -51.06 65.22
C GLY B 295 -29.70 -51.04 65.20
N ILE B 296 -29.08 -52.10 64.68
CA ILE B 296 -27.64 -52.08 64.50
C ILE B 296 -27.28 -51.24 63.29
N GLY B 297 -26.02 -50.83 63.22
CA GLY B 297 -25.54 -50.09 62.08
C GLY B 297 -25.24 -48.66 62.40
N HIS B 298 -24.48 -48.02 61.51
CA HIS B 298 -24.09 -46.64 61.68
C HIS B 298 -25.16 -45.69 61.13
N ASN B 299 -25.28 -44.55 61.77
CA ASN B 299 -26.04 -43.43 61.26
C ASN B 299 -25.05 -42.47 60.61
N MET B 300 -25.30 -42.11 59.35
CA MET B 300 -24.28 -41.39 58.58
C MET B 300 -24.19 -39.93 58.99
N LYS B 301 -25.28 -39.36 59.50
CA LYS B 301 -25.22 -38.01 60.05
C LYS B 301 -24.36 -37.95 61.30
N GLU B 302 -24.35 -39.03 62.09
CA GLU B 302 -23.56 -39.07 63.30
C GLU B 302 -22.07 -39.23 63.03
N ILE B 303 -21.71 -39.95 61.98
CA ILE B 303 -20.30 -40.11 61.62
C ILE B 303 -19.71 -38.78 61.16
N LEU B 304 -20.43 -38.07 60.31
CA LEU B 304 -19.92 -36.81 59.77
C LEU B 304 -19.86 -35.72 60.84
N ASP B 305 -20.85 -35.70 61.73
CA ASP B 305 -20.88 -34.69 62.78
C ASP B 305 -19.74 -34.88 63.79
N ALA B 306 -19.28 -36.12 63.95
CA ALA B 306 -18.24 -36.41 64.93
C ALA B 306 -16.83 -36.28 64.37
N HIS B 307 -16.65 -36.28 63.06
CA HIS B 307 -15.30 -36.27 62.50
C HIS B 307 -14.86 -34.82 62.32
N ARG B 308 -14.45 -34.23 63.44
CA ARG B 308 -13.78 -32.94 63.47
C ARG B 308 -12.48 -33.15 64.22
N PRO B 309 -11.33 -32.92 63.62
CA PRO B 309 -10.05 -33.08 64.32
C PRO B 309 -9.93 -32.07 65.45
N PRO B 310 -9.53 -32.51 66.65
CA PRO B 310 -9.48 -31.60 67.80
C PRO B 310 -8.37 -30.58 67.73
N GLY B 311 -7.39 -30.76 66.85
CA GLY B 311 -6.42 -29.72 66.58
C GLY B 311 -7.01 -28.50 65.90
N GLY B 312 -8.17 -28.64 65.28
CA GLY B 312 -8.88 -27.53 64.71
C GLY B 312 -8.37 -27.08 63.35
N ARG B 313 -7.54 -27.90 62.69
CA ARG B 313 -7.00 -27.51 61.41
C ARG B 313 -8.03 -27.62 60.31
N LEU B 314 -8.94 -28.57 60.42
CA LEU B 314 -10.23 -28.51 59.76
C LEU B 314 -11.19 -27.96 60.80
N GLY B 315 -11.87 -26.86 60.46
CA GLY B 315 -12.49 -26.01 61.47
C GLY B 315 -13.62 -26.63 62.26
N ALA B 316 -14.78 -26.79 61.64
CA ALA B 316 -15.89 -27.48 62.31
C ALA B 316 -15.98 -28.94 61.92
N GLY B 317 -15.19 -29.38 60.95
CA GLY B 317 -15.16 -30.78 60.59
C GLY B 317 -16.10 -31.07 59.43
N HIS B 318 -16.92 -32.10 59.59
CA HIS B 318 -17.84 -32.52 58.55
C HIS B 318 -19.29 -32.36 58.98
N VAL B 319 -19.55 -31.45 59.91
CA VAL B 319 -20.91 -31.14 60.33
C VAL B 319 -21.58 -30.30 59.26
N GLY B 320 -22.83 -30.62 58.95
CA GLY B 320 -23.56 -29.96 57.89
C GLY B 320 -23.43 -30.64 56.55
N LEU B 321 -22.45 -31.53 56.39
CA LEU B 321 -22.23 -32.20 55.12
C LEU B 321 -23.27 -33.26 54.83
N PHE B 322 -23.94 -33.79 55.86
CA PHE B 322 -24.98 -34.79 55.61
C PHE B 322 -26.20 -34.14 54.96
N GLU B 323 -26.68 -33.04 55.53
CA GLU B 323 -27.82 -32.34 54.96
C GLU B 323 -27.47 -31.62 53.67
N THR B 324 -26.19 -31.33 53.46
CA THR B 324 -25.77 -30.73 52.20
C THR B 324 -25.90 -31.73 51.06
N ILE B 325 -25.43 -32.95 51.28
CA ILE B 325 -25.43 -33.95 50.21
C ILE B 325 -26.83 -34.51 49.97
N THR B 326 -27.58 -34.76 51.05
CA THR B 326 -28.91 -35.37 50.94
C THR B 326 -29.89 -34.46 50.21
N ASN B 327 -29.72 -33.15 50.31
CA ASN B 327 -30.60 -32.20 49.65
C ASN B 327 -30.06 -31.68 48.33
N SER B 328 -28.86 -32.07 47.93
CA SER B 328 -28.28 -31.64 46.66
C SER B 328 -28.10 -32.84 45.76
N LEU B 329 -28.92 -32.92 44.72
CA LEU B 329 -28.71 -33.93 43.70
C LEU B 329 -27.51 -33.61 42.82
N HIS B 330 -27.13 -32.35 42.71
CA HIS B 330 -25.96 -31.97 41.93
C HIS B 330 -24.65 -32.34 42.63
N MET B 331 -24.62 -32.26 43.96
CA MET B 331 -23.45 -32.75 44.68
C MET B 331 -23.38 -34.27 44.64
N GLN B 332 -24.53 -34.94 44.68
CA GLN B 332 -24.56 -36.39 44.56
C GLN B 332 -24.13 -36.84 43.17
N LEU B 333 -24.59 -36.13 42.14
CA LEU B 333 -24.21 -36.46 40.77
C LEU B 333 -22.75 -36.16 40.53
N GLY B 334 -22.25 -35.07 41.10
CA GLY B 334 -20.85 -34.72 40.93
C GLY B 334 -19.90 -35.67 41.60
N LEU B 335 -20.28 -36.22 42.76
CA LEU B 335 -19.49 -37.28 43.38
C LEU B 335 -19.54 -38.55 42.56
N ALA B 336 -20.68 -38.83 41.92
CA ALA B 336 -20.84 -40.07 41.17
C ALA B 336 -20.06 -40.03 39.86
N LEU B 337 -20.04 -38.87 39.21
CA LEU B 337 -19.28 -38.73 37.97
C LEU B 337 -17.79 -38.69 38.23
N ALA B 338 -17.37 -38.25 39.43
CA ALA B 338 -15.97 -38.20 39.76
C ALA B 338 -15.40 -39.59 39.99
N SER B 339 -16.18 -40.48 40.60
CA SER B 339 -15.70 -41.84 40.79
C SER B 339 -15.81 -42.65 39.52
N LEU B 340 -16.84 -42.40 38.71
CA LEU B 340 -16.96 -43.06 37.42
C LEU B 340 -15.84 -42.65 36.47
N GLY B 341 -15.40 -41.40 36.53
CA GLY B 341 -14.28 -40.97 35.72
C GLY B 341 -12.97 -41.61 36.13
N VAL B 342 -12.78 -41.85 37.43
CA VAL B 342 -11.63 -42.59 37.87
C VAL B 342 -11.77 -44.06 37.51
N ALA B 343 -12.99 -44.61 37.64
CA ALA B 343 -13.22 -46.01 37.32
C ALA B 343 -13.11 -46.28 35.83
N THR B 344 -13.37 -45.27 35.00
CA THR B 344 -13.23 -45.46 33.56
C THR B 344 -11.79 -45.27 33.11
N SER B 345 -11.04 -44.38 33.77
CA SER B 345 -9.60 -44.31 33.50
C SER B 345 -8.89 -45.57 33.95
N LEU B 346 -9.27 -46.09 35.12
CA LEU B 346 -8.68 -47.32 35.62
C LEU B 346 -9.02 -48.51 34.74
N THR B 347 -10.22 -48.53 34.17
CA THR B 347 -10.61 -49.55 33.21
C THR B 347 -9.69 -49.55 32.00
N ALA B 348 -9.41 -48.37 31.46
CA ALA B 348 -8.55 -48.28 30.28
C ALA B 348 -7.10 -48.66 30.61
N GLN B 349 -6.57 -48.16 31.74
CA GLN B 349 -5.19 -48.43 32.10
C GLN B 349 -4.95 -49.87 32.50
N HIS B 350 -5.97 -50.59 32.96
CA HIS B 350 -5.76 -51.97 33.38
C HIS B 350 -6.16 -52.99 32.34
N MET B 351 -7.04 -52.64 31.40
CA MET B 351 -7.42 -53.59 30.38
C MET B 351 -6.35 -53.79 29.33
N TYR B 352 -5.53 -52.76 29.04
CA TYR B 352 -4.46 -53.00 28.08
C TYR B 352 -3.35 -53.79 28.74
N ALA B 353 -3.10 -53.53 30.02
CA ALA B 353 -1.92 -54.05 30.70
C ALA B 353 -2.15 -55.41 31.32
N LEU B 354 -3.33 -55.65 31.88
CA LEU B 354 -3.71 -56.96 32.42
C LEU B 354 -4.88 -57.43 31.56
N THR B 355 -4.55 -58.14 30.48
CA THR B 355 -5.54 -58.51 29.47
C THR B 355 -6.56 -59.50 30.01
N PRO B 356 -7.83 -59.16 30.06
CA PRO B 356 -8.83 -60.05 30.69
C PRO B 356 -9.46 -61.05 29.74
N TYR B 357 -9.46 -60.76 28.45
CA TYR B 357 -10.18 -61.55 27.48
C TYR B 357 -9.20 -62.29 26.57
N ALA B 358 -9.61 -63.48 26.14
CA ALA B 358 -8.77 -64.34 25.33
C ALA B 358 -8.56 -63.74 23.95
N TYR B 359 -7.29 -63.67 23.55
CA TYR B 359 -6.81 -63.12 22.26
C TYR B 359 -7.17 -61.65 22.07
N LEU B 360 -7.40 -60.93 23.16
CA LEU B 360 -7.69 -59.51 23.03
C LEU B 360 -6.43 -58.71 22.74
N SER B 361 -5.30 -59.12 23.31
CA SER B 361 -4.05 -58.43 23.12
C SER B 361 -3.47 -58.63 21.72
N LYS B 362 -3.95 -59.63 20.98
CA LYS B 362 -3.45 -59.83 19.62
C LYS B 362 -4.29 -59.06 18.60
N ASP B 363 -5.50 -58.66 18.96
CA ASP B 363 -6.29 -57.73 18.17
C ASP B 363 -5.79 -56.33 18.44
N PHE B 364 -4.97 -55.81 17.54
CA PHE B 364 -4.29 -54.55 17.81
C PHE B 364 -5.20 -53.34 17.64
N THR B 365 -6.17 -53.41 16.73
CA THR B 365 -7.03 -52.26 16.51
C THR B 365 -8.09 -52.15 17.60
N THR B 366 -8.57 -53.30 18.11
CA THR B 366 -9.51 -53.31 19.20
C THR B 366 -8.90 -52.77 20.48
N GLU B 367 -7.66 -53.17 20.77
CA GLU B 367 -6.94 -52.65 21.94
C GLU B 367 -6.72 -51.15 21.86
N ALA B 368 -6.49 -50.63 20.65
CA ALA B 368 -6.35 -49.19 20.49
C ALA B 368 -7.70 -48.50 20.57
N ALA B 369 -8.74 -49.15 20.07
CA ALA B 369 -10.07 -48.57 20.13
C ALA B 369 -10.61 -48.57 21.56
N LEU B 370 -10.33 -49.62 22.32
CA LEU B 370 -10.89 -49.73 23.66
C LEU B 370 -10.20 -48.77 24.64
N TYR B 371 -8.89 -48.59 24.50
CA TYR B 371 -8.20 -47.63 25.35
C TYR B 371 -8.64 -46.20 25.04
N THR B 372 -8.76 -45.87 23.77
CA THR B 372 -9.13 -44.52 23.38
C THR B 372 -10.58 -44.21 23.73
N HIS B 373 -11.46 -45.21 23.60
CA HIS B 373 -12.85 -45.06 23.99
C HIS B 373 -12.98 -44.70 25.46
N HIS B 374 -12.44 -45.55 26.33
CA HIS B 374 -12.67 -45.38 27.75
C HIS B 374 -11.88 -44.22 28.33
N GLN B 375 -10.80 -43.79 27.70
CA GLN B 375 -10.13 -42.60 28.19
C GLN B 375 -10.84 -41.33 27.78
N TYR B 376 -11.51 -41.32 26.63
CA TYR B 376 -12.34 -40.17 26.29
C TYR B 376 -13.63 -40.15 27.10
N ILE B 377 -14.19 -41.32 27.41
CA ILE B 377 -15.34 -41.38 28.31
C ILE B 377 -14.96 -40.86 29.69
N ALA B 378 -13.79 -41.25 30.18
CA ALA B 378 -13.33 -40.81 31.49
C ALA B 378 -13.04 -39.32 31.54
N GLY B 379 -12.65 -38.72 30.41
CA GLY B 379 -12.48 -37.29 30.36
C GLY B 379 -13.79 -36.55 30.42
N PHE B 380 -14.81 -37.05 29.73
CA PHE B 380 -16.13 -36.45 29.78
C PHE B 380 -16.77 -36.58 31.16
N LEU B 381 -16.51 -37.68 31.87
CA LEU B 381 -17.10 -37.87 33.19
C LEU B 381 -16.45 -36.95 34.22
N MET B 382 -15.13 -36.71 34.07
CA MET B 382 -14.44 -35.86 35.03
C MET B 382 -14.81 -34.41 34.86
N VAL B 383 -15.05 -33.98 33.61
CA VAL B 383 -15.48 -32.61 33.36
C VAL B 383 -16.90 -32.41 33.87
N GLY B 384 -17.75 -33.42 33.73
CA GLY B 384 -19.10 -33.35 34.24
C GLY B 384 -19.19 -33.40 35.74
N ALA B 385 -18.22 -34.02 36.39
CA ALA B 385 -18.20 -34.06 37.85
C ALA B 385 -17.93 -32.67 38.42
N PHE B 386 -16.97 -31.96 37.83
CA PHE B 386 -16.69 -30.60 38.25
C PHE B 386 -17.73 -29.62 37.77
N ALA B 387 -18.43 -29.94 36.67
CA ALA B 387 -19.51 -29.07 36.21
C ALA B 387 -20.67 -29.12 37.19
N HIS B 388 -21.06 -30.33 37.60
CA HIS B 388 -22.15 -30.45 38.57
C HIS B 388 -21.70 -30.11 39.97
N GLY B 389 -20.39 -30.13 40.25
CA GLY B 389 -19.90 -29.51 41.46
C GLY B 389 -20.01 -27.99 41.44
N ALA B 390 -19.94 -27.40 40.24
CA ALA B 390 -20.12 -25.96 40.13
C ALA B 390 -21.59 -25.56 40.16
N ILE B 391 -22.48 -26.41 39.62
CA ILE B 391 -23.91 -26.17 39.73
C ILE B 391 -24.35 -26.26 41.18
N PHE B 392 -23.71 -27.12 41.96
CA PHE B 392 -24.05 -27.27 43.37
C PHE B 392 -23.78 -25.98 44.16
N PHE B 393 -22.66 -25.32 43.87
CA PHE B 393 -22.31 -24.11 44.61
C PHE B 393 -23.25 -22.95 44.31
N VAL B 394 -23.73 -22.86 43.07
CA VAL B 394 -24.71 -21.84 42.73
C VAL B 394 -26.07 -22.18 43.31
N ARG B 395 -26.54 -23.41 43.07
CA ARG B 395 -27.94 -23.74 43.28
C ARG B 395 -28.25 -24.38 44.63
N ASP B 396 -27.29 -25.05 45.25
CA ASP B 396 -27.60 -25.92 46.37
C ASP B 396 -26.80 -25.63 47.63
N TYR B 397 -25.69 -24.93 47.53
CA TYR B 397 -24.83 -24.70 48.68
C TYR B 397 -25.45 -23.66 49.60
N ASP B 398 -25.62 -24.03 50.86
CA ASP B 398 -26.12 -23.12 51.88
C ASP B 398 -24.95 -22.68 52.75
N PRO B 399 -24.59 -21.40 52.75
CA PRO B 399 -23.41 -20.97 53.54
C PRO B 399 -23.63 -20.98 55.04
N GLU B 400 -24.87 -21.03 55.52
CA GLU B 400 -25.12 -21.07 56.95
C GLU B 400 -25.20 -22.47 57.52
N LEU B 401 -25.74 -23.42 56.75
CA LEU B 401 -25.69 -24.81 57.17
C LEU B 401 -24.26 -25.34 57.11
N ASN B 402 -23.53 -25.00 56.07
CA ASN B 402 -22.09 -25.29 55.98
C ASN B 402 -21.35 -24.07 56.50
N LYS B 403 -21.29 -23.96 57.82
CA LYS B 403 -20.55 -22.87 58.45
C LYS B 403 -19.30 -23.46 59.08
N ASN B 404 -18.15 -23.04 58.56
CA ASN B 404 -16.81 -23.40 59.01
C ASN B 404 -16.52 -24.90 58.92
N ASN B 405 -17.28 -25.67 58.14
CA ASN B 405 -16.92 -27.06 57.95
C ASN B 405 -15.90 -27.14 56.82
N VAL B 406 -15.57 -28.37 56.38
CA VAL B 406 -14.55 -28.53 55.35
C VAL B 406 -15.02 -28.02 53.99
N LEU B 407 -16.33 -27.94 53.75
CA LEU B 407 -16.83 -27.45 52.48
C LEU B 407 -16.72 -25.93 52.38
N ALA B 408 -17.13 -25.22 53.43
CA ALA B 408 -17.07 -23.77 53.44
C ALA B 408 -15.65 -23.24 53.46
N ARG B 409 -14.72 -23.99 54.03
CA ARG B 409 -13.34 -23.50 54.13
C ARG B 409 -12.58 -23.61 52.82
N MET B 410 -13.10 -24.34 51.84
CA MET B 410 -12.55 -24.30 50.49
C MET B 410 -12.80 -22.96 49.83
N LEU B 411 -14.01 -22.41 50.02
CA LEU B 411 -14.27 -21.07 49.51
C LEU B 411 -13.50 -20.03 50.28
N GLU B 412 -13.16 -20.32 51.54
CA GLU B 412 -12.42 -19.38 52.37
C GLU B 412 -10.98 -19.22 51.90
N HIS B 413 -10.36 -20.26 51.34
CA HIS B 413 -9.01 -20.15 50.82
C HIS B 413 -8.95 -20.49 49.33
N LYS B 414 -9.98 -20.05 48.59
CA LYS B 414 -10.05 -20.38 47.18
C LYS B 414 -8.98 -19.66 46.37
N GLU B 415 -8.51 -18.50 46.83
CA GLU B 415 -7.44 -17.81 46.14
C GLU B 415 -6.11 -18.54 46.32
N ALA B 416 -5.91 -19.18 47.48
CA ALA B 416 -4.70 -19.96 47.69
C ALA B 416 -4.71 -21.23 46.85
N ILE B 417 -5.88 -21.85 46.68
CA ILE B 417 -5.99 -23.06 45.88
C ILE B 417 -5.76 -22.74 44.41
N ILE B 418 -6.41 -21.68 43.91
CA ILE B 418 -6.37 -21.36 42.49
C ILE B 418 -4.99 -20.84 42.08
N SER B 419 -4.38 -19.99 42.91
CA SER B 419 -3.06 -19.48 42.57
C SER B 419 -1.95 -20.50 42.73
N HIS B 420 -2.17 -21.58 43.50
CA HIS B 420 -1.19 -22.64 43.56
C HIS B 420 -1.39 -23.67 42.45
N LEU B 421 -2.64 -23.90 42.03
CA LEU B 421 -2.86 -24.59 40.77
C LEU B 421 -2.34 -23.79 39.59
N SER B 422 -2.41 -22.46 39.68
CA SER B 422 -1.82 -21.61 38.65
C SER B 422 -0.30 -21.74 38.63
N TRP B 423 0.33 -21.90 39.80
CA TRP B 423 1.77 -22.08 39.85
C TRP B 423 2.18 -23.42 39.23
N ALA B 424 1.51 -24.50 39.65
CA ALA B 424 1.92 -25.83 39.20
C ALA B 424 1.62 -26.03 37.71
N SER B 425 0.55 -25.40 37.22
CA SER B 425 0.29 -25.43 35.79
C SER B 425 1.36 -24.68 35.02
N LEU B 426 1.77 -23.52 35.54
CA LEU B 426 2.77 -22.73 34.85
C LEU B 426 4.15 -23.37 34.93
N PHE B 427 4.47 -24.00 36.07
CA PHE B 427 5.75 -24.68 36.21
C PHE B 427 5.86 -25.86 35.27
N LEU B 428 4.81 -26.67 35.18
CA LEU B 428 4.81 -27.81 34.27
C LEU B 428 4.90 -27.36 32.83
N GLY B 429 4.14 -26.33 32.46
CA GLY B 429 4.14 -25.91 31.08
C GLY B 429 5.40 -25.18 30.66
N PHE B 430 6.02 -24.43 31.58
CA PHE B 430 7.26 -23.73 31.23
C PHE B 430 8.39 -24.71 30.99
N HIS B 431 8.45 -25.77 31.77
CA HIS B 431 9.58 -26.67 31.68
C HIS B 431 9.34 -27.87 30.76
N THR B 432 8.12 -28.40 30.67
CA THR B 432 7.88 -29.48 29.71
C THR B 432 7.97 -28.98 28.28
N LEU B 433 7.33 -27.85 27.98
CA LEU B 433 7.45 -27.26 26.66
C LEU B 433 8.87 -26.74 26.42
N GLY B 434 9.52 -26.22 27.46
CA GLY B 434 10.89 -25.77 27.32
C GLY B 434 11.87 -26.90 27.04
N LEU B 435 11.65 -28.07 27.65
CA LEU B 435 12.53 -29.19 27.39
C LEU B 435 12.27 -29.83 26.03
N TYR B 436 11.02 -29.83 25.57
CA TYR B 436 10.72 -30.33 24.24
C TYR B 436 11.33 -29.45 23.16
N ILE B 437 11.23 -28.13 23.34
CA ILE B 437 11.78 -27.18 22.37
C ILE B 437 13.30 -27.22 22.38
N HIS B 438 13.89 -27.42 23.56
CA HIS B 438 15.34 -27.65 23.65
C HIS B 438 15.74 -28.88 22.85
N ASN B 439 15.02 -29.98 23.02
CA ASN B 439 15.36 -31.20 22.30
C ASN B 439 15.04 -31.09 20.82
N ASP B 440 14.06 -30.26 20.44
CA ASP B 440 13.82 -29.99 19.04
C ASP B 440 14.98 -29.21 18.42
N THR B 441 15.48 -28.23 19.16
CA THR B 441 16.49 -27.32 18.62
C THR B 441 17.84 -28.00 18.44
N VAL B 442 18.23 -28.84 19.40
CA VAL B 442 19.55 -29.45 19.29
C VAL B 442 19.53 -30.61 18.29
N VAL B 443 18.39 -31.27 18.11
CA VAL B 443 18.30 -32.32 17.10
C VAL B 443 18.23 -31.71 15.70
N ALA B 444 17.56 -30.56 15.57
CA ALA B 444 17.53 -29.87 14.29
C ALA B 444 18.90 -29.36 13.90
N PHE B 445 19.71 -28.94 14.86
CA PHE B 445 21.04 -28.46 14.55
C PHE B 445 22.07 -29.59 14.44
N GLY B 446 21.62 -30.84 14.40
CA GLY B 446 22.49 -31.98 14.17
C GLY B 446 23.21 -32.51 15.39
N GLN B 447 22.82 -32.10 16.59
CA GLN B 447 23.49 -32.49 17.82
C GLN B 447 22.49 -33.13 18.77
N PRO B 448 22.08 -34.38 18.52
CA PRO B 448 21.11 -35.02 19.42
C PRO B 448 21.71 -35.40 20.77
N GLU B 449 23.04 -35.42 20.89
CA GLU B 449 23.69 -35.70 22.16
C GLU B 449 23.61 -34.54 23.14
N LYS B 450 23.13 -33.38 22.71
CA LYS B 450 22.87 -32.25 23.58
C LYS B 450 21.44 -32.23 24.10
N GLN B 451 20.71 -33.32 23.94
CA GLN B 451 19.34 -33.41 24.40
C GLN B 451 19.27 -33.55 25.91
N ILE B 452 18.27 -32.92 26.52
CA ILE B 452 18.01 -33.07 27.94
C ILE B 452 17.01 -34.21 28.07
N LEU B 453 17.51 -35.37 28.50
CA LEU B 453 16.72 -36.58 28.59
C LEU B 453 16.72 -37.05 30.04
N PHE B 454 15.70 -36.70 30.79
CA PHE B 454 15.60 -37.16 32.17
C PHE B 454 15.09 -38.58 32.19
N GLU B 455 15.78 -39.45 32.89
CA GLU B 455 15.34 -40.82 33.03
C GLU B 455 14.22 -40.88 34.06
N PRO B 456 13.13 -41.56 33.79
CA PRO B 456 12.04 -41.60 34.78
C PRO B 456 12.28 -42.67 35.83
N VAL B 457 13.24 -42.41 36.73
CA VAL B 457 13.67 -43.44 37.67
C VAL B 457 12.64 -43.73 38.75
N PHE B 458 11.70 -42.81 39.02
CA PHE B 458 10.71 -43.07 40.06
C PHE B 458 9.71 -44.11 39.60
N ALA B 459 9.27 -44.03 38.36
CA ALA B 459 8.36 -45.03 37.84
C ALA B 459 9.07 -46.33 37.49
N GLU B 460 10.34 -46.26 37.10
CA GLU B 460 11.14 -47.47 36.93
C GLU B 460 11.38 -48.17 38.24
N TYR B 461 11.42 -47.42 39.34
CA TYR B 461 11.52 -48.01 40.66
C TYR B 461 10.25 -48.74 41.03
N ILE B 462 9.10 -48.26 40.57
CA ILE B 462 7.83 -48.91 40.88
C ILE B 462 7.69 -50.21 40.10
N GLN B 463 8.17 -50.25 38.87
CA GLN B 463 8.21 -51.50 38.10
C GLN B 463 9.14 -52.50 38.75
N ALA B 464 10.32 -52.04 39.18
CA ALA B 464 11.28 -52.92 39.84
C ALA B 464 10.78 -53.34 41.20
N ALA B 465 9.95 -52.54 41.85
CA ALA B 465 9.35 -52.95 43.10
C ALA B 465 8.28 -54.02 42.90
N SER B 466 7.66 -54.07 41.73
CA SER B 466 6.73 -55.14 41.37
C SER B 466 7.41 -56.31 40.69
N GLY B 467 8.72 -56.26 40.50
CA GLY B 467 9.45 -57.40 39.98
C GLY B 467 10.07 -57.25 38.60
N LYS B 468 10.01 -56.07 37.99
CA LYS B 468 10.70 -55.87 36.72
C LYS B 468 12.21 -55.87 36.94
N ALA B 469 12.89 -56.73 36.18
CA ALA B 469 14.32 -56.97 36.39
C ALA B 469 15.21 -56.19 35.45
N VAL B 470 14.65 -55.50 34.46
CA VAL B 470 15.47 -54.87 33.44
C VAL B 470 16.17 -53.61 33.94
N TYR B 471 15.64 -52.95 34.98
CA TYR B 471 16.25 -51.74 35.50
C TYR B 471 17.31 -52.01 36.54
N GLN B 472 17.52 -53.29 36.89
CA GLN B 472 18.50 -53.81 37.87
C GLN B 472 18.58 -52.99 39.15
N PHE B 473 17.40 -52.70 39.71
CA PHE B 473 17.32 -51.95 40.96
C PHE B 473 17.40 -52.84 42.19
N ASN B 474 16.86 -54.05 42.11
CA ASN B 474 16.95 -55.09 43.14
C ASN B 474 16.35 -54.61 44.48
N VAL B 475 15.05 -54.36 44.46
CA VAL B 475 14.47 -53.70 45.63
C VAL B 475 13.46 -54.55 46.41
N LEU B 476 12.30 -54.88 45.85
CA LEU B 476 11.30 -55.60 46.62
C LEU B 476 10.89 -56.92 46.00
N LEU B 477 10.34 -56.91 44.80
CA LEU B 477 10.01 -58.14 44.11
C LEU B 477 11.00 -58.48 43.03
N SER B 478 11.89 -57.55 42.68
CA SER B 478 13.06 -57.84 41.88
C SER B 478 14.27 -58.19 42.75
N SER B 479 14.06 -58.41 44.03
CA SER B 479 15.11 -58.85 44.95
C SER B 479 14.66 -60.13 45.63
N PRO B 480 15.32 -61.27 45.39
CA PRO B 480 14.87 -62.54 46.00
C PRO B 480 15.11 -62.67 47.49
N THR B 481 15.76 -61.71 48.14
CA THR B 481 16.01 -61.78 49.58
C THR B 481 14.96 -61.05 50.40
N SER B 482 14.13 -60.22 49.77
CA SER B 482 13.14 -59.41 50.44
C SER B 482 12.01 -60.28 50.99
N PRO B 483 11.43 -59.91 52.14
CA PRO B 483 10.27 -60.65 52.66
C PRO B 483 9.02 -60.50 51.82
N ALA B 484 8.93 -59.48 50.98
CA ALA B 484 7.81 -59.40 50.04
C ALA B 484 7.94 -60.44 48.94
N THR B 485 9.17 -60.83 48.61
CA THR B 485 9.38 -61.82 47.56
C THR B 485 9.21 -63.24 48.09
N VAL B 486 9.72 -63.50 49.29
CA VAL B 486 9.59 -64.81 49.91
C VAL B 486 8.12 -65.09 50.25
N ALA B 487 7.48 -64.16 50.94
CA ALA B 487 6.05 -64.28 51.21
C ALA B 487 5.30 -63.75 50.01
N GLY B 488 4.91 -64.65 49.12
CA GLY B 488 4.35 -64.27 47.84
C GLY B 488 4.78 -65.23 46.75
N ASN B 489 6.01 -65.76 46.83
CA ASN B 489 6.47 -66.80 45.93
C ASN B 489 5.68 -68.09 46.07
N GLN B 490 5.03 -68.30 47.21
CA GLN B 490 4.19 -69.46 47.47
C GLN B 490 2.83 -69.34 46.82
N VAL B 491 2.44 -68.13 46.42
CA VAL B 491 1.13 -67.76 45.90
C VAL B 491 1.52 -67.10 44.58
N TRP B 492 0.71 -66.18 44.07
CA TRP B 492 0.72 -65.61 42.71
C TRP B 492 2.05 -65.27 42.04
N LEU B 493 3.13 -65.07 42.80
CA LEU B 493 4.33 -64.45 42.25
C LEU B 493 5.08 -65.20 41.14
N PRO B 494 5.14 -66.55 41.09
CA PRO B 494 5.72 -67.17 39.89
C PRO B 494 4.97 -66.87 38.60
N GLY B 495 3.64 -66.74 38.65
CA GLY B 495 2.91 -66.33 37.47
C GLY B 495 3.10 -64.85 37.17
N TRP B 496 3.19 -64.03 38.21
CA TRP B 496 3.35 -62.60 38.02
C TRP B 496 4.75 -62.25 37.55
N LEU B 497 5.77 -62.90 38.09
CA LEU B 497 7.14 -62.57 37.68
C LEU B 497 7.43 -63.07 36.27
N ASP B 498 6.75 -64.12 35.83
CA ASP B 498 6.87 -64.54 34.45
C ASP B 498 6.19 -63.53 33.51
N ALA B 499 5.07 -62.96 33.95
CA ALA B 499 4.35 -62.01 33.12
C ALA B 499 5.02 -60.64 33.09
N ILE B 500 5.52 -60.17 34.23
CA ILE B 500 6.08 -58.82 34.28
C ILE B 500 7.44 -58.75 33.60
N ASN B 501 8.15 -59.87 33.49
CA ASN B 501 9.47 -59.88 32.89
C ASN B 501 9.46 -60.43 31.48
N ASN B 502 8.29 -60.69 30.95
CA ASN B 502 8.11 -60.99 29.54
C ASN B 502 7.99 -59.67 28.78
N PRO B 503 8.92 -59.34 27.89
CA PRO B 503 8.84 -58.05 27.19
C PRO B 503 7.90 -58.02 25.99
N LYS B 504 7.06 -59.04 25.80
CA LYS B 504 6.13 -59.06 24.69
C LYS B 504 4.68 -59.05 25.16
N ASN B 505 4.42 -58.52 26.36
CA ASN B 505 3.07 -58.11 26.72
C ASN B 505 3.08 -56.65 27.17
N ASP B 506 1.98 -56.18 27.73
CA ASP B 506 1.84 -54.78 28.10
C ASP B 506 1.98 -54.54 29.59
N LEU B 507 2.25 -55.58 30.38
CA LEU B 507 2.37 -55.46 31.82
C LEU B 507 3.67 -54.73 32.15
N PHE B 508 3.54 -53.45 32.53
CA PHE B 508 4.65 -52.57 32.92
C PHE B 508 5.66 -52.43 31.79
N LEU B 509 5.23 -51.76 30.73
CA LEU B 509 6.04 -51.51 29.56
C LEU B 509 7.34 -50.78 29.90
N LYS B 510 8.39 -51.11 29.16
CA LYS B 510 9.69 -50.49 29.34
C LYS B 510 9.62 -49.01 29.01
N ILE B 511 10.02 -48.17 29.96
CA ILE B 511 9.89 -46.73 29.83
C ILE B 511 11.27 -46.10 29.82
N GLY B 512 11.35 -44.94 29.20
CA GLY B 512 12.58 -44.19 29.13
C GLY B 512 12.30 -42.71 29.13
N PRO B 513 13.26 -41.92 28.65
CA PRO B 513 13.12 -40.45 28.74
C PRO B 513 12.00 -39.88 27.89
N GLY B 514 11.59 -40.55 26.82
CA GLY B 514 10.41 -40.12 26.10
C GLY B 514 9.14 -40.26 26.91
N ASP B 515 9.08 -41.28 27.78
CA ASP B 515 7.98 -41.45 28.71
C ASP B 515 8.00 -40.44 29.85
N PHE B 516 9.18 -39.88 30.17
CA PHE B 516 9.28 -38.84 31.18
C PHE B 516 8.55 -37.58 30.73
N LEU B 517 8.89 -37.08 29.55
CA LEU B 517 8.41 -35.79 29.10
C LEU B 517 6.94 -35.80 28.79
N VAL B 518 6.38 -36.95 28.41
CA VAL B 518 4.98 -36.98 28.04
C VAL B 518 4.10 -37.13 29.28
N HIS B 519 4.60 -37.75 30.36
CA HIS B 519 3.86 -37.79 31.62
C HIS B 519 3.80 -36.41 32.25
N HIS B 520 4.85 -35.61 32.10
CA HIS B 520 4.80 -34.23 32.56
C HIS B 520 3.98 -33.35 31.64
N ALA B 521 3.76 -33.76 30.40
CA ALA B 521 2.76 -33.11 29.58
C ALA B 521 1.35 -33.53 29.99
N ILE B 522 1.19 -34.78 30.39
CA ILE B 522 -0.11 -35.26 30.88
C ILE B 522 -0.44 -34.61 32.21
N ALA B 523 0.56 -34.48 33.09
CA ALA B 523 0.38 -33.80 34.37
C ALA B 523 0.07 -32.32 34.19
N LEU B 524 0.66 -31.70 33.17
CA LEU B 524 0.30 -30.33 32.80
C LEU B 524 -1.17 -30.26 32.39
N GLY B 525 -1.58 -31.14 31.48
CA GLY B 525 -2.96 -31.16 31.03
C GLY B 525 -3.96 -31.50 32.12
N LEU B 526 -3.56 -32.34 33.07
CA LEU B 526 -4.45 -32.62 34.20
C LEU B 526 -4.56 -31.41 35.11
N HIS B 527 -3.46 -30.70 35.33
CA HIS B 527 -3.45 -29.59 36.28
C HIS B 527 -4.18 -28.37 35.73
N VAL B 528 -4.01 -28.07 34.44
CA VAL B 528 -4.73 -26.93 33.86
C VAL B 528 -6.21 -27.22 33.77
N THR B 529 -6.59 -28.44 33.37
CA THR B 529 -8.01 -28.78 33.28
C THR B 529 -8.66 -28.76 34.65
N ALA B 530 -7.93 -29.20 35.68
CA ALA B 530 -8.39 -29.03 37.04
C ALA B 530 -8.51 -27.57 37.42
N LEU B 531 -7.54 -26.75 37.00
CA LEU B 531 -7.51 -25.33 37.38
C LEU B 531 -8.71 -24.57 36.84
N ILE B 532 -9.10 -24.83 35.59
CA ILE B 532 -10.28 -24.19 35.02
C ILE B 532 -11.54 -24.65 35.73
N LEU B 533 -11.61 -25.94 36.04
CA LEU B 533 -12.78 -26.50 36.67
C LEU B 533 -12.88 -26.15 38.15
N VAL B 534 -11.76 -26.03 38.85
CA VAL B 534 -11.78 -25.65 40.25
C VAL B 534 -12.11 -24.17 40.38
N LYS B 535 -11.52 -23.34 39.53
CA LYS B 535 -11.88 -21.93 39.48
C LYS B 535 -13.31 -21.74 38.99
N GLY B 536 -13.82 -22.67 38.18
CA GLY B 536 -15.22 -22.62 37.80
C GLY B 536 -16.15 -22.90 38.96
N ALA B 537 -15.78 -23.83 39.84
CA ALA B 537 -16.65 -24.16 40.96
C ALA B 537 -16.46 -23.18 42.11
N LEU B 538 -15.22 -22.77 42.40
CA LEU B 538 -14.99 -21.92 43.55
C LEU B 538 -15.37 -20.47 43.29
N ASP B 539 -15.29 -19.99 42.04
CA ASP B 539 -15.75 -18.66 41.70
C ASP B 539 -17.16 -18.67 41.12
N ALA B 540 -17.91 -19.76 41.32
CA ALA B 540 -19.25 -19.85 40.75
C ALA B 540 -20.22 -18.90 41.43
N ARG B 541 -20.00 -18.59 42.71
CA ARG B 541 -20.89 -17.72 43.45
C ARG B 541 -20.48 -16.26 43.39
N GLY B 542 -19.21 -15.96 43.13
CA GLY B 542 -18.81 -14.59 43.05
C GLY B 542 -17.32 -14.35 42.98
N SER B 543 -16.94 -13.25 42.34
CA SER B 543 -15.55 -12.83 42.30
C SER B 543 -15.47 -11.34 42.61
N LYS B 544 -14.31 -10.73 42.42
CA LYS B 544 -14.25 -9.28 42.52
C LYS B 544 -14.93 -8.62 41.33
N LEU B 545 -14.89 -9.25 40.17
CA LEU B 545 -15.51 -8.70 38.98
C LEU B 545 -17.03 -8.84 39.01
N MET B 546 -17.54 -9.82 39.74
CA MET B 546 -18.99 -10.02 39.86
C MET B 546 -19.29 -10.60 41.23
N PRO B 547 -19.47 -9.74 42.24
CA PRO B 547 -19.72 -10.25 43.60
C PRO B 547 -21.09 -10.88 43.81
N ASP B 548 -22.04 -10.70 42.89
CA ASP B 548 -23.39 -11.20 43.07
C ASP B 548 -23.72 -12.34 42.10
N LYS B 549 -22.69 -13.07 41.66
CA LYS B 549 -22.80 -13.98 40.53
C LYS B 549 -23.76 -15.13 40.75
N LYS B 550 -24.02 -15.51 42.01
CA LYS B 550 -24.97 -16.57 42.29
C LYS B 550 -26.42 -16.14 42.00
N ASP B 551 -26.69 -14.84 41.96
CA ASP B 551 -28.03 -14.37 41.61
C ASP B 551 -28.34 -14.62 40.13
N PHE B 552 -27.32 -14.70 39.30
CA PHE B 552 -27.48 -14.84 37.87
C PHE B 552 -27.51 -16.29 37.42
N GLY B 553 -27.17 -17.22 38.30
CA GLY B 553 -27.28 -18.63 37.99
C GLY B 553 -25.97 -19.24 37.54
N TYR B 554 -26.09 -20.46 37.02
CA TYR B 554 -24.92 -21.19 36.55
C TYR B 554 -24.49 -20.72 35.17
N SER B 555 -25.45 -20.57 34.25
CA SER B 555 -25.16 -20.21 32.87
C SER B 555 -25.82 -18.88 32.56
N PHE B 556 -25.01 -17.93 32.10
CA PHE B 556 -25.47 -16.63 31.62
C PHE B 556 -24.38 -16.10 30.69
N PRO B 557 -24.72 -15.23 29.71
CA PRO B 557 -23.72 -14.83 28.70
C PRO B 557 -22.51 -14.10 29.23
N CYS B 558 -22.77 -13.01 29.95
CA CYS B 558 -21.76 -12.10 30.45
C CYS B 558 -22.48 -11.14 31.39
N ASP B 559 -21.74 -10.16 31.89
CA ASP B 559 -22.35 -9.05 32.62
C ASP B 559 -22.16 -7.74 31.88
N GLY B 560 -21.88 -7.80 30.58
CA GLY B 560 -21.79 -6.62 29.76
C GLY B 560 -20.37 -6.14 29.56
N PRO B 561 -20.20 -5.12 28.72
CA PRO B 561 -18.86 -4.55 28.50
C PRO B 561 -18.38 -3.64 29.60
N GLY B 562 -19.20 -3.34 30.59
CA GLY B 562 -18.77 -2.50 31.69
C GLY B 562 -17.79 -3.22 32.61
N ARG B 563 -17.14 -2.41 33.45
CA ARG B 563 -16.10 -2.83 34.40
C ARG B 563 -14.96 -3.56 33.69
N GLY B 564 -14.59 -3.07 32.51
CA GLY B 564 -13.54 -3.66 31.72
C GLY B 564 -14.02 -4.67 30.69
N GLY B 565 -15.11 -5.37 30.96
CA GLY B 565 -15.57 -6.42 30.09
C GLY B 565 -15.67 -7.74 30.81
N THR B 566 -16.72 -8.51 30.54
CA THR B 566 -17.03 -9.67 31.37
C THR B 566 -17.39 -10.89 30.54
N CYS B 567 -16.78 -11.05 29.37
CA CYS B 567 -17.05 -12.21 28.53
C CYS B 567 -16.59 -13.47 29.21
N ASP B 568 -17.45 -14.49 29.23
CA ASP B 568 -17.16 -15.83 29.75
C ASP B 568 -16.84 -15.80 31.25
N ILE B 569 -17.66 -15.09 32.01
CA ILE B 569 -17.44 -14.97 33.44
C ILE B 569 -18.25 -16.01 34.22
N SER B 570 -19.28 -16.59 33.62
CA SER B 570 -20.12 -17.57 34.28
C SER B 570 -19.37 -18.88 34.51
N ALA B 571 -19.87 -19.65 35.48
CA ALA B 571 -19.28 -20.95 35.79
C ALA B 571 -19.52 -21.97 34.69
N TRP B 572 -20.59 -21.80 33.91
CA TRP B 572 -20.77 -22.59 32.70
C TRP B 572 -19.63 -22.37 31.72
N ASP B 573 -19.14 -21.14 31.64
CA ASP B 573 -18.08 -20.84 30.69
C ASP B 573 -16.74 -21.41 31.09
N ALA B 574 -16.56 -21.79 32.34
CA ALA B 574 -15.34 -22.48 32.72
C ALA B 574 -15.44 -23.97 32.44
N PHE B 575 -16.64 -24.55 32.45
CA PHE B 575 -16.84 -25.86 31.85
C PHE B 575 -16.46 -25.83 30.37
N TYR B 576 -16.93 -24.81 29.67
CA TYR B 576 -16.72 -24.68 28.23
C TYR B 576 -15.25 -24.52 27.89
N LEU B 577 -14.49 -23.81 28.71
CA LEU B 577 -13.07 -23.68 28.47
C LEU B 577 -12.29 -24.92 28.90
N ALA B 578 -12.81 -25.68 29.86
CA ALA B 578 -12.12 -26.88 30.30
C ALA B 578 -12.37 -28.06 29.38
N MET B 579 -13.39 -27.98 28.54
CA MET B 579 -13.63 -29.03 27.56
C MET B 579 -12.54 -29.04 26.50
N PHE B 580 -12.04 -27.87 26.11
CA PHE B 580 -10.90 -27.83 25.21
C PHE B 580 -9.65 -28.39 25.87
N TRP B 581 -9.50 -28.14 27.15
CA TRP B 581 -8.35 -28.66 27.85
C TRP B 581 -8.49 -30.14 28.18
N MET B 582 -9.72 -30.62 28.32
CA MET B 582 -9.92 -32.05 28.50
C MET B 582 -9.53 -32.82 27.24
N LEU B 583 -10.07 -32.40 26.09
CA LEU B 583 -9.79 -33.08 24.82
C LEU B 583 -8.31 -32.99 24.45
N ASN B 584 -7.67 -31.89 24.79
CA ASN B 584 -6.23 -31.78 24.61
C ASN B 584 -5.49 -32.76 25.52
N THR B 585 -5.96 -32.92 26.75
CA THR B 585 -5.28 -33.81 27.70
C THR B 585 -5.48 -35.27 27.32
N ILE B 586 -6.71 -35.68 27.01
CA ILE B 586 -6.95 -37.04 26.53
C ILE B 586 -6.33 -37.24 25.16
N GLY B 587 -6.19 -36.16 24.39
CA GLY B 587 -5.40 -36.21 23.18
C GLY B 587 -3.97 -36.61 23.43
N TRP B 588 -3.30 -35.94 24.37
CA TRP B 588 -1.91 -36.24 24.69
C TRP B 588 -1.76 -37.62 25.31
N VAL B 589 -2.79 -38.11 25.99
CA VAL B 589 -2.75 -39.44 26.59
C VAL B 589 -2.84 -40.52 25.51
N THR B 590 -3.85 -40.41 24.65
CA THR B 590 -4.10 -41.46 23.68
C THR B 590 -3.11 -41.42 22.53
N PHE B 591 -2.58 -40.25 22.19
CA PHE B 591 -1.45 -40.15 21.27
C PHE B 591 -0.24 -40.91 21.79
N TYR B 592 0.02 -40.80 23.09
CA TYR B 592 1.16 -41.46 23.71
C TYR B 592 0.94 -42.96 23.79
N TRP B 593 -0.28 -43.40 24.11
CA TRP B 593 -0.56 -44.82 24.16
C TRP B 593 -0.44 -45.45 22.78
N HIS B 594 -0.94 -44.77 21.76
CA HIS B 594 -0.99 -45.34 20.42
C HIS B 594 0.40 -45.42 19.81
N TRP B 595 1.17 -44.34 19.89
CA TRP B 595 2.51 -44.34 19.31
C TRP B 595 3.45 -45.29 20.04
N LYS B 596 3.30 -45.42 21.35
CA LYS B 596 4.14 -46.39 22.05
C LYS B 596 3.74 -47.83 21.71
N HIS B 597 2.46 -48.06 21.42
CA HIS B 597 2.03 -49.40 21.05
C HIS B 597 2.28 -49.69 19.58
N MET B 598 2.12 -48.71 18.70
CA MET B 598 2.36 -48.92 17.27
C MET B 598 3.83 -49.12 16.95
N THR B 599 4.74 -48.72 17.83
CA THR B 599 6.14 -49.05 17.67
C THR B 599 6.50 -50.37 18.34
N ILE B 600 5.76 -50.77 19.37
CA ILE B 600 5.96 -52.09 19.96
C ILE B 600 5.37 -53.17 19.05
N TRP B 601 4.15 -52.95 18.55
CA TRP B 601 3.54 -53.89 17.62
C TRP B 601 4.27 -53.92 16.29
N GLY B 602 4.84 -52.80 15.87
CA GLY B 602 5.59 -52.74 14.63
C GLY B 602 6.98 -53.32 14.70
N GLY B 603 7.46 -53.67 15.89
CA GLY B 603 8.75 -54.28 16.04
C GLY B 603 9.91 -53.32 16.19
N ASN B 604 9.66 -52.02 16.20
CA ASN B 604 10.71 -51.01 16.40
C ASN B 604 10.41 -50.13 17.60
N PRO B 605 10.53 -50.67 18.82
CA PRO B 605 10.25 -49.83 20.01
C PRO B 605 11.27 -48.76 20.25
N GLY B 606 12.47 -48.88 19.68
CA GLY B 606 13.48 -47.85 19.77
C GLY B 606 13.19 -46.61 18.95
N GLN B 607 12.21 -46.67 18.04
CA GLN B 607 11.81 -45.47 17.32
C GLN B 607 11.07 -44.51 18.24
N PHE B 608 10.24 -45.04 19.15
CA PHE B 608 9.61 -44.21 20.15
C PHE B 608 10.62 -43.64 21.13
N ASP B 609 11.64 -44.42 21.50
CA ASP B 609 12.59 -43.99 22.52
C ASP B 609 13.45 -42.83 22.06
N GLU B 610 13.72 -42.70 20.77
CA GLU B 610 14.52 -41.62 20.24
C GLU B 610 13.69 -40.42 19.80
N SER B 611 12.56 -40.66 19.14
CA SER B 611 11.82 -39.59 18.50
C SER B 611 10.78 -38.92 19.39
N SER B 612 10.40 -39.52 20.52
CA SER B 612 9.42 -38.88 21.38
C SER B 612 9.98 -37.79 22.26
N ASN B 613 11.30 -37.59 22.23
CA ASN B 613 11.91 -36.55 23.04
C ASN B 613 11.69 -35.16 22.49
N TYR B 614 11.31 -35.04 21.22
CA TYR B 614 11.10 -33.75 20.59
C TYR B 614 9.82 -33.81 19.77
N ILE B 615 9.26 -32.64 19.47
CA ILE B 615 7.92 -32.55 18.92
C ILE B 615 7.89 -33.02 17.47
N MET B 616 8.96 -32.79 16.72
CA MET B 616 9.03 -33.20 15.32
C MET B 616 8.95 -34.71 15.16
N GLY B 617 9.44 -35.46 16.16
CA GLY B 617 9.24 -36.89 16.15
C GLY B 617 7.78 -37.29 16.25
N TRP B 618 6.98 -36.55 17.00
CA TRP B 618 5.55 -36.82 17.05
C TRP B 618 4.87 -36.45 15.74
N LEU B 619 5.31 -35.36 15.11
CA LEU B 619 4.69 -34.93 13.87
C LEU B 619 5.11 -35.81 12.71
N ARG B 620 6.40 -36.09 12.59
CA ARG B 620 6.91 -36.83 11.44
C ARG B 620 6.71 -38.33 11.61
N ASP B 621 7.21 -38.90 12.71
CA ASP B 621 7.25 -40.34 12.88
C ASP B 621 5.95 -40.94 13.40
N TYR B 622 5.04 -40.14 13.90
CA TYR B 622 3.75 -40.67 14.34
C TYR B 622 2.59 -40.16 13.50
N LEU B 623 2.42 -38.84 13.37
CA LEU B 623 1.26 -38.34 12.64
C LEU B 623 1.41 -38.50 11.15
N TRP B 624 2.54 -38.04 10.59
CA TRP B 624 2.73 -38.08 9.15
C TRP B 624 2.93 -39.51 8.65
N LEU B 625 3.64 -40.33 9.42
CA LEU B 625 3.97 -41.67 8.96
C LEU B 625 2.77 -42.59 8.97
N ASN B 626 1.98 -42.55 10.04
CA ASN B 626 0.86 -43.45 10.18
C ASN B 626 -0.41 -42.94 9.50
N SER B 627 -0.37 -41.74 8.92
CA SER B 627 -1.48 -41.25 8.12
C SER B 627 -1.60 -41.93 6.76
N SER B 628 -0.52 -42.54 6.30
CA SER B 628 -0.41 -43.07 4.94
C SER B 628 -1.41 -44.16 4.56
N PRO B 629 -1.73 -45.18 5.38
CA PRO B 629 -2.82 -46.08 4.97
C PRO B 629 -4.18 -45.43 5.03
N LEU B 630 -4.35 -44.45 5.92
CA LEU B 630 -5.63 -43.80 6.11
C LEU B 630 -6.00 -42.94 4.89
N ILE B 631 -5.13 -42.00 4.51
CA ILE B 631 -5.44 -41.09 3.42
C ILE B 631 -5.40 -41.76 2.05
N ASN B 632 -4.94 -43.00 1.96
CA ASN B 632 -5.08 -43.80 0.76
C ASN B 632 -6.25 -44.76 0.84
N GLY B 633 -7.24 -44.45 1.69
CA GLY B 633 -8.47 -45.23 1.70
C GLY B 633 -9.22 -45.12 0.40
N TYR B 634 -9.18 -43.95 -0.23
CA TYR B 634 -9.51 -43.80 -1.63
C TYR B 634 -8.53 -42.82 -2.25
N ASN B 635 -8.30 -42.97 -3.53
CA ASN B 635 -7.32 -42.18 -4.26
C ASN B 635 -7.78 -42.20 -5.72
N PRO B 636 -7.13 -41.52 -6.68
CA PRO B 636 -7.56 -41.65 -8.08
C PRO B 636 -7.47 -43.05 -8.69
N PHE B 637 -6.81 -44.00 -8.04
CA PHE B 637 -6.65 -45.34 -8.58
C PHE B 637 -7.58 -46.37 -7.94
N GLY B 638 -8.48 -45.95 -7.06
CA GLY B 638 -9.46 -46.85 -6.50
C GLY B 638 -9.61 -46.65 -5.02
N MET B 639 -10.27 -47.60 -4.36
CA MET B 639 -10.52 -47.54 -2.94
C MET B 639 -10.47 -48.94 -2.33
N ASN B 640 -10.43 -48.99 -1.01
CA ASN B 640 -10.47 -50.23 -0.25
C ASN B 640 -11.42 -50.08 0.93
N ASN B 641 -11.42 -50.99 1.88
CA ASN B 641 -12.37 -50.87 2.98
C ASN B 641 -11.95 -49.84 4.03
N LEU B 642 -10.78 -49.23 3.89
CA LEU B 642 -10.40 -48.08 4.71
C LEU B 642 -11.00 -46.79 4.19
N SER B 643 -11.76 -46.85 3.10
CA SER B 643 -12.33 -45.66 2.49
C SER B 643 -13.36 -44.98 3.38
N VAL B 644 -13.99 -45.73 4.29
CA VAL B 644 -14.94 -45.11 5.19
C VAL B 644 -14.21 -44.32 6.26
N TRP B 645 -13.04 -44.78 6.69
CA TRP B 645 -12.28 -44.05 7.68
C TRP B 645 -11.59 -42.83 7.09
N SER B 646 -11.21 -42.87 5.81
CA SER B 646 -10.63 -41.69 5.18
C SER B 646 -11.68 -40.62 4.95
N TRP B 647 -12.90 -41.04 4.63
CA TRP B 647 -14.01 -40.11 4.55
C TRP B 647 -14.33 -39.51 5.91
N MET B 648 -14.34 -40.35 6.96
CA MET B 648 -14.62 -39.88 8.31
C MET B 648 -13.49 -38.99 8.83
N PHE B 649 -12.26 -39.24 8.38
CA PHE B 649 -11.12 -38.41 8.74
C PHE B 649 -11.28 -36.98 8.24
N LEU B 650 -11.72 -36.84 7.00
CA LEU B 650 -12.00 -35.51 6.46
C LEU B 650 -13.31 -34.95 6.97
N PHE B 651 -14.28 -35.83 7.22
CA PHE B 651 -15.51 -35.44 7.89
C PHE B 651 -15.22 -34.88 9.28
N GLY B 652 -14.27 -35.47 9.99
CA GLY B 652 -13.91 -34.96 11.31
C GLY B 652 -13.18 -33.64 11.25
N HIS B 653 -12.32 -33.45 10.25
CA HIS B 653 -11.62 -32.18 10.07
C HIS B 653 -12.58 -31.04 9.77
N LEU B 654 -13.67 -31.33 9.08
CA LEU B 654 -14.62 -30.31 8.67
C LEU B 654 -15.52 -29.85 9.80
N ILE B 655 -15.96 -30.77 10.67
CA ILE B 655 -16.80 -30.39 11.81
C ILE B 655 -16.00 -29.61 12.83
N TRP B 656 -14.72 -29.98 13.01
CA TRP B 656 -13.82 -29.25 13.91
C TRP B 656 -13.66 -27.82 13.47
N ALA B 657 -13.43 -27.62 12.18
CA ALA B 657 -13.27 -26.29 11.62
C ALA B 657 -14.57 -25.50 11.60
N THR B 658 -15.70 -26.18 11.41
CA THR B 658 -16.99 -25.50 11.50
C THR B 658 -17.26 -25.01 12.91
N GLY B 659 -16.73 -25.72 13.91
CA GLY B 659 -16.86 -25.27 15.28
C GLY B 659 -16.14 -23.98 15.56
N PHE B 660 -15.01 -23.76 14.88
CA PHE B 660 -14.26 -22.52 14.98
C PHE B 660 -15.09 -21.31 14.60
N MET B 661 -16.05 -21.47 13.69
CA MET B 661 -16.91 -20.36 13.28
C MET B 661 -17.80 -19.88 14.42
N PHE B 662 -18.43 -20.80 15.13
CA PHE B 662 -19.23 -20.43 16.29
C PHE B 662 -18.35 -20.04 17.48
N LEU B 663 -17.08 -20.43 17.46
CA LEU B 663 -16.14 -20.10 18.51
C LEU B 663 -15.49 -18.73 18.32
N ILE B 664 -15.32 -18.26 17.10
CA ILE B 664 -14.61 -17.03 16.82
C ILE B 664 -15.57 -15.89 16.48
N SER B 665 -16.48 -16.12 15.54
CA SER B 665 -17.52 -15.15 15.25
C SER B 665 -18.55 -15.16 16.35
N TRP B 666 -18.98 -14.00 16.79
CA TRP B 666 -19.93 -13.88 17.88
C TRP B 666 -21.20 -13.23 17.32
N ARG B 667 -22.15 -12.92 18.21
CA ARG B 667 -23.56 -12.88 17.82
C ARG B 667 -23.93 -11.67 16.97
N GLY B 668 -23.48 -10.48 17.37
CA GLY B 668 -23.96 -9.25 16.75
C GLY B 668 -23.58 -9.09 15.30
N TYR B 669 -22.56 -9.82 14.83
CA TYR B 669 -22.35 -9.93 13.40
C TYR B 669 -23.51 -10.64 12.73
N TRP B 670 -23.97 -11.75 13.31
CA TRP B 670 -24.92 -12.63 12.64
C TRP B 670 -26.34 -12.13 12.73
N GLN B 671 -26.69 -11.45 13.82
CA GLN B 671 -28.02 -10.88 13.95
C GLN B 671 -28.24 -9.77 12.93
N GLU B 672 -27.20 -9.00 12.62
CA GLU B 672 -27.32 -7.98 11.59
C GLU B 672 -27.42 -8.60 10.20
N LEU B 673 -26.78 -9.76 10.00
CA LEU B 673 -26.85 -10.43 8.70
C LEU B 673 -28.19 -11.10 8.47
N ILE B 674 -28.86 -11.53 9.55
CA ILE B 674 -30.16 -12.17 9.42
C ILE B 674 -31.24 -11.14 9.14
N GLU B 675 -31.05 -9.91 9.63
CA GLU B 675 -32.01 -8.82 9.40
C GLU B 675 -32.14 -8.48 7.92
N THR B 676 -31.05 -8.59 7.17
CA THR B 676 -31.16 -8.36 5.73
C THR B 676 -31.78 -9.54 5.03
N LEU B 677 -31.63 -10.74 5.59
CA LEU B 677 -32.28 -11.92 5.05
C LEU B 677 -33.77 -11.90 5.30
N VAL B 678 -34.18 -11.37 6.45
CA VAL B 678 -35.61 -11.19 6.73
C VAL B 678 -36.19 -10.14 5.79
N TRP B 679 -35.42 -9.10 5.46
CA TRP B 679 -35.86 -8.09 4.50
C TRP B 679 -36.03 -8.70 3.11
N ALA B 680 -35.05 -9.50 2.68
CA ALA B 680 -35.08 -10.08 1.35
C ALA B 680 -36.24 -11.04 1.17
N HIS B 681 -36.66 -11.72 2.22
CA HIS B 681 -37.79 -12.62 2.09
C HIS B 681 -39.12 -11.87 2.05
N GLU B 682 -39.24 -10.80 2.83
CA GLU B 682 -40.45 -10.00 2.83
C GLU B 682 -40.63 -9.16 1.56
N ARG B 683 -39.58 -9.03 0.76
CA ARG B 683 -39.64 -8.23 -0.46
C ARG B 683 -39.51 -9.06 -1.72
N THR B 684 -39.47 -10.38 -1.61
CA THR B 684 -39.35 -11.24 -2.78
C THR B 684 -40.72 -11.79 -3.13
N PRO B 685 -41.24 -11.48 -4.32
CA PRO B 685 -42.52 -12.08 -4.73
C PRO B 685 -42.38 -13.58 -4.99
N LEU B 686 -43.49 -14.28 -4.73
CA LEU B 686 -43.75 -15.73 -4.77
C LEU B 686 -43.09 -16.49 -3.62
N ALA B 687 -42.16 -15.86 -2.92
CA ALA B 687 -41.75 -16.31 -1.61
C ALA B 687 -42.45 -15.53 -0.53
N ASN B 688 -43.02 -14.38 -0.88
CA ASN B 688 -43.93 -13.65 -0.02
C ASN B 688 -45.19 -14.42 0.31
N LEU B 689 -45.52 -15.48 -0.43
CA LEU B 689 -46.64 -16.35 -0.09
C LEU B 689 -46.42 -17.09 1.22
N ILE B 690 -45.17 -17.27 1.62
CA ILE B 690 -44.77 -18.10 2.74
C ILE B 690 -44.16 -17.20 3.81
N ARG B 691 -44.46 -17.49 5.07
CA ARG B 691 -43.82 -16.76 6.16
C ARG B 691 -43.51 -17.71 7.30
N TRP B 692 -42.45 -17.38 8.03
CA TRP B 692 -42.12 -18.05 9.27
C TRP B 692 -43.16 -17.74 10.33
N ARG B 693 -43.27 -18.64 11.29
CA ARG B 693 -44.07 -18.38 12.48
C ARG B 693 -43.20 -18.10 13.71
N ASP B 694 -41.90 -18.35 13.61
CA ASP B 694 -40.92 -17.93 14.61
C ASP B 694 -39.97 -16.96 13.94
N LYS B 695 -39.73 -15.83 14.58
CA LYS B 695 -38.89 -14.80 13.96
C LYS B 695 -37.44 -15.28 13.92
N PRO B 696 -36.80 -15.24 12.75
CA PRO B 696 -35.41 -15.70 12.65
C PRO B 696 -34.46 -14.78 13.39
N VAL B 697 -33.71 -15.33 14.33
CA VAL B 697 -32.68 -14.59 15.06
C VAL B 697 -31.40 -15.39 15.03
N ALA B 698 -30.30 -14.73 15.34
CA ALA B 698 -29.04 -15.41 15.55
C ALA B 698 -29.12 -16.24 16.84
N LEU B 699 -28.31 -17.30 16.89
CA LEU B 699 -28.16 -18.09 18.09
C LEU B 699 -27.62 -17.22 19.21
N SER B 700 -28.00 -17.53 20.45
CA SER B 700 -27.60 -16.67 21.55
C SER B 700 -26.12 -16.83 21.87
N ILE B 701 -25.66 -16.10 22.88
CA ILE B 701 -24.23 -16.07 23.20
C ILE B 701 -23.79 -17.41 23.78
N VAL B 702 -24.55 -17.94 24.73
CA VAL B 702 -24.22 -19.22 25.35
C VAL B 702 -24.46 -20.37 24.37
N GLN B 703 -25.45 -20.22 23.48
CA GLN B 703 -25.84 -21.31 22.62
C GLN B 703 -24.78 -21.64 21.58
N ALA B 704 -24.21 -20.62 20.97
CA ALA B 704 -23.15 -20.86 19.99
C ALA B 704 -21.82 -21.20 20.63
N ARG B 705 -21.62 -20.83 21.90
CA ARG B 705 -20.52 -21.42 22.65
C ARG B 705 -20.71 -22.92 22.76
N LEU B 706 -21.93 -23.37 23.08
CA LEU B 706 -22.23 -24.79 23.16
C LEU B 706 -22.19 -25.45 21.79
N VAL B 707 -22.76 -24.79 20.77
CA VAL B 707 -22.80 -25.35 19.42
C VAL B 707 -21.39 -25.43 18.84
N GLY B 708 -20.58 -24.42 19.09
CA GLY B 708 -19.19 -24.46 18.66
C GLY B 708 -18.36 -25.47 19.40
N LEU B 709 -18.69 -25.73 20.66
CA LEU B 709 -17.99 -26.74 21.43
C LEU B 709 -18.40 -28.14 20.99
N ALA B 710 -19.68 -28.34 20.66
CA ALA B 710 -20.12 -29.66 20.24
C ALA B 710 -19.57 -30.01 18.86
N HIS B 711 -19.46 -29.03 17.98
CA HIS B 711 -18.80 -29.26 16.70
C HIS B 711 -17.31 -29.52 16.89
N PHE B 712 -16.68 -28.79 17.81
CA PHE B 712 -15.26 -28.99 18.10
C PHE B 712 -15.01 -30.37 18.67
N SER B 713 -15.89 -30.83 19.57
CA SER B 713 -15.69 -32.12 20.22
C SER B 713 -16.00 -33.29 19.28
N VAL B 714 -17.06 -33.18 18.48
CA VAL B 714 -17.42 -34.25 17.55
C VAL B 714 -16.36 -34.40 16.47
N GLY B 715 -15.86 -33.27 15.95
CA GLY B 715 -14.79 -33.33 14.99
C GLY B 715 -13.47 -33.79 15.58
N TYR B 716 -13.25 -33.51 16.86
CA TYR B 716 -12.10 -34.05 17.57
C TYR B 716 -12.17 -35.58 17.66
N ILE B 717 -13.33 -36.09 18.08
CA ILE B 717 -13.49 -37.53 18.30
C ILE B 717 -13.46 -38.28 16.98
N LEU B 718 -14.18 -37.78 15.97
CA LEU B 718 -14.31 -38.50 14.71
C LEU B 718 -13.02 -38.52 13.92
N THR B 719 -12.18 -37.50 14.06
CA THR B 719 -10.90 -37.49 13.38
C THR B 719 -9.95 -38.52 13.97
N TYR B 720 -9.87 -38.58 15.30
CA TYR B 720 -8.94 -39.51 15.91
C TYR B 720 -9.43 -40.94 15.86
N ALA B 721 -10.74 -41.14 15.98
CA ALA B 721 -11.30 -42.49 15.81
C ALA B 721 -11.05 -43.00 14.40
N ALA B 722 -11.14 -42.12 13.40
CA ALA B 722 -10.82 -42.54 12.04
C ALA B 722 -9.34 -42.80 11.87
N PHE B 723 -8.49 -42.10 12.62
CA PHE B 723 -7.06 -42.28 12.48
C PHE B 723 -6.52 -43.43 13.32
N VAL B 724 -7.01 -43.59 14.56
CA VAL B 724 -6.49 -44.65 15.41
C VAL B 724 -6.95 -46.02 14.93
N ILE B 725 -8.02 -46.09 14.14
CA ILE B 725 -8.52 -47.34 13.64
C ILE B 725 -7.90 -47.70 12.30
N ALA B 726 -7.89 -46.75 11.35
CA ALA B 726 -7.34 -47.04 10.03
C ALA B 726 -5.83 -47.17 10.02
N SER B 727 -5.13 -46.55 10.97
CA SER B 727 -3.68 -46.76 11.02
C SER B 727 -3.32 -48.09 11.62
N THR B 728 -4.11 -48.59 12.57
CA THR B 728 -3.80 -49.89 13.12
C THR B 728 -4.28 -51.00 12.19
N SER B 729 -5.47 -50.84 11.61
CA SER B 729 -5.96 -51.81 10.63
C SER B 729 -5.16 -51.77 9.34
N GLY B 730 -4.72 -50.57 8.92
CA GLY B 730 -3.96 -50.47 7.68
C GLY B 730 -2.55 -51.00 7.80
N LYS B 731 -1.97 -50.94 9.00
CA LYS B 731 -0.63 -51.49 9.22
C LYS B 731 -0.67 -52.96 9.58
N PHE B 732 -1.69 -53.41 10.29
CA PHE B 732 -1.73 -54.77 10.80
C PHE B 732 -2.98 -55.50 10.31
N SER C 2 -39.86 -10.13 29.70
CA SER C 2 -39.17 -8.87 29.94
C SER C 2 -37.94 -9.09 30.81
N HIS C 3 -36.95 -8.21 30.68
CA HIS C 3 -35.82 -8.22 31.57
C HIS C 3 -36.18 -7.53 32.89
N THR C 4 -35.42 -7.84 33.93
CA THR C 4 -35.64 -7.30 35.26
C THR C 4 -34.56 -6.28 35.58
N VAL C 5 -34.97 -5.08 35.97
CA VAL C 5 -34.05 -4.01 36.36
C VAL C 5 -34.37 -3.59 37.78
N LYS C 6 -33.39 -3.73 38.68
CA LYS C 6 -33.57 -3.43 40.09
C LYS C 6 -32.70 -2.25 40.50
N ILE C 7 -33.21 -1.43 41.40
CA ILE C 7 -32.47 -0.32 41.97
C ILE C 7 -32.19 -0.63 43.43
N TYR C 8 -30.93 -0.60 43.82
CA TYR C 8 -30.56 -0.84 45.19
C TYR C 8 -30.28 0.49 45.87
N ASP C 9 -30.35 0.50 47.21
CA ASP C 9 -30.39 1.76 47.94
C ASP C 9 -29.04 2.45 48.07
N THR C 10 -28.00 1.91 47.43
CA THR C 10 -26.71 2.58 47.32
C THR C 10 -26.69 3.64 46.23
N CYS C 11 -27.82 3.86 45.55
CA CYS C 11 -27.90 4.86 44.50
C CYS C 11 -27.70 6.25 45.06
N ILE C 12 -26.82 7.02 44.43
CA ILE C 12 -26.52 8.37 44.85
C ILE C 12 -27.25 9.40 43.99
N GLY C 13 -28.14 8.95 43.11
CA GLY C 13 -28.95 9.87 42.33
C GLY C 13 -28.19 10.67 41.30
N CYS C 14 -27.09 10.11 40.76
CA CYS C 14 -26.26 10.82 39.82
C CYS C 14 -26.89 10.96 38.44
N THR C 15 -28.02 10.27 38.19
CA THR C 15 -28.82 10.25 36.97
C THR C 15 -28.09 9.71 35.75
N GLN C 16 -26.91 9.11 35.91
CA GLN C 16 -26.13 8.70 34.74
C GLN C 16 -26.69 7.46 34.08
N CYS C 17 -27.38 6.61 34.83
CA CYS C 17 -28.00 5.42 34.25
C CYS C 17 -29.18 5.79 33.37
N VAL C 18 -29.93 6.81 33.77
CA VAL C 18 -31.08 7.26 33.00
C VAL C 18 -30.63 7.89 31.68
N ARG C 19 -29.54 8.65 31.73
CA ARG C 19 -29.00 9.29 30.54
C ARG C 19 -28.42 8.29 29.56
N ALA C 20 -27.99 7.14 30.04
CA ALA C 20 -27.39 6.11 29.18
C ALA C 20 -28.42 5.19 28.56
N CYS C 21 -29.63 5.13 29.10
CA CYS C 21 -30.60 4.13 28.68
C CYS C 21 -31.16 4.45 27.30
N PRO C 22 -31.01 3.56 26.31
CA PRO C 22 -31.45 3.88 24.95
C PRO C 22 -32.92 3.61 24.68
N THR C 23 -33.64 2.97 25.59
CA THR C 23 -35.04 2.64 25.35
C THR C 23 -35.98 3.23 26.37
N ASP C 24 -35.50 4.14 27.23
CA ASP C 24 -36.27 4.83 28.27
C ASP C 24 -36.96 3.83 29.21
N VAL C 25 -36.13 3.08 29.92
CA VAL C 25 -36.62 2.24 31.01
C VAL C 25 -36.60 2.99 32.31
N LEU C 26 -35.59 3.82 32.50
CA LEU C 26 -35.27 4.39 33.79
C LEU C 26 -35.68 5.84 33.88
N GLU C 27 -36.08 6.25 35.08
CA GLU C 27 -36.38 7.65 35.36
C GLU C 27 -35.99 7.95 36.80
N MET C 28 -35.80 9.23 37.08
CA MET C 28 -35.50 9.68 38.43
C MET C 28 -36.79 10.03 39.16
N VAL C 29 -36.95 9.48 40.35
CA VAL C 29 -38.08 9.79 41.21
C VAL C 29 -37.53 10.44 42.47
N PRO C 30 -38.34 11.24 43.18
CA PRO C 30 -37.82 11.85 44.42
C PRO C 30 -37.58 10.83 45.51
N TRP C 31 -36.50 11.04 46.25
CA TRP C 31 -36.07 10.14 47.31
C TRP C 31 -35.47 10.97 48.43
N ASP C 32 -35.19 10.32 49.56
CA ASP C 32 -34.54 10.99 50.67
C ASP C 32 -33.38 10.20 51.25
N GLY C 33 -33.02 9.06 50.65
CA GLY C 33 -31.96 8.23 51.17
C GLY C 33 -30.56 8.66 50.78
N CYS C 34 -30.43 9.61 49.86
CA CYS C 34 -29.15 10.16 49.49
C CYS C 34 -29.27 11.67 49.44
N LYS C 35 -28.12 12.35 49.43
CA LYS C 35 -28.12 13.81 49.53
C LYS C 35 -28.54 14.48 48.24
N SER C 36 -28.54 13.77 47.12
CA SER C 36 -29.08 14.31 45.89
C SER C 36 -30.59 14.35 45.88
N GLY C 37 -31.24 13.64 46.80
CA GLY C 37 -32.68 13.70 46.92
C GLY C 37 -33.45 12.97 45.87
N GLN C 38 -32.83 12.01 45.19
CA GLN C 38 -33.48 11.32 44.09
C GLN C 38 -32.88 9.93 43.93
N ILE C 39 -33.69 8.99 43.48
CA ILE C 39 -33.24 7.64 43.21
C ILE C 39 -33.72 7.27 41.81
N ALA C 40 -32.96 6.38 41.16
CA ALA C 40 -33.40 5.83 39.90
C ALA C 40 -34.54 4.84 40.12
N SER C 41 -35.33 4.64 39.08
CA SER C 41 -36.46 3.74 39.12
C SER C 41 -36.69 3.21 37.72
N SER C 42 -37.21 1.98 37.63
CA SER C 42 -37.45 1.33 36.34
C SER C 42 -38.91 0.98 36.18
N PRO C 43 -39.77 1.94 35.84
CA PRO C 43 -41.18 1.61 35.62
C PRO C 43 -41.42 0.89 34.30
N ARG C 44 -40.64 1.24 33.29
CA ARG C 44 -40.84 0.73 31.94
C ARG C 44 -39.84 -0.38 31.59
N VAL C 45 -39.82 -1.43 32.41
CA VAL C 45 -38.94 -2.57 32.13
C VAL C 45 -39.41 -3.40 30.96
N GLU C 46 -40.63 -3.18 30.47
CA GLU C 46 -41.13 -3.85 29.27
C GLU C 46 -40.34 -3.45 28.02
N ASP C 47 -39.64 -2.34 28.04
CA ASP C 47 -38.87 -1.86 26.91
C ASP C 47 -37.38 -2.11 27.06
N CYS C 48 -36.97 -2.78 28.14
CA CYS C 48 -35.55 -3.02 28.36
C CYS C 48 -35.01 -4.02 27.36
N VAL C 49 -34.04 -3.58 26.57
CA VAL C 49 -33.41 -4.49 25.63
C VAL C 49 -32.34 -5.32 26.29
N GLY C 50 -31.82 -4.89 27.44
CA GLY C 50 -30.80 -5.63 28.13
C GLY C 50 -29.38 -5.20 27.87
N CYS C 51 -29.18 -4.00 27.32
CA CYS C 51 -27.86 -3.56 26.85
C CYS C 51 -26.86 -3.38 27.99
N LYS C 52 -27.34 -3.17 29.22
CA LYS C 52 -26.54 -2.86 30.41
C LYS C 52 -25.66 -1.63 30.23
N ARG C 53 -26.14 -0.64 29.46
CA ARG C 53 -25.48 0.64 29.43
C ARG C 53 -25.62 1.37 30.75
N CYS C 54 -26.75 1.14 31.44
CA CYS C 54 -26.96 1.71 32.75
C CYS C 54 -26.01 1.13 33.79
N GLU C 55 -25.64 -0.14 33.64
CA GLU C 55 -24.66 -0.71 34.55
C GLU C 55 -23.27 -0.16 34.30
N THR C 56 -22.94 0.14 33.05
CA THR C 56 -21.65 0.76 32.73
C THR C 56 -21.57 2.17 33.29
N ALA C 57 -22.70 2.89 33.29
CA ALA C 57 -22.71 4.27 33.72
C ALA C 57 -22.67 4.42 35.23
N CYS C 58 -23.00 3.38 35.98
CA CYS C 58 -23.22 3.54 37.41
C CYS C 58 -21.90 3.69 38.15
N PRO C 59 -21.76 4.71 38.98
CA PRO C 59 -20.47 4.97 39.63
C PRO C 59 -20.29 4.28 40.97
N THR C 60 -21.37 3.79 41.57
CA THR C 60 -21.26 3.22 42.90
C THR C 60 -20.58 1.86 42.84
N ASP C 61 -19.80 1.55 43.88
CA ASP C 61 -18.97 0.37 43.82
C ASP C 61 -19.82 -0.88 43.97
N PHE C 62 -19.76 -1.70 42.93
CA PHE C 62 -20.79 -2.66 42.57
C PHE C 62 -22.19 -2.07 42.59
N LEU C 63 -22.54 -1.61 41.40
CA LEU C 63 -23.66 -0.81 40.91
C LEU C 63 -24.98 -0.91 41.64
N SER C 64 -25.67 0.22 41.70
CA SER C 64 -27.00 0.31 42.26
C SER C 64 -28.07 -0.15 41.28
N VAL C 65 -27.84 -0.01 39.98
CA VAL C 65 -28.68 -0.64 38.96
C VAL C 65 -28.14 -2.02 38.67
N ARG C 66 -29.03 -3.02 38.63
CA ARG C 66 -28.72 -4.32 38.10
C ARG C 66 -29.78 -4.75 37.13
N VAL C 67 -29.34 -5.23 35.98
CA VAL C 67 -30.21 -5.76 34.96
C VAL C 67 -30.10 -7.28 35.02
N TYR C 68 -31.23 -7.94 35.17
CA TYR C 68 -31.29 -9.40 35.21
C TYR C 68 -32.01 -9.84 33.96
N LEU C 69 -31.26 -10.43 33.03
CA LEU C 69 -31.83 -10.85 31.76
C LEU C 69 -32.81 -12.00 31.97
N GLY C 70 -33.99 -11.88 31.38
CA GLY C 70 -35.04 -12.84 31.61
C GLY C 70 -35.77 -13.26 30.36
N ALA C 71 -37.09 -13.17 30.38
CA ALA C 71 -37.91 -13.68 29.30
C ALA C 71 -37.86 -12.73 28.12
N GLU C 72 -37.50 -13.25 26.95
CA GLU C 72 -37.33 -12.44 25.77
C GLU C 72 -38.68 -12.24 25.07
N THR C 73 -38.97 -10.99 24.73
CA THR C 73 -40.10 -10.60 23.91
C THR C 73 -39.58 -10.06 22.59
N THR C 74 -40.50 -9.54 21.76
CA THR C 74 -40.07 -8.86 20.54
C THR C 74 -39.33 -7.57 20.85
N ARG C 75 -39.78 -6.84 21.86
CA ARG C 75 -39.10 -5.62 22.27
C ARG C 75 -37.82 -5.89 23.03
N SER C 76 -37.80 -6.96 23.81
CA SER C 76 -36.60 -7.32 24.57
C SER C 76 -35.48 -7.82 23.65
N LEU C 77 -35.84 -8.43 22.54
CA LEU C 77 -34.85 -8.93 21.59
C LEU C 77 -34.40 -7.86 20.61
N GLY C 78 -35.02 -6.69 20.62
CA GLY C 78 -34.63 -5.61 19.73
C GLY C 78 -34.90 -5.88 18.28
N LEU C 79 -35.97 -6.60 17.97
CA LEU C 79 -36.27 -6.98 16.60
C LEU C 79 -37.07 -5.89 15.92
N ALA C 80 -36.60 -5.44 14.77
CA ALA C 80 -37.32 -4.52 13.91
C ALA C 80 -38.19 -5.24 12.89
N TYR C 81 -38.56 -6.48 13.16
CA TYR C 81 -39.35 -7.29 12.24
C TYR C 81 -40.19 -8.28 13.02
N PRO D 8 -45.82 17.40 8.74
CA PRO D 8 -45.36 16.01 8.91
C PRO D 8 -44.49 15.57 7.76
N PHE D 9 -43.84 14.40 7.91
CA PHE D 9 -43.06 13.72 6.87
C PHE D 9 -41.91 14.56 6.36
N PRO D 10 -40.79 14.59 7.09
CA PRO D 10 -39.56 15.21 6.57
C PRO D 10 -39.12 14.65 5.23
N THR D 11 -38.38 15.47 4.49
CA THR D 11 -38.01 15.16 3.11
C THR D 11 -37.00 14.02 3.09
N PHE D 12 -37.37 12.92 2.43
CA PHE D 12 -36.55 11.72 2.45
C PHE D 12 -36.85 10.92 1.19
N GLY D 13 -35.78 10.44 0.56
CA GLY D 13 -35.90 9.70 -0.68
C GLY D 13 -36.31 8.25 -0.55
N GLY D 14 -36.59 7.78 0.66
CA GLY D 14 -36.93 6.39 0.86
C GLY D 14 -35.70 5.53 1.09
N SER D 15 -35.94 4.36 1.64
CA SER D 15 -34.85 3.48 2.02
C SER D 15 -35.39 2.06 2.12
N THR D 16 -34.48 1.08 2.05
CA THR D 16 -34.82 -0.28 2.39
C THR D 16 -34.55 -0.60 3.85
N GLY D 17 -34.25 0.41 4.65
CA GLY D 17 -33.98 0.25 6.06
C GLY D 17 -35.15 0.51 6.96
N GLY D 18 -36.28 0.96 6.42
CA GLY D 18 -37.45 1.25 7.22
C GLY D 18 -38.21 0.03 7.69
N TRP D 19 -39.46 0.22 8.12
CA TRP D 19 -40.22 -0.87 8.70
C TRP D 19 -40.67 -1.86 7.62
N LEU D 20 -40.83 -3.11 8.03
CA LEU D 20 -41.13 -4.19 7.09
C LEU D 20 -42.54 -4.72 7.25
N ARG D 21 -42.83 -5.27 8.42
CA ARG D 21 -44.06 -5.92 8.84
C ARG D 21 -43.75 -6.28 10.28
N SER D 22 -44.77 -6.27 11.15
CA SER D 22 -44.80 -6.01 12.60
C SER D 22 -44.80 -4.50 12.83
N ALA D 23 -44.79 -3.70 11.78
CA ALA D 23 -45.35 -2.37 11.88
C ALA D 23 -46.82 -2.36 11.47
N GLU D 24 -47.22 -3.35 10.67
CA GLU D 24 -48.61 -3.52 10.27
C GLU D 24 -49.38 -4.42 11.20
N VAL D 25 -48.71 -5.41 11.80
CA VAL D 25 -49.35 -6.39 12.67
C VAL D 25 -48.86 -6.31 14.11
N GLU D 26 -47.94 -5.40 14.41
CA GLU D 26 -47.53 -5.08 15.77
C GLU D 26 -47.37 -3.57 15.82
N GLU D 27 -46.66 -3.07 16.84
CA GLU D 27 -46.51 -1.64 17.11
C GLU D 27 -45.80 -0.90 15.97
N LYS D 28 -45.91 0.44 15.99
CA LYS D 28 -45.48 1.28 14.86
C LYS D 28 -44.48 2.38 15.20
N TYR D 29 -44.59 3.05 16.35
CA TYR D 29 -43.61 4.03 16.85
C TYR D 29 -43.45 5.26 15.93
N ALA D 30 -44.44 6.14 15.98
CA ALA D 30 -44.24 7.47 15.42
C ALA D 30 -43.46 8.37 16.37
N ILE D 31 -42.63 9.24 15.79
CA ILE D 31 -41.97 10.31 16.53
C ILE D 31 -42.30 11.64 15.85
N THR D 32 -42.76 12.61 16.64
CA THR D 32 -43.07 13.95 16.16
C THR D 32 -42.14 14.94 16.84
N TRP D 33 -41.77 16.00 16.12
CA TRP D 33 -41.02 17.10 16.72
C TRP D 33 -41.26 18.36 15.90
N THR D 34 -40.82 19.48 16.46
CA THR D 34 -40.97 20.79 15.85
C THR D 34 -39.59 21.39 15.65
N SER D 35 -39.31 21.85 14.43
CA SER D 35 -38.02 22.43 14.09
C SER D 35 -38.16 23.91 13.75
N LYS D 36 -37.12 24.68 14.10
CA LYS D 36 -37.05 26.08 13.73
C LYS D 36 -36.39 26.30 12.38
N LYS D 37 -35.73 25.28 11.84
CA LYS D 37 -35.03 25.37 10.57
C LYS D 37 -35.31 24.14 9.73
N GLU D 38 -34.52 23.95 8.68
CA GLU D 38 -34.66 22.78 7.82
C GLU D 38 -33.33 22.05 7.74
N GLN D 39 -32.78 21.67 8.90
CA GLN D 39 -31.53 20.94 8.96
C GLN D 39 -31.63 19.59 8.25
N ILE D 40 -30.49 19.14 7.77
CA ILE D 40 -30.34 17.75 7.35
C ILE D 40 -29.95 16.94 8.57
N PHE D 41 -30.68 15.87 8.84
CA PHE D 41 -30.37 14.96 9.92
C PHE D 41 -30.17 13.56 9.36
N GLU D 42 -29.61 12.69 10.19
CA GLU D 42 -29.35 11.31 9.79
C GLU D 42 -30.52 10.42 10.21
N MET D 43 -31.00 9.63 9.29
CA MET D 43 -32.00 8.64 9.63
C MET D 43 -31.34 7.48 10.38
N PRO D 44 -31.99 6.92 11.40
CA PRO D 44 -31.43 5.73 12.05
C PRO D 44 -31.49 4.49 11.17
N THR D 45 -32.30 4.52 10.13
CA THR D 45 -32.43 3.43 9.17
C THR D 45 -31.43 3.52 8.03
N GLY D 46 -30.53 4.50 8.05
CA GLY D 46 -29.42 4.50 7.12
C GLY D 46 -29.06 5.81 6.44
N GLY D 47 -30.04 6.53 5.91
CA GLY D 47 -29.78 7.65 5.04
C GLY D 47 -29.79 8.99 5.72
N ALA D 48 -29.98 10.03 4.92
CA ALA D 48 -30.08 11.41 5.38
C ALA D 48 -31.40 11.99 4.95
N ALA D 49 -32.06 12.73 5.85
CA ALA D 49 -33.33 13.36 5.56
C ALA D 49 -33.27 14.82 6.00
N ILE D 50 -34.21 15.62 5.49
CA ILE D 50 -34.27 17.04 5.78
C ILE D 50 -35.52 17.33 6.61
N MET D 51 -35.32 17.93 7.78
CA MET D 51 -36.44 18.38 8.62
C MET D 51 -37.27 19.43 7.90
N ARG D 52 -38.55 19.44 8.22
CA ARG D 52 -39.39 20.54 7.80
C ARG D 52 -39.22 21.72 8.75
N ASN D 53 -39.71 22.88 8.32
CA ASN D 53 -39.55 24.10 9.10
C ASN D 53 -40.64 24.25 10.17
N GLY D 54 -41.53 23.28 10.29
CA GLY D 54 -42.51 23.29 11.35
C GLY D 54 -42.62 21.95 12.03
N GLU D 55 -43.82 21.39 12.02
CA GLU D 55 -44.06 20.08 12.61
C GLU D 55 -43.49 18.98 11.73
N ASN D 56 -42.83 18.00 12.36
CA ASN D 56 -42.32 16.83 11.68
C ASN D 56 -42.99 15.58 12.24
N LEU D 57 -42.96 14.51 11.45
CA LEU D 57 -43.56 13.24 11.83
C LEU D 57 -42.86 12.12 11.08
N LEU D 58 -42.43 11.11 11.81
CA LEU D 58 -41.59 10.07 11.24
C LEU D 58 -41.99 8.73 11.86
N TYR D 59 -42.20 7.72 11.02
CA TYR D 59 -42.53 6.39 11.48
C TYR D 59 -41.28 5.52 11.49
N LEU D 60 -41.13 4.71 12.53
CA LEU D 60 -39.97 3.85 12.67
C LEU D 60 -40.44 2.42 12.90
N ALA D 61 -39.55 1.53 13.33
CA ALA D 61 -39.95 0.18 13.66
C ALA D 61 -39.69 -0.19 15.12
N ARG D 62 -38.76 0.48 15.78
CA ARG D 62 -38.43 0.19 17.16
C ARG D 62 -38.50 1.46 17.99
N LYS D 63 -38.73 1.27 19.29
CA LYS D 63 -38.67 2.39 20.22
C LYS D 63 -37.25 2.92 20.36
N GLU D 64 -36.25 2.03 20.24
CA GLU D 64 -34.86 2.46 20.34
C GLU D 64 -34.45 3.30 19.15
N GLN D 65 -35.05 3.07 17.97
CA GLN D 65 -34.78 3.91 16.82
C GLN D 65 -35.34 5.32 17.01
N CYS D 66 -36.49 5.43 17.67
CA CYS D 66 -37.07 6.74 17.96
C CYS D 66 -36.24 7.50 18.97
N LEU D 67 -35.69 6.80 19.96
CA LEU D 67 -34.88 7.47 20.98
C LEU D 67 -33.47 7.73 20.50
N ALA D 68 -32.97 6.93 19.55
CA ALA D 68 -31.70 7.26 18.91
C ALA D 68 -31.86 8.51 18.05
N LEU D 69 -33.00 8.66 17.40
CA LEU D 69 -33.27 9.88 16.65
C LEU D 69 -33.47 11.07 17.59
N GLY D 70 -34.18 10.85 18.70
CA GLY D 70 -34.40 11.92 19.67
C GLY D 70 -33.13 12.36 20.36
N THR D 71 -32.15 11.47 20.52
CA THR D 71 -30.84 11.87 21.02
C THR D 71 -30.12 12.74 20.01
N GLN D 72 -30.30 12.45 18.72
CA GLN D 72 -29.71 13.29 17.68
C GLN D 72 -30.43 14.64 17.56
N LEU D 73 -31.71 14.70 17.93
CA LEU D 73 -32.45 15.95 17.87
C LEU D 73 -31.94 16.95 18.91
N ARG D 74 -31.43 16.46 20.03
CA ARG D 74 -30.90 17.34 21.07
C ARG D 74 -29.60 18.01 20.65
N THR D 75 -28.88 17.45 19.68
CA THR D 75 -27.74 18.16 19.12
C THR D 75 -28.17 19.33 18.26
N PHE D 76 -29.38 19.29 17.70
CA PHE D 76 -29.98 20.44 17.04
C PHE D 76 -30.80 21.31 17.99
N LYS D 77 -30.75 21.00 19.29
CA LYS D 77 -31.47 21.71 20.35
C LYS D 77 -32.99 21.71 20.11
N ILE D 78 -33.52 20.55 19.75
CA ILE D 78 -34.95 20.44 19.48
C ILE D 78 -35.73 20.30 20.78
N ASN D 79 -35.51 19.20 21.51
CA ASN D 79 -35.90 18.98 22.90
C ASN D 79 -37.40 18.98 23.16
N ASP D 80 -38.25 18.92 22.13
CA ASP D 80 -39.69 18.84 22.36
C ASP D 80 -40.31 17.66 21.62
N TYR D 81 -39.51 16.64 21.33
CA TYR D 81 -40.00 15.49 20.59
C TYR D 81 -40.91 14.62 21.44
N LYS D 82 -41.80 13.91 20.78
CA LYS D 82 -42.77 13.03 21.42
C LYS D 82 -42.78 11.71 20.68
N ILE D 83 -42.74 10.61 21.41
CA ILE D 83 -42.69 9.28 20.83
C ILE D 83 -43.98 8.56 21.17
N TYR D 84 -44.64 8.04 20.14
CA TYR D 84 -45.91 7.35 20.28
C TYR D 84 -45.73 5.88 19.98
N ARG D 85 -46.81 5.12 20.17
CA ARG D 85 -46.85 3.71 19.80
C ARG D 85 -48.23 3.43 19.23
N ILE D 86 -48.29 3.03 17.96
CA ILE D 86 -49.55 2.79 17.27
C ILE D 86 -49.66 1.29 17.03
N PHE D 87 -50.79 0.73 17.39
CA PHE D 87 -51.07 -0.68 17.18
C PHE D 87 -51.81 -0.89 15.87
N PRO D 88 -51.96 -2.13 15.41
CA PRO D 88 -52.97 -2.39 14.39
C PRO D 88 -54.35 -2.12 14.98
N SER D 89 -55.19 -1.47 14.16
CA SER D 89 -56.44 -0.75 14.44
C SER D 89 -56.19 0.60 15.11
N GLY D 90 -54.93 0.89 15.45
CA GLY D 90 -54.50 2.21 15.88
C GLY D 90 -55.11 2.73 17.16
N GLU D 91 -54.78 2.15 18.32
CA GLU D 91 -55.37 2.66 19.55
C GLU D 91 -54.84 4.05 19.88
N VAL D 92 -53.71 4.15 20.61
CA VAL D 92 -52.46 4.89 20.40
C VAL D 92 -51.83 4.79 21.80
N GLN D 93 -50.52 4.64 21.93
CA GLN D 93 -49.87 4.77 23.22
C GLN D 93 -48.89 5.93 23.17
N TYR D 94 -49.04 6.89 24.09
CA TYR D 94 -48.07 7.96 24.21
C TYR D 94 -46.97 7.53 25.18
N LEU D 95 -45.74 7.42 24.68
CA LEU D 95 -44.66 6.77 25.43
C LEU D 95 -43.70 7.77 26.07
N HIS D 96 -43.06 8.60 25.28
CA HIS D 96 -41.88 9.33 25.75
C HIS D 96 -42.04 10.81 25.42
N PRO D 97 -41.83 11.71 26.39
CA PRO D 97 -41.63 11.46 27.83
C PRO D 97 -42.95 11.07 28.49
N LYS D 98 -42.91 10.27 29.56
CA LYS D 98 -44.12 9.66 30.11
C LYS D 98 -45.05 10.72 30.70
N ASP D 99 -44.54 11.55 31.59
CA ASP D 99 -45.17 12.81 31.93
C ASP D 99 -44.61 13.88 30.98
N GLY D 100 -44.82 15.15 31.28
CA GLY D 100 -44.28 16.16 30.39
C GLY D 100 -42.78 16.33 30.47
N VAL D 101 -42.15 15.76 31.49
CA VAL D 101 -40.75 15.97 31.80
C VAL D 101 -39.95 14.76 31.37
N PHE D 102 -38.71 15.01 30.93
CA PHE D 102 -37.76 13.97 30.57
C PHE D 102 -37.45 13.08 31.79
N PRO D 103 -36.92 11.87 31.57
CA PRO D 103 -36.72 10.97 32.73
C PRO D 103 -35.59 11.39 33.67
N GLU D 104 -34.51 11.95 33.15
CA GLU D 104 -33.65 12.73 34.02
C GLU D 104 -34.32 14.09 34.24
N LYS D 105 -33.81 14.88 35.21
CA LYS D 105 -34.55 15.98 35.84
C LYS D 105 -35.80 15.38 36.49
N VAL D 106 -35.59 14.80 37.66
CA VAL D 106 -36.60 14.24 38.56
C VAL D 106 -37.84 15.13 38.68
N ASN D 107 -39.01 14.50 38.56
CA ASN D 107 -40.31 15.14 38.61
C ASN D 107 -41.06 14.67 39.84
N PRO D 108 -41.64 15.57 40.62
CA PRO D 108 -42.52 15.13 41.72
C PRO D 108 -43.79 14.49 41.20
N GLY D 109 -44.30 13.54 41.97
CA GLY D 109 -45.41 12.72 41.55
C GLY D 109 -45.00 11.38 40.98
N ARG D 110 -43.73 11.21 40.65
CA ARG D 110 -43.23 9.92 40.23
C ARG D 110 -43.07 9.00 41.43
N THR D 111 -43.24 7.71 41.20
CA THR D 111 -43.21 6.70 42.25
C THR D 111 -42.09 5.72 41.96
N SER D 112 -41.31 5.38 42.99
CA SER D 112 -40.20 4.45 42.84
C SER D 112 -40.72 3.05 42.54
N VAL D 113 -40.23 2.48 41.44
CA VAL D 113 -40.60 1.13 41.01
C VAL D 113 -39.34 0.29 41.04
N ASN D 114 -39.47 -0.96 41.47
CA ASN D 114 -38.42 -1.98 41.44
C ASN D 114 -37.22 -1.61 42.29
N SER D 115 -37.45 -0.88 43.37
CA SER D 115 -36.39 -0.54 44.29
C SER D 115 -36.27 -1.61 45.36
N ARG D 116 -35.02 -1.91 45.74
CA ARG D 116 -34.73 -2.81 46.85
C ARG D 116 -33.95 -2.01 47.89
N ASP D 117 -34.39 -2.09 49.14
CA ASP D 117 -33.97 -1.17 50.17
C ASP D 117 -32.74 -1.66 50.96
N PHE D 118 -31.86 -2.40 50.30
CA PHE D 118 -30.58 -2.79 50.86
C PHE D 118 -29.55 -2.71 49.74
N SER D 119 -28.28 -2.83 50.12
CA SER D 119 -27.25 -2.92 49.11
C SER D 119 -27.30 -4.30 48.46
N ILE D 120 -26.58 -4.43 47.34
CA ILE D 120 -26.74 -5.60 46.48
C ILE D 120 -26.20 -6.87 47.14
N GLY D 121 -25.22 -6.74 48.04
CA GLY D 121 -24.70 -7.89 48.75
C GLY D 121 -25.62 -8.50 49.78
N LYS D 122 -26.81 -7.94 49.98
CA LYS D 122 -27.79 -8.46 50.94
C LYS D 122 -28.90 -9.26 50.27
N ASN D 123 -28.68 -9.73 49.05
CA ASN D 123 -29.68 -10.56 48.38
C ASN D 123 -29.70 -11.95 49.02
N PRO D 124 -30.84 -12.63 49.00
CA PRO D 124 -30.91 -13.98 49.58
C PRO D 124 -30.08 -14.99 48.81
N ASN D 125 -29.78 -16.08 49.47
CA ASN D 125 -29.05 -17.17 48.87
C ASN D 125 -29.96 -17.98 47.95
N PRO D 126 -29.44 -18.50 46.84
CA PRO D 126 -30.28 -19.29 45.93
C PRO D 126 -30.76 -20.61 46.51
N ALA D 127 -29.99 -21.23 47.42
CA ALA D 127 -30.42 -22.48 48.03
C ALA D 127 -31.54 -22.29 49.03
N SER D 128 -31.74 -21.07 49.53
CA SER D 128 -32.79 -20.79 50.50
C SER D 128 -34.16 -20.60 49.86
N ILE D 129 -34.24 -20.55 48.54
CA ILE D 129 -35.50 -20.34 47.84
C ILE D 129 -35.73 -21.44 46.82
N LYS D 130 -35.21 -22.62 47.10
CA LYS D 130 -35.31 -23.74 46.16
C LYS D 130 -36.75 -24.22 46.03
N PHE D 131 -37.12 -24.61 44.81
CA PHE D 131 -38.44 -25.10 44.41
C PHE D 131 -39.55 -24.08 44.59
N SER D 132 -39.20 -22.81 44.71
CA SER D 132 -40.16 -21.72 44.54
C SER D 132 -40.04 -21.19 43.12
N GLY D 133 -41.03 -20.40 42.74
CA GLY D 133 -40.92 -19.76 41.44
C GLY D 133 -40.03 -18.54 41.40
N THR D 134 -39.52 -18.11 42.55
CA THR D 134 -38.91 -16.80 42.69
C THR D 134 -37.39 -16.89 42.49
N THR D 135 -36.81 -15.80 42.00
CA THR D 135 -35.37 -15.66 41.95
C THR D 135 -34.88 -14.97 43.22
N THR D 136 -33.56 -14.80 43.33
CA THR D 136 -32.99 -14.18 44.53
C THR D 136 -33.32 -12.70 44.59
N TYR D 137 -33.07 -11.99 43.50
CA TYR D 137 -33.78 -10.74 43.25
C TYR D 137 -35.25 -11.08 43.06
N GLU D 138 -36.13 -10.32 43.70
CA GLU D 138 -37.53 -10.68 43.67
C GLU D 138 -38.27 -9.93 42.56
N VAL E 2 -15.87 7.58 63.01
CA VAL E 2 -14.81 8.03 62.11
C VAL E 2 -15.00 9.52 61.80
N GLY E 3 -13.92 10.16 61.37
CA GLY E 3 -13.98 11.54 60.95
C GLY E 3 -13.31 11.70 59.59
N ARG E 4 -13.40 12.91 59.04
CA ARG E 4 -12.80 13.16 57.74
C ARG E 4 -11.29 13.24 57.85
N GLY E 5 -10.60 12.64 56.88
CA GLY E 5 -9.17 12.53 56.91
C GLY E 5 -8.64 11.28 57.58
N SER E 6 -9.52 10.43 58.12
CA SER E 6 -9.09 9.24 58.83
C SER E 6 -8.94 8.07 57.86
N LYS E 7 -8.03 7.15 58.21
CA LYS E 7 -7.79 5.95 57.41
C LYS E 7 -8.73 4.86 57.88
N VAL E 8 -9.55 4.35 56.97
CA VAL E 8 -10.54 3.35 57.30
C VAL E 8 -10.31 2.11 56.46
N ARG E 9 -10.79 0.98 56.96
CA ARG E 9 -10.79 -0.27 56.23
C ARG E 9 -12.22 -0.70 55.92
N ILE E 10 -12.45 -1.14 54.68
CA ILE E 10 -13.79 -1.42 54.19
C ILE E 10 -14.21 -2.81 54.63
N LEU E 11 -15.45 -2.95 55.09
CA LEU E 11 -16.01 -4.23 55.51
C LEU E 11 -17.30 -4.58 54.75
N ARG E 12 -17.45 -4.09 53.52
CA ARG E 12 -18.72 -4.25 52.81
C ARG E 12 -18.91 -5.67 52.29
N LYS E 13 -17.82 -6.32 51.86
CA LYS E 13 -17.61 -7.65 51.27
C LYS E 13 -18.03 -7.75 49.82
N GLU E 14 -18.78 -6.81 49.26
CA GLU E 14 -18.98 -6.80 47.82
C GLU E 14 -18.27 -5.62 47.18
N SER E 15 -17.61 -4.80 47.99
CA SER E 15 -16.82 -3.72 47.45
C SER E 15 -15.55 -4.25 46.81
N TYR E 16 -15.06 -3.52 45.82
CA TYR E 16 -13.73 -3.78 45.28
C TYR E 16 -12.65 -3.61 46.34
N TRP E 17 -12.85 -2.67 47.25
CA TRP E 17 -11.84 -2.29 48.23
C TRP E 17 -12.06 -2.94 49.58
N PHE E 18 -12.77 -4.07 49.63
CA PHE E 18 -12.95 -4.80 50.88
C PHE E 18 -11.60 -5.26 51.41
N ASN E 19 -11.38 -5.03 52.71
CA ASN E 19 -10.13 -5.20 53.46
C ASN E 19 -9.02 -4.26 53.01
N GLN E 20 -9.31 -3.27 52.18
CA GLN E 20 -8.32 -2.29 51.77
C GLN E 20 -8.55 -0.97 52.49
N VAL E 21 -7.53 -0.12 52.45
CA VAL E 21 -7.51 1.12 53.22
C VAL E 21 -7.87 2.28 52.31
N GLY E 22 -8.87 3.07 52.73
CA GLY E 22 -9.16 4.33 52.10
C GLY E 22 -9.19 5.45 53.13
N THR E 23 -9.36 6.68 52.63
CA THR E 23 -9.38 7.87 53.47
C THR E 23 -10.75 8.51 53.39
N VAL E 24 -11.32 8.87 54.54
CA VAL E 24 -12.63 9.48 54.59
C VAL E 24 -12.51 10.93 54.13
N ALA E 25 -13.24 11.27 53.07
CA ALA E 25 -13.24 12.65 52.57
C ALA E 25 -14.28 13.50 53.29
N THR E 26 -15.55 13.08 53.26
CA THR E 26 -16.63 13.79 53.93
C THR E 26 -17.53 12.77 54.61
N ILE E 27 -18.24 13.23 55.64
CA ILE E 27 -19.28 12.46 56.28
C ILE E 27 -20.53 13.33 56.35
N ASP E 28 -21.58 12.91 55.66
CA ASP E 28 -22.82 13.67 55.64
C ASP E 28 -23.57 13.51 56.96
N GLN E 29 -24.15 14.61 57.43
CA GLN E 29 -24.85 14.63 58.70
C GLN E 29 -26.36 14.69 58.54
N SER E 30 -26.86 14.60 57.31
CA SER E 30 -28.28 14.82 57.04
C SER E 30 -29.14 13.62 57.40
N GLY E 31 -28.54 12.44 57.58
CA GLY E 31 -29.31 11.24 57.81
C GLY E 31 -29.48 10.34 56.60
N ILE E 32 -28.61 10.45 55.60
CA ILE E 32 -28.68 9.62 54.41
C ILE E 32 -28.15 8.23 54.73
N ARG E 33 -28.34 7.29 53.81
CA ARG E 33 -28.08 5.88 54.10
C ARG E 33 -26.58 5.57 54.12
N TYR E 34 -25.81 6.21 53.26
CA TYR E 34 -24.38 5.93 53.14
C TYR E 34 -23.63 7.26 53.17
N PRO E 35 -23.37 7.79 54.37
CA PRO E 35 -22.94 9.18 54.47
C PRO E 35 -21.46 9.45 54.29
N ALA E 36 -20.61 8.44 54.49
CA ALA E 36 -19.16 8.64 54.48
C ALA E 36 -18.61 8.36 53.09
N LEU E 37 -18.08 9.40 52.45
CA LEU E 37 -17.41 9.26 51.16
C LEU E 37 -15.93 8.97 51.41
N VAL E 38 -15.46 7.82 50.93
CA VAL E 38 -14.10 7.34 51.16
C VAL E 38 -13.36 7.35 49.83
N ARG E 39 -12.15 7.90 49.82
CA ARG E 39 -11.30 7.94 48.64
C ARG E 39 -10.24 6.86 48.72
N PHE E 40 -9.91 6.27 47.58
CA PHE E 40 -8.94 5.18 47.50
C PHE E 40 -7.83 5.56 46.53
N GLU E 41 -6.71 4.84 46.65
CA GLU E 41 -5.57 5.08 45.79
C GLU E 41 -5.53 4.15 44.58
N SER E 42 -6.15 2.98 44.70
CA SER E 42 -6.25 2.04 43.61
C SER E 42 -7.64 2.11 43.01
N VAL E 43 -7.73 2.12 41.69
CA VAL E 43 -9.03 2.20 41.04
C VAL E 43 -9.67 0.81 41.01
N ASN E 44 -10.98 0.79 40.88
CA ASN E 44 -11.71 -0.46 40.74
C ASN E 44 -11.79 -0.84 39.26
N TYR E 45 -12.63 -1.81 38.92
CA TYR E 45 -12.74 -2.25 37.54
C TYR E 45 -13.44 -1.25 36.65
N ALA E 46 -14.25 -0.37 37.22
CA ALA E 46 -14.86 0.71 36.46
C ALA E 46 -13.97 1.95 36.37
N GLY E 47 -12.82 1.94 37.02
CA GLY E 47 -11.96 3.09 37.06
C GLY E 47 -12.32 4.12 38.09
N THR E 48 -13.29 3.83 38.96
CA THR E 48 -13.67 4.72 40.04
C THR E 48 -12.68 4.55 41.19
N ASN E 49 -12.39 5.64 41.90
CA ASN E 49 -11.47 5.58 43.03
C ASN E 49 -12.10 6.12 44.32
N SER E 50 -13.42 6.23 44.38
CA SER E 50 -14.08 6.69 45.59
C SER E 50 -15.48 6.08 45.65
N ASN E 51 -16.01 5.98 46.87
CA ASN E 51 -17.32 5.37 47.07
C ASN E 51 -17.88 5.79 48.42
N ASN E 52 -19.21 5.80 48.51
CA ASN E 52 -19.91 6.12 49.75
C ASN E 52 -20.16 4.86 50.55
N PHE E 53 -19.96 4.95 51.86
CA PHE E 53 -20.15 3.82 52.75
C PHE E 53 -20.93 4.26 53.97
N ALA E 54 -21.61 3.30 54.59
CA ALA E 54 -22.16 3.51 55.92
C ALA E 54 -21.02 3.46 56.95
N LEU E 55 -21.33 3.90 58.17
CA LEU E 55 -20.31 3.95 59.20
C LEU E 55 -19.99 2.57 59.75
N ASP E 56 -20.94 1.63 59.70
CA ASP E 56 -20.66 0.27 60.15
C ASP E 56 -19.86 -0.54 59.14
N GLU E 57 -19.73 -0.06 57.91
CA GLU E 57 -18.89 -0.71 56.91
C GLU E 57 -17.45 -0.23 56.97
N LEU E 58 -17.14 0.72 57.84
CA LEU E 58 -15.79 1.26 57.98
C LEU E 58 -15.19 0.80 59.29
N LYS E 59 -13.88 0.55 59.28
CA LYS E 59 -13.14 0.15 60.47
C LYS E 59 -11.93 1.05 60.58
N GLU E 60 -11.77 1.71 61.73
CA GLU E 60 -10.67 2.63 61.95
C GLU E 60 -9.33 1.93 61.93
N VAL E 61 -8.42 2.42 61.10
CA VAL E 61 -7.07 1.89 61.03
C VAL E 61 -6.17 2.61 62.01
N GLU F 25 25.38 -46.79 35.78
CA GLU F 25 24.63 -47.99 35.45
C GLU F 25 23.45 -48.16 36.40
N ILE F 26 22.75 -47.06 36.65
CA ILE F 26 21.74 -47.01 37.70
C ILE F 26 20.47 -47.75 37.27
N GLY F 27 19.78 -47.22 36.27
CA GLY F 27 18.52 -47.81 35.82
C GLY F 27 18.69 -48.71 34.63
N GLY F 28 19.65 -49.62 34.67
CA GLY F 28 19.96 -50.43 33.51
C GLY F 28 20.62 -49.67 32.39
N LEU F 29 21.18 -48.50 32.67
CA LEU F 29 21.91 -47.72 31.69
C LEU F 29 23.38 -48.13 31.69
N THR F 30 24.16 -47.47 30.85
CA THR F 30 25.61 -47.64 30.84
C THR F 30 26.26 -46.26 30.80
N LYS F 31 27.50 -46.19 31.27
CA LYS F 31 28.25 -44.95 31.17
C LYS F 31 28.62 -44.69 29.72
N CYS F 32 28.61 -43.41 29.33
CA CYS F 32 28.80 -43.05 27.93
C CYS F 32 30.23 -43.30 27.45
N SER F 33 31.20 -43.37 28.36
CA SER F 33 32.55 -43.76 27.98
C SER F 33 32.68 -45.24 27.66
N ASP F 34 31.68 -46.05 28.04
CA ASP F 34 31.74 -47.49 27.85
C ASP F 34 30.62 -48.00 26.96
N SER F 35 29.87 -47.14 26.29
CA SER F 35 28.79 -47.60 25.45
C SER F 35 29.15 -47.41 23.99
N PRO F 36 29.00 -48.45 23.15
CA PRO F 36 29.39 -48.31 21.74
C PRO F 36 28.45 -47.44 20.93
N ALA F 37 27.18 -47.31 21.34
CA ALA F 37 26.25 -46.49 20.58
C ALA F 37 26.54 -45.01 20.76
N PHE F 38 27.21 -44.63 21.84
CA PHE F 38 27.70 -43.27 21.98
C PHE F 38 28.95 -43.07 21.14
N ALA F 39 29.80 -44.09 21.05
CA ALA F 39 30.95 -44.05 20.19
C ALA F 39 30.56 -44.04 18.72
N LYS F 40 29.45 -44.71 18.37
CA LYS F 40 29.01 -44.73 16.99
C LYS F 40 28.41 -43.39 16.59
N ARG F 41 27.82 -42.66 17.54
CA ARG F 41 27.28 -41.34 17.22
C ARG F 41 28.39 -40.32 17.03
N GLU F 42 29.48 -40.45 17.79
CA GLU F 42 30.64 -39.59 17.63
C GLU F 42 31.33 -39.83 16.30
N LYS F 43 31.40 -41.10 15.89
CA LYS F 43 32.00 -41.43 14.60
C LYS F 43 31.15 -40.95 13.45
N ALA F 44 29.82 -41.05 13.57
CA ALA F 44 28.94 -40.67 12.47
C ALA F 44 28.80 -39.17 12.32
N SER F 45 28.83 -38.42 13.42
CA SER F 45 28.66 -36.97 13.33
C SER F 45 29.92 -36.28 12.84
N ILE F 46 31.09 -36.84 13.15
CA ILE F 46 32.34 -36.30 12.60
C ILE F 46 32.46 -36.67 11.13
N LYS F 47 32.02 -37.87 10.76
CA LYS F 47 32.10 -38.32 9.37
C LYS F 47 31.18 -37.51 8.46
N LYS F 48 30.05 -37.01 8.98
CA LYS F 48 29.19 -36.15 8.19
C LYS F 48 29.84 -34.79 7.95
N LEU F 49 30.56 -34.28 8.96
CA LEU F 49 31.25 -33.01 8.79
C LEU F 49 32.48 -33.15 7.90
N GLU F 50 33.16 -34.30 7.95
CA GLU F 50 34.36 -34.49 7.13
C GLU F 50 34.00 -34.69 5.67
N GLN F 51 32.83 -35.24 5.38
CA GLN F 51 32.38 -35.36 4.00
C GLN F 51 32.07 -34.01 3.37
N ARG F 52 31.54 -33.07 4.17
CA ARG F 52 31.30 -31.73 3.65
C ARG F 52 32.60 -30.97 3.46
N LYS F 53 33.57 -31.17 4.35
CA LYS F 53 34.87 -30.52 4.24
C LYS F 53 35.68 -31.04 3.05
N SER F 54 35.41 -32.27 2.61
CA SER F 54 36.13 -32.83 1.47
C SER F 54 35.77 -32.16 0.16
N THR F 55 34.62 -31.50 0.08
CA THR F 55 34.21 -30.81 -1.15
C THR F 55 34.83 -29.42 -1.26
N TYR F 56 35.56 -28.97 -0.26
CA TYR F 56 36.30 -27.71 -0.31
C TYR F 56 37.79 -28.00 -0.27
N GLU F 57 38.57 -27.11 -0.86
CA GLU F 57 40.03 -27.23 -0.73
C GLU F 57 40.47 -26.62 0.59
N ALA F 58 41.79 -26.63 0.82
CA ALA F 58 42.35 -26.61 2.18
C ALA F 58 42.17 -25.26 2.89
N GLY F 59 42.58 -24.17 2.27
CA GLY F 59 42.65 -22.92 3.00
C GLY F 59 41.41 -22.06 3.00
N THR F 60 40.31 -22.53 2.45
CA THR F 60 39.11 -21.74 2.26
C THR F 60 38.38 -21.51 3.59
N PRO F 61 37.65 -20.40 3.71
CA PRO F 61 36.84 -20.16 4.92
C PRO F 61 35.72 -21.16 5.13
N PRO F 62 35.13 -21.80 4.09
CA PRO F 62 34.30 -22.97 4.40
C PRO F 62 35.05 -24.15 5.00
N ALA F 63 36.28 -24.41 4.56
CA ALA F 63 37.03 -25.50 5.17
C ALA F 63 37.56 -25.14 6.54
N LEU F 64 37.88 -23.86 6.77
CA LEU F 64 38.31 -23.45 8.10
C LEU F 64 37.15 -23.42 9.08
N ALA F 65 35.94 -23.15 8.59
CA ALA F 65 34.78 -23.21 9.48
C ALA F 65 34.44 -24.65 9.83
N LEU F 66 34.52 -25.55 8.85
CA LEU F 66 34.18 -26.95 9.10
C LEU F 66 35.24 -27.65 9.92
N GLN F 67 36.48 -27.18 9.88
CA GLN F 67 37.50 -27.73 10.76
C GLN F 67 37.25 -27.32 12.21
N GLN F 68 36.73 -26.12 12.43
CA GLN F 68 36.38 -25.72 13.79
C GLN F 68 35.17 -26.49 14.31
N GLN F 69 34.22 -26.83 13.44
CA GLN F 69 33.07 -27.62 13.86
C GLN F 69 33.46 -29.05 14.20
N ILE F 70 34.47 -29.60 13.51
CA ILE F 70 34.95 -30.94 13.83
C ILE F 70 35.63 -30.94 15.19
N GLU F 71 36.41 -29.91 15.49
CA GLU F 71 37.06 -29.81 16.79
C GLU F 71 36.06 -29.54 17.91
N ARG F 72 34.98 -28.83 17.61
CA ARG F 72 33.96 -28.60 18.63
C ARG F 72 33.09 -29.83 18.84
N THR F 73 32.81 -30.58 17.77
CA THR F 73 32.11 -31.85 17.91
C THR F 73 32.97 -32.86 18.65
N GLU F 74 34.27 -32.89 18.36
CA GLU F 74 35.17 -33.81 19.04
C GLU F 74 35.33 -33.45 20.52
N ALA F 75 35.43 -32.15 20.83
CA ALA F 75 35.55 -31.73 22.22
C ALA F 75 34.27 -31.98 23.01
N ARG F 76 33.11 -31.91 22.35
CA ARG F 76 31.85 -32.15 23.02
C ARG F 76 31.68 -33.63 23.37
N PHE F 77 32.03 -34.51 22.44
CA PHE F 77 31.85 -35.94 22.67
C PHE F 77 32.87 -36.49 23.66
N ASP F 78 34.08 -35.94 23.69
CA ASP F 78 35.04 -36.37 24.70
C ASP F 78 34.72 -35.80 26.08
N LYS F 79 34.09 -34.64 26.14
CA LYS F 79 33.67 -34.09 27.42
C LYS F 79 32.56 -34.93 28.04
N TYR F 80 31.63 -35.41 27.22
CA TYR F 80 30.53 -36.22 27.75
C TYR F 80 30.99 -37.61 28.15
N SER F 81 32.09 -38.10 27.56
CA SER F 81 32.59 -39.43 27.91
C SER F 81 33.16 -39.46 29.32
N ARG F 82 33.97 -38.46 29.68
CA ARG F 82 34.73 -38.48 30.92
C ARG F 82 33.97 -37.86 32.09
N SER F 83 32.64 -37.77 32.03
CA SER F 83 31.91 -36.92 32.97
C SER F 83 30.64 -37.57 33.47
N GLU F 84 30.71 -38.83 33.89
CA GLU F 84 29.70 -39.53 34.70
C GLU F 84 28.33 -39.66 34.05
N LEU F 85 28.16 -39.23 32.81
CA LEU F 85 26.86 -39.25 32.16
C LEU F 85 26.51 -40.68 31.76
N LEU F 86 25.27 -41.08 32.05
CA LEU F 86 24.80 -42.40 31.69
C LEU F 86 24.14 -42.35 30.33
N CYS F 87 24.50 -43.28 29.47
CA CYS F 87 23.91 -43.40 28.15
C CYS F 87 22.93 -44.56 28.11
N GLY F 88 21.89 -44.41 27.31
CA GLY F 88 20.96 -45.49 27.05
C GLY F 88 21.43 -46.36 25.90
N ALA F 89 20.51 -47.18 25.40
CA ALA F 89 20.81 -48.00 24.23
C ALA F 89 20.92 -47.17 22.96
N ASP F 90 20.31 -45.99 22.96
CA ASP F 90 20.35 -45.06 21.84
C ASP F 90 21.66 -44.29 21.75
N GLY F 91 22.54 -44.40 22.75
CA GLY F 91 23.78 -43.68 22.73
C GLY F 91 23.67 -42.23 23.12
N LEU F 92 22.57 -41.84 23.73
CA LEU F 92 22.42 -40.46 24.16
C LEU F 92 22.50 -40.37 25.68
N PRO F 93 23.07 -39.29 26.22
CA PRO F 93 23.19 -39.19 27.68
C PRO F 93 21.85 -38.95 28.35
N HIS F 94 21.56 -39.73 29.38
CA HIS F 94 20.37 -39.55 30.20
C HIS F 94 20.76 -38.97 31.56
N LEU F 95 19.95 -38.07 32.06
CA LEU F 95 20.18 -37.45 33.37
C LEU F 95 19.38 -38.17 34.44
N ILE F 96 20.01 -38.37 35.59
CA ILE F 96 19.37 -38.97 36.76
C ILE F 96 19.10 -37.86 37.75
N ALA F 97 17.84 -37.72 38.16
CA ALA F 97 17.44 -36.66 39.08
C ALA F 97 16.52 -37.22 40.16
N ASP F 98 16.95 -38.29 40.82
CA ASP F 98 16.24 -38.82 41.97
C ASP F 98 16.75 -38.25 43.29
N GLY F 99 17.82 -37.48 43.25
CA GLY F 99 18.39 -36.90 44.46
C GLY F 99 19.80 -37.33 44.77
N ARG F 100 20.34 -38.34 44.10
CA ARG F 100 21.66 -38.84 44.45
C ARG F 100 22.75 -37.86 44.02
N TRP F 101 23.77 -37.75 44.85
CA TRP F 101 24.82 -36.76 44.65
C TRP F 101 25.91 -37.24 43.71
N SER F 102 25.88 -38.51 43.29
CA SER F 102 26.77 -38.95 42.24
C SER F 102 26.38 -38.40 40.88
N HIS F 103 25.15 -37.94 40.72
CA HIS F 103 24.69 -37.24 39.54
C HIS F 103 24.20 -35.85 39.91
N ALA F 104 24.91 -35.20 40.83
CA ALA F 104 24.51 -33.88 41.32
C ALA F 104 24.72 -32.81 40.26
N ALA F 105 25.70 -33.00 39.37
CA ALA F 105 25.99 -32.02 38.34
C ALA F 105 24.94 -31.98 37.24
N GLU F 106 24.06 -32.97 37.17
CA GLU F 106 23.04 -33.00 36.14
C GLU F 106 21.81 -32.20 36.52
N PHE F 107 21.38 -32.27 37.76
CA PHE F 107 20.19 -31.49 38.08
C PHE F 107 20.34 -30.64 39.34
N MET F 108 20.97 -31.17 40.39
CA MET F 108 20.89 -30.49 41.69
C MET F 108 21.89 -29.35 41.79
N LEU F 109 23.08 -29.53 41.26
CA LEU F 109 24.03 -28.42 41.20
C LEU F 109 23.64 -27.32 40.21
N PRO F 110 23.10 -27.61 39.01
CA PRO F 110 22.44 -26.51 38.26
C PRO F 110 21.16 -26.05 38.93
N GLY F 111 20.58 -26.87 39.80
CA GLY F 111 19.35 -26.47 40.46
C GLY F 111 19.59 -25.48 41.58
N PHE F 112 20.69 -25.63 42.31
CA PHE F 112 21.05 -24.63 43.30
C PHE F 112 21.42 -23.32 42.64
N GLY F 113 22.06 -23.39 41.47
CA GLY F 113 22.39 -22.18 40.74
C GLY F 113 21.19 -21.44 40.21
N PHE F 114 20.14 -22.18 39.82
CA PHE F 114 18.92 -21.50 39.38
C PHE F 114 18.20 -20.85 40.55
N ILE F 115 18.07 -21.56 41.68
CA ILE F 115 17.27 -21.08 42.79
C ILE F 115 17.90 -19.83 43.40
N TYR F 116 19.24 -19.79 43.43
CA TYR F 116 19.94 -18.60 43.90
C TYR F 116 19.72 -17.41 42.98
N ILE F 117 19.73 -17.62 41.67
CA ILE F 117 19.55 -16.50 40.74
C ILE F 117 18.09 -16.09 40.67
N SER F 118 17.18 -17.04 40.56
CA SER F 118 15.75 -16.70 40.46
C SER F 118 15.23 -16.16 41.78
N GLY F 119 15.77 -16.62 42.90
CA GLY F 119 15.42 -16.02 44.17
C GLY F 119 15.94 -14.61 44.31
N TRP F 120 17.10 -14.32 43.71
CA TRP F 120 17.65 -12.98 43.65
C TRP F 120 16.74 -12.05 42.85
N ILE F 121 16.33 -12.48 41.66
CA ILE F 121 15.51 -11.65 40.77
C ILE F 121 14.16 -11.37 41.41
N GLY F 122 13.57 -12.39 42.03
CA GLY F 122 12.30 -12.18 42.71
C GLY F 122 12.41 -11.29 43.92
N TRP F 123 13.49 -11.44 44.69
CA TRP F 123 13.63 -10.68 45.93
C TRP F 123 13.84 -9.20 45.66
N VAL F 124 14.66 -8.86 44.65
CA VAL F 124 14.90 -7.45 44.36
C VAL F 124 13.78 -6.83 43.55
N GLY F 125 12.99 -7.64 42.84
CA GLY F 125 11.78 -7.10 42.22
C GLY F 125 10.72 -6.80 43.25
N ARG F 126 10.62 -7.65 44.26
CA ARG F 126 9.73 -7.37 45.38
C ARG F 126 10.24 -6.21 46.22
N LYS F 127 11.57 -6.11 46.39
CA LYS F 127 12.15 -5.04 47.18
C LYS F 127 12.00 -3.68 46.51
N TYR F 128 12.10 -3.62 45.19
CA TYR F 128 11.93 -2.36 44.49
C TYR F 128 10.47 -1.91 44.50
N LEU F 129 9.54 -2.86 44.46
CA LEU F 129 8.13 -2.54 44.45
C LEU F 129 7.69 -1.91 45.76
N ARG F 130 8.11 -2.49 46.88
CA ARG F 130 7.75 -1.95 48.18
C ARG F 130 8.50 -0.66 48.48
N ALA F 131 9.66 -0.45 47.86
CA ALA F 131 10.39 0.79 48.04
C ALA F 131 9.67 1.96 47.40
N VAL F 132 9.22 1.80 46.15
CA VAL F 132 8.53 2.86 45.45
C VAL F 132 7.04 2.90 45.76
N SER F 133 6.53 1.96 46.57
CA SER F 133 5.13 1.93 46.93
C SER F 133 4.72 3.07 47.85
N THR F 134 5.68 3.73 48.49
CA THR F 134 5.40 4.81 49.41
C THR F 134 5.67 6.18 48.80
N THR F 135 6.02 6.24 47.52
CA THR F 135 6.22 7.51 46.86
C THR F 135 4.87 8.12 46.48
N LYS F 136 4.92 9.28 45.82
CA LYS F 136 3.70 10.03 45.53
C LYS F 136 2.90 9.35 44.43
N ASN F 137 3.54 9.03 43.32
CA ASN F 137 2.90 8.32 42.21
C ASN F 137 3.68 7.04 41.98
N PRO F 138 3.30 5.93 42.64
CA PRO F 138 4.10 4.71 42.54
C PRO F 138 4.03 4.04 41.19
N ALA F 139 3.02 4.34 40.38
CA ALA F 139 2.90 3.70 39.09
C ALA F 139 3.85 4.29 38.06
N GLU F 140 4.17 5.57 38.18
CA GLU F 140 5.12 6.17 37.23
C GLU F 140 6.54 5.70 37.49
N SER F 141 6.85 5.33 38.73
CA SER F 141 8.15 4.75 39.04
C SER F 141 8.23 3.27 38.69
N GLU F 142 7.19 2.70 38.07
CA GLU F 142 7.24 1.36 37.52
C GLU F 142 7.26 1.32 36.01
N ILE F 143 6.76 2.36 35.33
CA ILE F 143 6.98 2.47 33.89
C ILE F 143 8.23 3.28 33.58
N ILE F 144 8.62 4.19 34.46
CA ILE F 144 9.87 4.92 34.36
C ILE F 144 10.66 4.56 35.59
N ILE F 145 11.60 3.62 35.45
CA ILE F 145 12.29 3.06 36.60
C ILE F 145 13.27 4.07 37.16
N ASN F 146 13.21 4.28 38.47
CA ASN F 146 14.28 4.95 39.19
C ASN F 146 15.48 4.03 39.15
N VAL F 147 16.40 4.29 38.21
CA VAL F 147 17.55 3.43 37.95
C VAL F 147 18.59 3.44 39.09
N PRO F 148 18.99 4.57 39.71
CA PRO F 148 19.91 4.46 40.84
C PRO F 148 19.33 3.75 42.05
N LEU F 149 18.03 3.89 42.30
CA LEU F 149 17.40 3.13 43.38
C LEU F 149 17.31 1.66 43.02
N ALA F 150 16.99 1.35 41.76
CA ALA F 150 16.86 -0.04 41.33
C ALA F 150 18.21 -0.74 41.31
N LEU F 151 19.25 -0.06 40.84
CA LEU F 151 20.60 -0.64 40.82
C LEU F 151 21.13 -0.83 42.23
N LYS F 152 20.76 0.04 43.16
CA LYS F 152 21.15 -0.15 44.56
C LYS F 152 20.45 -1.36 45.16
N ILE F 153 19.15 -1.51 44.88
CA ILE F 153 18.35 -2.59 45.43
C ILE F 153 18.77 -3.93 44.81
N MET F 154 19.21 -3.91 43.56
CA MET F 154 19.54 -5.14 42.85
C MET F 154 20.80 -5.82 43.40
N THR F 155 21.76 -5.05 43.87
CA THR F 155 22.97 -5.65 44.45
C THR F 155 22.75 -6.21 45.83
N THR F 156 21.64 -5.88 46.48
CA THR F 156 21.30 -6.45 47.79
C THR F 156 20.75 -7.86 47.68
N GLY F 157 20.52 -8.36 46.47
CA GLY F 157 19.93 -9.67 46.30
C GLY F 157 20.84 -10.84 46.49
N TYR F 158 22.14 -10.60 46.70
CA TYR F 158 23.07 -11.70 46.85
C TYR F 158 22.95 -12.38 48.20
N ILE F 159 22.29 -11.75 49.17
CA ILE F 159 22.01 -12.39 50.44
C ILE F 159 20.51 -12.52 50.63
N TRP F 160 19.77 -12.71 49.53
CA TRP F 160 18.34 -12.94 49.60
C TRP F 160 17.88 -14.12 50.48
N PRO F 161 18.60 -15.25 50.66
CA PRO F 161 18.10 -16.24 51.62
C PRO F 161 18.19 -15.79 53.07
N ILE F 162 19.13 -14.90 53.40
CA ILE F 162 19.19 -14.36 54.75
C ILE F 162 18.09 -13.35 54.99
N SER F 163 17.88 -12.43 54.05
CA SER F 163 16.86 -11.40 54.22
C SER F 163 15.45 -11.93 54.03
N ALA F 164 15.26 -13.04 53.32
CA ALA F 164 13.95 -13.63 53.26
C ALA F 164 13.59 -14.34 54.56
N TRP F 165 14.58 -14.93 55.24
CA TRP F 165 14.32 -15.50 56.55
C TRP F 165 14.09 -14.41 57.60
N GLU F 166 14.80 -13.28 57.48
CA GLU F 166 14.61 -12.19 58.43
C GLU F 166 13.26 -11.52 58.25
N GLU F 167 12.79 -11.40 57.01
CA GLU F 167 11.48 -10.81 56.76
C GLU F 167 10.36 -11.77 57.13
N LEU F 168 10.61 -13.08 57.05
CA LEU F 168 9.62 -14.07 57.45
C LEU F 168 9.39 -14.03 58.95
N VAL F 169 10.46 -13.89 59.73
CA VAL F 169 10.33 -13.86 61.19
C VAL F 169 9.72 -12.54 61.64
N SER F 170 10.23 -11.43 61.11
CA SER F 170 9.81 -10.10 61.56
C SER F 170 8.40 -9.74 61.13
N GLY F 171 7.79 -10.49 60.21
CA GLY F 171 6.44 -10.22 59.78
C GLY F 171 6.32 -9.38 58.54
N ASP F 172 7.43 -8.88 58.01
CA ASP F 172 7.39 -8.04 56.82
C ASP F 172 7.16 -8.84 55.55
N LEU F 173 7.32 -10.15 55.59
CA LEU F 173 7.16 -10.95 54.38
C LEU F 173 5.69 -11.26 54.11
N VAL F 174 4.97 -11.73 55.12
CA VAL F 174 3.61 -12.23 54.95
C VAL F 174 2.63 -11.20 55.48
N ALA F 175 1.67 -10.82 54.64
CA ALA F 175 0.60 -9.93 55.04
C ALA F 175 -0.42 -10.65 55.90
N LEU F 176 -1.06 -9.89 56.79
CA LEU F 176 -2.16 -10.43 57.56
C LEU F 176 -3.40 -10.57 56.69
N ASP F 177 -4.27 -11.49 57.08
CA ASP F 177 -5.45 -11.81 56.28
C ASP F 177 -6.47 -10.68 56.26
N GLU F 178 -6.47 -9.81 57.25
CA GLU F 178 -7.38 -8.68 57.28
C GLU F 178 -6.93 -7.54 56.38
N GLU F 179 -5.71 -7.61 55.85
CA GLU F 179 -5.17 -6.56 55.00
C GLU F 179 -5.21 -6.92 53.52
N VAL F 180 -5.73 -8.08 53.16
CA VAL F 180 -5.68 -8.59 51.79
C VAL F 180 -7.11 -8.71 51.28
N THR F 181 -7.36 -8.18 50.09
CA THR F 181 -8.71 -8.18 49.55
C THR F 181 -9.10 -9.58 49.08
N VAL F 182 -10.36 -9.93 49.29
CA VAL F 182 -10.92 -11.22 48.86
C VAL F 182 -12.33 -10.97 48.33
N SER F 183 -12.84 -11.95 47.62
CA SER F 183 -14.16 -11.89 47.00
C SER F 183 -15.20 -12.44 47.96
N PRO F 184 -16.49 -12.24 47.68
CA PRO F 184 -17.52 -13.01 48.42
C PRO F 184 -17.37 -14.50 48.23
N ARG F 185 -17.73 -15.25 49.26
CA ARG F 185 -17.49 -16.68 49.29
C ARG F 185 -18.72 -17.45 48.83
N MET G 1 -26.63 -64.26 5.03
CA MET G 1 -27.60 -63.75 5.98
C MET G 1 -28.93 -64.50 5.84
N ALA G 2 -29.68 -64.57 6.93
CA ALA G 2 -30.89 -65.39 6.95
C ALA G 2 -32.05 -64.72 6.22
N ALA G 3 -32.55 -63.62 6.77
CA ALA G 3 -33.63 -62.85 6.13
C ALA G 3 -33.00 -61.64 5.47
N ALA G 4 -32.34 -61.90 4.33
CA ALA G 4 -31.51 -60.89 3.66
C ALA G 4 -32.31 -59.77 3.04
N PHE G 5 -33.62 -59.95 2.85
CA PHE G 5 -34.47 -58.90 2.32
C PHE G 5 -34.72 -57.78 3.32
N LEU G 6 -34.66 -58.07 4.61
CA LEU G 6 -35.02 -57.15 5.69
C LEU G 6 -34.21 -55.86 5.76
N PRO G 7 -32.91 -55.81 5.44
CA PRO G 7 -32.26 -54.49 5.32
C PRO G 7 -32.78 -53.63 4.19
N SER G 8 -33.25 -54.23 3.09
CA SER G 8 -33.79 -53.45 1.98
C SER G 8 -35.13 -52.81 2.33
N ILE G 9 -35.80 -53.30 3.37
CA ILE G 9 -37.06 -52.72 3.82
C ILE G 9 -36.84 -51.75 4.97
N LEU G 10 -36.02 -52.13 5.94
CA LEU G 10 -35.97 -51.41 7.20
C LEU G 10 -35.05 -50.19 7.17
N VAL G 11 -33.97 -50.26 6.42
CA VAL G 11 -33.06 -49.11 6.28
C VAL G 11 -33.73 -47.93 5.56
N PRO G 12 -34.52 -48.09 4.48
CA PRO G 12 -35.28 -46.93 4.00
C PRO G 12 -36.38 -46.45 4.94
N ILE G 13 -36.87 -47.30 5.85
CA ILE G 13 -37.84 -46.84 6.83
C ILE G 13 -37.15 -46.03 7.92
N VAL G 14 -36.05 -46.56 8.47
CA VAL G 14 -35.34 -45.89 9.54
C VAL G 14 -34.56 -44.68 9.02
N GLY G 15 -34.12 -44.71 7.78
CA GLY G 15 -33.33 -43.61 7.26
C GLY G 15 -34.12 -42.50 6.60
N LEU G 16 -35.25 -42.81 6.00
CA LEU G 16 -36.01 -41.83 5.24
C LEU G 16 -37.40 -41.57 5.79
N ILE G 17 -38.17 -42.62 6.07
CA ILE G 17 -39.59 -42.46 6.34
C ILE G 17 -39.83 -42.04 7.78
N PHE G 18 -39.22 -42.76 8.73
CA PHE G 18 -39.26 -42.35 10.13
C PHE G 18 -38.67 -40.97 10.42
N PRO G 19 -37.54 -40.53 9.82
CA PRO G 19 -37.15 -39.13 10.02
C PRO G 19 -38.09 -38.14 9.35
N ALA G 20 -38.71 -38.50 8.23
CA ALA G 20 -39.71 -37.62 7.64
C ALA G 20 -40.94 -37.51 8.55
N PHE G 21 -41.32 -38.62 9.17
CA PHE G 21 -42.47 -38.63 10.05
C PHE G 21 -42.20 -37.89 11.34
N SER G 22 -41.05 -38.14 11.97
CA SER G 22 -40.76 -37.57 13.27
C SER G 22 -40.40 -36.09 13.20
N MET G 23 -39.74 -35.66 12.13
CA MET G 23 -39.46 -34.23 11.98
C MET G 23 -40.72 -33.46 11.64
N ALA G 24 -41.69 -34.10 10.98
CA ALA G 24 -42.94 -33.43 10.69
C ALA G 24 -43.79 -33.30 11.95
N LEU G 25 -43.82 -34.35 12.78
CA LEU G 25 -44.60 -34.30 14.01
C LEU G 25 -44.03 -33.31 15.02
N PHE G 26 -42.71 -33.25 15.14
CA PHE G 26 -42.11 -32.27 16.04
C PHE G 26 -42.32 -30.86 15.53
N PHE G 27 -42.28 -30.68 14.20
CA PHE G 27 -42.59 -29.37 13.64
C PHE G 27 -44.03 -28.98 13.89
N LEU G 28 -44.96 -29.92 13.79
CA LEU G 28 -46.36 -29.61 14.08
C LEU G 28 -46.55 -29.33 15.57
N TYR G 29 -45.82 -30.05 16.42
CA TYR G 29 -46.00 -29.93 17.86
C TYR G 29 -45.44 -28.62 18.39
N ILE G 30 -44.31 -28.15 17.83
CA ILE G 30 -43.74 -26.89 18.28
C ILE G 30 -44.48 -25.66 17.79
N GLN G 31 -45.40 -25.81 16.83
CA GLN G 31 -46.16 -24.67 16.35
C GLN G 31 -47.55 -24.60 16.96
N GLN G 32 -47.94 -25.57 17.78
CA GLN G 32 -49.25 -25.56 18.39
C GLN G 32 -49.36 -24.47 19.43
N ASP G 33 -50.39 -23.64 19.32
CA ASP G 33 -50.59 -22.57 20.29
C ASP G 33 -51.26 -23.04 21.57
N ASP G 34 -51.86 -24.21 21.57
CA ASP G 34 -52.29 -24.86 22.80
C ASP G 34 -51.17 -25.79 23.25
N ILE G 35 -51.46 -26.69 24.19
CA ILE G 35 -50.42 -27.58 24.70
C ILE G 35 -50.10 -28.65 23.67
N MET H 1 18.65 16.84 28.79
CA MET H 1 19.52 15.73 29.17
C MET H 1 18.93 14.97 30.35
N LYS H 2 18.37 15.69 31.31
CA LYS H 2 17.60 15.05 32.38
C LYS H 2 16.38 14.34 31.82
N ASN H 3 15.72 14.95 30.84
CA ASN H 3 14.57 14.32 30.21
C ASN H 3 14.97 13.19 29.30
N PHE H 4 16.18 13.24 28.75
CA PHE H 4 16.64 12.13 27.92
C PHE H 4 17.08 10.94 28.76
N GLN H 5 17.67 11.20 29.92
CA GLN H 5 17.97 10.12 30.85
C GLN H 5 16.71 9.50 31.42
N LYS H 6 15.65 10.30 31.56
CA LYS H 6 14.38 9.75 31.99
C LYS H 6 13.73 8.90 30.90
N TYR H 7 13.97 9.23 29.62
CA TYR H 7 13.45 8.38 28.55
C TYR H 7 14.18 7.05 28.50
N LEU H 8 15.49 7.07 28.73
CA LEU H 8 16.28 5.85 28.76
C LEU H 8 15.93 4.96 29.94
N SER H 9 15.34 5.53 30.99
CA SER H 9 14.89 4.77 32.14
C SER H 9 13.44 4.32 32.02
N THR H 10 12.81 4.50 30.87
CA THR H 10 11.47 3.97 30.70
C THR H 10 11.53 2.45 30.55
N ALA H 11 10.38 1.82 30.79
CA ALA H 11 10.30 0.37 30.88
C ALA H 11 10.74 -0.39 29.62
N PRO H 12 10.29 -0.08 28.39
CA PRO H 12 10.75 -0.92 27.27
C PRO H 12 12.18 -0.64 26.86
N VAL H 13 12.71 0.56 27.12
CA VAL H 13 14.11 0.83 26.82
C VAL H 13 15.00 0.09 27.80
N LEU H 14 14.64 0.08 29.08
CA LEU H 14 15.43 -0.65 30.05
C LEU H 14 15.26 -2.15 29.90
N LEU H 15 14.09 -2.62 29.46
CA LEU H 15 13.95 -4.04 29.20
C LEU H 15 14.78 -4.47 28.00
N THR H 16 14.82 -3.65 26.96
CA THR H 16 15.62 -3.97 25.79
C THR H 16 17.12 -3.91 26.10
N ILE H 17 17.55 -2.98 26.95
CA ILE H 17 18.96 -2.92 27.30
C ILE H 17 19.34 -4.08 28.20
N TRP H 18 18.50 -4.39 29.20
CA TRP H 18 18.81 -5.46 30.12
C TRP H 18 18.70 -6.83 29.48
N MET H 19 17.79 -7.00 28.51
CA MET H 19 17.66 -8.31 27.88
C MET H 19 18.77 -8.57 26.87
N THR H 20 19.20 -7.54 26.13
CA THR H 20 20.36 -7.73 25.27
C THR H 20 21.64 -7.89 26.07
N PHE H 21 21.70 -7.29 27.26
CA PHE H 21 22.80 -7.58 28.17
C PHE H 21 22.71 -9.02 28.67
N THR H 22 21.50 -9.46 29.04
CA THR H 22 21.32 -10.82 29.53
C THR H 22 21.52 -11.84 28.41
N ALA H 23 20.94 -11.59 27.23
CA ALA H 23 21.21 -12.43 26.08
C ALA H 23 22.67 -12.36 25.68
N GLY H 24 23.31 -11.22 25.90
CA GLY H 24 24.73 -11.05 25.74
C GLY H 24 25.58 -12.06 26.48
N PHE H 25 25.52 -12.12 27.82
CA PHE H 25 26.42 -13.03 28.51
C PHE H 25 26.02 -14.49 28.38
N ILE H 26 24.73 -14.79 28.16
CA ILE H 26 24.33 -16.17 27.90
C ILE H 26 24.93 -16.66 26.60
N ILE H 27 24.94 -15.81 25.56
CA ILE H 27 25.57 -16.16 24.31
C ILE H 27 27.09 -16.23 24.47
N GLU H 28 27.68 -15.32 25.25
CA GLU H 28 29.12 -15.32 25.40
C GLU H 28 29.61 -16.48 26.26
N ILE H 29 28.83 -16.90 27.26
CA ILE H 29 29.21 -18.07 28.04
C ILE H 29 29.14 -19.32 27.16
N ASN H 30 28.13 -19.42 26.31
CA ASN H 30 28.03 -20.54 25.40
C ASN H 30 29.05 -20.49 24.26
N ARG H 31 29.71 -19.35 24.03
CA ARG H 31 30.84 -19.36 23.11
C ARG H 31 32.08 -19.95 23.76
N PHE H 32 32.38 -19.53 24.99
CA PHE H 32 33.62 -19.96 25.62
C PHE H 32 33.48 -21.28 26.35
N PHE H 33 32.30 -21.56 26.92
CA PHE H 33 32.01 -22.85 27.55
C PHE H 33 30.82 -23.50 26.86
N PRO H 34 30.99 -24.01 25.65
CA PRO H 34 29.86 -24.58 24.93
C PRO H 34 29.49 -25.96 25.45
N ASP H 35 28.28 -26.38 25.09
CA ASP H 35 27.79 -27.75 25.23
C ASP H 35 27.74 -28.19 26.69
N MET H 36 27.36 -27.28 27.58
CA MET H 36 27.26 -27.57 29.00
C MET H 36 25.99 -28.37 29.25
N LEU H 37 26.09 -29.69 29.11
CA LEU H 37 24.99 -30.59 29.50
C LEU H 37 25.30 -31.06 30.91
N GLY H 38 24.90 -30.24 31.87
CA GLY H 38 25.31 -30.44 33.25
C GLY H 38 26.60 -29.71 33.57
N LEU H 39 26.86 -29.56 34.87
CA LEU H 39 28.04 -28.84 35.36
C LEU H 39 29.24 -29.80 35.38
N TYR H 40 29.71 -30.14 34.19
CA TYR H 40 30.70 -31.19 34.05
C TYR H 40 32.04 -30.73 33.52
N PHE H 41 32.06 -29.81 32.54
CA PHE H 41 33.26 -29.25 31.90
C PHE H 41 34.17 -30.34 31.30
N ALA I 2 -34.78 11.28 -14.92
CA ALA I 2 -34.39 12.21 -13.86
C ALA I 2 -34.24 11.49 -12.52
N ASN I 3 -35.24 10.68 -12.17
CA ASN I 3 -35.16 9.91 -10.92
C ASN I 3 -35.98 8.64 -11.11
N PHE I 4 -35.30 7.51 -11.21
CA PHE I 4 -35.96 6.23 -11.41
C PHE I 4 -36.00 5.39 -10.14
N ILE I 5 -35.75 5.99 -8.99
CA ILE I 5 -35.91 5.32 -7.71
C ILE I 5 -36.66 6.28 -6.78
N LYS I 6 -37.88 5.91 -6.43
CA LYS I 6 -38.72 6.68 -5.54
C LYS I 6 -39.11 5.77 -4.37
N PRO I 7 -39.56 6.33 -3.24
CA PRO I 7 -40.07 5.48 -2.16
C PRO I 7 -41.31 4.73 -2.59
N TYR I 8 -41.44 3.51 -2.09
CA TYR I 8 -42.57 2.67 -2.47
C TYR I 8 -43.86 3.20 -1.84
N ASN I 9 -44.92 3.26 -2.65
CA ASN I 9 -46.27 3.69 -2.27
C ASN I 9 -46.29 5.12 -1.77
N ASP I 10 -45.34 5.93 -2.24
CA ASP I 10 -45.09 7.31 -1.78
C ASP I 10 -44.89 7.39 -0.26
N ASP I 11 -44.30 6.35 0.30
CA ASP I 11 -44.06 6.25 1.74
C ASP I 11 -42.56 6.25 1.97
N PRO I 12 -41.98 7.33 2.50
CA PRO I 12 -40.52 7.40 2.61
C PRO I 12 -39.94 6.52 3.71
N PHE I 13 -40.77 5.94 4.57
CA PHE I 13 -40.28 5.27 5.76
C PHE I 13 -40.58 3.78 5.78
N VAL I 14 -41.30 3.26 4.80
CA VAL I 14 -41.38 1.81 4.63
C VAL I 14 -40.04 1.32 4.09
N GLY I 15 -39.66 0.09 4.45
CA GLY I 15 -38.40 -0.47 4.01
C GLY I 15 -38.45 -1.06 2.62
N HIS I 16 -38.79 -0.23 1.63
CA HIS I 16 -38.93 -0.70 0.26
C HIS I 16 -38.79 0.50 -0.66
N LEU I 17 -38.25 0.25 -1.85
CA LEU I 17 -38.10 1.26 -2.87
C LEU I 17 -38.84 0.82 -4.13
N ALA I 18 -39.30 1.80 -4.90
CA ALA I 18 -39.93 1.55 -6.20
C ALA I 18 -38.85 1.76 -7.26
N THR I 19 -38.20 0.68 -7.63
CA THR I 19 -37.16 0.63 -8.64
C THR I 19 -37.73 0.04 -9.93
N PRO I 20 -37.03 0.14 -11.06
CA PRO I 20 -37.49 -0.57 -12.27
C PRO I 20 -37.37 -2.08 -12.21
N ILE I 21 -36.96 -2.68 -11.09
CA ILE I 21 -37.10 -4.12 -10.91
C ILE I 21 -38.39 -4.45 -10.17
N THR I 22 -38.75 -3.64 -9.18
CA THR I 22 -39.96 -3.89 -8.40
C THR I 22 -41.20 -3.27 -9.01
N SER I 23 -41.07 -2.10 -9.65
CA SER I 23 -42.24 -1.31 -10.03
C SER I 23 -42.29 -1.00 -11.52
N SER I 24 -41.57 -1.74 -12.34
CA SER I 24 -41.71 -1.55 -13.78
C SER I 24 -43.01 -2.18 -14.27
N ALA I 25 -43.42 -1.78 -15.47
CA ALA I 25 -44.61 -2.36 -16.06
C ALA I 25 -44.39 -3.80 -16.50
N VAL I 26 -43.15 -4.20 -16.77
CA VAL I 26 -42.83 -5.60 -17.02
C VAL I 26 -43.06 -6.43 -15.77
N THR I 27 -42.64 -5.92 -14.61
CA THR I 27 -42.80 -6.64 -13.37
C THR I 27 -44.25 -6.66 -12.92
N ARG I 28 -44.95 -5.54 -13.08
CA ARG I 28 -46.35 -5.46 -12.66
C ARG I 28 -47.25 -6.35 -13.51
N ALA I 29 -46.95 -6.51 -14.79
CA ALA I 29 -47.80 -7.32 -15.66
C ALA I 29 -47.44 -8.79 -15.63
N LEU I 30 -46.19 -9.13 -15.33
CA LEU I 30 -45.82 -10.54 -15.21
C LEU I 30 -46.31 -11.14 -13.90
N LEU I 31 -46.16 -10.40 -12.80
CA LEU I 31 -46.46 -10.95 -11.49
C LEU I 31 -47.96 -11.10 -11.27
N LYS I 32 -48.75 -10.16 -11.79
CA LYS I 32 -50.19 -10.21 -11.62
C LYS I 32 -50.85 -11.28 -12.48
N ASN I 33 -50.12 -11.89 -13.41
CA ASN I 33 -50.66 -12.96 -14.22
C ASN I 33 -50.08 -14.33 -13.86
N LEU I 34 -49.12 -14.39 -12.95
CA LEU I 34 -48.70 -15.65 -12.39
C LEU I 34 -49.83 -16.25 -11.55
N PRO I 35 -49.95 -17.57 -11.51
CA PRO I 35 -51.09 -18.19 -10.81
C PRO I 35 -51.10 -18.01 -9.30
N ALA I 36 -50.00 -17.56 -8.70
CA ALA I 36 -50.03 -17.19 -7.29
C ALA I 36 -50.85 -15.93 -7.06
N TYR I 37 -50.89 -15.03 -8.04
CA TYR I 37 -51.50 -13.72 -7.83
C TYR I 37 -52.61 -13.38 -8.81
N ARG I 38 -52.90 -14.20 -9.81
CA ARG I 38 -53.93 -13.89 -10.79
C ARG I 38 -55.31 -13.91 -10.17
N PHE I 39 -56.17 -13.00 -10.65
CA PHE I 39 -57.39 -12.65 -9.93
C PHE I 39 -58.43 -13.76 -9.96
N GLY I 40 -58.77 -14.26 -11.15
CA GLY I 40 -59.84 -15.22 -11.25
C GLY I 40 -59.40 -16.66 -11.18
N LEU I 41 -59.02 -17.14 -10.01
CA LEU I 41 -58.49 -18.50 -9.90
C LEU I 41 -58.97 -19.18 -8.64
N THR I 42 -59.65 -20.31 -8.83
CA THR I 42 -59.93 -21.24 -7.75
C THR I 42 -58.60 -21.77 -7.19
N PRO I 43 -58.47 -21.91 -5.85
CA PRO I 43 -57.19 -22.38 -5.29
C PRO I 43 -56.76 -23.77 -5.72
N LEU I 44 -57.69 -24.61 -6.17
CA LEU I 44 -57.31 -25.85 -6.84
C LEU I 44 -56.63 -25.56 -8.18
N LEU I 45 -57.17 -24.60 -8.93
CA LEU I 45 -56.58 -24.23 -10.22
C LEU I 45 -55.29 -23.43 -10.05
N ARG I 46 -55.11 -22.75 -8.91
CA ARG I 46 -53.85 -22.06 -8.66
C ARG I 46 -52.71 -23.06 -8.55
N GLY I 47 -52.85 -24.04 -7.66
CA GLY I 47 -51.80 -25.02 -7.44
C GLY I 47 -51.59 -25.93 -8.62
N LEU I 48 -52.64 -26.15 -9.42
CA LEU I 48 -52.50 -26.97 -10.61
C LEU I 48 -51.58 -26.32 -11.63
N GLU I 49 -51.67 -25.00 -11.77
CA GLU I 49 -50.75 -24.31 -12.67
C GLU I 49 -49.34 -24.24 -12.08
N ILE I 50 -49.21 -24.19 -10.75
CA ILE I 50 -47.89 -24.29 -10.13
C ILE I 50 -47.28 -25.66 -10.37
N GLY I 51 -48.10 -26.71 -10.26
CA GLY I 51 -47.60 -28.06 -10.43
C GLY I 51 -47.20 -28.37 -11.86
N LEU I 52 -48.00 -27.91 -12.82
CA LEU I 52 -47.68 -28.15 -14.22
C LEU I 52 -46.41 -27.43 -14.65
N ALA I 53 -46.11 -26.30 -14.04
CA ALA I 53 -44.86 -25.61 -14.32
C ALA I 53 -43.67 -26.33 -13.67
N HIS I 54 -43.85 -26.80 -12.44
CA HIS I 54 -42.71 -27.25 -11.67
C HIS I 54 -42.39 -28.72 -11.86
N GLY I 55 -43.40 -29.57 -12.03
CA GLY I 55 -43.13 -30.98 -12.29
C GLY I 55 -42.51 -31.24 -13.64
N TYR I 56 -42.69 -30.34 -14.59
CA TYR I 56 -42.17 -30.54 -15.94
C TYR I 56 -40.65 -30.39 -15.99
N PHE I 57 -40.10 -29.31 -15.41
CA PHE I 57 -38.66 -29.13 -15.50
C PHE I 57 -37.90 -30.00 -14.50
N LEU I 58 -38.56 -30.45 -13.44
CA LEU I 58 -37.85 -31.17 -12.38
C LEU I 58 -37.44 -32.58 -12.78
N ILE I 59 -37.99 -33.12 -13.87
CA ILE I 59 -37.49 -34.40 -14.36
C ILE I 59 -36.15 -34.22 -15.07
N GLY I 60 -35.83 -33.01 -15.50
CA GLY I 60 -34.60 -32.66 -16.19
C GLY I 60 -33.30 -33.03 -15.50
N PRO I 61 -33.04 -32.50 -14.30
CA PRO I 61 -31.80 -32.87 -13.60
C PRO I 61 -31.75 -34.32 -13.16
N PHE I 62 -32.89 -34.98 -13.01
CA PHE I 62 -32.87 -36.35 -12.54
C PHE I 62 -32.59 -37.35 -13.65
N VAL I 63 -33.02 -37.08 -14.89
CA VAL I 63 -32.74 -38.03 -15.96
C VAL I 63 -31.31 -37.85 -16.47
N LYS I 64 -30.82 -36.63 -16.54
CA LYS I 64 -29.55 -36.38 -17.20
C LYS I 64 -28.36 -36.42 -16.26
N LEU I 65 -28.57 -36.41 -14.94
CA LEU I 65 -27.47 -36.34 -14.00
C LEU I 65 -27.53 -37.35 -12.87
N GLY I 66 -28.60 -38.14 -12.74
CA GLY I 66 -28.77 -39.03 -11.63
C GLY I 66 -27.85 -40.24 -11.70
N PRO I 67 -27.98 -41.13 -10.71
CA PRO I 67 -27.12 -42.32 -10.68
C PRO I 67 -27.39 -43.31 -11.80
N LEU I 68 -28.63 -43.40 -12.28
CA LEU I 68 -28.93 -44.19 -13.46
C LEU I 68 -28.94 -43.32 -14.72
N ARG I 69 -27.85 -42.58 -14.92
CA ARG I 69 -27.69 -41.74 -16.11
C ARG I 69 -27.59 -42.59 -17.36
N ASN I 70 -26.60 -43.47 -17.41
CA ASN I 70 -26.24 -44.24 -18.59
C ASN I 70 -26.83 -45.63 -18.53
N SER I 71 -28.13 -45.70 -18.31
CA SER I 71 -28.88 -46.94 -18.35
C SER I 71 -30.03 -46.80 -19.34
N ASP I 72 -30.64 -47.93 -19.65
CA ASP I 72 -31.85 -47.94 -20.45
C ASP I 72 -33.10 -47.61 -19.64
N ILE I 73 -32.98 -47.55 -18.31
CA ILE I 73 -34.07 -47.13 -17.44
C ILE I 73 -33.77 -45.73 -16.93
N ALA I 74 -33.02 -44.96 -17.71
CA ALA I 74 -32.62 -43.61 -17.30
C ALA I 74 -33.80 -42.67 -17.18
N LEU I 75 -34.79 -42.81 -18.05
CA LEU I 75 -35.92 -41.89 -18.02
C LEU I 75 -36.92 -42.25 -16.93
N ILE I 76 -37.14 -43.54 -16.68
CA ILE I 76 -38.07 -43.89 -15.61
C ILE I 76 -37.43 -43.74 -14.24
N ALA I 77 -36.09 -43.68 -14.17
CA ALA I 77 -35.43 -43.37 -12.92
C ALA I 77 -35.51 -41.88 -12.62
N GLY I 78 -35.39 -41.05 -13.66
CA GLY I 78 -35.58 -39.63 -13.48
C GLY I 78 -37.04 -39.26 -13.22
N PHE I 79 -37.97 -40.08 -13.68
CA PHE I 79 -39.37 -39.83 -13.39
C PHE I 79 -39.72 -40.22 -11.97
N LEU I 80 -39.21 -41.36 -11.49
CA LEU I 80 -39.48 -41.79 -10.12
C LEU I 80 -38.81 -40.89 -9.10
N SER I 81 -37.64 -40.34 -9.42
CA SER I 81 -37.00 -39.38 -8.54
C SER I 81 -37.76 -38.07 -8.49
N THR I 82 -38.47 -37.74 -9.56
CA THR I 82 -39.26 -36.52 -9.58
C THR I 82 -40.50 -36.67 -8.71
N ILE I 83 -41.17 -37.82 -8.79
CA ILE I 83 -42.36 -38.08 -7.98
C ILE I 83 -41.99 -38.14 -6.50
N GLY I 84 -40.82 -38.70 -6.19
CA GLY I 84 -40.34 -38.67 -4.82
C GLY I 84 -40.03 -37.28 -4.33
N LEU I 85 -39.53 -36.41 -5.20
CA LEU I 85 -39.30 -35.03 -4.82
C LEU I 85 -40.62 -34.28 -4.66
N ILE I 86 -41.61 -34.59 -5.50
CA ILE I 86 -42.91 -33.95 -5.44
C ILE I 86 -43.64 -34.33 -4.15
N LEU I 87 -43.49 -35.59 -3.72
CA LEU I 87 -44.10 -36.03 -2.47
C LEU I 87 -43.45 -35.39 -1.25
N ILE I 88 -42.16 -35.06 -1.34
CA ILE I 88 -41.51 -34.31 -0.27
C ILE I 88 -42.02 -32.88 -0.24
N LEU I 89 -42.20 -32.27 -1.40
CA LEU I 89 -42.70 -30.90 -1.48
C LEU I 89 -44.17 -30.82 -1.09
N THR I 90 -44.95 -31.86 -1.38
CA THR I 90 -46.35 -31.88 -0.97
C THR I 90 -46.48 -32.11 0.53
N LEU I 91 -45.54 -32.87 1.12
CA LEU I 91 -45.52 -33.01 2.57
C LEU I 91 -45.16 -31.69 3.24
N GLY I 92 -44.26 -30.92 2.62
CA GLY I 92 -43.95 -29.59 3.15
C GLY I 92 -45.11 -28.62 3.05
N LEU I 93 -45.93 -28.73 2.01
CA LEU I 93 -47.13 -27.91 1.91
C LEU I 93 -48.19 -28.35 2.90
N THR I 94 -48.24 -29.64 3.21
CA THR I 94 -49.24 -30.16 4.15
C THR I 94 -48.95 -29.71 5.57
N ILE I 95 -47.68 -29.79 5.99
CA ILE I 95 -47.35 -29.40 7.36
C ILE I 95 -47.29 -27.90 7.51
N TYR I 96 -47.13 -27.14 6.43
CA TYR I 96 -47.21 -25.69 6.51
C TYR I 96 -48.63 -25.24 6.80
N GLY I 97 -49.59 -25.74 6.03
CA GLY I 97 -50.98 -25.38 6.23
C GLY I 97 -51.58 -25.91 7.51
N ALA I 98 -51.00 -26.98 8.07
CA ALA I 98 -51.49 -27.51 9.33
C ALA I 98 -51.14 -26.61 10.50
N ALA I 99 -50.07 -25.83 10.39
CA ALA I 99 -49.62 -24.97 11.47
C ALA I 99 -49.97 -23.50 11.27
N VAL I 100 -50.05 -23.03 10.02
CA VAL I 100 -50.22 -21.60 9.77
C VAL I 100 -51.69 -21.20 9.88
N PHE I 101 -52.57 -21.98 9.27
CA PHE I 101 -53.98 -21.63 9.17
C PHE I 101 -54.80 -22.36 10.22
N ASN I 102 -55.67 -21.63 10.89
CA ASN I 102 -56.59 -22.22 11.86
C ASN I 102 -57.97 -22.38 11.23
N SER I 103 -58.78 -23.22 11.86
CA SER I 103 -60.13 -23.49 11.35
C SER I 103 -61.04 -22.29 11.56
N THR I 111 -64.45 -16.62 3.82
CA THR I 111 -64.72 -16.56 2.39
C THR I 111 -63.82 -17.52 1.63
N GLU I 112 -64.42 -18.44 0.87
CA GLU I 112 -63.64 -19.37 0.07
C GLU I 112 -63.04 -18.65 -1.13
N THR I 113 -62.12 -19.36 -1.81
CA THR I 113 -61.29 -18.97 -2.96
C THR I 113 -60.17 -18.00 -2.55
N THR I 114 -60.14 -17.53 -1.31
CA THR I 114 -59.00 -16.79 -0.78
C THR I 114 -57.94 -17.79 -0.38
N LEU I 115 -56.74 -17.64 -0.95
CA LEU I 115 -55.72 -18.69 -0.92
C LEU I 115 -55.17 -18.93 0.48
N GLN I 116 -54.97 -17.88 1.26
CA GLN I 116 -54.34 -18.01 2.57
C GLN I 116 -55.34 -18.37 3.66
N THR I 117 -56.09 -19.46 3.46
CA THR I 117 -56.96 -20.03 4.48
C THR I 117 -56.71 -21.53 4.56
N ARG I 118 -57.32 -22.17 5.55
CA ARG I 118 -57.08 -23.59 5.77
C ARG I 118 -57.77 -24.45 4.72
N LYS I 119 -59.01 -24.12 4.36
CA LYS I 119 -59.74 -24.90 3.39
C LYS I 119 -59.16 -24.75 1.99
N ALA I 120 -58.64 -23.57 1.66
CA ALA I 120 -58.12 -23.34 0.33
C ALA I 120 -56.70 -23.86 0.16
N TRP I 121 -55.91 -23.92 1.24
CA TRP I 121 -54.57 -24.48 1.14
C TRP I 121 -54.62 -25.99 0.97
N ASP I 122 -55.67 -26.64 1.45
CA ASP I 122 -55.88 -28.05 1.16
C ASP I 122 -56.26 -28.25 -0.31
N GLN I 123 -56.95 -27.27 -0.90
CA GLN I 123 -57.20 -27.29 -2.33
C GLN I 123 -55.95 -26.97 -3.11
N PHE I 124 -55.09 -26.10 -2.56
CA PHE I 124 -53.92 -25.63 -3.27
C PHE I 124 -52.84 -26.70 -3.34
N LYS I 125 -52.59 -27.40 -2.24
CA LYS I 125 -51.60 -28.47 -2.26
C LYS I 125 -52.11 -29.72 -2.95
N GLY I 126 -53.43 -29.90 -3.04
CA GLY I 126 -53.96 -31.00 -3.82
C GLY I 126 -53.77 -30.77 -5.31
N GLY I 127 -54.00 -29.53 -5.75
CA GLY I 127 -53.75 -29.20 -7.15
C GLY I 127 -52.28 -29.21 -7.50
N PHE I 128 -51.41 -28.88 -6.55
CA PHE I 128 -49.98 -28.94 -6.80
C PHE I 128 -49.52 -30.37 -7.02
N PHE I 129 -50.04 -31.31 -6.21
CA PHE I 129 -49.59 -32.69 -6.33
C PHE I 129 -50.09 -33.34 -7.61
N VAL I 130 -51.30 -32.99 -8.05
CA VAL I 130 -51.82 -33.56 -9.28
C VAL I 130 -51.11 -32.95 -10.49
N GLY I 131 -50.88 -31.64 -10.46
CA GLY I 131 -50.23 -30.99 -11.59
C GLY I 131 -48.77 -31.31 -11.72
N ALA I 132 -48.09 -31.57 -10.60
CA ALA I 132 -46.65 -31.85 -10.68
C ALA I 132 -46.38 -33.28 -11.10
N CYS I 133 -47.15 -34.24 -10.60
CA CYS I 133 -47.04 -35.60 -11.10
C CYS I 133 -47.61 -35.76 -12.50
N GLY I 134 -48.49 -34.86 -12.91
CA GLY I 134 -49.04 -34.91 -14.25
C GLY I 134 -48.06 -34.40 -15.29
N SER I 135 -47.39 -33.30 -14.98
CA SER I 135 -46.44 -32.72 -15.94
C SER I 135 -45.07 -33.36 -15.87
N ALA I 136 -44.77 -34.10 -14.79
CA ALA I 136 -43.58 -34.95 -14.82
C ALA I 136 -43.83 -36.18 -15.68
N GLY I 137 -45.06 -36.70 -15.64
CA GLY I 137 -45.42 -37.80 -16.52
C GLY I 137 -45.60 -37.37 -17.96
N PHE I 138 -45.93 -36.10 -18.17
CA PHE I 138 -46.02 -35.58 -19.53
C PHE I 138 -44.64 -35.43 -20.15
N ALA I 139 -43.69 -34.92 -19.39
CA ALA I 139 -42.31 -34.85 -19.86
C ALA I 139 -41.69 -36.23 -20.00
N LEU I 140 -42.16 -37.21 -19.25
CA LEU I 140 -41.80 -38.61 -19.48
C LEU I 140 -42.23 -39.07 -20.87
N ILE I 141 -43.38 -38.59 -21.35
CA ILE I 141 -43.83 -38.97 -22.68
C ILE I 141 -43.02 -38.26 -23.76
N CYS I 142 -42.81 -36.95 -23.60
CA CYS I 142 -42.10 -36.17 -24.60
C CYS I 142 -40.62 -36.50 -24.68
N LEU I 143 -40.02 -37.00 -23.60
CA LEU I 143 -38.62 -37.39 -23.65
C LEU I 143 -38.41 -38.81 -24.17
N SER I 144 -39.46 -39.64 -24.19
CA SER I 144 -39.33 -40.98 -24.72
C SER I 144 -39.75 -41.06 -26.18
N SER I 145 -40.92 -40.53 -26.52
CA SER I 145 -41.41 -40.58 -27.90
C SER I 145 -41.98 -39.23 -28.32
N MET J 1 -26.39 -70.22 13.10
CA MET J 1 -27.52 -70.25 12.18
C MET J 1 -28.80 -69.75 12.83
N ILE J 2 -29.15 -68.51 12.57
CA ILE J 2 -30.41 -67.94 13.03
C ILE J 2 -31.44 -68.16 11.94
N TYR J 3 -32.66 -68.53 12.32
CA TYR J 3 -33.70 -68.82 11.36
C TYR J 3 -34.55 -67.58 11.11
N ASP J 4 -35.44 -67.69 10.12
CA ASP J 4 -36.30 -66.57 9.75
C ASP J 4 -37.29 -66.23 10.85
N SER J 5 -37.85 -67.25 11.48
CA SER J 5 -38.83 -67.03 12.54
C SER J 5 -38.21 -66.41 13.78
N GLN J 6 -36.94 -66.71 14.05
CA GLN J 6 -36.26 -66.13 15.20
C GLN J 6 -36.03 -64.64 15.03
N VAL J 7 -35.83 -64.18 13.79
CA VAL J 7 -35.76 -62.74 13.55
C VAL J 7 -37.13 -62.11 13.71
N TYR J 8 -38.20 -62.83 13.35
CA TYR J 8 -39.54 -62.26 13.43
C TYR J 8 -40.03 -62.19 14.86
N ILE J 9 -39.61 -63.14 15.71
CA ILE J 9 -39.97 -63.09 17.12
C ILE J 9 -39.34 -61.88 17.80
N ALA J 10 -38.06 -61.62 17.49
CA ALA J 10 -37.36 -60.48 18.05
C ALA J 10 -37.98 -59.16 17.60
N LEU J 11 -38.51 -59.09 16.38
CA LEU J 11 -39.16 -57.87 15.92
C LEU J 11 -40.49 -57.64 16.61
N VAL J 12 -41.18 -58.71 17.03
CA VAL J 12 -42.44 -58.54 17.74
C VAL J 12 -42.19 -58.12 19.18
N ILE J 13 -41.15 -58.65 19.81
CA ILE J 13 -40.79 -58.21 21.16
C ILE J 13 -40.24 -56.80 21.13
N ALA J 14 -39.61 -56.40 20.03
CA ALA J 14 -39.12 -55.02 19.90
C ALA J 14 -40.27 -54.04 19.70
N VAL J 15 -41.30 -54.43 18.95
CA VAL J 15 -42.40 -53.50 18.72
C VAL J 15 -43.31 -53.41 19.95
N VAL J 16 -43.23 -54.38 20.86
CA VAL J 16 -43.91 -54.24 22.14
C VAL J 16 -43.10 -53.32 23.06
N ALA J 17 -41.77 -53.41 22.99
CA ALA J 17 -40.91 -52.49 23.72
C ALA J 17 -41.05 -51.05 23.21
N SER J 18 -41.41 -50.88 21.94
CA SER J 18 -41.69 -49.54 21.44
C SER J 18 -42.99 -48.99 22.01
N VAL J 19 -43.96 -49.86 22.27
CA VAL J 19 -45.22 -49.43 22.87
C VAL J 19 -45.00 -49.06 24.34
N LEU J 20 -44.20 -49.85 25.06
CA LEU J 20 -43.93 -49.56 26.46
C LEU J 20 -43.06 -48.32 26.63
N ALA J 21 -42.23 -48.01 25.63
CA ALA J 21 -41.43 -46.80 25.71
C ALA J 21 -42.28 -45.56 25.48
N ILE J 22 -43.26 -45.65 24.59
CA ILE J 22 -44.18 -44.54 24.36
C ILE J 22 -45.06 -44.33 25.58
N ARG J 23 -45.43 -45.43 26.27
CA ARG J 23 -46.21 -45.31 27.49
C ARG J 23 -45.38 -44.71 28.64
N LEU J 24 -44.10 -45.07 28.72
CA LEU J 24 -43.23 -44.42 29.71
C LEU J 24 -42.98 -42.97 29.32
N GLY J 25 -42.83 -42.70 28.01
CA GLY J 25 -42.57 -41.35 27.57
C GLY J 25 -43.76 -40.43 27.73
N ALA J 26 -44.96 -40.96 27.55
CA ALA J 26 -46.14 -40.14 27.74
C ALA J 26 -46.39 -39.86 29.22
N THR J 27 -46.04 -40.80 30.09
CA THR J 27 -46.24 -40.61 31.51
C THR J 27 -45.21 -39.65 32.09
N LEU J 28 -43.98 -39.69 31.58
CA LEU J 28 -42.97 -38.72 31.99
C LEU J 28 -43.30 -37.33 31.49
N TYR J 29 -43.97 -37.23 30.35
CA TYR J 29 -44.32 -35.93 29.78
C TYR J 29 -45.43 -35.26 30.56
N ASN J 30 -46.35 -36.02 31.13
CA ASN J 30 -47.44 -35.48 31.93
C ASN J 30 -46.93 -34.84 33.21
N UNK K 1 -61.21 6.77 27.81
CA UNK K 1 -60.10 6.34 26.96
C UNK K 1 -59.42 5.12 27.56
N UNK K 2 -59.29 4.06 26.77
CA UNK K 2 -58.64 2.85 27.23
C UNK K 2 -57.14 3.05 27.30
N UNK K 3 -56.64 3.54 28.43
CA UNK K 3 -55.22 3.76 28.60
C UNK K 3 -54.45 2.47 28.83
N UNK K 4 -55.13 1.39 29.21
CA UNK K 4 -54.48 0.11 29.47
C UNK K 4 -54.91 -0.96 28.47
N UNK K 5 -55.22 -0.54 27.24
CA UNK K 5 -55.60 -1.51 26.21
C UNK K 5 -54.43 -2.37 25.77
N UNK K 6 -53.21 -1.86 25.93
CA UNK K 6 -52.04 -2.60 25.51
C UNK K 6 -51.56 -3.58 26.56
N UNK K 7 -51.77 -3.30 27.84
CA UNK K 7 -51.46 -4.24 28.90
C UNK K 7 -52.43 -5.41 28.95
N UNK K 8 -53.52 -5.36 28.18
CA UNK K 8 -54.49 -6.43 28.07
C UNK K 8 -54.17 -7.40 26.94
N UNK K 9 -52.88 -7.64 26.70
CA UNK K 9 -52.42 -8.62 25.72
C UNK K 9 -52.50 -10.02 26.33
N UNK K 10 -51.92 -11.00 25.65
CA UNK K 10 -51.98 -12.39 26.10
C UNK K 10 -50.77 -12.81 26.91
N UNK K 11 -49.88 -11.87 27.27
CA UNK K 11 -48.66 -12.21 27.97
C UNK K 11 -48.97 -12.53 29.44
N UNK K 12 -48.68 -13.75 29.85
CA UNK K 12 -48.73 -14.16 31.24
C UNK K 12 -47.31 -14.13 31.78
N UNK K 13 -47.08 -13.30 32.80
CA UNK K 13 -45.73 -13.08 33.33
C UNK K 13 -45.22 -14.34 34.02
N UNK K 14 -43.98 -14.72 33.70
CA UNK K 14 -43.38 -15.93 34.24
C UNK K 14 -42.99 -15.73 35.70
N UNK K 15 -42.70 -16.83 36.37
CA UNK K 15 -42.40 -16.79 37.79
C UNK K 15 -41.00 -16.27 38.07
N UNK K 16 -39.99 -16.85 37.42
CA UNK K 16 -38.61 -16.48 37.66
C UNK K 16 -38.14 -15.32 36.79
N UNK K 17 -38.27 -15.47 35.48
CA UNK K 17 -38.01 -14.40 34.54
C UNK K 17 -39.26 -13.53 34.41
N UNK K 18 -39.27 -12.65 33.40
CA UNK K 18 -40.43 -11.81 33.02
C UNK K 18 -40.88 -10.94 34.19
N UNK K 19 -40.03 -9.93 34.46
CA UNK K 19 -40.23 -8.91 35.49
C UNK K 19 -41.67 -8.43 35.63
N UNK K 20 -42.24 -7.91 34.55
CA UNK K 20 -43.63 -7.51 34.54
C UNK K 20 -44.12 -7.40 33.11
N UNK K 21 -45.44 -7.40 32.97
CA UNK K 21 -46.10 -6.77 31.83
C UNK K 21 -46.33 -5.31 32.20
N UNK K 22 -45.22 -4.58 32.24
CA UNK K 22 -45.15 -3.31 32.95
C UNK K 22 -45.82 -2.20 32.14
N UNK K 23 -45.60 -0.95 32.59
CA UNK K 23 -46.45 0.23 32.44
C UNK K 23 -47.30 0.33 31.18
N UNK K 24 -46.68 0.10 30.02
CA UNK K 24 -47.45 0.13 28.78
C UNK K 24 -47.94 -1.27 28.38
N UNK K 25 -47.01 -2.18 28.10
CA UNK K 25 -47.30 -3.52 27.59
C UNK K 25 -46.04 -4.36 27.45
N UNK K 26 -46.08 -5.62 27.84
CA UNK K 26 -44.96 -6.50 27.51
C UNK K 26 -44.93 -6.84 26.02
N UNK K 27 -46.09 -6.89 25.38
CA UNK K 27 -46.18 -7.25 23.97
C UNK K 27 -47.37 -6.52 23.37
N UNK K 28 -47.46 -6.58 22.03
CA UNK K 28 -48.60 -6.00 21.34
C UNK K 28 -49.86 -6.82 21.61
N UNK K 29 -51.00 -6.13 21.56
CA UNK K 29 -52.28 -6.79 21.76
C UNK K 29 -52.65 -7.70 20.59
N UNK K 30 -52.12 -7.45 19.41
CA UNK K 30 -52.42 -8.23 18.23
C UNK K 30 -51.33 -9.26 17.95
N UNK K 31 -51.75 -10.43 17.46
CA UNK K 31 -50.81 -11.50 17.13
C UNK K 31 -50.09 -11.17 15.83
N UNK K 32 -48.76 -11.22 15.87
CA UNK K 32 -47.95 -10.91 14.71
C UNK K 32 -47.87 -12.07 13.72
N UNK K 33 -48.26 -13.27 14.11
CA UNK K 33 -48.12 -14.45 13.26
C UNK K 33 -49.32 -14.56 12.34
N UNK K 34 -49.38 -13.65 11.38
CA UNK K 34 -50.45 -13.61 10.39
C UNK K 34 -50.00 -14.34 9.12
N UNK K 35 -50.98 -14.63 8.27
CA UNK K 35 -50.69 -15.30 7.01
C UNK K 35 -49.92 -14.35 6.09
N UNK K 36 -49.25 -14.94 5.13
CA UNK K 36 -48.36 -14.18 4.26
C UNK K 36 -49.13 -13.72 3.02
N UNK K 37 -48.42 -13.21 2.01
CA UNK K 37 -49.04 -12.42 0.93
C UNK K 37 -50.00 -13.26 0.08
N UNK K 38 -51.03 -12.60 -0.43
CA UNK K 38 -52.18 -13.25 -1.02
C UNK K 38 -52.37 -12.80 -2.46
N UNK K 39 -53.38 -13.38 -3.10
CA UNK K 39 -53.70 -13.08 -4.49
C UNK K 39 -54.32 -11.69 -4.63
N UNK K 40 -54.50 -11.27 -5.88
CA UNK K 40 -55.03 -9.94 -6.17
C UNK K 40 -56.49 -9.82 -5.74
N UNK K 41 -56.82 -8.67 -5.17
CA UNK K 41 -58.12 -8.35 -4.56
C UNK K 41 -58.50 -9.34 -3.47
N UNK K 42 -57.51 -9.84 -2.73
CA UNK K 42 -57.74 -10.70 -1.59
C UNK K 42 -56.91 -10.20 -0.41
N UNK K 43 -57.49 -10.24 0.78
CA UNK K 43 -56.79 -9.79 1.98
C UNK K 43 -56.15 -10.98 2.67
N UNK K 44 -54.88 -10.83 3.05
CA UNK K 44 -54.15 -11.93 3.67
C UNK K 44 -54.61 -12.13 5.11
N UNK K 45 -54.61 -11.06 5.90
CA UNK K 45 -55.02 -11.10 7.29
C UNK K 45 -56.39 -10.46 7.43
N UNK K 46 -56.86 -10.37 8.68
CA UNK K 46 -58.19 -9.84 8.95
C UNK K 46 -58.29 -8.33 8.77
N UNK K 47 -57.17 -7.62 8.67
CA UNK K 47 -57.20 -6.18 8.45
C UNK K 47 -56.15 -5.75 7.44
N UNK K 48 -55.77 -6.66 6.54
CA UNK K 48 -54.74 -6.36 5.56
C UNK K 48 -55.25 -5.36 4.53
N UNK K 49 -54.32 -4.56 4.00
CA UNK K 49 -54.60 -3.42 3.15
C UNK K 49 -53.83 -3.58 1.85
N UNK K 50 -54.08 -4.71 1.18
CA UNK K 50 -53.12 -5.36 0.27
C UNK K 50 -52.59 -4.51 -0.87
N UNK K 51 -53.39 -4.28 -1.90
CA UNK K 51 -53.03 -3.48 -3.08
C UNK K 51 -54.27 -3.37 -3.95
N UNK K 52 -54.05 -2.85 -5.15
CA UNK K 52 -54.95 -3.11 -6.26
C UNK K 52 -54.25 -3.80 -7.42
N UNK K 53 -52.95 -3.60 -7.58
CA UNK K 53 -52.23 -4.22 -8.69
C UNK K 53 -50.99 -4.98 -8.25
N UNK K 54 -50.26 -4.48 -7.26
CA UNK K 54 -49.02 -5.12 -6.81
C UNK K 54 -49.29 -5.84 -5.49
N UNK K 55 -49.98 -6.99 -5.61
CA UNK K 55 -50.38 -7.75 -4.43
C UNK K 55 -49.20 -8.39 -3.71
N UNK K 56 -48.05 -8.51 -4.38
CA UNK K 56 -46.88 -9.10 -3.74
C UNK K 56 -46.26 -8.16 -2.71
N UNK K 57 -46.31 -6.86 -2.97
CA UNK K 57 -45.79 -5.87 -2.02
C UNK K 57 -46.92 -5.31 -1.16
N UNK K 58 -47.71 -6.21 -0.58
CA UNK K 58 -48.91 -5.83 0.16
C UNK K 58 -48.56 -5.32 1.55
N UNK K 59 -47.56 -5.91 2.19
CA UNK K 59 -47.14 -5.47 3.51
C UNK K 59 -46.37 -4.16 3.48
N UNK K 60 -45.91 -3.72 2.31
CA UNK K 60 -45.27 -2.43 2.17
C UNK K 60 -46.27 -1.28 2.07
N UNK K 61 -47.56 -1.57 1.99
CA UNK K 61 -48.59 -0.55 2.01
C UNK K 61 -49.01 -0.30 3.45
N UNK K 62 -48.94 0.94 3.89
CA UNK K 62 -49.22 1.28 5.28
C UNK K 62 -50.71 1.37 5.52
N UNK K 63 -51.13 0.94 6.71
CA UNK K 63 -52.51 1.10 7.17
C UNK K 63 -52.60 1.64 8.58
N UNK K 64 -51.52 1.65 9.34
CA UNK K 64 -51.46 2.26 10.66
C UNK K 64 -50.82 3.63 10.52
N UNK K 65 -51.49 4.65 11.04
CA UNK K 65 -51.00 6.03 10.97
C UNK K 65 -51.34 6.72 12.27
N UNK K 66 -50.87 7.97 12.41
CA UNK K 66 -51.13 8.79 13.57
C UNK K 66 -51.67 10.13 13.11
N UNK K 67 -52.94 10.40 13.42
CA UNK K 67 -53.50 11.72 13.15
C UNK K 67 -52.91 12.73 14.13
N UNK K 68 -52.53 13.89 13.62
CA UNK K 68 -51.88 14.90 14.45
C UNK K 68 -52.83 15.52 15.48
N UNK K 69 -54.14 15.44 15.26
CA UNK K 69 -55.09 15.89 16.27
C UNK K 69 -55.40 14.79 17.28
N UNK K 70 -55.52 13.54 16.80
CA UNK K 70 -55.76 12.42 17.69
C UNK K 70 -54.55 12.03 18.52
N UNK K 71 -53.35 12.45 18.10
CA UNK K 71 -52.16 12.24 18.91
C UNK K 71 -52.07 13.24 20.05
N UNK K 72 -52.58 14.46 19.84
CA UNK K 72 -52.63 15.44 20.92
C UNK K 72 -53.64 15.03 21.99
N UNK K 73 -54.76 14.44 21.58
CA UNK K 73 -55.73 13.94 22.54
C UNK K 73 -55.25 12.68 23.25
N UNK K 74 -54.31 11.96 22.65
CA UNK K 74 -53.71 10.82 23.31
C UNK K 74 -52.67 11.22 24.33
N UNK K 75 -51.93 12.30 24.06
CA UNK K 75 -50.94 12.79 25.03
C UNK K 75 -51.61 13.42 26.24
N UNK K 76 -52.79 14.03 26.06
CA UNK K 76 -53.51 14.57 27.20
C UNK K 76 -54.15 13.47 28.03
N UNK K 77 -54.59 12.39 27.39
CA UNK K 77 -55.19 11.28 28.12
C UNK K 77 -54.16 10.44 28.85
N UNK K 78 -52.96 10.29 28.29
CA UNK K 78 -51.92 9.50 28.93
C UNK K 78 -51.16 10.27 29.99
N UNK K 79 -51.24 11.60 29.98
CA UNK K 79 -50.60 12.43 31.00
C UNK K 79 -51.63 13.12 31.89
N UNK K 80 -52.84 12.56 31.99
CA UNK K 80 -53.89 13.18 32.78
C UNK K 80 -53.63 13.05 34.27
N UNK K 81 -53.09 11.90 34.69
CA UNK K 81 -52.73 11.72 36.10
C UNK K 81 -51.55 12.59 36.49
N UNK K 82 -50.60 12.80 35.57
CA UNK K 82 -49.48 13.67 35.86
C UNK K 82 -49.90 15.13 35.91
N UNK K 83 -50.91 15.52 35.14
CA UNK K 83 -51.45 16.87 35.23
C UNK K 83 -52.30 17.05 36.47
N UNK K 84 -52.99 16.01 36.91
CA UNK K 84 -53.84 16.11 38.09
C UNK K 84 -53.02 16.19 39.38
N UNK K 85 -51.83 15.60 39.38
CA UNK K 85 -50.95 15.74 40.55
C UNK K 85 -50.32 17.12 40.60
N UNK K 86 -49.98 17.68 39.44
CA UNK K 86 -49.41 19.02 39.40
C UNK K 86 -50.46 20.09 39.68
N UNK K 87 -51.70 19.84 39.28
CA UNK K 87 -52.78 20.77 39.58
C UNK K 87 -53.16 20.74 41.05
N UNK K 88 -53.12 19.56 41.67
CA UNK K 88 -53.35 19.44 43.10
C UNK K 88 -52.16 19.88 43.94
N UNK K 89 -50.99 20.06 43.33
CA UNK K 89 -49.82 20.59 44.04
C UNK K 89 -49.79 22.11 44.04
N UNK K 90 -50.20 22.74 42.93
CA UNK K 90 -50.28 24.19 42.86
C UNK K 90 -51.53 24.75 43.52
N UNK K 91 -52.40 23.88 44.04
CA UNK K 91 -53.60 24.30 44.76
C UNK K 91 -53.33 24.50 46.25
N UNK K 92 -52.30 25.30 46.54
CA UNK K 92 -51.89 25.58 47.92
C UNK K 92 -52.47 26.91 48.39
N UNK K 93 -53.82 26.96 48.39
CA UNK K 93 -54.62 28.08 48.90
C UNK K 93 -54.29 29.41 48.20
N UNK K 94 -54.60 29.45 46.91
CA UNK K 94 -54.38 30.65 46.10
C UNK K 94 -55.73 31.25 45.71
N UNK K 95 -55.68 32.26 44.83
CA UNK K 95 -56.87 32.88 44.25
C UNK K 95 -57.26 32.21 42.94
N UNK K 96 -57.08 30.89 42.86
CA UNK K 96 -56.96 30.09 41.65
C UNK K 96 -57.54 28.72 41.95
N UNK K 97 -57.03 27.68 41.28
CA UNK K 97 -57.46 26.30 41.46
C UNK K 97 -57.21 25.82 42.90
N UNK K 98 -57.54 24.55 43.15
CA UNK K 98 -58.43 24.06 44.22
C UNK K 98 -59.86 24.49 43.89
N UNK K 99 -60.46 23.84 42.88
CA UNK K 99 -60.05 22.49 42.45
C UNK K 99 -59.45 22.37 41.05
N UNK K 100 -60.21 22.73 40.01
CA UNK K 100 -59.79 22.41 38.65
C UNK K 100 -60.15 23.47 37.63
N UNK K 101 -60.50 24.68 38.07
CA UNK K 101 -60.88 25.71 37.11
C UNK K 101 -59.65 26.36 36.48
N UNK K 102 -58.64 26.68 37.29
CA UNK K 102 -57.45 27.34 36.79
C UNK K 102 -56.46 26.38 36.14
N UNK K 103 -56.74 25.07 36.13
CA UNK K 103 -55.95 24.15 35.34
C UNK K 103 -56.12 24.44 33.85
N UNK K 104 -57.34 24.77 33.43
CA UNK K 104 -57.60 25.20 32.07
C UNK K 104 -57.17 26.64 31.82
N UNK K 105 -56.97 27.43 32.87
CA UNK K 105 -56.49 28.79 32.74
C UNK K 105 -54.97 28.89 32.76
N UNK K 106 -54.30 28.03 33.52
CA UNK K 106 -52.84 27.97 33.47
C UNK K 106 -52.38 27.32 32.17
N UNK K 107 -53.17 26.39 31.63
CA UNK K 107 -52.81 25.76 30.35
C UNK K 107 -52.96 26.73 29.19
N UNK K 108 -53.87 27.70 29.31
CA UNK K 108 -54.05 28.69 28.24
C UNK K 108 -52.87 29.66 28.20
N UNK K 109 -52.27 29.95 29.34
CA UNK K 109 -51.14 30.87 29.38
C UNK K 109 -49.81 30.15 29.21
N UNK K 110 -49.60 29.05 29.93
CA UNK K 110 -48.29 28.41 30.01
C UNK K 110 -48.11 27.29 28.99
N UNK K 111 -49.01 27.19 28.00
CA UNK K 111 -48.86 26.33 26.82
C UNK K 111 -48.73 24.84 27.20
N UNK K 112 -49.89 24.27 27.55
CA UNK K 112 -50.12 23.08 28.40
C UNK K 112 -49.08 21.97 28.38
N UNK K 113 -48.45 21.71 27.24
CA UNK K 113 -47.30 20.82 27.21
C UNK K 113 -46.12 21.39 28.01
N UNK K 114 -46.03 22.71 28.12
CA UNK K 114 -45.06 23.34 29.01
C UNK K 114 -45.63 23.62 30.39
N UNK K 115 -46.89 23.24 30.65
CA UNK K 115 -47.42 23.30 32.00
C UNK K 115 -47.02 22.06 32.79
N UNK K 116 -46.94 20.90 32.13
CA UNK K 116 -46.50 19.69 32.79
C UNK K 116 -45.01 19.71 33.11
N UNK K 117 -44.24 20.53 32.40
CA UNK K 117 -42.82 20.70 32.67
C UNK K 117 -42.53 21.80 33.67
N UNK K 118 -43.52 22.63 34.00
CA UNK K 118 -43.29 23.77 34.88
C UNK K 118 -43.13 23.32 36.33
N UNK K 119 -42.29 24.06 37.06
CA UNK K 119 -42.03 23.77 38.46
C UNK K 119 -43.13 24.39 39.33
N UNK K 120 -42.97 24.32 40.65
CA UNK K 120 -43.94 24.91 41.56
C UNK K 120 -43.86 26.43 41.54
N UNK K 121 -42.66 26.99 41.34
CA UNK K 121 -42.51 28.43 41.30
C UNK K 121 -43.04 29.02 39.99
N UNK K 122 -42.84 28.32 38.87
CA UNK K 122 -43.33 28.81 37.59
C UNK K 122 -44.84 28.69 37.49
N UNK K 123 -45.45 27.73 38.21
CA UNK K 123 -46.89 27.63 38.24
C UNK K 123 -47.51 28.63 39.21
N UNK K 124 -46.71 29.22 40.10
CA UNK K 124 -47.19 30.28 40.98
C UNK K 124 -47.04 31.66 40.36
N UNK K 125 -45.98 31.87 39.57
CA UNK K 125 -45.79 33.17 38.92
C UNK K 125 -46.78 33.38 37.79
N UNK K 126 -47.21 32.30 37.13
CA UNK K 126 -48.23 32.45 36.09
C UNK K 126 -49.60 32.67 36.68
N UNK K 127 -49.89 32.06 37.84
CA UNK K 127 -51.16 32.30 38.51
C UNK K 127 -51.19 33.61 39.27
N UNK K 128 -50.02 34.15 39.62
CA UNK K 128 -49.99 35.47 40.26
C UNK K 128 -50.29 36.58 39.26
N UNK K 129 -49.96 36.37 37.99
CA UNK K 129 -50.25 37.33 36.94
C UNK K 129 -51.57 37.02 36.21
N UNK K 130 -52.52 36.43 36.91
CA UNK K 130 -53.82 36.11 36.33
C UNK K 130 -54.91 36.10 37.41
N ASP L 33 -25.91 -33.18 67.77
CA ASP L 33 -25.97 -34.48 68.41
C ASP L 33 -24.56 -35.01 68.66
N MET L 34 -23.89 -35.45 67.61
CA MET L 34 -22.55 -36.00 67.74
C MET L 34 -21.46 -34.97 67.47
N THR L 35 -21.81 -33.71 67.35
CA THR L 35 -20.79 -32.67 67.31
C THR L 35 -20.19 -32.49 68.69
N TRP L 36 -18.93 -32.08 68.72
CA TRP L 36 -18.25 -31.90 69.99
C TRP L 36 -17.20 -30.82 69.86
N GLU L 37 -16.79 -30.32 71.02
CA GLU L 37 -15.86 -29.22 71.13
C GLU L 37 -14.72 -29.65 72.04
N GLY L 38 -13.63 -28.90 71.98
CA GLY L 38 -12.55 -29.12 72.92
C GLY L 38 -11.54 -30.12 72.42
N GLU L 39 -10.86 -30.79 73.35
CA GLU L 39 -9.75 -31.64 73.02
C GLU L 39 -10.12 -33.10 72.82
N TYR L 40 -11.31 -33.52 73.27
CA TYR L 40 -11.67 -34.93 73.21
C TYR L 40 -13.16 -35.06 72.95
N PRO L 41 -13.58 -36.08 72.22
CA PRO L 41 -15.01 -36.31 72.02
C PRO L 41 -15.65 -36.86 73.29
N PRO L 42 -16.97 -36.76 73.43
CA PRO L 42 -17.62 -37.42 74.56
C PRO L 42 -17.67 -38.92 74.35
N SER L 43 -18.12 -39.62 75.38
CA SER L 43 -18.09 -41.08 75.36
C SER L 43 -19.06 -41.66 74.35
N LYS L 44 -20.14 -40.94 74.04
CA LYS L 44 -21.22 -41.48 73.21
C LYS L 44 -20.83 -41.71 71.75
N VAL L 45 -19.69 -41.20 71.29
CA VAL L 45 -19.24 -41.49 69.92
C VAL L 45 -18.67 -42.88 69.77
N LEU L 46 -18.56 -43.65 70.86
CA LEU L 46 -18.07 -45.02 70.81
C LEU L 46 -19.17 -46.04 70.61
N GLY L 47 -20.41 -45.60 70.45
CA GLY L 47 -21.53 -46.52 70.35
C GLY L 47 -22.16 -46.77 71.70
N PRO L 48 -23.17 -47.62 71.77
CA PRO L 48 -23.88 -47.85 73.04
C PRO L 48 -23.22 -48.84 73.97
N ILE L 49 -22.15 -49.51 73.55
CA ILE L 49 -21.48 -50.53 74.35
C ILE L 49 -20.17 -50.01 74.93
N MET L 50 -19.29 -49.48 74.08
CA MET L 50 -17.98 -49.05 74.55
C MET L 50 -18.01 -47.68 75.22
N SER L 51 -19.13 -46.97 75.17
CA SER L 51 -19.25 -45.71 75.91
C SER L 51 -19.33 -45.94 77.41
N LYS L 52 -19.66 -47.16 77.84
CA LYS L 52 -19.77 -47.49 79.25
C LYS L 52 -18.59 -48.30 79.77
N MET L 53 -17.66 -48.68 78.90
CA MET L 53 -16.53 -49.50 79.28
C MET L 53 -15.39 -48.66 79.85
N PRO L 54 -14.63 -49.20 80.80
CA PRO L 54 -13.49 -48.46 81.36
C PRO L 54 -12.36 -48.36 80.36
N SER L 55 -11.55 -47.31 80.55
CA SER L 55 -10.42 -47.08 79.66
C SER L 55 -9.33 -48.12 79.83
N GLY L 56 -9.18 -48.65 81.04
CA GLY L 56 -8.20 -49.70 81.26
C GLY L 56 -8.61 -51.03 80.67
N LEU L 57 -9.93 -51.31 80.65
CA LEU L 57 -10.41 -52.52 80.02
C LEU L 57 -10.28 -52.43 78.51
N LEU L 58 -10.59 -51.27 77.93
CA LEU L 58 -10.43 -51.09 76.49
C LEU L 58 -8.97 -51.02 76.09
N GLY L 59 -8.10 -50.58 77.01
CA GLY L 59 -6.68 -50.58 76.71
C GLY L 59 -6.09 -51.98 76.68
N LEU L 60 -6.49 -52.83 77.63
CA LEU L 60 -5.96 -54.19 77.67
C LEU L 60 -6.54 -55.06 76.56
N ILE L 61 -7.80 -54.80 76.16
CA ILE L 61 -8.38 -55.47 75.01
C ILE L 61 -7.61 -55.13 73.75
N SER L 62 -7.16 -53.87 73.64
CA SER L 62 -6.41 -53.42 72.46
C SER L 62 -5.06 -54.12 72.33
N ILE L 63 -4.35 -54.31 73.45
CA ILE L 63 -3.11 -55.08 73.40
C ILE L 63 -3.39 -56.54 73.09
N ALA L 64 -4.53 -57.06 73.56
CA ALA L 64 -4.89 -58.44 73.26
C ALA L 64 -5.24 -58.61 71.78
N CYS L 65 -5.90 -57.61 71.18
CA CYS L 65 -6.17 -57.69 69.74
C CYS L 65 -4.91 -57.47 68.92
N ALA L 66 -3.98 -56.65 69.41
CA ALA L 66 -2.74 -56.42 68.68
C ALA L 66 -1.83 -57.63 68.73
N ALA L 67 -1.80 -58.32 69.88
CA ALA L 67 -0.97 -59.50 70.01
C ALA L 67 -1.53 -60.69 69.25
N VAL L 68 -2.86 -60.79 69.16
CA VAL L 68 -3.47 -61.85 68.36
C VAL L 68 -3.23 -61.60 66.88
N CYS L 69 -3.30 -60.34 66.45
CA CYS L 69 -3.03 -60.00 65.06
C CYS L 69 -1.56 -60.21 64.70
N ALA L 70 -0.65 -59.82 65.59
CA ALA L 70 0.77 -60.01 65.32
C ALA L 70 1.16 -61.49 65.34
N TYR L 71 0.49 -62.28 66.19
CA TYR L 71 0.72 -63.72 66.17
C TYR L 71 0.15 -64.36 64.92
N SER L 72 -1.01 -63.88 64.46
CA SER L 72 -1.64 -64.44 63.26
C SER L 72 -0.87 -64.12 62.00
N ILE L 73 -0.27 -62.93 61.92
CA ILE L 73 0.53 -62.57 60.76
C ILE L 73 1.84 -63.36 60.74
N ALA L 74 2.48 -63.48 61.91
CA ALA L 74 3.75 -64.19 61.98
C ALA L 74 3.58 -65.69 61.74
N GLN L 75 2.48 -66.26 62.20
CA GLN L 75 2.27 -67.69 61.99
C GLN L 75 1.79 -68.00 60.59
N SER L 76 1.10 -67.06 59.93
CA SER L 76 0.79 -67.24 58.52
C SER L 76 2.03 -67.04 57.66
N GLY L 77 3.01 -66.29 58.16
CA GLY L 77 4.28 -66.19 57.46
C GLY L 77 5.06 -67.49 57.49
N VAL L 78 5.07 -68.16 58.65
CA VAL L 78 5.80 -69.42 58.74
C VAL L 78 5.03 -70.57 58.12
N LEU L 79 3.72 -70.43 57.93
CA LEU L 79 2.96 -71.43 57.20
C LEU L 79 3.12 -71.27 55.70
N GLN L 80 3.45 -70.07 55.23
CA GLN L 80 3.69 -69.86 53.81
C GLN L 80 4.98 -70.52 53.36
N GLN L 81 6.01 -70.48 54.20
CA GLN L 81 7.31 -70.97 53.81
C GLN L 81 7.55 -72.43 54.18
N GLN L 82 6.66 -73.04 54.94
CA GLN L 82 6.80 -74.46 55.27
C GLN L 82 6.48 -75.30 54.05
N PRO L 83 7.38 -76.18 53.60
CA PRO L 83 7.25 -76.79 52.27
C PRO L 83 6.13 -77.81 52.13
N GLY L 84 5.43 -78.18 53.20
CA GLY L 84 4.32 -79.08 53.06
C GLY L 84 3.00 -78.47 53.47
N ALA L 85 2.99 -77.16 53.72
CA ALA L 85 1.83 -76.50 54.32
C ALA L 85 1.39 -75.26 53.57
N TYR L 86 1.81 -75.08 52.32
CA TYR L 86 1.44 -73.90 51.55
C TYR L 86 0.73 -74.21 50.24
N GLU L 87 0.62 -75.48 49.85
CA GLU L 87 0.14 -75.81 48.52
C GLU L 87 -1.37 -75.63 48.42
N ASN L 88 -1.79 -75.04 47.29
CA ASN L 88 -3.19 -74.71 46.98
C ASN L 88 -3.82 -73.82 48.05
N GLY L 89 -3.02 -72.94 48.65
CA GLY L 89 -3.52 -72.07 49.68
C GLY L 89 -3.79 -72.74 51.01
N SER L 90 -3.07 -73.82 51.31
CA SER L 90 -3.21 -74.45 52.61
C SER L 90 -2.57 -73.65 53.73
N TRP L 91 -1.77 -72.63 53.40
CA TRP L 91 -1.27 -71.71 54.43
C TRP L 91 -2.37 -70.84 55.01
N VAL L 92 -3.51 -70.72 54.35
CA VAL L 92 -4.62 -69.92 54.86
C VAL L 92 -5.36 -70.73 55.90
N LYS L 93 -5.37 -70.24 57.13
CA LYS L 93 -6.14 -70.83 58.21
C LYS L 93 -7.24 -69.86 58.61
N TRP L 94 -8.40 -70.40 59.00
CA TRP L 94 -9.52 -69.55 59.34
C TRP L 94 -9.27 -68.79 60.63
N TYR L 95 -8.56 -69.39 61.59
CA TYR L 95 -8.29 -68.71 62.84
C TYR L 95 -7.18 -67.68 62.71
N TYR L 96 -6.34 -67.79 61.69
CA TYR L 96 -5.32 -66.78 61.44
C TYR L 96 -5.84 -65.62 60.60
N VAL L 97 -6.83 -65.88 59.74
CA VAL L 97 -7.51 -64.80 59.04
C VAL L 97 -8.34 -63.99 60.02
N LEU L 98 -9.13 -64.68 60.85
CA LEU L 98 -9.94 -64.03 61.87
C LEU L 98 -9.08 -63.38 62.94
N GLY L 99 -7.91 -63.96 63.22
CA GLY L 99 -7.01 -63.36 64.18
C GLY L 99 -6.33 -62.12 63.65
N SER L 100 -6.05 -62.07 62.35
CA SER L 100 -5.38 -60.92 61.76
C SER L 100 -6.26 -59.69 61.71
N PHE L 101 -7.58 -59.85 61.78
CA PHE L 101 -8.47 -58.71 61.83
C PHE L 101 -8.60 -58.13 63.23
N GLY L 102 -7.80 -58.61 64.18
CA GLY L 102 -7.61 -57.90 65.42
C GLY L 102 -6.76 -56.65 65.28
N GLY L 103 -6.08 -56.50 64.14
CA GLY L 103 -5.31 -55.32 63.82
C GLY L 103 -6.11 -54.03 63.80
N PRO L 104 -7.15 -53.95 62.95
CA PRO L 104 -8.05 -52.79 63.03
C PRO L 104 -8.87 -52.74 64.30
N LEU L 105 -9.12 -53.87 64.97
CA LEU L 105 -9.76 -53.82 66.28
C LEU L 105 -8.81 -53.33 67.36
N ALA L 106 -7.50 -53.57 67.20
CA ALA L 106 -6.55 -53.01 68.15
C ALA L 106 -6.38 -51.52 67.95
N TRP L 107 -6.54 -51.04 66.72
CA TRP L 107 -6.50 -49.60 66.50
C TRP L 107 -7.68 -48.92 67.16
N GLY L 108 -8.86 -49.48 66.99
CA GLY L 108 -10.06 -48.81 67.44
C GLY L 108 -10.25 -48.85 68.94
N THR L 109 -9.94 -49.99 69.55
CA THR L 109 -10.03 -50.11 70.99
C THR L 109 -8.98 -49.27 71.71
N HIS L 110 -7.84 -48.95 71.08
CA HIS L 110 -6.91 -48.09 71.78
C HIS L 110 -7.27 -46.63 71.58
N VAL L 111 -7.95 -46.31 70.48
CA VAL L 111 -8.54 -44.98 70.33
C VAL L 111 -9.69 -44.82 71.32
N ALA L 112 -10.51 -45.86 71.47
CA ALA L 112 -11.63 -45.82 72.41
C ALA L 112 -11.16 -45.78 73.86
N SER L 113 -10.03 -46.42 74.16
CA SER L 113 -9.44 -46.35 75.49
C SER L 113 -9.00 -44.94 75.84
N TRP L 114 -8.49 -44.20 74.85
CA TRP L 114 -8.09 -42.83 75.08
C TRP L 114 -9.29 -41.93 75.34
N ILE L 115 -10.40 -42.19 74.66
CA ILE L 115 -11.58 -41.35 74.77
C ILE L 115 -12.27 -41.56 76.11
N GLN L 116 -12.29 -42.79 76.60
CA GLN L 116 -12.86 -43.04 77.92
C GLN L 116 -11.98 -42.49 79.03
N ARG L 117 -10.66 -42.50 78.83
CA ARG L 117 -9.76 -41.94 79.82
C ARG L 117 -9.88 -40.43 79.90
N LYS L 118 -10.07 -39.77 78.76
CA LYS L 118 -10.27 -38.32 78.75
C LYS L 118 -11.64 -37.95 79.31
N ASN L 119 -12.60 -38.87 79.26
CA ASN L 119 -13.94 -38.63 79.77
C ASN L 119 -14.11 -39.10 81.21
N GLY L 120 -13.05 -39.53 81.86
CA GLY L 120 -13.13 -40.04 83.21
C GLY L 120 -13.91 -41.34 83.33
N MET L 121 -13.93 -42.15 82.27
CA MET L 121 -14.64 -43.43 82.18
C MET L 121 -16.14 -43.33 82.44
N MET M 65 -50.05 -58.11 69.49
CA MET M 65 -49.04 -58.96 68.86
C MET M 65 -49.63 -59.74 67.70
N SER M 66 -48.76 -60.27 66.85
CA SER M 66 -49.16 -61.01 65.67
C SER M 66 -49.76 -62.35 66.04
N GLU M 67 -50.72 -62.82 65.24
CA GLU M 67 -51.30 -64.13 65.45
C GLU M 67 -50.33 -65.23 65.08
N SER M 68 -49.72 -65.12 63.89
CA SER M 68 -48.84 -66.17 63.40
C SER M 68 -47.51 -66.21 64.15
N LEU M 69 -46.97 -65.06 64.52
CA LEU M 69 -45.70 -64.97 65.23
C LEU M 69 -45.95 -64.16 66.50
N PRO M 70 -46.28 -64.84 67.61
CA PRO M 70 -46.75 -64.13 68.81
C PRO M 70 -45.68 -63.31 69.52
N PHE M 71 -44.41 -63.55 69.22
CA PHE M 71 -43.31 -62.78 69.74
C PHE M 71 -43.04 -61.52 68.91
N LEU M 72 -43.81 -61.27 67.85
CA LEU M 72 -43.71 -60.09 67.02
C LEU M 72 -44.94 -59.21 67.21
N PRO M 73 -44.79 -57.89 67.15
CA PRO M 73 -45.95 -57.00 67.13
C PRO M 73 -46.74 -57.15 65.85
N ARG M 74 -48.02 -56.82 65.93
CA ARG M 74 -48.89 -56.93 64.77
C ARG M 74 -48.54 -55.82 63.78
N PRO M 75 -48.42 -56.13 62.49
CA PRO M 75 -48.19 -55.07 61.50
C PRO M 75 -49.36 -54.11 61.43
N GLU M 76 -49.02 -52.84 61.15
CA GLU M 76 -49.99 -51.76 61.31
C GLU M 76 -51.06 -51.80 60.22
N LYS M 77 -50.67 -52.18 59.00
CA LYS M 77 -51.63 -52.27 57.91
C LYS M 77 -52.28 -53.64 57.82
N LEU M 78 -51.95 -54.55 58.72
CA LEU M 78 -52.49 -55.91 58.74
C LEU M 78 -53.53 -56.10 59.82
N ASP M 79 -54.43 -55.14 59.99
CA ASP M 79 -55.63 -55.36 60.77
C ASP M 79 -56.51 -56.42 60.11
N GLY M 80 -57.39 -57.01 60.91
CA GLY M 80 -58.21 -58.10 60.41
C GLY M 80 -59.35 -57.67 59.51
N SER M 81 -59.02 -57.17 58.32
CA SER M 81 -60.02 -56.75 57.36
C SER M 81 -59.95 -57.49 56.03
N MET M 82 -58.79 -57.99 55.65
CA MET M 82 -58.65 -58.83 54.47
C MET M 82 -58.71 -60.29 54.86
N ALA M 83 -58.98 -61.13 53.86
CA ALA M 83 -59.02 -62.57 54.09
C ALA M 83 -57.60 -63.10 54.22
N GLY M 84 -57.43 -64.12 55.06
CA GLY M 84 -56.12 -64.69 55.26
C GLY M 84 -55.19 -63.90 56.13
N ASP M 85 -55.70 -62.88 56.83
CA ASP M 85 -54.87 -62.02 57.67
C ASP M 85 -54.48 -62.75 58.95
N ARG M 86 -53.32 -63.39 58.94
CA ARG M 86 -52.77 -64.02 60.12
C ARG M 86 -51.76 -63.12 60.82
N GLY M 87 -51.72 -61.84 60.46
CA GLY M 87 -50.71 -60.94 60.98
C GLY M 87 -49.31 -61.24 60.52
N PHE M 88 -49.15 -61.97 59.42
CA PHE M 88 -47.86 -62.49 58.99
C PHE M 88 -47.24 -61.51 58.00
N ASP M 89 -46.52 -60.53 58.54
CA ASP M 89 -45.61 -59.71 57.75
C ASP M 89 -44.39 -59.42 58.62
N PRO M 90 -43.50 -60.41 58.80
CA PRO M 90 -42.34 -60.16 59.66
C PRO M 90 -41.32 -59.22 59.05
N MET M 91 -41.11 -59.26 57.74
CA MET M 91 -40.15 -58.38 57.12
C MET M 91 -40.68 -56.97 56.93
N GLY M 92 -41.96 -56.73 57.18
CA GLY M 92 -42.51 -55.40 57.08
C GLY M 92 -42.66 -54.89 55.66
N LEU M 93 -43.07 -55.78 54.74
CA LEU M 93 -43.20 -55.39 53.35
C LEU M 93 -44.43 -54.54 53.09
N SER M 94 -45.40 -54.56 53.99
CA SER M 94 -46.63 -53.81 53.83
C SER M 94 -46.52 -52.39 54.35
N GLU M 95 -45.42 -52.04 55.02
CA GLU M 95 -45.26 -50.70 55.58
C GLU M 95 -45.08 -49.65 54.48
N ILE M 96 -44.46 -50.03 53.37
CA ILE M 96 -44.16 -49.05 52.33
C ILE M 96 -45.27 -48.95 51.29
N GLN M 97 -46.10 -49.99 51.14
CA GLN M 97 -47.21 -49.91 50.21
C GLN M 97 -48.31 -49.03 50.78
N GLN M 98 -48.97 -48.28 49.89
CA GLN M 98 -50.10 -47.46 50.31
C GLN M 98 -51.30 -48.33 50.66
N ASP M 99 -51.55 -49.35 49.84
CA ASP M 99 -52.59 -50.33 50.09
C ASP M 99 -52.04 -51.72 49.81
N LEU M 100 -52.76 -52.73 50.28
CA LEU M 100 -52.43 -54.11 49.99
C LEU M 100 -53.26 -54.68 48.85
N THR M 101 -53.89 -53.80 48.07
CA THR M 101 -54.77 -54.24 46.99
C THR M 101 -53.96 -54.89 45.87
N TYR M 102 -52.84 -54.28 45.49
CA TYR M 102 -52.02 -54.82 44.41
C TYR M 102 -51.28 -56.07 44.85
N ALA M 103 -50.90 -56.16 46.12
CA ALA M 103 -50.21 -57.36 46.59
C ALA M 103 -51.16 -58.53 46.76
N ARG M 104 -52.42 -58.28 47.10
CA ARG M 104 -53.41 -59.35 47.14
C ARG M 104 -53.77 -59.81 45.74
N TRP M 105 -53.81 -58.87 44.79
CA TRP M 105 -53.95 -59.20 43.37
C TRP M 105 -52.85 -60.16 42.91
N ALA M 106 -51.63 -59.93 43.38
CA ALA M 106 -50.51 -60.79 43.02
C ALA M 106 -50.50 -62.09 43.79
N GLU M 107 -51.00 -62.08 45.03
CA GLU M 107 -51.06 -63.30 45.82
C GLU M 107 -52.12 -64.25 45.29
N LEU M 108 -53.28 -63.70 44.93
CA LEU M 108 -54.35 -64.51 44.36
C LEU M 108 -53.96 -65.06 43.00
N LYS M 109 -53.34 -64.22 42.16
CA LYS M 109 -53.00 -64.65 40.80
C LYS M 109 -51.88 -65.69 40.81
N HIS M 110 -50.92 -65.55 41.72
CA HIS M 110 -49.90 -66.57 41.87
C HIS M 110 -50.48 -67.87 42.40
N GLY M 111 -51.49 -67.79 43.26
CA GLY M 111 -52.14 -68.96 43.80
C GLY M 111 -53.06 -69.64 42.83
N ARG M 112 -53.79 -68.86 42.03
CA ARG M 112 -54.69 -69.44 41.04
C ARG M 112 -53.91 -70.09 39.90
N ILE M 113 -52.75 -69.55 39.56
CA ILE M 113 -51.91 -70.18 38.54
C ILE M 113 -51.27 -71.44 39.10
N ALA M 114 -50.86 -71.41 40.37
CA ALA M 114 -50.28 -72.58 41.02
C ALA M 114 -51.32 -73.68 41.22
N MET M 115 -52.58 -73.32 41.43
CA MET M 115 -53.63 -74.32 41.56
C MET M 115 -53.86 -75.04 40.24
N LEU M 116 -53.80 -74.32 39.12
CA LEU M 116 -53.92 -74.95 37.82
C LEU M 116 -52.66 -75.72 37.44
N ALA M 117 -51.51 -75.30 37.94
CA ALA M 117 -50.26 -75.99 37.63
C ALA M 117 -50.12 -77.28 38.42
N ILE M 118 -50.74 -77.36 39.60
CA ILE M 118 -50.77 -78.62 40.35
C ILE M 118 -51.58 -79.66 39.59
N VAL M 119 -52.80 -79.30 39.17
CA VAL M 119 -53.64 -80.25 38.46
C VAL M 119 -53.11 -80.47 37.05
N GLY M 120 -52.43 -79.49 36.48
CA GLY M 120 -51.81 -79.68 35.18
C GLY M 120 -50.65 -80.64 35.20
N MET M 121 -49.94 -80.73 36.33
CA MET M 121 -48.89 -81.72 36.46
C MET M 121 -49.42 -83.09 36.86
N ILE M 122 -50.65 -83.18 37.37
CA ILE M 122 -51.23 -84.48 37.65
C ILE M 122 -51.77 -85.11 36.38
N VAL M 123 -52.44 -84.34 35.54
CA VAL M 123 -53.08 -84.86 34.35
C VAL M 123 -52.12 -84.88 33.17
N GLN M 124 -50.85 -84.55 33.40
CA GLN M 124 -49.85 -84.66 32.34
C GLN M 124 -49.24 -86.06 32.26
N GLU M 125 -49.15 -86.77 33.37
CA GLU M 125 -48.66 -88.14 33.34
C GLU M 125 -49.73 -89.19 33.61
N TYR M 126 -50.86 -88.80 34.18
CA TYR M 126 -51.94 -89.75 34.48
C TYR M 126 -53.03 -89.65 33.40
N ILE M 127 -52.66 -90.10 32.20
CA ILE M 127 -53.62 -90.21 31.11
C ILE M 127 -53.58 -91.63 30.53
N GLY M 149 -47.53 -78.13 21.48
CA GLY M 149 -47.60 -77.16 22.55
C GLY M 149 -49.03 -76.80 22.94
N VAL M 150 -49.65 -77.67 23.72
CA VAL M 150 -51.04 -77.44 24.14
C VAL M 150 -51.10 -76.33 25.20
N ASN M 151 -50.03 -76.17 25.98
CA ASN M 151 -49.99 -75.11 26.97
C ASN M 151 -49.73 -73.74 26.36
N GLY M 152 -49.33 -73.67 25.08
CA GLY M 152 -49.23 -72.40 24.40
C GLY M 152 -50.57 -71.73 24.14
N GLN M 153 -51.65 -72.53 24.10
CA GLN M 153 -52.99 -71.95 24.04
C GLN M 153 -53.48 -71.49 25.41
N ILE M 154 -52.90 -72.01 26.49
CA ILE M 154 -53.29 -71.58 27.83
C ILE M 154 -52.68 -70.23 28.14
N PHE M 155 -51.40 -70.03 27.81
CA PHE M 155 -50.76 -68.73 28.01
C PHE M 155 -51.34 -67.67 27.08
N ALA M 156 -51.83 -68.08 25.91
CA ALA M 156 -52.55 -67.15 25.06
C ALA M 156 -53.95 -66.86 25.58
N ALA M 157 -54.54 -67.77 26.35
CA ALA M 157 -55.86 -67.53 26.89
C ALA M 157 -55.80 -66.71 28.18
N ILE M 158 -54.81 -66.98 29.02
CA ILE M 158 -54.60 -66.18 30.24
C ILE M 158 -54.18 -64.77 29.87
N GLY M 159 -53.39 -64.63 28.80
CA GLY M 159 -52.95 -63.32 28.36
C GLY M 159 -54.07 -62.46 27.82
N CYS M 160 -55.11 -63.07 27.25
CA CYS M 160 -56.26 -62.28 26.81
C CYS M 160 -57.11 -61.81 27.98
N VAL M 161 -57.18 -62.61 29.05
CA VAL M 161 -57.93 -62.21 30.23
C VAL M 161 -57.21 -61.10 30.98
N GLU M 162 -55.88 -61.19 31.06
CA GLU M 162 -55.10 -60.17 31.74
C GLU M 162 -55.01 -58.88 30.94
N LEU M 163 -55.22 -58.95 29.63
CA LEU M 163 -55.18 -57.74 28.80
C LEU M 163 -56.47 -56.95 28.91
N ILE M 164 -57.63 -57.63 28.95
CA ILE M 164 -58.90 -56.92 29.01
C ILE M 164 -59.20 -56.41 30.41
N ASN M 165 -58.61 -57.01 31.44
CA ASN M 165 -58.80 -56.56 32.82
C ASN M 165 -57.53 -55.91 33.35
N PHE M 166 -56.82 -55.19 32.49
CA PHE M 166 -55.55 -54.57 32.87
C PHE M 166 -55.75 -53.45 33.87
N ASN M 167 -56.79 -52.63 33.68
CA ASN M 167 -56.97 -51.47 34.52
C ASN M 167 -57.50 -51.82 35.91
N LYS M 168 -58.04 -53.03 36.09
CA LYS M 168 -58.60 -53.43 37.37
C LYS M 168 -57.54 -53.61 38.45
N HIS M 169 -56.30 -53.89 38.07
CA HIS M 169 -55.20 -53.92 39.01
C HIS M 169 -54.75 -52.53 39.42
N TYR M 170 -55.17 -51.50 38.70
CA TYR M 170 -54.81 -50.13 39.00
C TYR M 170 -56.01 -49.23 39.21
N ASP M 171 -57.23 -49.74 39.04
CA ASP M 171 -58.43 -48.97 39.35
C ASP M 171 -58.57 -48.70 40.84
N GLY M 172 -58.10 -49.63 41.67
CA GLY M 172 -58.42 -49.63 43.07
C GLY M 172 -59.59 -50.51 43.44
N SER M 173 -59.98 -51.43 42.56
CA SER M 173 -61.15 -52.27 42.76
C SER M 173 -60.81 -53.43 43.70
N GLU M 174 -61.73 -54.37 43.81
CA GLU M 174 -61.53 -55.53 44.68
C GLU M 174 -60.47 -56.45 44.06
N PRO M 175 -59.49 -56.91 44.85
CA PRO M 175 -58.43 -57.75 44.28
C PRO M 175 -58.93 -59.15 43.95
N GLY M 176 -58.54 -59.63 42.78
CA GLY M 176 -58.94 -60.93 42.30
C GLY M 176 -60.25 -60.97 41.55
N ASP M 177 -61.13 -59.99 41.77
CA ASP M 177 -62.45 -59.98 41.16
C ASP M 177 -62.37 -59.37 39.77
N ILE M 178 -62.71 -60.16 38.76
CA ILE M 178 -62.88 -59.64 37.41
C ILE M 178 -64.26 -60.06 36.91
N GLY M 179 -65.14 -60.40 37.85
CA GLY M 179 -66.48 -60.82 37.49
C GLY M 179 -66.58 -62.22 36.95
N TRP M 180 -65.52 -63.01 37.03
CA TRP M 180 -65.55 -64.39 36.56
C TRP M 180 -66.05 -65.31 37.68
N THR M 181 -67.32 -65.16 37.99
CA THR M 181 -68.03 -66.10 38.84
C THR M 181 -69.21 -66.67 38.07
N GLY M 182 -69.64 -67.87 38.48
CA GLY M 182 -70.74 -68.53 37.80
C GLY M 182 -72.06 -68.31 38.50
N GLY M 183 -72.27 -67.11 39.05
CA GLY M 183 -73.48 -66.81 39.78
C GLY M 183 -73.52 -67.33 41.20
N LEU M 184 -72.54 -68.13 41.60
CA LEU M 184 -72.52 -68.69 42.95
C LEU M 184 -72.09 -67.65 43.97
N LEU M 185 -71.43 -66.58 43.53
CA LEU M 185 -70.87 -65.63 44.48
C LEU M 185 -71.91 -64.65 44.99
N LYS M 186 -73.04 -64.50 44.29
CA LYS M 186 -74.23 -63.91 44.89
C LYS M 186 -74.82 -64.96 45.81
N ASN M 187 -74.74 -64.72 47.11
CA ASN M 187 -74.84 -65.80 48.08
C ASN M 187 -75.25 -65.17 49.41
N LYS M 188 -74.94 -65.84 50.52
CA LYS M 188 -75.19 -65.31 51.86
C LYS M 188 -74.33 -64.06 52.12
N SER M 189 -74.43 -63.53 53.34
CA SER M 189 -73.97 -62.18 53.64
C SER M 189 -72.44 -62.08 53.64
N GLU M 190 -71.93 -60.89 53.97
CA GLU M 190 -70.52 -60.57 53.79
C GLU M 190 -69.60 -61.35 54.72
N ALA M 191 -70.14 -61.96 55.78
CA ALA M 191 -69.35 -62.92 56.54
C ALA M 191 -69.12 -64.21 55.75
N GLU M 192 -70.06 -64.55 54.85
CA GLU M 192 -69.90 -65.74 54.02
C GLU M 192 -69.07 -65.44 52.77
N ILE M 193 -69.16 -64.20 52.28
CA ILE M 193 -68.27 -63.76 51.20
C ILE M 193 -66.83 -63.74 51.70
N MET M 194 -66.63 -63.34 52.95
CA MET M 194 -65.29 -63.32 53.54
C MET M 194 -64.74 -64.74 53.70
N LYS M 195 -65.60 -65.70 54.08
CA LYS M 195 -65.12 -67.07 54.21
C LYS M 195 -64.97 -67.77 52.86
N ALA M 196 -65.58 -67.23 51.81
CA ALA M 196 -65.26 -67.73 50.47
C ALA M 196 -63.91 -67.21 50.03
N LYS M 197 -63.62 -65.93 50.29
CA LYS M 197 -62.29 -65.37 50.07
C LYS M 197 -61.26 -66.02 50.98
N GLU M 198 -61.67 -66.46 52.17
CA GLU M 198 -60.74 -67.15 53.06
C GLU M 198 -60.45 -68.56 52.56
N GLN M 199 -61.42 -69.21 51.93
CA GLN M 199 -61.16 -70.53 51.36
C GLN M 199 -60.30 -70.43 50.10
N GLU M 200 -60.42 -69.33 49.36
CA GLU M 200 -59.59 -69.16 48.17
C GLU M 200 -58.14 -68.89 48.54
N ILE M 201 -57.90 -67.98 49.48
CA ILE M 201 -56.54 -67.56 49.78
C ILE M 201 -55.79 -68.62 50.58
N THR M 202 -56.47 -69.52 51.27
CA THR M 202 -55.78 -70.67 51.84
C THR M 202 -55.49 -71.73 50.81
N HIS M 203 -56.34 -71.88 49.80
CA HIS M 203 -56.00 -72.73 48.67
C HIS M 203 -54.92 -72.09 47.79
N CYS M 204 -54.91 -70.76 47.73
CA CYS M 204 -53.87 -70.05 46.99
C CYS M 204 -52.51 -70.23 47.64
N ARG M 205 -52.46 -70.09 48.97
CA ARG M 205 -51.18 -70.18 49.67
C ARG M 205 -50.68 -71.62 49.73
N LEU M 206 -51.59 -72.59 49.73
CA LEU M 206 -51.19 -74.00 49.80
C LEU M 206 -50.60 -74.47 48.47
N ALA M 207 -51.24 -74.09 47.37
CA ALA M 207 -50.79 -74.56 46.06
C ALA M 207 -49.48 -73.92 45.62
N MET M 208 -49.14 -72.76 46.17
CA MET M 208 -47.84 -72.17 45.90
C MET M 208 -46.73 -72.93 46.60
N ILE M 209 -46.99 -73.44 47.80
CA ILE M 209 -46.04 -74.33 48.47
C ILE M 209 -45.97 -75.66 47.74
N ALA M 210 -47.11 -76.12 47.22
CA ALA M 210 -47.17 -77.43 46.58
C ALA M 210 -46.49 -77.45 45.22
N ILE M 211 -46.74 -76.43 44.39
CA ILE M 211 -46.12 -76.40 43.07
C ILE M 211 -44.64 -76.06 43.17
N THR M 212 -44.21 -75.40 44.25
CA THR M 212 -42.78 -75.28 44.50
C THR M 212 -42.19 -76.63 44.87
N GLY M 213 -42.93 -77.42 45.65
CA GLY M 213 -42.48 -78.75 45.98
C GLY M 213 -42.58 -79.72 44.83
N ALA M 214 -43.66 -79.63 44.04
CA ALA M 214 -43.88 -80.59 42.96
C ALA M 214 -42.86 -80.40 41.83
N THR M 215 -42.42 -79.17 41.59
CA THR M 215 -41.45 -78.92 40.53
C THR M 215 -40.01 -79.11 40.97
N VAL M 216 -39.70 -78.95 42.25
CA VAL M 216 -38.34 -79.16 42.71
C VAL M 216 -38.02 -80.65 42.77
N GLN M 217 -38.91 -81.44 43.35
CA GLN M 217 -38.68 -82.88 43.40
C GLN M 217 -39.02 -83.59 42.09
N THR M 218 -39.46 -82.86 41.07
CA THR M 218 -39.46 -83.36 39.70
C THR M 218 -38.10 -83.09 39.04
N LEU M 219 -37.49 -81.94 39.32
CA LEU M 219 -36.21 -81.62 38.71
C LEU M 219 -35.06 -82.39 39.34
N LEU M 220 -35.20 -82.87 40.56
CA LEU M 220 -34.12 -83.59 41.23
C LEU M 220 -34.19 -85.10 41.01
N PHE M 221 -35.35 -85.70 41.24
CA PHE M 221 -35.48 -87.15 41.19
C PHE M 221 -36.00 -87.67 39.86
N HIS M 222 -36.69 -86.82 39.09
CA HIS M 222 -37.22 -87.12 37.75
C HIS M 222 -38.21 -88.28 37.74
N GLN M 223 -38.87 -88.51 38.88
CA GLN M 223 -39.98 -89.42 38.95
C GLN M 223 -41.28 -88.65 38.83
N PRO M 224 -42.32 -89.24 38.23
CA PRO M 224 -43.66 -88.65 38.30
C PRO M 224 -44.15 -88.58 39.74
N LEU M 225 -44.22 -89.75 40.38
CA LEU M 225 -44.60 -89.92 41.78
C LEU M 225 -43.79 -91.07 42.36
N LEU M 226 -44.34 -91.71 43.39
CA LEU M 226 -43.78 -92.90 44.06
C LEU M 226 -42.41 -92.64 44.66
N LYS N 34 -26.62 -53.30 97.81
CA LYS N 34 -25.47 -52.46 97.46
C LYS N 34 -24.25 -53.36 97.23
N GLN N 35 -24.19 -54.46 97.97
CA GLN N 35 -23.12 -55.44 97.79
C GLN N 35 -23.67 -56.65 97.04
N SER N 36 -22.79 -57.29 96.28
CA SER N 36 -23.17 -58.47 95.53
C SER N 36 -23.41 -59.65 96.47
N GLN N 37 -24.40 -60.48 96.13
CA GLN N 37 -24.69 -61.63 96.97
C GLN N 37 -23.72 -62.78 96.70
N ALA N 38 -23.43 -63.04 95.43
CA ALA N 38 -22.54 -64.13 95.07
C ALA N 38 -21.10 -63.84 95.46
N LEU N 39 -20.73 -62.57 95.47
CA LEU N 39 -19.37 -62.11 95.78
C LEU N 39 -19.50 -60.97 96.78
N PRO N 40 -19.50 -61.27 98.09
CA PRO N 40 -19.81 -60.22 99.07
C PRO N 40 -18.62 -59.35 99.45
N PHE N 41 -17.79 -59.00 98.47
CA PHE N 41 -16.76 -57.99 98.62
C PHE N 41 -16.72 -57.03 97.44
N LEU N 42 -17.35 -57.35 96.35
CA LEU N 42 -17.66 -56.59 95.16
C LEU N 42 -19.02 -55.92 95.31
N PRO N 43 -19.19 -54.73 94.74
CA PRO N 43 -20.50 -54.07 94.80
C PRO N 43 -21.51 -54.74 93.87
N TYR N 44 -22.75 -54.35 94.05
CA TYR N 44 -23.83 -54.91 93.24
C TYR N 44 -23.81 -54.27 91.85
N PRO N 45 -24.00 -55.06 90.78
CA PRO N 45 -23.83 -54.50 89.42
C PRO N 45 -24.93 -53.57 88.94
N GLU N 46 -26.06 -53.48 89.65
CA GLU N 46 -27.09 -52.43 89.57
C GLU N 46 -27.94 -52.46 88.29
N ASN N 47 -27.61 -53.30 87.32
CA ASN N 47 -28.43 -53.46 86.13
C ASN N 47 -29.16 -54.80 86.12
N LEU N 48 -29.15 -55.52 87.24
CA LEU N 48 -29.73 -56.85 87.34
C LEU N 48 -30.99 -56.86 88.18
N SER N 49 -31.66 -55.71 88.34
CA SER N 49 -32.65 -55.51 89.39
C SER N 49 -33.95 -56.27 89.16
N GLY N 50 -34.36 -56.49 87.91
CA GLY N 50 -35.46 -57.40 87.66
C GLY N 50 -34.92 -58.80 87.55
N TYR N 51 -35.18 -59.47 86.42
CA TYR N 51 -34.32 -60.56 85.92
C TYR N 51 -34.18 -61.74 86.88
N VAL N 52 -35.22 -62.57 86.96
CA VAL N 52 -35.51 -63.54 88.01
C VAL N 52 -34.35 -64.45 88.47
N GLY N 53 -33.33 -64.64 87.64
CA GLY N 53 -32.27 -65.55 88.01
C GLY N 53 -31.07 -64.90 88.65
N ASP N 54 -31.27 -63.70 89.18
CA ASP N 54 -30.17 -62.82 89.54
C ASP N 54 -29.42 -63.27 90.78
N ALA N 55 -28.09 -63.41 90.68
CA ALA N 55 -27.40 -63.53 91.96
C ALA N 55 -26.62 -62.29 92.34
N GLY N 56 -26.72 -61.22 91.55
CA GLY N 56 -25.77 -60.14 91.67
C GLY N 56 -24.38 -60.55 91.28
N PHE N 57 -24.25 -61.61 90.47
CA PHE N 57 -22.99 -62.32 90.35
C PHE N 57 -21.98 -61.51 89.55
N ASP N 58 -22.40 -61.00 88.39
CA ASP N 58 -21.61 -60.55 87.23
C ASP N 58 -20.44 -59.65 87.62
N PRO N 59 -19.21 -60.20 87.67
CA PRO N 59 -18.08 -59.41 88.16
C PRO N 59 -17.47 -58.53 87.10
N LEU N 60 -17.39 -59.05 85.88
CA LEU N 60 -16.83 -58.32 84.76
C LEU N 60 -17.78 -57.26 84.22
N ARG N 61 -19.02 -57.27 84.71
CA ARG N 61 -20.01 -56.22 84.49
C ARG N 61 -20.39 -56.09 83.02
N PHE N 62 -20.66 -57.23 82.39
CA PHE N 62 -21.21 -57.23 81.03
C PHE N 62 -22.59 -56.60 80.98
N SER N 63 -23.33 -56.68 82.09
CA SER N 63 -24.61 -55.99 82.20
C SER N 63 -24.45 -54.48 82.22
N ASP N 64 -23.27 -53.97 82.61
CA ASP N 64 -23.04 -52.53 82.54
C ASP N 64 -22.85 -52.07 81.11
N TYR N 65 -22.36 -52.92 80.21
CA TYR N 65 -21.96 -52.47 78.89
C TYR N 65 -22.91 -52.92 77.80
N PHE N 66 -23.52 -54.07 77.96
CA PHE N 66 -24.44 -54.67 77.00
C PHE N 66 -25.87 -54.58 77.52
N PRO N 67 -26.88 -54.56 76.64
CA PRO N 67 -28.26 -54.55 77.12
C PRO N 67 -28.63 -55.86 77.79
N MET N 68 -29.32 -55.75 78.93
CA MET N 68 -29.71 -56.92 79.68
C MET N 68 -30.82 -57.72 79.01
N ASP N 69 -31.61 -57.08 78.14
CA ASP N 69 -32.57 -57.82 77.33
C ASP N 69 -31.86 -58.72 76.34
N TYR N 70 -30.73 -58.28 75.80
CA TYR N 70 -29.95 -59.13 74.92
C TYR N 70 -29.23 -60.22 75.71
N LEU N 71 -28.75 -59.89 76.90
CA LEU N 71 -27.94 -60.84 77.67
C LEU N 71 -28.78 -61.97 78.23
N ARG N 72 -30.01 -61.66 78.65
CA ARG N 72 -30.89 -62.69 79.16
C ARG N 72 -31.47 -63.54 78.04
N GLU N 73 -31.75 -62.92 76.89
CA GLU N 73 -32.16 -63.69 75.71
C GLU N 73 -31.05 -64.62 75.26
N ALA N 74 -29.79 -64.20 75.40
CA ALA N 74 -28.68 -65.06 75.03
C ALA N 74 -28.45 -66.15 76.07
N GLU N 75 -28.66 -65.84 77.35
CA GLU N 75 -28.51 -66.85 78.39
C GLU N 75 -29.59 -67.90 78.30
N ILE N 76 -30.82 -67.49 78.03
CA ILE N 76 -31.94 -68.40 77.91
C ILE N 76 -31.75 -69.30 76.69
N LYS N 77 -31.34 -68.72 75.56
CA LYS N 77 -31.16 -69.49 74.34
C LYS N 77 -29.97 -70.45 74.46
N HIS N 78 -28.88 -70.01 75.09
CA HIS N 78 -27.77 -70.91 75.42
C HIS N 78 -28.24 -72.01 76.37
N GLY N 79 -29.21 -71.72 77.22
CA GLY N 79 -29.68 -72.69 78.19
C GLY N 79 -30.54 -73.79 77.56
N ARG N 80 -31.57 -73.40 76.82
CA ARG N 80 -32.50 -74.40 76.31
C ARG N 80 -31.93 -75.16 75.12
N ILE N 81 -30.89 -74.63 74.47
CA ILE N 81 -30.16 -75.42 73.48
C ILE N 81 -29.37 -76.53 74.17
N CYS N 82 -28.66 -76.17 75.25
CA CYS N 82 -27.87 -77.15 75.99
C CYS N 82 -28.72 -78.17 76.72
N MET N 83 -29.94 -77.80 77.11
CA MET N 83 -30.82 -78.77 77.74
C MET N 83 -31.23 -79.85 76.76
N LEU N 84 -31.47 -79.48 75.51
CA LEU N 84 -31.73 -80.48 74.47
C LEU N 84 -30.46 -81.22 74.09
N ALA N 85 -29.34 -80.52 74.10
CA ALA N 85 -28.08 -81.12 73.63
C ALA N 85 -27.54 -82.14 74.60
N THR N 86 -27.58 -81.83 75.90
CA THR N 86 -27.08 -82.80 76.88
C THR N 86 -28.01 -83.98 77.02
N VAL N 87 -29.30 -83.83 76.69
CA VAL N 87 -30.19 -84.99 76.71
C VAL N 87 -30.01 -85.78 75.42
N GLY N 88 -29.70 -85.10 74.32
CA GLY N 88 -29.46 -85.79 73.07
C GLY N 88 -28.13 -86.48 72.98
N TRP N 89 -27.11 -85.95 73.67
CA TRP N 89 -25.83 -86.63 73.71
C TRP N 89 -25.88 -87.84 74.64
N ILE N 90 -26.62 -87.72 75.75
CA ILE N 90 -26.72 -88.82 76.69
C ILE N 90 -27.53 -89.97 76.09
N ALA N 91 -28.61 -89.63 75.38
CA ALA N 91 -29.47 -90.65 74.77
C ALA N 91 -28.74 -91.42 73.67
N VAL N 92 -27.97 -90.71 72.84
CA VAL N 92 -27.29 -91.36 71.73
C VAL N 92 -26.12 -92.22 72.23
N ASP N 93 -25.42 -91.75 73.26
CA ASP N 93 -24.33 -92.56 73.81
C ASP N 93 -24.85 -93.78 74.57
N MET N 94 -26.04 -93.70 75.13
CA MET N 94 -26.63 -94.84 75.85
C MET N 94 -27.58 -95.62 74.94
N GLY N 95 -27.05 -96.10 73.83
CA GLY N 95 -27.87 -96.79 72.86
C GLY N 95 -28.76 -95.81 72.13
N LEU N 96 -30.03 -96.22 71.92
CA LEU N 96 -31.13 -95.33 71.51
C LEU N 96 -30.84 -94.62 70.18
N ARG N 97 -30.88 -95.39 69.12
CA ARG N 97 -30.95 -94.81 67.80
C ARG N 97 -32.41 -94.69 67.38
N VAL N 98 -32.66 -93.88 66.34
CA VAL N 98 -33.97 -93.90 65.73
C VAL N 98 -34.12 -95.18 64.92
N TYR N 99 -35.32 -95.75 64.91
CA TYR N 99 -35.49 -97.07 64.34
C TYR N 99 -36.49 -97.05 63.21
N PRO N 100 -36.16 -97.60 62.03
CA PRO N 100 -34.85 -98.18 61.71
C PRO N 100 -33.80 -97.14 61.33
N VAL N 101 -32.54 -97.49 61.53
CA VAL N 101 -31.43 -96.53 61.39
C VAL N 101 -31.24 -96.21 59.91
N PRO N 102 -31.17 -94.94 59.52
CA PRO N 102 -30.91 -94.60 58.12
C PRO N 102 -29.48 -94.94 57.72
N ALA N 103 -29.26 -94.90 56.41
CA ALA N 103 -27.99 -95.35 55.85
C ALA N 103 -26.88 -94.35 56.16
N GLY N 104 -25.80 -94.84 56.78
CA GLY N 104 -24.67 -94.02 57.13
C GLY N 104 -24.57 -93.64 58.59
N LEU N 105 -25.52 -94.07 59.42
CA LEU N 105 -25.49 -93.76 60.85
C LEU N 105 -25.45 -95.02 61.70
N GLU N 106 -24.85 -96.10 61.19
CA GLU N 106 -24.96 -97.39 61.86
C GLU N 106 -23.99 -97.51 63.03
N GLY N 107 -22.68 -97.53 62.74
CA GLY N 107 -21.72 -97.54 63.82
C GLY N 107 -21.21 -96.15 64.10
N VAL N 108 -21.87 -95.46 65.01
CA VAL N 108 -21.73 -94.01 65.20
C VAL N 108 -22.09 -93.68 66.65
N THR N 109 -21.22 -92.94 67.34
CA THR N 109 -21.52 -92.44 68.67
C THR N 109 -21.93 -90.98 68.57
N ALA N 110 -22.16 -90.35 69.73
CA ALA N 110 -22.57 -88.95 69.74
C ALA N 110 -21.42 -88.02 69.34
N ALA N 111 -20.18 -88.42 69.59
CA ALA N 111 -19.04 -87.61 69.20
C ALA N 111 -18.72 -87.70 67.71
N THR N 112 -19.36 -88.62 66.98
CA THR N 112 -19.15 -88.74 65.55
C THR N 112 -20.46 -88.68 64.76
N ALA N 113 -21.55 -88.30 65.40
CA ALA N 113 -22.83 -88.22 64.71
C ALA N 113 -23.04 -86.90 64.00
N HIS N 114 -22.17 -85.91 64.20
CA HIS N 114 -22.33 -84.65 63.50
C HIS N 114 -21.99 -84.81 62.03
N ASP N 115 -20.77 -85.22 61.72
CA ASP N 115 -20.33 -85.34 60.34
C ASP N 115 -21.02 -86.48 59.61
N ALA N 116 -21.44 -87.52 60.32
CA ALA N 116 -22.17 -88.60 59.67
C ALA N 116 -23.58 -88.17 59.29
N SER N 117 -24.18 -87.27 60.07
CA SER N 117 -25.53 -86.81 59.74
C SER N 117 -25.54 -85.77 58.64
N VAL N 118 -24.48 -84.97 58.50
CA VAL N 118 -24.45 -84.01 57.41
C VAL N 118 -24.15 -84.68 56.08
N ALA N 119 -23.59 -85.89 56.09
CA ALA N 119 -23.39 -86.62 54.84
C ALA N 119 -24.65 -87.39 54.45
N GLN N 120 -25.42 -87.83 55.43
CA GLN N 120 -26.65 -88.56 55.19
C GLN N 120 -27.78 -87.64 54.71
N GLY N 121 -27.70 -86.35 54.99
CA GLY N 121 -28.84 -85.48 54.86
C GLY N 121 -29.06 -84.80 56.19
N GLY N 122 -30.12 -85.19 56.91
CA GLY N 122 -30.16 -85.07 58.35
C GLY N 122 -30.08 -83.67 58.93
N LEU N 123 -28.89 -83.32 59.43
CA LEU N 123 -28.61 -81.98 59.94
C LEU N 123 -28.76 -80.89 58.89
N GLY N 124 -28.71 -81.22 57.60
CA GLY N 124 -29.00 -80.23 56.57
C GLY N 124 -30.42 -79.73 56.63
N GLN N 125 -31.36 -80.63 56.93
CA GLN N 125 -32.74 -80.20 57.13
C GLN N 125 -32.95 -79.58 58.50
N VAL N 126 -32.20 -80.02 59.49
CA VAL N 126 -32.25 -79.40 60.80
C VAL N 126 -31.71 -77.97 60.74
N PHE N 127 -30.65 -77.76 59.95
CA PHE N 127 -30.11 -76.43 59.79
C PHE N 127 -31.05 -75.52 59.03
N GLY N 128 -31.82 -76.07 58.09
CA GLY N 128 -32.75 -75.25 57.33
C GLY N 128 -33.90 -74.73 58.16
N TRP N 129 -34.41 -75.56 59.07
CA TRP N 129 -35.54 -75.16 59.89
C TRP N 129 -35.13 -74.39 61.14
N VAL N 130 -33.90 -74.60 61.62
CA VAL N 130 -33.37 -73.73 62.66
C VAL N 130 -33.12 -72.33 62.10
N ALA N 131 -32.72 -72.26 60.83
CA ALA N 131 -32.44 -70.97 60.19
C ALA N 131 -33.70 -70.14 60.01
N VAL N 132 -34.82 -70.75 59.62
CA VAL N 132 -36.05 -69.98 59.49
C VAL N 132 -36.65 -69.67 60.85
N ALA N 133 -36.30 -70.42 61.90
CA ALA N 133 -36.71 -70.03 63.24
C ALA N 133 -35.83 -68.91 63.76
N GLU N 134 -34.53 -68.98 63.51
CA GLU N 134 -33.62 -67.96 64.00
C GLU N 134 -33.71 -66.66 63.22
N MET N 135 -34.07 -66.71 61.94
CA MET N 135 -34.30 -65.47 61.20
C MET N 135 -35.58 -64.78 61.65
N ALA N 136 -36.60 -65.55 62.02
CA ALA N 136 -37.84 -64.96 62.51
C ALA N 136 -37.69 -64.47 63.95
N SER N 137 -36.95 -65.21 64.77
CA SER N 137 -36.70 -64.76 66.13
C SER N 137 -35.77 -63.56 66.18
N TRP N 138 -34.95 -63.37 65.14
CA TRP N 138 -34.08 -62.19 65.06
C TRP N 138 -34.90 -60.91 64.94
N ILE N 139 -36.04 -60.97 64.24
CA ILE N 139 -36.93 -59.82 64.21
C ILE N 139 -37.56 -59.61 65.58
N GLY N 140 -37.71 -60.67 66.36
CA GLY N 140 -38.16 -60.52 67.74
C GLY N 140 -37.11 -59.91 68.64
N VAL N 141 -35.85 -60.32 68.49
CA VAL N 141 -34.77 -59.73 69.28
C VAL N 141 -34.52 -58.30 68.87
N SER N 142 -34.59 -58.01 67.56
CA SER N 142 -34.33 -56.66 67.08
C SER N 142 -35.42 -55.69 67.50
N GLN N 143 -36.68 -56.14 67.52
CA GLN N 143 -37.74 -55.28 67.99
C GLN N 143 -37.80 -55.17 69.50
N MET N 144 -37.26 -56.17 70.22
CA MET N 144 -37.18 -56.08 71.67
C MET N 144 -36.18 -55.02 72.09
N LEU N 145 -35.06 -54.90 71.37
CA LEU N 145 -34.05 -53.91 71.71
C LEU N 145 -34.43 -52.50 71.27
N GLN N 146 -35.50 -52.35 70.48
CA GLN N 146 -36.01 -51.04 70.09
C GLN N 146 -37.35 -50.74 70.75
N GLY N 147 -37.70 -51.48 71.81
CA GLY N 147 -39.00 -51.33 72.43
C GLY N 147 -39.80 -52.61 72.42
N SER N 148 -41.07 -52.52 72.03
CA SER N 148 -42.02 -53.61 71.78
C SER N 148 -42.43 -54.40 73.03
N GLY N 149 -41.79 -54.18 74.17
CA GLY N 149 -42.18 -54.80 75.42
C GLY N 149 -42.07 -56.31 75.48
N ARG N 150 -41.33 -56.93 74.57
CA ARG N 150 -41.19 -58.38 74.58
C ARG N 150 -40.23 -58.80 75.69
N GLU N 151 -40.60 -59.82 76.44
CA GLU N 151 -39.69 -60.35 77.43
C GLU N 151 -38.59 -61.14 76.74
N PRO N 152 -37.36 -61.09 77.24
CA PRO N 152 -36.30 -61.94 76.68
C PRO N 152 -36.58 -63.40 76.96
N GLY N 153 -36.51 -64.21 75.90
CA GLY N 153 -36.90 -65.60 76.02
C GLY N 153 -38.39 -65.82 76.04
N TYR N 154 -39.15 -64.97 75.35
CA TYR N 154 -40.59 -65.15 75.22
C TYR N 154 -40.93 -65.39 73.76
N PHE N 155 -41.46 -66.56 73.49
CA PHE N 155 -42.16 -66.85 72.25
C PHE N 155 -43.58 -67.20 72.64
N GLY N 156 -44.39 -67.58 71.66
CA GLY N 156 -45.72 -67.96 72.09
C GLY N 156 -45.84 -69.38 72.60
N PHE N 157 -44.72 -70.10 72.70
CA PHE N 157 -44.71 -71.54 72.85
C PHE N 157 -45.08 -71.93 74.28
N ASP N 158 -46.37 -72.14 74.49
CA ASP N 158 -46.87 -72.76 75.72
C ASP N 158 -48.11 -73.56 75.39
N PRO N 159 -47.96 -74.66 74.64
CA PRO N 159 -49.15 -75.35 74.12
C PRO N 159 -49.87 -76.20 75.15
N LEU N 160 -49.20 -76.66 76.20
CA LEU N 160 -49.82 -77.50 77.22
C LEU N 160 -50.33 -76.70 78.40
N GLY N 161 -50.72 -75.44 78.18
CA GLY N 161 -51.26 -74.64 79.26
C GLY N 161 -50.18 -74.15 80.19
N LEU N 162 -50.17 -74.69 81.42
CA LEU N 162 -49.08 -74.57 82.41
C LEU N 162 -48.86 -73.16 82.96
N MET N 163 -49.58 -72.17 82.42
CA MET N 163 -49.58 -70.79 82.89
C MET N 163 -50.98 -70.20 82.85
N LYS N 164 -51.98 -71.00 83.23
CA LYS N 164 -53.38 -70.59 83.11
C LYS N 164 -53.73 -69.68 84.27
N GLY N 165 -53.34 -68.41 84.17
CA GLY N 165 -53.65 -67.45 85.19
C GLY N 165 -52.79 -67.53 86.42
N LYS N 166 -51.53 -67.96 86.28
CA LYS N 166 -50.62 -68.04 87.42
C LYS N 166 -50.22 -66.65 87.89
N SER N 167 -49.94 -66.53 89.17
CA SER N 167 -49.47 -65.27 89.73
C SER N 167 -48.04 -64.99 89.29
N GLU N 168 -47.66 -63.71 89.32
CA GLU N 168 -46.34 -63.32 88.86
C GLU N 168 -45.23 -63.79 89.81
N ALA N 169 -45.55 -64.06 91.07
CA ALA N 169 -44.56 -64.69 91.94
C ALA N 169 -44.36 -66.16 91.59
N GLU N 170 -45.37 -66.79 90.99
CA GLU N 170 -45.25 -68.16 90.53
C GLU N 170 -44.76 -68.26 89.09
N VAL N 171 -45.03 -67.24 88.28
CA VAL N 171 -44.49 -67.18 86.93
C VAL N 171 -42.99 -66.95 86.99
N ASN N 172 -42.56 -66.00 87.83
CA ASN N 172 -41.13 -65.74 88.00
C ASN N 172 -40.40 -66.89 88.68
N ASN N 173 -41.11 -67.74 89.41
CA ASN N 173 -40.47 -68.90 90.01
C ASN N 173 -40.18 -69.96 88.95
N MET N 174 -41.11 -70.17 88.02
CA MET N 174 -40.89 -71.14 86.95
C MET N 174 -39.84 -70.64 85.95
N LYS N 175 -39.77 -69.32 85.74
CA LYS N 175 -38.69 -68.75 84.95
C LYS N 175 -37.34 -68.95 85.61
N LEU N 176 -37.31 -68.97 86.94
CA LEU N 176 -36.08 -69.28 87.65
C LEU N 176 -35.70 -70.74 87.50
N LYS N 177 -36.68 -71.65 87.41
CA LYS N 177 -36.36 -73.05 87.19
C LYS N 177 -35.79 -73.29 85.80
N GLU N 178 -36.22 -72.52 84.81
CA GLU N 178 -35.70 -72.66 83.47
C GLU N 178 -34.27 -72.16 83.37
N ILE N 179 -33.98 -71.03 84.01
CA ILE N 179 -32.65 -70.45 83.95
C ILE N 179 -31.67 -71.27 84.79
N LYS N 180 -32.13 -71.81 85.91
CA LYS N 180 -31.25 -72.61 86.75
C LYS N 180 -30.92 -73.96 86.09
N ASN N 181 -31.94 -74.62 85.53
CA ASN N 181 -31.70 -75.88 84.83
C ASN N 181 -30.92 -75.66 83.53
N GLY N 182 -31.13 -74.51 82.89
CA GLY N 182 -30.36 -74.18 81.71
C GLY N 182 -28.91 -73.90 82.03
N ARG N 183 -28.65 -73.19 83.13
CA ARG N 183 -27.29 -72.93 83.57
C ARG N 183 -26.55 -74.21 83.95
N LEU N 184 -27.29 -75.22 84.42
CA LEU N 184 -26.66 -76.49 84.77
C LEU N 184 -26.34 -77.31 83.53
N ALA N 185 -27.24 -77.33 82.55
CA ALA N 185 -27.02 -78.11 81.35
C ALA N 185 -25.98 -77.49 80.43
N MET N 186 -25.71 -76.19 80.58
CA MET N 186 -24.61 -75.59 79.83
C MET N 186 -23.27 -76.08 80.35
N LEU N 187 -23.11 -76.13 81.67
CA LEU N 187 -21.91 -76.69 82.26
C LEU N 187 -21.87 -78.20 82.12
N ALA N 188 -23.02 -78.85 82.01
CA ALA N 188 -23.04 -80.30 81.90
C ALA N 188 -22.64 -80.77 80.53
N PHE N 189 -23.22 -80.16 79.48
CA PHE N 189 -22.90 -80.55 78.12
C PHE N 189 -21.43 -80.31 77.81
N SER N 190 -20.89 -79.20 78.29
CA SER N 190 -19.48 -78.91 78.10
C SER N 190 -18.60 -79.90 78.83
N GLY N 191 -19.06 -80.42 79.97
CA GLY N 191 -18.35 -81.50 80.60
C GLY N 191 -18.47 -82.80 79.83
N ILE N 192 -19.68 -83.10 79.34
CA ILE N 192 -19.92 -84.36 78.64
C ILE N 192 -19.19 -84.38 77.31
N CYS N 193 -19.27 -83.30 76.55
CA CYS N 193 -18.67 -83.27 75.22
C CYS N 193 -17.14 -83.27 75.28
N THR N 194 -16.56 -82.63 76.30
CA THR N 194 -15.12 -82.64 76.42
C THR N 194 -14.61 -83.99 76.91
N GLN N 195 -15.26 -84.57 77.92
CA GLN N 195 -14.80 -85.84 78.47
C GLN N 195 -15.02 -87.01 77.51
N SER N 196 -16.06 -86.93 76.67
CA SER N 196 -16.29 -88.01 75.71
C SER N 196 -15.30 -88.01 74.56
N VAL N 197 -14.65 -86.88 74.30
CA VAL N 197 -13.70 -86.77 73.21
C VAL N 197 -12.26 -86.85 73.70
N LEU N 198 -11.97 -86.26 74.86
CA LEU N 198 -10.62 -86.28 75.40
C LEU N 198 -10.25 -87.67 75.91
N PHE N 199 -11.06 -88.23 76.79
CA PHE N 199 -10.79 -89.57 77.28
C PHE N 199 -11.39 -90.65 76.40
N ASP N 200 -12.13 -90.26 75.34
CA ASP N 200 -12.61 -91.12 74.26
C ASP N 200 -13.53 -92.23 74.79
N LYS N 201 -14.62 -91.82 75.43
CA LYS N 201 -15.57 -92.75 76.01
C LYS N 201 -16.99 -92.28 75.72
N THR N 202 -17.96 -93.14 76.03
CA THR N 202 -19.36 -92.76 76.02
C THR N 202 -19.82 -92.44 77.44
N PHE N 203 -21.02 -91.84 77.53
CA PHE N 203 -21.38 -90.98 78.67
C PHE N 203 -21.33 -91.65 80.06
N PRO N 204 -21.71 -92.92 80.26
CA PRO N 204 -21.31 -93.55 81.53
C PRO N 204 -19.82 -93.86 81.55
N PHE N 205 -19.00 -92.84 81.85
CA PHE N 205 -17.55 -93.00 81.86
C PHE N 205 -17.10 -93.89 83.03
N SER O 34 1.38 -39.58 103.19
CA SER O 34 0.16 -39.74 103.96
C SER O 34 -0.38 -41.16 103.87
N VAL O 35 0.47 -42.09 103.40
CA VAL O 35 0.07 -43.49 103.35
C VAL O 35 0.03 -44.11 104.74
N PHE O 36 0.73 -43.52 105.71
CA PHE O 36 0.78 -44.06 107.05
C PHE O 36 -0.48 -43.73 107.85
N ASP O 37 -1.22 -42.71 107.43
CA ASP O 37 -2.51 -42.40 108.03
C ASP O 37 -3.68 -42.99 107.26
N ASN O 38 -3.52 -43.21 105.96
CA ASN O 38 -4.56 -43.87 105.19
C ASN O 38 -4.53 -45.38 105.37
N TYR O 39 -3.37 -45.95 105.63
CA TYR O 39 -3.23 -47.40 105.75
C TYR O 39 -2.43 -47.74 106.99
N VAL O 40 -2.38 -49.04 107.27
CA VAL O 40 -1.82 -49.59 108.50
C VAL O 40 -0.63 -50.45 108.12
N GLY O 41 0.41 -50.44 108.95
CA GLY O 41 1.56 -51.28 108.67
C GLY O 41 2.89 -50.60 108.87
N ALA O 42 2.86 -49.41 109.48
CA ALA O 42 4.09 -48.65 109.75
C ALA O 42 4.75 -49.12 111.05
N LYS O 43 5.09 -50.41 111.07
CA LYS O 43 5.68 -51.06 112.23
C LYS O 43 6.95 -51.77 111.82
N ASP O 44 7.75 -52.13 112.82
CA ASP O 44 8.93 -52.96 112.62
C ASP O 44 8.74 -54.25 113.41
N PHE O 45 9.82 -55.03 113.50
CA PHE O 45 9.76 -56.31 114.21
C PHE O 45 9.63 -56.16 115.72
N ARG O 46 9.95 -54.98 116.27
CA ARG O 46 9.78 -54.72 117.69
C ARG O 46 8.47 -54.04 118.02
N GLY O 47 7.63 -53.73 117.02
CA GLY O 47 6.39 -53.05 117.25
C GLY O 47 6.48 -51.54 117.34
N ALA O 48 7.67 -50.97 117.16
CA ALA O 48 7.82 -49.52 117.18
C ALA O 48 7.33 -48.93 115.85
N GLU O 49 7.10 -47.62 115.88
CA GLU O 49 6.55 -46.94 114.71
C GLU O 49 7.66 -46.71 113.70
N PHE O 50 7.47 -47.25 112.49
CA PHE O 50 8.53 -47.33 111.48
C PHE O 50 7.97 -46.83 110.15
N LYS O 51 8.07 -45.52 109.91
CA LYS O 51 7.64 -44.91 108.65
C LYS O 51 8.71 -45.21 107.61
N PHE O 52 8.48 -46.25 106.82
CA PHE O 52 9.48 -46.76 105.89
C PHE O 52 9.00 -46.52 104.45
N ASP O 53 9.38 -45.38 103.91
CA ASP O 53 9.28 -45.11 102.48
C ASP O 53 10.45 -44.22 102.09
N PRO O 54 11.64 -44.79 101.91
CA PRO O 54 12.80 -43.95 101.56
C PRO O 54 12.72 -43.37 100.16
N LEU O 55 12.24 -44.13 99.18
CA LEU O 55 12.09 -43.60 97.84
C LEU O 55 10.86 -42.73 97.68
N LYS O 56 10.00 -42.66 98.71
CA LYS O 56 8.79 -41.84 98.74
C LYS O 56 7.84 -42.19 97.60
N LEU O 57 7.67 -43.49 97.35
CA LEU O 57 6.85 -43.94 96.24
C LEU O 57 5.37 -43.67 96.49
N SER O 58 4.95 -43.64 97.75
CA SER O 58 3.57 -43.35 98.09
C SER O 58 3.23 -41.87 97.97
N GLU O 59 4.23 -41.00 97.85
CA GLU O 59 3.98 -39.60 97.54
C GLU O 59 4.23 -39.28 96.08
N THR O 60 5.16 -39.99 95.45
CA THR O 60 5.38 -39.82 94.01
C THR O 60 4.23 -40.44 93.21
N TYR O 61 3.66 -41.53 93.72
CA TYR O 61 2.58 -42.27 93.07
C TYR O 61 1.40 -42.40 94.02
N GLU O 62 1.00 -41.26 94.58
CA GLU O 62 -0.10 -41.23 95.55
C GLU O 62 -1.45 -41.80 95.07
N PRO O 63 -1.86 -41.72 93.79
CA PRO O 63 -3.03 -42.51 93.39
C PRO O 63 -2.82 -44.01 93.41
N PHE O 64 -1.58 -44.48 93.39
CA PHE O 64 -1.31 -45.91 93.30
C PHE O 64 -1.18 -46.59 94.65
N GLN O 65 -1.35 -45.87 95.76
CA GLN O 65 -1.07 -46.46 97.07
C GLN O 65 -2.15 -47.43 97.52
N GLY O 66 -3.36 -47.33 96.98
CA GLY O 66 -4.33 -48.38 97.20
C GLY O 66 -3.96 -49.65 96.46
N TRP O 67 -3.41 -49.50 95.25
CA TRP O 67 -2.88 -50.63 94.52
C TRP O 67 -1.64 -51.20 95.19
N PHE O 68 -0.85 -50.33 95.82
CA PHE O 68 0.37 -50.76 96.49
C PHE O 68 0.08 -51.65 97.69
N ARG O 69 -1.06 -51.43 98.36
CA ARG O 69 -1.39 -52.25 99.52
C ARG O 69 -2.10 -53.53 99.12
N GLU O 70 -2.95 -53.47 98.09
CA GLU O 70 -3.59 -54.67 97.57
C GLU O 70 -2.57 -55.64 96.98
N SER O 71 -1.46 -55.12 96.46
CA SER O 71 -0.41 -55.97 95.94
C SER O 71 0.65 -56.34 96.98
N GLU O 72 0.81 -55.54 98.03
CA GLU O 72 1.68 -55.95 99.13
C GLU O 72 1.09 -57.13 99.89
N LEU O 73 -0.22 -57.08 100.12
CA LEU O 73 -0.90 -58.21 100.76
C LEU O 73 -0.91 -59.42 99.85
N ARG O 74 -1.11 -59.20 98.55
CA ARG O 74 -1.11 -60.31 97.60
C ARG O 74 0.27 -60.96 97.50
N HIS O 75 1.34 -60.15 97.52
CA HIS O 75 2.67 -60.72 97.62
C HIS O 75 2.91 -61.35 98.97
N GLY O 76 2.34 -60.78 100.02
CA GLY O 76 2.54 -61.33 101.35
C GLY O 76 1.82 -62.64 101.55
N ARG O 77 0.52 -62.70 101.22
CA ARG O 77 -0.26 -63.91 101.38
C ARG O 77 0.19 -65.03 100.45
N THR O 78 0.80 -64.69 99.30
CA THR O 78 1.37 -65.72 98.44
C THR O 78 2.65 -66.30 99.03
N ALA O 79 3.52 -65.44 99.57
CA ALA O 79 4.78 -65.91 100.11
C ALA O 79 4.62 -66.69 101.41
N MET O 80 3.50 -66.50 102.12
CA MET O 80 3.27 -67.25 103.34
C MET O 80 2.82 -68.67 103.03
N LEU O 81 2.02 -68.85 101.98
CA LEU O 81 1.71 -70.19 101.51
C LEU O 81 2.88 -70.84 100.80
N ALA O 82 3.78 -70.04 100.22
CA ALA O 82 4.90 -70.60 99.49
C ALA O 82 5.96 -71.16 100.42
N VAL O 83 6.20 -70.49 101.55
CA VAL O 83 7.21 -70.97 102.49
C VAL O 83 6.72 -72.23 103.19
N VAL O 84 5.40 -72.37 103.40
CA VAL O 84 4.87 -73.60 103.97
C VAL O 84 4.92 -74.72 102.94
N GLY O 85 4.59 -74.41 101.69
CA GLY O 85 4.57 -75.38 100.62
C GLY O 85 5.93 -75.84 100.16
N TYR O 86 7.01 -75.17 100.55
CA TYR O 86 8.32 -75.69 100.27
C TYR O 86 8.78 -76.65 101.38
N ILE O 87 8.46 -76.32 102.63
CA ILE O 87 8.88 -77.17 103.74
C ILE O 87 8.05 -78.45 103.79
N ALA O 88 6.73 -78.32 103.61
CA ALA O 88 5.86 -79.49 103.67
C ALA O 88 6.05 -80.43 102.50
N THR O 89 6.58 -79.93 101.37
CA THR O 89 6.85 -80.79 100.23
C THR O 89 8.06 -81.68 100.49
N ASP O 90 9.02 -81.17 101.26
CA ASP O 90 10.25 -81.90 101.55
C ASP O 90 10.05 -83.08 102.51
N PHE O 91 8.87 -83.23 103.08
CA PHE O 91 8.52 -84.41 103.88
C PHE O 91 7.32 -85.17 103.34
N VAL O 92 6.26 -84.47 102.93
CA VAL O 92 5.01 -85.09 102.50
C VAL O 92 4.76 -84.71 101.05
N ARG O 93 4.36 -85.69 100.25
CA ARG O 93 3.85 -85.45 98.91
C ARG O 93 2.36 -85.75 98.89
N ILE O 94 1.64 -85.22 97.89
CA ILE O 94 0.29 -85.79 97.72
C ILE O 94 0.46 -87.19 97.13
N PRO O 95 -0.45 -88.18 97.41
CA PRO O 95 -0.07 -89.60 97.25
C PRO O 95 0.07 -90.15 95.84
N GLY O 96 0.03 -89.33 94.81
CA GLY O 96 0.18 -89.85 93.46
C GLY O 96 1.62 -90.17 93.10
N GLU O 97 1.77 -90.96 92.03
CA GLU O 97 3.10 -91.35 91.57
C GLU O 97 3.77 -90.25 90.76
N MET O 98 2.99 -89.39 90.11
CA MET O 98 3.56 -88.23 89.42
C MET O 98 4.12 -87.22 90.40
N TYR O 99 3.58 -87.16 91.61
CA TYR O 99 4.00 -86.24 92.65
C TYR O 99 4.95 -86.88 93.65
N SER O 100 5.35 -88.13 93.44
CA SER O 100 6.05 -88.91 94.44
C SER O 100 7.48 -88.41 94.64
N PHE O 101 8.13 -88.93 95.69
CA PHE O 101 9.51 -88.56 96.00
C PHE O 101 10.49 -89.11 94.98
N GLU O 102 10.14 -90.21 94.30
CA GLU O 102 11.01 -90.76 93.28
C GLU O 102 11.06 -89.87 92.04
N ALA O 103 9.93 -89.26 91.69
CA ALA O 103 9.86 -88.42 90.50
C ALA O 103 10.54 -87.08 90.72
N ILE O 104 10.09 -86.33 91.73
CA ILE O 104 10.66 -85.02 92.06
C ILE O 104 11.53 -85.20 93.29
N PRO O 105 12.87 -85.08 93.18
CA PRO O 105 13.77 -85.41 94.30
C PRO O 105 13.62 -84.57 95.57
N LYS O 106 13.87 -83.25 95.55
CA LYS O 106 13.74 -82.57 96.83
C LYS O 106 12.48 -81.73 96.96
N SER O 107 12.51 -80.52 96.41
CA SER O 107 11.31 -79.72 96.19
C SER O 107 11.52 -78.76 95.01
N ALA O 108 12.77 -78.56 94.63
CA ALA O 108 13.11 -77.54 93.65
C ALA O 108 12.87 -77.99 92.23
N ASP O 109 12.68 -79.28 92.01
CA ASP O 109 12.32 -79.80 90.70
C ASP O 109 10.82 -79.92 90.52
N ALA O 110 10.03 -79.46 91.49
CA ALA O 110 8.58 -79.55 91.38
C ALA O 110 8.04 -78.60 90.33
N HIS O 111 8.75 -77.50 90.06
CA HIS O 111 8.29 -76.58 89.03
C HIS O 111 8.53 -77.15 87.65
N ASP O 112 9.79 -77.46 87.32
CA ASP O 112 10.15 -77.83 85.95
C ASP O 112 9.69 -79.23 85.57
N ALA O 113 9.63 -80.17 86.51
CA ALA O 113 9.18 -81.52 86.21
C ALA O 113 7.69 -81.70 86.39
N LEU O 114 6.91 -80.61 86.37
CA LEU O 114 5.46 -80.70 86.36
C LEU O 114 4.84 -79.73 85.35
N ILE O 115 5.64 -79.10 84.50
CA ILE O 115 5.11 -78.17 83.51
C ILE O 115 4.29 -78.91 82.46
N ALA O 116 4.92 -79.84 81.75
CA ALA O 116 4.23 -80.64 80.75
C ALA O 116 3.35 -81.72 81.38
N SER O 117 3.54 -82.02 82.67
CA SER O 117 2.77 -83.07 83.31
C SER O 117 1.31 -82.67 83.50
N GLY O 118 1.03 -81.38 83.69
CA GLY O 118 -0.33 -80.99 84.00
C GLY O 118 -0.65 -80.22 85.27
N PRO O 119 -0.07 -80.55 86.45
CA PRO O 119 -0.44 -79.80 87.67
C PRO O 119 -0.03 -78.34 87.67
N MET O 120 1.05 -77.97 86.98
CA MET O 120 1.37 -76.55 86.87
C MET O 120 0.45 -75.83 85.91
N SER O 121 -0.06 -76.51 84.90
CA SER O 121 -1.04 -75.91 83.99
C SER O 121 -2.41 -75.80 84.65
N GLN O 122 -2.71 -76.67 85.62
CA GLN O 122 -4.01 -76.61 86.28
C GLN O 122 -4.09 -75.43 87.23
N LEU O 123 -3.03 -75.18 87.99
CA LEU O 123 -3.04 -74.02 88.88
C LEU O 123 -2.88 -72.72 88.10
N LEU O 124 -2.21 -72.76 86.94
CA LEU O 124 -2.10 -71.57 86.11
C LEU O 124 -3.44 -71.19 85.52
N LEU O 125 -4.30 -72.18 85.23
CA LEU O 125 -5.65 -71.88 84.77
C LEU O 125 -6.48 -71.23 85.87
N TRP O 126 -6.53 -71.86 87.04
CA TRP O 126 -7.52 -71.46 88.05
C TRP O 126 -7.11 -70.20 88.80
N ILE O 127 -5.81 -69.99 89.00
CA ILE O 127 -5.36 -68.72 89.57
C ILE O 127 -5.55 -67.60 88.54
N GLY O 128 -5.23 -67.89 87.27
CA GLY O 128 -5.46 -66.92 86.22
C GLY O 128 -6.92 -66.68 85.92
N LEU O 129 -7.76 -67.70 86.12
CA LEU O 129 -9.21 -67.47 86.03
C LEU O 129 -9.69 -66.64 87.21
N PHE O 130 -9.16 -66.90 88.41
CA PHE O 130 -9.50 -66.12 89.59
C PHE O 130 -9.04 -64.68 89.43
N ASP O 131 -7.86 -64.49 88.86
CA ASP O 131 -7.33 -63.13 88.74
C ASP O 131 -8.04 -62.36 87.63
N LEU O 132 -8.59 -63.05 86.63
CA LEU O 132 -9.33 -62.36 85.59
C LEU O 132 -10.77 -62.08 86.00
N VAL O 133 -11.39 -63.02 86.70
CA VAL O 133 -12.82 -62.91 87.02
C VAL O 133 -13.05 -62.26 88.37
N VAL O 134 -12.16 -62.45 89.34
CA VAL O 134 -12.42 -61.91 90.68
C VAL O 134 -11.51 -60.72 90.98
N THR O 135 -10.19 -60.93 90.84
CA THR O 135 -9.22 -59.94 91.33
C THR O 135 -9.24 -58.68 90.49
N ALA O 136 -9.36 -58.82 89.17
CA ALA O 136 -9.43 -57.64 88.31
C ALA O 136 -10.71 -56.82 88.50
N PRO O 137 -11.91 -57.40 88.71
CA PRO O 137 -13.00 -56.57 89.21
C PRO O 137 -12.82 -56.10 90.64
N ALA O 138 -11.98 -56.76 91.44
CA ALA O 138 -11.76 -56.29 92.80
C ALA O 138 -10.88 -55.06 92.84
N VAL O 139 -9.84 -55.01 92.01
CA VAL O 139 -8.96 -53.85 92.03
C VAL O 139 -9.55 -52.64 91.32
N GLN O 140 -10.59 -52.82 90.49
CA GLN O 140 -11.27 -51.64 89.98
C GLN O 140 -12.35 -51.14 90.92
N ALA O 141 -12.90 -52.01 91.76
CA ALA O 141 -13.79 -51.56 92.81
C ALA O 141 -13.02 -50.90 93.94
N MET O 142 -11.76 -51.27 94.10
CA MET O 142 -10.90 -50.61 95.08
C MET O 142 -10.54 -49.21 94.63
N GLY O 143 -10.28 -49.04 93.33
CA GLY O 143 -10.00 -47.72 92.80
C GLY O 143 -11.21 -46.81 92.79
N LYS O 144 -12.39 -47.38 92.65
CA LYS O 144 -13.62 -46.60 92.76
C LYS O 144 -13.97 -46.29 94.21
N GLY O 145 -13.42 -47.04 95.16
CA GLY O 145 -13.56 -46.73 96.56
C GLY O 145 -14.61 -47.49 97.34
N GLU O 146 -15.13 -48.60 96.79
CA GLU O 146 -16.18 -49.33 97.49
C GLU O 146 -15.71 -50.65 98.09
N ARG O 147 -14.45 -51.03 97.94
CA ARG O 147 -13.91 -52.11 98.74
C ARG O 147 -12.51 -51.74 99.21
N GLU O 148 -12.15 -52.26 100.37
CA GLU O 148 -10.82 -52.10 100.94
C GLU O 148 -9.83 -52.99 100.21
N PRO O 149 -8.58 -52.55 100.06
CA PRO O 149 -7.56 -53.41 99.45
C PRO O 149 -7.21 -54.58 100.34
N GLY O 150 -7.13 -55.76 99.74
CA GLY O 150 -6.86 -56.99 100.46
C GLY O 150 -8.09 -57.76 100.87
N ASP O 151 -9.28 -57.15 100.80
CA ASP O 151 -10.51 -57.79 101.24
C ASP O 151 -11.07 -58.65 100.12
N PHE O 152 -11.03 -59.97 100.31
CA PHE O 152 -11.70 -60.90 99.42
C PHE O 152 -12.77 -61.69 100.15
N GLY O 153 -13.39 -61.07 101.15
CA GLY O 153 -14.62 -61.58 101.74
C GLY O 153 -14.47 -62.65 102.80
N LEU O 154 -13.28 -62.83 103.37
CA LEU O 154 -13.09 -63.84 104.43
C LEU O 154 -13.22 -63.13 105.77
N LYS O 155 -14.47 -62.92 106.20
CA LYS O 155 -14.75 -62.14 107.39
C LYS O 155 -15.27 -63.01 108.54
N TRP O 156 -15.07 -64.33 108.48
CA TRP O 156 -15.58 -65.21 109.52
C TRP O 156 -14.85 -65.02 110.83
N PHE O 157 -13.53 -65.22 110.84
CA PHE O 157 -12.72 -65.02 112.02
C PHE O 157 -12.21 -63.59 112.15
N ALA O 158 -12.76 -62.67 111.37
CA ALA O 158 -12.35 -61.27 111.44
C ALA O 158 -13.00 -60.61 112.64
N PRO O 159 -12.22 -60.04 113.56
CA PRO O 159 -12.82 -59.32 114.68
C PRO O 159 -13.34 -57.96 114.27
N SER O 160 -14.32 -57.47 115.03
CA SER O 160 -14.80 -56.11 114.91
C SER O 160 -13.93 -55.21 115.79
N SER O 161 -14.40 -53.99 116.08
CA SER O 161 -13.68 -52.98 116.87
C SER O 161 -12.33 -52.65 116.22
N LYS O 162 -12.46 -51.92 115.09
CA LYS O 162 -11.52 -51.76 113.98
C LYS O 162 -10.03 -51.78 114.31
N ASP O 163 -9.67 -51.18 115.45
CA ASP O 163 -8.29 -51.25 115.94
C ASP O 163 -7.85 -52.68 116.23
N ALA O 164 -8.78 -53.55 116.65
CA ALA O 164 -8.44 -54.97 116.79
C ALA O 164 -8.25 -55.62 115.43
N PHE O 165 -9.06 -55.22 114.45
CA PHE O 165 -8.83 -55.67 113.08
C PHE O 165 -7.55 -55.07 112.50
N ASP O 166 -7.25 -53.82 112.88
CA ASP O 166 -6.01 -53.18 112.45
C ASP O 166 -4.79 -53.88 113.04
N LYS O 167 -4.94 -54.46 114.23
CA LYS O 167 -3.85 -55.23 114.82
C LYS O 167 -3.68 -56.58 114.10
N LYS O 168 -4.78 -57.15 113.61
CA LYS O 168 -4.67 -58.36 112.81
C LYS O 168 -4.06 -58.11 111.44
N ARG O 169 -4.28 -56.94 110.86
CA ARG O 169 -3.72 -56.64 109.54
C ARG O 169 -2.21 -56.43 109.61
N GLU O 170 -1.72 -55.79 110.67
CA GLU O 170 -0.28 -55.63 110.80
C GLU O 170 0.41 -56.93 111.18
N ALA O 171 -0.32 -57.85 111.82
CA ALA O 171 0.22 -59.20 112.01
C ALA O 171 0.29 -59.96 110.69
N GLU O 172 -0.71 -59.75 109.83
CA GLU O 172 -0.67 -60.30 108.48
C GLU O 172 0.44 -59.66 107.67
N LEU O 173 0.65 -58.35 107.85
CA LEU O 173 1.68 -57.65 107.10
C LEU O 173 3.08 -58.04 107.54
N LEU O 174 3.29 -58.14 108.85
CA LEU O 174 4.62 -58.47 109.36
C LEU O 174 5.01 -59.91 109.05
N ASN O 175 4.06 -60.85 109.21
CA ASN O 175 4.32 -62.22 108.80
C ASN O 175 4.37 -62.33 107.27
N GLY O 176 3.67 -61.43 106.57
CA GLY O 176 3.75 -61.42 105.13
C GLY O 176 5.09 -60.91 104.63
N ARG O 177 5.55 -59.78 105.18
CA ARG O 177 6.81 -59.18 104.76
C ARG O 177 8.01 -60.05 105.12
N LEU O 178 7.90 -60.82 106.20
CA LEU O 178 8.99 -61.72 106.57
C LEU O 178 9.04 -62.93 105.66
N ALA O 179 7.88 -63.46 105.27
CA ALA O 179 7.83 -64.59 104.35
C ALA O 179 8.30 -64.24 102.95
N MET O 180 8.23 -62.96 102.57
CA MET O 180 8.70 -62.56 101.25
C MET O 180 10.21 -62.64 101.16
N PHE O 181 10.92 -62.49 102.28
CA PHE O 181 12.34 -62.81 102.34
C PHE O 181 12.60 -64.27 102.61
N ALA O 182 11.67 -64.96 103.29
CA ALA O 182 11.86 -66.36 103.61
C ALA O 182 11.81 -67.23 102.36
N ILE O 183 10.84 -66.97 101.48
CA ILE O 183 10.76 -67.73 100.24
C ILE O 183 11.84 -67.28 99.26
N GLY O 184 12.36 -66.06 99.42
CA GLY O 184 13.54 -65.68 98.68
C GLY O 184 14.77 -66.40 99.18
N GLY O 185 14.85 -66.60 100.49
CA GLY O 185 15.99 -67.31 101.05
C GLY O 185 15.95 -68.79 100.78
N ILE O 186 14.78 -69.40 100.90
CA ILE O 186 14.66 -70.85 100.78
C ILE O 186 14.91 -71.29 99.35
N ALA O 187 14.30 -70.62 98.39
CA ALA O 187 14.41 -71.03 97.00
C ALA O 187 15.76 -70.70 96.39
N THR O 188 16.51 -69.76 96.95
CA THR O 188 17.83 -69.47 96.44
C THR O 188 18.86 -70.42 97.02
N GLN O 189 18.82 -70.64 98.34
CA GLN O 189 19.78 -71.50 99.02
C GLN O 189 19.62 -72.96 98.64
N SER O 190 18.42 -73.39 98.27
CA SER O 190 18.22 -74.77 97.86
C SER O 190 18.69 -75.04 96.44
N VAL O 191 19.09 -74.02 95.69
CA VAL O 191 19.65 -74.21 94.36
C VAL O 191 21.17 -74.16 94.36
N LEU O 192 21.78 -73.15 94.98
CA LEU O 192 23.24 -73.09 95.03
C LEU O 192 23.86 -74.14 95.94
N ASN O 193 23.16 -74.54 96.99
CA ASN O 193 23.70 -75.56 97.89
C ASN O 193 23.11 -76.94 97.63
N GLY O 194 21.89 -77.00 97.10
CA GLY O 194 21.27 -78.26 96.76
C GLY O 194 20.68 -79.02 97.92
N HIS O 195 20.84 -78.54 99.15
CA HIS O 195 20.35 -79.23 100.33
C HIS O 195 18.87 -78.96 100.53
N GLY O 196 18.20 -79.87 101.24
CA GLY O 196 16.81 -79.70 101.62
C GLY O 196 16.72 -79.29 103.08
N PHE O 197 15.96 -78.22 103.32
CA PHE O 197 15.74 -77.62 104.64
C PHE O 197 17.03 -77.24 105.36
N THR P 37 20.15 -19.71 85.68
CA THR P 37 19.73 -19.78 84.28
C THR P 37 20.53 -20.82 83.53
N GLY P 38 20.17 -21.04 82.28
CA GLY P 38 20.92 -21.96 81.43
C GLY P 38 21.47 -21.29 80.19
N PHE P 39 21.65 -19.98 80.27
CA PHE P 39 22.07 -19.18 79.13
C PHE P 39 23.48 -18.62 79.30
N GLU P 40 24.29 -19.22 80.17
CA GLU P 40 25.57 -18.65 80.53
C GLU P 40 26.62 -18.79 79.44
N GLU P 41 26.48 -19.78 78.56
CA GLU P 41 27.39 -19.91 77.44
C GLU P 41 27.02 -19.01 76.28
N VAL P 42 25.81 -18.49 76.25
CA VAL P 42 25.32 -17.75 75.09
C VAL P 42 24.98 -16.33 75.53
N GLY P 43 25.73 -15.81 76.51
CA GLY P 43 25.43 -14.51 77.06
C GLY P 43 24.74 -14.64 78.39
N GLY P 44 23.56 -14.03 78.52
CA GLY P 44 22.73 -14.24 79.69
C GLY P 44 21.26 -14.22 79.34
N LYS P 45 20.97 -14.33 78.05
CA LYS P 45 19.61 -14.25 77.52
C LYS P 45 19.38 -15.45 76.63
N PRO P 46 18.11 -15.81 76.36
CA PRO P 46 17.83 -16.97 75.50
C PRO P 46 18.39 -16.84 74.09
N TRP P 47 18.85 -17.96 73.55
CA TRP P 47 19.59 -18.02 72.31
C TRP P 47 18.74 -18.68 71.24
N ASP P 48 18.46 -17.95 70.17
CA ASP P 48 17.67 -18.46 69.06
C ASP P 48 17.98 -17.63 67.81
N PRO P 49 19.10 -17.89 67.13
CA PRO P 49 19.49 -17.01 66.01
C PRO P 49 18.59 -17.15 64.79
N LEU P 50 18.14 -18.35 64.48
CA LEU P 50 17.18 -18.53 63.40
C LEU P 50 15.75 -18.20 63.81
N SER P 51 15.52 -17.92 65.10
CA SER P 51 14.21 -17.61 65.68
C SER P 51 13.19 -18.72 65.40
N LEU P 52 13.63 -19.98 65.55
CA LEU P 52 12.77 -21.11 65.27
C LEU P 52 11.68 -21.30 66.30
N GLY P 53 11.86 -20.76 67.51
CA GLY P 53 10.82 -20.76 68.51
C GLY P 53 9.85 -19.61 68.41
N LYS P 54 9.87 -18.88 67.29
CA LYS P 54 8.93 -17.81 67.03
C LYS P 54 8.13 -18.05 65.76
N LEU P 55 8.34 -19.19 65.10
CA LEU P 55 7.74 -19.45 63.79
C LEU P 55 6.24 -19.64 63.83
N GLU P 56 5.70 -20.12 64.96
CA GLU P 56 4.28 -20.42 65.02
C GLU P 56 3.43 -19.15 65.09
N ASP P 57 3.88 -18.13 65.83
CA ASP P 57 3.13 -16.90 65.96
C ASP P 57 3.73 -15.75 65.16
N ALA P 58 4.67 -16.04 64.25
CA ALA P 58 5.25 -14.99 63.42
C ALA P 58 4.23 -14.49 62.40
N ASN P 59 3.60 -15.41 61.67
CA ASN P 59 2.56 -15.07 60.72
C ASN P 59 1.33 -15.90 60.99
N ASP P 60 0.32 -15.81 60.13
CA ASP P 60 -0.94 -16.49 60.33
C ASP P 60 -1.23 -17.55 59.27
N THR P 61 -0.24 -17.93 58.47
CA THR P 61 -0.51 -18.68 57.25
C THR P 61 -0.63 -20.18 57.48
N PHE P 62 0.12 -20.73 58.42
CA PHE P 62 0.22 -22.17 58.62
C PHE P 62 -0.27 -22.45 60.04
N PRO P 63 -1.59 -22.52 60.25
CA PRO P 63 -2.14 -22.54 61.62
C PRO P 63 -1.88 -23.87 62.30
N ASN P 64 -1.11 -23.82 63.39
CA ASN P 64 -0.70 -24.97 64.19
C ASN P 64 0.09 -25.99 63.38
N MET P 65 0.76 -25.55 62.34
CA MET P 65 1.69 -26.41 61.63
C MET P 65 3.07 -26.39 62.24
N PHE P 66 3.38 -25.40 63.03
CA PHE P 66 4.63 -25.45 63.75
C PHE P 66 4.35 -25.70 65.22
N PRO P 67 5.21 -26.42 65.92
CA PRO P 67 4.95 -26.70 67.32
C PRO P 67 5.16 -25.46 68.18
N LYS P 68 4.39 -25.39 69.25
CA LYS P 68 4.53 -24.30 70.21
C LYS P 68 5.62 -24.67 71.21
N SER P 69 5.74 -23.88 72.28
CA SER P 69 6.93 -23.97 73.13
C SER P 69 6.95 -25.23 73.99
N GLN P 70 5.78 -25.77 74.34
CA GLN P 70 5.74 -26.97 75.19
C GLN P 70 6.22 -28.20 74.44
N TYR P 71 5.87 -28.32 73.16
CA TYR P 71 6.38 -29.42 72.35
C TYR P 71 7.86 -29.25 72.07
N LEU P 72 8.30 -28.02 71.87
CA LEU P 72 9.70 -27.76 71.56
C LEU P 72 10.59 -28.04 72.77
N GLN P 73 10.11 -27.74 73.97
CA GLN P 73 10.87 -28.03 75.17
C GLN P 73 10.88 -29.52 75.48
N GLU P 74 9.75 -30.20 75.26
CA GLU P 74 9.69 -31.63 75.52
C GLU P 74 10.52 -32.42 74.51
N SER P 75 10.57 -31.95 73.27
CA SER P 75 11.40 -32.61 72.28
C SER P 75 12.88 -32.31 72.49
N GLU P 76 13.19 -31.19 73.13
CA GLU P 76 14.59 -30.88 73.46
C GLU P 76 15.08 -31.76 74.60
N ILE P 77 14.24 -31.98 75.60
CA ILE P 77 14.59 -32.84 76.72
C ILE P 77 14.67 -34.29 76.27
N LYS P 78 13.79 -34.70 75.35
CA LYS P 78 13.76 -36.09 74.94
C LYS P 78 14.92 -36.43 74.01
N HIS P 79 15.23 -35.54 73.07
CA HIS P 79 16.40 -35.73 72.22
C HIS P 79 17.68 -35.73 73.04
N GLY P 80 17.71 -34.91 74.09
CA GLY P 80 18.89 -34.87 74.95
C GLY P 80 19.02 -36.09 75.82
N ARG P 81 17.89 -36.63 76.31
CA ARG P 81 17.94 -37.83 77.12
C ARG P 81 18.29 -39.06 76.31
N MET P 82 17.85 -39.11 75.05
CA MET P 82 18.23 -40.22 74.18
C MET P 82 19.69 -40.12 73.76
N CYS P 83 20.18 -38.90 73.55
CA CYS P 83 21.58 -38.73 73.18
C CYS P 83 22.52 -38.97 74.35
N MET P 84 22.05 -38.72 75.57
CA MET P 84 22.87 -39.00 76.75
C MET P 84 23.03 -40.50 76.95
N LEU P 85 22.02 -41.29 76.59
CA LEU P 85 22.16 -42.73 76.63
C LEU P 85 22.92 -43.27 75.43
N ALA P 86 22.72 -42.65 74.26
CA ALA P 86 23.30 -43.20 73.03
C ALA P 86 24.79 -42.95 72.97
N TRP P 87 25.24 -41.78 73.43
CA TRP P 87 26.67 -41.53 73.48
C TRP P 87 27.34 -42.41 74.52
N THR P 88 26.65 -42.70 75.61
CA THR P 88 27.18 -43.64 76.60
C THR P 88 27.23 -45.06 76.06
N GLY P 89 26.28 -45.41 75.19
CA GLY P 89 26.29 -46.74 74.59
C GLY P 89 27.41 -46.94 73.58
N VAL P 90 27.77 -45.88 72.86
CA VAL P 90 28.94 -45.98 71.99
C VAL P 90 30.21 -45.97 72.82
N TRP P 91 30.24 -45.21 73.91
CA TRP P 91 31.43 -45.13 74.72
C TRP P 91 31.66 -46.39 75.54
N ALA P 92 30.58 -47.01 76.03
CA ALA P 92 30.76 -48.20 76.85
C ALA P 92 30.95 -49.46 76.04
N THR P 93 30.70 -49.44 74.73
CA THR P 93 30.90 -50.62 73.91
C THR P 93 32.06 -50.46 72.93
N HIS P 94 32.75 -49.33 72.95
CA HIS P 94 33.93 -49.15 72.12
C HIS P 94 35.10 -49.92 72.73
N VAL P 95 35.78 -50.71 71.90
CA VAL P 95 36.82 -51.61 72.38
C VAL P 95 38.23 -51.07 72.20
N GLY P 96 38.38 -49.88 71.64
CA GLY P 96 39.68 -49.28 71.45
C GLY P 96 40.17 -48.56 72.69
N GLY P 97 41.13 -47.67 72.49
CA GLY P 97 41.65 -46.89 73.59
C GLY P 97 40.73 -45.75 73.96
N MET P 98 40.75 -45.40 75.25
CA MET P 98 40.07 -44.29 75.94
C MET P 98 38.56 -44.54 76.07
N GLY P 99 38.02 -45.47 75.29
CA GLY P 99 36.63 -45.85 75.42
C GLY P 99 36.54 -47.18 76.12
N LEU P 100 35.85 -47.20 77.26
CA LEU P 100 35.86 -48.38 78.13
C LEU P 100 35.04 -49.49 77.51
N GLY P 101 35.61 -50.70 77.49
CA GLY P 101 34.97 -51.80 76.82
C GLY P 101 34.12 -52.64 77.74
N MET P 102 32.83 -52.36 77.80
CA MET P 102 31.88 -53.20 78.51
C MET P 102 31.25 -54.17 77.53
N HIS P 103 30.85 -55.32 78.03
CA HIS P 103 30.10 -56.28 77.24
C HIS P 103 29.24 -57.12 78.16
N ILE P 104 28.07 -57.51 77.67
CA ILE P 104 27.17 -58.39 78.40
C ILE P 104 27.35 -59.80 77.83
N PRO P 105 27.74 -60.78 78.64
CA PRO P 105 27.90 -62.15 78.14
C PRO P 105 26.55 -62.76 77.78
N GLY P 106 26.42 -63.17 76.52
CA GLY P 106 25.15 -63.62 75.96
C GLY P 106 24.67 -62.76 74.81
N MET P 107 25.08 -61.50 74.79
CA MET P 107 24.74 -60.60 73.71
C MET P 107 25.52 -60.97 72.45
N PRO P 108 25.05 -60.55 71.28
CA PRO P 108 25.87 -60.69 70.07
C PRO P 108 27.11 -59.82 70.13
N VAL P 109 28.14 -60.24 69.41
CA VAL P 109 29.44 -59.59 69.48
C VAL P 109 29.76 -58.81 68.20
N GLU P 110 29.40 -57.53 68.20
CA GLU P 110 29.76 -56.64 67.11
C GLU P 110 30.05 -55.27 67.73
N SER P 111 31.34 -54.94 67.85
CA SER P 111 31.72 -53.69 68.49
C SER P 111 31.44 -52.48 67.62
N ASP P 112 31.20 -52.68 66.32
CA ASP P 112 30.75 -51.60 65.45
C ASP P 112 29.32 -51.22 65.82
N TRP P 113 29.15 -50.02 66.38
CA TRP P 113 27.84 -49.60 66.85
C TRP P 113 26.88 -49.26 65.71
N THR P 114 27.39 -49.02 64.51
CA THR P 114 26.51 -48.73 63.38
C THR P 114 25.84 -49.98 62.83
N LYS P 115 26.21 -51.18 63.30
CA LYS P 115 25.58 -52.42 62.87
C LYS P 115 25.14 -53.30 64.03
N ALA P 116 25.27 -52.84 65.27
CA ALA P 116 24.98 -53.69 66.42
C ALA P 116 23.49 -53.88 66.66
N LEU P 117 22.64 -52.98 66.18
CA LEU P 117 21.20 -53.19 66.35
C LEU P 117 20.67 -54.26 65.40
N GLY P 118 21.26 -54.37 64.21
CA GLY P 118 20.85 -55.40 63.28
C GLY P 118 21.20 -56.80 63.75
N VAL P 119 22.34 -56.95 64.43
CA VAL P 119 22.71 -58.26 64.96
C VAL P 119 22.04 -58.56 66.29
N PHE P 120 21.49 -57.55 66.96
CA PHE P 120 20.76 -57.81 68.19
C PHE P 120 19.30 -58.15 67.91
N ALA P 121 18.70 -57.49 66.92
CA ALA P 121 17.30 -57.73 66.60
C ALA P 121 17.11 -59.07 65.88
N ALA P 122 18.17 -59.64 65.31
CA ALA P 122 18.09 -60.93 64.64
C ALA P 122 18.34 -62.09 65.59
N GLU P 123 19.33 -61.96 66.48
CA GLU P 123 19.69 -63.06 67.36
C GLU P 123 18.90 -63.08 68.66
N GLN P 124 18.45 -61.92 69.15
CA GLN P 124 17.62 -61.83 70.35
C GLN P 124 16.31 -61.14 69.97
N PRO P 125 15.38 -61.84 69.31
CA PRO P 125 14.17 -61.17 68.82
C PRO P 125 13.15 -60.90 69.91
N ALA P 126 13.05 -61.78 70.90
CA ALA P 126 12.10 -61.56 71.99
C ALA P 126 12.58 -60.47 72.93
N LEU P 127 13.88 -60.32 73.10
CA LEU P 127 14.39 -59.25 73.94
C LEU P 127 14.31 -57.91 73.23
N PHE P 128 14.55 -57.90 71.91
CA PHE P 128 14.43 -56.69 71.12
C PHE P 128 13.01 -56.16 71.10
N GLY P 129 12.04 -57.08 71.05
CA GLY P 129 10.65 -56.65 71.05
C GLY P 129 10.18 -56.17 72.42
N ALA P 130 10.66 -56.81 73.49
CA ALA P 130 10.28 -56.39 74.82
C ALA P 130 10.86 -55.03 75.19
N ILE P 131 12.03 -54.70 74.63
CA ILE P 131 12.58 -53.37 74.81
C ILE P 131 11.78 -52.35 74.01
N LEU P 132 11.45 -52.69 72.76
CA LEU P 132 10.68 -51.78 71.91
C LEU P 132 9.25 -51.59 72.43
N LEU P 133 8.65 -52.65 72.98
CA LEU P 133 7.31 -52.53 73.53
C LEU P 133 7.30 -51.65 74.77
N PHE P 134 8.35 -51.76 75.59
CA PHE P 134 8.49 -50.88 76.74
C PHE P 134 8.68 -49.43 76.30
N ILE P 135 9.49 -49.21 75.27
CA ILE P 135 9.67 -47.88 74.72
C ILE P 135 8.37 -47.38 74.12
N SER P 136 7.61 -48.28 73.48
CA SER P 136 6.34 -47.92 72.86
C SER P 136 5.32 -47.49 73.91
N ILE P 137 5.17 -48.27 74.98
CA ILE P 137 4.18 -47.96 75.99
C ILE P 137 4.57 -46.70 76.75
N ALA P 138 5.85 -46.52 77.03
CA ALA P 138 6.30 -45.30 77.71
C ALA P 138 6.14 -44.05 76.84
N GLU P 139 6.34 -44.18 75.54
CA GLU P 139 6.23 -43.03 74.65
C GLU P 139 4.79 -42.61 74.46
N GLY P 140 3.88 -43.57 74.36
CA GLY P 140 2.47 -43.21 74.20
C GLY P 140 1.86 -42.73 75.49
N GLU P 141 2.31 -43.28 76.62
CA GLU P 141 1.83 -42.85 77.93
C GLU P 141 2.28 -41.45 78.27
N SER P 142 3.39 -40.98 77.68
CA SER P 142 3.95 -39.69 77.99
C SER P 142 3.14 -38.54 77.42
N VAL P 143 2.20 -38.79 76.51
CA VAL P 143 1.35 -37.73 75.99
C VAL P 143 -0.11 -38.18 76.08
N GLY P 144 -0.32 -39.46 76.36
CA GLY P 144 -1.67 -39.99 76.47
C GLY P 144 -2.45 -39.47 77.66
N HIS P 145 -1.76 -39.06 78.73
CA HIS P 145 -2.42 -38.48 79.89
C HIS P 145 -2.53 -36.97 79.78
N SER P 146 -1.55 -36.34 79.16
CA SER P 146 -1.53 -34.91 79.02
C SER P 146 -2.24 -34.54 77.71
N GLY P 147 -2.15 -33.29 77.32
CA GLY P 147 -2.88 -32.87 76.15
C GLY P 147 -2.02 -32.67 74.92
N ASP P 148 -2.34 -31.61 74.20
CA ASP P 148 -1.71 -31.26 72.93
C ASP P 148 -0.63 -30.23 73.24
N ASN P 149 0.60 -30.69 73.51
CA ASN P 149 1.67 -29.72 73.73
C ASN P 149 2.17 -29.09 72.44
N TRP P 150 1.79 -29.64 71.29
CA TRP P 150 2.04 -28.99 70.02
C TRP P 150 1.26 -27.68 69.91
N ARG P 151 0.11 -27.60 70.58
CA ARG P 151 -0.71 -26.39 70.58
C ARG P 151 -0.74 -25.72 71.95
N ASN P 152 0.23 -26.04 72.81
CA ASN P 152 0.37 -25.50 74.18
C ASN P 152 -0.87 -25.79 75.02
N MET P 153 -1.45 -26.97 74.85
CA MET P 153 -2.64 -27.38 75.58
C MET P 153 -2.35 -28.50 76.57
N SER P 154 -1.08 -28.75 76.86
CA SER P 154 -0.73 -29.85 77.76
C SER P 154 -0.83 -29.40 79.21
N THR P 155 -1.13 -30.36 80.08
CA THR P 155 -1.35 -30.09 81.49
C THR P 155 -0.13 -30.32 82.37
N LYS P 156 0.95 -30.89 81.84
CA LYS P 156 2.13 -31.17 82.63
C LYS P 156 3.32 -30.36 82.11
N GLU P 157 4.31 -30.18 82.98
CA GLU P 157 5.49 -29.44 82.54
C GLU P 157 6.38 -30.34 81.69
N PRO P 158 7.01 -29.80 80.64
CA PRO P 158 7.76 -30.65 79.72
C PRO P 158 9.01 -31.25 80.34
N GLY P 159 9.23 -32.53 80.06
CA GLY P 159 10.31 -33.30 80.62
C GLY P 159 9.90 -34.23 81.74
N ASN P 160 8.73 -34.01 82.34
CA ASN P 160 8.29 -34.79 83.49
C ASN P 160 7.51 -35.99 83.00
N LEU P 161 8.12 -37.17 83.09
CA LEU P 161 7.49 -38.40 82.66
C LEU P 161 6.98 -39.23 83.83
N GLY P 162 6.84 -38.63 85.00
CA GLY P 162 6.42 -39.35 86.19
C GLY P 162 7.41 -40.38 86.66
N PHE P 163 8.69 -40.22 86.34
CA PHE P 163 9.70 -41.21 86.69
C PHE P 163 10.69 -40.62 87.68
N ASP P 164 10.17 -39.95 88.71
CA ASP P 164 11.01 -39.52 89.81
C ASP P 164 11.54 -40.72 90.59
N TRP P 165 10.62 -41.49 91.19
CA TRP P 165 10.79 -42.84 91.73
C TRP P 165 11.76 -42.98 92.90
N MET P 166 12.52 -41.93 93.21
CA MET P 166 13.54 -42.00 94.25
C MET P 166 13.76 -40.54 94.65
N GLY P 167 13.17 -40.14 95.77
CA GLY P 167 13.08 -38.72 96.08
C GLY P 167 12.27 -38.04 94.99
N LEU P 168 12.80 -36.95 94.42
CA LEU P 168 13.84 -36.09 95.01
C LEU P 168 13.36 -34.66 94.85
N THR P 169 12.23 -34.49 94.15
CA THR P 169 11.52 -33.21 94.22
C THR P 169 10.91 -33.02 95.60
N LYS P 170 10.60 -34.10 96.30
CA LYS P 170 10.16 -34.02 97.68
C LYS P 170 11.34 -33.82 98.63
N LYS P 171 12.49 -34.41 98.31
CA LYS P 171 13.64 -34.32 99.21
C LYS P 171 14.38 -33.00 99.03
N LEU P 172 14.83 -32.71 97.81
CA LEU P 172 15.63 -31.51 97.58
C LEU P 172 14.73 -30.27 97.57
N SER P 173 15.37 -29.12 97.70
CA SER P 173 14.65 -27.86 97.76
C SER P 173 14.22 -27.44 96.35
N GLU P 174 13.53 -26.29 96.28
CA GLU P 174 12.92 -25.87 95.02
C GLU P 174 13.96 -25.33 94.05
N GLU P 175 15.05 -24.75 94.55
CA GLU P 175 16.08 -24.23 93.67
C GLU P 175 17.10 -25.30 93.29
N LYS P 176 17.20 -26.38 94.06
CA LYS P 176 18.10 -27.46 93.69
C LYS P 176 17.53 -28.28 92.55
N VAL P 177 16.23 -28.57 92.57
CA VAL P 177 15.64 -29.32 91.46
C VAL P 177 15.50 -28.44 90.21
N ALA P 178 15.47 -27.12 90.37
CA ALA P 178 15.55 -26.24 89.22
C ALA P 178 16.96 -26.18 88.68
N ARG P 179 17.96 -26.33 89.54
CA ARG P 179 19.34 -26.42 89.08
C ARG P 179 19.58 -27.72 88.34
N TYR P 180 18.99 -28.81 88.80
CA TYR P 180 19.20 -30.10 88.18
C TYR P 180 18.44 -30.26 86.86
N LYS P 181 17.40 -29.46 86.64
CA LYS P 181 16.76 -29.45 85.33
C LYS P 181 17.62 -28.75 84.30
N ILE P 182 18.35 -27.72 84.71
CA ILE P 182 19.28 -27.04 83.82
C ILE P 182 20.48 -27.96 83.53
N VAL P 183 20.85 -28.79 84.50
CA VAL P 183 21.96 -29.73 84.31
C VAL P 183 21.61 -30.78 83.26
N GLU P 184 20.43 -31.42 83.42
CA GLU P 184 19.97 -32.42 82.47
C GLU P 184 19.75 -31.81 81.08
N LEU P 185 19.33 -30.54 81.03
CA LEU P 185 19.18 -29.87 79.75
C LEU P 185 20.53 -29.65 79.07
N LYS P 186 21.51 -29.15 79.82
CA LYS P 186 22.81 -28.85 79.21
C LYS P 186 23.64 -30.09 78.95
N ASN P 187 23.52 -31.12 79.81
CA ASN P 187 24.16 -32.38 79.48
C ASN P 187 23.46 -33.06 78.31
N GLY P 188 22.17 -32.80 78.14
CA GLY P 188 21.48 -33.31 76.97
C GLY P 188 21.90 -32.61 75.69
N ARG P 189 22.10 -31.30 75.77
CA ARG P 189 22.58 -30.55 74.61
C ARG P 189 24.01 -30.91 74.27
N ALA P 190 24.83 -31.23 75.28
CA ALA P 190 26.22 -31.59 75.03
C ALA P 190 26.32 -32.97 74.39
N ALA P 191 25.49 -33.91 74.83
CA ALA P 191 25.48 -35.23 74.21
C ALA P 191 24.79 -35.22 72.86
N MET P 192 23.91 -34.26 72.60
CA MET P 192 23.33 -34.12 71.27
C MET P 192 24.38 -33.68 70.26
N ILE P 193 25.22 -32.73 70.65
CA ILE P 193 26.36 -32.33 69.82
C ILE P 193 27.33 -33.48 69.64
N ALA P 194 27.50 -34.29 70.69
CA ALA P 194 28.36 -35.46 70.63
C ALA P 194 27.83 -36.52 69.69
N MET P 195 26.51 -36.74 69.68
CA MET P 195 25.94 -37.72 68.76
C MET P 195 25.90 -37.19 67.35
N ALA P 196 25.77 -35.87 67.18
CA ALA P 196 25.98 -35.27 65.87
C ALA P 196 27.44 -35.38 65.44
N SER P 197 28.36 -35.38 66.40
CA SER P 197 29.76 -35.59 66.08
C SER P 197 30.02 -37.01 65.62
N LEU P 198 29.36 -37.99 66.25
CA LEU P 198 29.52 -39.37 65.80
C LEU P 198 28.81 -39.63 64.49
N PHE P 199 27.69 -38.95 64.24
CA PHE P 199 27.00 -39.08 62.97
C PHE P 199 27.81 -38.47 61.84
N ALA P 200 28.58 -37.43 62.13
CA ALA P 200 29.34 -36.75 61.09
C ALA P 200 30.60 -37.51 60.71
N MET P 201 31.22 -38.22 61.65
CA MET P 201 32.43 -38.98 61.35
C MET P 201 32.14 -40.14 60.41
N GLU P 202 31.00 -40.81 60.60
CA GLU P 202 30.65 -41.93 59.74
C GLU P 202 30.21 -41.48 58.36
N ALA P 203 29.76 -40.23 58.22
CA ALA P 203 29.34 -39.70 56.93
C ALA P 203 30.47 -38.97 56.22
N ILE P 204 31.11 -38.03 56.92
CA ILE P 204 32.21 -37.25 56.34
C ILE P 204 33.44 -37.51 57.19
N PRO P 205 34.41 -38.28 56.72
CA PRO P 205 35.47 -38.79 57.63
C PRO P 205 36.54 -37.78 58.03
N GLY P 206 36.30 -36.49 57.83
CA GLY P 206 37.20 -35.48 58.36
C GLY P 206 36.45 -34.37 59.07
N SER P 207 35.28 -34.68 59.62
CA SER P 207 34.43 -33.64 60.21
C SER P 207 34.98 -33.16 61.55
N VAL P 208 35.41 -34.08 62.39
CA VAL P 208 35.79 -33.77 63.76
C VAL P 208 37.26 -34.13 63.95
N PRO P 209 38.16 -33.14 63.88
CA PRO P 209 39.58 -33.43 64.10
C PRO P 209 39.94 -33.73 65.53
N ILE P 210 39.11 -33.33 66.50
CA ILE P 210 39.44 -33.60 67.91
C ILE P 210 39.28 -35.09 68.20
N MET P 211 38.43 -35.79 67.45
CA MET P 211 38.26 -37.22 67.62
C MET P 211 39.37 -38.04 66.97
N ASN P 212 40.49 -37.43 66.60
CA ASN P 212 41.67 -38.14 66.15
C ASN P 212 42.77 -38.18 67.19
N VAL P 213 42.67 -37.40 68.26
CA VAL P 213 43.68 -37.42 69.31
C VAL P 213 43.44 -38.52 70.34
N PHE P 214 42.31 -39.22 70.25
CA PHE P 214 41.96 -40.26 71.19
C PHE P 214 42.39 -41.65 70.75
N ASN P 215 43.05 -41.77 69.60
CA ASN P 215 43.44 -43.09 69.09
C ASN P 215 44.94 -43.16 68.85
N GLU Q 46 32.08 26.44 38.15
CA GLU Q 46 33.45 26.00 38.35
C GLU Q 46 33.72 24.67 37.68
N MET Q 47 34.94 24.49 37.20
CA MET Q 47 35.32 23.34 36.40
C MET Q 47 36.05 22.31 37.25
N SER Q 48 36.06 21.08 36.76
CA SER Q 48 36.83 20.01 37.38
C SER Q 48 38.32 20.29 37.26
N LYS Q 49 39.10 19.71 38.18
CA LYS Q 49 40.54 19.96 38.21
C LYS Q 49 41.32 18.90 37.46
N ALA Q 50 40.89 17.64 37.57
CA ALA Q 50 41.59 16.55 36.88
C ALA Q 50 41.35 16.62 35.38
N VAL Q 51 40.15 17.00 34.98
CA VAL Q 51 39.74 17.11 33.59
C VAL Q 51 39.07 18.48 33.45
N PRO Q 52 39.79 19.50 32.99
CA PRO Q 52 39.34 20.88 33.13
C PRO Q 52 38.24 21.32 32.17
N PHE Q 53 37.63 20.41 31.43
CA PHE Q 53 36.60 20.77 30.45
C PHE Q 53 35.26 20.11 30.75
N VAL Q 54 35.12 19.42 31.87
CA VAL Q 54 33.82 18.97 32.35
C VAL Q 54 33.52 19.71 33.65
N LYS Q 55 32.23 19.83 33.96
CA LYS Q 55 31.77 20.75 34.99
C LYS Q 55 32.20 20.43 36.41
N ALA Q 56 31.58 19.45 37.03
CA ALA Q 56 31.72 19.33 38.47
C ALA Q 56 31.17 18.00 39.00
N PRO Q 57 31.96 17.26 39.73
CA PRO Q 57 31.37 16.31 40.69
C PRO Q 57 31.06 17.05 41.97
N ALA Q 58 29.76 17.25 42.23
CA ALA Q 58 29.36 18.01 43.40
C ALA Q 58 29.53 17.21 44.68
N ASN Q 59 29.30 15.91 44.60
CA ASN Q 59 29.24 15.07 45.80
C ASN Q 59 30.59 14.53 46.24
N THR Q 60 31.66 14.77 45.48
CA THR Q 60 32.99 14.31 45.87
C THR Q 60 33.76 15.36 46.66
N ALA Q 61 33.08 16.28 47.34
CA ALA Q 61 33.73 17.43 47.94
C ALA Q 61 34.50 17.06 49.20
N GLY Q 62 33.81 16.55 50.20
CA GLY Q 62 34.38 16.38 51.52
C GLY Q 62 35.30 15.20 51.73
N TYR Q 63 35.60 14.42 50.69
CA TYR Q 63 36.37 13.21 50.85
C TYR Q 63 37.84 13.47 50.54
N VAL Q 64 38.66 12.43 50.68
CA VAL Q 64 40.10 12.63 50.80
C VAL Q 64 40.75 12.87 49.46
N GLY Q 65 40.68 11.89 48.57
CA GLY Q 65 41.51 11.94 47.37
C GLY Q 65 40.87 12.54 46.14
N ASP Q 66 40.08 13.59 46.29
CA ASP Q 66 39.38 14.18 45.17
C ASP Q 66 40.25 15.17 44.43
N VAL Q 67 40.23 15.09 43.10
CA VAL Q 67 40.77 16.12 42.24
C VAL Q 67 39.69 16.44 41.22
N GLY Q 68 38.45 16.18 41.61
CA GLY Q 68 37.33 16.46 40.73
C GLY Q 68 37.14 15.46 39.62
N PHE Q 69 37.55 14.21 39.82
CA PHE Q 69 37.51 13.20 38.77
C PHE Q 69 36.26 12.35 38.93
N ASP Q 70 35.17 12.78 38.31
CA ASP Q 70 34.00 11.95 38.11
C ASP Q 70 33.29 12.41 36.84
N PRO Q 71 33.82 12.04 35.67
CA PRO Q 71 33.19 12.50 34.42
C PRO Q 71 31.91 11.77 34.08
N LEU Q 72 31.64 10.60 34.64
CA LEU Q 72 30.39 9.89 34.38
C LEU Q 72 29.33 10.16 35.43
N GLY Q 73 29.68 10.81 36.54
CA GLY Q 73 28.69 11.20 37.52
C GLY Q 73 28.16 10.09 38.38
N PHE Q 74 29.00 9.11 38.72
CA PHE Q 74 28.55 8.03 39.60
C PHE Q 74 28.31 8.51 41.03
N SER Q 75 28.97 9.60 41.42
CA SER Q 75 28.73 10.17 42.75
C SER Q 75 27.42 10.93 42.81
N ASP Q 76 26.83 11.26 41.67
CA ASP Q 76 25.49 11.87 41.68
C ASP Q 76 24.40 10.83 41.89
N TYR Q 77 24.60 9.61 41.42
CA TYR Q 77 23.58 8.58 41.47
C TYR Q 77 23.68 7.72 42.72
N PHE Q 78 24.87 7.49 43.24
CA PHE Q 78 25.07 6.56 44.35
C PHE Q 78 25.67 7.28 45.55
N ASP Q 79 25.56 6.62 46.70
CA ASP Q 79 26.08 7.16 47.94
C ASP Q 79 27.60 7.18 47.91
N MET Q 80 28.19 8.32 48.26
CA MET Q 80 29.64 8.46 48.23
C MET Q 80 30.32 7.68 49.34
N LYS Q 81 29.61 7.37 50.42
CA LYS Q 81 30.16 6.48 51.44
C LYS Q 81 30.34 5.07 50.90
N TRP Q 82 29.41 4.63 50.05
CA TRP Q 82 29.51 3.30 49.46
C TRP Q 82 30.64 3.23 48.45
N LEU Q 83 30.77 4.26 47.61
CA LEU Q 83 31.80 4.27 46.59
C LEU Q 83 33.20 4.37 47.20
N ARG Q 84 33.35 5.11 48.29
CA ARG Q 84 34.66 5.24 48.93
C ARG Q 84 35.06 3.97 49.65
N GLU Q 85 34.10 3.31 50.29
CA GLU Q 85 34.37 2.02 50.92
C GLU Q 85 34.71 0.97 49.87
N SER Q 86 34.07 1.05 48.70
CA SER Q 86 34.36 0.10 47.65
C SER Q 86 35.70 0.37 46.98
N GLU Q 87 36.05 1.65 46.82
CA GLU Q 87 37.34 2.02 46.24
C GLU Q 87 38.49 1.60 47.14
N ILE Q 88 38.32 1.79 48.44
CA ILE Q 88 39.33 1.41 49.41
C ILE Q 88 39.48 -0.11 49.47
N LYS Q 89 38.35 -0.83 49.44
CA LYS Q 89 38.41 -2.28 49.49
C LYS Q 89 38.93 -2.87 48.18
N HIS Q 90 38.60 -2.25 47.05
CA HIS Q 90 39.22 -2.64 45.79
C HIS Q 90 40.72 -2.36 45.81
N GLY Q 91 41.13 -1.30 46.50
CA GLY Q 91 42.54 -1.00 46.60
C GLY Q 91 43.29 -1.97 47.49
N ARG Q 92 42.75 -2.23 48.68
CA ARG Q 92 43.43 -3.11 49.64
C ARG Q 92 43.46 -4.55 49.16
N ALA Q 93 42.43 -5.00 48.44
CA ALA Q 93 42.47 -6.35 47.90
C ALA Q 93 43.43 -6.46 46.73
N SER Q 94 43.59 -5.39 45.96
CA SER Q 94 44.55 -5.40 44.85
C SER Q 94 45.96 -5.08 45.30
N MET Q 95 46.12 -4.42 46.44
CA MET Q 95 47.47 -4.23 47.00
C MET Q 95 48.04 -5.55 47.47
N LEU Q 96 47.22 -6.35 48.17
CA LEU Q 96 47.66 -7.69 48.57
C LEU Q 96 47.80 -8.60 47.36
N ALA Q 97 47.00 -8.39 46.33
CA ALA Q 97 47.10 -9.24 45.15
C ALA Q 97 48.34 -8.93 44.33
N CYS Q 98 48.77 -7.66 44.32
CA CYS Q 98 50.02 -7.32 43.63
C CYS Q 98 51.22 -7.86 44.37
N LEU Q 99 51.18 -7.84 45.70
CA LEU Q 99 52.29 -8.39 46.48
C LEU Q 99 52.34 -9.92 46.35
N GLY Q 100 51.17 -10.56 46.34
CA GLY Q 100 51.14 -12.00 46.22
C GLY Q 100 51.43 -12.52 44.84
N PHE Q 101 51.15 -11.73 43.81
CA PHE Q 101 51.46 -12.15 42.44
C PHE Q 101 52.96 -12.23 42.21
N VAL Q 102 53.73 -11.36 42.87
CA VAL Q 102 55.18 -11.36 42.70
C VAL Q 102 55.81 -12.48 43.51
N VAL Q 103 55.49 -12.57 44.80
CA VAL Q 103 56.19 -13.48 45.70
C VAL Q 103 55.74 -14.92 45.59
N GLN Q 104 54.68 -15.21 44.83
CA GLN Q 104 54.34 -16.60 44.55
C GLN Q 104 55.18 -17.18 43.43
N GLU Q 105 55.91 -16.35 42.68
CA GLU Q 105 56.81 -16.87 41.66
C GLU Q 105 58.05 -17.50 42.29
N TYR Q 106 58.43 -17.05 43.47
CA TYR Q 106 59.67 -17.46 44.11
C TYR Q 106 59.46 -18.23 45.41
N ILE Q 107 58.56 -17.78 46.27
CA ILE Q 107 58.32 -18.41 47.55
C ILE Q 107 56.96 -19.11 47.51
N THR Q 108 56.94 -20.38 47.86
CA THR Q 108 55.74 -21.19 47.90
C THR Q 108 55.53 -21.67 49.32
N ILE Q 109 54.28 -21.72 49.78
CA ILE Q 109 54.12 -22.40 51.08
C ILE Q 109 54.24 -23.91 50.88
N PRO Q 110 55.06 -24.60 51.68
CA PRO Q 110 55.54 -25.95 51.32
C PRO Q 110 54.49 -27.06 51.30
N GLY Q 111 53.25 -26.79 51.67
CA GLY Q 111 52.22 -27.76 51.40
C GLY Q 111 51.67 -27.71 49.99
N TYR Q 112 52.13 -26.75 49.19
CA TYR Q 112 51.59 -26.49 47.86
C TYR Q 112 52.67 -26.72 46.81
N THR Q 113 52.20 -27.04 45.59
CA THR Q 113 53.08 -27.17 44.45
C THR Q 113 53.45 -25.80 43.93
N HIS Q 114 54.72 -25.61 43.60
CA HIS Q 114 55.20 -24.31 43.14
C HIS Q 114 54.87 -24.11 41.67
N VAL Q 115 54.33 -22.94 41.34
CA VAL Q 115 54.12 -22.54 39.96
C VAL Q 115 54.88 -21.25 39.72
N ASP Q 116 55.29 -21.04 38.47
CA ASP Q 116 55.89 -19.78 38.08
C ASP Q 116 54.83 -18.79 37.66
N ASP Q 117 53.95 -19.20 36.75
CA ASP Q 117 52.81 -18.40 36.36
C ASP Q 117 51.80 -18.37 37.49
N SER Q 118 51.57 -17.18 38.06
CA SER Q 118 50.63 -17.06 39.16
C SER Q 118 49.19 -17.17 38.71
N ASN Q 119 48.90 -17.00 37.43
CA ASN Q 119 47.56 -17.24 36.90
C ASN Q 119 47.16 -18.71 36.97
N LEU Q 120 48.12 -19.61 37.07
CA LEU Q 120 47.86 -21.04 37.10
C LEU Q 120 47.80 -21.60 38.52
N ALA Q 121 48.06 -20.77 39.53
CA ALA Q 121 48.05 -21.20 40.93
C ALA Q 121 46.68 -21.55 41.53
N PRO Q 122 45.55 -20.90 41.18
CA PRO Q 122 44.26 -21.43 41.68
C PRO Q 122 43.90 -22.80 41.16
N GLN Q 123 44.24 -23.13 39.91
CA GLN Q 123 43.97 -24.47 39.43
C GLN Q 123 44.98 -25.49 39.95
N ALA Q 124 46.09 -25.04 40.54
CA ALA Q 124 47.07 -25.94 41.13
C ALA Q 124 46.76 -26.29 42.58
N VAL Q 125 46.02 -25.44 43.29
CA VAL Q 125 45.66 -25.73 44.68
C VAL Q 125 44.25 -26.28 44.82
N GLY Q 126 43.46 -26.29 43.75
CA GLY Q 126 42.14 -26.87 43.79
C GLY Q 126 41.06 -25.86 44.13
N VAL Q 127 39.82 -26.23 43.79
CA VAL Q 127 38.68 -25.35 44.06
C VAL Q 127 38.25 -25.40 45.52
N SER Q 128 38.68 -26.41 46.28
CA SER Q 128 38.35 -26.43 47.69
C SER Q 128 39.22 -25.48 48.50
N ALA Q 129 40.48 -25.30 48.08
CA ALA Q 129 41.35 -24.33 48.73
C ALA Q 129 40.92 -22.91 48.39
N MET Q 130 40.47 -22.68 47.15
CA MET Q 130 40.00 -21.36 46.76
C MET Q 130 38.68 -21.03 47.43
N LEU Q 131 37.82 -22.02 47.65
CA LEU Q 131 36.59 -21.79 48.38
C LEU Q 131 36.83 -21.50 49.85
N GLN Q 132 37.89 -22.08 50.43
CA GLN Q 132 38.24 -21.79 51.81
C GLN Q 132 38.73 -20.37 51.98
N ILE Q 133 39.35 -19.80 50.95
CA ILE Q 133 39.71 -18.38 50.99
C ILE Q 133 38.46 -17.52 50.85
N VAL Q 134 37.53 -17.92 49.98
CA VAL Q 134 36.37 -17.09 49.68
C VAL Q 134 35.40 -17.08 50.86
N LEU Q 135 35.08 -18.25 51.42
CA LEU Q 135 34.04 -18.29 52.44
C LEU Q 135 34.54 -17.75 53.78
N TRP Q 136 35.83 -17.84 54.05
CA TRP Q 136 36.34 -17.27 55.29
C TRP Q 136 36.57 -15.77 55.17
N MET Q 137 36.74 -15.26 53.96
CA MET Q 137 36.68 -13.81 53.77
C MET Q 137 35.25 -13.31 53.85
N GLY Q 138 34.28 -14.18 53.55
CA GLY Q 138 32.89 -13.83 53.78
C GLY Q 138 32.53 -13.78 55.24
N VAL Q 139 33.22 -14.56 56.07
CA VAL Q 139 33.05 -14.45 57.50
C VAL Q 139 33.59 -13.12 58.00
N LEU Q 140 34.73 -12.67 57.44
CA LEU Q 140 35.35 -11.42 57.88
C LEU Q 140 34.52 -10.21 57.47
N GLU Q 141 33.98 -10.19 56.25
CA GLU Q 141 33.09 -9.11 55.85
C GLU Q 141 31.74 -9.17 56.55
N PHE Q 142 31.33 -10.34 57.02
CA PHE Q 142 30.17 -10.39 57.92
C PHE Q 142 30.54 -10.09 59.37
N TRP Q 143 31.83 -9.98 59.69
CA TRP Q 143 32.28 -9.66 61.04
C TRP Q 143 32.79 -8.24 61.17
N THR Q 144 33.48 -7.71 60.16
CA THR Q 144 33.92 -6.32 60.21
C THR Q 144 32.74 -5.38 60.09
N ASN Q 145 31.94 -5.52 59.05
CA ASN Q 145 30.57 -5.06 59.09
C ASN Q 145 29.81 -5.95 60.06
N LYS Q 146 28.86 -5.38 60.80
CA LYS Q 146 28.20 -6.15 61.86
C LYS Q 146 27.30 -7.23 61.26
N GLY Q 147 26.33 -6.83 60.46
CA GLY Q 147 25.65 -7.75 59.58
C GLY Q 147 25.27 -7.00 58.32
N ASN Q 148 25.91 -5.85 58.16
CA ASN Q 148 25.48 -4.82 57.22
C ASN Q 148 26.41 -4.81 56.01
N VAL Q 149 26.12 -5.69 55.05
CA VAL Q 149 26.86 -5.75 53.79
C VAL Q 149 25.97 -5.58 52.58
N THR Q 150 24.96 -4.74 52.65
CA THR Q 150 24.28 -4.31 51.45
C THR Q 150 24.43 -2.80 51.30
N MET Q 151 24.04 -2.29 50.13
CA MET Q 151 24.02 -0.84 49.94
C MET Q 151 22.98 -0.18 50.83
N GLU Q 152 21.92 -0.91 51.17
CA GLU Q 152 20.86 -0.38 52.01
C GLU Q 152 21.26 -0.28 53.48
N THR Q 153 22.16 -1.16 53.95
CA THR Q 153 22.38 -1.32 55.38
C THR Q 153 23.78 -0.98 55.88
N MET Q 154 24.79 -0.93 55.01
CA MET Q 154 26.18 -0.85 55.48
C MET Q 154 26.47 0.49 56.15
N PHE Q 155 25.91 1.58 55.63
CA PHE Q 155 26.12 2.90 56.20
C PHE Q 155 24.84 3.47 56.80
N SER Q 156 23.97 2.59 57.27
CA SER Q 156 22.80 3.05 58.04
C SER Q 156 23.21 3.52 59.42
N SER Q 157 24.19 2.85 60.01
CA SER Q 157 24.75 3.31 61.28
C SER Q 157 25.64 4.53 61.04
N PRO Q 158 25.43 5.64 61.75
CA PRO Q 158 26.18 6.86 61.45
C PRO Q 158 27.62 6.85 61.94
N ASP Q 159 28.01 5.91 62.80
CA ASP Q 159 29.38 5.83 63.28
C ASP Q 159 30.31 5.07 62.33
N ARG Q 160 29.78 4.59 61.21
CA ARG Q 160 30.56 3.77 60.28
C ARG Q 160 31.24 4.69 59.27
N ILE Q 161 32.56 4.75 59.33
CA ILE Q 161 33.38 5.57 58.43
C ILE Q 161 33.78 4.68 57.25
N PRO Q 162 33.71 5.17 56.02
CA PRO Q 162 34.16 4.37 54.86
C PRO Q 162 35.65 4.07 54.93
N GLY Q 163 35.97 2.79 54.87
CA GLY Q 163 37.33 2.30 54.94
C GLY Q 163 37.80 1.98 56.33
N ASN Q 164 37.27 2.68 57.34
CA ASN Q 164 37.72 2.51 58.72
C ASN Q 164 37.06 1.28 59.32
N LEU Q 165 37.79 0.17 59.33
CA LEU Q 165 37.35 -1.02 60.03
C LEU Q 165 37.86 -1.08 61.46
N GLY Q 166 38.56 -0.04 61.90
CA GLY Q 166 39.18 -0.01 63.21
C GLY Q 166 40.26 -1.05 63.40
N PHE Q 167 41.14 -1.20 62.41
CA PHE Q 167 42.12 -2.30 62.48
C PHE Q 167 43.29 -1.91 63.37
N ASP Q 168 44.13 -0.97 62.87
CA ASP Q 168 45.24 -0.24 63.48
C ASP Q 168 46.00 -0.95 64.62
N PRO Q 169 46.52 -2.19 64.43
CA PRO Q 169 47.03 -2.93 65.59
C PRO Q 169 48.41 -2.47 66.06
N MET Q 170 49.25 -1.99 65.15
CA MET Q 170 50.60 -1.54 65.50
C MET Q 170 50.62 -0.08 65.95
N GLY Q 171 49.47 0.49 66.31
CA GLY Q 171 49.43 1.74 67.03
C GLY Q 171 49.75 2.98 66.24
N LEU Q 172 49.56 2.97 64.92
CA LEU Q 172 49.71 4.21 64.18
C LEU Q 172 48.45 5.05 64.34
N SER Q 173 48.53 6.30 63.88
CA SER Q 173 47.41 7.23 63.71
C SER Q 173 46.71 7.65 65.00
N VAL Q 174 47.16 7.17 66.17
CA VAL Q 174 46.47 7.47 67.41
C VAL Q 174 46.89 8.80 68.01
N GLY Q 175 48.08 9.29 67.68
CA GLY Q 175 48.54 10.58 68.16
C GLY Q 175 48.87 11.51 67.02
N LYS Q 176 48.09 11.43 65.96
CA LYS Q 176 48.31 12.23 64.77
C LYS Q 176 47.28 13.36 64.67
N SER Q 177 47.67 14.43 63.98
CA SER Q 177 46.77 15.53 63.73
C SER Q 177 45.85 15.19 62.56
N GLN Q 178 44.96 16.13 62.23
CA GLN Q 178 44.02 15.90 61.14
C GLN Q 178 44.71 15.93 59.79
N ALA Q 179 45.75 16.76 59.64
CA ALA Q 179 46.41 16.91 58.35
C ALA Q 179 47.24 15.69 57.99
N GLU Q 180 47.96 15.12 58.95
CA GLU Q 180 48.78 13.95 58.66
C GLU Q 180 47.96 12.66 58.63
N LYS Q 181 46.73 12.69 59.13
CA LYS Q 181 45.84 11.54 58.98
C LYS Q 181 45.18 11.53 57.62
N ASP Q 182 44.92 12.70 57.04
CA ASP Q 182 44.32 12.76 55.71
C ASP Q 182 45.33 12.44 54.61
N GLU Q 183 46.60 12.82 54.79
CA GLU Q 183 47.58 12.47 53.78
C GLU Q 183 48.05 11.03 53.93
N MET Q 184 47.91 10.45 55.12
CA MET Q 184 48.07 9.00 55.25
C MET Q 184 46.91 8.26 54.60
N ALA Q 185 45.70 8.82 54.69
CA ALA Q 185 44.56 8.25 53.98
C ALA Q 185 44.72 8.41 52.48
N LEU Q 186 45.34 9.50 52.04
CA LEU Q 186 45.61 9.67 50.62
C LEU Q 186 46.68 8.73 50.12
N LYS Q 187 47.60 8.31 51.00
CA LYS Q 187 48.63 7.37 50.60
C LYS Q 187 48.09 5.95 50.43
N GLU Q 188 47.07 5.59 51.21
CA GLU Q 188 46.44 4.28 51.02
C GLU Q 188 45.63 4.26 49.74
N ILE Q 189 44.92 5.34 49.45
CA ILE Q 189 44.04 5.39 48.29
C ILE Q 189 44.86 5.45 47.01
N LYS Q 190 45.95 6.23 47.00
CA LYS Q 190 46.76 6.37 45.80
C LYS Q 190 47.53 5.10 45.49
N ASN Q 191 48.09 4.45 46.51
CA ASN Q 191 48.71 3.14 46.29
C ASN Q 191 47.67 2.08 45.96
N GLY Q 192 46.45 2.23 46.49
CA GLY Q 192 45.39 1.29 46.16
C GLY Q 192 44.89 1.44 44.74
N ARG Q 193 44.77 2.69 44.27
CA ARG Q 193 44.41 2.93 42.88
C ARG Q 193 45.50 2.47 41.93
N LEU Q 194 46.77 2.57 42.34
CA LEU Q 194 47.86 2.08 41.53
C LEU Q 194 47.86 0.57 41.44
N ALA Q 195 47.67 -0.11 42.58
CA ALA Q 195 47.61 -1.57 42.59
C ALA Q 195 46.39 -2.11 41.88
N MET Q 196 45.31 -1.34 41.80
CA MET Q 196 44.12 -1.75 41.07
C MET Q 196 44.42 -1.91 39.58
N LEU Q 197 45.10 -0.93 38.99
CA LEU Q 197 45.51 -1.04 37.60
C LEU Q 197 46.64 -2.02 37.43
N ALA Q 198 47.47 -2.19 38.46
CA ALA Q 198 48.66 -3.04 38.35
C ALA Q 198 48.29 -4.52 38.35
N ILE Q 199 47.35 -4.93 39.20
CA ILE Q 199 46.97 -6.35 39.22
C ILE Q 199 46.22 -6.72 37.94
N GLY Q 200 45.53 -5.77 37.33
CA GLY Q 200 45.01 -6.02 35.99
C GLY Q 200 46.12 -6.11 34.98
N GLY Q 201 47.24 -5.42 35.24
CA GLY Q 201 48.38 -5.54 34.37
C GLY Q 201 49.04 -6.89 34.44
N MET Q 202 49.34 -7.36 35.66
CA MET Q 202 50.10 -8.60 35.85
C MET Q 202 49.35 -9.82 35.35
N ILE Q 203 48.03 -9.86 35.57
CA ILE Q 203 47.24 -11.00 35.15
C ILE Q 203 47.09 -11.04 33.64
N HIS Q 204 46.86 -9.87 33.02
CA HIS Q 204 46.79 -9.80 31.56
C HIS Q 204 48.16 -9.91 30.91
N HIS Q 205 49.23 -9.59 31.63
CA HIS Q 205 50.58 -9.84 31.14
C HIS Q 205 50.84 -11.33 31.00
N ASN Q 206 50.46 -12.10 32.02
CA ASN Q 206 50.70 -13.54 32.04
C ASN Q 206 49.80 -14.30 31.09
N TRP Q 207 48.72 -13.70 30.62
CA TRP Q 207 47.87 -14.34 29.62
C TRP Q 207 48.40 -14.16 28.22
N ARG Q 208 49.09 -13.06 27.95
CA ARG Q 208 49.69 -12.84 26.64
C ARG Q 208 50.89 -13.73 26.42
N LYS Q 209 51.88 -13.63 27.30
CA LYS Q 209 53.15 -14.31 27.08
C LYS Q 209 53.07 -15.78 27.47
N ARG Q 210 52.04 -16.13 28.26
CA ARG Q 210 51.75 -17.48 28.72
C ARG Q 210 52.89 -18.08 29.55
N HIS Q 211 53.62 -17.24 30.28
CA HIS Q 211 54.58 -17.72 31.27
C HIS Q 211 54.64 -16.71 32.41
N GLY Q 212 55.64 -16.86 33.27
CA GLY Q 212 55.70 -16.04 34.47
C GLY Q 212 56.07 -14.60 34.19
N ALA Q 213 55.86 -13.76 35.20
CA ALA Q 213 56.19 -12.35 35.13
C ALA Q 213 57.63 -12.15 35.59
N LEU Q 214 58.02 -10.91 35.86
CA LEU Q 214 59.37 -10.62 36.32
C LEU Q 214 59.40 -10.50 37.85
N LYS R 35 24.81 43.20 7.62
CA LYS R 35 24.61 43.12 6.17
C LYS R 35 25.93 42.99 5.45
N LYS R 36 25.88 42.39 4.26
CA LYS R 36 27.03 42.26 3.34
C LYS R 36 28.21 41.51 3.94
N SER R 37 28.04 40.19 4.09
CA SER R 37 29.11 39.24 4.37
C SER R 37 30.39 39.55 3.59
N GLN R 38 31.53 39.41 4.26
CA GLN R 38 32.79 39.89 3.70
C GLN R 38 33.31 38.96 2.61
N ALA R 39 33.29 37.64 2.86
CA ALA R 39 33.83 36.68 1.90
C ALA R 39 32.98 36.60 0.65
N LEU R 40 31.67 36.77 0.79
CA LEU R 40 30.71 36.72 -0.31
C LEU R 40 29.94 38.04 -0.30
N PRO R 41 30.49 39.09 -0.90
CA PRO R 41 29.88 40.43 -0.79
C PRO R 41 28.56 40.58 -1.53
N PHE R 42 28.17 39.59 -2.33
CA PHE R 42 26.88 39.55 -3.00
C PHE R 42 25.81 38.86 -2.16
N LEU R 43 26.13 38.52 -0.92
CA LEU R 43 25.26 37.77 -0.03
C LEU R 43 25.14 38.47 1.32
N PRO R 44 23.99 38.40 1.97
CA PRO R 44 23.85 38.99 3.30
C PRO R 44 24.61 38.21 4.36
N TYR R 45 24.80 38.87 5.49
CA TYR R 45 25.62 38.32 6.56
C TYR R 45 24.84 37.28 7.37
N PRO R 46 25.38 36.08 7.55
CA PRO R 46 24.78 35.13 8.50
C PRO R 46 25.06 35.55 9.93
N GLU R 47 24.02 35.98 10.64
CA GLU R 47 24.19 36.71 11.88
C GLU R 47 24.60 35.84 13.07
N ASN R 48 24.54 34.52 12.94
CA ASN R 48 25.01 33.65 14.01
C ASN R 48 26.53 33.50 14.04
N LEU R 49 27.23 34.08 13.07
CA LEU R 49 28.69 34.00 13.04
C LEU R 49 29.35 35.06 13.91
N ALA R 50 28.59 36.04 14.39
CA ALA R 50 29.17 37.19 15.09
C ALA R 50 29.68 36.77 16.46
N GLY R 51 30.93 37.11 16.75
CA GLY R 51 31.53 36.77 18.02
C GLY R 51 32.67 35.79 17.88
N TYR R 52 32.49 34.77 17.04
CA TYR R 52 33.48 33.74 16.87
C TYR R 52 34.63 34.26 16.02
N VAL R 53 35.79 33.62 16.16
CA VAL R 53 37.03 34.30 15.82
C VAL R 53 37.54 34.02 14.40
N GLY R 54 37.06 32.97 13.74
CA GLY R 54 37.47 32.73 12.37
C GLY R 54 36.52 33.33 11.37
N ASP R 55 35.90 34.45 11.74
CA ASP R 55 34.75 34.98 11.04
C ASP R 55 35.17 35.72 9.78
N ALA R 56 34.80 35.16 8.63
CA ALA R 56 34.89 35.86 7.36
C ALA R 56 33.53 36.08 6.74
N GLY R 57 32.46 35.84 7.49
CA GLY R 57 31.13 35.91 6.93
C GLY R 57 30.81 34.82 5.95
N PHE R 58 31.48 33.69 6.04
CA PHE R 58 31.37 32.63 5.04
C PHE R 58 30.54 31.49 5.61
N ASP R 59 29.23 31.60 5.46
CA ASP R 59 28.32 30.47 5.65
C ASP R 59 27.17 30.61 4.66
N PRO R 60 27.40 30.30 3.38
CA PRO R 60 26.34 30.45 2.39
C PRO R 60 25.25 29.40 2.50
N PHE R 61 25.57 28.21 3.01
CA PHE R 61 24.57 27.16 3.14
C PHE R 61 23.77 27.27 4.41
N ARG R 62 24.12 28.23 5.28
CA ARG R 62 23.41 28.55 6.52
C ARG R 62 23.33 27.36 7.47
N PHE R 63 24.48 26.71 7.69
CA PHE R 63 24.55 25.65 8.68
C PHE R 63 24.41 26.19 10.10
N SER R 64 24.71 27.47 10.30
CA SER R 64 24.55 28.12 11.60
C SER R 64 23.09 28.28 11.99
N ASP R 65 22.18 28.33 11.03
CA ASP R 65 20.77 28.44 11.33
C ASP R 65 20.14 27.11 11.71
N PHE R 66 20.85 26.00 11.51
CA PHE R 66 20.37 24.69 11.91
C PHE R 66 21.08 24.20 13.18
N ALA R 67 22.36 24.16 13.16
CA ALA R 67 23.17 23.72 14.29
C ALA R 67 23.58 24.89 15.16
N PRO R 68 23.73 24.69 16.46
CA PRO R 68 24.31 25.74 17.31
C PRO R 68 25.78 25.95 16.96
N MET R 69 26.23 27.19 17.07
CA MET R 69 27.57 27.53 16.60
C MET R 69 28.65 27.02 17.54
N ASP R 70 28.31 26.64 18.76
CA ASP R 70 29.30 25.98 19.62
C ASP R 70 29.57 24.56 19.15
N PHE R 71 28.55 23.89 18.62
CA PHE R 71 28.74 22.55 18.08
C PHE R 71 29.56 22.59 16.79
N LEU R 72 29.38 23.63 15.99
CA LEU R 72 30.08 23.71 14.71
C LEU R 72 31.52 24.15 14.89
N ARG R 73 31.79 25.05 15.84
CA ARG R 73 33.16 25.49 16.07
C ARG R 73 33.98 24.39 16.74
N GLU R 74 33.37 23.66 17.67
CA GLU R 74 34.02 22.49 18.26
C GLU R 74 34.32 21.44 17.20
N ALA R 75 33.42 21.27 16.24
CA ALA R 75 33.66 20.34 15.15
C ALA R 75 34.71 20.86 14.17
N GLU R 76 34.76 22.17 13.95
CA GLU R 76 35.77 22.76 13.06
C GLU R 76 37.16 22.67 13.65
N ILE R 77 37.28 22.94 14.95
CA ILE R 77 38.56 22.88 15.64
C ILE R 77 39.07 21.45 15.73
N LYS R 78 38.18 20.49 16.03
CA LYS R 78 38.59 19.10 16.15
C LYS R 78 38.96 18.51 14.80
N HIS R 79 38.21 18.87 13.74
CA HIS R 79 38.59 18.46 12.40
C HIS R 79 39.94 19.05 12.00
N GLY R 80 40.21 20.28 12.43
CA GLY R 80 41.47 20.92 12.08
C GLY R 80 42.65 20.37 12.84
N ARG R 81 42.47 20.09 14.14
CA ARG R 81 43.56 19.57 14.95
C ARG R 81 43.95 18.16 14.55
N ILE R 82 42.99 17.37 14.06
CA ILE R 82 43.30 16.04 13.57
C ILE R 82 44.13 16.12 12.29
N CYS R 83 43.70 16.95 11.33
CA CYS R 83 44.41 17.08 10.07
C CYS R 83 45.73 17.79 10.19
N MET R 84 45.95 18.58 11.25
CA MET R 84 47.29 19.08 11.48
C MET R 84 48.21 17.94 11.87
N LEU R 85 47.73 17.04 12.73
CA LEU R 85 48.51 15.85 13.07
C LEU R 85 48.53 14.86 11.91
N ALA R 86 47.42 14.73 11.18
CA ALA R 86 47.34 13.73 10.13
C ALA R 86 48.19 14.07 8.92
N TRP R 87 48.27 15.35 8.56
CA TRP R 87 49.15 15.74 7.47
C TRP R 87 50.62 15.54 7.85
N LEU R 88 50.99 15.94 9.07
CA LEU R 88 52.37 15.80 9.52
C LEU R 88 52.76 14.35 9.67
N GLY R 89 51.87 13.50 10.18
CA GLY R 89 52.17 12.09 10.29
C GLY R 89 52.20 11.34 8.98
N PHE R 90 51.42 11.79 8.00
CA PHE R 90 51.46 11.19 6.67
C PHE R 90 52.77 11.50 5.97
N VAL R 91 53.16 12.78 5.95
CA VAL R 91 54.37 13.17 5.23
C VAL R 91 55.65 12.83 5.97
N ALA R 92 55.57 12.48 7.25
CA ALA R 92 56.77 12.01 7.94
C ALA R 92 57.04 10.54 7.70
N VAL R 93 55.99 9.70 7.67
CA VAL R 93 56.16 8.28 7.39
C VAL R 93 56.59 8.07 5.94
N ASP R 94 56.05 8.88 5.02
CA ASP R 94 56.48 8.83 3.64
C ASP R 94 57.84 9.48 3.39
N LEU R 95 58.35 10.29 4.32
CA LEU R 95 59.73 10.73 4.24
C LEU R 95 60.69 9.79 4.96
N GLY R 96 60.22 8.63 5.39
CA GLY R 96 61.07 7.60 5.92
C GLY R 96 61.23 7.61 7.43
N ALA R 97 60.62 8.57 8.13
CA ALA R 97 60.70 8.60 9.58
C ALA R 97 59.91 7.46 10.17
N ARG R 98 60.57 6.64 10.98
CA ARG R 98 59.94 5.51 11.66
C ARG R 98 60.25 5.58 13.14
N ILE R 99 59.48 4.83 13.93
CA ILE R 99 59.78 4.75 15.36
C ILE R 99 60.95 3.79 15.59
N TYR R 100 61.64 3.99 16.70
CA TYR R 100 62.78 3.17 17.04
C TYR R 100 62.60 2.64 18.46
N PRO R 101 62.70 1.32 18.68
CA PRO R 101 62.93 0.24 17.71
C PRO R 101 61.70 -0.11 16.89
N LEU R 102 61.90 -0.22 15.58
CA LEU R 102 60.78 -0.49 14.68
C LEU R 102 60.32 -1.94 14.84
N PRO R 103 59.03 -2.18 15.09
CA PRO R 103 58.54 -3.56 15.15
C PRO R 103 58.60 -4.24 13.79
N GLU R 104 58.71 -5.57 13.82
CA GLU R 104 58.85 -6.31 12.59
C GLU R 104 57.56 -6.39 11.79
N ALA R 105 56.41 -6.11 12.41
CA ALA R 105 55.18 -5.96 11.66
C ALA R 105 55.00 -4.56 11.10
N TYR R 106 55.70 -3.58 11.64
CA TYR R 106 55.68 -2.22 11.11
C TYR R 106 56.54 -2.05 9.87
N GLU R 107 57.34 -3.05 9.52
CA GLU R 107 58.31 -2.93 8.45
C GLU R 107 57.65 -3.14 7.09
N GLY R 108 58.23 -2.52 6.07
CA GLY R 108 57.71 -2.64 4.72
C GLY R 108 56.39 -1.94 4.50
N LEU R 109 56.15 -0.82 5.18
CA LEU R 109 54.88 -0.10 5.07
C LEU R 109 55.15 1.34 4.69
N THR R 110 54.37 1.85 3.74
CA THR R 110 54.29 3.27 3.49
C THR R 110 53.10 3.84 4.27
N ALA R 111 52.84 5.15 4.08
CA ALA R 111 51.74 5.77 4.81
C ALA R 111 50.38 5.35 4.27
N VAL R 112 50.30 4.86 3.05
CA VAL R 112 49.03 4.37 2.52
C VAL R 112 48.69 3.00 3.10
N THR R 113 49.63 2.06 3.05
CA THR R 113 49.37 0.71 3.50
C THR R 113 49.51 0.54 5.01
N ALA R 114 49.83 1.60 5.76
CA ALA R 114 50.02 1.46 7.19
C ALA R 114 48.73 1.24 7.96
N HIS R 115 47.58 1.63 7.39
CA HIS R 115 46.32 1.45 8.12
C HIS R 115 45.92 -0.01 8.17
N ASP R 116 45.78 -0.65 7.02
CA ASP R 116 45.21 -2.00 6.96
C ASP R 116 46.14 -3.04 7.56
N ALA R 117 47.46 -2.84 7.46
CA ALA R 117 48.40 -3.77 8.05
C ALA R 117 48.42 -3.72 9.57
N LEU R 118 48.10 -2.57 10.15
CA LEU R 118 48.18 -2.41 11.60
C LEU R 118 46.82 -2.50 12.28
N VAL R 119 45.73 -2.67 11.53
CA VAL R 119 44.52 -3.22 12.13
C VAL R 119 44.75 -4.68 12.49
N GLN R 120 45.49 -5.41 11.64
CA GLN R 120 45.82 -6.79 11.93
C GLN R 120 46.79 -6.90 13.10
N GLN R 121 47.77 -6.00 13.17
CA GLN R 121 48.76 -6.05 14.24
C GLN R 121 48.19 -5.57 15.57
N GLY R 122 47.27 -4.63 15.55
CA GLY R 122 46.69 -4.09 16.76
C GLY R 122 47.11 -2.69 17.11
N ALA R 123 47.92 -2.04 16.27
CA ALA R 123 48.29 -0.65 16.52
C ALA R 123 47.10 0.28 16.38
N MET R 124 46.27 0.07 15.35
CA MET R 124 45.11 0.92 15.14
C MET R 124 44.05 0.68 16.20
N SER R 125 43.95 -0.55 16.71
CA SER R 125 43.03 -0.81 17.82
C SER R 125 43.53 -0.19 19.11
N GLN R 126 44.83 0.00 19.25
CA GLN R 126 45.36 0.63 20.45
C GLN R 126 45.08 2.12 20.46
N ILE R 127 45.33 2.81 19.35
CA ILE R 127 45.09 4.24 19.30
C ILE R 127 43.60 4.55 19.33
N PHE R 128 42.78 3.68 18.73
CA PHE R 128 41.33 3.86 18.77
C PHE R 128 40.80 3.71 20.20
N LEU R 129 41.45 2.92 21.04
CA LEU R 129 41.07 2.81 22.44
C LEU R 129 41.25 4.12 23.16
N TRP R 130 42.41 4.75 23.01
CA TRP R 130 42.70 5.97 23.74
C TRP R 130 42.05 7.19 23.11
N CYS R 131 41.74 7.14 21.81
CA CYS R 131 40.88 8.15 21.25
C CYS R 131 39.45 8.02 21.78
N SER R 132 38.98 6.78 21.94
CA SER R 132 37.64 6.57 22.47
C SER R 132 37.56 6.90 23.95
N VAL R 133 38.66 6.76 24.68
CA VAL R 133 38.72 7.21 26.07
C VAL R 133 38.55 8.73 26.12
N PHE R 134 39.28 9.45 25.26
CA PHE R 134 39.21 10.90 25.26
C PHE R 134 37.87 11.39 24.73
N GLU R 135 37.35 10.75 23.70
CA GLU R 135 36.11 11.21 23.07
C GLU R 135 34.88 10.87 23.88
N ALA R 136 34.95 9.89 24.78
CA ALA R 136 33.84 9.65 25.69
C ALA R 136 33.75 10.74 26.75
N ILE R 137 34.89 11.26 27.19
CA ILE R 137 34.89 12.36 28.16
C ILE R 137 34.56 13.66 27.47
N SER R 138 35.01 13.83 26.23
CA SER R 138 34.63 14.97 25.41
C SER R 138 33.15 14.99 25.07
N THR R 139 32.51 13.82 25.02
CA THR R 139 31.07 13.76 24.81
C THR R 139 30.33 14.35 26.00
N VAL R 140 30.81 14.11 27.21
CA VAL R 140 30.27 14.75 28.40
C VAL R 140 30.52 16.24 28.35
N SER R 141 31.68 16.65 27.81
CA SER R 141 32.01 18.07 27.73
C SER R 141 31.18 18.78 26.67
N VAL R 142 30.92 18.13 25.53
CA VAL R 142 30.15 18.75 24.46
C VAL R 142 28.69 18.91 24.86
N ILE R 143 28.15 17.91 25.55
CA ILE R 143 26.76 17.98 26.04
C ILE R 143 26.63 19.05 27.10
N GLN R 144 27.60 19.13 28.00
CA GLN R 144 27.57 20.16 29.03
C GLN R 144 27.82 21.55 28.46
N MET R 145 28.54 21.64 27.33
CA MET R 145 28.72 22.93 26.69
C MET R 145 27.42 23.41 26.03
N LEU R 146 26.70 22.49 25.40
CA LEU R 146 25.50 22.85 24.64
C LEU R 146 24.25 22.92 25.50
N TYR R 147 24.09 22.03 26.48
CA TYR R 147 22.81 21.87 27.14
C TYR R 147 22.85 22.02 28.65
N GLU R 148 24.02 22.02 29.28
CA GLU R 148 24.12 22.29 30.70
C GLU R 148 24.73 23.65 30.99
N GLU R 149 25.21 24.35 29.96
CA GLU R 149 25.76 25.71 30.04
C GLU R 149 26.94 25.80 31.00
N SER R 150 28.01 25.09 30.64
CA SER R 150 29.26 25.15 31.37
C SER R 150 30.00 26.46 31.18
N GLY R 151 29.70 27.20 30.12
CA GLY R 151 30.52 28.36 29.80
C GLY R 151 31.83 28.01 29.15
N ARG R 152 31.99 26.76 28.72
CA ARG R 152 33.23 26.29 28.15
C ARG R 152 33.34 26.75 26.70
N GLU R 153 34.50 27.29 26.33
CA GLU R 153 34.76 27.65 24.95
C GLU R 153 34.80 26.40 24.09
N PRO R 154 34.27 26.47 22.86
CA PRO R 154 34.43 25.35 21.93
C PRO R 154 35.88 25.21 21.53
N GLY R 155 36.39 23.98 21.63
CA GLY R 155 37.79 23.70 21.40
C GLY R 155 38.66 23.77 22.64
N TYR R 156 38.14 24.29 23.74
CA TYR R 156 38.90 24.43 24.97
C TYR R 156 38.99 23.09 25.68
N PHE R 157 40.20 22.67 26.00
CA PHE R 157 40.41 21.52 26.85
C PHE R 157 41.38 21.81 27.99
N GLY R 158 41.76 23.07 28.18
CA GLY R 158 42.67 23.42 29.25
C GLY R 158 44.12 23.07 29.00
N PHE R 159 44.48 22.68 27.78
CA PHE R 159 45.80 22.15 27.50
C PHE R 159 46.73 23.29 27.11
N ASP R 160 47.55 23.71 28.07
CA ASP R 160 48.62 24.68 27.82
C ASP R 160 49.74 24.44 28.82
N PRO R 161 50.54 23.40 28.61
CA PRO R 161 51.62 23.12 29.57
C PRO R 161 52.81 24.05 29.41
N LEU R 162 53.06 24.51 28.18
CA LEU R 162 54.20 25.37 27.91
C LEU R 162 53.99 26.81 28.32
N GLY R 163 52.78 27.17 28.74
CA GLY R 163 52.53 28.49 29.28
C GLY R 163 52.44 29.59 28.24
N PHE R 164 51.65 29.35 27.20
CA PHE R 164 51.19 30.42 26.34
C PHE R 164 49.94 31.03 26.96
N LEU R 165 49.51 32.17 26.41
CA LEU R 165 48.34 32.94 26.85
C LEU R 165 48.45 33.32 28.33
N ASN R 166 49.68 33.54 28.79
CA ASN R 166 49.97 33.80 30.20
C ASN R 166 49.57 35.23 30.55
N GLY R 167 48.32 35.38 30.97
CA GLY R 167 47.79 36.69 31.31
C GLY R 167 47.61 37.62 30.13
N LYS R 168 47.62 37.10 28.91
CA LYS R 168 47.52 37.93 27.72
C LYS R 168 46.10 38.45 27.55
N SER R 169 45.98 39.51 26.75
CA SER R 169 44.69 40.16 26.55
C SER R 169 43.77 39.30 25.71
N GLU R 170 42.49 39.68 25.69
CA GLU R 170 41.52 38.96 24.89
C GLU R 170 41.78 39.12 23.40
N ALA R 171 42.38 40.23 22.98
CA ALA R 171 42.79 40.38 21.59
C ALA R 171 44.01 39.54 21.26
N GLU R 172 44.79 39.13 22.25
CA GLU R 172 45.96 38.30 21.99
C GLU R 172 45.61 36.81 22.02
N VAL R 173 44.59 36.42 22.78
CA VAL R 173 44.16 35.03 22.71
C VAL R 173 43.34 34.80 21.45
N ASN R 174 42.77 35.87 20.89
CA ASN R 174 41.96 35.75 19.69
C ASN R 174 42.81 35.64 18.43
N GLU R 175 43.95 36.31 18.38
CA GLU R 175 44.83 36.11 17.24
C GLU R 175 45.50 34.74 17.27
N MET R 176 45.74 34.21 18.46
CA MET R 176 46.25 32.85 18.57
C MET R 176 45.17 31.83 18.25
N LYS R 177 43.92 32.11 18.61
CA LYS R 177 42.83 31.24 18.23
C LYS R 177 42.58 31.29 16.73
N LEU R 178 42.80 32.44 16.11
CA LEU R 178 42.68 32.56 14.66
C LEU R 178 43.79 31.79 13.95
N LYS R 179 44.99 31.75 14.52
CA LYS R 179 46.09 31.00 13.91
C LYS R 179 45.86 29.51 14.01
N GLU R 180 45.21 29.04 15.07
CA GLU R 180 44.89 27.62 15.18
C GLU R 180 43.86 27.20 14.16
N ILE R 181 42.85 28.03 13.94
CA ILE R 181 41.76 27.67 13.03
C ILE R 181 42.22 27.76 11.58
N LYS R 182 42.98 28.79 11.21
CA LYS R 182 43.41 28.91 9.83
C LYS R 182 44.47 27.88 9.47
N ASN R 183 45.40 27.59 10.38
CA ASN R 183 46.28 26.46 10.14
C ASN R 183 45.54 25.14 10.26
N GLY R 184 44.46 25.12 11.05
CA GLY R 184 43.59 23.98 11.05
C GLY R 184 42.84 23.83 9.74
N ARG R 185 42.23 24.92 9.25
CA ARG R 185 41.51 24.91 7.99
C ARG R 185 42.41 24.61 6.81
N LEU R 186 43.66 25.07 6.86
CA LEU R 186 44.59 24.80 5.79
C LEU R 186 44.99 23.33 5.75
N ALA R 187 45.22 22.74 6.92
CA ALA R 187 45.66 21.34 7.01
C ALA R 187 44.60 20.36 6.55
N MET R 188 43.32 20.72 6.66
CA MET R 188 42.27 19.81 6.21
C MET R 188 42.26 19.70 4.69
N LEU R 189 42.46 20.82 4.00
CA LEU R 189 42.66 20.76 2.56
C LEU R 189 44.04 20.23 2.20
N ALA R 190 45.03 20.45 3.08
CA ALA R 190 46.36 19.95 2.82
C ALA R 190 46.43 18.45 2.99
N PHE R 191 45.77 17.91 4.01
CA PHE R 191 45.75 16.47 4.16
C PHE R 191 44.92 15.82 3.07
N SER R 192 43.86 16.49 2.64
CA SER R 192 42.97 15.92 1.63
C SER R 192 43.67 15.78 0.29
N GLY R 193 44.62 16.67 -0.01
CA GLY R 193 45.45 16.51 -1.17
C GLY R 193 46.44 15.39 -1.02
N VAL R 194 47.11 15.32 0.14
CA VAL R 194 48.23 14.41 0.28
C VAL R 194 47.78 12.96 0.39
N VAL R 195 46.53 12.72 0.77
CA VAL R 195 46.02 11.36 0.86
C VAL R 195 45.28 10.94 -0.41
N THR R 196 44.82 11.90 -1.21
CA THR R 196 44.23 11.55 -2.49
C THR R 196 45.31 11.35 -3.55
N GLN R 197 46.30 12.25 -3.59
CA GLN R 197 47.40 12.13 -4.54
C GLN R 197 48.31 10.96 -4.24
N ALA R 198 48.34 10.47 -2.99
CA ALA R 198 49.16 9.31 -2.66
C ALA R 198 48.61 8.05 -3.30
N VAL R 199 47.29 7.86 -3.24
CA VAL R 199 46.65 6.71 -3.89
C VAL R 199 46.71 6.81 -5.40
N LEU R 200 46.68 8.02 -5.95
CA LEU R 200 46.68 8.19 -7.41
C LEU R 200 48.05 7.91 -8.02
N THR R 201 49.12 8.06 -7.26
CA THR R 201 50.46 7.81 -7.79
C THR R 201 51.13 6.60 -7.20
N GLN R 202 51.08 6.45 -5.86
CA GLN R 202 51.92 5.53 -5.09
C GLN R 202 53.40 5.73 -5.42
N GLY R 203 53.86 6.97 -5.29
CA GLY R 203 55.20 7.33 -5.69
C GLY R 203 56.03 7.91 -4.57
N PRO R 204 57.01 8.75 -4.91
CA PRO R 204 57.87 9.36 -3.91
C PRO R 204 57.14 10.52 -3.23
N PHE R 205 57.88 11.22 -2.36
CA PHE R 205 57.32 12.13 -1.35
C PHE R 205 56.33 13.18 -1.85
N PRO R 206 56.64 14.07 -2.79
CA PRO R 206 55.79 15.27 -2.94
C PRO R 206 54.42 15.04 -3.55
N TYR R 207 53.99 13.78 -3.72
CA TYR R 207 52.59 13.48 -3.98
C TYR R 207 52.06 12.48 -2.97
N VAL R 208 52.93 11.94 -2.11
CA VAL R 208 52.44 10.98 -1.12
C VAL R 208 52.66 11.49 0.29
N GLU S 109 1.03 52.32 -25.04
CA GLU S 109 2.44 52.44 -25.40
C GLU S 109 2.93 51.16 -26.07
N LYS S 110 3.64 51.32 -27.18
CA LYS S 110 4.06 50.20 -28.00
C LYS S 110 5.51 49.82 -27.71
N SER S 111 5.83 48.56 -27.97
CA SER S 111 7.19 48.07 -27.87
C SER S 111 8.07 48.71 -28.94
N GLN S 112 9.34 48.95 -28.61
CA GLN S 112 10.25 49.50 -29.61
C GLN S 112 10.63 48.47 -30.64
N SER S 113 10.89 47.24 -30.21
CA SER S 113 11.36 46.21 -31.13
C SER S 113 10.22 45.64 -31.96
N LEU S 114 9.01 45.60 -31.39
CA LEU S 114 7.82 45.10 -32.07
C LEU S 114 6.77 46.21 -31.98
N PRO S 115 6.79 47.17 -32.92
CA PRO S 115 5.92 48.35 -32.77
C PRO S 115 4.45 48.08 -33.05
N PHE S 116 4.09 46.88 -33.46
CA PHE S 116 2.69 46.48 -33.58
C PHE S 116 2.14 45.93 -32.26
N MET S 117 3.00 45.59 -31.32
CA MET S 117 2.59 45.05 -30.03
C MET S 117 2.66 46.12 -28.96
N ASN S 118 1.84 45.96 -27.93
CA ASN S 118 1.94 46.79 -26.74
C ASN S 118 3.21 46.47 -25.98
N ARG S 119 3.67 47.43 -25.19
CA ARG S 119 4.85 47.24 -24.36
C ARG S 119 4.54 46.25 -23.24
N PRO S 120 5.45 45.33 -22.93
CA PRO S 120 5.25 44.47 -21.76
C PRO S 120 5.35 45.27 -20.48
N PRO S 121 4.42 45.09 -19.55
CA PRO S 121 4.25 46.07 -18.46
C PRO S 121 5.35 46.04 -17.42
N LEU S 122 6.04 44.92 -17.25
CA LEU S 122 7.13 44.87 -16.27
C LEU S 122 8.46 45.33 -16.84
N LEU S 123 8.54 45.56 -18.15
CA LEU S 123 9.74 46.09 -18.79
C LEU S 123 9.51 47.57 -19.03
N ASP S 124 10.33 48.41 -18.39
CA ASP S 124 10.15 49.86 -18.47
C ASP S 124 11.43 50.58 -18.86
N GLY S 125 12.38 49.87 -19.47
CA GLY S 125 13.63 50.49 -19.86
C GLY S 125 14.62 50.71 -18.74
N SER S 126 14.39 50.12 -17.56
CA SER S 126 15.35 50.30 -16.48
C SER S 126 16.57 49.39 -16.65
N MET S 127 16.37 48.16 -17.09
CA MET S 127 17.48 47.26 -17.36
C MET S 127 18.21 47.69 -18.63
N ALA S 128 19.37 47.07 -18.87
CA ALA S 128 20.32 47.58 -19.86
C ALA S 128 19.86 47.36 -21.30
N GLY S 129 19.48 46.13 -21.64
CA GLY S 129 19.13 45.84 -23.02
C GLY S 129 17.65 45.84 -23.29
N ASP S 130 16.92 46.73 -22.62
CA ASP S 130 15.46 46.74 -22.65
C ASP S 130 14.99 47.58 -23.84
N VAL S 131 14.52 46.91 -24.89
CA VAL S 131 13.76 47.56 -25.93
C VAL S 131 12.38 46.92 -26.07
N GLY S 132 11.87 46.33 -25.00
CA GLY S 132 10.52 45.84 -24.98
C GLY S 132 10.29 44.55 -25.74
N PHE S 133 11.32 43.75 -25.93
CA PHE S 133 11.19 42.53 -26.74
C PHE S 133 10.80 41.37 -25.83
N ASP S 134 9.51 41.31 -25.53
CA ASP S 134 8.91 40.14 -24.88
C ASP S 134 7.56 39.88 -25.51
N PRO S 135 7.52 39.27 -26.70
CA PRO S 135 6.21 38.96 -27.30
C PRO S 135 5.46 37.87 -26.58
N LEU S 136 6.14 36.86 -26.04
CA LEU S 136 5.45 35.78 -25.35
C LEU S 136 5.03 36.13 -23.94
N GLY S 137 5.40 37.31 -23.44
CA GLY S 137 5.01 37.72 -22.12
C GLY S 137 5.70 36.96 -21.01
N LEU S 138 6.92 36.50 -21.24
CA LEU S 138 7.61 35.67 -20.26
C LEU S 138 8.09 36.45 -19.05
N SER S 139 8.18 37.78 -19.16
CA SER S 139 8.52 38.60 -18.00
C SER S 139 7.37 38.69 -17.01
N ASN S 140 6.16 38.27 -17.37
CA ASN S 140 5.03 38.26 -16.48
C ASN S 140 4.91 36.97 -15.66
N ILE S 141 5.84 36.02 -15.85
CA ILE S 141 5.83 34.79 -15.07
C ILE S 141 6.16 35.10 -13.62
N ASP S 142 5.37 34.57 -12.70
CA ASP S 142 5.68 34.78 -11.28
C ASP S 142 5.38 33.55 -10.42
N ASP S 143 5.48 32.34 -10.95
CA ASP S 143 4.95 31.20 -10.20
C ASP S 143 5.99 30.19 -9.75
N VAL S 144 6.65 29.47 -10.66
CA VAL S 144 7.40 28.26 -10.26
C VAL S 144 8.83 28.72 -10.01
N GLY S 145 9.03 29.37 -8.87
CA GLY S 145 10.30 30.01 -8.52
C GLY S 145 10.95 30.91 -9.55
N ILE S 146 10.18 31.45 -10.50
CA ILE S 146 10.69 32.14 -11.66
C ILE S 146 9.95 33.46 -11.79
N ASP S 147 10.71 34.55 -11.93
CA ASP S 147 10.13 35.85 -12.18
C ASP S 147 11.11 36.61 -13.07
N LEU S 148 10.92 37.93 -13.17
CA LEU S 148 11.80 38.75 -14.00
C LEU S 148 13.22 38.81 -13.44
N TYR S 149 13.36 38.74 -12.12
CA TYR S 149 14.69 38.67 -11.50
C TYR S 149 15.42 37.40 -11.90
N TRP S 150 14.72 36.26 -11.88
CA TRP S 150 15.35 34.99 -12.21
C TRP S 150 15.72 34.91 -13.67
N LEU S 151 14.89 35.46 -14.55
CA LEU S 151 15.18 35.44 -15.97
C LEU S 151 16.31 36.40 -16.35
N ARG S 152 16.39 37.54 -15.66
CA ARG S 152 17.49 38.46 -15.90
C ARG S 152 18.82 37.90 -15.40
N GLU S 153 18.80 37.22 -14.26
CA GLU S 153 19.98 36.53 -13.80
C GLU S 153 20.34 35.36 -14.71
N ALA S 154 19.33 34.72 -15.30
CA ALA S 154 19.59 33.64 -16.26
C ALA S 154 20.11 34.19 -17.57
N GLU S 155 19.62 35.35 -17.99
CA GLU S 155 20.11 35.98 -19.22
C GLU S 155 21.55 36.40 -19.07
N ILE S 156 21.87 37.04 -17.95
CA ILE S 156 23.20 37.55 -17.70
C ILE S 156 24.20 36.41 -17.52
N LYS S 157 23.78 35.31 -16.90
CA LYS S 157 24.68 34.17 -16.78
C LYS S 157 24.86 33.48 -18.12
N HIS S 158 23.79 33.35 -18.91
CA HIS S 158 23.91 32.85 -20.28
C HIS S 158 24.75 33.78 -21.13
N CYS S 159 24.72 35.08 -20.85
CA CYS S 159 25.56 36.05 -21.55
C CYS S 159 27.03 35.80 -21.26
N ARG S 160 27.38 35.67 -19.99
CA ARG S 160 28.78 35.62 -19.59
C ARG S 160 29.41 34.27 -19.87
N VAL S 161 28.64 33.19 -19.74
CA VAL S 161 29.14 31.86 -20.07
C VAL S 161 29.41 31.76 -21.57
N ALA S 162 28.49 32.27 -22.39
CA ALA S 162 28.65 32.19 -23.83
C ALA S 162 29.75 33.13 -24.33
N MET S 163 29.96 34.25 -23.65
CA MET S 163 31.03 35.15 -24.05
C MET S 163 32.39 34.51 -23.83
N LEU S 164 32.58 33.84 -22.68
CA LEU S 164 33.83 33.14 -22.40
C LEU S 164 33.99 31.91 -23.28
N ALA S 165 32.89 31.28 -23.69
CA ALA S 165 32.98 30.09 -24.52
C ALA S 165 33.43 30.41 -25.93
N VAL S 166 33.12 31.61 -26.44
CA VAL S 166 33.48 31.95 -27.80
C VAL S 166 34.98 32.21 -27.90
N VAL S 167 35.51 33.05 -26.99
CA VAL S 167 36.94 33.28 -26.97
C VAL S 167 37.69 32.06 -26.45
N GLY S 168 37.02 31.18 -25.70
CA GLY S 168 37.65 29.94 -25.30
C GLY S 168 37.79 28.96 -26.45
N ILE S 169 36.95 29.09 -27.47
CA ILE S 169 37.13 28.32 -28.69
C ILE S 169 38.15 28.99 -29.58
N LEU S 170 38.04 30.30 -29.74
CA LEU S 170 38.93 31.03 -30.65
C LEU S 170 40.35 31.15 -30.12
N GLN S 171 40.58 30.89 -28.84
CA GLN S 171 41.95 30.85 -28.33
C GLN S 171 42.64 29.56 -28.75
N VAL S 172 41.93 28.43 -28.63
CA VAL S 172 42.55 27.15 -28.94
C VAL S 172 42.64 26.91 -30.43
N GLU S 173 41.63 27.33 -31.21
CA GLU S 173 41.69 27.10 -32.65
C GLU S 173 42.64 28.04 -33.37
N ILE S 174 43.17 29.05 -32.70
CA ILE S 174 44.19 29.91 -33.29
C ILE S 174 45.58 29.59 -32.74
N PHE S 175 45.73 29.61 -31.42
CA PHE S 175 47.04 29.49 -30.79
C PHE S 175 47.32 28.12 -30.20
N GLY S 176 46.43 27.15 -30.41
CA GLY S 176 46.65 25.83 -29.86
C GLY S 176 46.20 25.73 -28.42
N PRO S 177 46.24 24.51 -27.86
CA PRO S 177 45.83 24.31 -26.47
C PRO S 177 46.86 24.87 -25.51
N ALA S 178 46.52 24.92 -24.22
CA ALA S 178 47.53 25.41 -23.27
C ALA S 178 48.63 24.36 -23.04
N PRO S 179 49.83 24.78 -22.62
CA PRO S 179 50.88 23.80 -22.29
C PRO S 179 50.50 22.93 -21.10
N GLY S 180 50.79 21.64 -21.23
CA GLY S 180 50.20 20.63 -20.40
C GLY S 180 49.00 19.97 -21.03
N CYS S 181 48.46 20.56 -22.09
CA CYS S 181 47.29 20.03 -22.79
C CYS S 181 47.55 19.90 -24.29
N GLU S 182 48.82 19.72 -24.68
CA GLU S 182 49.18 19.66 -26.10
C GLU S 182 48.76 18.37 -26.79
N MET S 183 48.11 17.48 -26.07
CA MET S 183 47.52 16.24 -26.54
C MET S 183 46.21 16.43 -27.30
N ALA S 184 45.78 17.67 -27.52
CA ALA S 184 44.48 17.90 -28.16
C ALA S 184 44.59 17.77 -29.67
N THR S 185 45.31 18.70 -30.31
CA THR S 185 45.68 18.73 -31.73
C THR S 185 44.47 18.77 -32.69
N ASP S 186 43.24 18.86 -32.19
CA ASP S 186 42.06 18.90 -33.03
C ASP S 186 41.48 20.30 -33.02
N LYS S 187 41.13 20.81 -34.19
CA LYS S 187 40.50 22.12 -34.25
C LYS S 187 39.04 22.05 -33.83
N CYS S 188 38.41 20.89 -33.93
CA CYS S 188 37.05 20.73 -33.43
C CYS S 188 37.09 20.62 -31.91
N GLN S 189 36.58 21.65 -31.22
CA GLN S 189 36.66 21.69 -29.77
C GLN S 189 35.66 20.77 -29.10
N MET S 190 34.65 20.30 -29.83
CA MET S 190 33.77 19.27 -29.27
C MET S 190 34.48 17.93 -29.22
N ASP S 191 35.48 17.72 -30.08
CA ASP S 191 36.29 16.51 -30.03
C ASP S 191 37.55 16.69 -29.19
N ALA S 192 38.08 17.91 -29.11
CA ALA S 192 39.27 18.17 -28.32
C ALA S 192 39.00 18.10 -26.83
N PHE S 193 37.74 18.20 -26.41
CA PHE S 193 37.40 18.00 -25.01
C PHE S 193 37.67 16.57 -24.57
N TRP S 194 37.39 15.60 -25.45
CA TRP S 194 37.50 14.20 -25.09
C TRP S 194 38.93 13.68 -25.10
N GLN S 195 39.86 14.44 -25.67
CA GLN S 195 41.27 14.10 -25.55
C GLN S 195 41.87 14.63 -24.26
N ILE S 196 41.37 15.74 -23.76
CA ILE S 196 41.77 16.21 -22.43
C ILE S 196 41.13 15.36 -21.36
N TRP S 197 39.88 14.93 -21.57
CA TRP S 197 39.24 14.01 -20.65
C TRP S 197 39.89 12.63 -20.71
N GLY S 198 40.43 12.25 -21.87
CA GLY S 198 41.09 10.97 -21.99
C GLY S 198 42.40 10.86 -21.25
N ALA S 199 43.09 11.98 -21.05
CA ALA S 199 44.44 11.98 -20.48
C ALA S 199 44.51 12.68 -19.13
N HIS S 200 44.00 13.91 -19.01
CA HIS S 200 43.99 14.63 -17.73
C HIS S 200 42.56 14.96 -17.33
N PRO S 201 41.77 13.96 -16.93
CA PRO S 201 40.37 14.23 -16.57
C PRO S 201 40.19 14.89 -15.22
N GLN S 202 41.24 14.95 -14.39
CA GLN S 202 41.09 15.44 -13.03
C GLN S 202 40.92 16.95 -12.99
N TYR S 203 41.48 17.68 -13.96
CA TYR S 203 41.37 19.13 -13.94
C TYR S 203 40.00 19.60 -14.39
N ILE S 204 39.38 18.88 -15.33
CA ILE S 204 38.00 19.16 -15.70
C ILE S 204 37.07 18.88 -14.52
N ALA S 205 37.28 17.78 -13.81
CA ALA S 205 36.50 17.50 -12.61
C ALA S 205 36.86 18.43 -11.46
N PHE S 206 38.09 18.98 -11.46
CA PHE S 206 38.42 20.04 -10.51
C PHE S 206 37.61 21.29 -10.79
N GLY S 207 37.53 21.70 -12.07
CA GLY S 207 36.74 22.86 -12.41
C GLY S 207 35.26 22.65 -12.24
N LEU S 208 34.77 21.44 -12.53
CA LEU S 208 33.34 21.17 -12.47
C LEU S 208 32.80 21.13 -11.05
N ILE S 209 33.64 20.79 -10.07
CA ILE S 209 33.22 20.86 -8.67
C ILE S 209 33.45 22.27 -8.14
N MET S 210 34.50 22.96 -8.62
CA MET S 210 34.68 24.37 -8.28
C MET S 210 33.57 25.24 -8.84
N ILE S 211 33.06 24.90 -10.02
CA ILE S 211 31.86 25.56 -10.52
C ILE S 211 30.66 25.20 -9.67
N MET S 212 30.59 23.94 -9.22
CA MET S 212 29.45 23.45 -8.44
C MET S 212 29.32 24.18 -7.11
N MET S 213 30.43 24.52 -6.47
CA MET S 213 30.36 25.30 -5.26
C MET S 213 30.04 26.75 -5.55
N ILE S 214 30.61 27.30 -6.63
CA ILE S 214 30.34 28.67 -7.03
C ILE S 214 28.88 28.84 -7.45
N GLU S 215 28.37 27.87 -8.23
CA GLU S 215 27.00 27.99 -8.73
C GLU S 215 25.97 27.76 -7.64
N MET S 216 26.25 26.90 -6.66
CA MET S 216 25.31 26.73 -5.57
C MET S 216 25.29 27.95 -4.65
N ILE S 217 26.42 28.64 -4.53
CA ILE S 217 26.44 29.90 -3.79
C ILE S 217 25.74 31.00 -4.59
N SER S 218 25.90 30.98 -5.92
CA SER S 218 25.20 31.94 -6.77
C SER S 218 23.71 31.67 -6.80
N GLY S 219 23.29 30.42 -6.62
CA GLY S 219 21.87 30.13 -6.54
C GLY S 219 21.25 30.60 -5.25
N ILE S 220 22.04 30.66 -4.17
CA ILE S 220 21.55 31.23 -2.93
C ILE S 220 21.53 32.74 -3.01
N ALA S 221 22.53 33.34 -3.65
CA ALA S 221 22.57 34.79 -3.81
C ALA S 221 21.46 35.31 -4.71
N THR S 222 20.99 34.48 -5.64
CA THR S 222 19.89 34.87 -6.51
C THR S 222 18.58 34.89 -5.74
N THR S 223 18.31 33.84 -4.97
CA THR S 223 17.04 33.74 -4.28
C THR S 223 17.00 34.58 -3.02
N GLN S 224 18.15 34.82 -2.38
CA GLN S 224 18.17 35.78 -1.28
C GLN S 224 18.22 37.21 -1.79
N GLY S 225 18.81 37.43 -2.97
CA GLY S 225 18.79 38.76 -3.57
C GLY S 225 17.45 39.14 -4.14
N ARG S 226 16.60 38.15 -4.42
CA ARG S 226 15.24 38.39 -4.89
C ARG S 226 14.28 38.68 -3.74
N GLU S 227 14.40 37.91 -2.65
CA GLU S 227 13.55 38.14 -1.47
C GLU S 227 13.86 39.47 -0.80
N SER S 228 15.13 39.85 -0.73
CA SER S 228 15.53 41.17 -0.29
C SER S 228 15.61 42.09 -1.51
N GLY S 229 16.27 43.22 -1.36
CA GLY S 229 16.45 44.10 -2.49
C GLY S 229 17.86 44.67 -2.59
N GLU S 230 18.82 44.01 -1.96
CA GLU S 230 20.19 44.51 -1.91
C GLU S 230 21.09 43.89 -2.98
N ARG S 231 20.53 43.25 -4.00
CA ARG S 231 21.37 42.68 -5.05
C ARG S 231 20.67 42.81 -6.38
N ALA S 232 21.31 43.49 -7.32
CA ALA S 232 20.85 43.49 -8.70
C ALA S 232 21.06 42.11 -9.31
N PRO S 233 20.24 41.72 -10.30
CA PRO S 233 20.43 40.40 -10.92
C PRO S 233 21.71 40.35 -11.71
N GLY S 234 22.47 39.27 -11.52
CA GLY S 234 23.77 39.11 -12.13
C GLY S 234 24.89 39.92 -11.49
N ASP S 235 24.63 40.56 -10.37
CA ASP S 235 25.62 41.39 -9.69
C ASP S 235 26.32 40.55 -8.63
N PHE S 236 27.65 40.52 -8.68
CA PHE S 236 28.44 39.80 -7.71
C PHE S 236 29.46 40.70 -7.02
N GLY S 237 29.42 42.00 -7.28
CA GLY S 237 30.42 42.89 -6.73
C GLY S 237 31.79 42.76 -7.32
N LEU S 238 31.93 42.01 -8.42
CA LEU S 238 33.22 41.82 -9.07
C LEU S 238 33.47 43.01 -9.99
N ASP S 239 33.88 44.11 -9.37
CA ASP S 239 34.41 45.27 -10.08
C ASP S 239 35.73 45.66 -9.44
N PRO S 240 36.78 44.84 -9.63
CA PRO S 240 38.05 45.11 -8.93
C PRO S 240 38.81 46.29 -9.50
N LEU S 241 38.69 46.56 -10.79
CA LEU S 241 39.29 47.75 -11.35
C LEU S 241 38.45 48.98 -11.05
N GLY S 242 37.17 48.81 -10.75
CA GLY S 242 36.35 49.91 -10.31
C GLY S 242 35.82 50.77 -11.43
N TYR S 243 35.14 50.16 -12.39
CA TYR S 243 34.51 50.92 -13.46
C TYR S 243 33.20 51.55 -13.03
N GLY S 244 32.59 51.01 -11.97
CA GLY S 244 31.30 51.47 -11.52
C GLY S 244 31.31 52.61 -10.53
N LYS S 245 32.48 53.17 -10.23
CA LYS S 245 32.58 54.21 -9.23
C LYS S 245 32.15 55.57 -9.75
N GLY S 246 32.48 55.91 -10.99
CA GLY S 246 32.14 57.22 -11.52
C GLY S 246 31.59 57.12 -12.93
N ASP S 247 30.98 58.22 -13.37
CA ASP S 247 30.37 58.39 -14.68
C ASP S 247 29.29 57.33 -14.91
N ALA S 248 28.18 57.52 -14.18
CA ALA S 248 27.03 56.62 -14.26
C ALA S 248 26.45 56.50 -15.66
N ALA S 249 26.59 57.53 -16.49
CA ALA S 249 26.23 57.40 -17.90
C ALA S 249 27.21 56.50 -18.64
N GLY S 250 28.50 56.61 -18.31
CA GLY S 250 29.48 55.70 -18.87
C GLY S 250 29.50 54.35 -18.21
N TYR S 251 28.86 54.20 -17.05
CA TYR S 251 28.72 52.89 -16.45
C TYR S 251 27.49 52.17 -16.97
N ALA S 252 26.42 52.89 -17.28
CA ALA S 252 25.26 52.28 -17.92
C ALA S 252 25.58 51.86 -19.35
N ARG S 253 26.56 52.50 -19.98
CA ARG S 253 27.02 52.07 -21.29
C ARG S 253 27.74 50.72 -21.21
N LEU S 254 28.51 50.52 -20.14
CA LEU S 254 29.15 49.22 -19.93
C LEU S 254 28.14 48.15 -19.56
N GLN S 255 27.07 48.51 -18.86
CA GLN S 255 26.00 47.55 -18.59
C GLN S 255 25.27 47.16 -19.86
N ALA S 256 25.12 48.10 -20.78
CA ALA S 256 24.50 47.78 -22.05
C ALA S 256 25.45 47.04 -22.98
N GLN S 257 26.76 47.32 -22.89
CA GLN S 257 27.72 46.64 -23.75
C GLN S 257 27.95 45.21 -23.32
N GLU S 258 27.78 44.91 -22.03
CA GLU S 258 27.83 43.53 -21.56
C GLU S 258 26.66 42.74 -22.11
N ILE S 259 25.47 43.34 -22.09
CA ILE S 259 24.26 42.67 -22.54
C ILE S 259 24.28 42.52 -24.06
N ALA S 260 24.79 43.53 -24.77
CA ALA S 260 24.80 43.49 -26.22
C ALA S 260 25.82 42.51 -26.76
N ASN S 261 27.01 42.45 -26.16
CA ASN S 261 27.98 41.44 -26.55
C ASN S 261 27.58 40.07 -26.02
N GLY S 262 26.85 40.01 -24.90
CA GLY S 262 26.45 38.73 -24.37
C GLY S 262 25.30 38.10 -25.11
N ARG S 263 24.37 38.91 -25.61
CA ARG S 263 23.28 38.37 -26.41
C ARG S 263 23.77 37.91 -27.77
N LEU S 264 24.81 38.57 -28.30
CA LEU S 264 25.39 38.14 -29.56
C LEU S 264 26.18 36.84 -29.39
N ALA S 265 26.95 36.73 -28.30
CA ALA S 265 27.74 35.55 -28.05
C ALA S 265 26.90 34.33 -27.71
N MET S 266 25.66 34.53 -27.29
CA MET S 266 24.77 33.40 -27.03
C MET S 266 24.47 32.63 -28.31
N PHE S 267 24.22 33.34 -29.41
CA PHE S 267 24.09 32.69 -30.70
C PHE S 267 25.40 32.07 -31.16
N ALA S 268 26.52 32.74 -30.89
CA ALA S 268 27.80 32.26 -31.37
C ALA S 268 28.24 31.01 -30.63
N ALA S 269 28.05 30.97 -29.31
CA ALA S 269 28.47 29.79 -28.56
C ALA S 269 27.53 28.61 -28.79
N ALA S 270 26.25 28.88 -28.98
CA ALA S 270 25.33 27.80 -29.33
C ALA S 270 25.59 27.29 -30.73
N GLY S 271 26.03 28.16 -31.63
CA GLY S 271 26.35 27.73 -32.97
C GLY S 271 27.62 26.90 -33.04
N GLU S 272 28.67 27.37 -32.36
CA GLU S 272 29.94 26.64 -32.34
C GLU S 272 29.85 25.31 -31.63
N ILE S 273 28.90 25.14 -30.70
CA ILE S 273 28.61 23.80 -30.19
C ILE S 273 27.96 22.96 -31.28
N MET S 274 26.94 23.51 -31.93
CA MET S 274 26.14 22.72 -32.86
C MET S 274 26.85 22.48 -34.17
N GLN S 275 27.52 23.48 -34.73
CA GLN S 275 28.28 23.25 -35.94
C GLN S 275 29.68 22.71 -35.66
N GLY S 276 29.99 22.40 -34.41
CA GLY S 276 31.15 21.60 -34.07
C GLY S 276 30.76 20.16 -33.85
N CYS S 277 29.57 19.94 -33.30
CA CYS S 277 29.06 18.59 -33.08
C CYS S 277 28.43 17.97 -34.33
N THR S 278 28.37 18.69 -35.44
CA THR S 278 27.80 18.17 -36.67
C THR S 278 28.77 18.15 -37.84
N THR S 279 29.76 19.04 -37.86
CA THR S 279 30.76 19.03 -38.91
C THR S 279 32.09 18.44 -38.46
N HIS S 280 32.35 18.42 -37.14
CA HIS S 280 33.54 17.83 -36.52
C HIS S 280 34.83 18.47 -37.04
N GLN S 281 34.78 19.77 -37.31
CA GLN S 281 35.93 20.45 -37.89
C GLN S 281 36.50 21.53 -36.98
N GLY S 282 35.67 22.45 -36.51
CA GLY S 282 36.15 23.58 -35.74
C GLY S 282 35.48 24.80 -36.32
N ALA S 283 35.44 25.87 -35.53
CA ALA S 283 34.62 27.03 -35.90
C ALA S 283 35.24 27.81 -37.05
N LEU S 284 36.55 28.04 -37.01
CA LEU S 284 37.17 28.90 -38.02
C LEU S 284 37.32 28.22 -39.36
N GLU S 285 37.39 26.89 -39.40
CA GLU S 285 37.40 26.22 -40.68
C GLU S 285 36.01 25.79 -41.14
N ASN S 286 35.00 25.87 -40.27
CA ASN S 286 33.63 25.95 -40.75
C ASN S 286 33.39 27.27 -41.45
N LEU S 287 34.05 28.33 -40.98
CA LEU S 287 33.89 29.64 -41.57
C LEU S 287 34.57 29.73 -42.93
N MET S 288 35.73 29.09 -43.10
CA MET S 288 36.39 29.09 -44.39
C MET S 288 35.68 28.19 -45.39
N THR S 289 35.09 27.09 -44.92
CA THR S 289 34.26 26.22 -45.75
C THR S 289 33.04 26.94 -46.31
N ALA S 290 32.37 27.72 -45.47
CA ALA S 290 31.21 28.48 -45.91
C ALA S 290 31.58 29.62 -46.84
N LEU S 291 32.79 30.15 -46.72
CA LEU S 291 33.20 31.26 -47.57
C LEU S 291 33.47 30.78 -48.99
N ARG S 292 34.05 29.60 -49.14
CA ARG S 292 34.31 29.07 -50.47
C ARG S 292 33.10 28.39 -51.08
N ASP S 293 32.13 27.97 -50.26
CA ASP S 293 30.94 27.31 -50.77
C ASP S 293 29.91 28.31 -51.30
N ASN S 294 29.82 29.48 -50.69
CA ASN S 294 28.82 30.47 -51.04
C ASN S 294 29.43 31.73 -51.63
N SER S 295 30.60 31.61 -52.23
CA SER S 295 31.21 32.72 -52.94
C SER S 295 30.56 32.92 -54.29
N PHE S 296 30.35 34.18 -54.65
CA PHE S 296 29.78 34.52 -55.94
C PHE S 296 30.67 35.52 -56.66
N MET T 58 -37.09 23.87 -33.29
CA MET T 58 -37.61 23.76 -31.93
C MET T 58 -36.80 24.60 -30.92
N PRO T 59 -35.45 24.70 -31.05
CA PRO T 59 -34.78 25.86 -30.43
C PRO T 59 -34.72 27.01 -31.41
N GLU T 60 -34.28 28.18 -30.94
CA GLU T 60 -34.09 29.31 -31.85
C GLU T 60 -32.88 29.04 -32.72
N ARG T 61 -33.08 29.10 -34.03
CA ARG T 61 -32.06 28.66 -34.98
C ARG T 61 -30.88 29.62 -35.03
N LEU T 62 -29.69 29.05 -35.16
CA LEU T 62 -28.47 29.83 -35.30
C LEU T 62 -28.39 30.56 -36.64
N TRP T 63 -29.23 30.18 -37.61
CA TRP T 63 -29.33 30.86 -38.90
C TRP T 63 -29.60 32.36 -38.74
N ASP T 64 -30.42 32.73 -37.76
CA ASP T 64 -30.81 34.13 -37.60
C ASP T 64 -29.66 34.97 -37.07
N SER T 65 -28.75 34.39 -36.28
CA SER T 65 -27.65 35.15 -35.71
C SER T 65 -26.48 35.29 -36.67
N MET T 66 -26.48 34.55 -37.77
CA MET T 66 -25.38 34.58 -38.73
C MET T 66 -25.61 35.49 -39.91
N VAL T 67 -26.85 35.65 -40.34
CA VAL T 67 -27.14 36.41 -41.53
C VAL T 67 -27.77 37.74 -41.12
N ASP T 68 -27.73 38.69 -42.04
CA ASP T 68 -28.34 39.98 -41.75
C ASP T 68 -29.85 39.95 -41.89
N LYS T 69 -30.36 39.18 -42.88
CA LYS T 69 -31.76 38.86 -43.17
C LYS T 69 -32.52 40.06 -43.73
N THR T 70 -31.91 41.24 -43.70
CA THR T 70 -32.46 42.45 -44.31
C THR T 70 -31.70 42.82 -45.57
N GLU T 71 -30.40 42.57 -45.62
CA GLU T 71 -29.56 42.90 -46.75
C GLU T 71 -29.15 41.62 -47.45
N ARG T 72 -28.86 41.73 -48.74
CA ARG T 72 -28.34 40.61 -49.50
C ARG T 72 -26.83 40.72 -49.65
N SER T 73 -26.19 39.58 -49.88
CA SER T 73 -24.78 39.57 -50.21
C SER T 73 -24.57 40.19 -51.59
N LYS T 74 -23.54 41.03 -51.71
CA LYS T 74 -23.34 41.77 -52.95
C LYS T 74 -22.76 40.89 -54.04
N ALA T 75 -21.97 39.88 -53.68
CA ALA T 75 -21.35 39.02 -54.67
C ALA T 75 -22.27 37.86 -55.05
N VAL T 76 -23.04 37.38 -54.10
CA VAL T 76 -24.01 36.31 -54.30
C VAL T 76 -25.38 36.85 -53.92
N PRO T 77 -26.17 37.33 -54.89
CA PRO T 77 -27.33 38.16 -54.57
C PRO T 77 -28.52 37.40 -53.99
N PHE T 78 -28.61 36.09 -54.18
CA PHE T 78 -29.70 35.35 -53.56
C PHE T 78 -29.43 34.97 -52.11
N LEU T 79 -28.23 35.24 -51.61
CA LEU T 79 -27.94 34.90 -50.23
C LEU T 79 -28.02 36.14 -49.35
N PRO T 80 -28.50 36.03 -48.11
CA PRO T 80 -28.48 37.17 -47.21
C PRO T 80 -27.07 37.48 -46.75
N ARG T 81 -26.85 38.73 -46.37
CA ARG T 81 -25.51 39.18 -46.03
C ARG T 81 -25.10 38.63 -44.67
N ALA T 82 -23.82 38.28 -44.55
CA ALA T 82 -23.27 37.85 -43.28
C ALA T 82 -23.20 39.02 -42.30
N VAL T 83 -23.31 38.72 -41.01
CA VAL T 83 -23.45 39.78 -40.00
C VAL T 83 -22.16 40.57 -39.83
N ASN T 84 -21.01 39.94 -40.05
CA ASN T 84 -19.74 40.62 -39.82
C ASN T 84 -19.24 41.35 -41.05
N LEU T 85 -19.65 40.94 -42.24
CA LEU T 85 -19.23 41.59 -43.48
C LEU T 85 -19.95 42.93 -43.61
N ASP T 86 -19.23 44.03 -43.42
CA ASP T 86 -19.81 45.35 -43.42
C ASP T 86 -19.36 46.22 -44.58
N GLY T 87 -18.41 45.77 -45.39
CA GLY T 87 -17.83 46.60 -46.41
C GLY T 87 -16.72 47.51 -45.94
N SER T 88 -16.35 47.43 -44.66
CA SER T 88 -15.27 48.27 -44.14
C SER T 88 -13.90 47.72 -44.50
N LEU T 89 -13.75 46.41 -44.56
CA LEU T 89 -12.49 45.81 -44.92
C LEU T 89 -12.23 45.99 -46.42
N PRO T 90 -10.97 45.99 -46.85
CA PRO T 90 -10.67 46.37 -48.25
C PRO T 90 -11.22 45.45 -49.33
N GLY T 91 -11.07 44.13 -49.19
CA GLY T 91 -11.54 43.27 -50.25
C GLY T 91 -12.99 42.83 -50.09
N ASP T 92 -13.75 43.55 -49.28
CA ASP T 92 -15.11 43.15 -48.90
C ASP T 92 -16.06 43.44 -50.05
N VAL T 93 -16.57 42.39 -50.68
CA VAL T 93 -17.71 42.49 -51.57
C VAL T 93 -18.86 41.61 -51.08
N GLY T 94 -18.87 41.30 -49.79
CA GLY T 94 -19.92 40.49 -49.21
C GLY T 94 -19.87 39.03 -49.59
N PHE T 95 -18.72 38.54 -50.02
CA PHE T 95 -18.60 37.17 -50.51
C PHE T 95 -18.32 36.24 -49.34
N ASP T 96 -19.36 35.58 -48.84
CA ASP T 96 -19.20 34.51 -47.85
C ASP T 96 -20.39 33.57 -47.96
N PRO T 97 -20.41 32.70 -48.98
CA PRO T 97 -21.56 31.83 -49.16
C PRO T 97 -21.68 30.69 -48.17
N PHE T 98 -20.62 30.36 -47.44
CA PHE T 98 -20.70 29.33 -46.41
C PHE T 98 -20.79 29.92 -45.03
N TYR T 99 -20.71 31.25 -44.91
CA TYR T 99 -20.85 32.00 -43.65
C TYR T 99 -19.80 31.57 -42.63
N LEU T 100 -18.54 31.63 -43.06
CA LEU T 100 -17.43 31.27 -42.18
C LEU T 100 -16.97 32.44 -41.32
N SER T 101 -17.36 33.66 -41.66
CA SER T 101 -17.10 34.79 -40.78
C SER T 101 -18.08 34.85 -39.62
N SER T 102 -19.16 34.11 -39.68
CA SER T 102 -20.20 34.14 -38.66
C SER T 102 -20.09 32.99 -37.68
N ILE T 103 -19.00 32.24 -37.71
CA ILE T 103 -18.79 31.14 -36.80
C ILE T 103 -18.46 31.71 -35.42
N PRO T 104 -19.23 31.37 -34.39
CA PRO T 104 -19.07 32.04 -33.09
C PRO T 104 -17.89 31.55 -32.26
N LYS T 105 -17.04 30.69 -32.80
CA LYS T 105 -15.87 30.22 -32.08
C LYS T 105 -14.79 31.30 -32.06
N ASP T 106 -14.09 31.39 -30.92
CA ASP T 106 -12.91 32.23 -30.80
C ASP T 106 -11.74 31.42 -31.34
N PHE T 107 -11.25 31.82 -32.51
CA PHE T 107 -10.22 31.04 -33.19
C PHE T 107 -8.81 31.33 -32.69
N SER T 108 -8.63 32.31 -31.83
CA SER T 108 -7.35 32.53 -31.18
C SER T 108 -7.08 31.50 -30.09
N GLY T 109 -8.02 30.60 -29.82
CA GLY T 109 -7.79 29.44 -28.98
C GLY T 109 -6.72 28.51 -29.51
N PHE T 110 -6.50 28.50 -30.82
CA PHE T 110 -5.43 27.70 -31.41
C PHE T 110 -4.05 28.16 -30.97
N ILE T 111 -3.92 29.43 -30.61
CA ILE T 111 -2.62 29.96 -30.18
C ILE T 111 -2.52 29.91 -28.65
N GLN T 112 -3.48 30.51 -27.97
CA GLN T 112 -3.58 30.43 -26.53
C GLN T 112 -4.99 29.96 -26.18
N PRO T 113 -5.12 28.89 -25.39
CA PRO T 113 -6.42 28.24 -25.25
C PRO T 113 -7.41 29.12 -24.50
N PRO T 114 -8.72 28.87 -24.66
CA PRO T 114 -9.70 29.67 -23.92
C PRO T 114 -9.68 29.45 -22.43
N GLN T 115 -9.17 28.32 -21.96
CA GLN T 115 -9.10 28.03 -20.55
C GLN T 115 -7.99 28.82 -19.85
N TRP T 116 -7.03 29.36 -20.61
CA TRP T 116 -5.95 30.14 -20.02
C TRP T 116 -6.48 31.41 -19.37
N GLU T 117 -7.23 32.20 -20.12
CA GLU T 117 -7.94 33.35 -19.58
C GLU T 117 -9.10 33.65 -20.50
N GLU T 118 -10.04 34.44 -19.99
CA GLU T 118 -11.21 34.83 -20.78
C GLU T 118 -10.82 35.87 -21.82
N LYS T 119 -10.84 35.47 -23.08
CA LYS T 119 -10.54 36.37 -24.18
C LYS T 119 -11.42 35.97 -25.35
N GLY T 120 -11.47 36.84 -26.35
CA GLY T 120 -12.19 36.52 -27.55
C GLY T 120 -11.86 37.44 -28.70
N ILE T 121 -11.45 36.85 -29.82
CA ILE T 121 -11.13 37.63 -31.02
C ILE T 121 -12.34 37.51 -31.92
N PRO T 122 -12.71 38.56 -32.66
CA PRO T 122 -13.75 38.41 -33.68
C PRO T 122 -13.27 37.49 -34.79
N THR T 123 -14.22 36.74 -35.35
CA THR T 123 -13.89 35.77 -36.38
C THR T 123 -13.40 36.45 -37.65
N LEU T 124 -13.97 37.61 -37.98
CA LEU T 124 -13.53 38.36 -39.15
C LEU T 124 -12.12 38.91 -38.96
N TYR T 125 -11.72 39.22 -37.73
CA TYR T 125 -10.35 39.64 -37.48
C TYR T 125 -9.39 38.47 -37.66
N TRP T 126 -9.78 37.29 -37.20
CA TRP T 126 -8.92 36.12 -37.36
C TRP T 126 -8.83 35.70 -38.83
N MET T 127 -9.94 35.80 -39.54
CA MET T 127 -9.98 35.35 -40.93
C MET T 127 -9.18 36.27 -41.83
N ARG T 128 -9.21 37.58 -41.56
CA ARG T 128 -8.47 38.54 -42.37
C ARG T 128 -6.98 38.45 -42.09
N GLU T 129 -6.59 38.25 -40.82
CA GLU T 129 -5.21 38.00 -40.49
C GLU T 129 -4.70 36.71 -41.14
N ALA T 130 -5.54 35.70 -41.23
CA ALA T 130 -5.18 34.47 -41.92
C ALA T 130 -5.23 34.63 -43.43
N GLU T 131 -6.15 35.45 -43.95
CA GLU T 131 -6.19 35.70 -45.38
C GLU T 131 -4.96 36.49 -45.83
N LEU T 132 -4.59 37.52 -45.07
CA LEU T 132 -3.43 38.31 -45.42
C LEU T 132 -2.14 37.50 -45.30
N LYS T 133 -2.05 36.60 -44.33
CA LYS T 133 -0.86 35.76 -44.27
C LYS T 133 -0.84 34.76 -45.41
N HIS T 134 -2.00 34.25 -45.80
CA HIS T 134 -2.07 33.39 -46.97
C HIS T 134 -1.78 34.17 -48.25
N CYS T 135 -2.19 35.43 -48.31
CA CYS T 135 -1.90 36.30 -49.46
C CYS T 135 -0.40 36.53 -49.60
N ARG T 136 0.25 36.98 -48.54
CA ARG T 136 1.64 37.38 -48.62
C ARG T 136 2.59 36.20 -48.76
N VAL T 137 2.25 35.04 -48.19
CA VAL T 137 3.07 33.85 -48.39
C VAL T 137 3.02 33.40 -49.83
N ALA T 138 1.82 33.33 -50.41
CA ALA T 138 1.63 32.83 -51.76
C ALA T 138 2.16 33.78 -52.83
N MET T 139 2.16 35.09 -52.57
CA MET T 139 2.77 36.02 -53.51
C MET T 139 4.27 35.79 -53.61
N LEU T 140 4.92 35.61 -52.46
CA LEU T 140 6.33 35.28 -52.45
C LEU T 140 6.59 33.88 -52.97
N ALA T 141 5.66 32.95 -52.74
CA ALA T 141 5.90 31.57 -53.10
C ALA T 141 5.73 31.33 -54.59
N TRP T 142 4.71 31.94 -55.19
CA TRP T 142 4.56 31.86 -56.63
C TRP T 142 5.71 32.57 -57.33
N PHE T 143 6.14 33.71 -56.80
CA PHE T 143 7.32 34.38 -57.34
C PHE T 143 8.57 33.56 -57.09
N GLY T 144 8.67 32.91 -55.94
CA GLY T 144 9.85 32.13 -55.64
C GLY T 144 9.93 30.82 -56.39
N TRP T 145 8.78 30.23 -56.71
CA TRP T 145 8.77 29.04 -57.56
C TRP T 145 9.24 29.37 -58.96
N LEU T 146 8.79 30.50 -59.50
CA LEU T 146 9.09 30.83 -60.88
C LEU T 146 10.49 31.41 -61.06
N ALA T 147 11.00 32.15 -60.07
CA ALA T 147 12.32 32.76 -60.20
C ALA T 147 13.43 31.71 -60.11
N THR T 148 13.22 30.66 -59.32
CA THR T 148 14.22 29.60 -59.28
C THR T 148 14.04 28.58 -60.40
N ASP T 149 13.02 28.71 -61.22
CA ASP T 149 12.87 27.89 -62.41
C ASP T 149 13.28 28.61 -63.69
N GLY T 150 13.65 29.88 -63.60
CA GLY T 150 14.04 30.61 -64.79
C GLY T 150 12.87 31.10 -65.62
N ALA T 151 11.75 31.39 -64.98
CA ALA T 151 10.59 31.89 -65.72
C ALA T 151 10.77 33.34 -66.14
N PHE T 152 11.56 34.09 -65.39
CA PHE T 152 11.87 35.48 -65.72
C PHE T 152 13.24 35.61 -66.37
N GLY T 153 13.63 34.62 -67.18
CA GLY T 153 14.89 34.64 -67.87
C GLY T 153 16.01 33.99 -67.09
N VAL T 154 16.46 34.64 -66.03
CA VAL T 154 17.56 34.14 -65.22
C VAL T 154 17.03 33.05 -64.30
N THR T 155 17.72 31.91 -64.27
CA THR T 155 17.42 30.89 -63.26
C THR T 155 18.12 31.34 -61.99
N LEU T 156 17.37 32.00 -61.13
CA LEU T 156 17.92 32.56 -59.91
C LEU T 156 18.18 31.45 -58.90
N ARG T 157 19.46 31.23 -58.58
CA ARG T 157 19.84 30.27 -57.56
C ARG T 157 20.79 30.94 -56.58
N PHE T 158 20.89 30.36 -55.39
CA PHE T 158 21.86 30.80 -54.41
C PHE T 158 23.27 30.45 -54.90
N PRO T 159 24.30 31.19 -54.43
CA PRO T 159 25.66 30.87 -54.86
C PRO T 159 26.19 29.53 -54.41
N GLY T 160 25.58 28.89 -53.41
CA GLY T 160 26.02 27.58 -52.98
C GLY T 160 25.68 26.51 -54.00
N GLU T 161 26.51 25.47 -54.03
CA GLU T 161 26.31 24.39 -55.00
C GLU T 161 25.28 23.38 -54.55
N ILE T 162 24.80 23.48 -53.31
CA ILE T 162 23.66 22.69 -52.85
C ILE T 162 22.42 23.09 -53.64
N TYR T 163 22.30 24.37 -53.96
CA TYR T 163 21.13 24.92 -54.65
C TYR T 163 21.36 25.08 -56.14
N SER T 164 22.37 24.45 -56.71
CA SER T 164 22.65 24.63 -58.12
C SER T 164 21.64 23.87 -58.96
N VAL T 165 21.58 24.23 -60.25
CA VAL T 165 20.61 23.62 -61.13
C VAL T 165 21.01 22.18 -61.49
N GLU T 166 22.29 21.85 -61.40
CA GLU T 166 22.69 20.46 -61.59
C GLU T 166 22.35 19.58 -60.39
N ASN T 167 22.20 20.15 -59.20
CA ASN T 167 21.77 19.41 -58.02
C ASN T 167 20.26 19.38 -57.88
N ILE T 168 19.61 20.52 -58.05
CA ILE T 168 18.16 20.63 -58.00
C ILE T 168 17.69 21.21 -59.33
N PRO T 169 17.15 20.38 -60.24
CA PRO T 169 16.89 20.87 -61.60
C PRO T 169 15.72 21.82 -61.72
N THR T 170 14.61 21.54 -61.05
CA THR T 170 13.46 22.43 -61.06
C THR T 170 13.07 22.77 -59.63
N ALA T 171 12.20 23.78 -59.49
CA ALA T 171 11.65 24.10 -58.18
C ALA T 171 10.65 23.06 -57.69
N TYR T 172 10.21 22.15 -58.56
CA TYR T 172 9.39 21.03 -58.15
C TYR T 172 10.15 20.11 -57.19
N GLU T 173 11.43 19.90 -57.41
CA GLU T 173 12.22 18.96 -56.62
C GLU T 173 12.93 19.60 -55.44
N ALA T 174 12.72 20.89 -55.20
CA ALA T 174 13.52 21.59 -54.20
C ALA T 174 13.07 21.33 -52.77
N HIS T 175 11.81 20.94 -52.55
CA HIS T 175 11.35 20.68 -51.20
C HIS T 175 12.00 19.44 -50.62
N ASN T 176 11.84 18.30 -51.31
CA ASN T 176 12.34 17.03 -50.77
C ASN T 176 13.85 16.96 -50.78
N ALA T 177 14.51 17.68 -51.69
CA ALA T 177 15.96 17.69 -51.72
C ALA T 177 16.56 18.45 -50.54
N LEU T 178 15.87 19.46 -50.04
CA LEU T 178 16.41 20.28 -48.98
C LEU T 178 15.78 20.03 -47.62
N VAL T 179 14.73 19.22 -47.53
CA VAL T 179 14.41 18.61 -46.25
C VAL T 179 15.48 17.59 -45.90
N SER T 180 15.97 16.85 -46.90
CA SER T 180 17.01 15.86 -46.67
C SER T 180 18.36 16.52 -46.41
N GLN T 181 18.66 17.62 -47.09
CA GLN T 181 19.92 18.31 -46.85
C GLN T 181 19.89 19.06 -45.53
N GLY T 182 18.88 19.90 -45.32
CA GLY T 182 18.76 20.60 -44.06
C GLY T 182 18.47 22.08 -44.20
N SER T 183 18.31 22.56 -45.44
CA SER T 183 17.96 23.96 -45.63
C SER T 183 16.53 24.25 -45.23
N MET T 184 15.63 23.29 -45.41
CA MET T 184 14.24 23.50 -45.06
C MET T 184 14.01 23.46 -43.56
N GLY T 185 14.83 22.70 -42.84
CA GLY T 185 14.72 22.70 -41.39
C GLY T 185 15.18 24.00 -40.77
N PHE T 186 16.16 24.67 -41.38
CA PHE T 186 16.58 25.98 -40.88
C PHE T 186 15.55 27.05 -41.22
N LEU T 187 14.91 26.95 -42.39
CA LEU T 187 13.81 27.85 -42.70
C LEU T 187 12.65 27.69 -41.73
N LEU T 188 12.38 26.47 -41.27
CA LEU T 188 11.30 26.29 -40.32
C LEU T 188 11.64 26.86 -38.95
N LEU T 189 12.93 26.90 -38.59
CA LEU T 189 13.33 27.62 -37.40
C LEU T 189 13.20 29.13 -37.59
N ALA T 190 13.63 29.63 -38.75
CA ALA T 190 13.63 31.06 -39.00
C ALA T 190 12.21 31.60 -39.16
N VAL T 191 11.33 30.81 -39.79
CA VAL T 191 9.94 31.22 -39.93
C VAL T 191 9.22 31.11 -38.60
N GLY T 192 9.45 30.01 -37.89
CA GLY T 192 8.82 29.81 -36.59
C GLY T 192 9.26 30.80 -35.53
N PHE T 193 10.45 31.37 -35.67
CA PHE T 193 10.84 32.44 -34.77
C PHE T 193 10.02 33.70 -35.03
N ILE T 194 9.77 34.02 -36.31
CA ILE T 194 8.97 35.19 -36.63
C ILE T 194 7.52 34.96 -36.28
N GLU T 195 7.06 33.71 -36.41
CA GLU T 195 5.67 33.41 -36.09
C GLU T 195 5.38 33.38 -34.60
N PHE T 196 6.36 33.03 -33.76
CA PHE T 196 6.17 33.19 -32.32
C PHE T 196 6.24 34.65 -31.90
N CYS T 197 7.02 35.47 -32.59
CA CYS T 197 7.13 36.86 -32.18
C CYS T 197 6.07 37.76 -32.81
N THR T 198 5.44 37.34 -33.90
CA THR T 198 4.36 38.14 -34.48
C THR T 198 2.99 37.56 -34.22
N GLY T 199 2.89 36.26 -33.93
CA GLY T 199 1.60 35.65 -33.68
C GLY T 199 1.02 35.93 -32.31
N ALA T 200 1.83 36.45 -31.40
CA ALA T 200 1.36 36.74 -30.05
C ALA T 200 0.58 38.04 -29.97
N VAL T 201 0.55 38.85 -31.03
CA VAL T 201 -0.27 40.06 -31.02
C VAL T 201 -1.74 39.71 -31.17
N LEU T 202 -2.06 38.52 -31.69
CA LEU T 202 -3.45 38.09 -31.79
C LEU T 202 -4.06 37.81 -30.43
N VAL T 203 -3.25 37.40 -29.46
CA VAL T 203 -3.73 37.27 -28.09
C VAL T 203 -4.01 38.64 -27.49
N GLU T 204 -3.15 39.62 -27.79
CA GLU T 204 -3.34 40.99 -27.33
C GLU T 204 -4.60 41.62 -27.93
N VAL T 205 -4.93 41.29 -29.18
CA VAL T 205 -6.16 41.78 -29.78
C VAL T 205 -7.36 41.07 -29.18
N ALA T 206 -7.23 39.77 -28.89
CA ALA T 206 -8.34 38.99 -28.34
C ALA T 206 -8.70 39.42 -26.93
N LYS T 207 -7.75 40.01 -26.19
CA LYS T 207 -8.00 40.53 -24.86
C LYS T 207 -8.55 41.94 -24.88
N GLY T 208 -8.70 42.55 -26.05
CA GLY T 208 -9.15 43.92 -26.14
C GLY T 208 -8.13 44.96 -25.76
N ALA T 209 -6.85 44.59 -25.71
CA ALA T 209 -5.81 45.53 -25.31
C ALA T 209 -5.25 46.32 -26.47
N SER T 210 -5.28 45.78 -27.69
CA SER T 210 -4.63 46.40 -28.84
C SER T 210 -5.67 46.85 -29.84
N ASP T 211 -5.37 47.95 -30.53
CA ASP T 211 -6.19 48.48 -31.61
C ASP T 211 -5.59 48.19 -32.98
N ARG T 212 -4.74 47.18 -33.07
CA ARG T 212 -4.06 46.83 -34.30
C ARG T 212 -5.07 46.26 -35.31
N GLU T 213 -4.95 46.68 -36.56
CA GLU T 213 -5.76 46.08 -37.61
C GLU T 213 -5.18 44.72 -37.99
N ALA T 214 -5.95 43.95 -38.75
CA ALA T 214 -5.51 42.60 -39.10
C ALA T 214 -4.44 42.66 -40.19
N GLY T 215 -3.33 41.98 -39.94
CA GLY T 215 -2.20 42.02 -40.86
C GLY T 215 -1.49 43.34 -40.91
N ASP T 216 -1.44 44.05 -39.79
CA ASP T 216 -1.05 45.46 -39.77
C ASP T 216 0.11 45.63 -38.81
N PHE T 217 1.20 44.92 -39.05
CA PHE T 217 2.49 45.31 -38.53
C PHE T 217 2.87 46.71 -39.05
N LYS T 218 3.84 47.33 -38.40
CA LYS T 218 4.18 48.67 -38.87
C LYS T 218 5.34 48.64 -39.87
N LEU T 219 5.22 47.76 -40.87
CA LEU T 219 6.32 47.50 -41.79
C LEU T 219 6.07 48.24 -43.10
N ASP T 220 6.49 49.49 -43.11
CA ASP T 220 6.55 50.30 -44.31
C ASP T 220 7.95 50.90 -44.36
N PRO T 221 8.95 50.14 -44.80
CA PRO T 221 10.33 50.64 -44.75
C PRO T 221 10.62 51.71 -45.78
N LEU T 222 9.90 51.72 -46.90
CA LEU T 222 10.03 52.77 -47.89
C LEU T 222 8.96 53.85 -47.74
N SER T 223 8.02 53.66 -46.81
CA SER T 223 6.99 54.63 -46.40
C SER T 223 6.11 55.05 -47.58
N PHE T 224 5.47 54.05 -48.19
CA PHE T 224 4.51 54.35 -49.25
C PHE T 224 3.21 54.92 -48.70
N LEU T 225 2.92 54.66 -47.43
CA LEU T 225 1.67 55.10 -46.81
C LEU T 225 1.92 56.05 -45.63
N LYS T 226 2.96 56.86 -45.71
CA LYS T 226 3.31 57.73 -44.58
C LYS T 226 2.31 58.86 -44.40
N GLY T 227 2.23 59.76 -45.38
CA GLY T 227 1.29 60.86 -45.32
C GLY T 227 0.05 60.70 -46.15
N LYS T 228 -0.40 59.48 -46.40
CA LYS T 228 -1.51 59.26 -47.30
C LYS T 228 -2.83 59.25 -46.56
N SER T 229 -3.90 59.51 -47.30
CA SER T 229 -5.25 59.54 -46.73
C SER T 229 -5.79 58.11 -46.60
N GLU T 230 -7.00 58.02 -46.03
CA GLU T 230 -7.53 56.70 -45.69
C GLU T 230 -8.18 55.98 -46.85
N GLU T 231 -8.61 56.69 -47.89
CA GLU T 231 -9.19 56.01 -49.04
C GLU T 231 -8.12 55.56 -50.03
N GLU T 232 -6.95 56.18 -49.98
CA GLU T 232 -5.84 55.68 -50.79
C GLU T 232 -5.01 54.65 -50.06
N ILE T 233 -5.07 54.63 -48.72
CA ILE T 233 -4.55 53.50 -47.97
C ILE T 233 -5.44 52.28 -48.19
N LYS T 234 -6.76 52.49 -48.17
CA LYS T 234 -7.69 51.40 -48.42
C LYS T 234 -7.61 50.89 -49.85
N ARG T 235 -7.27 51.76 -50.80
CA ARG T 235 -7.00 51.29 -52.14
C ARG T 235 -5.73 50.46 -52.19
N MET T 236 -4.67 50.91 -51.51
CA MET T 236 -3.42 50.16 -51.45
C MET T 236 -3.57 48.86 -50.69
N LYS T 237 -4.41 48.84 -49.66
CA LYS T 237 -4.68 47.59 -48.96
C LYS T 237 -5.54 46.66 -49.81
N THR T 238 -6.34 47.21 -50.73
CA THR T 238 -7.14 46.37 -51.60
C THR T 238 -6.28 45.74 -52.69
N ARG T 239 -5.26 46.46 -53.17
CA ARG T 239 -4.38 45.89 -54.18
C ARG T 239 -3.49 44.80 -53.60
N GLU T 240 -3.16 44.90 -52.31
CA GLU T 240 -2.49 43.79 -51.64
C GLU T 240 -3.37 42.57 -51.56
N ILE T 241 -4.63 42.77 -51.20
CA ILE T 241 -5.58 41.68 -51.05
C ILE T 241 -5.92 41.07 -52.42
N ALA T 242 -6.09 41.92 -53.44
CA ALA T 242 -6.49 41.42 -54.75
C ALA T 242 -5.34 40.67 -55.43
N ASN T 243 -4.12 41.19 -55.34
CA ASN T 243 -2.98 40.46 -55.88
C ASN T 243 -2.63 39.25 -55.03
N GLY T 244 -2.95 39.30 -53.74
CA GLY T 244 -2.71 38.13 -52.91
C GLY T 244 -3.68 37.02 -53.18
N ARG T 245 -4.97 37.35 -53.36
CA ARG T 245 -5.98 36.34 -53.66
C ARG T 245 -5.73 35.69 -55.01
N LEU T 246 -5.19 36.44 -55.97
CA LEU T 246 -4.86 35.87 -57.25
C LEU T 246 -3.64 34.98 -57.16
N ALA T 247 -2.64 35.38 -56.37
CA ALA T 247 -1.43 34.57 -56.24
C ALA T 247 -1.66 33.31 -55.41
N MET T 248 -2.68 33.29 -54.57
CA MET T 248 -3.03 32.06 -53.86
C MET T 248 -3.59 31.02 -54.81
N LEU T 249 -4.47 31.45 -55.72
CA LEU T 249 -4.93 30.56 -56.78
C LEU T 249 -3.81 30.26 -57.77
N ALA T 250 -2.90 31.21 -57.97
CA ALA T 250 -1.79 30.98 -58.89
C ALA T 250 -0.82 29.95 -58.35
N PHE T 251 -0.53 29.99 -57.05
CA PHE T 251 0.29 28.94 -56.47
C PHE T 251 -0.44 27.61 -56.48
N GLY T 252 -1.76 27.63 -56.35
CA GLY T 252 -2.53 26.41 -56.48
C GLY T 252 -2.43 25.80 -57.86
N GLY T 253 -2.29 26.63 -58.90
CA GLY T 253 -2.11 26.11 -60.24
C GLY T 253 -0.76 25.44 -60.42
N VAL T 254 0.31 26.12 -60.00
CA VAL T 254 1.66 25.62 -60.27
C VAL T 254 1.95 24.38 -59.44
N ALA T 255 1.51 24.35 -58.18
CA ALA T 255 1.78 23.20 -57.32
C ALA T 255 1.01 21.96 -57.72
N THR T 256 -0.11 22.12 -58.43
CA THR T 256 -0.94 20.99 -58.82
C THR T 256 -0.65 20.51 -60.24
N GLN T 257 -0.43 21.44 -61.17
CA GLN T 257 -0.16 21.07 -62.56
C GLN T 257 1.17 20.35 -62.71
N THR T 258 2.18 20.71 -61.92
CA THR T 258 3.43 19.95 -61.94
C THR T 258 3.32 18.64 -61.18
N ALA T 259 2.32 18.49 -60.32
CA ALA T 259 2.19 17.27 -59.53
C ALA T 259 1.38 16.19 -60.23
N LEU T 260 0.73 16.52 -61.35
CA LEU T 260 0.06 15.52 -62.17
C LEU T 260 1.09 14.57 -62.78
N GLU T 261 0.63 13.38 -63.16
CA GLU T 261 1.53 12.45 -63.81
C GLU T 261 1.79 12.80 -65.26
N GLY T 262 1.07 13.78 -65.81
CA GLY T 262 1.42 14.32 -67.11
C GLY T 262 2.78 14.99 -67.13
N GLY T 263 3.15 15.64 -66.03
CA GLY T 263 4.51 16.12 -65.83
C GLY T 263 4.63 17.61 -66.04
N ASN T 264 5.67 18.02 -66.77
CA ASN T 264 6.09 19.41 -66.97
C ASN T 264 6.37 20.11 -65.64
N HIS T 265 7.45 19.66 -64.99
CA HIS T 265 7.98 20.35 -63.83
C HIS T 265 8.58 21.71 -64.16
N ALA T 266 8.86 21.99 -65.42
CA ALA T 266 9.44 23.25 -65.84
C ALA T 266 8.36 24.22 -66.30
N PHE T 267 8.73 25.50 -66.32
CA PHE T 267 7.87 26.56 -66.82
C PHE T 267 7.54 26.31 -68.29
N PRO T 268 6.30 26.56 -68.74
CA PRO T 268 5.15 27.23 -68.11
C PRO T 268 4.19 26.32 -67.35
N TYR T 269 4.66 25.13 -66.96
CA TYR T 269 3.93 24.17 -66.13
C TYR T 269 2.63 23.67 -66.77
N PHE T 270 2.48 23.77 -68.08
CA PHE T 270 1.44 23.02 -68.78
C PHE T 270 1.99 22.33 -70.01
N ALA U 52 -51.49 18.86 -33.81
CA ALA U 52 -52.47 17.84 -33.44
C ALA U 52 -51.86 16.82 -32.49
N TRP U 53 -51.64 15.61 -32.99
CA TRP U 53 -50.99 14.56 -32.20
C TRP U 53 -49.53 14.89 -31.92
N LYS U 54 -48.87 15.61 -32.83
CA LYS U 54 -47.46 15.94 -32.68
C LYS U 54 -47.19 16.95 -31.57
N ASP U 55 -48.23 17.64 -31.08
CA ASP U 55 -48.01 18.66 -30.06
C ASP U 55 -47.80 18.05 -28.68
N GLU U 56 -48.42 16.91 -28.40
CA GLU U 56 -48.18 16.20 -27.14
C GLU U 56 -47.20 15.05 -27.28
N ASN U 57 -46.82 14.68 -28.51
CA ASN U 57 -45.83 13.65 -28.76
C ASN U 57 -44.66 14.30 -29.48
N ILE U 58 -43.71 14.82 -28.69
CA ILE U 58 -42.60 15.59 -29.24
C ILE U 58 -41.35 14.75 -29.37
N ILE U 59 -41.46 13.45 -29.08
CA ILE U 59 -40.33 12.54 -29.28
C ILE U 59 -40.11 12.36 -30.77
N GLY U 60 -38.85 12.46 -31.21
CA GLY U 60 -38.52 12.28 -32.60
C GLY U 60 -38.48 13.56 -33.41
N ILE U 61 -39.07 14.64 -32.91
CA ILE U 61 -38.99 15.94 -33.56
C ILE U 61 -37.65 16.56 -33.19
N THR U 62 -36.64 16.32 -34.02
CA THR U 62 -35.30 16.82 -33.79
C THR U 62 -34.80 17.51 -35.05
N ALA U 63 -33.86 18.43 -34.86
CA ALA U 63 -33.12 19.04 -35.96
C ALA U 63 -32.38 17.96 -36.74
N PRO U 64 -32.25 18.10 -38.07
CA PRO U 64 -32.53 19.23 -38.97
C PRO U 64 -33.99 19.40 -39.37
N MET U 65 -34.77 18.34 -39.32
CA MET U 65 -36.18 18.49 -39.67
C MET U 65 -36.94 19.15 -38.54
N GLY U 66 -38.20 19.46 -38.81
CA GLY U 66 -39.08 19.81 -37.72
C GLY U 66 -39.89 18.58 -37.43
N PHE U 67 -41.21 18.74 -37.36
CA PHE U 67 -42.08 17.60 -37.58
C PHE U 67 -41.95 17.17 -39.03
N PHE U 68 -41.42 15.98 -39.26
CA PHE U 68 -41.08 15.52 -40.60
C PHE U 68 -42.22 14.66 -41.13
N ASP U 69 -42.97 15.20 -42.08
CA ASP U 69 -44.05 14.46 -42.73
C ASP U 69 -44.33 15.09 -44.09
N PRO U 70 -43.56 14.76 -45.13
CA PRO U 70 -43.90 15.28 -46.46
C PRO U 70 -45.15 14.64 -47.06
N LEU U 71 -45.34 13.33 -46.87
CA LEU U 71 -46.49 12.64 -47.43
C LEU U 71 -47.78 12.89 -46.65
N GLY U 72 -47.71 13.51 -45.49
CA GLY U 72 -48.90 13.82 -44.72
C GLY U 72 -49.61 12.61 -44.13
N LEU U 73 -48.87 11.58 -43.75
CA LEU U 73 -49.47 10.38 -43.18
C LEU U 73 -50.02 10.61 -41.78
N SER U 74 -49.57 11.66 -41.10
CA SER U 74 -50.08 12.02 -39.79
C SER U 74 -51.27 12.97 -39.85
N SER U 75 -51.59 13.52 -41.01
CA SER U 75 -52.60 14.56 -41.12
C SER U 75 -53.99 13.95 -41.08
N GLY U 76 -54.81 14.41 -40.12
CA GLY U 76 -56.17 13.94 -39.97
C GLY U 76 -56.33 12.63 -39.24
N LYS U 77 -55.25 11.89 -39.01
CA LYS U 77 -55.32 10.59 -38.36
C LYS U 77 -55.54 10.75 -36.86
N SER U 78 -56.26 9.81 -36.29
CA SER U 78 -56.61 9.85 -34.88
C SER U 78 -55.38 9.59 -34.02
N ASP U 79 -55.53 9.90 -32.72
CA ASP U 79 -54.46 9.62 -31.77
C ASP U 79 -54.29 8.13 -31.52
N GLU U 80 -55.31 7.32 -31.81
CA GLU U 80 -55.19 5.89 -31.62
C GLU U 80 -54.29 5.26 -32.68
N VAL U 81 -54.49 5.65 -33.94
CA VAL U 81 -53.64 5.10 -35.01
C VAL U 81 -52.29 5.78 -35.05
N MET U 82 -52.17 7.01 -34.54
CA MET U 82 -50.87 7.64 -34.42
C MET U 82 -50.03 6.99 -33.33
N ASN U 83 -50.68 6.50 -32.27
CA ASN U 83 -49.96 5.76 -31.24
C ASN U 83 -49.52 4.39 -31.76
N LEU U 84 -50.26 3.81 -32.71
CA LEU U 84 -49.80 2.59 -33.35
C LEU U 84 -48.64 2.84 -34.30
N TYR U 85 -48.51 4.04 -34.84
CA TYR U 85 -47.36 4.36 -35.66
C TYR U 85 -46.12 4.57 -34.82
N ARG U 86 -46.27 5.12 -33.62
CA ARG U 86 -45.14 5.24 -32.71
C ARG U 86 -44.73 3.89 -32.15
N GLU U 87 -45.70 3.02 -31.87
CA GLU U 87 -45.39 1.66 -31.47
C GLU U 87 -44.70 0.90 -32.59
N ALA U 88 -45.05 1.20 -33.84
CA ALA U 88 -44.38 0.57 -34.97
C ALA U 88 -42.99 1.17 -35.19
N GLU U 89 -42.84 2.48 -35.02
CA GLU U 89 -41.55 3.12 -35.26
C GLU U 89 -40.54 2.73 -34.20
N LEU U 90 -40.97 2.63 -32.94
CA LEU U 90 -40.05 2.23 -31.89
C LEU U 90 -39.72 0.76 -31.99
N LYS U 91 -40.69 -0.10 -32.32
CA LYS U 91 -40.40 -1.52 -32.43
C LYS U 91 -39.56 -1.84 -33.66
N HIS U 92 -39.75 -1.11 -34.75
CA HIS U 92 -38.84 -1.27 -35.89
C HIS U 92 -37.46 -0.75 -35.55
N GLY U 93 -37.38 0.36 -34.82
CA GLY U 93 -36.09 0.94 -34.48
C GLY U 93 -35.32 0.13 -33.47
N ARG U 94 -36.00 -0.62 -32.61
CA ARG U 94 -35.33 -1.40 -31.59
C ARG U 94 -34.92 -2.77 -32.10
N VAL U 95 -35.70 -3.36 -33.01
CA VAL U 95 -35.26 -4.60 -33.65
C VAL U 95 -34.10 -4.33 -34.58
N ALA U 96 -34.11 -3.19 -35.29
CA ALA U 96 -33.05 -2.89 -36.24
C ALA U 96 -31.76 -2.48 -35.56
N MET U 97 -31.84 -1.84 -34.38
CA MET U 97 -30.64 -1.57 -33.62
C MET U 97 -30.02 -2.87 -33.10
N ALA U 98 -30.87 -3.80 -32.68
CA ALA U 98 -30.37 -5.11 -32.29
C ALA U 98 -29.98 -5.96 -33.49
N ALA U 99 -30.60 -5.71 -34.65
CA ALA U 99 -30.20 -6.42 -35.86
C ALA U 99 -28.81 -5.99 -36.31
N CYS U 100 -28.50 -4.70 -36.18
CA CYS U 100 -27.18 -4.22 -36.53
C CYS U 100 -26.12 -4.84 -35.64
N LEU U 101 -26.35 -4.84 -34.32
CA LEU U 101 -25.40 -5.47 -33.41
C LEU U 101 -25.36 -6.98 -33.57
N GLY U 102 -26.45 -7.59 -34.04
CA GLY U 102 -26.40 -8.99 -34.39
C GLY U 102 -25.67 -9.24 -35.68
N TRP U 103 -25.79 -8.31 -36.63
CA TRP U 103 -25.06 -8.44 -37.88
C TRP U 103 -23.57 -8.19 -37.68
N TYR U 104 -23.23 -7.18 -36.90
CA TYR U 104 -21.84 -6.73 -36.87
C TYR U 104 -20.95 -7.63 -36.03
N ILE U 105 -21.52 -8.29 -35.03
CA ILE U 105 -20.74 -9.22 -34.22
C ILE U 105 -20.49 -10.51 -34.99
N THR U 106 -21.52 -11.03 -35.66
CA THR U 106 -21.39 -12.27 -36.40
C THR U 106 -20.67 -12.12 -37.72
N ALA U 107 -20.45 -10.89 -38.20
CA ALA U 107 -19.77 -10.70 -39.47
C ALA U 107 -18.27 -10.87 -39.33
N ALA U 108 -17.67 -10.26 -38.32
CA ALA U 108 -16.22 -10.27 -38.16
C ALA U 108 -15.74 -10.95 -36.89
N GLY U 109 -16.56 -11.01 -35.86
CA GLY U 109 -16.05 -11.30 -34.53
C GLY U 109 -16.42 -12.63 -33.89
N VAL U 110 -17.43 -12.59 -33.03
CA VAL U 110 -17.54 -13.50 -31.89
C VAL U 110 -18.70 -14.47 -32.17
N HIS U 111 -18.84 -14.86 -33.43
CA HIS U 111 -19.81 -15.86 -33.87
C HIS U 111 -19.80 -17.22 -33.15
N PRO U 112 -18.73 -17.60 -32.38
CA PRO U 112 -18.94 -18.59 -31.30
C PRO U 112 -20.20 -18.45 -30.44
N ALA U 113 -20.96 -19.55 -30.31
CA ALA U 113 -20.55 -20.81 -30.93
C ALA U 113 -21.47 -21.42 -31.99
N PHE U 114 -22.59 -21.97 -31.56
CA PHE U 114 -23.17 -23.15 -32.21
C PHE U 114 -22.04 -24.09 -32.67
N ASN U 115 -21.26 -24.56 -31.69
CA ASN U 115 -20.03 -25.34 -31.88
C ASN U 115 -19.00 -24.62 -32.75
N SER U 116 -18.99 -23.28 -32.67
CA SER U 116 -18.08 -22.34 -33.33
C SER U 116 -18.19 -22.34 -34.86
N ALA U 117 -19.04 -23.17 -35.44
CA ALA U 117 -19.25 -23.30 -36.87
C ALA U 117 -20.41 -22.40 -37.29
N LEU U 118 -20.94 -22.64 -38.49
CA LEU U 118 -22.22 -22.20 -39.03
C LEU U 118 -22.23 -20.73 -39.46
N SER U 119 -21.20 -19.95 -39.15
CA SER U 119 -21.36 -18.50 -39.23
C SER U 119 -20.06 -17.79 -39.52
N SER U 120 -19.98 -17.16 -40.67
CA SER U 120 -19.08 -16.06 -40.96
C SER U 120 -19.83 -14.88 -41.56
N ASP U 121 -20.81 -15.15 -42.43
CA ASP U 121 -21.74 -14.27 -43.12
C ASP U 121 -23.10 -14.40 -42.48
N PRO U 122 -23.77 -13.29 -42.13
CA PRO U 122 -25.02 -13.39 -41.35
C PRO U 122 -26.20 -13.95 -42.13
N LEU U 123 -26.22 -13.85 -43.46
CA LEU U 123 -27.38 -14.31 -44.19
C LEU U 123 -27.37 -15.81 -44.43
N GLU U 124 -26.20 -16.41 -44.66
CA GLU U 124 -26.14 -17.85 -44.74
C GLU U 124 -26.26 -18.49 -43.36
N ALA U 125 -25.92 -17.75 -42.31
CA ALA U 125 -26.01 -18.26 -40.95
C ALA U 125 -27.44 -18.35 -40.45
N ALA U 126 -28.41 -17.79 -41.17
CA ALA U 126 -29.82 -17.98 -40.90
C ALA U 126 -30.39 -19.23 -41.55
N LYS U 127 -29.54 -20.11 -42.06
CA LYS U 127 -29.96 -21.32 -42.74
C LYS U 127 -29.59 -22.60 -42.02
N GLN U 128 -28.33 -22.73 -41.58
CA GLN U 128 -27.86 -24.00 -41.04
C GLN U 128 -28.34 -24.27 -39.62
N LEU U 129 -28.89 -23.29 -38.92
CA LEU U 129 -29.45 -23.59 -37.61
C LEU U 129 -30.83 -24.24 -37.79
N PRO U 130 -31.21 -25.14 -36.87
CA PRO U 130 -32.49 -25.85 -37.03
C PRO U 130 -33.68 -24.92 -36.84
N THR U 131 -34.77 -25.28 -37.52
CA THR U 131 -36.02 -24.54 -37.33
C THR U 131 -36.65 -24.78 -35.97
N VAL U 132 -36.22 -25.80 -35.24
CA VAL U 132 -36.60 -25.96 -33.84
C VAL U 132 -36.02 -24.82 -33.01
N GLY U 133 -34.85 -24.31 -33.38
CA GLY U 133 -34.34 -23.10 -32.78
C GLY U 133 -34.90 -21.83 -33.36
N TRP U 134 -35.61 -21.90 -34.48
CA TRP U 134 -36.21 -20.71 -35.08
C TRP U 134 -37.57 -20.38 -34.46
N LEU U 135 -38.48 -21.36 -34.38
CA LEU U 135 -39.79 -21.08 -33.81
C LEU U 135 -39.72 -20.93 -32.30
N GLN U 136 -38.65 -21.42 -31.68
CA GLN U 136 -38.34 -21.07 -30.29
C GLN U 136 -38.18 -19.57 -30.15
N PHE U 137 -37.30 -18.99 -30.98
CA PHE U 137 -37.11 -17.53 -31.04
C PHE U 137 -38.39 -16.82 -31.45
N VAL U 138 -39.21 -17.45 -32.29
CA VAL U 138 -40.50 -16.87 -32.67
C VAL U 138 -41.47 -16.91 -31.50
N LEU U 139 -41.56 -18.04 -30.80
CA LEU U 139 -42.42 -18.13 -29.63
C LEU U 139 -41.87 -17.32 -28.47
N GLY U 140 -40.54 -17.19 -28.37
CA GLY U 140 -39.96 -16.46 -27.26
C GLY U 140 -40.19 -14.97 -27.36
N CYS U 141 -40.15 -14.42 -28.58
CA CYS U 141 -40.51 -13.03 -28.75
C CYS U 141 -42.00 -12.82 -28.62
N GLY U 142 -42.80 -13.79 -29.04
CA GLY U 142 -44.24 -13.70 -28.90
C GLY U 142 -44.72 -13.81 -27.48
N ALA U 143 -43.91 -14.37 -26.59
CA ALA U 143 -44.19 -14.27 -25.17
C ALA U 143 -44.06 -12.83 -24.69
N ILE U 144 -43.07 -12.11 -25.22
CA ILE U 144 -42.92 -10.70 -24.86
C ILE U 144 -43.93 -9.83 -25.58
N GLU U 145 -44.30 -10.19 -26.80
CA GLU U 145 -45.36 -9.47 -27.51
C GLU U 145 -46.71 -9.68 -26.84
N TRP U 146 -46.89 -10.83 -26.17
CA TRP U 146 -48.08 -11.04 -25.36
C TRP U 146 -48.03 -10.19 -24.09
N LEU U 147 -46.86 -10.13 -23.46
CA LEU U 147 -46.72 -9.39 -22.22
C LEU U 147 -46.79 -7.88 -22.45
N ALA U 148 -46.33 -7.42 -23.61
CA ALA U 148 -46.45 -6.00 -23.94
C ALA U 148 -47.88 -5.60 -24.25
N GLN U 149 -48.75 -6.55 -24.59
CA GLN U 149 -50.17 -6.24 -24.73
C GLN U 149 -50.81 -5.95 -23.38
N GLN U 150 -50.39 -6.67 -22.34
CA GLN U 150 -50.89 -6.40 -20.99
C GLN U 150 -50.37 -5.07 -20.48
N ILE U 151 -49.14 -4.70 -20.84
CA ILE U 151 -48.62 -3.38 -20.52
C ILE U 151 -49.37 -2.32 -21.32
N LYS U 152 -49.76 -2.64 -22.56
CA LYS U 152 -50.53 -1.71 -23.39
C LYS U 152 -51.93 -1.47 -22.83
N ALA U 153 -52.55 -2.50 -22.25
CA ALA U 153 -53.90 -2.39 -21.71
C ALA U 153 -53.87 -1.89 -20.27
N ARG U 154 -53.32 -0.69 -20.11
CA ARG U 154 -53.18 -0.01 -18.83
C ARG U 154 -53.43 1.48 -19.07
N PRO U 155 -53.94 2.20 -18.06
CA PRO U 155 -54.42 3.57 -18.32
C PRO U 155 -53.33 4.57 -18.66
N GLY U 156 -52.22 4.58 -17.93
CA GLY U 156 -51.20 5.58 -18.18
C GLY U 156 -50.10 5.11 -19.13
N TYR U 157 -50.49 4.37 -20.17
CA TYR U 157 -49.52 3.78 -21.08
C TYR U 157 -49.18 4.76 -22.19
N GLN U 158 -47.90 4.92 -22.45
CA GLN U 158 -47.27 5.67 -23.52
C GLN U 158 -46.82 4.72 -24.63
N PRO U 159 -46.92 5.09 -25.91
CA PRO U 159 -46.92 4.10 -26.99
C PRO U 159 -45.61 3.37 -27.29
N GLY U 160 -44.60 3.46 -26.44
CA GLY U 160 -43.46 2.59 -26.58
C GLY U 160 -42.86 2.18 -25.25
N ASP U 161 -43.63 2.36 -24.19
CA ASP U 161 -43.13 2.29 -22.83
C ASP U 161 -43.41 0.92 -22.23
N ILE U 162 -42.62 -0.05 -22.66
CA ILE U 162 -42.74 -1.41 -22.13
C ILE U 162 -42.21 -1.48 -20.70
N LEU U 163 -41.13 -0.74 -20.42
CA LEU U 163 -40.62 -0.64 -19.07
C LEU U 163 -41.60 0.06 -18.14
N GLY U 164 -42.35 1.02 -18.65
CA GLY U 164 -43.26 1.77 -17.81
C GLY U 164 -42.54 2.88 -17.10
N ALA U 165 -41.68 3.59 -17.83
CA ALA U 165 -40.92 4.71 -17.29
C ALA U 165 -41.77 5.93 -16.99
N ALA U 166 -43.04 5.95 -17.42
CA ALA U 166 -43.94 7.05 -17.09
C ALA U 166 -44.33 7.06 -15.63
N TYR U 167 -44.07 5.97 -14.90
CA TYR U 167 -44.24 5.95 -13.46
C TYR U 167 -43.25 6.88 -12.75
N TRP U 168 -42.07 7.08 -13.34
CA TRP U 168 -41.01 7.86 -12.71
C TRP U 168 -40.85 9.25 -13.32
N VAL U 169 -40.72 9.33 -14.64
CA VAL U 169 -40.58 10.61 -15.34
C VAL U 169 -41.62 10.71 -16.45
N ASP U 170 -42.05 11.94 -16.71
CA ASP U 170 -42.88 12.23 -17.87
C ASP U 170 -42.05 12.98 -18.90
N ASN U 171 -42.69 13.43 -19.97
CA ASN U 171 -41.99 14.15 -21.03
C ASN U 171 -41.82 15.64 -20.75
N SER U 172 -41.84 16.05 -19.49
CA SER U 172 -41.69 17.46 -19.13
C SER U 172 -40.27 17.83 -18.73
N ASP U 173 -39.42 16.86 -18.35
CA ASP U 173 -38.03 17.16 -18.15
C ASP U 173 -37.25 16.90 -19.44
N GLU U 174 -36.34 17.80 -19.75
CA GLU U 174 -35.73 17.80 -21.08
C GLU U 174 -34.68 16.72 -21.23
N GLY U 175 -34.04 16.29 -20.15
CA GLY U 175 -33.01 15.26 -20.27
C GLY U 175 -33.56 13.89 -20.59
N TRP U 176 -34.80 13.63 -20.19
CA TRP U 176 -35.41 12.34 -20.50
C TRP U 176 -36.01 12.32 -21.90
N VAL U 177 -36.50 13.47 -22.37
CA VAL U 177 -36.93 13.59 -23.76
C VAL U 177 -35.72 13.48 -24.69
N ASP U 178 -34.60 14.11 -24.30
CA ASP U 178 -33.39 14.09 -25.12
C ASP U 178 -32.80 12.70 -25.23
N TYR U 179 -32.89 11.90 -24.16
CA TYR U 179 -32.42 10.52 -24.26
C TYR U 179 -33.41 9.62 -24.98
N GLN U 180 -34.70 9.96 -24.92
CA GLN U 180 -35.67 9.23 -25.72
C GLN U 180 -35.49 9.50 -27.20
N ASN U 181 -35.13 10.75 -27.54
CA ASN U 181 -34.84 11.10 -28.92
C ASN U 181 -33.60 10.40 -29.44
N LYS U 182 -32.62 10.16 -28.56
CA LYS U 182 -31.42 9.45 -28.96
C LYS U 182 -31.70 8.00 -29.31
N GLU U 183 -32.68 7.38 -28.64
CA GLU U 183 -33.07 6.03 -29.01
C GLU U 183 -33.78 6.00 -30.35
N ILE U 184 -34.67 6.95 -30.59
CA ILE U 184 -35.46 6.89 -31.81
C ILE U 184 -34.66 7.39 -33.00
N ASN U 185 -33.69 8.28 -32.80
CA ASN U 185 -32.81 8.69 -33.89
C ASN U 185 -31.87 7.56 -34.28
N ASN U 186 -31.28 6.90 -33.29
CA ASN U 186 -30.43 5.74 -33.59
C ASN U 186 -31.23 4.55 -34.06
N GLY U 187 -32.52 4.51 -33.75
CA GLY U 187 -33.37 3.46 -34.27
C GLY U 187 -33.72 3.71 -35.72
N ARG U 188 -34.05 4.97 -36.04
CA ARG U 188 -34.32 5.36 -37.41
C ARG U 188 -33.09 5.20 -38.29
N LEU U 189 -31.91 5.52 -37.74
CA LEU U 189 -30.68 5.35 -38.49
C LEU U 189 -30.37 3.87 -38.70
N ALA U 190 -30.59 3.05 -37.68
CA ALA U 190 -30.33 1.61 -37.83
C ALA U 190 -31.40 0.89 -38.63
N MET U 191 -32.55 1.52 -38.86
CA MET U 191 -33.53 0.94 -39.78
C MET U 191 -33.00 0.96 -41.21
N VAL U 192 -32.60 2.13 -41.68
CA VAL U 192 -32.13 2.25 -43.06
C VAL U 192 -30.74 1.65 -43.20
N ALA U 193 -29.97 1.61 -42.11
CA ALA U 193 -28.65 0.99 -42.19
C ALA U 193 -28.70 -0.52 -42.05
N PHE U 194 -29.82 -1.07 -41.59
CA PHE U 194 -29.94 -2.52 -41.70
C PHE U 194 -30.42 -2.91 -43.09
N MET U 195 -31.32 -2.10 -43.68
CA MET U 195 -31.84 -2.41 -45.01
C MET U 195 -30.76 -2.25 -46.07
N GLY U 196 -29.93 -1.23 -45.95
CA GLY U 196 -28.86 -1.02 -46.91
C GLY U 196 -27.73 -2.03 -46.82
N ILE U 197 -27.64 -2.74 -45.72
CA ILE U 197 -26.56 -3.70 -45.53
C ILE U 197 -27.08 -5.12 -45.67
N PHE U 198 -28.39 -5.33 -45.49
CA PHE U 198 -29.05 -6.55 -45.96
C PHE U 198 -29.04 -6.61 -47.49
N VAL U 199 -29.31 -5.49 -48.14
CA VAL U 199 -29.44 -5.51 -49.60
C VAL U 199 -28.08 -5.58 -50.29
N GLN U 200 -26.99 -5.17 -49.64
CA GLN U 200 -25.69 -5.33 -50.27
C GLN U 200 -25.11 -6.70 -50.02
N ASP U 201 -25.68 -7.46 -49.10
CA ASP U 201 -25.35 -8.87 -48.93
C ASP U 201 -26.30 -9.78 -49.70
N LEU U 202 -27.51 -9.31 -49.98
CA LEU U 202 -28.43 -10.06 -50.83
C LEU U 202 -28.04 -9.98 -52.29
N TYR U 203 -27.56 -8.81 -52.73
CA TYR U 203 -27.29 -8.54 -54.13
C TYR U 203 -25.82 -8.34 -54.44
N PHE U 204 -25.17 -7.41 -53.76
CA PHE U 204 -23.77 -7.08 -54.04
C PHE U 204 -22.79 -8.04 -53.41
N GLY U 205 -23.26 -9.00 -52.61
CA GLY U 205 -22.45 -10.10 -52.17
C GLY U 205 -21.64 -9.87 -50.90
N ASN U 206 -21.36 -8.62 -50.54
CA ASN U 206 -20.51 -8.33 -49.40
C ASN U 206 -21.36 -8.03 -48.16
N TYR U 207 -20.90 -8.52 -47.02
CA TYR U 207 -21.61 -8.36 -45.76
C TYR U 207 -20.87 -7.48 -44.77
N GLY U 208 -19.81 -6.81 -45.20
CA GLY U 208 -18.99 -6.06 -44.27
C GLY U 208 -19.04 -4.56 -44.47
N ASP U 209 -17.89 -3.92 -44.28
CA ASP U 209 -17.78 -2.46 -44.33
C ASP U 209 -17.36 -2.05 -45.72
N GLN U 210 -18.35 -1.74 -46.57
CA GLN U 210 -18.12 -1.27 -47.93
C GLN U 210 -17.83 0.22 -48.01
N ILE U 211 -17.58 0.89 -46.88
CA ILE U 211 -17.30 2.32 -46.86
C ILE U 211 -15.88 2.59 -46.38
N PHE U 212 -15.49 2.01 -45.24
CA PHE U 212 -14.19 2.31 -44.68
C PHE U 212 -13.12 1.32 -45.15
N ARG U 213 -13.28 0.05 -44.79
CA ARG U 213 -12.35 -1.02 -45.14
C ARG U 213 -13.00 -2.35 -44.82
N ASN U 214 -12.83 -3.32 -45.72
CA ASN U 214 -13.32 -4.70 -45.60
C ASN U 214 -14.83 -4.78 -45.39
N MET V 38 -47.45 28.56 -56.02
CA MET V 38 -48.62 29.43 -56.07
C MET V 38 -48.95 29.81 -57.52
N VAL V 39 -47.92 29.97 -58.34
CA VAL V 39 -48.10 30.57 -59.66
C VAL V 39 -48.40 29.49 -60.71
N GLY V 40 -48.11 28.24 -60.39
CA GLY V 40 -48.23 27.20 -61.40
C GLY V 40 -49.60 26.57 -61.59
N ALA V 41 -50.60 27.00 -60.82
CA ALA V 41 -51.90 26.33 -60.79
C ALA V 41 -52.94 27.01 -61.66
N GLU V 42 -52.73 27.05 -62.98
CA GLU V 42 -53.78 27.44 -63.90
C GLU V 42 -53.87 26.43 -65.03
N GLY V 43 -54.60 26.74 -66.09
CA GLY V 43 -54.76 25.81 -67.16
C GLY V 43 -54.75 26.44 -68.55
N PRO V 44 -55.60 25.93 -69.46
CA PRO V 44 -56.58 24.85 -69.26
C PRO V 44 -55.98 23.45 -69.30
N GLU V 45 -55.06 23.20 -70.26
CA GLU V 45 -54.08 22.12 -70.34
C GLU V 45 -54.56 20.76 -69.81
N PRO V 46 -55.43 20.05 -70.54
CA PRO V 46 -56.03 18.84 -69.97
C PRO V 46 -55.03 17.70 -69.81
N ILE V 47 -55.29 16.84 -68.83
CA ILE V 47 -54.41 15.70 -68.55
C ILE V 47 -54.68 14.60 -69.57
N PRO V 48 -53.65 14.13 -70.29
CA PRO V 48 -53.86 13.00 -71.20
C PRO V 48 -54.08 11.71 -70.42
N PHE V 49 -54.84 10.80 -71.03
CA PHE V 49 -55.26 9.50 -70.47
C PHE V 49 -56.04 9.67 -69.17
N ALA V 50 -56.71 10.81 -69.00
CA ALA V 50 -57.59 11.15 -67.89
C ALA V 50 -58.46 12.31 -68.37
N PRO V 51 -59.53 12.04 -69.13
CA PRO V 51 -60.19 13.12 -69.87
C PRO V 51 -61.08 14.01 -69.03
N SER V 52 -61.32 13.67 -67.76
CA SER V 52 -62.19 14.50 -66.94
C SER V 52 -61.40 15.53 -66.14
N LYS V 53 -60.19 15.18 -65.70
CA LYS V 53 -59.39 16.05 -64.86
C LYS V 53 -58.80 17.20 -65.66
N THR V 54 -58.86 18.39 -65.07
CA THR V 54 -58.19 19.57 -65.60
C THR V 54 -56.98 19.88 -64.72
N SER V 55 -56.03 20.60 -65.29
CA SER V 55 -54.79 20.89 -64.57
C SER V 55 -54.89 22.10 -63.67
N LYS V 56 -56.05 22.75 -63.61
CA LYS V 56 -56.25 23.86 -62.69
C LYS V 56 -56.31 23.32 -61.26
N ASN V 57 -55.37 23.78 -60.42
CA ASN V 57 -55.15 23.30 -59.06
C ASN V 57 -54.96 21.79 -59.02
N PHE V 58 -54.08 21.30 -59.88
CA PHE V 58 -53.86 19.88 -60.08
C PHE V 58 -53.08 19.33 -58.90
N ASP V 59 -53.77 18.64 -57.99
CA ASP V 59 -53.14 18.04 -56.82
C ASP V 59 -54.01 16.89 -56.33
N PRO V 60 -53.92 15.72 -56.97
CA PRO V 60 -54.79 14.61 -56.56
C PRO V 60 -54.36 13.94 -55.26
N VAL V 61 -53.06 13.82 -55.00
CA VAL V 61 -52.62 13.32 -53.70
C VAL V 61 -52.86 14.37 -52.62
N GLY V 62 -52.72 15.64 -52.97
CA GLY V 62 -53.03 16.71 -52.04
C GLY V 62 -51.88 17.05 -51.12
N PHE V 63 -50.70 17.32 -51.70
CA PHE V 63 -49.56 17.72 -50.90
C PHE V 63 -49.72 19.12 -50.33
N ALA V 64 -50.57 19.95 -50.95
CA ALA V 64 -50.77 21.31 -50.48
C ALA V 64 -51.56 21.38 -49.19
N GLU V 65 -52.49 20.44 -48.96
CA GLU V 65 -53.25 20.42 -47.72
C GLU V 65 -52.66 19.47 -46.69
N ARG V 66 -51.94 18.44 -47.12
CA ARG V 66 -51.33 17.50 -46.18
C ARG V 66 -50.15 18.14 -45.46
N SER V 67 -49.31 18.87 -46.20
CA SER V 67 -48.12 19.52 -45.66
C SER V 67 -47.91 20.83 -46.40
N PRO V 68 -48.58 21.91 -45.96
CA PRO V 68 -48.41 23.20 -46.64
C PRO V 68 -47.08 23.87 -46.38
N GLU V 69 -46.37 23.50 -45.32
CA GLU V 69 -45.07 24.09 -45.04
C GLU V 69 -43.98 23.53 -45.95
N TRP V 70 -44.22 22.41 -46.62
CA TRP V 70 -43.30 21.85 -47.58
C TRP V 70 -43.48 22.44 -48.97
N LEU V 71 -44.45 23.32 -49.15
CA LEU V 71 -44.76 23.88 -50.47
C LEU V 71 -43.68 24.81 -51.03
N PRO V 72 -43.02 25.70 -50.27
CA PRO V 72 -41.85 26.39 -50.85
C PRO V 72 -40.68 25.48 -51.10
N TRP V 73 -40.53 24.38 -50.37
CA TRP V 73 -39.54 23.38 -50.74
C TRP V 73 -39.92 22.66 -52.01
N TYR V 74 -41.23 22.49 -52.26
CA TYR V 74 -41.67 21.77 -53.44
C TYR V 74 -41.51 22.62 -54.71
N ARG V 75 -41.73 23.93 -54.59
CA ARG V 75 -41.56 24.82 -55.75
C ARG V 75 -40.10 24.96 -56.12
N GLU V 76 -39.22 25.04 -55.12
CA GLU V 76 -37.78 25.05 -55.37
C GLU V 76 -37.32 23.74 -56.00
N ALA V 77 -37.91 22.63 -55.59
CA ALA V 77 -37.55 21.33 -56.16
C ALA V 77 -38.14 21.12 -57.54
N GLU V 78 -39.30 21.73 -57.82
CA GLU V 78 -39.89 21.60 -59.15
C GLU V 78 -39.12 22.42 -60.17
N LEU V 79 -38.69 23.63 -59.78
CA LEU V 79 -37.94 24.47 -60.70
C LEU V 79 -36.54 23.90 -60.95
N LYS V 80 -35.93 23.30 -59.93
CA LYS V 80 -34.62 22.70 -60.12
C LYS V 80 -34.72 21.43 -60.95
N HIS V 81 -35.80 20.67 -60.78
CA HIS V 81 -36.06 19.57 -61.70
C HIS V 81 -36.42 20.09 -63.08
N GLY V 82 -37.08 21.24 -63.15
CA GLY V 82 -37.49 21.76 -64.44
C GLY V 82 -36.34 22.34 -65.24
N ARG V 83 -35.47 23.11 -64.58
CA ARG V 83 -34.37 23.76 -65.28
C ARG V 83 -33.27 22.76 -65.66
N ALA V 84 -33.08 21.71 -64.87
CA ALA V 84 -32.11 20.69 -65.24
C ALA V 84 -32.61 19.82 -66.38
N ALA V 85 -33.92 19.60 -66.46
CA ALA V 85 -34.47 18.79 -67.53
C ALA V 85 -34.58 19.56 -68.84
N MET V 86 -34.63 20.89 -68.78
CA MET V 86 -34.68 21.68 -70.01
C MET V 86 -33.34 21.66 -70.73
N LEU V 87 -32.25 21.79 -69.98
CA LEU V 87 -30.92 21.67 -70.57
C LEU V 87 -30.60 20.22 -70.94
N ALA V 88 -31.26 19.26 -70.31
CA ALA V 88 -31.07 17.87 -70.67
C ALA V 88 -31.70 17.53 -72.01
N THR V 89 -32.75 18.26 -72.39
CA THR V 89 -33.39 18.01 -73.68
C THR V 89 -32.57 18.58 -74.82
N VAL V 90 -32.06 19.80 -74.66
CA VAL V 90 -31.14 20.36 -75.64
C VAL V 90 -29.82 19.60 -75.63
N GLY V 91 -29.41 19.09 -74.47
CA GLY V 91 -28.19 18.33 -74.37
C GLY V 91 -28.27 16.91 -74.88
N PHE V 92 -29.46 16.44 -75.23
CA PHE V 92 -29.63 15.10 -75.77
C PHE V 92 -29.72 15.08 -77.28
N VAL V 93 -29.95 16.21 -77.93
CA VAL V 93 -30.18 16.26 -79.36
C VAL V 93 -29.11 17.08 -80.09
N VAL V 94 -28.42 17.98 -79.38
CA VAL V 94 -27.37 18.79 -80.00
C VAL V 94 -26.09 17.97 -80.25
N PRO V 95 -25.60 17.07 -79.33
CA PRO V 95 -24.46 16.22 -79.72
C PRO V 95 -24.76 15.15 -80.77
N GLU V 96 -26.00 15.07 -81.26
CA GLU V 96 -26.29 14.22 -82.40
C GLU V 96 -25.73 14.80 -83.70
N PHE V 97 -25.62 16.11 -83.81
CA PHE V 97 -25.16 16.76 -85.03
C PHE V 97 -23.78 17.38 -84.90
N ILE V 98 -23.58 18.27 -83.94
CA ILE V 98 -22.29 18.94 -83.73
C ILE V 98 -21.65 18.37 -82.48
N ARG V 99 -20.33 18.23 -82.51
CA ARG V 99 -19.57 17.81 -81.34
C ARG V 99 -18.55 18.88 -80.99
N VAL V 100 -18.13 18.89 -79.73
CA VAL V 100 -17.04 19.76 -79.28
C VAL V 100 -15.74 19.29 -79.92
N PRO V 101 -14.85 20.20 -80.39
CA PRO V 101 -13.69 19.79 -81.21
C PRO V 101 -12.66 18.84 -80.62
N GLY V 102 -12.82 18.39 -79.37
CA GLY V 102 -11.95 17.36 -78.85
C GLY V 102 -12.19 16.02 -79.53
N GLU V 103 -11.12 15.24 -79.64
CA GLU V 103 -11.17 13.99 -80.38
C GLU V 103 -11.41 12.77 -79.49
N GLN V 104 -11.84 12.96 -78.25
CA GLN V 104 -12.43 11.89 -77.46
C GLN V 104 -13.93 12.06 -77.34
N PHE V 105 -14.49 13.09 -77.97
CA PHE V 105 -15.93 13.33 -78.00
C PHE V 105 -16.52 13.17 -79.39
N SER V 106 -15.74 12.62 -80.32
CA SER V 106 -16.14 12.56 -81.72
C SER V 106 -17.21 11.48 -81.94
N PHE V 107 -17.76 11.46 -83.16
CA PHE V 107 -18.71 10.43 -83.53
C PHE V 107 -18.04 9.06 -83.67
N GLU V 108 -16.77 9.03 -84.08
CA GLU V 108 -16.05 7.76 -84.14
C GLU V 108 -15.75 7.24 -82.75
N ALA V 109 -15.50 8.12 -81.79
CA ALA V 109 -15.27 7.71 -80.41
C ALA V 109 -16.58 7.27 -79.75
N ILE V 110 -17.59 8.12 -79.80
CA ILE V 110 -18.91 7.83 -79.24
C ILE V 110 -19.98 8.24 -80.25
N PRO V 111 -20.55 7.28 -80.99
CA PRO V 111 -21.63 7.64 -81.92
C PRO V 111 -22.93 7.99 -81.22
N LYS V 112 -23.27 7.28 -80.15
CA LYS V 112 -24.51 7.50 -79.41
C LYS V 112 -24.29 8.49 -78.28
N VAL V 113 -25.32 9.26 -77.99
CA VAL V 113 -25.25 10.18 -76.85
C VAL V 113 -25.49 9.41 -75.55
N ILE V 114 -26.19 8.26 -75.63
CA ILE V 114 -26.65 7.55 -74.45
C ILE V 114 -25.55 6.89 -73.65
N ASP V 115 -24.37 6.69 -74.23
CA ASP V 115 -23.26 6.13 -73.47
C ASP V 115 -22.14 7.13 -73.23
N ALA V 116 -22.37 8.41 -73.48
CA ALA V 116 -21.38 9.45 -73.21
C ALA V 116 -21.14 9.67 -71.72
N HIS V 117 -22.14 9.38 -70.87
CA HIS V 117 -21.97 9.47 -69.44
C HIS V 117 -20.97 8.43 -68.94
N ASP V 118 -21.01 7.22 -69.49
CA ASP V 118 -20.11 6.17 -69.05
C ASP V 118 -18.79 6.15 -69.80
N ALA V 119 -18.69 6.89 -70.91
CA ALA V 119 -17.47 6.86 -71.71
C ALA V 119 -16.52 8.00 -71.39
N LEU V 120 -17.01 9.09 -70.80
CA LEU V 120 -16.17 10.24 -70.43
C LEU V 120 -16.27 10.45 -68.92
N PRO V 121 -15.58 9.63 -68.13
CA PRO V 121 -15.68 9.79 -66.68
C PRO V 121 -14.93 11.01 -66.16
N GLU V 122 -13.77 11.35 -66.74
CA GLU V 122 -13.04 12.54 -66.32
C GLU V 122 -13.74 13.83 -66.72
N SER V 123 -14.66 13.76 -67.68
CA SER V 123 -15.49 14.90 -68.01
C SER V 123 -16.70 15.04 -67.09
N MET V 124 -17.10 13.95 -66.43
CA MET V 124 -18.28 14.01 -65.58
C MET V 124 -17.97 14.50 -64.17
N ILE V 125 -16.77 14.22 -63.66
CA ILE V 125 -16.41 14.68 -62.32
C ILE V 125 -16.22 16.19 -62.30
N GLN V 126 -15.78 16.77 -63.41
CA GLN V 126 -15.64 18.21 -63.46
C GLN V 126 -16.97 18.92 -63.62
N ILE V 127 -17.98 18.25 -64.18
CA ILE V 127 -19.32 18.81 -64.14
C ILE V 127 -19.92 18.60 -62.76
N PHE V 128 -19.69 17.41 -62.17
CA PHE V 128 -20.21 17.12 -60.85
C PHE V 128 -19.51 17.95 -59.78
N GLY V 129 -18.23 18.27 -60.00
CA GLY V 129 -17.49 19.02 -59.00
C GLY V 129 -17.89 20.48 -58.93
N TRP V 130 -18.12 21.11 -60.07
CA TRP V 130 -18.48 22.52 -60.05
C TRP V 130 -19.96 22.75 -59.79
N ILE V 131 -20.81 21.76 -60.06
CA ILE V 131 -22.20 21.84 -59.63
C ILE V 131 -22.29 21.68 -58.12
N SER V 132 -21.46 20.78 -57.57
CA SER V 132 -21.36 20.58 -56.13
C SER V 132 -20.95 21.86 -55.41
N PHE V 133 -20.08 22.65 -56.02
CA PHE V 133 -19.77 23.96 -55.47
C PHE V 133 -20.95 24.90 -55.58
N LEU V 134 -21.65 24.89 -56.71
CA LEU V 134 -22.81 25.76 -56.88
C LEU V 134 -23.96 25.34 -55.98
N GLU V 135 -24.12 24.04 -55.75
CA GLU V 135 -25.17 23.56 -54.88
C GLU V 135 -24.85 23.81 -53.42
N ALA V 136 -23.58 23.80 -53.03
CA ALA V 136 -23.20 24.06 -51.65
C ALA V 136 -23.40 25.51 -51.26
N CYS V 137 -23.34 26.44 -52.21
CA CYS V 137 -23.64 27.83 -51.92
C CYS V 137 -25.13 28.13 -51.88
N THR V 138 -25.99 27.13 -52.03
CA THR V 138 -27.43 27.31 -51.89
C THR V 138 -27.97 26.67 -50.63
N PHE V 139 -27.14 25.92 -49.88
CA PHE V 139 -27.57 25.40 -48.58
C PHE V 139 -28.01 26.46 -47.57
N PRO V 140 -27.39 27.66 -47.45
CA PRO V 140 -28.01 28.66 -46.58
C PRO V 140 -29.25 29.29 -47.17
N ALA V 141 -29.50 29.14 -48.47
CA ALA V 141 -30.80 29.52 -49.02
C ALA V 141 -31.83 28.42 -48.82
N MET V 142 -31.42 27.16 -48.89
CA MET V 142 -32.34 26.07 -48.58
C MET V 142 -32.64 26.00 -47.09
N ALA V 143 -31.71 26.44 -46.24
CA ALA V 143 -31.95 26.47 -44.81
C ALA V 143 -32.85 27.63 -44.38
N GLY V 144 -33.19 28.53 -45.29
CA GLY V 144 -34.10 29.61 -44.97
C GLY V 144 -35.27 29.72 -45.94
N LEU V 145 -35.76 28.57 -46.41
CA LEU V 145 -36.80 28.57 -47.43
C LEU V 145 -38.18 28.94 -46.92
N GLY V 146 -38.40 28.90 -45.62
CA GLY V 146 -39.70 29.23 -45.09
C GLY V 146 -39.90 30.72 -44.92
N GLY V 147 -40.25 31.16 -43.71
CA GLY V 147 -40.41 32.57 -43.44
C GLY V 147 -39.18 33.20 -42.85
N LYS V 148 -38.01 32.62 -43.14
CA LYS V 148 -36.77 33.13 -42.58
C LYS V 148 -36.38 34.45 -43.22
N TYR V 149 -36.19 34.44 -44.54
CA TYR V 149 -35.95 35.67 -45.28
C TYR V 149 -36.73 35.60 -46.59
N ASP V 150 -36.80 36.74 -47.27
CA ASP V 150 -37.82 36.99 -48.28
C ASP V 150 -37.48 36.44 -49.65
N ARG V 151 -36.59 35.47 -49.76
CA ARG V 151 -36.29 34.90 -51.07
C ARG V 151 -37.41 33.97 -51.50
N LYS V 152 -38.00 34.27 -52.66
CA LYS V 152 -38.97 33.38 -53.26
C LYS V 152 -38.26 32.13 -53.75
N PRO V 153 -38.92 30.96 -53.67
CA PRO V 153 -38.28 29.72 -54.12
C PRO V 153 -38.06 29.70 -55.63
N GLY V 154 -36.84 29.30 -56.02
CA GLY V 154 -36.42 29.32 -57.40
C GLY V 154 -35.82 30.63 -57.86
N ASP V 155 -36.04 31.72 -57.12
CA ASP V 155 -35.48 33.02 -57.45
C ASP V 155 -34.05 33.05 -56.95
N PHE V 156 -33.09 32.98 -57.88
CA PHE V 156 -31.68 33.09 -57.55
C PHE V 156 -31.13 34.46 -57.87
N SER V 157 -32.01 35.45 -58.06
CA SER V 157 -31.67 36.81 -58.50
C SER V 157 -30.86 36.82 -59.79
N PHE V 158 -31.12 35.85 -60.67
CA PHE V 158 -30.31 35.61 -61.85
C PHE V 158 -31.09 36.12 -63.06
N ASP V 159 -30.84 37.36 -63.44
CA ASP V 159 -31.39 37.92 -64.67
C ASP V 159 -30.38 38.91 -65.24
N PRO V 160 -29.31 38.42 -65.87
CA PRO V 160 -28.31 39.35 -66.40
C PRO V 160 -28.77 40.07 -67.65
N LEU V 161 -29.61 39.45 -68.47
CA LEU V 161 -30.11 40.06 -69.70
C LEU V 161 -31.37 40.89 -69.48
N GLY V 162 -31.88 40.94 -68.24
CA GLY V 162 -33.00 41.81 -67.91
C GLY V 162 -34.32 41.45 -68.54
N LEU V 163 -34.56 40.18 -68.82
CA LEU V 163 -35.75 39.78 -69.56
C LEU V 163 -36.98 39.60 -68.68
N TYR V 164 -36.85 39.73 -67.37
CA TYR V 164 -38.01 39.71 -66.49
C TYR V 164 -38.80 41.00 -66.66
N PRO V 165 -40.09 40.94 -66.99
CA PRO V 165 -40.86 42.17 -67.21
C PRO V 165 -41.08 42.94 -65.91
N THR V 166 -41.32 44.24 -66.07
CA THR V 166 -41.46 45.11 -64.91
C THR V 166 -42.88 45.08 -64.34
N ASP V 167 -43.89 44.99 -65.20
CA ASP V 167 -45.26 44.91 -64.70
C ASP V 167 -45.52 43.52 -64.12
N PRO V 168 -46.30 43.42 -63.03
CA PRO V 168 -46.37 42.14 -62.30
C PRO V 168 -47.32 41.12 -62.90
N GLU V 169 -48.32 41.52 -63.67
CA GLU V 169 -49.35 40.57 -64.10
C GLU V 169 -48.86 39.64 -65.20
N LYS V 170 -47.81 39.99 -65.92
CA LYS V 170 -47.21 39.08 -66.87
C LYS V 170 -45.87 38.53 -66.40
N GLN V 171 -45.39 38.98 -65.23
CA GLN V 171 -44.36 38.24 -64.52
C GLN V 171 -44.86 36.86 -64.13
N LYS V 172 -46.14 36.75 -63.76
CA LYS V 172 -46.70 35.48 -63.35
C LYS V 172 -46.82 34.52 -64.53
N GLN V 173 -47.16 35.04 -65.71
CA GLN V 173 -47.17 34.17 -66.88
C GLN V 173 -45.77 33.91 -67.41
N MET V 174 -44.81 34.78 -67.11
CA MET V 174 -43.41 34.46 -67.38
C MET V 174 -42.93 33.36 -66.43
N GLN V 175 -43.37 33.40 -65.17
CA GLN V 175 -43.12 32.30 -64.26
C GLN V 175 -43.88 31.05 -64.68
N LEU V 176 -45.11 31.22 -65.19
CA LEU V 176 -45.89 30.08 -65.65
C LEU V 176 -45.29 29.46 -66.90
N ALA V 177 -44.67 30.27 -67.75
CA ALA V 177 -44.02 29.74 -68.94
C ALA V 177 -42.81 28.89 -68.59
N GLU V 178 -42.06 29.29 -67.56
CA GLU V 178 -40.93 28.50 -67.10
C GLU V 178 -41.39 27.18 -66.49
N LEU V 179 -42.51 27.20 -65.77
CA LEU V 179 -43.02 25.98 -65.16
C LEU V 179 -43.59 25.03 -66.20
N LYS V 180 -44.33 25.55 -67.17
CA LYS V 180 -44.93 24.69 -68.18
C LYS V 180 -43.89 24.13 -69.14
N ASN V 181 -42.89 24.94 -69.50
CA ASN V 181 -41.80 24.41 -70.31
C ASN V 181 -40.90 23.50 -69.49
N GLY V 182 -40.80 23.74 -68.19
CA GLY V 182 -39.98 22.93 -67.32
C GLY V 182 -40.63 21.61 -66.95
N ARG V 183 -41.96 21.63 -66.79
CA ARG V 183 -42.68 20.39 -66.57
C ARG V 183 -42.66 19.51 -67.80
N LEU V 184 -42.73 20.13 -68.98
CA LEU V 184 -42.74 19.37 -70.24
C LEU V 184 -41.40 18.69 -70.48
N ALA V 185 -40.30 19.39 -70.19
CA ALA V 185 -38.98 18.78 -70.36
C ALA V 185 -38.71 17.70 -69.33
N MET V 186 -39.38 17.75 -68.17
CA MET V 186 -39.31 16.63 -67.24
C MET V 186 -39.94 15.38 -67.82
N ILE V 187 -41.06 15.53 -68.52
CA ILE V 187 -41.68 14.40 -69.20
C ILE V 187 -40.85 13.98 -70.40
N ALA V 188 -40.30 14.95 -71.13
CA ALA V 188 -39.70 14.67 -72.43
C ALA V 188 -38.38 13.94 -72.30
N ILE V 189 -37.59 14.25 -71.27
CA ILE V 189 -36.28 13.61 -71.13
C ILE V 189 -36.40 12.14 -70.75
N GLY V 190 -37.53 11.75 -70.14
CA GLY V 190 -37.79 10.33 -69.99
C GLY V 190 -38.18 9.68 -71.30
N GLY V 191 -38.91 10.39 -72.15
CA GLY V 191 -39.24 9.87 -73.46
C GLY V 191 -38.08 9.91 -74.42
N MET V 192 -37.20 10.90 -74.27
CA MET V 192 -36.02 10.98 -75.14
C MET V 192 -35.03 9.86 -74.84
N VAL V 193 -34.83 9.55 -73.56
CA VAL V 193 -33.81 8.57 -73.20
C VAL V 193 -34.30 7.16 -73.52
N THR V 194 -35.52 6.81 -73.06
CA THR V 194 -36.06 5.50 -73.37
C THR V 194 -36.44 5.36 -74.84
N GLY V 195 -36.73 6.45 -75.53
CA GLY V 195 -36.91 6.40 -76.96
C GLY V 195 -35.61 6.12 -77.71
N ALA V 196 -34.47 6.44 -77.09
CA ALA V 196 -33.18 6.10 -77.65
C ALA V 196 -32.58 4.83 -77.06
N ALA V 197 -33.03 4.41 -75.88
CA ALA V 197 -32.53 3.16 -75.30
C ALA V 197 -33.24 1.96 -75.92
N VAL V 198 -34.53 2.09 -76.21
CA VAL V 198 -35.26 1.02 -76.87
C VAL V 198 -34.89 0.97 -78.36
N THR V 199 -35.06 2.07 -79.06
CA THR V 199 -34.75 2.18 -80.48
C THR V 199 -33.53 3.09 -80.61
N GLY V 200 -32.37 2.50 -80.89
CA GLY V 200 -31.19 3.31 -81.12
C GLY V 200 -31.29 4.04 -82.45
N HIS V 201 -31.60 5.33 -82.40
CA HIS V 201 -31.82 6.12 -83.59
C HIS V 201 -31.41 7.56 -83.31
N GLY V 202 -31.74 8.46 -84.22
CA GLY V 202 -31.34 9.85 -84.13
C GLY V 202 -32.27 10.69 -83.28
N PHE V 203 -32.63 11.85 -83.82
CA PHE V 203 -33.43 12.83 -83.08
C PHE V 203 -34.87 12.40 -82.83
N PRO V 204 -35.78 12.27 -83.88
CA PRO V 204 -37.23 12.38 -83.61
C PRO V 204 -37.82 11.28 -82.74
N TYR V 205 -37.97 10.07 -83.31
CA TYR V 205 -37.60 8.74 -82.82
C TYR V 205 -38.29 7.72 -83.72
N LEU V 206 -37.95 6.43 -83.57
CA LEU V 206 -38.68 5.38 -84.28
C LEU V 206 -39.08 4.26 -83.32
N SER W 34 -40.64 51.45 -74.95
CA SER W 34 -39.38 52.03 -74.52
C SER W 34 -38.26 51.68 -75.49
N ILE W 35 -38.39 50.52 -76.13
CA ILE W 35 -37.41 50.14 -77.14
C ILE W 35 -37.56 51.00 -78.40
N ASN W 36 -38.76 51.49 -78.69
CA ASN W 36 -38.98 52.27 -79.90
C ASN W 36 -38.66 53.75 -79.71
N GLU W 37 -38.17 54.15 -78.53
CA GLU W 37 -37.65 55.49 -78.31
C GLU W 37 -36.23 55.45 -77.76
N ALA W 38 -35.45 54.44 -78.15
CA ALA W 38 -34.05 54.35 -77.78
C ALA W 38 -33.21 55.07 -78.82
N PHE W 39 -31.90 54.86 -78.80
CA PHE W 39 -31.01 55.63 -79.66
C PHE W 39 -31.00 55.11 -81.09
N GLY W 40 -30.74 53.82 -81.27
CA GLY W 40 -30.37 53.27 -82.57
C GLY W 40 -31.40 53.24 -83.69
N ILE W 41 -32.62 53.69 -83.43
CA ILE W 41 -33.63 53.82 -84.49
C ILE W 41 -33.26 55.00 -85.37
N SER W 42 -33.58 54.90 -86.66
CA SER W 42 -33.28 55.97 -87.60
C SER W 42 -34.19 55.83 -88.82
N ILE W 43 -33.95 56.67 -89.84
CA ILE W 43 -34.80 56.78 -91.02
C ILE W 43 -34.85 55.52 -91.87
N GLU W 44 -33.92 54.59 -91.70
CA GLU W 44 -33.74 53.58 -92.74
C GLU W 44 -34.70 52.41 -92.55
N THR W 45 -35.34 52.32 -91.38
CA THR W 45 -36.55 51.51 -91.21
C THR W 45 -37.79 52.38 -90.97
N GLY W 46 -37.70 53.67 -91.28
CA GLY W 46 -38.83 54.55 -91.12
C GLY W 46 -39.02 55.10 -89.73
N ASN W 47 -37.91 55.32 -89.00
CA ASN W 47 -37.89 55.87 -87.64
C ASN W 47 -38.70 55.06 -86.64
N LYS W 48 -38.85 53.77 -86.87
CA LYS W 48 -39.36 52.86 -85.86
C LYS W 48 -38.62 51.54 -86.01
N CYS W 49 -38.38 50.88 -84.88
CA CYS W 49 -37.61 49.65 -84.88
C CYS W 49 -38.42 48.53 -85.52
N PRO W 50 -37.76 47.57 -86.18
CA PRO W 50 -38.48 46.44 -86.80
C PRO W 50 -39.18 45.59 -85.76
N PRO W 51 -40.38 45.08 -86.07
CA PRO W 51 -41.27 44.59 -85.01
C PRO W 51 -40.86 43.27 -84.40
N LEU W 52 -40.17 42.38 -85.13
CA LEU W 52 -39.72 41.14 -84.52
C LEU W 52 -38.60 41.39 -83.54
N GLY W 53 -37.72 42.35 -83.84
CA GLY W 53 -36.71 42.75 -82.89
C GLY W 53 -37.30 43.61 -81.79
N ALA W 54 -38.41 44.27 -82.09
CA ALA W 54 -39.15 44.98 -81.05
C ALA W 54 -39.84 44.02 -80.10
N ARG W 55 -40.28 42.86 -80.61
CA ARG W 55 -41.10 41.92 -79.85
C ARG W 55 -40.37 41.32 -78.66
N ILE W 56 -39.06 41.20 -78.69
CA ILE W 56 -38.33 40.64 -77.56
C ILE W 56 -38.19 41.63 -76.41
N LEU W 57 -38.35 42.93 -76.66
CA LEU W 57 -38.03 43.93 -75.64
C LEU W 57 -39.14 44.94 -75.35
N GLU W 58 -40.42 44.62 -75.58
CA GLU W 58 -41.44 45.52 -75.04
C GLU W 58 -41.53 45.44 -73.53
N ASP W 59 -41.85 44.25 -73.00
CA ASP W 59 -41.99 44.07 -71.57
C ASP W 59 -40.67 43.62 -70.96
N ALA W 60 -39.70 44.52 -70.91
CA ALA W 60 -38.39 44.20 -70.38
C ALA W 60 -37.83 45.42 -69.64
N GLN W 61 -36.78 45.18 -68.88
CA GLN W 61 -36.21 46.21 -68.03
C GLN W 61 -35.35 47.17 -68.86
N PRO W 62 -35.04 48.36 -68.32
CA PRO W 62 -34.06 49.22 -69.00
C PRO W 62 -32.65 48.64 -69.06
N SER W 63 -32.33 47.67 -68.19
CA SER W 63 -31.08 46.95 -68.32
C SER W 63 -31.08 45.99 -69.50
N ALA W 64 -32.27 45.60 -69.98
CA ALA W 64 -32.34 44.73 -71.14
C ALA W 64 -32.02 45.46 -72.42
N ILE W 65 -32.50 46.70 -72.57
CA ILE W 65 -32.18 47.46 -73.77
C ILE W 65 -30.75 47.98 -73.71
N LYS W 66 -30.21 48.15 -72.50
CA LYS W 66 -28.80 48.52 -72.36
C LYS W 66 -27.90 47.35 -72.73
N TRP W 67 -28.31 46.13 -72.41
CA TRP W 67 -27.53 44.94 -72.72
C TRP W 67 -27.48 44.71 -74.23
N PHE W 68 -28.62 44.83 -74.91
CA PHE W 68 -28.67 44.53 -76.33
C PHE W 68 -28.05 45.65 -77.15
N GLN W 69 -28.15 46.89 -76.70
CA GLN W 69 -27.43 47.99 -77.36
C GLN W 69 -25.94 47.79 -77.27
N ASN W 70 -25.45 47.33 -76.11
CA ASN W 70 -24.02 47.09 -75.93
C ASN W 70 -23.55 45.91 -76.76
N ALA W 71 -24.36 44.85 -76.84
CA ALA W 71 -23.99 43.70 -77.64
C ALA W 71 -24.14 43.97 -79.14
N GLU W 72 -24.97 44.94 -79.52
CA GLU W 72 -25.05 45.33 -80.93
C GLU W 72 -23.81 46.11 -81.35
N ILE W 73 -23.41 47.08 -80.53
CA ILE W 73 -22.24 47.90 -80.84
C ILE W 73 -20.98 47.06 -80.84
N LYS W 74 -20.83 46.19 -79.85
CA LYS W 74 -19.64 45.33 -79.74
C LYS W 74 -19.56 44.35 -80.90
N HIS W 75 -20.70 43.80 -81.33
CA HIS W 75 -20.69 42.95 -82.51
C HIS W 75 -20.40 43.75 -83.77
N GLY W 76 -20.87 45.00 -83.81
CA GLY W 76 -20.45 45.88 -84.88
C GLY W 76 -19.00 46.29 -84.80
N ARG W 77 -18.46 46.34 -83.58
CA ARG W 77 -17.07 46.76 -83.39
C ARG W 77 -16.10 45.71 -83.91
N ILE W 78 -16.37 44.43 -83.67
CA ILE W 78 -15.50 43.38 -84.20
C ILE W 78 -15.69 43.22 -85.69
N ALA W 79 -16.91 43.42 -86.17
CA ALA W 79 -17.20 43.25 -87.59
C ALA W 79 -16.59 44.33 -88.46
N MET W 80 -16.40 45.54 -87.90
CA MET W 80 -15.71 46.58 -88.66
C MET W 80 -14.23 46.27 -88.80
N VAL W 81 -13.59 45.81 -87.72
CA VAL W 81 -12.23 45.31 -87.78
C VAL W 81 -12.11 44.06 -88.64
N ALA W 82 -13.17 43.26 -88.71
CA ALA W 82 -13.18 42.04 -89.53
C ALA W 82 -13.15 42.32 -91.02
N THR W 83 -13.67 43.46 -91.47
CA THR W 83 -13.59 43.80 -92.89
C THR W 83 -12.17 44.10 -93.33
N ILE W 84 -11.48 44.98 -92.60
CA ILE W 84 -10.11 45.33 -92.95
C ILE W 84 -9.17 44.16 -92.66
N GLY W 85 -9.49 43.35 -91.65
CA GLY W 85 -8.80 42.09 -91.48
C GLY W 85 -9.06 41.08 -92.58
N TYR W 86 -10.16 41.25 -93.33
CA TYR W 86 -10.40 40.44 -94.51
C TYR W 86 -9.81 41.08 -95.76
N LEU W 87 -9.78 42.42 -95.80
CA LEU W 87 -9.25 43.12 -96.96
C LEU W 87 -7.73 42.98 -97.07
N VAL W 88 -7.03 42.87 -95.95
CA VAL W 88 -5.60 42.64 -96.01
C VAL W 88 -5.30 41.16 -96.08
N GLN W 89 -6.30 40.31 -95.86
CA GLN W 89 -6.09 38.87 -95.98
C GLN W 89 -6.40 38.38 -97.39
N LYS W 90 -7.43 38.93 -98.02
CA LYS W 90 -7.70 38.59 -99.42
C LYS W 90 -6.66 39.22 -100.33
N LEU W 91 -6.06 40.33 -99.90
CA LEU W 91 -4.86 40.84 -100.52
C LEU W 91 -3.64 40.27 -99.81
N GLY W 92 -2.47 40.84 -100.09
CA GLY W 92 -1.21 40.35 -99.57
C GLY W 92 -0.43 41.41 -98.82
N VAL W 93 -1.11 42.13 -97.94
CA VAL W 93 -0.61 43.37 -97.35
C VAL W 93 -0.01 43.00 -95.98
N HIS W 94 0.57 41.81 -95.90
CA HIS W 94 1.19 41.34 -94.69
C HIS W 94 2.45 42.16 -94.33
N PHE W 95 2.99 41.85 -93.15
CA PHE W 95 4.17 42.53 -92.65
C PHE W 95 5.42 42.03 -93.38
N PRO W 96 6.42 42.91 -93.60
CA PRO W 96 6.48 44.34 -93.28
C PRO W 96 5.75 45.23 -94.28
N LEU W 97 5.25 46.36 -93.81
CA LEU W 97 4.54 47.32 -94.67
C LEU W 97 5.51 48.35 -95.21
N TYR W 98 5.45 48.54 -96.53
CA TYR W 98 6.41 49.37 -97.24
C TYR W 98 5.78 49.74 -98.57
N LEU W 99 5.42 51.02 -98.73
CA LEU W 99 4.57 51.43 -99.84
C LEU W 99 5.28 51.40 -101.19
N GLY W 100 6.61 51.32 -101.21
CA GLY W 100 7.34 51.21 -102.43
C GLY W 100 7.23 49.83 -103.05
N PRO W 101 7.80 49.66 -104.24
CA PRO W 101 7.81 48.33 -104.86
C PRO W 101 8.73 47.39 -104.11
N SER W 102 8.37 46.10 -104.16
CA SER W 102 8.96 45.04 -103.33
C SER W 102 8.89 45.42 -101.85
N GLY W 103 7.68 45.67 -101.38
CA GLY W 103 7.50 46.06 -100.00
C GLY W 103 6.26 45.56 -99.33
N SER W 104 5.54 44.65 -100.01
CA SER W 104 4.32 44.00 -99.50
C SER W 104 3.23 45.01 -99.12
N ASN W 105 3.01 45.97 -100.01
CA ASN W 105 1.96 46.96 -99.84
C ASN W 105 0.71 46.49 -100.58
N CYS W 106 -0.28 47.39 -100.70
CA CYS W 106 -1.52 47.03 -101.37
C CYS W 106 -1.34 46.90 -102.88
N PHE W 107 -0.35 47.60 -103.45
CA PHE W 107 -0.14 47.54 -104.89
C PHE W 107 0.70 46.32 -105.28
N HIS W 108 1.90 46.22 -104.72
CA HIS W 108 2.75 45.03 -104.95
C HIS W 108 2.80 44.23 -103.66
N PRO W 109 2.05 43.13 -103.56
CA PRO W 109 1.86 42.48 -102.26
C PRO W 109 2.87 41.40 -101.90
N GLU W 110 4.03 41.39 -102.54
CA GLU W 110 5.06 40.40 -102.21
C GLU W 110 6.18 41.05 -101.42
N SER W 111 6.92 40.22 -100.69
CA SER W 111 7.95 40.67 -99.77
C SER W 111 9.29 40.02 -100.11
N GLU W 112 10.32 40.47 -99.40
CA GLU W 112 11.66 39.93 -99.52
C GLU W 112 12.31 39.69 -98.17
N THR W 113 11.64 40.03 -97.08
CA THR W 113 12.25 39.96 -95.75
C THR W 113 11.60 38.90 -94.86
N ALA W 114 10.26 38.77 -94.92
CA ALA W 114 9.48 37.70 -94.27
C ALA W 114 9.68 37.71 -92.76
N TRP W 115 9.08 38.72 -92.12
CA TRP W 115 9.45 39.17 -90.78
C TRP W 115 9.20 38.23 -89.60
N LEU W 116 8.84 36.96 -89.85
CA LEU W 116 8.93 35.87 -88.87
C LEU W 116 8.04 36.12 -87.64
N LEU W 117 6.74 35.97 -87.88
CA LEU W 117 5.72 36.06 -86.82
C LEU W 117 6.04 35.17 -85.62
N SER W 118 6.48 33.94 -85.85
CA SER W 118 6.88 33.04 -84.78
C SER W 118 8.20 32.39 -85.12
N SER W 119 9.22 32.64 -84.30
CA SER W 119 10.55 32.12 -84.60
C SER W 119 10.68 30.65 -84.23
N SER W 120 10.06 30.24 -83.11
CA SER W 120 10.12 28.84 -82.70
C SER W 120 9.29 27.96 -83.62
N THR W 121 8.24 28.52 -84.23
CA THR W 121 7.51 27.80 -85.26
C THR W 121 8.25 27.85 -86.60
N GLY W 122 8.70 29.04 -86.98
CA GLY W 122 9.29 29.27 -88.28
C GLY W 122 8.39 30.00 -89.25
N VAL W 123 7.12 30.20 -88.89
CA VAL W 123 6.15 30.83 -89.77
C VAL W 123 6.43 32.33 -89.85
N THR W 124 6.30 32.88 -91.04
CA THR W 124 6.46 34.31 -91.27
C THR W 124 5.10 34.92 -91.60
N PHE W 125 5.09 36.25 -91.76
CA PHE W 125 3.90 36.92 -92.23
C PHE W 125 3.64 36.66 -93.71
N SER W 126 4.68 36.30 -94.47
CA SER W 126 4.51 35.96 -95.87
C SER W 126 3.76 34.65 -96.05
N ASP W 127 3.92 33.70 -95.13
CA ASP W 127 3.24 32.42 -95.22
C ASP W 127 1.75 32.57 -94.98
N ILE W 128 1.35 33.58 -94.19
CA ILE W 128 -0.06 33.78 -93.87
C ILE W 128 -0.82 34.30 -95.06
N ALA W 129 -0.22 35.20 -95.85
CA ALA W 129 -0.89 35.80 -97.00
C ALA W 129 -0.92 34.91 -98.22
N LYS W 130 -0.35 33.71 -98.15
CA LYS W 130 -0.29 32.81 -99.29
C LYS W 130 -1.49 31.88 -99.40
N ALA W 131 -2.01 31.37 -98.28
CA ALA W 131 -2.95 30.25 -98.36
C ALA W 131 -4.37 30.69 -98.71
N ALA W 132 -5.05 31.39 -97.77
CA ALA W 132 -6.48 31.63 -97.84
C ALA W 132 -6.94 32.58 -96.73
N PRO W 133 -8.11 33.21 -96.86
CA PRO W 133 -8.66 33.94 -95.70
C PRO W 133 -8.99 33.05 -94.51
N LEU W 134 -9.58 31.88 -94.74
CA LEU W 134 -9.93 31.02 -93.61
C LEU W 134 -8.80 30.09 -93.21
N ASP W 135 -7.75 30.00 -94.01
CA ASP W 135 -6.58 29.25 -93.56
C ASP W 135 -5.64 30.10 -92.73
N ALA W 136 -5.82 31.42 -92.72
CA ALA W 136 -4.90 32.33 -92.07
C ALA W 136 -4.88 32.16 -90.56
N ILE W 137 -6.05 31.96 -89.95
CA ILE W 137 -6.12 31.87 -88.49
C ILE W 137 -5.61 30.51 -88.02
N GLN W 138 -5.53 29.53 -88.92
CA GLN W 138 -5.08 28.20 -88.54
C GLN W 138 -3.56 28.04 -88.57
N MET W 139 -2.83 29.00 -89.14
CA MET W 139 -1.37 29.01 -89.02
C MET W 139 -0.88 29.74 -87.79
N VAL W 140 -1.72 30.55 -87.17
CA VAL W 140 -1.32 31.30 -85.97
C VAL W 140 -1.19 30.31 -84.80
N PRO W 141 -0.08 30.33 -84.06
CA PRO W 141 0.10 29.34 -82.99
C PRO W 141 -0.84 29.59 -81.82
N VAL W 142 -0.95 28.58 -80.97
CA VAL W 142 -1.85 28.65 -79.82
C VAL W 142 -1.37 29.67 -78.80
N ALA W 143 -0.06 29.88 -78.67
CA ALA W 143 0.44 30.92 -77.79
C ALA W 143 0.25 32.31 -78.37
N GLY W 144 0.10 32.41 -79.70
CA GLY W 144 -0.21 33.70 -80.30
C GLY W 144 -1.61 34.16 -80.01
N TRP W 145 -2.58 33.25 -79.97
CA TRP W 145 -3.94 33.62 -79.60
C TRP W 145 -4.05 33.89 -78.11
N MET W 146 -3.21 33.26 -77.29
CA MET W 146 -3.23 33.51 -75.86
C MET W 146 -2.70 34.89 -75.49
N GLN W 147 -1.81 35.46 -76.30
CA GLN W 147 -1.45 36.86 -76.11
C GLN W 147 -2.60 37.78 -76.52
N ILE W 148 -3.35 37.40 -77.56
CA ILE W 148 -4.43 38.23 -78.04
C ILE W 148 -5.62 38.16 -77.09
N PHE W 149 -5.99 36.95 -76.68
CA PHE W 149 -7.16 36.76 -75.83
C PHE W 149 -6.94 37.26 -74.41
N PHE W 150 -5.68 37.43 -73.99
CA PHE W 150 -5.42 37.97 -72.67
C PHE W 150 -5.64 39.47 -72.61
N VAL W 151 -5.12 40.21 -73.59
CA VAL W 151 -5.27 41.66 -73.56
C VAL W 151 -6.68 42.05 -74.03
N ALA W 152 -7.33 41.17 -74.80
CA ALA W 152 -8.76 41.32 -75.02
C ALA W 152 -9.53 41.01 -73.75
N GLY W 153 -9.02 40.07 -72.96
CA GLY W 153 -9.60 39.80 -71.66
C GLY W 153 -9.38 40.92 -70.66
N TRP W 154 -8.26 41.63 -70.78
CA TRP W 154 -8.09 42.84 -69.99
C TRP W 154 -9.07 43.92 -70.43
N PHE W 155 -9.23 44.07 -71.74
CA PHE W 155 -10.03 45.17 -72.28
C PHE W 155 -11.51 44.97 -71.99
N GLU W 156 -12.00 43.73 -72.06
CA GLU W 156 -13.39 43.46 -71.74
C GLU W 156 -13.70 43.58 -70.26
N SER W 157 -12.67 43.55 -69.41
CA SER W 157 -12.83 43.85 -68.00
C SER W 157 -12.94 45.35 -67.72
N VAL W 158 -12.16 46.16 -68.44
CA VAL W 158 -12.31 47.60 -68.38
C VAL W 158 -13.62 48.02 -69.04
N ALA W 159 -14.02 47.31 -70.08
CA ALA W 159 -15.28 47.60 -70.75
C ALA W 159 -16.48 47.27 -69.85
N TYR W 160 -16.39 46.19 -69.08
CA TYR W 160 -17.51 45.87 -68.19
C TYR W 160 -17.56 46.81 -67.01
N TYR W 161 -16.39 47.29 -66.55
CA TYR W 161 -16.37 48.15 -65.37
C TYR W 161 -16.88 49.54 -65.70
N ARG W 162 -16.44 50.11 -66.81
CA ARG W 162 -16.81 51.49 -67.15
C ARG W 162 -18.21 51.61 -67.71
N GLN W 163 -18.84 50.50 -68.09
CA GLN W 163 -20.19 50.55 -68.66
C GLN W 163 -21.26 50.04 -67.72
N TRP W 164 -21.01 48.96 -66.99
CA TRP W 164 -22.04 48.35 -66.15
C TRP W 164 -21.84 48.61 -64.67
N VAL W 165 -20.63 48.42 -64.14
CA VAL W 165 -20.38 48.71 -62.73
C VAL W 165 -20.40 50.21 -62.49
N LYS W 166 -19.56 50.95 -63.19
CA LYS W 166 -19.81 52.36 -63.40
C LYS W 166 -20.89 52.44 -64.46
N ASN W 167 -22.14 52.60 -64.04
CA ASN W 167 -23.27 52.50 -64.95
C ASN W 167 -23.37 53.70 -65.87
N SER W 168 -22.60 53.68 -66.96
CA SER W 168 -22.55 54.77 -67.91
C SER W 168 -23.84 54.82 -68.72
N PRO W 169 -24.41 56.02 -68.93
CA PRO W 169 -25.67 56.12 -69.67
C PRO W 169 -25.52 55.97 -71.17
N ILE W 170 -24.30 55.93 -71.68
CA ILE W 170 -24.05 55.78 -73.12
C ILE W 170 -23.73 54.31 -73.38
N PRO W 171 -24.49 53.62 -74.22
CA PRO W 171 -24.14 52.23 -74.55
C PRO W 171 -22.86 52.16 -75.37
N GLY W 172 -21.98 51.25 -74.97
CA GLY W 172 -20.71 51.08 -75.63
C GLY W 172 -19.62 52.03 -75.19
N ASP W 173 -19.91 52.98 -74.31
CA ASP W 173 -18.91 53.91 -73.81
C ASP W 173 -17.99 53.15 -72.85
N TYR W 174 -16.80 52.80 -73.34
CA TYR W 174 -15.87 51.98 -72.58
C TYR W 174 -14.67 52.78 -72.10
N GLY W 175 -14.78 54.10 -72.04
CA GLY W 175 -13.71 54.95 -71.56
C GLY W 175 -12.53 55.10 -72.48
N TYR W 176 -12.60 54.54 -73.68
CA TYR W 176 -11.49 54.55 -74.63
C TYR W 176 -11.71 55.69 -75.61
N ASP W 177 -10.91 56.74 -75.46
CA ASP W 177 -10.89 57.86 -76.41
C ASP W 177 -9.48 58.40 -76.42
N PRO W 178 -8.61 57.83 -77.27
CA PRO W 178 -7.21 58.27 -77.29
C PRO W 178 -6.99 59.72 -77.69
N LEU W 179 -7.81 60.27 -78.58
CA LEU W 179 -7.61 61.63 -79.06
C LEU W 179 -8.50 62.65 -78.39
N GLY W 180 -9.38 62.22 -77.50
CA GLY W 180 -10.21 63.17 -76.76
C GLY W 180 -11.36 63.75 -77.54
N PHE W 181 -12.01 62.95 -78.39
CA PHE W 181 -13.24 63.38 -79.06
C PHE W 181 -14.35 63.67 -78.08
N THR W 182 -14.41 62.94 -76.96
CA THR W 182 -15.53 63.02 -76.03
C THR W 182 -15.42 64.20 -75.07
N LYS W 183 -14.41 65.04 -75.21
CA LYS W 183 -14.28 66.27 -74.44
C LYS W 183 -14.84 67.47 -75.19
N ARG W 184 -15.82 67.25 -76.07
CA ARG W 184 -16.15 68.16 -77.16
C ARG W 184 -16.75 69.49 -76.68
N GLU W 185 -17.92 69.45 -76.05
CA GLU W 185 -18.54 70.67 -75.54
C GLU W 185 -18.20 70.98 -74.07
N GLY W 186 -18.32 70.06 -73.09
CA GLY W 186 -18.89 68.71 -73.10
C GLY W 186 -20.38 68.78 -72.79
N GLY W 187 -21.04 67.62 -72.71
CA GLY W 187 -20.43 66.32 -72.91
C GLY W 187 -21.10 65.51 -74.00
N TRP W 188 -21.79 64.45 -73.59
CA TRP W 188 -22.43 63.53 -74.51
C TRP W 188 -23.70 64.08 -75.14
N ASP W 189 -24.27 65.14 -74.57
CA ASP W 189 -25.53 65.72 -75.06
C ASP W 189 -25.28 66.79 -76.12
N SER W 190 -24.43 66.48 -77.08
CA SER W 190 -24.08 67.40 -78.15
C SER W 190 -24.31 66.72 -79.50
N GLU W 191 -24.40 67.54 -80.54
CA GLU W 191 -24.71 67.02 -81.86
C GLU W 191 -23.57 66.19 -82.44
N GLU W 192 -22.33 66.54 -82.11
CA GLU W 192 -21.18 65.90 -82.74
C GLU W 192 -20.98 64.47 -82.25
N LEU W 193 -21.37 64.19 -80.99
CA LEU W 193 -21.23 62.84 -80.48
C LEU W 193 -22.43 61.95 -80.78
N THR W 194 -23.64 62.49 -80.76
CA THR W 194 -24.81 61.69 -81.13
C THR W 194 -24.82 61.35 -82.62
N SER W 195 -24.30 62.25 -83.45
CA SER W 195 -24.07 61.89 -84.84
C SER W 195 -22.99 60.83 -84.96
N LEU W 196 -21.91 60.95 -84.18
CA LEU W 196 -20.85 59.94 -84.20
C LEU W 196 -21.32 58.62 -83.61
N ARG W 197 -22.20 58.67 -82.61
CA ARG W 197 -22.74 57.43 -82.04
C ARG W 197 -23.62 56.71 -83.04
N LEU W 198 -24.44 57.46 -83.79
CA LEU W 198 -25.32 56.83 -84.76
C LEU W 198 -24.55 56.38 -85.99
N LYS W 199 -23.47 57.09 -86.34
CA LYS W 199 -22.61 56.64 -87.45
C LYS W 199 -21.83 55.40 -87.07
N GLU W 200 -21.50 55.23 -85.79
CA GLU W 200 -20.74 54.05 -85.35
C GLU W 200 -21.59 52.80 -85.38
N ILE W 201 -22.83 52.89 -84.90
CA ILE W 201 -23.75 51.75 -84.91
C ILE W 201 -24.08 51.34 -86.34
N LYS W 202 -24.25 52.33 -87.22
CA LYS W 202 -24.67 52.04 -88.59
C LYS W 202 -23.53 51.48 -89.43
N ASN W 203 -22.32 52.03 -89.27
CA ASN W 203 -21.17 51.45 -89.95
C ASN W 203 -20.78 50.10 -89.36
N GLY W 204 -21.16 49.86 -88.10
CA GLY W 204 -21.09 48.52 -87.57
C GLY W 204 -22.23 47.65 -88.05
N ARG W 205 -23.37 48.26 -88.39
CA ARG W 205 -24.48 47.50 -88.95
C ARG W 205 -24.20 47.07 -90.38
N LEU W 206 -23.49 47.92 -91.15
CA LEU W 206 -23.07 47.52 -92.48
C LEU W 206 -22.06 46.39 -92.42
N ALA W 207 -21.06 46.52 -91.56
CA ALA W 207 -19.98 45.55 -91.49
C ALA W 207 -20.40 44.24 -90.86
N MET W 208 -21.53 44.21 -90.15
CA MET W 208 -22.00 42.96 -89.55
C MET W 208 -22.56 42.02 -90.61
N MET W 209 -23.38 42.54 -91.52
CA MET W 209 -23.86 41.71 -92.63
C MET W 209 -22.75 41.47 -93.64
N THR W 210 -21.80 42.40 -93.74
CA THR W 210 -20.73 42.32 -94.74
C THR W 210 -19.79 41.16 -94.47
N ILE W 211 -19.28 41.06 -93.23
CA ILE W 211 -18.42 39.94 -92.88
C ILE W 211 -19.19 38.63 -92.88
N ALA W 212 -20.49 38.67 -92.59
CA ALA W 212 -21.31 37.48 -92.71
C ALA W 212 -21.52 37.08 -94.17
N ALA W 213 -21.53 38.05 -95.07
CA ALA W 213 -21.63 37.74 -96.50
C ALA W 213 -20.27 37.42 -97.10
N TRP W 214 -19.20 38.03 -96.58
CA TRP W 214 -17.87 37.75 -97.12
C TRP W 214 -17.35 36.41 -96.64
N VAL W 215 -17.68 36.00 -95.41
CA VAL W 215 -17.31 34.66 -94.97
C VAL W 215 -18.29 33.63 -95.50
N SER W 216 -19.45 34.07 -96.01
CA SER W 216 -20.36 33.14 -96.67
C SER W 216 -19.73 32.58 -97.93
N ASP W 217 -19.19 33.45 -98.79
CA ASP W 217 -18.49 33.01 -100.00
C ASP W 217 -17.23 32.20 -99.70
N GLU W 218 -16.63 32.37 -98.52
CA GLU W 218 -15.57 31.46 -98.10
C GLU W 218 -16.14 30.10 -97.71
N MET W 219 -17.38 30.05 -97.22
CA MET W 219 -18.03 28.81 -96.84
C MET W 219 -18.80 28.17 -97.99
N ILE W 220 -19.72 28.93 -98.60
CA ILE W 220 -20.72 28.38 -99.50
C ILE W 220 -21.01 29.35 -100.64
N PRO W 221 -21.19 28.90 -101.88
CA PRO W 221 -21.65 29.82 -102.93
C PRO W 221 -23.09 30.25 -102.67
N GLY W 222 -23.24 31.44 -102.10
CA GLY W 222 -24.55 32.00 -101.81
C GLY W 222 -24.58 33.49 -102.05
N ALA W 223 -23.75 33.98 -102.97
CA ALA W 223 -23.65 35.40 -103.27
C ALA W 223 -24.85 35.80 -104.14
N LEU W 224 -25.99 35.98 -103.48
CA LEU W 224 -27.24 36.27 -104.18
C LEU W 224 -27.46 37.77 -104.31
N LEU X 32 10.54 66.37 -58.74
CA LEU X 32 10.22 67.77 -58.99
C LEU X 32 11.39 68.49 -59.64
N SER X 33 11.13 69.71 -60.11
CA SER X 33 12.09 70.47 -60.90
C SER X 33 13.16 71.17 -60.06
N SER X 34 12.86 71.51 -58.80
CA SER X 34 13.88 72.08 -57.93
C SER X 34 14.91 71.06 -57.47
N LEU X 35 14.60 69.78 -57.61
CA LEU X 35 15.57 68.72 -57.38
C LEU X 35 16.62 68.72 -58.47
N PRO X 36 17.82 68.19 -58.19
CA PRO X 36 18.90 68.23 -59.20
C PRO X 36 18.61 67.56 -60.52
N GLY X 37 18.24 66.27 -60.51
CA GLY X 37 18.22 65.43 -61.71
C GLY X 37 17.26 65.87 -62.82
N SER X 38 16.40 66.84 -62.56
CA SER X 38 15.62 67.49 -63.61
C SER X 38 16.54 68.31 -64.50
N THR X 39 16.55 68.01 -65.80
CA THR X 39 17.42 68.70 -66.73
C THR X 39 16.66 69.27 -67.93
N ALA X 40 17.41 69.70 -68.96
CA ALA X 40 16.79 70.37 -70.11
C ALA X 40 15.90 69.49 -70.96
N PRO X 41 16.34 68.29 -71.51
CA PRO X 41 15.49 67.61 -72.51
C PRO X 41 14.19 67.06 -71.95
N VAL X 42 14.28 66.33 -70.85
CA VAL X 42 13.10 65.84 -70.15
C VAL X 42 13.30 66.14 -68.66
N GLY X 43 12.67 67.20 -68.18
CA GLY X 43 12.76 67.55 -66.78
C GLY X 43 11.53 68.28 -66.27
N PRO X 44 10.90 67.75 -65.22
CA PRO X 44 11.19 66.48 -64.57
C PRO X 44 10.58 65.28 -65.32
N PHE X 45 11.40 64.27 -65.58
CA PHE X 45 10.99 63.11 -66.34
C PHE X 45 10.40 62.08 -65.38
N ASP X 46 9.08 61.95 -65.40
CA ASP X 46 8.36 60.95 -64.61
C ASP X 46 7.01 60.70 -65.26
N PRO X 47 6.98 59.89 -66.32
CA PRO X 47 5.70 59.65 -67.01
C PRO X 47 4.76 58.74 -66.22
N LEU X 48 5.28 57.75 -65.50
CA LEU X 48 4.43 56.86 -64.73
C LEU X 48 4.05 57.42 -63.37
N ASN X 49 4.49 58.64 -63.05
CA ASN X 49 4.21 59.37 -61.81
C ASN X 49 4.64 58.55 -60.59
N LEU X 50 5.83 57.96 -60.68
CA LEU X 50 6.37 57.15 -59.60
C LEU X 50 6.81 57.97 -58.40
N ALA X 51 6.99 59.28 -58.55
CA ALA X 51 7.43 60.12 -57.44
C ALA X 51 6.34 60.29 -56.39
N ASP X 52 5.08 60.21 -56.80
CA ASP X 52 3.96 60.32 -55.87
C ASP X 52 3.36 58.97 -55.52
N SER X 53 4.02 57.87 -55.89
CA SER X 53 3.55 56.54 -55.48
C SER X 53 3.75 56.30 -54.00
N GLY X 54 4.69 56.99 -53.38
CA GLY X 54 4.90 56.98 -51.96
C GLY X 54 4.86 58.39 -51.41
N SER X 55 5.47 58.56 -50.24
CA SER X 55 5.54 59.85 -49.59
C SER X 55 6.82 60.56 -50.01
N GLU X 56 7.16 61.63 -49.27
CA GLU X 56 8.39 62.35 -49.52
C GLU X 56 9.62 61.52 -49.16
N GLU X 57 9.51 60.64 -48.17
CA GLU X 57 10.61 59.76 -47.81
C GLU X 57 10.82 58.64 -48.82
N THR X 58 9.79 58.28 -49.58
CA THR X 58 9.97 57.29 -50.64
C THR X 58 10.78 57.87 -51.79
N LEU X 59 10.50 59.12 -52.16
CA LEU X 59 11.26 59.78 -53.22
C LEU X 59 12.70 59.99 -52.81
N ALA X 60 12.94 60.30 -51.53
CA ALA X 60 14.30 60.46 -51.04
C ALA X 60 15.06 59.13 -51.04
N TRP X 61 14.35 58.01 -50.89
CA TRP X 61 14.99 56.72 -51.09
C TRP X 61 15.23 56.45 -52.56
N PHE X 62 14.34 56.95 -53.43
CA PHE X 62 14.52 56.76 -54.87
C PHE X 62 15.70 57.56 -55.41
N ARG X 63 15.97 58.72 -54.82
CA ARG X 63 17.08 59.54 -55.27
C ARG X 63 18.42 58.93 -54.91
N ALA X 64 18.56 58.48 -53.66
CA ALA X 64 19.79 57.86 -53.21
C ALA X 64 20.05 56.53 -53.89
N SER X 65 18.99 55.81 -54.26
CA SER X 65 19.20 54.58 -55.00
C SER X 65 19.58 54.83 -56.45
N GLU X 66 19.05 55.90 -57.06
CA GLU X 66 19.50 56.28 -58.39
C GLU X 66 20.94 56.75 -58.36
N LEU X 67 21.31 57.48 -57.31
CA LEU X 67 22.68 57.97 -57.18
C LEU X 67 23.65 56.81 -56.93
N LYS X 68 23.22 55.80 -56.19
CA LYS X 68 24.11 54.67 -55.94
C LYS X 68 24.13 53.71 -57.11
N HIS X 69 23.02 53.55 -57.81
CA HIS X 69 23.03 52.77 -59.05
C HIS X 69 23.88 53.46 -60.11
N GLY X 70 23.92 54.79 -60.08
CA GLY X 70 24.74 55.51 -61.04
C GLY X 70 26.22 55.34 -60.79
N ARG X 71 26.64 55.54 -59.53
CA ARG X 71 28.05 55.45 -59.18
C ARG X 71 28.58 54.03 -59.35
N VAL X 72 27.76 53.02 -59.09
CA VAL X 72 28.18 51.63 -59.27
C VAL X 72 28.35 51.31 -60.75
N ALA X 73 27.41 51.76 -61.59
CA ALA X 73 27.47 51.48 -63.01
C ALA X 73 28.55 52.25 -63.74
N MET X 74 28.86 53.48 -63.31
CA MET X 74 29.97 54.21 -63.90
C MET X 74 31.29 53.50 -63.61
N LEU X 75 31.42 52.93 -62.42
CA LEU X 75 32.55 52.05 -62.15
C LEU X 75 32.43 50.74 -62.90
N ALA X 76 31.23 50.35 -63.30
CA ALA X 76 31.04 49.07 -63.96
C ALA X 76 31.23 49.18 -65.47
N THR X 77 30.77 50.29 -66.06
CA THR X 77 31.00 50.54 -67.48
C THR X 77 32.48 50.72 -67.76
N THR X 78 33.19 51.42 -66.87
CA THR X 78 34.60 51.66 -67.07
C THR X 78 35.42 50.41 -66.77
N GLY X 79 35.00 49.63 -65.77
CA GLY X 79 35.70 48.39 -65.47
C GLY X 79 35.55 47.35 -66.56
N TYR X 80 34.46 47.40 -67.32
CA TYR X 80 34.34 46.55 -68.49
C TYR X 80 35.13 47.08 -69.67
N LEU X 81 35.21 48.41 -69.82
CA LEU X 81 35.94 49.00 -70.92
C LEU X 81 37.44 48.89 -70.73
N VAL X 82 37.91 48.97 -69.48
CA VAL X 82 39.33 48.91 -69.22
C VAL X 82 39.83 47.48 -69.27
N GLN X 83 39.14 46.57 -68.58
CA GLN X 83 39.57 45.17 -68.56
C GLN X 83 39.24 44.47 -69.86
N GLY X 84 38.28 45.00 -70.63
CA GLY X 84 37.95 44.41 -71.92
C GLY X 84 38.99 44.68 -73.00
N ALA X 85 39.75 45.76 -72.86
CA ALA X 85 40.80 46.07 -73.82
C ALA X 85 42.05 45.22 -73.59
N GLY X 86 42.50 45.11 -72.34
CA GLY X 86 43.78 44.55 -72.02
C GLY X 86 44.59 45.37 -71.05
N ILE X 87 44.09 46.53 -70.63
CA ILE X 87 44.72 47.29 -69.56
C ILE X 87 44.58 46.49 -68.27
N HIS X 88 45.71 46.15 -67.66
CA HIS X 88 45.70 45.42 -66.41
C HIS X 88 46.94 45.77 -65.61
N PHE X 89 46.84 45.56 -64.30
CA PHE X 89 47.91 45.90 -63.39
C PHE X 89 49.11 44.97 -63.60
N PRO X 90 50.32 45.48 -63.37
CA PRO X 90 51.50 44.61 -63.51
C PRO X 90 51.66 43.73 -62.29
N GLY X 91 51.95 42.45 -62.52
CA GLY X 91 52.36 41.58 -61.44
C GLY X 91 51.40 40.48 -61.07
N MET X 92 51.26 40.22 -59.78
CA MET X 92 50.47 39.12 -59.26
C MET X 92 49.31 39.67 -58.45
N LEU X 93 48.10 39.19 -58.73
CA LEU X 93 46.97 39.50 -57.87
C LEU X 93 47.04 38.70 -56.58
N SER X 94 47.38 37.42 -56.69
CA SER X 94 47.54 36.57 -55.52
C SER X 94 48.80 35.72 -55.67
N SER X 95 48.93 34.69 -54.84
CA SER X 95 50.08 33.80 -54.93
C SER X 95 50.07 32.96 -56.20
N ASP X 96 48.90 32.65 -56.74
CA ASP X 96 48.81 31.80 -57.92
C ASP X 96 48.02 32.42 -59.06
N VAL X 97 47.41 33.59 -58.88
CA VAL X 97 46.63 34.25 -59.92
C VAL X 97 47.29 35.58 -60.24
N SER X 98 47.77 35.72 -61.46
CA SER X 98 48.31 36.97 -61.94
C SER X 98 47.22 37.78 -62.62
N PHE X 99 47.55 39.02 -62.96
CA PHE X 99 46.63 39.82 -63.78
C PHE X 99 46.73 39.44 -65.24
N GLU X 100 47.74 38.64 -65.62
CA GLU X 100 47.89 38.21 -67.00
C GLU X 100 46.76 37.27 -67.41
N SER X 101 46.33 36.40 -66.50
CA SER X 101 45.28 35.44 -66.81
C SER X 101 43.89 36.05 -66.75
N LEU X 102 43.69 37.06 -65.89
CA LEU X 102 42.36 37.66 -65.77
C LEU X 102 42.06 38.60 -66.92
N SER X 103 43.07 39.29 -67.45
CA SER X 103 42.86 40.13 -68.61
C SER X 103 42.73 39.30 -69.89
N ALA X 104 43.18 38.05 -69.86
CA ALA X 104 43.00 37.15 -70.98
C ALA X 104 41.55 36.71 -71.15
N MET X 105 40.74 36.84 -70.12
CA MET X 105 39.33 36.49 -70.19
C MET X 105 38.48 37.74 -70.38
N LYS X 106 37.24 37.50 -70.83
CA LYS X 106 36.24 38.56 -70.82
C LYS X 106 35.88 38.88 -69.38
N PRO X 107 35.52 40.13 -69.07
CA PRO X 107 35.47 40.55 -67.66
C PRO X 107 34.39 39.89 -66.83
N LEU X 108 33.26 39.52 -67.44
CA LEU X 108 32.14 38.98 -66.68
C LEU X 108 32.45 37.59 -66.10
N GLU X 109 33.41 36.87 -66.67
CA GLU X 109 33.91 35.66 -66.03
C GLU X 109 35.31 35.83 -65.46
N ALA X 110 35.89 37.03 -65.54
CA ALA X 110 37.13 37.31 -64.84
C ALA X 110 36.92 37.43 -63.34
N TRP X 111 35.68 37.72 -62.91
CA TRP X 111 35.38 37.76 -61.49
C TRP X 111 35.42 36.37 -60.87
N ASP X 112 35.17 35.31 -61.67
CA ASP X 112 35.17 33.96 -61.17
C ASP X 112 36.55 33.47 -60.75
N ALA X 113 37.60 33.88 -61.46
CA ALA X 113 38.96 33.43 -61.16
C ALA X 113 39.65 34.32 -60.14
N VAL X 114 38.98 35.34 -59.64
CA VAL X 114 39.45 36.06 -58.46
C VAL X 114 39.40 35.13 -57.26
N PRO X 115 40.42 35.09 -56.40
CA PRO X 115 40.40 34.17 -55.25
C PRO X 115 39.30 34.50 -54.27
N ASP X 116 38.92 33.49 -53.48
CA ASP X 116 37.83 33.64 -52.52
C ASP X 116 38.21 34.56 -51.38
N ALA X 117 39.51 34.68 -51.09
CA ALA X 117 39.97 35.69 -50.15
C ALA X 117 40.04 37.06 -50.80
N GLY X 118 39.97 37.14 -52.12
CA GLY X 118 39.98 38.41 -52.80
C GLY X 118 38.62 39.06 -52.82
N LYS X 119 37.57 38.27 -53.05
CA LYS X 119 36.22 38.80 -52.96
C LYS X 119 35.81 39.05 -51.52
N ALA X 120 36.39 38.31 -50.58
CA ALA X 120 36.13 38.56 -49.16
C ALA X 120 36.70 39.88 -48.71
N GLN X 121 37.80 40.33 -49.32
CA GLN X 121 38.36 41.63 -49.00
C GLN X 121 37.55 42.74 -49.65
N ILE X 122 37.04 42.51 -50.86
CA ILE X 122 36.27 43.53 -51.56
C ILE X 122 34.92 43.72 -50.89
N LEU X 123 34.21 42.62 -50.63
CA LEU X 123 32.87 42.69 -50.04
C LEU X 123 32.91 43.17 -48.60
N GLY X 124 34.04 42.99 -47.91
CA GLY X 124 34.14 43.46 -46.54
C GLY X 124 34.24 44.96 -46.41
N THR X 125 35.02 45.61 -47.28
CA THR X 125 35.12 47.05 -47.23
C THR X 125 33.87 47.74 -47.77
N ILE X 126 33.15 47.09 -48.68
CA ILE X 126 31.86 47.61 -49.11
C ILE X 126 30.85 47.52 -47.97
N PHE X 127 30.94 46.47 -47.15
CA PHE X 127 30.06 46.33 -46.00
C PHE X 127 30.27 47.46 -45.00
N ILE X 128 31.52 47.83 -44.75
CA ILE X 128 31.81 48.96 -43.86
C ILE X 128 31.37 50.26 -44.51
N ALA X 129 31.54 50.38 -45.83
CA ALA X 129 31.11 51.57 -46.54
C ALA X 129 29.60 51.71 -46.54
N GLU X 130 28.87 50.60 -46.70
CA GLU X 130 27.41 50.69 -46.66
C GLU X 130 26.90 50.90 -45.24
N MET X 131 27.61 50.39 -44.23
CA MET X 131 27.18 50.60 -42.85
C MET X 131 27.43 52.03 -42.39
N ILE X 132 28.51 52.67 -42.87
CA ILE X 132 28.86 54.00 -42.40
C ILE X 132 27.93 55.05 -42.99
N THR X 133 27.68 54.99 -44.30
CA THR X 133 26.81 55.97 -44.94
C THR X 133 25.34 55.81 -44.55
N GLU X 134 24.95 54.65 -44.04
CA GLU X 134 23.62 54.49 -43.48
C GLU X 134 23.50 55.06 -42.08
N SER X 135 24.59 55.00 -41.31
CA SER X 135 24.59 55.39 -39.91
C SER X 135 24.96 56.85 -39.68
N LYS X 136 24.70 57.71 -40.67
CA LYS X 136 24.82 59.14 -40.47
C LYS X 136 23.71 59.60 -39.51
N PRO X 137 23.92 60.72 -38.80
CA PRO X 137 22.95 61.12 -37.76
C PRO X 137 21.55 61.46 -38.26
N VAL X 138 21.38 61.89 -39.50
CA VAL X 138 20.07 62.06 -40.11
C VAL X 138 20.04 61.26 -41.39
N HIS X 139 19.00 60.45 -41.57
CA HIS X 139 18.94 59.62 -42.76
C HIS X 139 18.52 60.47 -43.95
N TYR X 140 19.05 60.12 -45.13
CA TYR X 140 18.68 60.82 -46.35
C TYR X 140 17.22 60.62 -46.71
N THR X 141 16.62 59.51 -46.28
CA THR X 141 15.19 59.33 -46.38
C THR X 141 14.43 60.31 -45.50
N LYS X 142 15.05 60.78 -44.42
CA LYS X 142 14.46 61.80 -43.56
C LYS X 142 15.12 63.16 -43.78
N GLY X 143 15.56 63.43 -45.01
CA GLY X 143 16.09 64.72 -45.36
C GLY X 143 17.58 64.88 -45.22
N GLY X 144 18.27 63.90 -44.66
CA GLY X 144 19.69 64.02 -44.39
C GLY X 144 20.56 63.90 -45.62
N PRO X 145 21.87 63.77 -45.41
CA PRO X 145 22.80 63.74 -46.53
C PRO X 145 22.82 62.39 -47.24
N MET X 146 23.04 62.44 -48.54
CA MET X 146 23.27 61.27 -49.36
C MET X 146 24.70 60.77 -49.11
N PRO X 147 25.01 59.48 -49.47
CA PRO X 147 26.34 58.92 -49.16
C PRO X 147 27.54 59.69 -49.71
N THR X 148 28.34 60.21 -48.79
CA THR X 148 29.59 60.91 -49.10
C THR X 148 30.77 59.97 -48.84
N MET X 149 31.97 60.50 -49.05
CA MET X 149 33.15 59.64 -49.09
C MET X 149 33.55 59.17 -47.70
N VAL X 150 33.92 57.90 -47.61
CA VAL X 150 34.22 57.25 -46.34
C VAL X 150 35.72 57.24 -46.10
N PHE X 151 36.47 56.68 -47.04
CA PHE X 151 37.91 56.70 -46.95
C PHE X 151 38.52 56.91 -48.33
N PRO X 152 39.17 58.04 -48.58
CA PRO X 152 39.51 59.15 -47.68
C PRO X 152 38.33 60.12 -47.49
N ALA X 153 38.10 60.55 -46.25
CA ALA X 153 36.88 61.27 -45.90
C ALA X 153 37.06 62.78 -46.09
N ILE X 154 37.19 63.17 -47.36
CA ILE X 154 37.24 64.59 -47.71
C ILE X 154 35.87 65.20 -47.46
N ASP X 155 35.84 66.38 -46.85
CA ASP X 155 34.61 67.11 -46.61
C ASP X 155 34.25 67.79 -47.93
N PHE X 156 32.96 67.84 -48.25
CA PHE X 156 32.45 68.47 -49.45
C PHE X 156 31.24 69.36 -49.18
N SER X 157 31.17 69.96 -47.99
CA SER X 157 29.95 70.68 -47.62
C SER X 157 29.87 72.05 -48.28
N GLY X 158 30.81 72.94 -47.98
CA GLY X 158 30.75 74.28 -48.51
C GLY X 158 31.50 74.46 -49.83
N VAL X 159 31.03 73.78 -50.87
CA VAL X 159 31.72 73.72 -52.16
C VAL X 159 30.80 74.40 -53.19
N ASP X 160 30.24 75.57 -52.81
CA ASP X 160 29.56 76.49 -53.71
C ASP X 160 28.35 75.88 -54.39
N ALA X 161 27.23 75.78 -53.66
CA ALA X 161 25.97 75.14 -54.04
C ALA X 161 25.50 75.36 -55.47
N ALA X 162 25.86 76.48 -56.10
CA ALA X 162 25.60 76.65 -57.53
C ALA X 162 26.44 75.70 -58.37
N THR X 163 27.73 75.55 -58.03
CA THR X 163 28.58 74.64 -58.80
C THR X 163 28.27 73.19 -58.48
N LEU X 164 27.87 72.92 -57.23
CA LEU X 164 27.50 71.56 -56.84
C LEU X 164 26.14 71.19 -57.40
N LYS X 165 25.30 72.18 -57.74
CA LYS X 165 24.04 71.89 -58.41
C LYS X 165 24.26 71.38 -59.82
N ARG X 166 25.17 72.01 -60.56
CA ARG X 166 25.47 71.57 -61.91
C ARG X 166 26.21 70.24 -61.91
N LYS X 167 27.10 70.05 -60.95
CA LYS X 167 27.87 68.82 -60.89
C LYS X 167 27.04 67.64 -60.37
N GLN X 168 26.00 67.89 -59.58
CA GLN X 168 25.08 66.83 -59.23
C GLN X 168 24.25 66.38 -60.43
N ASP X 169 23.95 67.30 -61.35
CA ASP X 169 23.22 66.92 -62.55
C ASP X 169 24.10 66.11 -63.47
N SER X 170 25.38 66.44 -63.55
CA SER X 170 26.30 65.66 -64.37
C SER X 170 26.68 64.35 -63.72
N GLU X 171 26.56 64.23 -62.39
CA GLU X 171 26.73 62.92 -61.76
C GLU X 171 25.58 62.00 -62.10
N LEU X 172 24.35 62.53 -62.04
CA LEU X 172 23.17 61.71 -62.31
C LEU X 172 23.07 61.36 -63.78
N ASN X 173 23.32 62.33 -64.67
CA ASN X 173 23.20 62.08 -66.11
C ASN X 173 24.27 61.11 -66.59
N ASN X 174 25.48 61.19 -66.05
CA ASN X 174 26.48 60.18 -66.35
C ASN X 174 26.15 58.86 -65.67
N GLY X 175 25.42 58.92 -64.56
CA GLY X 175 24.94 57.70 -63.96
C GLY X 175 23.83 57.07 -64.77
N ARG X 176 22.90 57.89 -65.29
CA ARG X 176 21.80 57.40 -66.11
C ARG X 176 22.30 56.75 -67.39
N LEU X 177 23.38 57.29 -67.96
CA LEU X 177 23.90 56.75 -69.22
C LEU X 177 24.71 55.48 -68.97
N ALA X 178 25.47 55.44 -67.88
CA ALA X 178 26.28 54.26 -67.59
C ALA X 178 25.44 53.07 -67.16
N MET X 179 24.26 53.30 -66.58
CA MET X 179 23.37 52.20 -66.23
C MET X 179 22.78 51.54 -67.47
N ILE X 180 22.48 52.31 -68.50
CA ILE X 180 22.12 51.75 -69.80
C ILE X 180 23.33 51.04 -70.42
N ALA X 181 24.52 51.58 -70.18
CA ALA X 181 25.72 51.07 -70.82
C ALA X 181 26.13 49.70 -70.27
N ILE X 182 26.10 49.54 -68.95
CA ILE X 182 26.51 48.25 -68.38
C ILE X 182 25.43 47.21 -68.60
N MET X 183 24.16 47.62 -68.67
CA MET X 183 23.10 46.69 -69.05
C MET X 183 23.20 46.31 -70.52
N SER X 184 23.79 47.18 -71.35
CA SER X 184 24.05 46.81 -72.73
C SER X 184 25.24 45.87 -72.83
N PHE X 185 26.22 46.00 -71.95
CA PHE X 185 27.43 45.19 -72.03
C PHE X 185 27.16 43.76 -71.62
N ILE X 186 26.30 43.57 -70.62
CA ILE X 186 25.91 42.22 -70.21
C ILE X 186 24.99 41.60 -71.25
N SER X 187 24.12 42.41 -71.85
CA SER X 187 23.21 41.91 -72.88
C SER X 187 23.96 41.55 -74.16
N ALA X 188 25.03 42.28 -74.46
CA ALA X 188 25.85 41.94 -75.61
C ALA X 188 26.72 40.72 -75.34
N ALA X 189 27.11 40.50 -74.09
CA ALA X 189 28.01 39.39 -73.77
C ALA X 189 27.32 38.04 -73.81
N ASN X 190 25.98 38.01 -73.74
CA ASN X 190 25.25 36.74 -73.76
C ASN X 190 24.31 36.61 -74.94
N ILE X 191 23.72 37.71 -75.41
CA ILE X 191 22.81 37.65 -76.55
C ILE X 191 23.40 38.50 -77.66
N PRO X 192 24.10 37.90 -78.63
CA PRO X 192 24.80 38.68 -79.66
C PRO X 192 23.83 39.34 -80.63
N GLY X 193 24.11 40.61 -80.94
CA GLY X 193 23.24 41.39 -81.78
C GLY X 193 22.17 42.15 -81.05
N SER X 194 22.19 42.15 -79.72
CA SER X 194 21.22 42.92 -78.94
C SER X 194 21.46 44.42 -79.10
N VAL X 195 22.72 44.82 -79.16
CA VAL X 195 23.10 46.20 -79.44
C VAL X 195 23.90 46.21 -80.74
N PRO X 196 23.58 47.09 -81.69
CA PRO X 196 24.24 47.04 -83.00
C PRO X 196 25.68 47.54 -82.98
N ALA X 197 26.12 48.23 -81.93
CA ALA X 197 27.47 48.76 -81.92
C ALA X 197 28.48 47.83 -81.29
N LEU X 198 28.06 46.68 -80.79
CA LEU X 198 28.95 45.76 -80.09
C LEU X 198 28.81 44.34 -80.61
N THR X 199 28.51 44.20 -81.91
CA THR X 199 28.26 42.88 -82.49
C THR X 199 29.56 42.10 -82.65
N ASN X 200 30.50 42.65 -83.41
CA ASN X 200 31.78 41.99 -83.66
C ASN X 200 32.89 42.52 -82.76
N ASN X 201 32.56 42.80 -81.52
CA ASN X 201 33.55 43.25 -80.56
C ASN X 201 34.15 42.06 -79.84
N PRO X 202 35.49 41.94 -79.76
CA PRO X 202 36.09 40.73 -79.19
C PRO X 202 36.09 40.70 -77.67
N ALA X 203 35.74 41.79 -77.01
CA ALA X 203 35.60 41.79 -75.56
C ALA X 203 34.22 41.33 -75.12
N PHE X 204 33.35 40.96 -76.06
CA PHE X 204 31.95 40.70 -75.77
C PHE X 204 31.53 39.33 -76.29
N ILE Y 60 44.78 58.44 -5.57
CA ILE Y 60 45.39 59.18 -6.66
C ILE Y 60 44.32 59.48 -7.70
N SER Y 61 44.24 60.73 -8.14
CA SER Y 61 43.26 61.15 -9.14
C SER Y 61 43.72 60.76 -10.54
N LYS Y 62 42.92 61.15 -11.54
CA LYS Y 62 43.24 60.81 -12.92
C LYS Y 62 44.33 61.72 -13.48
N GLU Y 63 44.26 63.01 -13.18
CA GLU Y 63 45.25 63.95 -13.70
C GLU Y 63 46.60 63.80 -13.01
N ALA Y 64 46.65 63.20 -11.83
CA ALA Y 64 47.92 62.88 -11.20
C ALA Y 64 48.55 61.64 -11.82
N ILE Y 65 47.75 60.78 -12.44
CA ILE Y 65 48.30 59.61 -13.13
C ILE Y 65 48.88 60.02 -14.48
N LEU Y 66 48.13 60.81 -15.25
CA LEU Y 66 48.54 61.20 -16.60
C LEU Y 66 49.49 62.39 -16.61
N SER Y 67 50.06 62.78 -15.47
CA SER Y 67 51.15 63.74 -15.46
C SER Y 67 52.51 63.07 -15.53
N SER Y 68 52.55 61.76 -15.77
CA SER Y 68 53.76 60.99 -15.84
C SER Y 68 53.59 59.91 -16.91
N PRO Y 69 54.48 59.85 -17.91
CA PRO Y 69 55.61 60.74 -18.15
C PRO Y 69 55.18 61.99 -18.92
N ASP Y 70 56.15 62.78 -19.38
CA ASP Y 70 55.84 63.94 -20.20
C ASP Y 70 55.32 63.50 -21.57
N THR Y 71 54.50 64.35 -22.17
CA THR Y 71 53.82 64.01 -23.41
C THR Y 71 54.46 64.73 -24.58
N THR Y 72 55.78 64.80 -24.58
CA THR Y 72 56.52 65.57 -25.57
C THR Y 72 56.71 64.85 -26.91
N GLU Y 73 57.02 63.55 -26.90
CA GLU Y 73 57.43 62.89 -28.12
C GLU Y 73 56.23 62.53 -29.00
N ILE Y 74 55.03 62.56 -28.46
CA ILE Y 74 53.80 62.48 -29.24
C ILE Y 74 53.18 63.85 -29.43
N GLY Y 75 53.02 64.61 -28.35
CA GLY Y 75 52.43 65.93 -28.42
C GLY Y 75 51.33 66.13 -27.42
N ARG Y 76 50.55 65.07 -27.19
CA ARG Y 76 49.51 65.03 -26.17
C ARG Y 76 49.62 63.70 -25.43
N VAL Y 77 48.70 63.48 -24.50
CA VAL Y 77 48.48 62.15 -23.97
C VAL Y 77 47.95 61.27 -25.09
N TRP Y 78 48.55 60.11 -25.27
CA TRP Y 78 48.26 59.27 -26.43
C TRP Y 78 47.25 58.22 -26.04
N ASP Y 79 45.97 58.51 -26.28
CA ASP Y 79 44.88 57.59 -26.00
C ASP Y 79 43.92 57.63 -27.17
N PRO Y 80 44.19 56.86 -28.23
CA PRO Y 80 43.28 56.83 -29.38
C PRO Y 80 41.96 56.13 -29.09
N LEU Y 81 41.95 55.10 -28.26
CA LEU Y 81 40.73 54.37 -27.95
C LEU Y 81 39.94 54.98 -26.80
N GLY Y 82 40.48 55.99 -26.12
CA GLY Y 82 39.77 56.63 -25.03
C GLY Y 82 39.66 55.78 -23.78
N LEU Y 83 40.70 55.01 -23.46
CA LEU Y 83 40.61 54.05 -22.36
C LEU Y 83 40.81 54.68 -20.99
N ALA Y 84 41.35 55.88 -20.91
CA ALA Y 84 41.46 56.58 -19.64
C ALA Y 84 40.17 57.27 -19.24
N GLU Y 85 39.24 57.44 -20.17
CA GLU Y 85 37.97 58.12 -19.90
C GLU Y 85 36.86 57.18 -19.48
N ILE Y 86 37.03 55.87 -19.62
CA ILE Y 86 36.02 54.90 -19.26
C ILE Y 86 36.47 54.21 -17.98
N GLY Y 87 35.78 54.48 -16.89
CA GLY Y 87 36.13 53.98 -15.59
C GLY Y 87 36.21 55.09 -14.56
N SER Y 88 37.00 54.83 -13.53
CA SER Y 88 37.21 55.78 -12.45
C SER Y 88 38.70 56.06 -12.29
N ALA Y 89 39.03 56.88 -11.30
CA ALA Y 89 40.43 57.14 -10.99
C ALA Y 89 41.11 55.92 -10.38
N GLU Y 90 40.34 55.03 -9.77
CA GLU Y 90 40.87 53.75 -9.31
C GLU Y 90 41.29 52.88 -10.49
N THR Y 91 40.55 52.95 -11.59
CA THR Y 91 40.85 52.17 -12.79
C THR Y 91 42.08 52.66 -13.52
N LEU Y 92 42.29 53.98 -13.59
CA LEU Y 92 43.48 54.50 -14.25
C LEU Y 92 44.75 54.22 -13.45
N ALA Y 93 44.62 54.11 -12.13
CA ALA Y 93 45.77 53.74 -11.30
C ALA Y 93 46.19 52.30 -11.54
N TRP Y 94 45.22 51.43 -11.85
CA TRP Y 94 45.56 50.07 -12.26
C TRP Y 94 46.24 50.05 -13.62
N TYR Y 95 45.88 51.00 -14.49
CA TYR Y 95 46.54 51.10 -15.79
C TYR Y 95 47.97 51.59 -15.64
N ARG Y 96 48.22 52.46 -14.66
CA ARG Y 96 49.57 52.98 -14.49
C ARG Y 96 50.47 51.97 -13.78
N HIS Y 97 49.94 51.26 -12.78
CA HIS Y 97 50.73 50.26 -12.08
C HIS Y 97 51.08 49.08 -12.98
N SER Y 98 50.18 48.71 -13.88
CA SER Y 98 50.47 47.59 -14.74
C SER Y 98 51.36 47.96 -15.92
N GLU Y 99 51.46 49.25 -16.26
CA GLU Y 99 52.42 49.65 -17.29
C GLU Y 99 53.85 49.53 -16.78
N VAL Y 100 54.11 50.00 -15.57
CA VAL Y 100 55.47 49.93 -15.04
C VAL Y 100 55.83 48.51 -14.63
N LYS Y 101 54.86 47.68 -14.28
CA LYS Y 101 55.19 46.29 -13.98
C LYS Y 101 55.43 45.50 -15.26
N HIS Y 102 54.72 45.85 -16.34
CA HIS Y 102 55.04 45.29 -17.65
C HIS Y 102 56.38 45.78 -18.15
N GLY Y 103 56.73 47.03 -17.85
CA GLY Y 103 57.96 47.59 -18.36
C GLY Y 103 59.20 47.07 -17.65
N ARG Y 104 59.17 47.05 -16.32
CA ARG Y 104 60.34 46.65 -15.54
C ARG Y 104 60.63 45.16 -15.66
N ILE Y 105 59.64 44.36 -16.03
CA ILE Y 105 59.91 42.95 -16.32
C ILE Y 105 60.50 42.80 -17.71
N ALA Y 106 59.95 43.51 -18.71
CA ALA Y 106 60.46 43.41 -20.07
C ALA Y 106 61.82 44.10 -20.23
N MET Y 107 62.19 45.00 -19.34
CA MET Y 107 63.54 45.55 -19.36
C MET Y 107 64.57 44.49 -18.97
N ALA Y 108 64.29 43.75 -17.90
CA ALA Y 108 65.18 42.67 -17.48
C ALA Y 108 65.13 41.50 -18.44
N ALA Y 109 63.96 41.21 -19.01
CA ALA Y 109 63.82 40.06 -19.91
C ALA Y 109 64.41 40.32 -21.29
N PHE Y 110 64.63 41.59 -21.66
CA PHE Y 110 65.21 41.87 -22.96
C PHE Y 110 66.69 41.53 -22.99
N VAL Y 111 67.45 41.99 -22.00
CA VAL Y 111 68.90 41.81 -22.03
C VAL Y 111 69.28 40.36 -21.70
N GLY Y 112 68.39 39.63 -21.03
CA GLY Y 112 68.62 38.20 -20.83
C GLY Y 112 68.57 37.40 -22.10
N TRP Y 113 67.91 37.91 -23.14
CA TRP Y 113 67.99 37.30 -24.47
C TRP Y 113 69.36 37.52 -25.08
N TRP Y 114 70.01 38.64 -24.73
CA TRP Y 114 71.37 38.88 -25.20
C TRP Y 114 72.42 38.38 -24.20
N ALA Y 115 72.05 38.22 -22.93
CA ALA Y 115 73.01 37.68 -21.96
C ALA Y 115 73.23 36.19 -22.14
N VAL Y 116 72.30 35.51 -22.80
CA VAL Y 116 72.48 34.12 -23.18
C VAL Y 116 72.64 33.94 -24.68
N GLY Y 117 72.38 34.97 -25.48
CA GLY Y 117 72.53 34.89 -26.92
C GLY Y 117 73.89 35.32 -27.39
N GLY Y 139 67.28 31.19 -26.99
CA GLY Y 139 66.19 31.89 -26.37
C GLY Y 139 65.05 30.98 -25.95
N LEU Y 140 64.25 30.54 -26.92
CA LEU Y 140 63.14 29.64 -26.67
C LEU Y 140 63.58 28.26 -26.18
N GLU Y 141 64.75 27.79 -26.62
CA GLU Y 141 65.24 26.48 -26.18
C GLU Y 141 65.85 26.53 -24.79
N ALA Y 142 66.22 27.71 -24.30
CA ALA Y 142 66.86 27.82 -23.01
C ALA Y 142 65.89 27.60 -21.86
N TRP Y 143 64.61 27.93 -22.08
CA TRP Y 143 63.61 27.68 -21.04
C TRP Y 143 63.23 26.20 -20.97
N ASP Y 144 63.31 25.49 -22.10
CA ASP Y 144 62.98 24.07 -22.12
C ASP Y 144 64.02 23.22 -21.39
N ALA Y 145 65.26 23.69 -21.30
CA ALA Y 145 66.30 23.00 -20.55
C ALA Y 145 66.13 23.15 -19.04
N VAL Y 146 65.30 24.08 -18.59
CA VAL Y 146 65.01 24.23 -17.17
C VAL Y 146 64.13 23.07 -16.72
N PRO Y 147 64.47 22.39 -15.62
CA PRO Y 147 63.66 21.24 -15.18
C PRO Y 147 62.30 21.64 -14.63
N GLY Y 148 61.45 20.64 -14.34
CA GLY Y 148 60.17 20.91 -13.73
C GLY Y 148 60.28 21.44 -12.32
N TRP Y 149 61.36 21.10 -11.62
CA TRP Y 149 61.64 21.72 -10.34
C TRP Y 149 62.17 23.14 -10.51
N GLY Y 150 62.93 23.40 -11.57
CA GLY Y 150 63.49 24.72 -11.78
C GLY Y 150 62.46 25.71 -12.29
N LYS Y 151 61.50 25.25 -13.08
CA LYS Y 151 60.40 26.10 -13.49
C LYS Y 151 59.49 26.42 -12.30
N ALA Y 152 59.23 25.43 -11.45
CA ALA Y 152 58.34 25.63 -10.32
C ALA Y 152 58.98 26.44 -9.20
N GLN Y 153 60.31 26.53 -9.16
CA GLN Y 153 60.95 27.22 -8.06
C GLN Y 153 60.94 28.73 -8.24
N MET Y 154 61.37 29.21 -9.40
CA MET Y 154 61.51 30.65 -9.59
C MET Y 154 60.18 31.32 -9.90
N LEU Y 155 59.16 30.57 -10.33
CA LEU Y 155 57.88 31.19 -10.62
C LEU Y 155 57.09 31.51 -9.36
N LEU Y 156 57.13 30.63 -8.35
CA LEU Y 156 56.51 30.97 -7.08
C LEU Y 156 57.44 31.79 -6.19
N PHE Y 157 58.71 31.92 -6.56
CA PHE Y 157 59.58 32.87 -5.87
C PHE Y 157 59.16 34.30 -6.18
N ALA Y 158 58.93 34.61 -7.46
CA ALA Y 158 58.41 35.91 -7.84
C ALA Y 158 56.96 36.08 -7.39
N GLY Y 159 56.25 34.98 -7.17
CA GLY Y 159 54.93 35.06 -6.60
C GLY Y 159 54.93 35.55 -5.17
N LEU Y 160 55.89 35.10 -4.36
CA LEU Y 160 56.01 35.61 -3.00
C LEU Y 160 56.52 37.03 -2.97
N ILE Y 161 57.24 37.46 -4.01
CA ILE Y 161 57.50 38.88 -4.19
C ILE Y 161 56.20 39.63 -4.44
N GLU Y 162 55.42 39.19 -5.44
CA GLU Y 162 54.21 39.88 -5.81
C GLU Y 162 53.09 39.69 -4.79
N PHE Y 163 53.15 38.64 -3.97
CA PHE Y 163 52.28 38.55 -2.80
C PHE Y 163 52.63 39.65 -1.81
N HIS Y 164 53.88 39.70 -1.37
CA HIS Y 164 54.32 40.70 -0.41
C HIS Y 164 54.46 42.08 -1.03
N ASP Y 165 54.44 42.19 -2.37
CA ASP Y 165 54.31 43.50 -3.01
C ASP Y 165 53.01 44.16 -2.61
N GLU Y 166 51.88 43.53 -2.96
CA GLU Y 166 50.56 44.04 -2.61
C GLU Y 166 50.31 44.03 -1.11
N LEU Y 167 50.97 43.15 -0.37
CA LEU Y 167 50.82 43.13 1.09
C LEU Y 167 51.49 44.35 1.73
N PHE Y 168 52.74 44.63 1.38
CA PHE Y 168 53.41 45.81 1.93
C PHE Y 168 52.89 47.08 1.31
N HIS Y 169 52.22 46.98 0.15
CA HIS Y 169 51.47 48.11 -0.39
C HIS Y 169 50.31 48.48 0.54
N THR Y 170 49.75 47.50 1.24
CA THR Y 170 48.52 47.75 2.00
C THR Y 170 48.82 48.16 3.44
N ARG Y 171 49.68 47.42 4.13
CA ARG Y 171 49.86 47.62 5.56
C ARG Y 171 51.02 48.56 5.91
N ARG Y 172 52.06 48.60 5.08
CA ARG Y 172 53.27 49.35 5.39
C ARG Y 172 53.39 50.63 4.56
N THR Y 173 52.26 51.24 4.22
CA THR Y 173 52.23 52.45 3.40
C THR Y 173 51.50 53.55 4.16
N GLU Y 174 52.02 54.78 4.06
CA GLU Y 174 51.36 55.93 4.69
C GLU Y 174 50.01 56.23 4.05
N GLY Y 175 49.82 55.89 2.77
CA GLY Y 175 48.57 56.14 2.09
C GLY Y 175 47.69 54.92 2.01
N GLY Y 176 48.29 53.78 1.64
CA GLY Y 176 47.56 52.55 1.44
C GLY Y 176 47.91 51.91 0.11
N HIS Y 177 47.02 51.08 -0.41
CA HIS Y 177 47.24 50.41 -1.69
C HIS Y 177 47.20 51.43 -2.83
N TYR Y 178 47.80 51.05 -3.95
CA TYR Y 178 47.85 51.92 -5.12
C TYR Y 178 46.48 52.10 -5.77
N LEU Y 179 45.55 51.18 -5.54
CA LEU Y 179 44.18 51.36 -5.96
C LEU Y 179 43.33 52.03 -4.90
N ARG Y 180 43.89 52.33 -3.73
CA ARG Y 180 43.18 53.03 -2.68
C ARG Y 180 43.78 54.41 -2.40
N GLY Y 181 45.04 54.47 -1.98
CA GLY Y 181 45.66 55.76 -1.72
C GLY Y 181 47.14 55.86 -2.08
N GLY Y 182 47.71 54.79 -2.64
CA GLY Y 182 49.14 54.69 -2.80
C GLY Y 182 49.64 55.01 -4.20
N THR Y 183 50.96 55.19 -4.29
CA THR Y 183 51.69 55.40 -5.53
C THR Y 183 51.68 54.11 -6.36
N PRO Y 184 51.28 54.17 -7.64
CA PRO Y 184 51.24 52.96 -8.46
C PRO Y 184 52.59 52.46 -8.95
N GLY Y 185 53.68 53.17 -8.70
CA GLY Y 185 54.96 52.69 -9.16
C GLY Y 185 55.91 52.26 -8.06
N LYS Y 186 55.51 52.47 -6.80
CA LYS Y 186 56.49 52.48 -5.72
C LYS Y 186 56.96 51.08 -5.33
N ASN Y 187 56.14 50.05 -5.59
CA ASN Y 187 56.55 48.62 -5.64
C ASN Y 187 57.23 48.17 -4.34
N MET Y 188 56.43 48.14 -3.26
CA MET Y 188 57.00 48.03 -1.92
C MET Y 188 57.36 46.57 -1.59
N VAL Y 189 58.61 46.20 -1.87
CA VAL Y 189 59.27 45.04 -1.27
C VAL Y 189 60.67 45.47 -0.85
N PRO Y 190 61.08 45.23 0.39
CA PRO Y 190 62.40 45.70 0.85
C PRO Y 190 63.51 44.74 0.45
N GLY Y 191 64.49 45.25 -0.28
CA GLY Y 191 65.66 44.50 -0.66
C GLY Y 191 65.74 44.14 -2.13
N LEU Y 192 64.62 44.16 -2.85
CA LEU Y 192 64.68 43.85 -4.27
C LEU Y 192 65.15 45.06 -5.08
N PHE Y 193 64.90 46.27 -4.59
CA PHE Y 193 65.36 47.45 -5.30
C PHE Y 193 66.84 47.75 -5.04
N ASP Y 194 67.25 47.77 -3.78
CA ASP Y 194 68.66 47.96 -3.45
C ASP Y 194 69.16 46.89 -2.50
N GLU Y 206 64.45 64.88 -8.36
CA GLU Y 206 65.45 64.19 -9.17
C GLU Y 206 65.03 62.75 -9.45
N LEU Y 207 64.07 62.26 -8.65
CA LEU Y 207 63.59 60.90 -8.80
C LEU Y 207 62.24 60.82 -9.50
N ALA Y 208 61.45 61.89 -9.42
CA ALA Y 208 60.27 62.00 -10.28
C ALA Y 208 60.67 62.17 -11.74
N LYS Y 209 61.85 62.77 -11.96
CA LYS Y 209 62.45 62.76 -13.30
C LYS Y 209 62.81 61.34 -13.72
N GLY Y 210 63.31 60.53 -12.79
CA GLY Y 210 63.51 59.11 -13.08
C GLY Y 210 62.24 58.32 -13.22
N ARG Y 211 61.15 58.77 -12.59
CA ARG Y 211 59.86 58.11 -12.77
C ARG Y 211 59.35 58.29 -14.18
N ASP Y 212 59.65 59.43 -14.81
CA ASP Y 212 59.27 59.63 -16.20
C ASP Y 212 60.21 58.90 -17.14
N ARG Y 213 61.41 58.55 -16.68
CA ARG Y 213 62.38 57.85 -17.50
C ARG Y 213 62.31 56.34 -17.37
N GLU Y 214 61.77 55.83 -16.26
CA GLU Y 214 61.59 54.39 -16.10
C GLU Y 214 60.51 53.85 -17.02
N ILE Y 215 59.46 54.64 -17.23
CA ILE Y 215 58.36 54.21 -18.07
C ILE Y 215 58.78 54.18 -19.53
N LYS Y 216 59.47 55.23 -19.98
CA LYS Y 216 59.87 55.34 -21.37
C LYS Y 216 60.94 54.32 -21.74
N ASN Y 217 61.91 54.11 -20.85
CA ASN Y 217 62.91 53.08 -21.07
C ASN Y 217 62.33 51.68 -20.90
N GLY Y 218 61.18 51.57 -20.23
CA GLY Y 218 60.44 50.33 -20.14
C GLY Y 218 59.53 50.09 -21.31
N ARG Y 219 58.94 51.17 -21.85
CA ARG Y 219 58.04 51.06 -23.00
C ARG Y 219 58.75 50.53 -24.23
N LEU Y 220 59.99 50.96 -24.44
CA LEU Y 220 60.75 50.49 -25.59
C LEU Y 220 61.21 49.05 -25.39
N ALA Y 221 61.30 48.59 -24.14
CA ALA Y 221 61.65 47.21 -23.89
C ALA Y 221 60.52 46.26 -24.22
N MET Y 222 59.27 46.67 -23.96
CA MET Y 222 58.13 45.79 -24.23
C MET Y 222 57.93 45.61 -25.72
N ILE Y 223 58.15 46.66 -26.52
CA ILE Y 223 58.15 46.46 -27.97
C ILE Y 223 59.45 45.83 -28.43
N GLY Y 224 60.50 45.88 -27.60
CA GLY Y 224 61.71 45.14 -27.91
C GLY Y 224 61.56 43.66 -27.60
N VAL Y 225 60.92 43.33 -26.49
CA VAL Y 225 60.64 41.94 -26.16
C VAL Y 225 59.61 41.32 -27.09
N ALA Y 226 58.51 42.04 -27.40
CA ALA Y 226 57.55 41.54 -28.37
C ALA Y 226 58.12 41.49 -29.77
N GLY Y 227 59.18 42.25 -30.03
CA GLY Y 227 60.00 41.98 -31.20
C GLY Y 227 60.69 40.64 -31.09
N LEU Y 228 61.38 40.40 -29.98
CA LEU Y 228 62.18 39.18 -29.83
C LEU Y 228 61.35 37.91 -29.67
N TYR Y 229 60.03 38.01 -29.56
CA TYR Y 229 59.15 36.86 -29.70
C TYR Y 229 58.59 36.72 -31.10
N CYS Y 230 58.40 37.84 -31.81
CA CYS Y 230 57.79 37.81 -33.13
C CYS Y 230 58.81 37.99 -34.25
N ALA Y 231 59.72 38.97 -34.12
CA ALA Y 231 60.69 39.21 -35.18
C ALA Y 231 61.78 38.13 -35.21
N ALA Y 232 61.91 37.37 -34.12
CA ALA Y 232 62.88 36.29 -34.11
C ALA Y 232 62.24 34.94 -34.41
N THR Y 233 61.06 34.66 -33.86
CA THR Y 233 60.60 33.28 -33.74
C THR Y 233 59.40 32.95 -34.63
N ILE Y 234 58.28 33.65 -34.51
CA ILE Y 234 57.04 33.10 -35.06
C ILE Y 234 56.94 33.33 -36.57
N PRO Y 235 56.99 34.59 -37.16
CA PRO Y 235 57.50 34.67 -38.54
C PRO Y 235 58.93 35.17 -38.60
N GLY Y 236 59.50 35.21 -39.80
CA GLY Y 236 60.88 35.65 -39.97
C GLY Y 236 61.09 37.11 -40.33
N SER Y 237 60.44 37.59 -41.39
CA SER Y 237 60.77 38.87 -41.98
C SER Y 237 59.91 40.00 -41.41
N VAL Y 238 59.91 40.10 -40.08
CA VAL Y 238 59.10 41.11 -39.38
C VAL Y 238 59.71 42.52 -39.39
N PRO Y 239 60.97 42.79 -38.86
CA PRO Y 239 61.27 44.21 -38.54
C PRO Y 239 61.59 45.19 -39.69
N LEU Y 240 62.43 44.96 -40.73
CA LEU Y 240 63.47 43.95 -40.93
C LEU Y 240 64.81 44.56 -40.44
N GLN Y 241 64.70 45.46 -39.47
CA GLN Y 241 65.78 45.90 -38.57
C GLN Y 241 66.93 46.59 -39.28
N LYS Z 41 41.22 82.25 -45.39
CA LYS Z 41 40.45 82.24 -46.62
C LYS Z 41 40.45 83.63 -47.24
N ASP Z 42 40.22 84.65 -46.42
CA ASP Z 42 40.35 86.02 -46.89
C ASP Z 42 41.81 86.37 -47.17
N ASP Z 43 42.75 85.70 -46.49
CA ASP Z 43 44.13 86.08 -46.73
C ASP Z 43 44.71 85.21 -47.84
N LEU Z 44 44.11 84.03 -48.07
CA LEU Z 44 44.53 83.17 -49.17
C LEU Z 44 44.21 83.78 -50.54
N ILE Z 45 43.10 84.51 -50.64
CA ILE Z 45 42.80 85.23 -51.87
C ILE Z 45 43.78 86.39 -52.04
N ALA Z 46 44.15 87.04 -50.94
CA ALA Z 46 45.09 88.16 -51.00
C ALA Z 46 46.51 87.71 -51.30
N ILE Z 47 46.82 86.44 -51.06
CA ILE Z 47 48.17 85.95 -51.35
C ILE Z 47 48.27 85.63 -52.84
N ALA Z 48 47.25 84.93 -53.37
CA ALA Z 48 47.24 84.48 -54.75
C ALA Z 48 46.99 85.61 -55.74
N GLU Z 49 46.58 86.78 -55.26
CA GLU Z 49 46.38 87.91 -56.15
C GLU Z 49 47.74 88.54 -56.47
N LYS Z 50 48.65 88.43 -55.53
CA LYS Z 50 49.98 89.00 -55.60
C LYS Z 50 50.90 88.05 -56.35
N SER Z 51 50.56 86.75 -56.37
CA SER Z 51 51.30 85.78 -57.16
C SER Z 51 50.96 85.89 -58.64
N ASN Z 52 49.73 86.32 -58.96
CA ASN Z 52 49.29 86.51 -60.32
C ASN Z 52 48.17 87.54 -60.36
N PRO Z 53 48.40 88.71 -60.96
CA PRO Z 53 47.31 89.68 -61.10
C PRO Z 53 46.36 89.37 -62.24
N VAL Z 54 46.69 88.44 -63.12
CA VAL Z 54 45.72 87.96 -64.10
C VAL Z 54 44.85 86.87 -63.47
N LEU Z 55 45.49 85.80 -63.01
CA LEU Z 55 44.79 84.68 -62.36
C LEU Z 55 44.74 84.99 -60.87
N LYS Z 56 43.64 85.60 -60.42
CA LYS Z 56 43.56 86.09 -59.06
C LYS Z 56 43.44 84.96 -58.05
N TYR Z 57 42.36 84.20 -58.12
CA TYR Z 57 42.20 83.03 -57.26
C TYR Z 57 41.74 81.87 -58.12
N TYR Z 58 42.55 80.83 -58.20
CA TYR Z 58 42.27 79.68 -59.05
C TYR Z 58 42.00 78.46 -58.19
N ASP Z 59 40.79 77.92 -58.30
CA ASP Z 59 40.40 76.73 -57.55
C ASP Z 59 39.30 76.01 -58.31
N PRO Z 60 39.66 75.09 -59.22
CA PRO Z 60 38.64 74.28 -59.90
C PRO Z 60 37.91 73.33 -58.97
N LEU Z 61 38.67 72.58 -58.18
CA LEU Z 61 38.09 71.60 -57.28
C LEU Z 61 37.48 72.23 -56.03
N GLN Z 62 37.74 73.52 -55.78
CA GLN Z 62 37.34 74.24 -54.57
C GLN Z 62 37.83 73.52 -53.31
N LEU Z 63 39.10 73.09 -53.35
CA LEU Z 63 39.70 72.42 -52.21
C LEU Z 63 39.96 73.36 -51.06
N GLY Z 64 40.04 74.67 -51.32
CA GLY Z 64 40.27 75.63 -50.26
C GLY Z 64 39.11 75.83 -49.30
N SER Z 65 37.94 75.25 -49.59
CA SER Z 65 36.77 75.42 -48.74
C SER Z 65 36.38 74.12 -48.04
N THR Z 66 37.32 73.22 -47.82
CA THR Z 66 37.03 71.95 -47.16
C THR Z 66 37.70 71.86 -45.80
N THR Z 67 37.27 70.88 -45.00
CA THR Z 67 38.00 70.55 -43.78
C THR Z 67 38.56 69.16 -44.02
N ILE Z 68 39.46 68.71 -43.15
CA ILE Z 68 39.95 67.34 -43.24
C ILE Z 68 39.62 66.54 -41.98
N TRP Z 69 40.16 66.93 -40.83
CA TRP Z 69 39.96 66.18 -39.59
C TRP Z 69 38.91 66.82 -38.69
N GLY Z 70 37.99 67.58 -39.28
CA GLY Z 70 36.96 68.23 -38.50
C GLY Z 70 37.45 69.36 -37.64
N GLU Z 71 38.52 70.04 -38.06
CA GLU Z 71 39.05 71.13 -37.25
C GLU Z 71 38.18 72.39 -37.40
N THR Z 72 38.23 73.00 -38.58
CA THR Z 72 37.44 74.11 -39.12
C THR Z 72 38.01 74.36 -40.50
N ASN Z 73 37.36 75.24 -41.26
CA ASN Z 73 37.89 75.56 -42.59
C ASN Z 73 39.17 76.38 -42.51
N SER Z 74 39.29 77.25 -41.51
CA SER Z 74 40.45 78.14 -41.42
C SER Z 74 41.70 77.44 -40.90
N ALA Z 75 41.56 76.28 -40.27
CA ALA Z 75 42.73 75.54 -39.80
C ALA Z 75 43.29 74.61 -40.87
N THR Z 76 42.42 74.04 -41.71
CA THR Z 76 42.89 73.22 -42.81
C THR Z 76 43.38 74.05 -43.97
N ILE Z 77 42.98 75.33 -44.04
CA ILE Z 77 43.53 76.20 -45.06
C ILE Z 77 44.97 76.58 -44.73
N GLY Z 78 45.39 76.42 -43.47
CA GLY Z 78 46.80 76.50 -43.14
C GLY Z 78 47.51 75.18 -43.34
N PHE Z 79 46.77 74.07 -43.28
CA PHE Z 79 47.33 72.78 -43.68
C PHE Z 79 47.62 72.75 -45.17
N LEU Z 80 46.69 73.28 -45.98
CA LEU Z 80 46.88 73.29 -47.43
C LEU Z 80 47.99 74.25 -47.84
N ARG Z 81 48.16 75.35 -47.09
CA ARG Z 81 49.25 76.26 -47.39
C ARG Z 81 50.59 75.66 -47.01
N GLN Z 82 50.66 74.97 -45.86
CA GLN Z 82 51.89 74.31 -45.46
C GLN Z 82 52.28 73.22 -46.44
N SER Z 83 51.29 72.43 -46.87
CA SER Z 83 51.57 71.30 -47.73
C SER Z 83 51.97 71.75 -49.12
N GLU Z 84 51.44 72.89 -49.58
CA GLU Z 84 51.87 73.43 -50.87
C GLU Z 84 53.28 73.99 -50.78
N ILE Z 85 53.58 74.69 -49.68
CA ILE Z 85 54.91 75.26 -49.48
C ILE Z 85 55.94 74.15 -49.30
N LYS Z 86 55.59 73.09 -48.55
CA LYS Z 86 56.51 71.98 -48.35
C LYS Z 86 56.72 71.18 -49.64
N HIS Z 87 55.67 71.03 -50.45
CA HIS Z 87 55.80 70.34 -51.73
C HIS Z 87 56.71 71.11 -52.68
N GLY Z 88 56.55 72.44 -52.71
CA GLY Z 88 57.36 73.26 -53.59
C GLY Z 88 58.79 73.42 -53.11
N ARG Z 89 58.98 73.48 -51.80
CA ARG Z 89 60.33 73.62 -51.25
C ARG Z 89 61.15 72.35 -51.47
N ILE Z 90 60.52 71.19 -51.33
CA ILE Z 90 61.21 69.92 -51.57
C ILE Z 90 61.54 69.76 -53.04
N ALA Z 91 60.57 70.07 -53.91
CA ALA Z 91 60.77 69.95 -55.34
C ALA Z 91 61.78 70.96 -55.86
N MET Z 92 62.05 72.03 -55.11
CA MET Z 92 62.97 72.95 -55.70
C MET Z 92 64.38 72.66 -55.24
N ALA Z 93 64.52 72.04 -54.07
CA ALA Z 93 65.78 71.36 -53.75
C ALA Z 93 65.97 70.08 -54.57
N ALA Z 94 64.88 69.45 -55.01
CA ALA Z 94 65.02 68.24 -55.83
C ALA Z 94 65.46 68.57 -57.25
N PHE Z 95 65.13 69.76 -57.75
CA PHE Z 95 65.48 70.12 -59.12
C PHE Z 95 66.96 70.47 -59.24
N VAL Z 96 67.47 71.34 -58.35
CA VAL Z 96 68.92 71.50 -58.16
C VAL Z 96 69.61 70.19 -57.83
N GLY Z 97 69.05 69.40 -56.91
CA GLY Z 97 69.65 68.14 -56.57
C GLY Z 97 69.62 67.12 -57.70
N TYR Z 98 68.72 67.29 -58.67
CA TYR Z 98 68.72 66.41 -59.83
C TYR Z 98 69.90 66.73 -60.75
N ILE Z 99 70.04 68.00 -61.14
CA ILE Z 99 71.03 68.37 -62.15
C ILE Z 99 72.45 68.29 -61.61
N VAL Z 100 72.62 68.32 -60.29
CA VAL Z 100 73.92 68.04 -59.70
C VAL Z 100 74.20 66.54 -59.75
N GLN Z 101 73.23 65.73 -59.35
CA GLN Z 101 73.44 64.29 -59.27
C GLN Z 101 73.22 63.57 -60.59
N ALA Z 102 72.73 64.26 -61.63
CA ALA Z 102 72.67 63.66 -62.97
C ALA Z 102 73.99 63.83 -63.72
N ASN Z 103 74.61 65.02 -63.65
CA ASN Z 103 76.00 65.12 -64.06
C ASN Z 103 76.94 64.49 -63.04
N GLY Z 104 78.21 64.41 -63.42
CA GLY Z 104 79.14 63.73 -62.55
C GLY Z 104 79.68 64.69 -61.51
N ILE Z 105 79.00 64.70 -60.36
CA ILE Z 105 79.40 65.49 -59.19
C ILE Z 105 79.42 64.50 -58.04
N HIS Z 106 80.55 63.84 -57.83
CA HIS Z 106 80.77 62.95 -56.70
C HIS Z 106 81.81 63.61 -55.82
N PHE Z 107 81.38 64.07 -54.65
CA PHE Z 107 82.40 64.87 -53.98
C PHE Z 107 83.19 64.06 -52.97
N PRO Z 108 84.50 64.25 -52.93
CA PRO Z 108 85.29 63.74 -51.81
C PRO Z 108 84.99 64.53 -50.56
N TRP Z 109 84.99 63.88 -49.40
CA TRP Z 109 85.45 62.50 -49.19
C TRP Z 109 84.29 61.56 -48.90
N PRO Z 110 84.41 60.29 -49.33
CA PRO Z 110 83.40 59.29 -48.97
C PRO Z 110 83.46 58.97 -47.49
N MET Z 111 82.30 58.99 -46.85
CA MET Z 111 82.20 58.93 -45.40
C MET Z 111 81.63 57.56 -45.08
N SER Z 112 82.53 56.58 -44.93
CA SER Z 112 82.15 55.21 -44.68
C SER Z 112 83.36 54.58 -43.99
N PHE Z 113 83.19 53.34 -43.50
CA PHE Z 113 84.27 52.68 -42.79
C PHE Z 113 85.01 51.65 -43.66
N ASP Z 114 84.55 51.40 -44.89
CA ASP Z 114 85.19 50.42 -45.77
C ASP Z 114 85.65 51.04 -47.09
N GLY Z 115 85.02 52.13 -47.54
CA GLY Z 115 85.04 52.50 -48.95
C GLY Z 115 83.67 53.00 -49.39
N THR Z 116 83.01 52.30 -50.36
CA THR Z 116 81.63 52.54 -50.83
C THR Z 116 81.23 53.99 -51.03
N PRO Z 117 81.72 54.62 -52.10
CA PRO Z 117 81.45 56.05 -52.30
C PRO Z 117 80.01 56.34 -52.71
N PHE Z 118 79.70 57.60 -52.95
CA PHE Z 118 78.35 57.99 -53.37
C PHE Z 118 78.07 57.42 -54.74
N PRO Z 119 77.03 56.61 -54.91
CA PRO Z 119 76.93 55.69 -56.07
C PRO Z 119 76.55 56.38 -57.37
N ALA Z 120 77.36 57.35 -57.78
CA ALA Z 120 77.15 58.02 -59.06
C ALA Z 120 77.66 57.21 -60.24
N ASP Z 121 78.07 55.94 -60.04
CA ASP Z 121 78.61 55.16 -61.14
C ASP Z 121 77.48 54.35 -61.77
N ALA Z 122 76.36 54.97 -62.07
CA ALA Z 122 75.32 54.29 -62.84
C ALA Z 122 74.95 55.00 -64.15
N GLY Z 123 74.61 56.31 -64.18
CA GLY Z 123 74.50 57.35 -63.15
C GLY Z 123 73.04 57.53 -62.76
N SER Z 124 72.37 58.51 -63.40
CA SER Z 124 70.95 58.44 -63.70
C SER Z 124 70.13 58.50 -62.39
N PRO Z 125 69.98 59.68 -61.79
CA PRO Z 125 69.81 59.82 -60.29
C PRO Z 125 68.68 59.03 -59.65
N PRO Z 126 67.57 58.69 -60.33
CA PRO Z 126 66.67 57.69 -59.72
C PRO Z 126 67.29 56.30 -59.54
N GLU Z 127 68.17 55.87 -60.44
CA GLU Z 127 68.98 54.68 -60.18
C GLU Z 127 69.97 54.93 -59.05
N GLN Z 128 70.37 56.19 -58.82
CA GLN Z 128 71.47 56.31 -57.89
C GLN Z 128 70.94 56.35 -56.45
N TRP Z 129 69.64 56.63 -56.26
CA TRP Z 129 69.03 56.45 -54.94
C TRP Z 129 68.94 54.99 -54.55
N ASP Z 130 68.72 54.09 -55.52
CA ASP Z 130 68.63 52.66 -55.22
C ASP Z 130 69.97 52.09 -54.80
N ALA Z 131 71.06 52.63 -55.33
CA ALA Z 131 72.38 52.04 -55.18
C ALA Z 131 73.15 52.60 -53.99
N LEU Z 132 72.50 53.36 -53.11
CA LEU Z 132 73.14 53.80 -51.86
C LEU Z 132 73.52 52.63 -50.99
N SER Z 133 72.48 51.98 -50.44
CA SER Z 133 72.60 50.92 -49.46
C SER Z 133 71.14 50.56 -49.22
N ASP Z 134 70.83 49.64 -48.31
CA ASP Z 134 69.48 49.67 -47.75
C ASP Z 134 69.45 50.43 -46.44
N ALA Z 135 70.52 50.34 -45.66
CA ALA Z 135 70.60 50.96 -44.34
C ALA Z 135 70.97 52.43 -44.39
N ALA Z 136 71.47 52.94 -45.51
CA ALA Z 136 71.74 54.37 -45.59
C ALA Z 136 70.48 55.17 -45.83
N LYS Z 137 69.44 54.53 -46.36
CA LYS Z 137 68.19 55.20 -46.66
C LYS Z 137 67.42 55.57 -45.40
N TRP Z 138 67.51 54.75 -44.35
CA TRP Z 138 66.82 55.10 -43.10
C TRP Z 138 67.49 56.27 -42.39
N GLN Z 139 68.78 56.52 -42.65
CA GLN Z 139 69.45 57.65 -42.03
C GLN Z 139 69.05 58.97 -42.68
N ILE Z 140 68.78 58.96 -43.99
CA ILE Z 140 68.32 60.14 -44.71
C ILE Z 140 66.86 60.44 -44.36
N ILE Z 141 66.01 59.41 -44.39
CA ILE Z 141 64.58 59.56 -44.08
C ILE Z 141 64.31 59.96 -42.63
N LEU Z 142 64.99 59.35 -41.66
CA LEU Z 142 64.70 59.72 -40.28
C LEU Z 142 65.28 61.07 -39.89
N PHE Z 143 66.30 61.56 -40.59
CA PHE Z 143 66.81 62.89 -40.29
C PHE Z 143 65.86 63.97 -40.79
N ILE Z 144 65.28 63.76 -41.99
CA ILE Z 144 64.23 64.64 -42.45
C ILE Z 144 63.01 64.51 -41.56
N GLY Z 145 62.77 63.30 -41.04
CA GLY Z 145 61.67 63.04 -40.12
C GLY Z 145 61.77 63.76 -38.79
N PHE Z 146 62.98 64.15 -38.38
CA PHE Z 146 63.07 65.05 -37.22
C PHE Z 146 62.64 66.45 -37.60
N LEU Z 147 63.05 66.92 -38.78
CA LEU Z 147 62.66 68.26 -39.20
C LEU Z 147 61.18 68.33 -39.52
N GLU Z 148 60.60 67.22 -39.98
CA GLU Z 148 59.15 67.12 -40.06
C GLU Z 148 58.52 67.11 -38.68
N TRP Z 149 59.20 66.48 -37.71
CA TRP Z 149 58.70 66.46 -36.34
C TRP Z 149 58.85 67.82 -35.67
N PHE Z 150 59.99 68.48 -35.88
CA PHE Z 150 60.25 69.74 -35.17
C PHE Z 150 59.40 70.88 -35.71
N SER Z 151 59.02 70.81 -37.00
CA SER Z 151 58.11 71.80 -37.55
C SER Z 151 56.69 71.66 -37.01
N GLU Z 152 56.35 70.49 -36.45
CA GLU Z 152 55.05 70.26 -35.86
C GLU Z 152 55.00 70.58 -34.38
N ALA Z 153 56.03 70.16 -33.63
CA ALA Z 153 55.99 70.26 -32.17
C ALA Z 153 56.30 71.67 -31.68
N ALA Z 154 57.27 72.33 -32.30
CA ALA Z 154 57.82 73.55 -31.74
C ALA Z 154 56.95 74.77 -32.02
N GLY Z 155 57.54 75.95 -31.84
CA GLY Z 155 56.93 77.19 -31.41
C GLY Z 155 55.49 77.50 -31.77
N LYS Z 156 55.13 77.47 -33.07
CA LYS Z 156 53.71 77.63 -33.34
C LYS Z 156 53.34 76.98 -34.65
N HIS Z 157 52.13 76.44 -34.68
CA HIS Z 157 51.69 75.50 -35.70
C HIS Z 157 50.82 76.18 -36.74
N TYR Z 158 50.88 75.64 -37.95
CA TYR Z 158 50.22 76.22 -39.10
C TYR Z 158 48.71 75.98 -39.10
N MET Z 159 48.21 75.03 -38.31
CA MET Z 159 46.77 74.85 -38.14
C MET Z 159 46.22 75.61 -36.95
N ARG Z 160 46.81 76.75 -36.65
CA ARG Z 160 46.52 77.61 -35.51
C ARG Z 160 46.76 79.02 -36.03
N GLY Z 161 47.08 79.96 -35.14
CA GLY Z 161 47.82 81.15 -35.56
C GLY Z 161 49.00 80.71 -36.40
N GLY Z 162 49.07 81.17 -37.63
CA GLY Z 162 49.70 80.38 -38.67
C GLY Z 162 51.16 80.64 -38.97
N LYS Z 163 51.39 81.39 -40.04
CA LYS Z 163 52.64 81.53 -40.78
C LYS Z 163 53.16 80.15 -41.19
N PRO Z 164 52.56 79.52 -42.20
CA PRO Z 164 53.05 78.21 -42.62
C PRO Z 164 54.35 78.33 -43.41
N GLY Z 165 55.15 77.28 -43.32
CA GLY Z 165 56.48 77.27 -43.89
C GLY Z 165 57.55 77.83 -42.98
N ALA Z 166 57.16 78.57 -41.94
CA ALA Z 166 58.12 79.14 -40.99
C ALA Z 166 58.68 78.03 -40.12
N PHE Z 167 59.90 77.61 -40.42
CA PHE Z 167 60.54 76.59 -39.60
C PHE Z 167 60.96 77.21 -38.27
N PRO Z 168 60.56 76.62 -37.15
CA PRO Z 168 60.99 77.15 -35.85
C PRO Z 168 62.47 76.94 -35.65
N ASN Z 169 63.13 77.95 -35.08
CA ASN Z 169 64.54 77.79 -34.79
C ASN Z 169 64.88 76.85 -33.66
N PHE Z 170 66.03 76.18 -33.83
CA PHE Z 170 66.52 75.19 -32.89
C PHE Z 170 67.00 75.81 -31.58
N SER Z 171 67.39 77.09 -31.60
CA SER Z 171 67.74 77.81 -30.37
C SER Z 171 66.63 77.88 -29.34
N ASP Z 172 65.39 78.00 -29.77
CA ASP Z 172 64.34 78.14 -28.80
C ASP Z 172 63.65 76.80 -28.57
N SER Z 173 62.49 76.84 -27.89
CA SER Z 173 61.48 75.80 -27.71
C SER Z 173 61.87 74.68 -26.75
N ASP Z 174 63.14 74.63 -26.37
CA ASP Z 174 63.66 73.95 -25.18
C ASP Z 174 63.47 72.42 -25.25
N LEU Z 175 63.22 71.86 -26.43
CA LEU Z 175 62.94 70.43 -26.55
C LEU Z 175 64.16 69.59 -26.87
N ILE Z 176 65.12 70.15 -27.60
CA ILE Z 176 66.31 69.41 -28.00
C ILE Z 176 67.41 69.60 -26.96
N PRO Z 177 68.03 68.53 -26.47
CA PRO Z 177 68.96 68.63 -25.34
C PRO Z 177 70.44 68.78 -25.70
N HIS Z 178 70.82 69.08 -26.95
CA HIS Z 178 72.24 69.02 -27.29
C HIS Z 178 73.03 70.20 -26.69
N PRO Z 179 72.76 71.50 -27.03
CA PRO Z 179 72.02 72.27 -28.05
C PRO Z 179 72.87 72.33 -29.32
N VAL Z 180 72.32 72.83 -30.43
CA VAL Z 180 73.06 72.82 -31.69
C VAL Z 180 73.45 74.25 -32.05
N PRO Z 181 74.57 74.46 -32.78
CA PRO Z 181 75.00 75.84 -33.07
C PRO Z 181 74.11 76.63 -34.01
N LEU Z 182 73.77 76.06 -35.16
CA LEU Z 182 73.09 76.80 -36.21
C LEU Z 182 71.60 76.48 -36.25
N ASN Z 183 70.87 77.31 -36.99
CA ASN Z 183 69.46 77.11 -37.27
C ASN Z 183 69.28 76.66 -38.72
N LEU Z 184 68.08 76.20 -39.03
CA LEU Z 184 67.84 75.67 -40.37
C LEU Z 184 67.63 76.78 -41.38
N TYR Z 185 66.96 77.86 -40.99
CA TYR Z 185 66.64 78.95 -41.91
C TYR Z 185 67.79 79.95 -42.02
N ASP Z 186 68.23 80.51 -40.90
CA ASP Z 186 69.31 81.50 -40.91
C ASP Z 186 70.46 80.99 -40.06
N PRO Z 187 71.31 80.13 -40.62
CA PRO Z 187 72.48 79.68 -39.86
C PRO Z 187 73.55 80.75 -39.75
N PHE Z 188 73.82 81.48 -40.82
CA PHE Z 188 74.81 82.54 -40.80
C PHE Z 188 74.19 83.90 -40.53
N GLY Z 189 72.86 83.96 -40.38
CA GLY Z 189 72.19 85.20 -40.09
C GLY Z 189 71.74 85.98 -41.30
N PHE Z 190 72.00 85.50 -42.51
CA PHE Z 190 71.58 86.18 -43.73
C PHE Z 190 70.10 85.91 -43.98
N SER Z 191 69.27 86.95 -44.00
CA SER Z 191 69.66 88.33 -43.74
C SER Z 191 68.63 88.96 -42.81
N LYS Z 192 69.03 89.17 -41.56
CA LYS Z 192 68.17 89.89 -40.62
C LYS Z 192 68.36 91.40 -40.83
N GLY Z 193 67.28 92.15 -40.71
CA GLY Z 193 67.26 93.57 -41.05
C GLY Z 193 66.37 93.90 -42.22
N LYS Z 194 66.00 92.89 -43.01
CA LYS Z 194 65.00 93.02 -44.07
C LYS Z 194 63.65 93.34 -43.45
N THR Z 195 62.92 94.27 -44.07
CA THR Z 195 61.65 94.68 -43.50
C THR Z 195 60.57 93.63 -43.80
N GLU Z 196 59.39 93.81 -43.16
CA GLU Z 196 58.24 92.94 -43.40
C GLU Z 196 57.81 92.89 -44.85
N ALA Z 197 57.75 94.05 -45.51
CA ALA Z 197 57.36 94.09 -46.91
C ALA Z 197 58.41 93.48 -47.81
N GLN Z 198 59.64 93.31 -47.32
CA GLN Z 198 60.69 92.74 -48.14
C GLN Z 198 60.61 91.22 -48.06
N LYS Z 199 60.10 90.67 -46.95
CA LYS Z 199 59.94 89.24 -46.74
C LYS Z 199 58.53 88.74 -47.01
N ALA Z 200 57.53 89.62 -46.99
CA ALA Z 200 56.20 89.21 -47.45
C ALA Z 200 56.20 88.92 -48.94
N ASP Z 201 57.02 89.65 -49.70
CA ASP Z 201 57.20 89.39 -51.12
C ASP Z 201 58.05 88.16 -51.37
N GLY Z 202 58.77 87.67 -50.37
CA GLY Z 202 59.63 86.51 -50.57
C GLY Z 202 58.87 85.21 -50.73
N LEU Z 203 57.88 84.97 -49.87
CA LEU Z 203 57.04 83.78 -49.96
C LEU Z 203 56.23 83.75 -51.25
N ILE Z 204 55.92 84.91 -51.82
CA ILE Z 204 55.14 84.94 -53.03
C ILE Z 204 55.99 84.54 -54.24
N LYS Z 205 57.29 84.84 -54.22
CA LYS Z 205 58.19 84.29 -55.23
C LYS Z 205 58.85 82.98 -54.81
N GLU Z 206 58.61 82.51 -53.59
CA GLU Z 206 58.88 81.14 -53.18
C GLU Z 206 57.74 80.22 -53.56
N LEU Z 207 56.50 80.74 -53.56
CA LEU Z 207 55.36 79.91 -53.95
C LEU Z 207 55.36 79.71 -55.47
N ASN Z 208 55.75 80.74 -56.23
CA ASN Z 208 55.75 80.62 -57.68
C ASN Z 208 56.97 79.86 -58.19
N ASN Z 209 58.16 80.11 -57.64
CA ASN Z 209 59.23 79.13 -57.87
C ASN Z 209 59.03 77.77 -57.24
N GLY Z 210 58.14 77.62 -56.27
CA GLY Z 210 57.86 76.30 -55.76
C GLY Z 210 56.84 75.54 -56.59
N ARG Z 211 55.88 76.25 -57.17
CA ARG Z 211 54.90 75.61 -58.04
C ARG Z 211 55.51 75.13 -59.34
N LEU Z 212 56.49 75.86 -59.86
CA LEU Z 212 57.11 75.49 -61.13
C LEU Z 212 58.05 74.31 -60.96
N ALA Z 213 58.74 74.23 -59.83
CA ALA Z 213 59.64 73.11 -59.62
C ALA Z 213 58.91 71.83 -59.26
N MET Z 214 57.68 71.94 -58.75
CA MET Z 214 56.81 70.77 -58.70
C MET Z 214 56.57 70.19 -60.08
N ILE Z 215 56.29 71.06 -61.06
CA ILE Z 215 56.17 70.63 -62.43
C ILE Z 215 57.53 70.26 -63.00
N GLY Z 216 58.60 70.89 -62.50
CA GLY Z 216 59.92 70.66 -63.06
C GLY Z 216 60.49 69.29 -62.74
N ILE Z 217 60.43 68.90 -61.47
CA ILE Z 217 61.04 67.62 -61.07
C ILE Z 217 60.18 66.44 -61.50
N MET Z 218 58.91 66.66 -61.75
CA MET Z 218 58.01 65.59 -62.14
C MET Z 218 58.12 65.36 -63.64
N GLY Z 219 58.47 66.40 -64.40
CA GLY Z 219 58.75 66.24 -65.82
C GLY Z 219 60.00 65.45 -66.10
N PHE Z 220 60.96 65.49 -65.17
CA PHE Z 220 62.11 64.60 -65.27
C PHE Z 220 61.71 63.15 -65.00
N LEU Z 221 60.98 62.92 -63.91
CA LEU Z 221 60.70 61.55 -63.51
C LEU Z 221 59.60 60.91 -64.33
N ALA Z 222 58.80 61.71 -65.05
CA ALA Z 222 57.86 61.13 -65.99
C ALA Z 222 58.57 60.53 -67.19
N GLU Z 223 59.58 61.21 -67.71
CA GLU Z 223 60.44 60.62 -68.73
C GLU Z 223 61.36 59.52 -68.22
N GLN Z 224 61.41 59.32 -66.90
CA GLN Z 224 62.20 58.19 -66.47
C GLN Z 224 61.37 56.91 -66.52
N LYS Z 225 60.06 57.02 -66.76
CA LYS Z 225 59.16 55.87 -66.81
C LYS Z 225 58.29 55.84 -68.07
N VAL Z 226 58.06 56.96 -68.74
CA VAL Z 226 57.36 56.96 -70.03
C VAL Z 226 57.92 58.06 -70.92
N GLU Z 227 58.35 57.68 -72.12
CA GLU Z 227 58.95 58.72 -72.93
C GLU Z 227 57.96 59.25 -73.94
N GLY Z 228 58.17 60.51 -74.29
CA GLY Z 228 57.13 61.33 -74.88
C GLY Z 228 56.14 61.91 -73.90
N SER Z 229 56.40 61.84 -72.59
CA SER Z 229 55.40 62.31 -71.65
C SER Z 229 55.51 63.83 -71.54
N VAL Z 230 56.73 64.35 -71.50
CA VAL Z 230 57.01 65.77 -71.75
C VAL Z 230 57.64 65.87 -73.14
N PRO Z 231 57.20 66.81 -73.98
CA PRO Z 231 57.67 66.82 -75.38
C PRO Z 231 59.08 67.34 -75.56
N LEU Z 232 59.49 68.32 -74.75
CA LEU Z 232 60.77 68.98 -74.96
C LEU Z 232 61.92 68.29 -74.22
N LEU Z 233 61.66 67.24 -73.45
CA LEU Z 233 62.73 66.48 -72.81
C LEU Z 233 62.93 65.10 -73.41
N LYS Z 234 62.67 64.93 -74.69
CA LYS Z 234 62.94 63.64 -75.33
C LYS Z 234 64.43 63.45 -75.55
N GLY Z 235 64.92 62.25 -75.21
CA GLY Z 235 66.29 61.88 -75.43
C GLY Z 235 67.24 62.26 -74.30
N VAL Z 236 66.88 63.25 -73.48
CA VAL Z 236 67.77 63.69 -72.41
C VAL Z 236 67.70 62.75 -71.23
N VAL Z 237 66.52 62.21 -70.95
CA VAL Z 237 66.22 61.51 -69.71
C VAL Z 237 66.35 60.00 -69.93
N PRO Z 238 67.14 59.29 -69.12
CA PRO Z 238 67.57 57.92 -69.48
C PRO Z 238 66.68 56.75 -69.07
N HIS Z 239 65.40 56.97 -68.75
CA HIS Z 239 64.38 55.92 -68.61
C HIS Z 239 64.71 54.93 -67.48
N TYR Z 240 64.56 55.43 -66.25
CA TYR Z 240 64.85 54.63 -65.05
C TYR Z 240 63.99 53.38 -64.94
N ASP Z 241 62.70 53.45 -65.33
CA ASP Z 241 61.90 52.25 -65.67
C ASP Z 241 61.73 51.26 -64.52
N GLY Z 242 61.84 51.76 -63.29
CA GLY Z 242 61.61 50.96 -62.10
C GLY Z 242 60.37 51.39 -61.35
N GLU Z 243 60.54 51.88 -60.13
CA GLU Z 243 59.46 52.52 -59.39
C GLU Z 243 60.06 53.69 -58.62
N VAL Z 244 59.77 54.91 -59.08
CA VAL Z 244 60.35 56.09 -58.44
C VAL Z 244 59.65 56.38 -57.12
N MET Z 245 58.46 55.83 -56.94
CA MET Z 245 57.60 56.20 -55.85
C MET Z 245 57.66 55.16 -54.72
N ALA Z 246 58.82 54.50 -54.56
CA ALA Z 246 59.10 53.50 -53.55
C ALA Z 246 60.56 53.62 -53.11
N PRO Z 247 60.83 53.75 -51.81
CA PRO Z 247 62.22 53.73 -51.34
C PRO Z 247 62.98 52.44 -51.55
N PHE Z 248 62.53 51.30 -51.01
CA PHE Z 248 63.48 50.20 -50.78
C PHE Z 248 63.39 49.02 -51.76
N LYS AA 62 19.99 94.60 -78.90
CA LYS AA 62 19.12 94.17 -79.99
C LYS AA 62 18.89 95.33 -80.96
N ALA AA 63 18.50 96.49 -80.43
CA ALA AA 63 18.24 97.64 -81.27
C ALA AA 63 19.52 98.24 -81.84
N GLU AA 64 20.63 98.16 -81.09
CA GLU AA 64 21.93 98.64 -81.57
C GLU AA 64 22.49 97.76 -82.70
N LEU AA 65 22.11 96.46 -82.77
CA LEU AA 65 22.42 95.64 -83.93
C LEU AA 65 21.70 96.11 -85.18
N GLU AA 66 20.43 96.47 -85.04
CA GLU AA 66 19.70 96.94 -86.21
C GLU AA 66 20.18 98.32 -86.64
N ALA AA 67 20.79 99.09 -85.73
CA ALA AA 67 21.38 100.36 -86.10
C ALA AA 67 22.63 100.19 -86.96
N ILE AA 68 23.34 99.08 -86.81
CA ILE AA 68 24.50 98.81 -87.65
C ILE AA 68 24.06 98.46 -89.06
N ALA AA 69 22.95 97.74 -89.19
CA ALA AA 69 22.42 97.39 -90.51
C ALA AA 69 21.81 98.59 -91.23
N LYS AA 70 21.47 99.66 -90.50
CA LYS AA 70 21.12 100.92 -91.15
C LYS AA 70 22.33 101.53 -91.82
N LYS AA 71 23.53 101.19 -91.33
CA LYS AA 71 24.73 101.82 -91.82
C LYS AA 71 25.47 100.90 -92.79
N ALA AA 72 25.12 99.60 -92.80
CA ALA AA 72 25.85 98.61 -93.57
C ALA AA 72 25.37 98.55 -95.01
N ASN AA 73 24.07 98.37 -95.22
CA ASN AA 73 23.51 98.20 -96.55
C ASN AA 73 22.04 98.63 -96.52
N PRO AA 74 21.74 99.90 -96.80
CA PRO AA 74 20.33 100.34 -96.79
C PRO AA 74 19.52 99.85 -97.97
N THR AA 75 20.15 99.29 -99.00
CA THR AA 75 19.41 98.66 -100.10
C THR AA 75 18.78 97.34 -99.64
N LEU AA 76 19.58 96.44 -99.07
CA LEU AA 76 19.10 95.21 -98.43
C LEU AA 76 18.45 95.43 -97.07
N GLY AA 77 19.23 95.91 -96.11
CA GLY AA 77 18.69 96.22 -94.80
C GLY AA 77 18.98 95.13 -93.78
N TYR AA 78 18.30 95.29 -92.64
CA TYR AA 78 18.42 94.33 -91.54
C TYR AA 78 17.79 92.99 -91.92
N TYR AA 79 18.53 91.91 -91.73
CA TYR AA 79 18.22 90.67 -92.42
C TYR AA 79 18.76 89.49 -91.61
N ASP AA 80 17.87 88.86 -90.84
CA ASP AA 80 18.12 87.56 -90.22
C ASP AA 80 17.11 86.54 -90.73
N PRO AA 81 17.51 85.63 -91.61
CA PRO AA 81 16.57 84.60 -92.05
C PRO AA 81 16.28 83.56 -90.97
N LEU AA 82 17.30 83.19 -90.21
CA LEU AA 82 17.13 82.22 -89.13
C LEU AA 82 16.55 82.85 -87.87
N SER AA 83 16.48 84.19 -87.84
CA SER AA 83 15.95 84.97 -86.71
C SER AA 83 16.69 84.66 -85.42
N LEU AA 84 18.02 84.63 -85.49
CA LEU AA 84 18.85 84.36 -84.32
C LEU AA 84 19.05 85.59 -83.44
N ALA AA 85 18.56 86.76 -83.86
CA ALA AA 85 18.68 87.96 -83.05
C ALA AA 85 17.72 87.98 -81.86
N ASP AA 86 16.74 87.09 -81.83
CA ASP AA 86 15.83 86.95 -80.70
C ASP AA 86 15.87 85.58 -80.02
N LYS AA 87 16.83 84.74 -80.33
CA LYS AA 87 17.02 83.46 -79.65
C LYS AA 87 17.96 83.65 -78.47
N ASP AA 88 18.20 82.58 -77.72
CA ASP AA 88 19.11 82.60 -76.58
C ASP AA 88 19.92 81.31 -76.65
N PHE AA 89 21.19 81.42 -76.31
CA PHE AA 89 22.10 80.28 -76.34
C PHE AA 89 22.54 79.97 -74.92
N TRP AA 90 22.59 78.67 -74.59
CA TRP AA 90 22.99 78.12 -73.29
C TRP AA 90 22.15 78.63 -72.12
N GLY AA 91 20.94 79.13 -72.39
CA GLY AA 91 20.12 79.70 -71.34
C GLY AA 91 20.68 80.96 -70.71
N LYS AA 92 21.58 81.66 -71.38
CA LYS AA 92 22.24 82.83 -70.84
C LYS AA 92 21.56 84.14 -71.25
N GLY AA 93 20.37 84.07 -71.85
CA GLY AA 93 19.64 85.25 -72.24
C GLY AA 93 19.86 85.65 -73.69
N ASN AA 94 19.12 86.67 -74.11
CA ASN AA 94 19.19 87.17 -75.48
C ASN AA 94 20.28 88.21 -75.67
N ASP AA 95 20.46 89.10 -74.67
CA ASP AA 95 21.44 90.17 -74.79
C ASP AA 95 22.87 89.65 -74.69
N ALA AA 96 23.07 88.49 -74.06
CA ALA AA 96 24.36 87.82 -74.17
C ALA AA 96 24.49 87.07 -75.48
N THR AA 97 23.35 86.63 -76.02
CA THR AA 97 23.37 85.87 -77.26
C THR AA 97 23.61 86.84 -78.41
N ILE AA 98 23.15 88.09 -78.25
CA ILE AA 98 23.22 89.00 -79.39
C ILE AA 98 24.64 89.59 -79.45
N ALA AA 99 25.40 89.47 -78.35
CA ALA AA 99 26.79 89.89 -78.34
C ALA AA 99 27.77 88.76 -78.62
N PHE AA 100 27.37 87.51 -78.36
CA PHE AA 100 28.15 86.38 -78.84
C PHE AA 100 28.13 86.31 -80.37
N LEU AA 101 26.99 86.64 -80.97
CA LEU AA 101 26.81 86.61 -82.42
C LEU AA 101 27.58 87.73 -83.08
N ARG AA 102 27.71 88.84 -82.38
CA ARG AA 102 28.38 89.98 -82.93
C ARG AA 102 29.89 89.75 -82.87
N GLN AA 103 30.37 89.19 -81.75
CA GLN AA 103 31.79 88.89 -81.62
C GLN AA 103 32.24 87.74 -82.52
N SER AA 104 31.35 86.79 -82.78
CA SER AA 104 31.76 85.63 -83.57
C SER AA 104 31.97 85.98 -85.04
N GLU AA 105 31.12 86.82 -85.63
CA GLU AA 105 31.33 87.19 -87.03
C GLU AA 105 32.34 88.32 -87.19
N ILE AA 106 32.54 89.17 -86.18
CA ILE AA 106 33.76 89.96 -86.14
C ILE AA 106 35.00 89.08 -86.07
N LYS AA 107 34.96 88.00 -85.32
CA LYS AA 107 36.20 87.24 -85.24
C LYS AA 107 36.31 86.33 -86.48
N HIS AA 108 35.16 85.96 -87.07
CA HIS AA 108 35.17 85.21 -88.34
C HIS AA 108 35.67 86.09 -89.48
N GLY AA 109 35.28 87.35 -89.52
CA GLY AA 109 35.67 88.24 -90.60
C GLY AA 109 37.11 88.65 -90.52
N ARG AA 110 37.56 89.10 -89.34
CA ARG AA 110 38.92 89.60 -89.19
C ARG AA 110 39.96 88.49 -89.24
N ILE AA 111 39.55 87.23 -89.10
CA ILE AA 111 40.45 86.12 -89.40
C ILE AA 111 40.48 85.88 -90.91
N ALA AA 112 39.32 86.00 -91.56
CA ALA AA 112 39.24 85.78 -93.00
C ALA AA 112 39.94 86.87 -93.77
N MET AA 113 39.85 88.12 -93.31
CA MET AA 113 40.63 89.18 -93.96
C MET AA 113 42.12 89.00 -93.67
N PHE AA 114 42.45 88.44 -92.50
CA PHE AA 114 43.83 88.06 -92.21
C PHE AA 114 44.29 86.88 -93.03
N ALA AA 115 43.36 86.06 -93.53
CA ALA AA 115 43.70 84.95 -94.40
C ALA AA 115 43.59 85.30 -95.87
N PHE AA 116 42.78 86.32 -96.21
CA PHE AA 116 42.69 86.74 -97.61
C PHE AA 116 44.00 87.34 -98.09
N VAL AA 117 44.69 88.07 -97.21
CA VAL AA 117 45.98 88.63 -97.58
C VAL AA 117 47.05 87.60 -97.31
N GLY AA 118 46.73 86.57 -96.52
CA GLY AA 118 47.57 85.42 -96.33
C GLY AA 118 47.45 84.40 -97.42
N TYR AA 119 46.59 84.64 -98.41
CA TYR AA 119 46.50 83.76 -99.56
C TYR AA 119 47.06 84.40 -100.84
N ILE AA 120 47.28 85.72 -100.85
CA ILE AA 120 47.71 86.41 -102.06
C ILE AA 120 49.20 86.73 -102.06
N VAL AA 121 49.85 86.73 -100.91
CA VAL AA 121 51.30 86.89 -100.84
C VAL AA 121 52.02 85.61 -100.44
N GLN AA 122 51.34 84.64 -99.82
CA GLN AA 122 51.98 83.37 -99.49
C GLN AA 122 52.11 82.49 -100.72
N SER AA 123 51.38 82.82 -101.77
CA SER AA 123 51.61 82.19 -103.07
C SER AA 123 52.87 82.73 -103.72
N ASN AA 124 53.08 84.05 -103.65
CA ASN AA 124 53.95 84.70 -104.61
C ASN AA 124 55.31 85.07 -104.01
N PHE AA 125 55.41 85.16 -102.68
CA PHE AA 125 56.58 85.69 -101.97
C PHE AA 125 56.72 85.15 -100.56
N VAL AA 126 57.81 84.41 -100.33
CA VAL AA 126 58.14 83.89 -99.01
C VAL AA 126 59.48 84.47 -98.58
N PHE AA 127 59.69 84.51 -97.27
CA PHE AA 127 61.07 84.77 -96.85
C PHE AA 127 61.84 83.45 -96.83
N PRO AA 128 63.09 83.41 -97.29
CA PRO AA 128 63.74 82.12 -97.58
C PRO AA 128 64.70 81.55 -96.54
N TRP AA 129 64.88 82.19 -95.38
CA TRP AA 129 66.10 82.00 -94.59
C TRP AA 129 66.36 80.62 -93.99
N ALA AA 130 65.64 80.22 -92.94
CA ALA AA 130 66.01 78.99 -92.25
C ALA AA 130 64.90 77.96 -92.09
N GLN AA 131 63.79 78.39 -91.48
CA GLN AA 131 62.52 77.71 -91.21
C GLN AA 131 62.61 76.61 -90.14
N THR AA 132 63.82 76.16 -89.80
CA THR AA 132 64.06 75.06 -88.84
C THR AA 132 65.56 74.92 -88.64
N LEU AA 133 65.91 74.21 -87.58
CA LEU AA 133 67.27 73.75 -87.29
C LEU AA 133 67.53 72.32 -87.78
N ALA AA 134 67.17 72.06 -89.05
CA ALA AA 134 67.45 70.75 -89.63
C ALA AA 134 67.79 70.80 -91.12
N GLY AA 135 67.94 71.97 -91.71
CA GLY AA 135 68.11 72.04 -93.15
C GLY AA 135 66.77 71.94 -93.85
N ALA AA 136 66.84 71.76 -95.19
CA ALA AA 136 65.72 71.83 -96.13
C ALA AA 136 64.93 73.12 -95.89
N PRO AA 137 65.53 74.28 -96.16
CA PRO AA 137 65.18 75.46 -95.37
C PRO AA 137 63.96 76.25 -95.82
N HIS AA 138 62.86 75.55 -96.16
CA HIS AA 138 61.45 75.95 -96.30
C HIS AA 138 60.57 74.78 -96.71
N PRO AA 139 59.23 74.92 -96.60
CA PRO AA 139 58.34 73.94 -97.24
C PRO AA 139 58.36 73.92 -98.77
N SER AA 140 59.16 74.78 -99.43
CA SER AA 140 59.49 74.70 -100.86
C SER AA 140 58.24 74.82 -101.74
N ALA AA 141 57.69 76.03 -101.73
CA ALA AA 141 56.52 76.40 -102.51
C ALA AA 141 56.66 76.00 -103.99
N ASP AA 142 55.78 75.10 -104.54
CA ASP AA 142 54.36 74.80 -104.16
C ASP AA 142 53.48 76.00 -103.90
N LEU AA 143 53.24 76.80 -104.94
CA LEU AA 143 52.65 78.13 -104.78
C LEU AA 143 51.19 78.09 -104.33
N SER AA 144 50.60 76.92 -104.21
CA SER AA 144 49.23 76.79 -103.76
C SER AA 144 49.30 76.91 -102.23
N PRO AA 145 48.68 77.93 -101.61
CA PRO AA 145 48.99 78.24 -100.19
C PRO AA 145 48.39 77.28 -99.16
N GLU AA 146 47.17 76.84 -99.37
CA GLU AA 146 46.43 75.77 -98.71
C GLU AA 146 47.18 74.46 -98.47
N ALA AA 147 48.16 74.14 -99.32
CA ALA AA 147 48.89 72.88 -99.23
C ALA AA 147 50.25 73.04 -98.56
N GLN AA 148 50.68 74.28 -98.33
CA GLN AA 148 51.92 74.64 -97.65
C GLN AA 148 51.83 74.43 -96.14
N TRP AA 149 50.63 74.17 -95.61
CA TRP AA 149 50.42 74.14 -94.17
C TRP AA 149 50.89 72.85 -93.54
N ASP AA 150 50.87 71.74 -94.30
CA ASP AA 150 51.11 70.43 -93.72
C ASP AA 150 52.59 70.21 -93.40
N ALA AA 151 53.48 70.53 -94.33
CA ALA AA 151 54.89 70.20 -94.19
C ALA AA 151 55.70 71.26 -93.44
N ILE AA 152 55.05 72.01 -92.55
CA ILE AA 152 55.60 73.25 -92.01
C ILE AA 152 56.72 73.09 -90.96
N PRO AA 153 56.78 72.01 -90.11
CA PRO AA 153 56.06 70.81 -89.69
C PRO AA 153 55.28 70.92 -88.38
N LEU AA 154 54.84 69.75 -87.87
CA LEU AA 154 54.05 69.63 -86.64
C LEU AA 154 54.59 70.36 -85.43
N GLY AA 155 55.90 70.45 -85.27
CA GLY AA 155 56.43 71.21 -84.15
C GLY AA 155 56.19 72.70 -84.26
N ALA AA 156 56.05 73.20 -85.49
CA ALA AA 156 55.72 74.61 -85.67
C ALA AA 156 54.24 74.88 -85.51
N LYS AA 157 53.38 73.90 -85.85
CA LYS AA 157 51.94 74.09 -85.71
C LYS AA 157 51.51 74.15 -84.24
N TRP AA 158 52.24 73.48 -83.35
CA TRP AA 158 51.90 73.55 -81.94
C TRP AA 158 52.28 74.89 -81.33
N GLN AA 159 53.33 75.53 -81.85
CA GLN AA 159 53.70 76.86 -81.37
C GLN AA 159 52.72 77.92 -81.86
N ILE AA 160 52.18 77.76 -83.06
CA ILE AA 160 51.10 78.62 -83.54
C ILE AA 160 49.85 78.42 -82.70
N PHE AA 161 49.50 77.16 -82.44
CA PHE AA 161 48.33 76.83 -81.62
C PHE AA 161 48.55 77.07 -80.13
N ALA AA 162 49.75 77.48 -79.72
CA ALA AA 162 49.96 77.86 -78.33
C ALA AA 162 49.71 79.35 -78.11
N VAL AA 163 50.14 80.19 -79.06
CA VAL AA 163 49.96 81.63 -78.93
C VAL AA 163 48.52 82.03 -79.16
N ILE AA 164 47.87 81.45 -80.19
CA ILE AA 164 46.46 81.72 -80.43
C ILE AA 164 45.59 81.18 -79.29
N SER AA 165 46.02 80.08 -78.67
CA SER AA 165 45.36 79.63 -77.45
C SER AA 165 45.55 80.62 -76.31
N ALA AA 166 46.69 81.31 -76.28
CA ALA AA 166 46.93 82.32 -75.26
C ALA AA 166 46.37 83.68 -75.66
N LEU AA 167 46.33 83.99 -76.96
CA LEU AA 167 45.77 85.27 -77.40
C LEU AA 167 44.26 85.31 -77.23
N GLU AA 168 43.57 84.22 -77.61
CA GLU AA 168 42.14 84.14 -77.35
C GLU AA 168 41.85 83.88 -75.88
N LEU AA 169 42.87 83.53 -75.09
CA LEU AA 169 42.59 83.40 -73.67
C LEU AA 169 42.59 84.78 -73.04
N TRP AA 170 43.42 85.70 -73.58
CA TRP AA 170 43.44 87.09 -73.14
C TRP AA 170 42.21 87.87 -73.59
N ASP AA 171 41.58 87.46 -74.68
CA ASP AA 171 40.40 88.17 -75.17
C ASP AA 171 39.19 87.93 -74.27
N GLU AA 172 38.93 86.68 -73.91
CA GLU AA 172 37.81 86.36 -73.05
C GLU AA 172 38.11 86.62 -71.57
N CYS AA 173 39.39 86.69 -71.18
CA CYS AA 173 39.77 87.26 -69.89
C CYS AA 173 39.26 88.67 -69.68
N GLY AA 174 39.41 89.53 -70.67
CA GLY AA 174 39.21 90.94 -70.47
C GLY AA 174 40.44 91.69 -70.02
N GLY AA 175 41.63 91.15 -70.25
CA GLY AA 175 42.85 91.81 -69.84
C GLY AA 175 43.13 91.75 -68.36
N GLY AA 176 42.87 90.60 -67.73
CA GLY AA 176 43.00 90.51 -66.29
C GLY AA 176 41.89 91.18 -65.53
N GLY AA 177 40.78 91.49 -66.18
CA GLY AA 177 39.69 92.21 -65.55
C GLY AA 177 39.68 93.69 -65.80
N VAL AA 178 40.56 94.21 -66.65
CA VAL AA 178 40.53 95.62 -67.03
C VAL AA 178 39.26 95.92 -67.80
N LEU AA 179 39.05 95.13 -68.96
CA LEU AA 179 37.75 95.44 -69.52
C LEU AA 179 36.69 94.46 -69.05
N PRO AA 180 35.40 94.82 -69.19
CA PRO AA 180 34.36 93.84 -68.90
C PRO AA 180 34.27 92.78 -69.99
N HIS AA 181 33.29 91.92 -69.91
CA HIS AA 181 33.15 90.90 -70.93
C HIS AA 181 32.15 91.35 -71.99
N TYR AA 182 32.29 90.76 -73.20
CA TYR AA 182 31.48 91.24 -74.31
C TYR AA 182 30.03 90.82 -74.18
N THR AA 183 29.75 89.67 -73.55
CA THR AA 183 28.37 89.32 -73.25
C THR AA 183 27.78 90.20 -72.16
N LYS AA 184 28.62 90.86 -71.35
CA LYS AA 184 28.15 91.70 -70.26
C LYS AA 184 28.64 93.15 -70.39
N GLY AA 185 28.73 93.66 -71.61
CA GLY AA 185 28.86 95.10 -71.75
C GLY AA 185 29.87 95.69 -72.71
N ARG AA 186 31.01 95.04 -72.92
CA ARG AA 186 32.06 95.69 -73.70
C ARG AA 186 31.73 95.65 -75.20
N LYS AA 187 32.28 96.62 -75.91
CA LYS AA 187 32.27 96.63 -77.38
C LYS AA 187 32.86 95.37 -77.98
N PRO AA 188 32.16 94.73 -78.92
CA PRO AA 188 32.52 93.35 -79.29
C PRO AA 188 33.80 93.22 -80.09
N GLY AA 189 34.17 94.22 -80.89
CA GLY AA 189 35.40 94.07 -81.62
C GLY AA 189 36.66 94.39 -80.85
N GLN AA 190 36.53 94.79 -79.59
CA GLN AA 190 37.65 95.39 -78.86
C GLN AA 190 38.47 94.31 -78.17
N TYR AA 191 39.73 94.20 -78.55
CA TYR AA 191 40.67 93.33 -77.85
C TYR AA 191 41.21 94.06 -76.63
N PRO AA 192 41.28 93.40 -75.47
CA PRO AA 192 41.81 94.06 -74.27
C PRO AA 192 43.30 94.25 -74.38
N PRO AA 193 43.82 95.42 -74.00
CA PRO AA 193 45.24 95.70 -74.20
C PRO AA 193 46.11 94.92 -73.23
N PHE AA 194 47.39 94.85 -73.57
CA PHE AA 194 48.38 94.12 -72.77
C PHE AA 194 49.00 94.99 -71.68
N THR AA 195 48.35 96.09 -71.32
CA THR AA 195 48.84 97.03 -70.32
C THR AA 195 48.98 96.49 -68.91
N LEU AA 196 48.30 95.40 -68.57
CA LEU AA 196 48.48 94.82 -67.24
C LEU AA 196 49.50 93.69 -67.25
N PHE AA 197 49.79 93.10 -68.42
CA PHE AA 197 50.93 92.21 -68.53
C PHE AA 197 52.23 92.99 -68.69
N ARG AA 198 52.17 94.11 -69.42
CA ARG AA 198 53.34 94.95 -69.63
C ARG AA 198 53.78 95.62 -68.33
N ASP AA 199 52.87 95.77 -67.39
CA ASP AA 199 53.16 96.47 -66.16
C ASP AA 199 53.91 95.57 -65.18
N ASN AA 200 53.95 94.26 -65.42
CA ASN AA 200 54.43 93.28 -64.45
C ASN AA 200 55.61 92.45 -64.92
N VAL AA 201 55.55 91.87 -66.12
CA VAL AA 201 56.55 90.87 -66.48
C VAL AA 201 57.66 91.44 -67.34
N HIS AA 202 57.34 91.82 -68.58
CA HIS AA 202 58.28 92.47 -69.46
C HIS AA 202 57.50 93.22 -70.53
N PHE AA 203 58.20 94.11 -71.24
CA PHE AA 203 57.66 94.83 -72.38
C PHE AA 203 57.19 93.90 -73.48
N VAL AA 204 55.87 93.78 -73.63
CA VAL AA 204 55.27 93.11 -74.77
C VAL AA 204 54.51 94.16 -75.58
N LEU AA 205 54.50 93.99 -76.90
CA LEU AA 205 53.77 94.90 -77.75
C LEU AA 205 52.28 94.59 -77.76
N ASP AA 206 51.49 95.64 -77.98
CA ASP AA 206 50.04 95.50 -77.95
C ASP AA 206 49.58 94.80 -79.23
N LEU AA 207 48.43 94.14 -79.14
CA LEU AA 207 47.98 93.32 -80.26
C LEU AA 207 47.43 94.18 -81.40
N TYR AA 208 46.54 95.13 -81.08
CA TYR AA 208 45.89 95.89 -82.14
C TYR AA 208 46.84 96.91 -82.75
N ASP AA 209 47.24 97.93 -81.97
CA ASP AA 209 48.15 98.95 -82.47
C ASP AA 209 49.30 99.07 -81.50
N PRO AA 210 50.39 98.32 -81.75
CA PRO AA 210 51.49 98.26 -80.79
C PRO AA 210 52.31 99.54 -80.72
N PHE AA 211 52.16 100.44 -81.68
CA PHE AA 211 53.02 101.62 -81.74
C PHE AA 211 52.31 102.92 -81.37
N GLY AA 212 50.99 102.93 -81.36
CA GLY AA 212 50.25 104.13 -81.04
C GLY AA 212 50.04 105.04 -82.23
N PHE AA 213 49.77 104.45 -83.40
CA PHE AA 213 49.51 105.26 -84.59
C PHE AA 213 48.15 105.94 -84.51
N ASN AA 214 47.11 105.18 -84.18
CA ASN AA 214 45.78 105.73 -84.00
C ASN AA 214 45.64 106.21 -82.55
N LYS AA 215 44.39 106.52 -82.15
CA LYS AA 215 43.92 107.44 -81.09
C LYS AA 215 44.12 108.90 -81.47
N ASN AA 216 44.45 109.17 -82.74
CA ASN AA 216 44.26 110.48 -83.34
C ASN AA 216 42.91 110.72 -83.98
N MET AA 217 42.01 109.74 -83.95
CA MET AA 217 40.79 109.92 -84.73
C MET AA 217 39.73 110.64 -83.93
N SER AA 218 38.72 111.16 -84.64
CA SER AA 218 37.58 111.66 -83.90
C SER AA 218 36.70 110.45 -83.61
N GLU AA 219 35.69 110.65 -82.75
CA GLU AA 219 35.04 109.45 -82.25
C GLU AA 219 34.02 108.97 -83.28
N GLU AA 220 33.50 109.89 -84.12
CA GLU AA 220 32.46 109.50 -85.07
C GLU AA 220 33.06 108.72 -86.24
N THR AA 221 34.40 108.68 -86.37
CA THR AA 221 35.04 108.02 -87.49
C THR AA 221 35.22 106.52 -87.28
N LYS AA 222 35.26 106.04 -86.01
CA LYS AA 222 35.52 104.62 -85.80
C LYS AA 222 34.25 103.81 -86.05
N GLU AA 223 33.09 104.35 -85.67
CA GLU AA 223 31.84 103.67 -85.97
C GLU AA 223 31.53 103.72 -87.45
N ARG AA 224 32.08 104.68 -88.19
CA ARG AA 224 31.95 104.55 -89.63
C ARG AA 224 33.02 103.59 -90.16
N ARG AA 225 34.06 103.28 -89.37
CA ARG AA 225 35.01 102.22 -89.74
C ARG AA 225 34.71 100.87 -89.09
N LEU AA 226 33.94 100.81 -88.00
CA LEU AA 226 33.41 99.53 -87.53
C LEU AA 226 32.47 98.92 -88.55
N VAL AA 227 31.53 99.72 -89.04
CA VAL AA 227 30.66 99.31 -90.13
C VAL AA 227 31.37 99.01 -91.44
N SER AA 228 32.53 99.61 -91.68
CA SER AA 228 33.33 99.21 -92.82
C SER AA 228 34.11 97.93 -92.56
N GLU AA 229 34.33 97.57 -91.30
CA GLU AA 229 35.17 96.43 -90.98
C GLU AA 229 34.44 95.11 -91.17
N LEU AA 230 33.23 94.97 -90.61
CA LEU AA 230 32.50 93.72 -90.73
C LEU AA 230 31.85 93.61 -92.10
N ASN AA 231 31.64 94.74 -92.79
CA ASN AA 231 31.24 94.68 -94.20
C ASN AA 231 32.38 94.20 -95.06
N ASN AA 232 33.61 94.64 -94.77
CA ASN AA 232 34.74 94.02 -95.44
C ASN AA 232 35.03 92.63 -94.89
N GLY AA 233 34.57 92.35 -93.67
CA GLY AA 233 34.84 91.05 -93.06
C GLY AA 233 34.05 89.92 -93.69
N ARG AA 234 32.74 90.12 -93.86
CA ARG AA 234 31.88 89.05 -94.36
C ARG AA 234 32.05 88.81 -95.85
N LEU AA 235 32.54 89.78 -96.61
CA LEU AA 235 32.86 89.53 -98.01
C LEU AA 235 34.11 88.67 -98.12
N ALA AA 236 35.11 88.92 -97.27
CA ALA AA 236 36.30 88.10 -97.24
C ALA AA 236 36.07 86.75 -96.57
N MET AA 237 34.94 86.57 -95.86
CA MET AA 237 34.61 85.25 -95.34
C MET AA 237 34.31 84.27 -96.46
N LEU AA 238 33.44 84.66 -97.38
CA LEU AA 238 33.21 83.88 -98.58
C LEU AA 238 34.23 84.17 -99.66
N GLY AA 239 34.97 85.26 -99.54
CA GLY AA 239 36.06 85.51 -100.46
C GLY AA 239 37.20 84.52 -100.29
N ILE AA 240 37.56 84.23 -99.04
CA ILE AA 240 38.57 83.22 -98.81
C ILE AA 240 37.97 81.82 -99.00
N PHE AA 241 36.66 81.68 -98.88
CA PHE AA 241 35.99 80.44 -99.23
C PHE AA 241 35.65 80.35 -100.71
N GLY AA 242 36.16 81.25 -101.54
CA GLY AA 242 36.21 81.08 -102.97
C GLY AA 242 37.54 80.55 -103.45
N PHE AA 243 38.44 80.16 -102.54
CA PHE AA 243 39.76 79.66 -102.88
C PHE AA 243 39.95 78.20 -102.53
N LEU AA 244 39.68 77.82 -101.28
CA LEU AA 244 39.84 76.44 -100.87
C LEU AA 244 38.65 75.59 -101.31
N CYS AA 245 37.49 76.21 -101.54
CA CYS AA 245 36.42 75.57 -102.29
C CYS AA 245 36.68 75.53 -103.79
N ALA AA 246 37.63 76.31 -104.28
CA ALA AA 246 38.03 76.26 -105.68
C ALA AA 246 39.11 75.21 -105.94
N ASP AA 247 39.30 74.27 -105.01
CA ASP AA 247 40.28 73.21 -105.16
C ASP AA 247 39.71 71.81 -105.02
N THR AA 248 38.43 71.66 -104.70
CA THR AA 248 37.81 70.33 -104.56
C THR AA 248 36.44 70.43 -105.23
N ILE AA 249 36.37 70.01 -106.50
CA ILE AA 249 35.23 70.18 -107.43
C ILE AA 249 34.96 71.68 -107.43
N PRO AA 250 35.79 72.50 -108.11
CA PRO AA 250 35.93 73.92 -107.72
C PRO AA 250 34.70 74.82 -107.82
N GLY AA 251 34.23 75.12 -109.02
CA GLY AA 251 32.97 75.81 -109.20
C GLY AA 251 33.15 77.31 -109.08
N SER AA 252 33.33 78.00 -110.21
CA SER AA 252 33.55 79.45 -110.32
C SER AA 252 33.70 79.72 -111.82
N VAL AA 253 33.80 81.00 -112.16
CA VAL AA 253 34.27 81.37 -113.49
C VAL AA 253 35.81 81.36 -113.52
N PRO AA 254 36.58 81.98 -112.55
CA PRO AA 254 38.03 81.73 -112.56
C PRO AA 254 38.50 80.58 -111.66
N LEU AA 255 39.28 79.59 -112.09
CA LEU AA 255 39.74 79.19 -113.45
C LEU AA 255 40.47 80.21 -114.33
N LEU AA 256 41.73 80.52 -114.02
CA LEU AA 256 42.61 79.66 -113.22
C LEU AA 256 43.33 80.38 -112.10
N ASN AA 257 43.31 79.81 -110.93
CA ASN AA 257 43.92 80.32 -109.71
C ASN AA 257 44.83 79.30 -109.02
N ASP AA 258 44.39 78.04 -108.91
CA ASP AA 258 44.87 77.13 -107.86
C ASP AA 258 44.29 75.73 -108.00
N ILE AA 259 45.07 74.75 -107.54
CA ILE AA 259 44.64 73.36 -107.38
C ILE AA 259 45.51 72.69 -106.32
N ALA AA 260 44.86 71.87 -105.47
CA ALA AA 260 45.39 71.02 -104.41
C ALA AA 260 44.22 70.27 -103.80
N ILE AA 261 44.53 69.21 -103.06
CA ILE AA 261 43.55 68.37 -102.36
C ILE AA 261 43.93 67.88 -100.96
N PRO AA 262 44.19 68.79 -99.95
CA PRO AA 262 44.01 68.38 -98.55
C PRO AA 262 42.61 68.69 -97.99
N TYR AA 263 41.97 69.69 -98.58
CA TYR AA 263 40.56 70.12 -98.55
C TYR AA 263 40.03 70.68 -97.24
N SER AA 264 40.62 70.37 -96.07
CA SER AA 264 40.25 70.92 -94.76
C SER AA 264 41.07 70.30 -93.63
N GLY AA 265 40.93 70.90 -92.45
CA GLY AA 265 40.70 70.20 -91.20
C GLY AA 265 41.66 69.24 -90.52
N GLN AA 266 42.76 69.71 -89.92
CA GLN AA 266 43.48 70.93 -90.23
C GLN AA 266 44.94 70.53 -90.09
N VAL AA 267 45.12 69.39 -89.44
CA VAL AA 267 46.42 68.76 -89.26
C VAL AA 267 46.40 67.52 -90.16
N MET AA 268 47.55 66.85 -90.26
CA MET AA 268 47.72 65.82 -91.25
C MET AA 268 48.64 64.78 -90.63
N GLN AA 269 49.33 64.02 -91.45
CA GLN AA 269 49.60 62.60 -91.31
C GLN AA 269 49.96 61.99 -89.94
N PRO AA 270 50.80 62.57 -89.05
CA PRO AA 270 50.72 62.08 -87.65
C PRO AA 270 49.72 62.83 -86.77
N PHE AA 271 48.54 62.25 -86.55
CA PHE AA 271 47.72 62.36 -85.34
C PHE AA 271 46.54 61.39 -85.34
N GLU AA 272 46.19 60.90 -84.14
CA GLU AA 272 44.98 60.13 -83.83
C GLU AA 272 44.62 58.98 -84.77
N LYS BA 45 -10.96 77.04 -82.45
CA LYS BA 45 -9.52 77.22 -82.50
C LYS BA 45 -9.06 77.18 -83.96
N VAL BA 46 -9.90 76.61 -84.83
CA VAL BA 46 -9.55 76.43 -86.23
C VAL BA 46 -9.52 77.76 -87.00
N ASP BA 47 -10.25 78.78 -86.54
CA ASP BA 47 -10.03 80.15 -87.01
C ASP BA 47 -8.71 80.74 -86.51
N GLU BA 48 -8.36 80.51 -85.25
CA GLU BA 48 -7.07 81.01 -84.76
C GLU BA 48 -5.90 80.05 -84.88
N MET BA 49 -5.64 79.55 -86.09
CA MET BA 49 -4.41 78.79 -86.26
C MET BA 49 -3.97 78.98 -87.71
N PRO BA 50 -2.70 78.72 -88.03
CA PRO BA 50 -2.28 78.75 -89.44
C PRO BA 50 -2.82 77.57 -90.24
N GLY BA 51 -2.66 77.68 -91.56
CA GLY BA 51 -3.21 76.73 -92.51
C GLY BA 51 -4.29 77.30 -93.38
N ALA BA 52 -4.86 78.44 -93.01
CA ALA BA 52 -5.89 79.10 -93.79
C ALA BA 52 -5.24 79.93 -94.89
N THR BA 53 -5.51 79.58 -96.16
CA THR BA 53 -4.94 80.27 -97.30
C THR BA 53 -6.03 80.87 -98.17
N ALA BA 54 -5.60 81.51 -99.25
CA ALA BA 54 -6.44 82.25 -100.18
C ALA BA 54 -7.24 81.42 -101.20
N PRO BA 55 -6.73 80.29 -101.79
CA PRO BA 55 -7.61 79.51 -102.69
C PRO BA 55 -8.79 78.87 -101.96
N LEU BA 56 -8.52 78.14 -100.89
CA LEU BA 56 -9.55 77.56 -100.03
C LEU BA 56 -9.35 78.17 -98.65
N GLY BA 57 -10.36 78.89 -98.16
CA GLY BA 57 -10.23 79.64 -96.92
C GLY BA 57 -9.97 78.80 -95.68
N LYS BA 58 -10.98 78.08 -95.24
CA LYS BA 58 -10.90 77.01 -94.23
C LYS BA 58 -11.43 75.72 -94.82
N PHE BA 59 -10.57 74.98 -95.50
CA PHE BA 59 -11.00 73.79 -96.21
C PHE BA 59 -11.25 72.67 -95.20
N ASP BA 60 -12.51 72.44 -94.87
CA ASP BA 60 -12.92 71.31 -94.05
C ASP BA 60 -14.32 70.88 -94.46
N PRO BA 61 -14.43 70.08 -95.54
CA PRO BA 61 -15.76 69.67 -96.01
C PRO BA 61 -16.42 68.60 -95.15
N LEU BA 62 -15.66 67.94 -94.28
CA LEU BA 62 -16.15 66.89 -93.39
C LEU BA 62 -16.24 67.34 -91.95
N ASN BA 63 -15.83 68.59 -91.67
CA ASN BA 63 -15.99 69.29 -90.40
C ASN BA 63 -15.26 68.55 -89.29
N LEU BA 64 -14.10 67.98 -89.61
CA LEU BA 64 -13.33 67.17 -88.66
C LEU BA 64 -12.53 68.01 -87.67
N ALA BA 65 -12.53 69.33 -87.82
CA ALA BA 65 -11.90 70.19 -86.84
C ALA BA 65 -12.74 70.30 -85.58
N THR BA 66 -14.04 70.54 -85.75
CA THR BA 66 -14.97 70.63 -84.63
C THR BA 66 -15.61 69.30 -84.29
N LEU BA 67 -15.09 68.19 -84.81
CA LEU BA 67 -15.64 66.89 -84.49
C LEU BA 67 -15.29 66.48 -83.06
N GLY BA 68 -14.02 66.62 -82.69
CA GLY BA 68 -13.56 66.38 -81.33
C GLY BA 68 -13.41 67.66 -80.54
N SER BA 69 -12.54 67.62 -79.54
CA SER BA 69 -12.28 68.73 -78.64
C SER BA 69 -11.15 69.60 -79.18
N GLU BA 70 -10.56 70.52 -78.37
CA GLU BA 70 -9.45 71.20 -79.01
C GLU BA 70 -8.23 70.29 -78.96
N SER BA 71 -8.15 69.36 -78.00
CA SER BA 71 -7.05 68.38 -78.05
C SER BA 71 -7.10 67.47 -79.27
N THR BA 72 -8.28 67.22 -79.83
CA THR BA 72 -8.34 66.41 -81.03
C THR BA 72 -7.80 67.19 -82.23
N LEU BA 73 -8.12 68.49 -82.28
CA LEU BA 73 -7.60 69.33 -83.36
C LEU BA 73 -6.12 69.60 -83.17
N ALA BA 74 -5.68 69.73 -81.90
CA ALA BA 74 -4.25 69.90 -81.63
C ALA BA 74 -3.47 68.64 -81.96
N TRP BA 75 -4.10 67.47 -81.86
CA TRP BA 75 -3.47 66.27 -82.38
C TRP BA 75 -3.44 66.27 -83.91
N PHE BA 76 -4.46 66.87 -84.53
CA PHE BA 76 -4.52 66.88 -85.99
C PHE BA 76 -3.50 67.83 -86.59
N ARG BA 77 -3.29 68.98 -85.96
CA ARG BA 77 -2.29 69.92 -86.44
C ARG BA 77 -0.89 69.37 -86.22
N ALA BA 78 -0.67 68.69 -85.09
CA ALA BA 78 0.61 68.03 -84.86
C ALA BA 78 0.82 66.84 -85.78
N ALA BA 79 -0.25 66.25 -86.30
CA ALA BA 79 -0.11 65.18 -87.26
C ALA BA 79 -0.07 65.66 -88.70
N GLU BA 80 -0.64 66.83 -89.00
CA GLU BA 80 -0.45 67.39 -90.34
C GLU BA 80 0.98 67.90 -90.49
N LEU BA 81 1.49 68.60 -89.48
CA LEU BA 81 2.88 69.08 -89.49
C LEU BA 81 3.92 67.98 -89.46
N LYS BA 82 3.66 66.90 -88.74
CA LYS BA 82 4.63 65.82 -88.74
C LYS BA 82 4.59 65.07 -90.07
N HIS BA 83 3.40 64.89 -90.64
CA HIS BA 83 3.30 64.33 -91.99
C HIS BA 83 3.87 65.29 -93.02
N SER BA 84 3.79 66.61 -92.76
CA SER BA 84 4.38 67.58 -93.67
C SER BA 84 5.90 67.48 -93.68
N ARG BA 85 6.51 67.46 -92.50
CA ARG BA 85 7.96 67.47 -92.40
C ARG BA 85 8.57 66.15 -92.84
N VAL BA 86 7.83 65.04 -92.75
CA VAL BA 86 8.40 63.79 -93.22
C VAL BA 86 8.31 63.78 -94.74
N ALA BA 87 7.17 64.22 -95.30
CA ALA BA 87 6.97 64.20 -96.74
C ALA BA 87 7.81 65.25 -97.46
N MET BA 88 8.14 66.35 -96.78
CA MET BA 88 9.05 67.31 -97.38
C MET BA 88 10.46 66.75 -97.44
N LEU BA 89 10.88 66.02 -96.40
CA LEU BA 89 12.16 65.34 -96.52
C LEU BA 89 12.07 64.14 -97.45
N ALA BA 90 10.87 63.62 -97.67
CA ALA BA 90 10.67 62.49 -98.56
C ALA BA 90 10.69 62.91 -100.02
N THR BA 91 10.08 64.05 -100.34
CA THR BA 91 10.09 64.53 -101.72
C THR BA 91 11.49 65.01 -102.11
N THR BA 92 12.20 65.66 -101.18
CA THR BA 92 13.59 66.03 -101.44
C THR BA 92 14.47 64.79 -101.53
N GLY BA 93 14.29 63.85 -100.62
CA GLY BA 93 15.11 62.65 -100.60
C GLY BA 93 14.85 61.69 -101.75
N TYR BA 94 13.70 61.83 -102.42
CA TYR BA 94 13.50 61.05 -103.64
C TYR BA 94 14.14 61.73 -104.82
N LEU BA 95 14.08 63.07 -104.89
CA LEU BA 95 14.57 63.74 -106.08
C LEU BA 95 16.09 63.79 -106.11
N VAL BA 96 16.74 64.03 -104.97
CA VAL BA 96 18.19 64.06 -104.95
C VAL BA 96 18.82 62.67 -104.92
N GLN BA 97 18.01 61.62 -104.75
CA GLN BA 97 18.50 60.27 -104.94
C GLN BA 97 18.11 59.69 -106.29
N ALA BA 98 17.19 60.33 -107.00
CA ALA BA 98 16.95 60.02 -108.40
C ALA BA 98 17.81 60.84 -109.34
N ALA BA 99 18.33 61.98 -108.87
CA ALA BA 99 19.26 62.79 -109.66
C ALA BA 99 20.65 62.19 -109.70
N GLY BA 100 20.94 61.18 -108.89
CA GLY BA 100 22.21 60.51 -108.91
C GLY BA 100 23.27 61.08 -107.98
N ILE BA 101 23.03 62.25 -107.40
CA ILE BA 101 24.01 62.85 -106.49
C ILE BA 101 23.97 62.11 -105.17
N HIS BA 102 25.15 61.89 -104.59
CA HIS BA 102 25.27 61.04 -103.43
C HIS BA 102 26.51 61.44 -102.64
N PHE BA 103 26.63 60.88 -101.44
CA PHE BA 103 27.77 61.13 -100.58
C PHE BA 103 28.99 60.32 -101.04
N PRO BA 104 30.19 60.80 -100.76
CA PRO BA 104 31.36 59.92 -100.89
C PRO BA 104 31.74 59.28 -99.56
N GLY BA 105 32.21 58.03 -99.59
CA GLY BA 105 32.12 57.16 -100.75
C GLY BA 105 31.59 55.78 -100.38
N MET BA 106 31.69 55.42 -99.11
CA MET BA 106 31.31 54.11 -98.60
C MET BA 106 30.35 54.30 -97.44
N LEU BA 107 29.13 53.78 -97.57
CA LEU BA 107 28.17 53.87 -96.47
C LEU BA 107 28.54 52.92 -95.34
N SER BA 108 28.79 51.66 -95.66
CA SER BA 108 29.26 50.69 -94.69
C SER BA 108 30.66 50.24 -95.08
N SER BA 109 31.19 49.25 -94.35
CA SER BA 109 32.42 48.62 -94.76
C SER BA 109 32.23 47.74 -96.00
N ASP BA 110 30.99 47.33 -96.28
CA ASP BA 110 30.67 46.51 -97.44
C ASP BA 110 29.80 47.23 -98.47
N VAL BA 111 29.03 48.23 -98.06
CA VAL BA 111 28.05 48.89 -98.90
C VAL BA 111 28.54 50.29 -99.20
N SER BA 112 28.74 50.59 -100.49
CA SER BA 112 29.08 51.93 -100.93
C SER BA 112 27.84 52.80 -101.09
N PHE BA 113 28.07 54.11 -101.08
CA PHE BA 113 26.98 55.03 -101.41
C PHE BA 113 26.62 54.94 -102.88
N GLU BA 114 27.61 54.65 -103.74
CA GLU BA 114 27.31 54.64 -105.16
C GLU BA 114 26.53 53.41 -105.59
N SER BA 115 26.50 52.36 -104.78
CA SER BA 115 25.73 51.20 -105.21
C SER BA 115 24.25 51.46 -104.96
N LEU BA 116 23.92 52.33 -104.01
CA LEU BA 116 22.53 52.71 -103.77
C LEU BA 116 22.07 53.86 -104.66
N SER BA 117 22.99 54.65 -105.22
CA SER BA 117 22.66 55.66 -106.21
C SER BA 117 22.22 55.12 -107.55
N ALA BA 118 22.53 53.87 -107.87
CA ALA BA 118 22.16 53.33 -109.17
C ALA BA 118 20.71 52.88 -109.18
N MET BA 119 20.26 52.23 -108.11
CA MET BA 119 18.89 51.75 -108.03
C MET BA 119 17.93 52.88 -107.67
N LYS BA 120 16.64 52.54 -107.68
CA LYS BA 120 15.63 53.52 -107.33
C LYS BA 120 15.68 53.75 -105.80
N PRO BA 121 15.31 54.96 -105.34
CA PRO BA 121 15.42 55.25 -103.91
C PRO BA 121 14.48 54.43 -103.04
N LEU BA 122 13.34 53.99 -103.58
CA LEU BA 122 12.47 53.10 -102.81
C LEU BA 122 13.04 51.68 -102.72
N ASP BA 123 13.87 51.27 -103.69
CA ASP BA 123 14.60 50.03 -103.50
C ASP BA 123 16.00 50.17 -102.93
N ALA BA 124 16.49 51.39 -102.72
CA ALA BA 124 17.77 51.56 -102.06
C ALA BA 124 17.67 51.28 -100.56
N TRP BA 125 16.48 51.48 -99.97
CA TRP BA 125 16.30 51.25 -98.54
C TRP BA 125 16.39 49.78 -98.19
N ASP BA 126 16.08 48.89 -99.13
CA ASP BA 126 16.23 47.46 -98.90
C ASP BA 126 17.70 47.04 -98.85
N ALA BA 127 18.60 47.84 -99.41
CA ALA BA 127 20.02 47.52 -99.44
C ALA BA 127 20.83 48.26 -98.39
N VAL BA 128 20.19 49.13 -97.61
CA VAL BA 128 20.83 49.72 -96.43
C VAL BA 128 21.06 48.61 -95.41
N PRO BA 129 22.22 48.53 -94.75
CA PRO BA 129 22.47 47.44 -93.80
C PRO BA 129 21.57 47.49 -92.58
N GLU BA 130 21.43 46.33 -91.90
CA GLU BA 130 20.41 46.22 -90.85
C GLU BA 130 20.90 47.01 -89.64
N GLY BA 131 22.23 47.15 -89.50
CA GLY BA 131 22.79 47.93 -88.43
C GLY BA 131 22.66 49.41 -88.68
N GLY BA 132 22.54 49.80 -89.94
CA GLY BA 132 22.35 51.19 -90.28
C GLY BA 132 20.91 51.63 -90.11
N LYS BA 133 19.98 50.75 -90.48
CA LYS BA 133 18.57 51.04 -90.25
C LYS BA 133 18.23 51.04 -88.76
N ASN BA 134 18.94 50.22 -87.96
CA ASN BA 134 18.77 50.29 -86.51
C ASN BA 134 19.32 51.57 -85.93
N GLN BA 135 20.36 52.15 -86.54
CA GLN BA 135 20.82 53.46 -86.12
C GLN BA 135 19.81 54.54 -86.47
N ILE BA 136 19.12 54.39 -87.61
CA ILE BA 136 18.09 55.37 -87.98
C ILE BA 136 16.88 55.23 -87.08
N TYR BA 137 16.42 53.99 -86.85
CA TYR BA 137 15.23 53.75 -86.03
C TYR BA 137 15.45 54.10 -84.57
N PHE BA 138 16.70 54.18 -84.12
CA PHE BA 138 16.95 54.56 -82.74
C PHE BA 138 16.91 56.06 -82.54
N THR BA 139 17.47 56.83 -83.47
CA THR BA 139 17.45 58.28 -83.35
C THR BA 139 16.08 58.85 -83.67
N ILE BA 140 15.31 58.18 -84.54
CA ILE BA 140 13.93 58.58 -84.76
C ILE BA 140 13.10 58.32 -83.52
N PHE BA 141 13.29 57.15 -82.88
CA PHE BA 141 12.59 56.84 -81.65
C PHE BA 141 12.96 57.80 -80.54
N LEU BA 142 14.23 58.19 -80.47
CA LEU BA 142 14.65 58.99 -79.34
C LEU BA 142 14.22 60.43 -79.56
N ALA BA 143 13.95 60.82 -80.81
CA ALA BA 143 13.37 62.12 -81.10
C ALA BA 143 11.86 62.12 -80.84
N GLU BA 144 11.17 61.02 -81.16
CA GLU BA 144 9.75 60.94 -80.87
C GLU BA 144 9.49 60.79 -79.37
N PHE BA 145 10.39 60.11 -78.66
CA PHE BA 145 10.26 60.00 -77.21
C PHE BA 145 10.48 61.34 -76.53
N ILE BA 146 11.35 62.18 -77.08
CA ILE BA 146 11.65 63.45 -76.44
C ILE BA 146 10.56 64.47 -76.70
N THR BA 147 10.05 64.54 -77.94
CA THR BA 147 9.07 65.56 -78.31
C THR BA 147 7.72 65.30 -77.64
N GLU BA 148 7.41 64.06 -77.31
CA GLU BA 148 6.17 63.75 -76.61
C GLU BA 148 6.34 63.78 -75.10
N CYS BA 149 7.55 64.01 -74.61
CA CYS BA 149 7.80 64.08 -73.19
C CYS BA 149 8.41 65.40 -72.77
N LYS BA 150 8.76 66.28 -73.71
CA LYS BA 150 9.06 67.66 -73.33
C LYS BA 150 7.79 68.30 -72.78
N GLY BA 151 7.99 69.21 -71.82
CA GLY BA 151 6.91 69.63 -70.97
C GLY BA 151 5.86 70.43 -71.71
N THR BA 152 4.63 70.29 -71.21
CA THR BA 152 3.39 70.94 -71.68
C THR BA 152 3.15 70.52 -73.14
N HIS BA 153 2.74 69.25 -73.24
CA HIS BA 153 2.46 68.53 -74.50
C HIS BA 153 1.53 69.31 -75.44
N TYR BA 154 1.63 69.00 -76.74
CA TYR BA 154 0.91 69.76 -77.76
C TYR BA 154 -0.58 69.48 -77.76
N THR BA 155 -1.01 68.32 -77.25
CA THR BA 155 -2.44 68.06 -77.14
C THR BA 155 -3.07 68.85 -76.01
N LYS BA 156 -2.28 69.23 -75.04
CA LYS BA 156 -2.61 70.20 -74.01
C LYS BA 156 -2.38 71.61 -74.58
N GLY BA 157 -2.38 72.63 -73.75
CA GLY BA 157 -2.05 73.96 -74.24
C GLY BA 157 -0.55 74.18 -74.44
N GLY BA 158 0.07 73.40 -75.33
CA GLY BA 158 1.50 73.43 -75.48
C GLY BA 158 1.96 73.59 -76.91
N PRO BA 159 3.27 73.74 -77.09
CA PRO BA 159 3.81 73.97 -78.44
C PRO BA 159 3.93 72.70 -79.25
N LEU BA 160 3.98 72.88 -80.57
CA LEU BA 160 4.20 71.73 -81.42
C LEU BA 160 5.67 71.33 -81.37
N PRO BA 161 6.02 70.09 -81.78
CA PRO BA 161 7.41 69.62 -81.65
C PRO BA 161 8.43 70.45 -82.42
N THR BA 162 9.52 70.78 -81.75
CA THR BA 162 10.61 71.57 -82.28
C THR BA 162 11.83 70.67 -82.53
N ILE BA 163 12.95 71.30 -82.91
CA ILE BA 163 14.18 70.58 -83.23
C ILE BA 163 14.67 69.85 -81.99
N VAL BA 164 14.89 68.52 -82.09
CA VAL BA 164 15.50 67.87 -80.92
C VAL BA 164 16.96 68.26 -80.72
N PHE BA 165 17.80 68.06 -81.72
CA PHE BA 165 19.19 68.37 -81.54
C PHE BA 165 19.72 69.04 -82.81
N PRO BA 166 20.32 70.24 -82.70
CA PRO BA 166 20.48 71.04 -81.48
C PRO BA 166 19.30 71.97 -81.23
N PRO BA 167 18.93 72.17 -79.96
CA PRO BA 167 17.70 72.95 -79.69
C PRO BA 167 17.88 74.46 -79.80
N ILE BA 168 17.45 75.01 -80.95
CA ILE BA 168 17.45 76.46 -81.18
C ILE BA 168 16.07 76.87 -81.66
N ASP BA 169 15.64 76.23 -82.75
CA ASP BA 169 14.38 76.19 -83.49
C ASP BA 169 14.17 77.35 -84.48
N PHE BA 170 15.05 78.36 -84.52
CA PHE BA 170 15.14 79.40 -85.56
C PHE BA 170 13.85 80.22 -85.74
N SER BA 171 12.96 80.27 -84.75
CA SER BA 171 11.64 80.84 -84.99
C SER BA 171 11.66 82.36 -84.88
N THR BA 172 11.01 83.02 -85.83
CA THR BA 172 10.73 84.46 -85.71
C THR BA 172 9.75 84.81 -84.61
N VAL BA 173 10.14 85.78 -83.79
CA VAL BA 173 9.28 86.23 -82.69
C VAL BA 173 8.21 87.19 -83.15
N ASN BA 174 8.27 87.67 -84.38
CA ASN BA 174 7.26 88.57 -84.93
C ASN BA 174 6.04 87.76 -85.33
N PRO BA 175 4.89 87.93 -84.66
CA PRO BA 175 3.73 87.08 -84.97
C PRO BA 175 3.08 87.41 -86.29
N GLU BA 176 3.42 88.53 -86.94
CA GLU BA 176 2.79 88.74 -88.22
C GLU BA 176 3.64 88.09 -89.31
N GLN BA 177 4.95 87.96 -89.05
CA GLN BA 177 5.84 87.29 -89.99
C GLN BA 177 5.90 85.79 -89.75
N LEU BA 178 5.82 85.35 -88.49
CA LEU BA 178 5.89 83.93 -88.19
C LEU BA 178 4.65 83.17 -88.67
N LYS BA 179 3.47 83.77 -88.52
CA LYS BA 179 2.22 83.17 -88.93
C LYS BA 179 2.20 82.86 -90.44
N THR BA 180 2.78 83.75 -91.26
CA THR BA 180 2.89 83.46 -92.68
C THR BA 180 3.94 82.39 -92.96
N ARG BA 181 4.98 82.32 -92.13
CA ARG BA 181 6.03 81.34 -92.35
C ARG BA 181 5.55 79.93 -92.04
N GLN BA 182 4.75 79.76 -90.98
CA GLN BA 182 4.17 78.45 -90.70
C GLN BA 182 2.94 78.16 -91.54
N ASN BA 183 2.29 79.18 -92.10
CA ASN BA 183 1.44 78.97 -93.27
C ASN BA 183 2.18 78.48 -94.49
N ARG BA 184 3.46 78.81 -94.61
CA ARG BA 184 4.24 78.33 -95.75
C ARG BA 184 4.76 76.92 -95.53
N GLU BA 185 5.00 76.54 -94.28
CA GLU BA 185 5.46 75.19 -93.99
C GLU BA 185 4.36 74.16 -94.24
N LEU BA 186 3.11 74.53 -94.01
CA LEU BA 186 2.01 73.57 -94.07
C LEU BA 186 1.68 73.21 -95.52
N ASN BA 187 1.44 74.20 -96.36
CA ASN BA 187 1.01 73.89 -97.73
C ASN BA 187 2.17 73.48 -98.64
N ASN BA 188 3.41 73.84 -98.30
CA ASN BA 188 4.54 73.17 -98.92
C ASN BA 188 4.58 71.71 -98.47
N GLY BA 189 4.27 71.45 -97.19
CA GLY BA 189 4.18 70.09 -96.73
C GLY BA 189 2.93 69.37 -97.21
N ARG BA 190 1.86 70.12 -97.49
CA ARG BA 190 0.67 69.51 -98.07
C ARG BA 190 0.93 69.06 -99.49
N LEU BA 191 1.67 69.85 -100.27
CA LEU BA 191 2.01 69.47 -101.63
C LEU BA 191 3.00 68.32 -101.65
N ALA BA 192 3.93 68.30 -100.69
CA ALA BA 192 4.88 67.20 -100.58
C ALA BA 192 4.22 65.91 -100.11
N MET BA 193 3.07 65.99 -99.43
CA MET BA 193 2.33 64.79 -99.08
C MET BA 193 1.70 64.15 -100.30
N ILE BA 194 1.08 64.96 -101.18
CA ILE BA 194 0.64 64.49 -102.48
C ILE BA 194 1.79 64.08 -103.39
N ALA BA 195 2.95 64.71 -103.27
CA ALA BA 195 4.06 64.41 -104.17
C ALA BA 195 4.65 63.03 -103.90
N ILE BA 196 4.88 62.70 -102.63
CA ILE BA 196 5.47 61.41 -102.32
C ILE BA 196 4.49 60.27 -102.53
N MET BA 197 3.18 60.55 -102.48
CA MET BA 197 2.22 59.54 -102.88
C MET BA 197 2.20 59.36 -104.39
N SER BA 198 2.58 60.40 -105.14
CA SER BA 198 2.74 60.27 -106.58
C SER BA 198 4.01 59.52 -106.94
N PHE BA 199 5.02 59.59 -106.08
CA PHE BA 199 6.26 58.87 -106.33
C PHE BA 199 6.11 57.38 -106.07
N VAL BA 200 5.23 56.99 -105.14
CA VAL BA 200 4.97 55.58 -104.89
C VAL BA 200 3.85 55.03 -105.74
N ALA BA 201 3.04 55.89 -106.38
CA ALA BA 201 2.09 55.46 -107.38
C ALA BA 201 2.70 55.37 -108.76
N ALA BA 202 3.92 55.87 -108.93
CA ALA BA 202 4.67 55.71 -110.17
C ALA BA 202 5.68 54.59 -110.10
N ALA BA 203 6.09 54.19 -108.90
CA ALA BA 203 7.03 53.09 -108.71
C ALA BA 203 6.33 51.75 -108.50
N ASN BA 204 5.03 51.74 -108.25
CA ASN BA 204 4.26 50.51 -108.10
C ASN BA 204 3.40 50.19 -109.32
N ILE BA 205 2.51 51.10 -109.69
CA ILE BA 205 1.74 51.01 -110.93
C ILE BA 205 2.42 51.81 -112.04
N PRO BA 206 2.84 51.16 -113.13
CA PRO BA 206 3.42 51.89 -114.27
C PRO BA 206 2.37 52.76 -114.94
N GLY BA 207 2.67 54.06 -115.00
CA GLY BA 207 1.69 55.03 -115.45
C GLY BA 207 1.29 55.95 -114.33
N SER BA 208 -0.03 56.21 -114.22
CA SER BA 208 -0.67 56.95 -113.13
C SER BA 208 -0.31 58.41 -112.94
N VAL BA 209 0.62 58.92 -113.74
CA VAL BA 209 1.07 60.29 -113.67
C VAL BA 209 1.68 60.64 -115.03
N PRO BA 210 1.30 61.77 -115.63
CA PRO BA 210 1.76 62.06 -116.99
C PRO BA 210 3.23 62.44 -117.07
N ALA BA 211 3.71 63.27 -116.14
CA ALA BA 211 5.08 63.77 -116.19
C ALA BA 211 6.09 62.83 -115.59
N LEU BA 212 5.67 61.64 -115.16
CA LEU BA 212 6.59 60.61 -114.68
C LEU BA 212 6.30 59.32 -115.44
N ALA BA 213 6.85 58.21 -114.93
CA ALA BA 213 6.70 56.85 -115.48
C ALA BA 213 7.26 56.74 -116.90
N GLY BA 214 8.31 57.51 -117.18
CA GLY BA 214 9.06 57.36 -118.41
C GLY BA 214 10.55 57.34 -118.13
N ASN BA 215 10.91 57.56 -116.90
CA ASN BA 215 12.06 57.83 -116.06
C ASN BA 215 12.44 56.52 -115.38
N PRO BA 216 13.68 56.04 -115.45
CA PRO BA 216 14.03 54.75 -114.85
C PRO BA 216 14.27 54.80 -113.35
N MET BA 217 13.97 55.91 -112.71
CA MET BA 217 14.19 56.09 -111.29
C MET BA 217 12.90 56.20 -110.48
N PHE BA 218 11.84 56.74 -111.06
CA PHE BA 218 10.58 56.93 -110.34
C PHE BA 218 9.71 55.69 -110.46
#